data_8E1U
#
_entry.id   8E1U
#
_cell.length_a   134.131
_cell.length_b   146.952
_cell.length_c   151.094
_cell.angle_alpha   82.700
_cell.angle_beta   84.000
_cell.angle_gamma   70.800
#
_symmetry.space_group_name_H-M   'P 1'
#
loop_
_entity.id
_entity.type
_entity.pdbx_description
1 polymer 'PPi-dependent PEPCK'
2 non-polymer 'MAGNESIUM ION'
3 non-polymer D-MALATE
4 water water
#
_entity_poly.entity_id   1
_entity_poly.type   'polypeptide(L)'
_entity_poly.pdbx_seq_one_letter_code
;MSVVERRQINAAINLRLSLLGLPHPDSNAESPDAILVEPLLARQRELSRRLKDRLSAPDLRIQRFLDDYLADCDEHPQLP
RTTLVLDEPGLARGLSLPVDGDEFHSDIVASYRLVNGVLHNPKHDRRTTAGVFHISTGGLPIPQDKVEVDKNVYARILAR
AFQAPDEELALPYTANLPEQAHCWASLLMRPTVLPAVPGRTTEKSYEVHFIVPGGLMCNLDFVEGIFGNAGDPYLPENDA
SLDPDSWTGHTGCVILAPHLTTMTKKSLGMPHYDDATERQRRDGQCWRHEDDLYNDGKAFKVCARDERGVIVTVIADNYF
GYCKKEVKTQISYSANLLGGAEEEHSGGAEVYPAWNLNQDFTDRTPDDFTLADVISTNRELLDVRPEGYAVYKPEPNIVF
IPEHSHYSMRTQTISWTAHGAEQTIKLLAGKHYLSPDGYRIHAKHREMDATQWHLIGTSSRAVTCHKPATVSGGGKSEIS
KSISDAFVFGNAFSHDIDSAMDQVQALFDTDFTNRFADASRNGTDHRPVLSIDRSLGSVIKLLTPSIQYNDEYNAFLEGI
EPDVKELAFTVKRYYLPEWGEDWRSHFTVGIMNGRHGNMVRLDGKKIITNMLRVGFREDGSWRLFTLRPDYSPAVKVQTE
DDITASTVTPPWEDAEGLPRKYVTNCEHLLFQRPDDAIHRGYDKQAEFDLASGTDTFISNFEPLTHEQARDLLTDVQAYS
EFTKPVRKLIERVAAMPDDQSPEFWVCSDDPRHLPDGGRSKNPRYLQVRPTDSNPELTTVADVAGKLARKLPLAGHAPQP
IDVVAAGRRNNPPEDKVPALCAYNPLHYMELPELFMEYISSMTGKSPSTTGAGSEGALTKGPFNALPAVYDLNAAVLSYA
LTDYDGWLSSAGYIGPNARVDHDISMLIPELFSHMGPNDRNTKRLISEGYLEKMQDFDFDGHRVLASRLGYRINDRFVTH
YFGRIFLHPDVVFSEEMLRPELQDEKIFADSIDVIVKTHQRVAQMYFDDGTVSLACPPIRALLEIMAHGASAEGWTLDSP
EFRKLFERESVLASDWYAARLDAKQAEDVKQTEEGVERLKEYIERPDSGSVSARLHLADRLRELEAQLTYERSPEYRRSL
VGTLGRQPRFV
;
_entity_poly.pdbx_strand_id   A,B,C,D,E,F,G,H
#
loop_
_chem_comp.id
_chem_comp.type
_chem_comp.name
_chem_comp.formula
MG non-polymer 'MAGNESIUM ION' 'Mg 2'
MLT non-polymer D-MALATE 'C4 H6 O5'
#
# COMPACT_ATOMS: atom_id res chain seq x y z
N MET A 1 56.82 -43.87 29.13
CA MET A 1 55.73 -44.76 29.48
C MET A 1 55.63 -44.93 30.99
N SER A 2 54.50 -45.47 31.45
CA SER A 2 54.30 -45.70 32.87
C SER A 2 55.33 -46.71 33.39
N VAL A 3 55.56 -46.66 34.70
CA VAL A 3 56.50 -47.59 35.31
C VAL A 3 55.99 -49.03 35.21
N VAL A 4 54.67 -49.20 35.10
CA VAL A 4 54.10 -50.54 34.96
C VAL A 4 54.38 -51.07 33.55
N GLU A 5 54.13 -50.25 32.53
CA GLU A 5 54.42 -50.66 31.16
C GLU A 5 55.88 -51.02 30.98
N ARG A 6 56.78 -50.26 31.61
CA ARG A 6 58.20 -50.52 31.45
C ARG A 6 58.63 -51.80 32.17
N ARG A 7 57.98 -52.15 33.28
CA ARG A 7 58.30 -53.41 33.94
C ARG A 7 57.75 -54.60 33.17
N GLN A 8 56.61 -54.42 32.48
CA GLN A 8 56.08 -55.50 31.66
C GLN A 8 56.97 -55.78 30.46
N ILE A 9 57.45 -54.72 29.80
CA ILE A 9 58.39 -54.91 28.69
C ILE A 9 59.66 -55.60 29.18
N ASN A 10 60.21 -55.14 30.30
CA ASN A 10 61.40 -55.76 30.86
C ASN A 10 61.15 -57.22 31.21
N ALA A 11 59.96 -57.54 31.71
CA ALA A 11 59.64 -58.93 32.02
C ALA A 11 59.59 -59.78 30.75
N ALA A 12 58.92 -59.27 29.72
CA ALA A 12 58.90 -59.98 28.44
C ALA A 12 60.29 -60.11 27.85
N ILE A 13 61.14 -59.10 28.05
CA ILE A 13 62.50 -59.16 27.57
C ILE A 13 63.28 -60.23 28.33
N ASN A 14 63.13 -60.28 29.65
CA ASN A 14 63.87 -61.27 30.45
C ASN A 14 63.48 -62.69 30.05
N LEU A 15 62.21 -62.94 29.79
CA LEU A 15 61.79 -64.27 29.36
C LEU A 15 62.49 -64.69 28.09
N ARG A 16 62.61 -63.77 27.13
CA ARG A 16 63.19 -64.13 25.84
C ARG A 16 64.71 -64.25 25.92
N LEU A 17 65.36 -63.41 26.73
CA LEU A 17 66.79 -63.59 26.96
C LEU A 17 67.07 -64.90 27.68
N SER A 18 66.19 -65.29 28.60
CA SER A 18 66.35 -66.56 29.29
C SER A 18 66.15 -67.74 28.36
N LEU A 19 65.29 -67.60 27.35
CA LEU A 19 65.11 -68.68 26.37
C LEU A 19 66.36 -68.88 25.52
N LEU A 20 67.06 -67.80 25.19
CA LEU A 20 68.28 -67.89 24.41
C LEU A 20 69.51 -68.21 25.24
N GLY A 21 69.36 -68.37 26.56
CA GLY A 21 70.50 -68.66 27.41
C GLY A 21 71.42 -67.49 27.65
N LEU A 22 70.92 -66.26 27.49
CA LEU A 22 71.70 -65.05 27.62
C LEU A 22 71.55 -64.45 29.02
N PRO A 23 72.58 -63.75 29.51
CA PRO A 23 72.45 -63.07 30.80
C PRO A 23 71.38 -61.99 30.74
N HIS A 24 70.72 -61.78 31.89
CA HIS A 24 69.62 -60.83 31.98
C HIS A 24 69.48 -60.40 33.43
N PRO A 25 68.88 -59.24 33.70
CA PRO A 25 68.75 -58.77 35.08
C PRO A 25 67.94 -59.73 35.93
N ASP A 26 68.17 -59.66 37.24
CA ASP A 26 67.53 -60.52 38.23
C ASP A 26 66.51 -59.69 38.99
N SER A 27 65.30 -59.61 38.46
CA SER A 27 64.21 -58.89 39.12
C SER A 27 62.85 -59.36 38.64
N ASP A 33 57.01 -66.81 41.39
CA ASP A 33 56.59 -66.34 40.08
C ASP A 33 57.55 -66.83 38.99
N ALA A 34 58.85 -66.62 39.21
CA ALA A 34 59.85 -67.24 38.34
C ALA A 34 59.80 -68.75 38.46
N ILE A 35 59.40 -69.25 39.63
CA ILE A 35 59.16 -70.67 39.84
C ILE A 35 58.04 -71.17 38.94
N LEU A 36 57.15 -70.28 38.50
CA LEU A 36 56.00 -70.68 37.71
C LEU A 36 56.35 -70.88 36.24
N VAL A 37 57.11 -69.95 35.65
CA VAL A 37 57.42 -70.02 34.22
C VAL A 37 58.64 -70.87 33.92
N GLU A 38 59.47 -71.17 34.90
CA GLU A 38 60.72 -71.88 34.62
C GLU A 38 60.52 -73.25 33.98
N PRO A 39 59.60 -74.10 34.42
CA PRO A 39 59.39 -75.37 33.70
C PRO A 39 58.99 -75.17 32.26
N LEU A 40 58.22 -74.12 31.97
CA LEU A 40 57.88 -73.81 30.58
C LEU A 40 59.12 -73.38 29.79
N LEU A 41 60.01 -72.63 30.44
CA LEU A 41 61.23 -72.17 29.75
C LEU A 41 62.19 -73.33 29.50
N ALA A 42 62.37 -74.21 30.48
CA ALA A 42 63.21 -75.39 30.29
C ALA A 42 62.65 -76.27 29.18
N ARG A 43 61.32 -76.38 29.11
CA ARG A 43 60.68 -77.16 28.05
C ARG A 43 60.92 -76.53 26.69
N GLN A 44 60.73 -75.21 26.58
CA GLN A 44 60.85 -74.55 25.29
C GLN A 44 62.30 -74.48 24.81
N ARG A 45 63.25 -74.37 25.74
CA ARG A 45 64.65 -74.44 25.35
C ARG A 45 64.98 -75.79 24.74
N GLU A 46 64.55 -76.87 25.39
CA GLU A 46 64.87 -78.20 24.91
C GLU A 46 64.22 -78.50 23.57
N LEU A 47 62.97 -78.05 23.38
CA LEU A 47 62.36 -78.16 22.05
C LEU A 47 63.14 -77.36 21.02
N SER A 48 63.75 -76.25 21.44
CA SER A 48 64.46 -75.38 20.50
C SER A 48 65.81 -75.95 20.10
N ARG A 49 66.52 -76.64 21.00
CA ARG A 49 67.81 -77.20 20.62
C ARG A 49 67.65 -78.40 19.71
N ARG A 50 66.53 -79.13 19.82
CA ARG A 50 66.28 -80.22 18.89
C ARG A 50 65.97 -79.69 17.50
N LEU A 51 65.28 -78.54 17.43
CA LEU A 51 65.01 -77.86 16.17
C LEU A 51 65.97 -76.71 15.92
N LYS A 52 67.14 -76.73 16.54
CA LYS A 52 68.04 -75.59 16.43
C LYS A 52 68.50 -75.40 14.99
N ASP A 53 68.75 -74.14 14.63
CA ASP A 53 69.18 -73.75 13.29
C ASP A 53 68.12 -74.06 12.23
N ARG A 54 66.85 -74.08 12.65
CA ARG A 54 65.73 -74.17 11.71
C ARG A 54 65.26 -72.76 11.40
N LEU A 55 65.10 -72.46 10.11
CA LEU A 55 64.74 -71.13 9.68
C LEU A 55 63.23 -70.98 9.56
N SER A 56 62.73 -69.81 9.95
CA SER A 56 61.33 -69.50 9.76
C SER A 56 61.00 -69.41 8.27
N ALA A 57 59.71 -69.48 7.96
CA ALA A 57 59.28 -69.39 6.55
C ALA A 57 59.84 -68.18 5.83
N PRO A 58 59.80 -66.95 6.37
CA PRO A 58 60.41 -65.83 5.63
C PRO A 58 61.91 -66.00 5.42
N ASP A 59 62.64 -66.51 6.42
CA ASP A 59 64.07 -66.73 6.26
C ASP A 59 64.39 -67.83 5.27
N LEU A 60 63.47 -68.77 5.06
CA LEU A 60 63.70 -69.81 4.06
C LEU A 60 63.62 -69.24 2.65
N ARG A 61 62.66 -68.34 2.40
CA ARG A 61 62.59 -67.70 1.09
C ARG A 61 63.81 -66.83 0.83
N ILE A 62 64.40 -66.26 1.88
CA ILE A 62 65.60 -65.44 1.71
C ILE A 62 66.82 -66.33 1.48
N GLN A 63 66.99 -67.37 2.32
CA GLN A 63 68.17 -68.21 2.22
C GLN A 63 68.20 -68.99 0.91
N ARG A 64 67.05 -69.54 0.49
CA ARG A 64 66.98 -70.23 -0.79
C ARG A 64 67.36 -69.29 -1.94
N PHE A 65 67.03 -68.01 -1.83
CA PHE A 65 67.42 -67.07 -2.86
C PHE A 65 68.94 -66.88 -2.88
N LEU A 66 69.54 -66.62 -1.72
CA LEU A 66 70.98 -66.41 -1.64
C LEU A 66 71.74 -67.65 -2.09
N ASP A 67 71.32 -68.83 -1.61
CA ASP A 67 71.98 -70.07 -1.99
C ASP A 67 71.95 -70.28 -3.50
N ASP A 68 70.88 -69.85 -4.17
CA ASP A 68 70.80 -70.00 -5.61
C ASP A 68 71.41 -68.81 -6.35
N TYR A 69 71.12 -67.59 -5.91
CA TYR A 69 71.66 -66.40 -6.58
C TYR A 69 73.18 -66.35 -6.48
N LEU A 70 73.73 -66.80 -5.35
CA LEU A 70 75.18 -66.82 -5.11
C LEU A 70 75.74 -68.24 -5.20
N ALA A 71 75.20 -69.04 -6.12
CA ALA A 71 75.65 -70.42 -6.25
C ALA A 71 77.05 -70.52 -6.85
N ASP A 72 77.45 -69.52 -7.64
CA ASP A 72 78.77 -69.50 -8.26
C ASP A 72 79.61 -68.38 -7.65
N CYS A 73 79.93 -68.53 -6.36
CA CYS A 73 80.72 -67.55 -5.64
C CYS A 73 81.64 -68.27 -4.65
N ASP A 74 82.66 -67.55 -4.20
CA ASP A 74 83.56 -68.08 -3.19
C ASP A 74 82.81 -68.36 -1.88
N GLU A 75 81.96 -67.43 -1.47
CA GLU A 75 81.19 -67.55 -0.24
C GLU A 75 79.73 -67.83 -0.55
N HIS A 76 79.07 -68.51 0.39
CA HIS A 76 77.63 -68.80 0.30
C HIS A 76 77.02 -68.38 1.63
N PRO A 77 76.68 -67.10 1.78
CA PRO A 77 76.27 -66.60 3.09
C PRO A 77 75.02 -67.28 3.63
N GLN A 78 75.06 -67.67 4.90
CA GLN A 78 73.93 -68.26 5.59
C GLN A 78 73.43 -67.30 6.65
N LEU A 79 72.11 -67.09 6.67
CA LEU A 79 71.50 -66.18 7.64
C LEU A 79 71.76 -66.67 9.06
N PRO A 80 71.76 -65.76 10.03
CA PRO A 80 71.85 -66.19 11.44
C PRO A 80 70.73 -67.15 11.78
N ARG A 81 71.10 -68.33 12.27
CA ARG A 81 70.13 -69.37 12.53
C ARG A 81 69.37 -69.16 13.84
N THR A 82 70.03 -68.57 14.83
CA THR A 82 69.42 -68.31 16.14
C THR A 82 69.48 -66.81 16.40
N THR A 83 68.31 -66.19 16.54
CA THR A 83 68.22 -64.76 16.78
C THR A 83 67.24 -64.48 17.91
N LEU A 84 67.30 -63.26 18.42
CA LEU A 84 66.33 -62.75 19.39
C LEU A 84 65.16 -62.16 18.61
N VAL A 85 64.03 -62.88 18.58
CA VAL A 85 62.89 -62.53 17.76
C VAL A 85 62.02 -61.53 18.51
N LEU A 86 61.86 -60.33 17.95
CA LEU A 86 61.03 -59.28 18.55
C LEU A 86 59.60 -59.45 18.04
N ASP A 87 58.87 -60.36 18.68
CA ASP A 87 57.55 -60.76 18.23
C ASP A 87 56.43 -59.86 18.74
N GLU A 88 56.71 -58.96 19.68
CA GLU A 88 55.71 -58.04 20.20
C GLU A 88 56.22 -56.61 20.13
N PRO A 89 55.35 -55.66 19.81
CA PRO A 89 55.77 -54.25 19.81
C PRO A 89 56.18 -53.80 21.20
N GLY A 90 57.20 -52.94 21.26
CA GLY A 90 57.72 -52.39 22.49
C GLY A 90 59.00 -53.04 22.98
N LEU A 91 59.25 -54.29 22.59
CA LEU A 91 60.45 -54.98 23.04
C LEU A 91 61.71 -54.26 22.57
N ALA A 92 61.75 -53.84 21.31
CA ALA A 92 62.91 -53.14 20.78
C ALA A 92 63.16 -51.83 21.52
N ARG A 93 62.09 -51.15 21.94
CA ARG A 93 62.27 -49.94 22.75
C ARG A 93 62.98 -50.26 24.06
N GLY A 94 62.47 -51.25 24.80
CA GLY A 94 63.07 -51.59 26.07
C GLY A 94 64.48 -52.13 25.96
N LEU A 95 64.80 -52.77 24.82
CA LEU A 95 66.13 -53.34 24.62
C LEU A 95 67.16 -52.30 24.16
N SER A 96 66.72 -51.16 23.63
CA SER A 96 67.63 -50.17 23.08
C SER A 96 68.26 -49.28 24.13
N LEU A 97 67.98 -49.51 25.41
CA LEU A 97 68.52 -48.74 26.51
C LEU A 97 68.83 -49.68 27.67
N PRO A 98 69.81 -49.35 28.50
CA PRO A 98 70.08 -50.19 29.68
C PRO A 98 68.85 -50.31 30.56
N VAL A 99 68.68 -51.48 31.16
CA VAL A 99 67.56 -51.71 32.06
C VAL A 99 67.71 -50.85 33.32
N ASP A 100 68.94 -50.68 33.80
CA ASP A 100 69.20 -50.00 35.05
C ASP A 100 69.80 -48.61 34.87
N GLY A 101 70.13 -48.21 33.66
CA GLY A 101 70.74 -46.92 33.42
C GLY A 101 70.00 -46.15 32.34
N ASP A 102 70.39 -44.89 32.18
CA ASP A 102 69.73 -43.99 31.23
C ASP A 102 70.65 -43.58 30.08
N GLU A 103 71.83 -44.18 29.97
CA GLU A 103 72.81 -43.74 28.99
C GLU A 103 73.61 -44.93 28.47
N PHE A 104 73.72 -45.02 27.14
CA PHE A 104 74.44 -46.11 26.50
C PHE A 104 75.32 -45.55 25.38
N HIS A 105 76.55 -46.03 25.30
CA HIS A 105 77.51 -45.59 24.29
C HIS A 105 78.18 -46.79 23.66
N SER A 106 78.13 -46.86 22.33
CA SER A 106 78.93 -47.78 21.54
C SER A 106 79.67 -46.98 20.48
N ASP A 107 80.46 -47.67 19.66
CA ASP A 107 81.19 -46.97 18.60
C ASP A 107 80.29 -46.44 17.50
N ILE A 108 78.99 -46.75 17.54
CA ILE A 108 78.09 -46.36 16.46
C ILE A 108 76.91 -45.53 16.94
N VAL A 109 76.60 -45.48 18.24
CA VAL A 109 75.41 -44.77 18.70
C VAL A 109 75.62 -44.31 20.13
N ALA A 110 74.96 -43.20 20.46
CA ALA A 110 74.82 -42.73 21.84
C ALA A 110 73.33 -42.65 22.14
N SER A 111 72.88 -43.40 23.13
CA SER A 111 71.47 -43.52 23.44
C SER A 111 71.20 -43.03 24.86
N TYR A 112 70.04 -42.39 25.04
CA TYR A 112 69.68 -41.79 26.31
C TYR A 112 68.20 -41.98 26.58
N ARG A 113 67.88 -42.32 27.83
CA ARG A 113 66.49 -42.32 28.28
C ARG A 113 66.11 -40.91 28.70
N LEU A 114 65.06 -40.37 28.09
CA LEU A 114 64.66 -38.99 28.29
C LEU A 114 63.34 -38.90 29.05
N VAL A 115 63.11 -37.72 29.63
CA VAL A 115 61.80 -37.41 30.17
C VAL A 115 60.75 -37.40 29.07
N ASN A 116 61.10 -36.84 27.91
CA ASN A 116 60.17 -36.68 26.80
C ASN A 116 60.37 -37.72 25.71
N GLY A 117 60.98 -38.87 26.04
CA GLY A 117 61.12 -39.93 25.07
C GLY A 117 62.45 -40.65 25.13
N VAL A 118 63.01 -40.96 23.96
CA VAL A 118 64.30 -41.61 23.85
C VAL A 118 65.12 -40.88 22.79
N LEU A 119 66.42 -40.77 23.03
CA LEU A 119 67.33 -40.05 22.16
C LEU A 119 68.40 -41.00 21.64
N HIS A 120 68.57 -41.04 20.32
CA HIS A 120 69.57 -41.90 19.68
C HIS A 120 70.38 -41.06 18.70
N ASN A 121 71.67 -40.87 19.02
CA ASN A 121 72.56 -40.15 18.12
C ASN A 121 73.46 -41.16 17.42
N PRO A 122 73.23 -41.47 16.15
CA PRO A 122 74.10 -42.41 15.45
C PRO A 122 75.47 -41.79 15.17
N LYS A 123 76.40 -42.64 14.77
CA LYS A 123 77.78 -42.20 14.49
C LYS A 123 77.79 -41.06 13.48
N HIS A 124 76.98 -41.17 12.43
CA HIS A 124 76.86 -40.12 11.42
C HIS A 124 75.46 -39.52 11.50
N ASP A 125 75.40 -38.21 11.60
CA ASP A 125 74.13 -37.52 11.81
C ASP A 125 73.37 -37.26 10.52
N ARG A 126 74.00 -37.46 9.37
CA ARG A 126 73.43 -37.06 8.09
C ARG A 126 73.42 -38.24 7.13
N ARG A 127 72.44 -38.21 6.22
CA ARG A 127 72.37 -39.16 5.12
C ARG A 127 73.12 -38.59 3.92
N THR A 128 73.79 -39.48 3.17
CA THR A 128 74.45 -39.10 1.94
C THR A 128 73.96 -39.99 0.81
N THR A 129 74.26 -39.59 -0.42
CA THR A 129 73.76 -40.31 -1.58
C THR A 129 74.87 -40.65 -2.58
N ALA A 130 75.94 -39.86 -2.58
CA ALA A 130 77.05 -40.06 -3.51
C ALA A 130 77.72 -41.42 -3.31
N GLY A 131 77.50 -42.34 -4.23
CA GLY A 131 78.11 -43.67 -4.14
C GLY A 131 77.66 -44.46 -2.93
N VAL A 132 76.39 -44.36 -2.57
CA VAL A 132 75.86 -45.04 -1.40
C VAL A 132 75.07 -46.29 -1.79
N PHE A 133 74.37 -46.24 -2.93
CA PHE A 133 73.49 -47.32 -3.35
C PHE A 133 74.28 -48.25 -4.28
N HIS A 134 74.66 -49.42 -3.75
CA HIS A 134 75.39 -50.42 -4.51
C HIS A 134 74.47 -51.57 -4.86
N ILE A 135 74.52 -52.03 -6.11
CA ILE A 135 73.67 -53.10 -6.58
C ILE A 135 74.55 -54.23 -7.11
N SER A 136 74.28 -55.44 -6.65
CA SER A 136 75.05 -56.61 -7.08
C SER A 136 74.65 -57.00 -8.50
N THR A 137 75.63 -57.48 -9.27
CA THR A 137 75.35 -57.99 -10.60
C THR A 137 74.68 -59.36 -10.51
N GLY A 138 74.27 -59.87 -11.67
CA GLY A 138 73.62 -61.16 -11.75
C GLY A 138 72.11 -61.15 -11.58
N GLY A 139 71.49 -59.97 -11.43
CA GLY A 139 70.06 -59.90 -11.31
C GLY A 139 69.45 -58.97 -12.33
N LEU A 140 68.47 -58.17 -11.90
CA LEU A 140 67.82 -57.23 -12.78
C LEU A 140 68.78 -56.11 -13.18
N PRO A 141 68.50 -55.40 -14.28
CA PRO A 141 69.46 -54.40 -14.76
C PRO A 141 69.75 -53.32 -13.74
N ILE A 142 70.94 -52.76 -13.85
CA ILE A 142 71.45 -51.76 -12.89
C ILE A 142 71.37 -50.39 -13.54
N PRO A 143 70.74 -49.41 -12.90
CA PRO A 143 70.65 -48.07 -13.48
C PRO A 143 72.03 -47.43 -13.63
N GLN A 144 72.13 -46.49 -14.58
CA GLN A 144 73.40 -45.88 -14.89
C GLN A 144 73.99 -45.12 -13.71
N ASP A 145 73.14 -44.58 -12.83
CA ASP A 145 73.59 -43.76 -11.72
C ASP A 145 74.02 -44.57 -10.49
N LYS A 146 73.76 -45.87 -10.47
CA LYS A 146 74.06 -46.68 -9.29
C LYS A 146 75.48 -47.25 -9.37
N VAL A 147 75.94 -47.77 -8.24
CA VAL A 147 77.26 -48.39 -8.16
C VAL A 147 77.11 -49.89 -8.45
N GLU A 148 77.89 -50.37 -9.41
CA GLU A 148 77.82 -51.75 -9.87
C GLU A 148 78.81 -52.60 -9.08
N VAL A 149 78.30 -53.57 -8.33
CA VAL A 149 79.11 -54.45 -7.50
C VAL A 149 79.06 -55.86 -8.08
N ASP A 150 80.22 -56.49 -8.21
CA ASP A 150 80.27 -57.85 -8.73
C ASP A 150 79.56 -58.81 -7.77
N LYS A 151 78.85 -59.78 -8.35
CA LYS A 151 78.09 -60.75 -7.55
C LYS A 151 78.99 -61.46 -6.54
N ASN A 152 80.25 -61.73 -6.92
CA ASN A 152 81.17 -62.40 -6.02
C ASN A 152 81.56 -61.51 -4.85
N VAL A 153 81.76 -60.21 -5.11
CA VAL A 153 82.11 -59.28 -4.03
C VAL A 153 80.94 -59.13 -3.07
N TYR A 154 79.70 -59.15 -3.59
CA TYR A 154 78.53 -59.10 -2.72
C TYR A 154 78.50 -60.29 -1.77
N ALA A 155 78.88 -61.47 -2.26
CA ALA A 155 78.88 -62.66 -1.41
C ALA A 155 79.89 -62.53 -0.29
N ARG A 156 81.07 -61.98 -0.59
CA ARG A 156 82.07 -61.77 0.46
C ARG A 156 81.63 -60.70 1.46
N ILE A 157 80.91 -59.69 0.99
CA ILE A 157 80.39 -58.67 1.90
C ILE A 157 79.30 -59.26 2.79
N LEU A 158 78.32 -59.93 2.17
CA LEU A 158 77.23 -60.52 2.94
C LEU A 158 77.74 -61.58 3.91
N ALA A 159 78.83 -62.27 3.57
CA ALA A 159 79.43 -63.21 4.49
C ALA A 159 80.09 -62.50 5.67
N ARG A 160 80.80 -61.41 5.39
CA ARG A 160 81.41 -60.63 6.48
C ARG A 160 80.35 -59.90 7.30
N ALA A 161 79.19 -59.61 6.70
CA ALA A 161 78.13 -58.93 7.44
C ALA A 161 77.64 -59.76 8.61
N PHE A 162 77.74 -61.09 8.50
CA PHE A 162 77.33 -61.99 9.58
C PHE A 162 78.47 -62.29 10.55
N GLN A 163 79.69 -61.85 10.24
CA GLN A 163 80.82 -61.97 11.16
C GLN A 163 80.96 -60.66 11.95
N ALA A 164 80.04 -60.47 12.89
CA ALA A 164 80.04 -59.18 13.57
C ALA A 164 80.83 -59.27 14.87
N PRO A 165 81.57 -58.22 15.22
CA PRO A 165 82.32 -58.22 16.48
C PRO A 165 81.40 -58.22 17.69
N ASP A 166 81.99 -58.58 18.84
CA ASP A 166 81.22 -58.66 20.08
C ASP A 166 80.63 -57.31 20.45
N GLU A 167 81.41 -56.23 20.31
CA GLU A 167 80.93 -54.91 20.68
C GLU A 167 79.67 -54.54 19.90
N GLU A 168 79.57 -54.97 18.65
CA GLU A 168 78.39 -54.71 17.84
C GLU A 168 77.21 -55.62 18.20
N LEU A 169 77.48 -56.78 18.80
CA LEU A 169 76.43 -57.69 19.20
C LEU A 169 75.86 -57.40 20.58
N ALA A 170 76.50 -56.53 21.35
CA ALA A 170 76.07 -56.27 22.72
C ALA A 170 74.74 -55.54 22.75
N LEU A 171 73.77 -56.12 23.45
CA LEU A 171 72.49 -55.45 23.64
C LEU A 171 72.67 -54.25 24.56
N PRO A 172 72.07 -53.10 24.22
CA PRO A 172 72.09 -51.98 25.17
C PRO A 172 71.40 -52.30 26.48
N TYR A 173 70.47 -53.25 26.46
CA TYR A 173 69.72 -53.63 27.66
C TYR A 173 70.63 -54.08 28.78
N THR A 174 71.77 -54.69 28.46
CA THR A 174 72.64 -55.32 29.46
C THR A 174 74.00 -54.64 29.57
N ALA A 175 74.11 -53.39 29.11
CA ALA A 175 75.42 -52.75 29.02
C ALA A 175 76.05 -52.53 30.39
N ASN A 176 75.25 -52.39 31.43
CA ASN A 176 75.74 -52.11 32.78
C ASN A 176 75.77 -53.35 33.66
N LEU A 177 75.58 -54.54 33.10
CA LEU A 177 75.48 -55.75 33.90
C LEU A 177 76.83 -56.43 34.02
N PRO A 178 77.02 -57.26 35.06
CA PRO A 178 78.28 -58.01 35.17
C PRO A 178 78.65 -58.79 33.92
N GLU A 179 77.68 -59.42 33.27
CA GLU A 179 77.90 -60.13 32.01
C GLU A 179 76.92 -59.59 30.98
N GLN A 180 77.40 -59.30 29.78
CA GLN A 180 76.58 -58.73 28.72
C GLN A 180 76.02 -59.82 27.82
N ALA A 181 74.93 -59.49 27.15
CA ALA A 181 74.24 -60.41 26.25
C ALA A 181 74.57 -60.03 24.80
N HIS A 182 75.20 -60.95 24.08
CA HIS A 182 75.57 -60.77 22.68
C HIS A 182 74.72 -61.70 21.82
N CYS A 183 74.01 -61.14 20.85
CA CYS A 183 73.12 -61.94 20.02
C CYS A 183 72.74 -61.16 18.78
N TRP A 184 72.15 -61.87 17.82
CA TRP A 184 71.49 -61.26 16.68
C TRP A 184 70.01 -61.10 16.98
N ALA A 185 69.42 -60.04 16.44
CA ALA A 185 68.01 -59.75 16.64
C ALA A 185 67.29 -59.69 15.29
N SER A 186 66.02 -60.08 15.28
CA SER A 186 65.24 -60.12 14.05
C SER A 186 63.86 -59.53 14.29
N LEU A 187 63.37 -58.80 13.28
CA LEU A 187 62.06 -58.17 13.33
C LEU A 187 61.37 -58.36 11.99
N LEU A 188 60.16 -58.92 12.01
CA LEU A 188 59.37 -59.13 10.81
C LEU A 188 58.33 -58.03 10.66
N MET A 189 58.20 -57.51 9.44
CA MET A 189 57.25 -56.43 9.17
C MET A 189 56.54 -56.69 7.85
N ARG A 190 55.37 -56.08 7.68
CA ARG A 190 54.54 -56.24 6.50
C ARG A 190 54.17 -54.87 5.94
N PRO A 191 55.09 -54.20 5.25
CA PRO A 191 54.78 -52.88 4.71
C PRO A 191 53.85 -52.94 3.51
N THR A 192 52.91 -52.01 3.45
CA THR A 192 51.91 -51.98 2.40
C THR A 192 52.52 -51.64 1.05
N VAL A 193 52.05 -52.33 0.00
CA VAL A 193 52.52 -52.11 -1.36
C VAL A 193 51.35 -51.73 -2.26
N LEU A 194 50.18 -52.30 -1.98
CA LEU A 194 48.97 -52.05 -2.76
C LEU A 194 47.84 -51.71 -1.81
N PRO A 195 47.20 -50.55 -1.95
CA PRO A 195 46.11 -50.18 -1.04
C PRO A 195 44.82 -50.89 -1.39
N ALA A 196 43.90 -50.87 -0.43
CA ALA A 196 42.60 -51.53 -0.58
C ALA A 196 41.62 -50.56 -1.24
N VAL A 197 41.03 -50.99 -2.35
CA VAL A 197 39.97 -50.26 -3.02
C VAL A 197 38.78 -51.22 -3.15
N PRO A 198 37.61 -50.85 -2.63
CA PRO A 198 36.50 -51.82 -2.57
C PRO A 198 36.11 -52.35 -3.94
N GLY A 199 36.06 -53.67 -4.05
CA GLY A 199 35.72 -54.33 -5.31
C GLY A 199 36.80 -54.27 -6.36
N ARG A 200 37.93 -53.62 -6.10
CA ARG A 200 39.00 -53.47 -7.08
C ARG A 200 40.27 -54.20 -6.66
N THR A 201 40.84 -53.85 -5.50
CA THR A 201 42.07 -54.45 -5.03
C THR A 201 41.95 -54.78 -3.56
N THR A 202 42.60 -55.88 -3.16
CA THR A 202 42.80 -56.22 -1.77
C THR A 202 44.09 -55.58 -1.28
N GLU A 203 44.08 -55.06 -0.05
CA GLU A 203 45.31 -54.50 0.50
C GLU A 203 46.38 -55.59 0.57
N LYS A 204 47.49 -55.38 -0.13
CA LYS A 204 48.58 -56.33 -0.18
C LYS A 204 49.84 -55.70 0.39
N SER A 205 50.62 -56.51 1.10
CA SER A 205 51.90 -56.09 1.64
C SER A 205 52.95 -57.15 1.28
N TYR A 206 54.20 -56.71 1.19
CA TYR A 206 55.29 -57.67 1.10
C TYR A 206 55.79 -57.94 2.52
N GLU A 207 56.75 -58.85 2.66
CA GLU A 207 57.32 -59.18 3.96
C GLU A 207 58.79 -58.81 3.96
N VAL A 208 59.23 -58.14 5.02
CA VAL A 208 60.63 -57.80 5.19
C VAL A 208 61.09 -58.35 6.53
N HIS A 209 62.35 -58.76 6.59
CA HIS A 209 62.96 -59.29 7.80
C HIS A 209 64.23 -58.50 8.08
N PHE A 210 64.20 -57.69 9.14
CA PHE A 210 65.40 -57.02 9.62
C PHE A 210 66.19 -57.97 10.51
N ILE A 211 67.46 -58.18 10.19
CA ILE A 211 68.34 -59.04 10.96
C ILE A 211 69.58 -58.23 11.30
N VAL A 212 69.68 -57.77 12.54
CA VAL A 212 70.75 -56.87 12.94
C VAL A 212 71.43 -57.43 14.20
N PRO A 213 72.68 -57.07 14.42
CA PRO A 213 73.31 -57.38 15.70
C PRO A 213 72.67 -56.60 16.84
N GLY A 214 72.85 -57.11 18.05
CA GLY A 214 72.17 -56.52 19.21
C GLY A 214 72.49 -55.06 19.43
N GLY A 215 73.68 -54.62 19.04
CA GLY A 215 74.05 -53.23 19.19
C GLY A 215 73.30 -52.27 18.28
N LEU A 216 72.46 -52.79 17.38
CA LEU A 216 71.63 -51.99 16.51
C LEU A 216 70.15 -52.10 16.87
N MET A 217 69.87 -52.31 18.16
CA MET A 217 68.49 -52.47 18.59
C MET A 217 67.67 -51.21 18.34
N CYS A 218 68.29 -50.04 18.50
CA CYS A 218 67.55 -48.79 18.30
C CYS A 218 67.05 -48.65 16.87
N ASN A 219 67.75 -49.24 15.90
CA ASN A 219 67.26 -49.23 14.53
C ASN A 219 66.02 -50.10 14.36
N LEU A 220 65.89 -51.15 15.17
CA LEU A 220 64.70 -51.98 15.09
C LEU A 220 63.50 -51.29 15.72
N ASP A 221 63.73 -50.57 16.83
CA ASP A 221 62.67 -49.74 17.40
C ASP A 221 62.21 -48.69 16.40
N PHE A 222 63.14 -48.13 15.64
CA PHE A 222 62.80 -47.08 14.67
C PHE A 222 61.87 -47.63 13.58
N VAL A 223 62.27 -48.72 12.93
CA VAL A 223 61.46 -49.22 11.82
C VAL A 223 60.18 -49.87 12.33
N GLU A 224 60.22 -50.49 13.51
CA GLU A 224 58.99 -51.08 14.06
C GLU A 224 57.93 -50.02 14.27
N GLY A 225 58.32 -48.82 14.69
CA GLY A 225 57.34 -47.76 14.87
C GLY A 225 56.76 -47.28 13.57
N ILE A 226 57.55 -47.31 12.50
CA ILE A 226 57.08 -46.79 11.21
C ILE A 226 56.19 -47.80 10.50
N PHE A 227 56.60 -49.07 10.48
CA PHE A 227 55.95 -50.07 9.64
C PHE A 227 55.24 -51.16 10.43
N GLY A 228 55.35 -51.17 11.74
CA GLY A 228 54.63 -52.13 12.56
C GLY A 228 55.47 -53.35 12.91
N ASN A 229 54.82 -54.28 13.61
CA ASN A 229 55.44 -55.53 14.04
C ASN A 229 54.56 -56.67 13.56
N ALA A 230 55.13 -57.58 12.78
CA ALA A 230 54.37 -58.69 12.20
C ALA A 230 54.37 -59.94 13.06
N GLY A 231 55.14 -59.97 14.14
CA GLY A 231 55.06 -61.05 15.11
C GLY A 231 56.13 -62.11 14.91
N ASP A 232 55.91 -63.22 15.61
CA ASP A 232 56.80 -64.37 15.56
C ASP A 232 56.78 -64.98 14.16
N PRO A 233 57.87 -64.88 13.38
CA PRO A 233 57.84 -65.39 12.01
C PRO A 233 57.73 -66.91 11.93
N TYR A 234 57.97 -67.62 13.03
CA TYR A 234 57.84 -69.06 13.05
C TYR A 234 56.39 -69.53 13.14
N LEU A 235 55.44 -68.62 13.35
CA LEU A 235 54.06 -69.05 13.47
C LEU A 235 53.35 -69.00 12.12
N PRO A 236 52.47 -69.97 11.84
CA PRO A 236 51.73 -69.94 10.57
C PRO A 236 50.87 -68.70 10.39
N GLU A 237 50.39 -68.11 11.48
CA GLU A 237 49.58 -66.90 11.38
C GLU A 237 50.39 -65.74 10.77
N ASN A 238 51.71 -65.76 10.92
CA ASN A 238 52.58 -64.70 10.45
C ASN A 238 53.33 -65.08 9.19
N ASP A 239 52.99 -66.21 8.58
CA ASP A 239 53.59 -66.63 7.31
C ASP A 239 52.84 -65.93 6.19
N ALA A 240 53.53 -65.02 5.49
CA ALA A 240 52.87 -64.27 4.42
C ALA A 240 52.38 -65.20 3.32
N SER A 241 53.04 -66.34 3.12
CA SER A 241 52.68 -67.24 2.04
C SER A 241 51.42 -68.05 2.32
N LEU A 242 50.99 -68.13 3.57
CA LEU A 242 49.78 -68.87 3.91
C LEU A 242 48.52 -68.02 3.83
N ASP A 243 48.65 -66.71 3.61
CA ASP A 243 47.53 -65.83 3.29
C ASP A 243 47.91 -65.04 2.04
N PRO A 244 48.03 -65.71 0.89
CA PRO A 244 48.62 -65.05 -0.29
C PRO A 244 47.76 -63.95 -0.88
N ASP A 245 46.48 -63.83 -0.49
CA ASP A 245 45.63 -62.80 -1.07
C ASP A 245 46.02 -61.41 -0.55
N SER A 246 46.61 -61.32 0.64
CA SER A 246 47.10 -60.05 1.18
C SER A 246 48.62 -59.93 1.06
N TRP A 247 49.25 -60.75 0.23
CA TRP A 247 50.69 -60.75 0.05
C TRP A 247 51.03 -60.49 -1.41
N THR A 248 52.10 -59.72 -1.63
CA THR A 248 52.57 -59.45 -2.99
C THR A 248 53.46 -60.55 -3.53
N GLY A 249 53.72 -61.60 -2.75
CA GLY A 249 54.63 -62.64 -3.15
C GLY A 249 56.09 -62.31 -3.01
N HIS A 250 56.42 -61.15 -2.45
CA HIS A 250 57.79 -60.66 -2.42
C HIS A 250 58.31 -60.61 -0.99
N THR A 251 59.62 -60.82 -0.86
CA THR A 251 60.28 -60.89 0.44
C THR A 251 61.49 -59.96 0.42
N GLY A 252 61.60 -59.11 1.44
CA GLY A 252 62.76 -58.28 1.60
C GLY A 252 63.59 -58.71 2.79
N CYS A 253 64.86 -58.31 2.81
CA CYS A 253 65.74 -58.60 3.94
C CYS A 253 66.71 -57.45 4.10
N VAL A 254 66.85 -56.95 5.32
CA VAL A 254 67.74 -55.84 5.62
C VAL A 254 68.67 -56.27 6.74
N ILE A 255 69.98 -56.23 6.47
CA ILE A 255 71.01 -56.47 7.47
C ILE A 255 71.73 -55.15 7.70
N LEU A 256 71.91 -54.79 8.96
CA LEU A 256 72.70 -53.63 9.34
C LEU A 256 74.02 -54.12 9.89
N ALA A 257 75.13 -53.67 9.30
CA ALA A 257 76.47 -54.11 9.69
C ALA A 257 77.44 -52.97 9.52
N PRO A 258 77.45 -52.01 10.46
CA PRO A 258 78.43 -50.91 10.38
C PRO A 258 79.87 -51.38 10.39
N HIS A 259 80.16 -52.55 10.95
CA HIS A 259 81.53 -53.03 10.99
C HIS A 259 82.12 -53.30 9.61
N LEU A 260 81.29 -53.30 8.57
CA LEU A 260 81.77 -53.51 7.21
C LEU A 260 82.56 -52.32 6.68
N THR A 261 82.55 -51.18 7.36
CA THR A 261 83.23 -49.99 6.84
C THR A 261 84.75 -50.11 6.90
N THR A 262 85.30 -51.17 7.50
CA THR A 262 86.73 -51.36 7.56
C THR A 262 87.23 -52.45 6.61
N MET A 263 86.34 -53.01 5.78
CA MET A 263 86.77 -53.92 4.74
C MET A 263 87.73 -53.22 3.78
N THR A 264 88.75 -53.96 3.33
CA THR A 264 89.62 -53.46 2.28
C THR A 264 89.14 -53.99 0.94
N LYS A 265 89.24 -53.14 -0.09
CA LYS A 265 88.86 -53.55 -1.43
C LYS A 265 89.67 -54.76 -1.87
N LYS A 266 90.94 -54.83 -1.46
CA LYS A 266 91.81 -55.93 -1.88
C LYS A 266 91.35 -57.25 -1.27
N SER A 267 90.99 -57.24 0.02
CA SER A 267 90.54 -58.48 0.66
C SER A 267 89.23 -58.97 0.07
N LEU A 268 88.40 -58.07 -0.46
CA LEU A 268 87.18 -58.46 -1.15
C LEU A 268 87.44 -58.96 -2.56
N GLY A 269 88.70 -59.06 -2.98
CA GLY A 269 89.00 -59.56 -4.30
C GLY A 269 88.66 -58.63 -5.43
N MET A 270 88.60 -57.33 -5.16
CA MET A 270 88.30 -56.37 -6.21
C MET A 270 89.56 -56.05 -7.02
N PRO A 271 89.42 -55.77 -8.30
CA PRO A 271 90.60 -55.57 -9.14
C PRO A 271 91.36 -54.31 -8.78
N HIS A 272 92.64 -54.29 -9.18
CA HIS A 272 93.42 -53.08 -9.06
C HIS A 272 92.96 -52.05 -10.10
N TYR A 273 93.25 -50.78 -9.83
CA TYR A 273 92.80 -49.70 -10.72
C TYR A 273 93.27 -49.92 -12.16
N ASP A 274 94.45 -50.51 -12.35
CA ASP A 274 94.95 -50.74 -13.70
C ASP A 274 94.18 -51.84 -14.41
N ASP A 275 93.64 -52.80 -13.66
CA ASP A 275 92.92 -53.93 -14.23
C ASP A 275 91.42 -53.74 -14.25
N ALA A 276 90.92 -52.61 -13.75
CA ALA A 276 89.48 -52.39 -13.65
C ALA A 276 88.93 -51.69 -14.89
N THR A 277 87.63 -51.90 -15.13
CA THR A 277 86.96 -51.26 -16.25
C THR A 277 86.59 -49.83 -15.90
N GLU A 278 86.15 -49.08 -16.92
CA GLU A 278 85.77 -47.69 -16.70
C GLU A 278 84.60 -47.58 -15.74
N ARG A 279 83.66 -48.52 -15.80
CA ARG A 279 82.55 -48.53 -14.86
C ARG A 279 83.03 -48.78 -13.44
N GLN A 280 84.01 -49.66 -13.27
CA GLN A 280 84.55 -49.93 -11.95
C GLN A 280 85.35 -48.74 -11.43
N ARG A 281 86.13 -48.09 -12.30
CA ARG A 281 86.84 -46.88 -11.90
C ARG A 281 85.87 -45.77 -11.52
N ARG A 282 84.78 -45.63 -12.28
CA ARG A 282 83.78 -44.61 -11.97
C ARG A 282 83.11 -44.89 -10.64
N ASP A 283 82.90 -46.16 -10.31
CA ASP A 283 82.19 -46.56 -9.11
C ASP A 283 83.10 -46.79 -7.91
N GLY A 284 84.40 -46.60 -8.06
CA GLY A 284 85.31 -46.92 -6.97
C GLY A 284 85.42 -48.39 -6.67
N GLN A 285 84.91 -49.26 -7.54
CA GLN A 285 85.01 -50.70 -7.35
C GLN A 285 86.37 -51.22 -7.79
N CYS A 286 87.43 -50.62 -7.24
CA CYS A 286 88.80 -51.01 -7.49
C CYS A 286 89.69 -50.26 -6.50
N TRP A 287 90.88 -50.80 -6.27
CA TRP A 287 91.79 -50.26 -5.26
C TRP A 287 93.10 -49.82 -5.92
N ARG A 288 93.88 -49.06 -5.16
CA ARG A 288 95.19 -48.59 -5.60
C ARG A 288 96.25 -48.93 -4.56
N HIS A 289 96.03 -48.51 -3.32
CA HIS A 289 96.79 -49.02 -2.19
C HIS A 289 96.08 -50.22 -1.60
N GLU A 290 96.84 -51.12 -0.99
CA GLU A 290 96.23 -52.31 -0.41
C GLU A 290 95.46 -52.01 0.88
N ASP A 291 95.55 -50.79 1.39
CA ASP A 291 94.79 -50.38 2.57
C ASP A 291 93.48 -49.68 2.21
N ASP A 292 93.14 -49.60 0.93
CA ASP A 292 91.94 -48.89 0.51
C ASP A 292 90.70 -49.56 1.07
N LEU A 293 89.86 -48.79 1.75
CA LEU A 293 88.61 -49.30 2.29
C LEU A 293 87.55 -49.40 1.20
N TYR A 294 86.61 -50.31 1.39
CA TYR A 294 85.51 -50.45 0.45
C TYR A 294 84.70 -49.16 0.39
N ASN A 295 84.34 -48.76 -0.82
CA ASN A 295 83.61 -47.51 -1.06
C ASN A 295 84.36 -46.31 -0.50
N ASP A 296 85.69 -46.41 -0.43
CA ASP A 296 86.55 -45.31 0.03
C ASP A 296 86.14 -44.81 1.41
N GLY A 297 85.67 -45.71 2.26
CA GLY A 297 85.27 -45.38 3.62
C GLY A 297 83.90 -44.75 3.75
N LYS A 298 83.35 -44.20 2.67
CA LYS A 298 82.04 -43.57 2.74
C LYS A 298 80.96 -44.59 3.09
N ALA A 299 79.80 -44.08 3.51
CA ALA A 299 78.67 -44.94 3.80
C ALA A 299 78.18 -45.62 2.53
N PHE A 300 77.66 -46.84 2.70
CA PHE A 300 77.17 -47.59 1.56
C PHE A 300 76.15 -48.63 2.01
N LYS A 301 75.26 -48.98 1.10
CA LYS A 301 74.46 -50.18 1.22
C LYS A 301 74.61 -50.98 -0.07
N VAL A 302 74.72 -52.30 0.06
CA VAL A 302 74.81 -53.19 -1.09
C VAL A 302 73.54 -54.03 -1.14
N CYS A 303 73.09 -54.33 -2.35
CA CYS A 303 71.75 -54.84 -2.55
C CYS A 303 71.74 -55.83 -3.71
N ALA A 304 71.05 -56.96 -3.51
CA ALA A 304 70.93 -58.00 -4.53
C ALA A 304 69.46 -58.35 -4.69
N ARG A 305 69.01 -58.42 -5.95
CA ARG A 305 67.60 -58.65 -6.26
C ARG A 305 67.47 -59.03 -7.72
N ASP A 306 66.40 -59.74 -8.03
CA ASP A 306 66.05 -60.07 -9.41
C ASP A 306 64.54 -60.25 -9.49
N GLU A 307 64.07 -60.84 -10.60
CA GLU A 307 62.66 -60.94 -10.89
C GLU A 307 61.93 -61.96 -10.01
N ARG A 308 62.66 -62.72 -9.19
CA ARG A 308 62.00 -63.72 -8.34
C ARG A 308 61.26 -63.09 -7.16
N GLY A 309 61.62 -61.87 -6.77
CA GLY A 309 60.90 -61.17 -5.72
C GLY A 309 61.57 -61.16 -4.36
N VAL A 310 62.83 -61.56 -4.27
CA VAL A 310 63.57 -61.57 -3.00
C VAL A 310 64.71 -60.57 -3.12
N ILE A 311 64.61 -59.47 -2.37
CA ILE A 311 65.63 -58.43 -2.35
C ILE A 311 66.32 -58.47 -0.99
N VAL A 312 67.65 -58.54 -1.01
CA VAL A 312 68.47 -58.64 0.20
C VAL A 312 69.44 -57.47 0.20
N THR A 313 69.33 -56.60 1.20
CA THR A 313 70.14 -55.40 1.29
C THR A 313 70.92 -55.37 2.59
N VAL A 314 72.21 -55.10 2.49
CA VAL A 314 73.09 -54.89 3.65
C VAL A 314 73.42 -53.42 3.72
N ILE A 315 73.15 -52.79 4.87
CA ILE A 315 73.47 -51.40 5.10
C ILE A 315 74.61 -51.32 6.11
N ALA A 316 75.67 -50.60 5.74
CA ALA A 316 76.87 -50.49 6.57
C ALA A 316 76.89 -49.20 7.38
N ASP A 317 75.71 -48.64 7.68
CA ASP A 317 75.61 -47.40 8.44
C ASP A 317 74.31 -47.44 9.21
N ASN A 318 74.33 -46.89 10.43
CA ASN A 318 73.20 -47.02 11.33
C ASN A 318 72.34 -45.76 11.40
N TYR A 319 72.58 -44.77 10.54
CA TYR A 319 71.70 -43.61 10.50
C TYR A 319 70.30 -44.05 10.10
N PHE A 320 69.31 -43.59 10.85
CA PHE A 320 67.97 -44.18 10.77
C PHE A 320 67.30 -43.92 9.43
N GLY A 321 67.67 -42.84 8.74
CA GLY A 321 67.11 -42.57 7.43
C GLY A 321 67.36 -43.68 6.43
N TYR A 322 68.51 -44.36 6.54
CA TYR A 322 68.81 -45.47 5.63
C TYR A 322 67.81 -46.60 5.81
N CYS A 323 67.41 -46.89 7.04
CA CYS A 323 66.50 -48.02 7.29
C CYS A 323 65.14 -47.78 6.67
N LYS A 324 64.54 -46.61 6.92
CA LYS A 324 63.22 -46.33 6.35
C LYS A 324 63.28 -46.16 4.84
N LYS A 325 64.38 -45.62 4.32
CA LYS A 325 64.49 -45.47 2.87
C LYS A 325 64.73 -46.81 2.19
N GLU A 326 65.34 -47.77 2.90
CA GLU A 326 65.49 -49.09 2.33
C GLU A 326 64.16 -49.81 2.22
N VAL A 327 63.30 -49.66 3.24
CA VAL A 327 61.95 -50.22 3.14
C VAL A 327 61.20 -49.58 1.99
N LYS A 328 61.33 -48.26 1.84
CA LYS A 328 60.74 -47.58 0.68
C LYS A 328 61.25 -48.19 -0.61
N THR A 329 62.56 -48.43 -0.70
CA THR A 329 63.14 -49.06 -1.89
C THR A 329 62.51 -50.42 -2.15
N GLN A 330 62.37 -51.24 -1.10
CA GLN A 330 61.82 -52.58 -1.29
C GLN A 330 60.32 -52.55 -1.56
N ILE A 331 59.61 -51.53 -1.08
CA ILE A 331 58.21 -51.35 -1.47
C ILE A 331 58.11 -51.01 -2.94
N SER A 332 58.95 -50.09 -3.41
CA SER A 332 58.99 -49.77 -4.83
C SER A 332 59.42 -50.97 -5.67
N TYR A 333 60.32 -51.80 -5.13
CA TYR A 333 60.72 -53.01 -5.81
C TYR A 333 59.56 -54.00 -5.92
N SER A 334 58.76 -54.11 -4.85
CA SER A 334 57.60 -54.99 -4.90
C SER A 334 56.53 -54.46 -5.84
N ALA A 335 56.34 -53.13 -5.85
CA ALA A 335 55.31 -52.53 -6.70
C ALA A 335 55.59 -52.78 -8.18
N ASN A 336 56.85 -52.62 -8.61
CA ASN A 336 57.18 -52.84 -10.01
C ASN A 336 57.03 -54.31 -10.39
N LEU A 337 57.36 -55.22 -9.47
CA LEU A 337 57.22 -56.64 -9.74
C LEU A 337 55.77 -57.11 -9.64
N LEU A 338 54.96 -56.43 -8.82
CA LEU A 338 53.57 -56.84 -8.68
C LEU A 338 52.71 -56.38 -9.84
N GLY A 339 52.96 -55.18 -10.35
CA GLY A 339 52.10 -54.59 -11.35
C GLY A 339 50.83 -54.00 -10.75
N GLY A 340 50.25 -53.07 -11.50
CA GLY A 340 49.02 -52.42 -11.05
C GLY A 340 49.17 -51.53 -9.83
N ALA A 341 50.40 -51.31 -9.37
CA ALA A 341 50.63 -50.51 -8.17
C ALA A 341 51.83 -49.59 -8.40
N GLU A 342 51.90 -48.55 -7.59
CA GLU A 342 53.00 -47.60 -7.62
C GLU A 342 53.50 -47.36 -6.20
N GLU A 343 54.75 -46.95 -6.11
CA GLU A 343 55.32 -46.39 -4.89
C GLU A 343 55.77 -44.98 -5.22
N GLU A 344 55.24 -44.00 -4.50
CA GLU A 344 55.47 -42.59 -4.81
C GLU A 344 56.17 -41.90 -3.66
N HIS A 345 57.09 -41.01 -4.00
CA HIS A 345 57.73 -40.11 -3.04
C HIS A 345 56.89 -38.84 -3.01
N SER A 346 55.79 -38.91 -2.27
CA SER A 346 54.77 -37.87 -2.34
C SER A 346 54.14 -37.61 -0.99
N GLY A 347 53.57 -36.41 -0.85
CA GLY A 347 52.67 -36.08 0.23
C GLY A 347 51.30 -35.74 -0.34
N GLY A 348 50.31 -35.69 0.55
CA GLY A 348 48.96 -35.42 0.11
C GLY A 348 48.03 -35.30 1.30
N ALA A 349 46.83 -34.81 1.02
CA ALA A 349 45.82 -34.62 2.05
C ALA A 349 44.45 -34.45 1.40
N GLU A 350 43.43 -34.90 2.11
CA GLU A 350 42.05 -34.57 1.76
C GLU A 350 41.75 -33.18 2.31
N VAL A 351 41.53 -32.21 1.41
CA VAL A 351 41.40 -30.81 1.78
C VAL A 351 39.94 -30.41 1.66
N TYR A 352 39.33 -30.07 2.80
CA TYR A 352 37.95 -29.62 2.82
C TYR A 352 37.92 -28.11 3.00
N PRO A 353 37.37 -27.35 2.06
CA PRO A 353 37.34 -25.90 2.22
C PRO A 353 36.38 -25.49 3.33
N ALA A 354 36.75 -24.41 4.02
CA ALA A 354 35.97 -23.91 5.15
C ALA A 354 35.74 -22.42 4.98
N TRP A 355 34.65 -21.94 5.58
CA TRP A 355 34.29 -20.53 5.53
C TRP A 355 33.95 -20.04 6.91
N ASN A 356 34.18 -18.75 7.14
CA ASN A 356 33.68 -18.07 8.32
C ASN A 356 32.25 -17.62 8.03
N LEU A 357 31.29 -18.25 8.71
CA LEU A 357 29.88 -17.97 8.50
C LEU A 357 29.35 -16.91 9.45
N ASN A 358 30.24 -16.24 10.19
CA ASN A 358 29.88 -15.13 11.09
C ASN A 358 28.91 -15.64 12.13
N GLN A 359 27.72 -15.06 12.28
CA GLN A 359 26.85 -15.30 13.43
C GLN A 359 25.64 -16.17 13.11
N ASP A 360 24.97 -15.94 11.99
CA ASP A 360 23.78 -16.69 11.62
C ASP A 360 24.00 -17.39 10.30
N PHE A 361 23.49 -18.62 10.20
CA PHE A 361 23.56 -19.39 8.97
C PHE A 361 22.38 -20.35 8.91
N THR A 362 21.71 -20.39 7.76
CA THR A 362 20.62 -21.32 7.52
C THR A 362 21.10 -22.42 6.59
N ASP A 363 20.84 -23.66 6.98
CA ASP A 363 21.33 -24.81 6.22
C ASP A 363 20.71 -24.84 4.83
N ARG A 364 21.52 -25.23 3.84
CA ARG A 364 21.13 -25.20 2.44
C ARG A 364 21.34 -26.57 1.80
N THR A 365 20.80 -27.60 2.43
CA THR A 365 21.02 -28.98 1.98
C THR A 365 20.15 -29.28 0.77
N PRO A 366 20.72 -29.86 -0.30
CA PRO A 366 19.92 -30.19 -1.48
C PRO A 366 18.89 -31.28 -1.17
N ASP A 367 17.94 -31.43 -2.11
CA ASP A 367 16.76 -32.24 -1.85
C ASP A 367 17.09 -33.72 -1.79
N ASP A 368 18.16 -34.16 -2.43
CA ASP A 368 18.54 -35.57 -2.42
C ASP A 368 19.26 -35.97 -1.14
N PHE A 369 19.37 -35.08 -0.15
CA PHE A 369 19.97 -35.37 1.14
C PHE A 369 18.97 -35.03 2.23
N THR A 370 18.57 -36.04 3.01
CA THR A 370 17.66 -35.84 4.12
C THR A 370 18.18 -36.58 5.35
N LEU A 371 17.86 -36.05 6.52
CA LEU A 371 18.22 -36.74 7.76
C LEU A 371 17.45 -38.04 7.91
N ALA A 372 16.22 -38.09 7.40
CA ALA A 372 15.44 -39.33 7.46
C ALA A 372 16.18 -40.47 6.75
N ASP A 373 16.84 -40.18 5.63
CA ASP A 373 17.62 -41.20 4.94
C ASP A 373 18.92 -41.51 5.68
N VAL A 374 19.54 -40.50 6.29
CA VAL A 374 20.76 -40.73 7.06
C VAL A 374 20.48 -41.64 8.24
N ILE A 375 19.31 -41.50 8.87
CA ILE A 375 18.97 -42.33 10.02
C ILE A 375 18.70 -43.77 9.59
N SER A 376 17.79 -43.96 8.64
CA SER A 376 17.44 -45.32 8.22
C SER A 376 18.61 -46.06 7.59
N THR A 377 19.62 -45.34 7.08
CA THR A 377 20.77 -46.01 6.50
C THR A 377 21.76 -46.48 7.57
N ASN A 378 21.88 -45.74 8.67
CA ASN A 378 22.84 -46.07 9.74
C ASN A 378 22.17 -45.96 11.11
N ARG A 379 20.98 -46.52 11.26
CA ARG A 379 20.28 -46.37 12.54
C ARG A 379 20.91 -47.18 13.66
N GLU A 380 21.62 -48.27 13.35
CA GLU A 380 22.38 -48.96 14.37
C GLU A 380 23.56 -48.15 14.88
N LEU A 381 23.87 -47.02 14.24
CA LEU A 381 24.95 -46.14 14.67
C LEU A 381 24.46 -44.83 15.26
N LEU A 382 23.16 -44.53 15.16
CA LEU A 382 22.61 -43.26 15.60
C LEU A 382 21.71 -43.45 16.81
N ASP A 383 21.88 -42.57 17.80
CA ASP A 383 20.90 -42.41 18.87
C ASP A 383 19.98 -41.28 18.45
N VAL A 384 18.78 -41.62 18.01
CA VAL A 384 17.82 -40.61 17.55
C VAL A 384 17.19 -39.94 18.76
N ARG A 385 17.26 -38.62 18.80
CA ARG A 385 16.76 -37.82 19.91
C ARG A 385 15.32 -37.38 19.65
N PRO A 386 14.57 -37.11 20.71
CA PRO A 386 13.14 -36.75 20.52
C PRO A 386 12.94 -35.44 19.78
N GLU A 387 13.88 -34.51 19.85
CA GLU A 387 13.73 -33.24 19.14
C GLU A 387 13.84 -33.40 17.63
N GLY A 388 14.28 -34.55 17.14
CA GLY A 388 14.39 -34.79 15.72
C GLY A 388 15.80 -34.78 15.16
N TYR A 389 16.83 -34.93 15.98
CA TYR A 389 18.21 -35.04 15.54
C TYR A 389 18.81 -36.34 16.09
N ALA A 390 20.01 -36.66 15.62
CA ALA A 390 20.67 -37.91 16.00
C ALA A 390 22.11 -37.63 16.42
N VAL A 391 22.63 -38.52 17.26
CA VAL A 391 24.00 -38.44 17.75
C VAL A 391 24.74 -39.69 17.30
N TYR A 392 25.92 -39.49 16.70
CA TYR A 392 26.76 -40.60 16.27
C TYR A 392 27.28 -41.36 17.49
N LYS A 393 26.78 -42.58 17.69
CA LYS A 393 27.14 -43.34 18.88
C LYS A 393 28.63 -43.71 18.96
N PRO A 394 29.31 -44.09 17.88
CA PRO A 394 30.76 -44.35 18.00
C PRO A 394 31.60 -43.12 18.32
N GLU A 395 31.05 -41.92 18.18
CA GLU A 395 31.72 -40.67 18.52
C GLU A 395 30.68 -39.59 18.81
N PRO A 396 30.26 -39.46 20.07
CA PRO A 396 29.09 -38.60 20.37
C PRO A 396 29.27 -37.12 20.08
N ASN A 397 30.50 -36.67 19.79
CA ASN A 397 30.67 -35.26 19.42
C ASN A 397 30.19 -34.95 18.02
N ILE A 398 29.92 -35.98 17.21
CA ILE A 398 29.33 -35.79 15.88
C ILE A 398 27.82 -35.82 16.02
N VAL A 399 27.17 -34.75 15.57
CA VAL A 399 25.72 -34.59 15.74
C VAL A 399 25.10 -34.31 14.38
N PHE A 400 24.11 -35.12 14.02
CA PHE A 400 23.44 -35.00 12.73
C PHE A 400 22.21 -34.12 12.88
N ILE A 401 22.21 -32.98 12.20
CA ILE A 401 21.16 -31.97 12.33
C ILE A 401 20.24 -32.08 11.13
N PRO A 402 18.92 -31.93 11.30
CA PRO A 402 18.02 -31.97 10.14
C PRO A 402 18.37 -30.92 9.11
N GLU A 403 18.01 -31.21 7.87
CA GLU A 403 18.20 -30.23 6.80
C GLU A 403 17.35 -28.99 7.06
N HIS A 404 17.79 -27.87 6.49
CA HIS A 404 17.10 -26.58 6.56
C HIS A 404 17.07 -26.00 7.98
N SER A 405 17.96 -26.44 8.85
CA SER A 405 18.02 -25.88 10.18
C SER A 405 18.69 -24.51 10.16
N HIS A 406 18.48 -23.75 11.24
CA HIS A 406 19.07 -22.42 11.39
C HIS A 406 20.10 -22.47 12.51
N TYR A 407 21.31 -22.02 12.21
CA TYR A 407 22.39 -21.95 13.19
C TYR A 407 22.59 -20.50 13.60
N SER A 408 22.60 -20.24 14.90
CA SER A 408 22.81 -18.91 15.44
C SER A 408 23.89 -18.94 16.50
N MET A 409 24.90 -18.09 16.37
CA MET A 409 25.94 -17.97 17.38
C MET A 409 25.55 -17.00 18.49
N ARG A 410 24.80 -15.93 18.15
CA ARG A 410 24.38 -14.97 19.17
C ARG A 410 23.52 -15.64 20.22
N THR A 411 22.38 -16.19 19.81
CA THR A 411 21.53 -16.93 20.73
C THR A 411 22.09 -18.32 21.05
N GLN A 412 23.12 -18.75 20.33
CA GLN A 412 23.79 -20.03 20.57
C GLN A 412 22.80 -21.19 20.52
N THR A 413 22.05 -21.27 19.42
CA THR A 413 21.02 -22.29 19.27
C THR A 413 21.03 -22.84 17.85
N ILE A 414 20.48 -24.04 17.71
CA ILE A 414 20.14 -24.63 16.43
C ILE A 414 18.65 -24.92 16.47
N SER A 415 17.90 -24.36 15.53
CA SER A 415 16.45 -24.48 15.54
C SER A 415 15.95 -25.00 14.20
N TRP A 416 14.94 -25.87 14.26
CA TRP A 416 14.29 -26.41 13.09
C TRP A 416 12.86 -26.77 13.48
N THR A 417 12.09 -27.27 12.51
CA THR A 417 10.73 -27.71 12.74
C THR A 417 10.67 -29.22 12.56
N ALA A 418 10.02 -29.91 13.51
CA ALA A 418 9.89 -31.35 13.47
C ALA A 418 8.75 -31.78 14.39
N HIS A 419 8.06 -32.85 13.99
CA HIS A 419 6.93 -33.37 14.75
C HIS A 419 5.86 -32.31 14.96
N GLY A 420 5.64 -31.49 13.94
CA GLY A 420 4.65 -30.42 14.03
C GLY A 420 4.94 -29.41 15.10
N ALA A 421 6.21 -29.14 15.39
CA ALA A 421 6.58 -28.20 16.44
C ALA A 421 7.97 -27.66 16.16
N GLU A 422 8.17 -26.38 16.48
CA GLU A 422 9.51 -25.80 16.39
C GLU A 422 10.40 -26.39 17.48
N GLN A 423 11.57 -26.87 17.08
CA GLN A 423 12.51 -27.49 17.99
C GLN A 423 13.75 -26.63 18.13
N THR A 424 14.29 -26.55 19.35
CA THR A 424 15.49 -25.77 19.62
C THR A 424 16.41 -26.57 20.53
N ILE A 425 17.67 -26.70 20.11
CA ILE A 425 18.71 -27.29 20.95
C ILE A 425 19.84 -26.27 21.06
N LYS A 426 20.69 -26.48 22.07
CA LYS A 426 21.80 -25.57 22.30
C LYS A 426 22.96 -25.91 21.37
N LEU A 427 23.53 -24.87 20.75
CA LEU A 427 24.68 -25.05 19.86
C LEU A 427 25.94 -25.08 20.71
N LEU A 428 26.50 -26.27 20.90
CA LEU A 428 27.61 -26.46 21.82
C LEU A 428 28.95 -26.33 21.11
N ALA A 429 29.91 -25.72 21.80
CA ALA A 429 31.28 -25.75 21.35
C ALA A 429 31.87 -27.13 21.60
N GLY A 430 32.67 -27.62 20.64
CA GLY A 430 33.22 -28.95 20.73
C GLY A 430 32.41 -30.01 20.02
N LYS A 431 31.25 -29.67 19.47
CA LYS A 431 30.43 -30.58 18.69
C LYS A 431 30.63 -30.34 17.20
N HIS A 432 30.34 -31.36 16.42
CA HIS A 432 30.42 -31.30 14.96
C HIS A 432 29.02 -31.51 14.40
N TYR A 433 28.35 -30.41 14.03
CA TYR A 433 26.97 -30.46 13.58
C TYR A 433 26.95 -30.73 12.07
N LEU A 434 26.57 -31.94 11.70
CA LEU A 434 26.63 -32.40 10.32
C LEU A 434 25.25 -32.28 9.68
N SER A 435 25.20 -31.61 8.54
CA SER A 435 24.01 -31.61 7.71
C SER A 435 23.85 -32.96 7.02
N PRO A 436 22.66 -33.27 6.50
CA PRO A 436 22.47 -34.56 5.82
C PRO A 436 23.43 -34.79 4.65
N ASP A 437 23.99 -33.74 4.06
CA ASP A 437 24.98 -33.90 3.00
C ASP A 437 26.41 -33.87 3.53
N GLY A 438 26.59 -33.81 4.85
CA GLY A 438 27.90 -33.81 5.45
C GLY A 438 28.46 -32.44 5.78
N TYR A 439 27.79 -31.37 5.35
CA TYR A 439 28.26 -30.02 5.67
C TYR A 439 28.28 -29.82 7.18
N ARG A 440 29.43 -29.37 7.69
CA ARG A 440 29.66 -29.30 9.12
C ARG A 440 29.62 -27.86 9.60
N ILE A 441 28.90 -27.64 10.70
CA ILE A 441 28.91 -26.37 11.42
C ILE A 441 29.51 -26.62 12.80
N HIS A 442 30.48 -25.81 13.19
CA HIS A 442 30.99 -25.85 14.55
C HIS A 442 31.30 -24.43 15.00
N ALA A 443 31.32 -24.23 16.31
CA ALA A 443 31.58 -22.92 16.89
C ALA A 443 33.06 -22.78 17.20
N LYS A 444 33.59 -21.58 16.97
CA LYS A 444 35.00 -21.31 17.18
C LYS A 444 35.16 -19.86 17.60
N HIS A 445 36.15 -19.61 18.45
CA HIS A 445 36.55 -18.25 18.74
C HIS A 445 37.84 -17.92 18.01
N ARG A 446 38.08 -16.62 17.82
CA ARG A 446 39.22 -16.18 17.05
C ARG A 446 40.52 -16.43 17.82
N GLU A 447 41.62 -16.45 17.07
CA GLU A 447 42.92 -16.76 17.67
C GLU A 447 43.39 -15.67 18.61
N MET A 448 43.08 -14.41 18.31
CA MET A 448 43.57 -13.28 19.09
C MET A 448 42.50 -12.64 19.96
N ASP A 449 41.34 -13.30 20.11
CA ASP A 449 40.28 -12.77 20.96
C ASP A 449 39.33 -13.92 21.27
N ALA A 450 39.52 -14.54 22.44
CA ALA A 450 38.69 -15.67 22.83
C ALA A 450 37.24 -15.28 23.10
N THR A 451 36.93 -13.98 23.14
CA THR A 451 35.57 -13.51 23.33
C THR A 451 34.86 -13.20 22.02
N GLN A 452 35.54 -13.34 20.88
CA GLN A 452 34.92 -13.17 19.57
C GLN A 452 34.61 -14.55 19.01
N TRP A 453 33.32 -14.87 18.94
CA TRP A 453 32.85 -16.17 18.47
C TRP A 453 32.15 -16.04 17.13
N HIS A 454 32.18 -17.12 16.36
CA HIS A 454 31.54 -17.16 15.06
C HIS A 454 31.36 -18.61 14.65
N LEU A 455 30.55 -18.81 13.61
CA LEU A 455 30.30 -20.13 13.06
C LEU A 455 31.30 -20.43 11.95
N ILE A 456 31.72 -21.68 11.87
CA ILE A 456 32.58 -22.17 10.80
C ILE A 456 31.80 -23.21 10.01
N GLY A 457 31.77 -23.04 8.69
CA GLY A 457 31.18 -24.04 7.81
C GLY A 457 32.24 -24.75 7.00
N THR A 458 32.32 -26.07 7.14
CA THR A 458 33.28 -26.88 6.39
C THR A 458 32.54 -27.76 5.40
N SER A 459 32.96 -27.70 4.14
CA SER A 459 32.35 -28.51 3.11
C SER A 459 32.76 -29.97 3.27
N SER A 460 31.80 -30.87 3.05
CA SER A 460 32.09 -32.31 3.03
C SER A 460 32.64 -32.78 1.70
N ARG A 461 32.81 -31.88 0.74
CA ARG A 461 33.28 -32.20 -0.60
C ARG A 461 34.80 -32.01 -0.63
N ALA A 462 35.53 -33.11 -0.45
CA ALA A 462 36.98 -33.04 -0.39
C ALA A 462 37.58 -32.78 -1.77
N VAL A 463 38.57 -31.89 -1.82
CA VAL A 463 39.48 -31.78 -2.94
C VAL A 463 40.75 -32.48 -2.48
N THR A 464 40.91 -33.74 -2.88
CA THR A 464 42.04 -34.57 -2.41
C THR A 464 43.27 -34.21 -3.24
N CYS A 465 44.27 -33.63 -2.58
CA CYS A 465 45.47 -33.16 -3.26
C CYS A 465 46.60 -34.16 -3.13
N HIS A 466 47.43 -34.22 -4.16
CA HIS A 466 48.50 -35.19 -4.29
C HIS A 466 49.73 -34.45 -4.77
N LYS A 467 50.83 -34.53 -4.03
CA LYS A 467 52.04 -33.77 -4.31
C LYS A 467 53.20 -34.74 -4.53
N PRO A 468 53.33 -35.29 -5.75
CA PRO A 468 54.43 -36.24 -6.00
C PRO A 468 55.65 -35.60 -6.62
N ALA A 469 56.71 -36.38 -6.79
CA ALA A 469 57.89 -35.99 -7.57
C ALA A 469 58.39 -34.62 -7.18
N THR A 470 58.44 -34.36 -5.88
CA THR A 470 58.79 -33.05 -5.33
C THR A 470 60.19 -33.14 -4.73
N VAL A 471 61.12 -32.37 -5.29
CA VAL A 471 62.52 -32.39 -4.84
C VAL A 471 62.60 -31.87 -3.42
N SER A 472 63.73 -32.11 -2.75
CA SER A 472 63.94 -31.60 -1.41
C SER A 472 63.87 -30.07 -1.42
N GLY A 473 63.05 -29.51 -0.55
CA GLY A 473 62.81 -28.09 -0.53
C GLY A 473 61.62 -27.63 -1.36
N GLY A 474 60.95 -28.54 -2.06
CA GLY A 474 59.81 -28.21 -2.87
C GLY A 474 58.49 -28.17 -2.13
N GLY A 475 58.48 -28.46 -0.83
CA GLY A 475 57.29 -28.34 -0.02
C GLY A 475 56.38 -29.55 -0.03
N LYS A 476 56.98 -30.75 0.01
CA LYS A 476 56.18 -31.96 -0.07
C LYS A 476 55.26 -32.12 1.13
N SER A 477 55.78 -31.87 2.33
CA SER A 477 54.97 -32.04 3.54
C SER A 477 54.03 -30.87 3.79
N GLU A 478 54.26 -29.72 3.15
CA GLU A 478 53.40 -28.57 3.37
C GLU A 478 52.00 -28.75 2.77
N ILE A 479 51.82 -29.74 1.89
CA ILE A 479 50.51 -29.94 1.28
C ILE A 479 49.48 -30.33 2.32
N SER A 480 49.91 -30.95 3.42
CA SER A 480 49.00 -31.41 4.47
C SER A 480 49.09 -30.59 5.74
N LYS A 481 50.02 -29.66 5.83
CA LYS A 481 50.12 -28.79 7.01
C LYS A 481 49.02 -27.73 6.98
N SER A 482 48.39 -27.52 8.13
CA SER A 482 47.34 -26.51 8.22
C SER A 482 47.93 -25.11 8.11
N ILE A 483 47.21 -24.23 7.42
CA ILE A 483 47.66 -22.85 7.21
C ILE A 483 47.30 -21.94 8.36
N SER A 484 46.71 -22.48 9.45
CA SER A 484 46.27 -21.64 10.56
C SER A 484 47.46 -20.95 11.22
N ASP A 485 48.52 -21.68 11.51
CA ASP A 485 49.68 -21.10 12.18
C ASP A 485 50.40 -20.07 11.32
N ALA A 486 50.12 -20.03 10.01
CA ALA A 486 50.73 -19.03 9.14
C ALA A 486 49.99 -17.68 9.18
N PHE A 487 48.83 -17.62 9.83
CA PHE A 487 48.07 -16.38 9.89
C PHE A 487 48.86 -15.29 10.59
N VAL A 488 48.94 -14.12 9.95
CA VAL A 488 49.49 -12.91 10.55
C VAL A 488 48.33 -11.96 10.83
N PHE A 489 48.24 -11.48 12.06
CA PHE A 489 47.11 -10.68 12.49
C PHE A 489 47.48 -9.21 12.55
N GLY A 490 46.69 -8.38 11.87
CA GLY A 490 46.89 -6.95 11.89
C GLY A 490 45.62 -6.22 12.29
N ASN A 491 45.62 -4.89 12.13
CA ASN A 491 44.48 -4.07 12.50
C ASN A 491 43.92 -3.39 11.27
N ALA A 492 42.72 -2.84 11.42
CA ALA A 492 42.10 -2.07 10.35
C ALA A 492 42.59 -0.62 10.42
N PHE A 493 42.91 -0.06 9.26
CA PHE A 493 43.52 1.26 9.16
C PHE A 493 42.67 2.15 8.26
N SER A 494 42.60 3.44 8.60
CA SER A 494 41.83 4.40 7.82
C SER A 494 42.45 5.77 7.97
N HIS A 495 42.84 6.39 6.84
CA HIS A 495 43.37 7.75 6.89
C HIS A 495 42.31 8.73 7.40
N ASP A 496 41.06 8.55 6.98
CA ASP A 496 39.95 9.39 7.41
C ASP A 496 38.73 8.48 7.55
N ILE A 497 38.37 8.16 8.79
CA ILE A 497 37.28 7.21 9.00
C ILE A 497 35.92 7.84 8.74
N ASP A 498 35.78 9.15 8.95
CA ASP A 498 34.51 9.80 8.69
C ASP A 498 34.18 9.83 7.21
N SER A 499 35.14 10.28 6.40
CA SER A 499 34.92 10.29 4.94
C SER A 499 34.79 8.87 4.39
N ALA A 500 35.45 7.90 5.02
CA ALA A 500 35.32 6.52 4.59
C ALA A 500 33.94 5.96 4.93
N MET A 501 33.43 6.28 6.13
CA MET A 501 32.09 5.84 6.50
C MET A 501 31.02 6.54 5.68
N ASP A 502 31.29 7.77 5.23
CA ASP A 502 30.35 8.45 4.34
C ASP A 502 30.21 7.72 3.02
N GLN A 503 31.33 7.26 2.45
CA GLN A 503 31.27 6.49 1.21
C GLN A 503 30.66 5.12 1.44
N VAL A 504 30.85 4.53 2.61
CA VAL A 504 30.22 3.24 2.91
C VAL A 504 28.71 3.40 3.03
N GLN A 505 28.25 4.47 3.69
CA GLN A 505 26.81 4.71 3.80
C GLN A 505 26.20 4.97 2.42
N ALA A 506 26.92 5.71 1.57
CA ALA A 506 26.48 5.90 0.20
C ALA A 506 26.42 4.56 -0.54
N LEU A 507 27.42 3.71 -0.30
CA LEU A 507 27.44 2.39 -0.92
C LEU A 507 26.26 1.56 -0.46
N PHE A 508 25.91 1.62 0.83
CA PHE A 508 24.78 0.85 1.34
C PHE A 508 23.47 1.28 0.68
N ASP A 509 23.31 2.59 0.44
CA ASP A 509 22.11 3.11 -0.21
C ASP A 509 22.19 3.06 -1.73
N THR A 510 22.93 2.10 -2.27
CA THR A 510 22.98 1.87 -3.71
C THR A 510 21.93 0.83 -4.10
N ASP A 511 21.32 1.03 -5.26
CA ASP A 511 20.37 0.06 -5.80
C ASP A 511 21.19 -1.06 -6.46
N PHE A 512 21.30 -2.19 -5.76
CA PHE A 512 22.12 -3.31 -6.20
C PHE A 512 21.34 -4.35 -7.00
N THR A 513 20.05 -4.14 -7.24
CA THR A 513 19.22 -5.20 -7.80
C THR A 513 19.41 -5.38 -9.30
N ASN A 514 19.84 -4.34 -10.02
CA ASN A 514 20.01 -4.40 -11.47
C ASN A 514 21.46 -4.65 -11.86
N ARG A 515 22.15 -5.50 -11.11
CA ARG A 515 23.59 -5.66 -11.24
C ARG A 515 24.02 -6.78 -12.17
N PHE A 516 23.10 -7.63 -12.63
CA PHE A 516 23.47 -8.88 -13.28
C PHE A 516 23.57 -8.74 -14.79
N ALA A 517 24.44 -9.56 -15.39
CA ALA A 517 24.53 -9.63 -16.84
C ALA A 517 23.33 -10.37 -17.44
N ASP A 518 22.90 -11.44 -16.78
CA ASP A 518 21.62 -12.07 -17.07
C ASP A 518 20.53 -11.13 -16.56
N ALA A 519 19.94 -10.35 -17.47
CA ALA A 519 18.99 -9.31 -17.07
C ALA A 519 17.76 -9.87 -16.38
N SER A 520 17.43 -11.15 -16.62
CA SER A 520 16.29 -11.75 -15.94
C SER A 520 16.56 -11.96 -14.46
N ARG A 521 17.82 -11.97 -14.05
CA ARG A 521 18.16 -12.05 -12.63
C ARG A 521 18.07 -10.70 -11.92
N ASN A 522 17.94 -9.61 -12.65
CA ASN A 522 17.77 -8.30 -12.03
C ASN A 522 16.36 -8.18 -11.46
N GLY A 523 16.20 -7.22 -10.55
CA GLY A 523 14.90 -6.97 -9.96
C GLY A 523 14.36 -8.07 -9.08
N THR A 524 15.21 -9.02 -8.68
CA THR A 524 14.78 -10.13 -7.83
C THR A 524 15.38 -10.09 -6.44
N ASP A 525 16.64 -9.68 -6.30
CA ASP A 525 17.26 -9.52 -4.99
C ASP A 525 17.06 -8.09 -4.52
N HIS A 526 16.36 -7.93 -3.39
CA HIS A 526 16.09 -6.62 -2.82
C HIS A 526 16.57 -6.51 -1.38
N ARG A 527 17.46 -7.40 -0.95
CA ARG A 527 17.95 -7.37 0.42
C ARG A 527 18.95 -6.24 0.59
N PRO A 528 18.82 -5.40 1.61
CA PRO A 528 19.86 -4.40 1.88
C PRO A 528 21.15 -5.06 2.30
N VAL A 529 22.23 -4.27 2.28
CA VAL A 529 23.55 -4.79 2.61
C VAL A 529 23.56 -5.34 4.03
N LEU A 530 22.98 -4.60 4.98
CA LEU A 530 23.00 -5.00 6.38
C LEU A 530 21.79 -5.84 6.78
N SER A 531 21.12 -6.46 5.81
CA SER A 531 19.96 -7.29 6.11
C SER A 531 20.40 -8.59 6.80
N ILE A 532 19.55 -9.06 7.71
CA ILE A 532 19.79 -10.35 8.35
C ILE A 532 19.79 -11.46 7.31
N ASP A 533 18.99 -11.33 6.25
CA ASP A 533 18.86 -12.35 5.23
C ASP A 533 20.00 -12.35 4.23
N ARG A 534 20.92 -11.39 4.31
CA ARG A 534 22.09 -11.34 3.43
C ARG A 534 23.32 -11.69 4.26
N SER A 535 24.07 -12.69 3.81
CA SER A 535 25.22 -13.18 4.55
C SER A 535 26.44 -12.32 4.29
N LEU A 536 27.47 -12.51 5.13
CA LEU A 536 28.72 -11.78 4.92
C LEU A 536 29.36 -12.15 3.59
N GLY A 537 29.34 -13.44 3.25
CA GLY A 537 29.83 -13.84 1.93
C GLY A 537 29.02 -13.22 0.81
N SER A 538 27.73 -13.03 1.03
CA SER A 538 26.88 -12.41 0.00
C SER A 538 27.29 -10.97 -0.27
N VAL A 539 27.59 -10.21 0.79
CA VAL A 539 28.04 -8.82 0.60
C VAL A 539 29.38 -8.80 -0.12
N ILE A 540 30.25 -9.77 0.17
CA ILE A 540 31.55 -9.83 -0.50
C ILE A 540 31.38 -10.12 -1.98
N LYS A 541 30.59 -11.15 -2.32
CA LYS A 541 30.26 -11.38 -3.72
C LYS A 541 29.55 -10.18 -4.32
N LEU A 542 28.78 -9.45 -3.50
CA LEU A 542 28.03 -8.29 -4.00
C LEU A 542 28.97 -7.20 -4.49
N LEU A 543 30.09 -6.98 -3.79
CA LEU A 543 31.02 -5.91 -4.13
C LEU A 543 32.25 -6.40 -4.89
N THR A 544 32.31 -7.68 -5.23
CA THR A 544 33.44 -8.19 -6.00
C THR A 544 33.08 -8.26 -7.47
N PRO A 545 33.88 -7.64 -8.35
CA PRO A 545 33.60 -7.74 -9.79
C PRO A 545 33.54 -9.19 -10.25
N SER A 546 32.53 -9.48 -11.06
CA SER A 546 32.25 -10.84 -11.50
C SER A 546 31.76 -10.81 -12.94
N ILE A 547 32.01 -11.89 -13.67
CA ILE A 547 31.47 -12.03 -15.02
C ILE A 547 29.96 -12.20 -15.00
N GLN A 548 29.38 -12.49 -13.84
CA GLN A 548 27.92 -12.53 -13.72
C GLN A 548 27.32 -11.14 -13.69
N TYR A 549 28.09 -10.12 -13.35
CA TYR A 549 27.59 -8.75 -13.34
C TYR A 549 27.78 -8.10 -14.70
N ASN A 550 27.06 -7.00 -14.92
CA ASN A 550 27.12 -6.31 -16.21
C ASN A 550 28.34 -5.38 -16.26
N ASP A 551 28.52 -4.76 -17.43
CA ASP A 551 29.70 -3.91 -17.64
C ASP A 551 29.64 -2.67 -16.77
N GLU A 552 28.46 -2.03 -16.68
CA GLU A 552 28.35 -0.80 -15.90
C GLU A 552 28.55 -1.06 -14.41
N TYR A 553 28.03 -2.18 -13.91
CA TYR A 553 28.15 -2.47 -12.47
C TYR A 553 29.59 -2.79 -12.10
N ASN A 554 30.26 -3.63 -12.89
CA ASN A 554 31.65 -3.95 -12.61
C ASN A 554 32.55 -2.72 -12.69
N ALA A 555 32.19 -1.75 -13.54
CA ALA A 555 32.92 -0.48 -13.54
C ALA A 555 32.64 0.30 -12.25
N PHE A 556 31.38 0.27 -11.80
CA PHE A 556 31.05 0.91 -10.52
C PHE A 556 31.81 0.26 -9.37
N LEU A 557 32.01 -1.06 -9.44
CA LEU A 557 32.78 -1.74 -8.40
C LEU A 557 34.26 -1.42 -8.50
N GLU A 558 34.81 -1.40 -9.73
CA GLU A 558 36.21 -1.05 -9.92
C GLU A 558 36.51 0.38 -9.48
N GLY A 559 35.48 1.22 -9.36
CA GLY A 559 35.63 2.57 -8.86
C GLY A 559 35.53 2.71 -7.36
N ILE A 560 35.35 1.61 -6.64
CA ILE A 560 35.28 1.65 -5.18
C ILE A 560 36.70 1.55 -4.64
N GLU A 561 37.09 2.53 -3.82
CA GLU A 561 38.42 2.52 -3.22
C GLU A 561 38.58 1.27 -2.34
N PRO A 562 39.80 0.72 -2.27
CA PRO A 562 39.98 -0.53 -1.50
C PRO A 562 39.68 -0.36 -0.02
N ASP A 563 39.91 0.82 0.55
CA ASP A 563 39.62 1.03 1.96
C ASP A 563 38.12 1.03 2.24
N VAL A 564 37.35 1.69 1.39
CA VAL A 564 35.89 1.72 1.57
C VAL A 564 35.31 0.32 1.45
N LYS A 565 35.82 -0.47 0.50
CA LYS A 565 35.32 -1.83 0.33
C LYS A 565 35.60 -2.67 1.57
N GLU A 566 36.81 -2.55 2.13
CA GLU A 566 37.14 -3.33 3.32
C GLU A 566 36.34 -2.86 4.52
N LEU A 567 36.14 -1.55 4.66
CA LEU A 567 35.35 -1.03 5.78
C LEU A 567 33.90 -1.45 5.69
N ALA A 568 33.35 -1.51 4.47
CA ALA A 568 31.99 -2.00 4.29
C ALA A 568 31.87 -3.45 4.75
N PHE A 569 32.84 -4.29 4.41
CA PHE A 569 32.82 -5.67 4.89
C PHE A 569 32.94 -5.73 6.40
N THR A 570 33.75 -4.84 6.98
CA THR A 570 33.92 -4.81 8.43
C THR A 570 32.63 -4.39 9.13
N VAL A 571 31.95 -3.38 8.60
CA VAL A 571 30.64 -3.01 9.13
C VAL A 571 29.67 -4.17 9.04
N LYS A 572 29.68 -4.90 7.92
CA LYS A 572 28.81 -6.05 7.75
C LYS A 572 29.20 -7.19 8.69
N ARG A 573 30.51 -7.41 8.87
CA ARG A 573 30.97 -8.48 9.74
C ARG A 573 30.48 -8.30 11.16
N TYR A 574 30.51 -7.07 11.68
CA TYR A 574 30.23 -6.80 13.09
C TYR A 574 28.89 -6.12 13.32
N TYR A 575 28.09 -5.87 12.28
CA TYR A 575 26.80 -5.24 12.49
C TYR A 575 25.89 -6.14 13.31
N LEU A 576 25.06 -5.51 14.14
CA LEU A 576 24.10 -6.21 14.96
C LEU A 576 22.74 -5.55 14.77
N PRO A 577 21.67 -6.33 14.57
CA PRO A 577 20.33 -5.72 14.42
C PRO A 577 19.90 -4.91 15.62
N GLU A 578 20.51 -5.13 16.79
CA GLU A 578 20.25 -4.28 17.94
C GLU A 578 20.59 -2.82 17.64
N TRP A 579 21.59 -2.59 16.79
CA TRP A 579 22.02 -1.22 16.50
C TRP A 579 20.98 -0.44 15.71
N GLY A 580 20.05 -1.12 15.05
CA GLY A 580 19.07 -0.42 14.24
C GLY A 580 19.75 0.18 13.02
N GLU A 581 19.56 1.49 12.82
CA GLU A 581 20.16 2.20 11.70
C GLU A 581 21.37 3.04 12.08
N ASP A 582 21.66 3.18 13.38
CA ASP A 582 22.82 3.93 13.84
C ASP A 582 23.98 2.97 14.01
N TRP A 583 24.62 2.65 12.88
CA TRP A 583 25.83 1.84 12.91
C TRP A 583 27.11 2.67 12.86
N ARG A 584 27.01 3.94 12.47
CA ARG A 584 28.19 4.80 12.38
C ARG A 584 28.86 4.97 13.75
N SER A 585 28.06 5.23 14.79
CA SER A 585 28.61 5.52 16.10
C SER A 585 29.42 4.37 16.65
N HIS A 586 29.21 3.14 16.19
CA HIS A 586 29.94 1.99 16.69
C HIS A 586 31.33 1.85 16.09
N PHE A 587 31.72 2.71 15.14
CA PHE A 587 33.03 2.65 14.51
C PHE A 587 33.69 4.02 14.61
N THR A 588 34.82 4.08 15.34
CA THR A 588 35.55 5.31 15.55
C THR A 588 37.04 5.03 15.45
N VAL A 589 37.85 6.09 15.59
CA VAL A 589 39.28 5.99 15.73
C VAL A 589 39.67 6.60 17.08
N GLY A 590 40.73 6.05 17.67
CA GLY A 590 41.17 6.54 18.96
C GLY A 590 41.72 7.95 18.89
N ILE A 591 41.59 8.67 20.01
CA ILE A 591 42.21 9.97 20.17
C ILE A 591 43.35 9.79 21.16
N MET A 592 44.57 9.89 20.66
CA MET A 592 45.78 9.70 21.45
C MET A 592 46.57 10.99 21.48
N ASN A 593 46.80 11.53 22.68
CA ASN A 593 47.53 12.78 22.88
C ASN A 593 46.84 13.93 22.16
N GLY A 594 45.50 13.92 22.17
CA GLY A 594 44.73 14.93 21.49
C GLY A 594 44.75 14.87 19.98
N ARG A 595 45.42 13.87 19.40
CA ARG A 595 45.51 13.71 17.95
C ARG A 595 44.76 12.46 17.54
N HIS A 596 43.90 12.59 16.53
CA HIS A 596 43.11 11.46 16.06
C HIS A 596 44.00 10.33 15.57
N GLY A 597 43.70 9.12 16.01
CA GLY A 597 44.39 7.94 15.54
C GLY A 597 43.86 7.47 14.21
N ASN A 598 44.36 6.31 13.78
CA ASN A 598 43.96 5.75 12.50
C ASN A 598 43.48 4.32 12.58
N MET A 599 43.56 3.66 13.73
CA MET A 599 43.07 2.31 13.88
C MET A 599 41.55 2.33 14.03
N VAL A 600 40.85 1.68 13.12
CA VAL A 600 39.39 1.59 13.23
C VAL A 600 39.03 0.74 14.44
N ARG A 601 38.14 1.26 15.28
CA ARG A 601 37.80 0.63 16.55
C ARG A 601 36.31 0.34 16.59
N LEU A 602 35.97 -0.89 17.00
CA LEU A 602 34.59 -1.31 17.17
C LEU A 602 34.23 -1.19 18.64
N ASP A 603 33.37 -0.22 18.97
CA ASP A 603 32.96 0.04 20.35
C ASP A 603 34.17 0.24 21.26
N GLY A 604 35.21 0.88 20.73
CA GLY A 604 36.41 1.19 21.45
C GLY A 604 37.55 0.20 21.24
N LYS A 605 37.24 -1.05 20.91
CA LYS A 605 38.25 -2.08 20.78
C LYS A 605 38.77 -2.13 19.34
N LYS A 606 40.08 -2.35 19.21
CA LYS A 606 40.71 -2.39 17.90
C LYS A 606 40.26 -3.63 17.12
N ILE A 607 39.93 -3.44 15.86
CA ILE A 607 39.48 -4.54 15.01
C ILE A 607 40.69 -5.34 14.56
N ILE A 608 40.57 -6.66 14.62
CA ILE A 608 41.66 -7.57 14.28
C ILE A 608 41.38 -8.17 12.92
N THR A 609 42.39 -8.14 12.05
CA THR A 609 42.25 -8.60 10.67
C THR A 609 43.20 -9.76 10.41
N ASN A 610 42.75 -10.68 9.56
CA ASN A 610 43.53 -11.86 9.21
C ASN A 610 44.32 -11.59 7.93
N MET A 611 45.60 -11.98 7.94
CA MET A 611 46.48 -11.76 6.81
C MET A 611 47.37 -12.98 6.63
N LEU A 612 47.98 -13.06 5.44
CA LEU A 612 48.96 -14.08 5.11
C LEU A 612 50.11 -13.42 4.36
N ARG A 613 51.31 -13.96 4.56
CA ARG A 613 52.49 -13.49 3.83
C ARG A 613 52.62 -14.25 2.53
N VAL A 614 52.87 -13.52 1.44
CA VAL A 614 53.15 -14.14 0.15
C VAL A 614 54.46 -13.56 -0.37
N GLY A 615 55.57 -14.08 0.11
CA GLY A 615 56.87 -13.65 -0.35
C GLY A 615 57.45 -12.50 0.45
N PHE A 616 58.69 -12.16 0.10
CA PHE A 616 59.45 -11.12 0.77
C PHE A 616 59.86 -10.06 -0.22
N ARG A 617 59.86 -8.80 0.21
CA ARG A 617 60.48 -7.75 -0.57
C ARG A 617 61.99 -7.92 -0.56
N GLU A 618 62.64 -7.26 -1.52
CA GLU A 618 64.10 -7.37 -1.61
C GLU A 618 64.78 -6.88 -0.35
N ASP A 619 64.15 -5.96 0.39
CA ASP A 619 64.71 -5.48 1.65
C ASP A 619 64.54 -6.48 2.80
N GLY A 620 63.76 -7.54 2.59
CA GLY A 620 63.52 -8.54 3.61
C GLY A 620 62.16 -8.45 4.28
N SER A 621 61.42 -7.36 4.08
CA SER A 621 60.14 -7.21 4.74
C SER A 621 59.11 -8.19 4.17
N TRP A 622 58.12 -8.50 4.99
CA TRP A 622 57.06 -9.43 4.59
C TRP A 622 56.06 -8.73 3.68
N ARG A 623 55.61 -9.46 2.66
CA ARG A 623 54.53 -8.98 1.79
C ARG A 623 53.23 -9.53 2.37
N LEU A 624 52.52 -8.70 3.12
CA LEU A 624 51.31 -9.10 3.83
C LEU A 624 50.08 -8.73 3.01
N PHE A 625 49.08 -9.61 3.03
CA PHE A 625 47.85 -9.41 2.27
C PHE A 625 46.66 -9.85 3.10
N THR A 626 45.61 -9.05 3.08
CA THR A 626 44.44 -9.31 3.91
C THR A 626 43.58 -10.41 3.32
N LEU A 627 43.13 -11.32 4.17
CA LEU A 627 42.19 -12.35 3.75
C LEU A 627 40.76 -11.81 3.80
N ARG A 628 39.89 -12.40 3.00
CA ARG A 628 38.48 -12.07 3.05
C ARG A 628 37.93 -12.35 4.44
N PRO A 629 36.96 -11.56 4.90
CA PRO A 629 36.39 -11.81 6.24
C PRO A 629 35.83 -13.22 6.39
N ASP A 630 35.36 -13.83 5.31
CA ASP A 630 34.72 -15.13 5.38
C ASP A 630 35.68 -16.29 5.14
N TYR A 631 36.99 -16.03 5.09
CA TYR A 631 37.96 -17.09 4.88
C TYR A 631 38.35 -17.73 6.21
N SER A 632 38.34 -19.06 6.23
CA SER A 632 38.82 -19.88 7.33
C SER A 632 39.74 -20.95 6.77
N PRO A 633 40.76 -21.36 7.51
CA PRO A 633 41.70 -22.35 6.99
C PRO A 633 40.99 -23.65 6.60
N ALA A 634 41.43 -24.23 5.49
CA ALA A 634 40.85 -25.48 5.02
C ALA A 634 41.26 -26.62 5.95
N VAL A 635 40.34 -27.54 6.18
CA VAL A 635 40.62 -28.73 6.97
C VAL A 635 41.43 -29.71 6.13
N LYS A 636 42.57 -30.14 6.66
CA LYS A 636 43.48 -31.02 5.93
C LYS A 636 43.61 -32.34 6.67
N VAL A 637 43.07 -33.40 6.09
CA VAL A 637 43.24 -34.77 6.59
C VAL A 637 44.40 -35.37 5.82
N GLN A 638 45.56 -35.44 6.45
CA GLN A 638 46.76 -35.93 5.78
C GLN A 638 46.58 -37.36 5.34
N THR A 639 46.99 -37.64 4.10
CA THR A 639 46.92 -38.98 3.55
C THR A 639 48.29 -39.56 3.18
N GLU A 640 49.27 -38.71 2.87
CA GLU A 640 50.60 -39.16 2.49
C GLU A 640 51.63 -38.19 3.05
N ASP A 641 52.90 -38.62 3.04
CA ASP A 641 53.97 -37.76 3.50
C ASP A 641 55.29 -38.06 2.79
N ASP A 642 55.68 -39.33 2.71
CA ASP A 642 56.99 -39.68 2.18
C ASP A 642 56.95 -40.99 1.39
N ILE A 643 56.36 -42.03 1.97
CA ILE A 643 56.30 -43.36 1.35
C ILE A 643 54.84 -43.67 1.07
N THR A 644 54.46 -43.65 -0.21
CA THR A 644 53.06 -43.76 -0.62
C THR A 644 52.89 -44.96 -1.52
N ALA A 645 51.96 -45.85 -1.14
CA ALA A 645 51.51 -46.93 -2.01
C ALA A 645 50.21 -46.50 -2.69
N SER A 646 50.18 -46.57 -4.01
CA SER A 646 49.03 -46.09 -4.76
C SER A 646 48.67 -47.09 -5.84
N THR A 647 47.45 -46.96 -6.35
CA THR A 647 46.98 -47.78 -7.46
C THR A 647 46.00 -46.98 -8.29
N VAL A 648 45.82 -47.40 -9.53
CA VAL A 648 44.89 -46.78 -10.45
C VAL A 648 43.92 -47.85 -10.93
N THR A 649 42.63 -47.65 -10.66
CA THR A 649 41.58 -48.55 -11.09
C THR A 649 40.40 -47.70 -11.55
N PRO A 650 39.48 -48.29 -12.30
CA PRO A 650 38.17 -47.66 -12.49
C PRO A 650 37.55 -47.38 -11.13
N PRO A 651 36.77 -46.30 -11.01
CA PRO A 651 36.24 -45.91 -9.70
C PRO A 651 35.47 -47.05 -9.05
N TRP A 652 35.71 -47.24 -7.75
CA TRP A 652 35.13 -48.38 -7.06
C TRP A 652 33.61 -48.30 -6.99
N GLU A 653 33.02 -47.15 -7.26
CA GLU A 653 31.58 -46.99 -7.28
C GLU A 653 30.99 -47.04 -8.70
N ASP A 654 31.83 -47.21 -9.72
CA ASP A 654 31.35 -47.27 -11.10
C ASP A 654 32.44 -47.93 -11.95
N ALA A 655 32.18 -49.17 -12.39
CA ALA A 655 33.15 -49.88 -13.22
C ALA A 655 33.30 -49.25 -14.59
N GLU A 656 32.35 -48.43 -15.02
CA GLU A 656 32.41 -47.75 -16.31
C GLU A 656 33.00 -46.36 -16.21
N GLY A 657 33.41 -45.94 -15.01
CA GLY A 657 33.85 -44.56 -14.81
C GLY A 657 35.29 -44.33 -15.21
N LEU A 658 35.68 -43.06 -15.18
CA LEU A 658 37.04 -42.67 -15.50
C LEU A 658 37.99 -43.13 -14.41
N PRO A 659 39.07 -43.84 -14.73
CA PRO A 659 39.96 -44.35 -13.70
C PRO A 659 40.49 -43.26 -12.78
N ARG A 660 40.71 -43.63 -11.52
CA ARG A 660 41.19 -42.72 -10.49
C ARG A 660 42.36 -43.35 -9.76
N LYS A 661 43.11 -42.52 -9.04
CA LYS A 661 44.21 -42.98 -8.20
C LYS A 661 43.78 -43.00 -6.75
N TYR A 662 44.12 -44.07 -6.04
CA TYR A 662 43.88 -44.21 -4.62
C TYR A 662 45.21 -44.45 -3.92
N VAL A 663 45.43 -43.74 -2.80
CA VAL A 663 46.71 -43.77 -2.10
C VAL A 663 46.48 -44.12 -0.63
N THR A 664 47.52 -44.68 -0.02
CA THR A 664 47.59 -44.81 1.43
C THR A 664 49.03 -44.59 1.86
N ASN A 665 49.20 -44.20 3.11
CA ASN A 665 50.52 -43.95 3.69
C ASN A 665 51.07 -45.26 4.24
N CYS A 666 52.24 -45.66 3.77
CA CYS A 666 52.89 -46.86 4.30
C CYS A 666 53.53 -46.63 5.65
N GLU A 667 53.74 -45.37 6.03
CA GLU A 667 54.34 -45.01 7.31
C GLU A 667 53.25 -44.72 8.33
N HIS A 668 53.49 -45.15 9.57
CA HIS A 668 52.61 -44.83 10.69
C HIS A 668 53.25 -43.87 11.68
N LEU A 669 54.54 -43.59 11.55
CA LEU A 669 55.20 -42.48 12.21
C LEU A 669 56.00 -41.72 11.16
N LEU A 670 56.01 -40.40 11.28
CA LEU A 670 56.65 -39.54 10.28
C LEU A 670 57.99 -39.05 10.81
N PHE A 671 59.04 -39.28 10.02
CA PHE A 671 60.41 -38.94 10.42
C PHE A 671 60.65 -37.46 10.07
N GLN A 672 60.19 -36.59 10.97
CA GLN A 672 60.23 -35.16 10.73
C GLN A 672 61.61 -34.59 11.04
N ARG A 673 61.96 -33.51 10.33
CA ARG A 673 63.18 -32.75 10.56
C ARG A 673 62.81 -31.30 10.83
N PRO A 674 62.66 -30.91 12.10
CA PRO A 674 62.31 -29.52 12.43
C PRO A 674 63.49 -28.56 12.30
N ASP A 675 63.72 -28.11 11.06
CA ASP A 675 64.85 -27.24 10.77
C ASP A 675 64.83 -25.99 11.63
N ASP A 676 63.69 -25.31 11.68
CA ASP A 676 63.57 -24.01 12.31
C ASP A 676 63.23 -24.10 13.79
N ALA A 677 63.23 -25.29 14.37
CA ALA A 677 62.97 -25.41 15.80
C ALA A 677 64.05 -24.73 16.63
N ILE A 678 65.21 -24.43 16.04
CA ILE A 678 66.23 -23.67 16.74
C ILE A 678 65.77 -22.24 17.00
N HIS A 679 64.83 -21.73 16.21
CA HIS A 679 64.20 -20.45 16.48
C HIS A 679 63.00 -20.69 17.40
N ARG A 680 63.13 -20.30 18.66
CA ARG A 680 62.13 -20.65 19.66
C ARG A 680 60.79 -20.01 19.33
N GLY A 681 59.71 -20.73 19.61
CA GLY A 681 58.37 -20.28 19.34
C GLY A 681 57.93 -20.36 17.89
N TYR A 682 58.86 -20.53 16.96
CA TYR A 682 58.51 -20.51 15.55
C TYR A 682 57.75 -21.77 15.13
N ASP A 683 58.36 -22.94 15.34
CA ASP A 683 57.78 -24.21 14.92
C ASP A 683 56.92 -24.74 16.06
N LYS A 684 55.66 -24.30 16.09
CA LYS A 684 54.78 -24.65 17.20
C LYS A 684 54.51 -26.15 17.24
N GLN A 685 54.36 -26.79 16.08
CA GLN A 685 54.02 -28.20 16.05
C GLN A 685 55.18 -29.05 16.56
N ALA A 686 56.39 -28.79 16.08
CA ALA A 686 57.55 -29.55 16.55
C ALA A 686 57.75 -29.37 18.05
N GLU A 687 57.62 -28.13 18.54
CA GLU A 687 57.84 -27.88 19.96
C GLU A 687 56.79 -28.61 20.81
N PHE A 688 55.56 -28.69 20.31
CA PHE A 688 54.54 -29.47 21.01
C PHE A 688 54.88 -30.95 20.97
N ASP A 689 55.34 -31.45 19.83
CA ASP A 689 55.63 -32.88 19.69
C ASP A 689 56.81 -33.29 20.58
N LEU A 690 57.84 -32.46 20.64
CA LEU A 690 59.06 -32.82 21.37
C LEU A 690 58.93 -32.64 22.88
N ALA A 691 57.90 -31.94 23.35
CA ALA A 691 57.74 -31.67 24.77
C ALA A 691 56.57 -32.40 25.42
N SER A 692 55.48 -32.63 24.69
CA SER A 692 54.29 -33.21 25.26
C SER A 692 54.34 -34.73 25.36
N GLY A 693 55.30 -35.38 24.71
CA GLY A 693 55.36 -36.82 24.71
C GLY A 693 56.24 -37.38 25.82
N THR A 694 56.13 -38.69 26.00
CA THR A 694 57.04 -39.44 26.86
C THR A 694 57.61 -40.68 26.17
N ASP A 695 57.22 -40.94 24.93
CA ASP A 695 57.70 -42.09 24.17
C ASP A 695 58.31 -41.70 22.84
N THR A 696 58.58 -40.41 22.63
CA THR A 696 59.01 -39.94 21.32
C THR A 696 60.40 -40.48 20.97
N PHE A 697 60.53 -41.02 19.77
CA PHE A 697 61.83 -41.38 19.22
C PHE A 697 62.48 -40.10 18.68
N ILE A 698 63.65 -39.75 19.20
CA ILE A 698 64.32 -38.51 18.88
C ILE A 698 65.76 -38.82 18.48
N SER A 699 66.24 -38.16 17.42
CA SER A 699 67.59 -38.37 16.94
C SER A 699 68.25 -37.04 16.60
N ASN A 700 69.57 -36.98 16.79
CA ASN A 700 70.39 -35.82 16.46
C ASN A 700 69.95 -34.59 17.25
N PHE A 701 69.64 -34.79 18.53
CA PHE A 701 69.46 -33.71 19.49
C PHE A 701 70.48 -33.85 20.61
N GLU A 702 70.73 -32.76 21.31
CA GLU A 702 71.71 -32.77 22.37
C GLU A 702 71.10 -33.31 23.66
N PRO A 703 71.74 -34.26 24.32
CA PRO A 703 71.24 -34.71 25.63
C PRO A 703 71.45 -33.64 26.68
N LEU A 704 70.38 -33.30 27.40
CA LEU A 704 70.40 -32.25 28.40
C LEU A 704 70.17 -32.84 29.79
N THR A 705 70.81 -32.23 30.79
CA THR A 705 70.74 -32.69 32.15
C THR A 705 69.65 -31.95 32.92
N HIS A 706 69.41 -32.41 34.15
CA HIS A 706 68.48 -31.70 35.03
C HIS A 706 68.97 -30.29 35.32
N GLU A 707 70.27 -30.14 35.62
CA GLU A 707 70.81 -28.82 35.92
C GLU A 707 70.62 -27.87 34.75
N GLN A 708 70.78 -28.37 33.51
CA GLN A 708 70.59 -27.51 32.36
C GLN A 708 69.14 -27.04 32.23
N ALA A 709 68.19 -27.86 32.70
CA ALA A 709 66.80 -27.41 32.73
C ALA A 709 66.60 -26.31 33.76
N ARG A 710 67.26 -26.43 34.92
CA ARG A 710 67.13 -25.40 35.94
C ARG A 710 67.76 -24.09 35.51
N ASP A 711 68.86 -24.16 34.76
CA ASP A 711 69.46 -22.93 34.23
C ASP A 711 68.58 -22.31 33.16
N LEU A 712 67.98 -23.14 32.29
CA LEU A 712 67.11 -22.60 31.26
C LEU A 712 65.84 -22.02 31.84
N LEU A 713 65.33 -22.61 32.92
CA LEU A 713 64.12 -22.08 33.57
C LEU A 713 64.36 -20.66 34.08
N THR A 714 65.57 -20.35 34.52
CA THR A 714 65.89 -19.02 35.04
C THR A 714 66.48 -18.10 33.98
N ASP A 715 66.57 -18.55 32.72
CA ASP A 715 66.96 -17.69 31.60
C ASP A 715 65.68 -17.10 31.03
N VAL A 716 65.33 -15.90 31.50
CA VAL A 716 64.00 -15.37 31.25
C VAL A 716 63.76 -15.16 29.76
N GLN A 717 64.79 -14.71 29.03
CA GLN A 717 64.61 -14.40 27.62
C GLN A 717 64.34 -15.66 26.81
N ALA A 718 65.26 -16.63 26.86
CA ALA A 718 65.08 -17.88 26.12
C ALA A 718 63.82 -18.60 26.58
N TYR A 719 63.60 -18.70 27.89
CA TYR A 719 62.45 -19.43 28.41
C TYR A 719 61.14 -18.84 27.91
N SER A 720 61.03 -17.51 27.90
CA SER A 720 59.77 -16.88 27.51
C SER A 720 59.49 -17.00 26.02
N GLU A 721 60.49 -17.32 25.21
CA GLU A 721 60.29 -17.43 23.77
C GLU A 721 59.75 -18.78 23.35
N PHE A 722 59.91 -19.82 24.17
CA PHE A 722 59.33 -21.11 23.85
C PHE A 722 57.81 -21.04 23.88
N THR A 723 57.18 -21.94 23.14
CA THR A 723 55.75 -22.13 23.32
C THR A 723 55.48 -22.75 24.69
N LYS A 724 54.23 -22.63 25.14
CA LYS A 724 53.87 -23.16 26.44
C LYS A 724 54.23 -24.63 26.66
N PRO A 725 54.10 -25.53 25.68
CA PRO A 725 54.52 -26.93 25.94
C PRO A 725 55.97 -27.08 26.37
N VAL A 726 56.90 -26.43 25.68
CA VAL A 726 58.30 -26.54 26.07
C VAL A 726 58.55 -25.84 27.40
N ARG A 727 57.85 -24.73 27.66
CA ARG A 727 57.96 -24.07 28.95
C ARG A 727 57.52 -24.98 30.08
N LYS A 728 56.44 -25.74 29.86
CA LYS A 728 55.99 -26.70 30.87
C LYS A 728 56.98 -27.83 31.06
N LEU A 729 57.61 -28.28 29.96
CA LEU A 729 58.59 -29.36 30.06
C LEU A 729 59.81 -28.92 30.87
N ILE A 730 60.32 -27.72 30.60
CA ILE A 730 61.46 -27.21 31.34
C ILE A 730 61.13 -27.09 32.82
N GLU A 731 59.91 -26.64 33.13
CA GLU A 731 59.47 -26.57 34.52
C GLU A 731 59.51 -27.93 35.20
N ARG A 732 59.01 -28.95 34.51
CA ARG A 732 58.95 -30.28 35.11
C ARG A 732 60.36 -30.84 35.34
N VAL A 733 61.24 -30.71 34.36
CA VAL A 733 62.58 -31.27 34.51
C VAL A 733 63.36 -30.48 35.56
N ALA A 734 63.14 -29.17 35.65
CA ALA A 734 63.83 -28.38 36.66
C ALA A 734 63.44 -28.81 38.08
N ALA A 735 62.19 -29.23 38.27
CA ALA A 735 61.73 -29.71 39.57
C ALA A 735 62.23 -31.11 39.91
N MET A 736 62.92 -31.78 39.01
CA MET A 736 63.34 -33.15 39.26
C MET A 736 64.59 -33.18 40.13
N PRO A 737 64.59 -33.94 41.22
CA PRO A 737 65.83 -34.13 41.99
C PRO A 737 66.82 -35.01 41.23
N ASP A 738 68.04 -35.08 41.77
CA ASP A 738 69.10 -35.84 41.12
C ASP A 738 68.91 -37.34 41.23
N ASP A 739 68.03 -37.80 42.12
CA ASP A 739 67.80 -39.23 42.31
C ASP A 739 66.61 -39.74 41.52
N GLN A 740 66.02 -38.92 40.65
CA GLN A 740 64.84 -39.30 39.89
C GLN A 740 65.21 -39.50 38.43
N SER A 741 64.80 -40.64 37.89
CA SER A 741 64.98 -40.94 36.47
C SER A 741 63.75 -40.50 35.68
N PRO A 742 63.89 -40.25 34.38
CA PRO A 742 65.11 -40.29 33.55
C PRO A 742 66.13 -39.22 33.90
N GLU A 743 67.39 -39.44 33.57
CA GLU A 743 68.44 -38.47 33.85
C GLU A 743 68.52 -37.38 32.80
N PHE A 744 68.03 -37.64 31.58
CA PHE A 744 68.21 -36.72 30.47
C PHE A 744 66.86 -36.24 29.93
N TRP A 745 66.95 -35.19 29.11
CA TRP A 745 65.80 -34.67 28.39
C TRP A 745 66.33 -33.97 27.14
N VAL A 746 65.42 -33.66 26.23
CA VAL A 746 65.77 -33.00 24.97
C VAL A 746 64.92 -31.73 24.83
N CYS A 747 65.57 -30.63 24.46
CA CYS A 747 64.91 -29.37 24.19
C CYS A 747 64.82 -29.16 22.68
N SER A 748 63.67 -28.63 22.23
CA SER A 748 63.39 -28.55 20.81
C SER A 748 64.32 -27.60 20.06
N ASP A 749 65.01 -26.69 20.76
CA ASP A 749 65.84 -25.69 20.10
C ASP A 749 67.33 -25.99 20.20
N ASP A 750 67.71 -27.14 20.75
CA ASP A 750 69.11 -27.50 20.96
C ASP A 750 69.42 -28.81 20.25
N PRO A 751 69.79 -28.77 18.96
CA PRO A 751 70.16 -30.01 18.26
C PRO A 751 71.50 -30.56 18.71
N ARG A 752 71.86 -31.72 18.16
CA ARG A 752 73.07 -32.42 18.54
C ARG A 752 74.31 -31.56 18.31
N HIS A 753 75.17 -31.48 19.32
CA HIS A 753 76.40 -30.71 19.21
C HIS A 753 77.44 -31.51 18.42
N LEU A 754 78.00 -30.89 17.42
CA LEU A 754 78.96 -31.58 16.57
C LEU A 754 80.38 -31.42 17.11
N PRO A 755 81.25 -32.39 16.83
CA PRO A 755 82.63 -32.30 17.36
C PRO A 755 83.41 -31.12 16.83
N ASP A 756 82.93 -30.44 15.79
CA ASP A 756 83.67 -29.35 15.15
C ASP A 756 83.13 -27.98 15.52
N GLY A 757 82.37 -27.87 16.62
CA GLY A 757 81.93 -26.59 17.12
C GLY A 757 80.46 -26.31 16.96
N GLY A 758 79.91 -26.54 15.78
CA GLY A 758 78.53 -26.23 15.50
C GLY A 758 77.58 -27.29 16.03
N ARG A 759 76.36 -27.26 15.51
CA ARG A 759 75.34 -28.21 15.88
C ARG A 759 74.77 -28.86 14.63
N SER A 760 74.16 -30.03 14.81
CA SER A 760 73.66 -30.80 13.69
C SER A 760 72.54 -30.06 12.98
N LYS A 761 72.58 -30.10 11.65
CA LYS A 761 71.51 -29.54 10.83
C LYS A 761 70.45 -30.56 10.49
N ASN A 762 70.54 -31.77 11.05
CA ASN A 762 69.58 -32.84 10.77
C ASN A 762 68.91 -33.32 12.05
N PRO A 763 68.26 -32.44 12.80
CA PRO A 763 67.50 -32.91 13.96
C PRO A 763 66.29 -33.69 13.49
N ARG A 764 65.95 -34.75 14.22
CA ARG A 764 64.93 -35.68 13.77
C ARG A 764 64.10 -36.17 14.94
N TYR A 765 62.82 -36.42 14.68
CA TYR A 765 61.97 -37.13 15.63
C TYR A 765 60.87 -37.83 14.86
N LEU A 766 60.34 -38.89 15.45
CA LEU A 766 59.25 -39.65 14.85
C LEU A 766 57.92 -39.07 15.35
N GLN A 767 57.16 -38.50 14.43
CA GLN A 767 55.92 -37.81 14.75
C GLN A 767 54.74 -38.74 14.56
N VAL A 768 53.83 -38.76 15.54
CA VAL A 768 52.55 -39.41 15.35
C VAL A 768 51.82 -38.72 14.21
N ARG A 769 51.22 -39.51 13.33
CA ARG A 769 50.53 -38.94 12.19
C ARG A 769 49.37 -38.06 12.68
N PRO A 770 49.10 -36.94 12.00
CA PRO A 770 47.98 -36.08 12.44
C PRO A 770 46.65 -36.80 12.49
N THR A 771 46.42 -37.74 11.56
CA THR A 771 45.19 -38.52 11.58
C THR A 771 45.09 -39.42 12.80
N ASP A 772 46.21 -39.75 13.44
CA ASP A 772 46.21 -40.55 14.65
C ASP A 772 46.25 -39.72 15.93
N SER A 773 46.85 -38.53 15.88
CA SER A 773 46.87 -37.68 17.07
C SER A 773 45.56 -36.93 17.26
N ASN A 774 44.86 -36.60 16.16
CA ASN A 774 43.52 -36.01 16.22
C ASN A 774 42.55 -37.00 15.56
N PRO A 775 42.21 -38.09 16.25
CA PRO A 775 41.35 -39.10 15.62
C PRO A 775 39.91 -38.67 15.48
N GLU A 776 39.41 -37.82 16.36
CA GLU A 776 38.03 -37.36 16.26
C GLU A 776 37.79 -36.63 14.94
N LEU A 777 38.67 -35.69 14.60
CA LEU A 777 38.50 -34.96 13.34
C LEU A 777 38.59 -35.89 12.14
N THR A 778 39.46 -36.91 12.23
CA THR A 778 39.54 -37.89 11.14
C THR A 778 38.24 -38.66 11.00
N THR A 779 37.62 -39.03 12.12
CA THR A 779 36.28 -39.62 12.08
C THR A 779 35.27 -38.66 11.47
N VAL A 780 35.35 -37.37 11.84
CA VAL A 780 34.40 -36.39 11.32
C VAL A 780 34.49 -36.31 9.80
N ALA A 781 35.71 -36.20 9.28
CA ALA A 781 35.87 -36.09 7.83
C ALA A 781 35.38 -37.35 7.12
N ASP A 782 35.56 -38.51 7.74
CA ASP A 782 35.12 -39.75 7.11
C ASP A 782 33.59 -39.86 7.13
N VAL A 783 32.96 -39.45 8.24
CA VAL A 783 31.50 -39.44 8.28
C VAL A 783 30.94 -38.40 7.33
N ALA A 784 31.50 -37.19 7.37
CA ALA A 784 31.02 -36.12 6.48
C ALA A 784 31.23 -36.49 5.02
N GLY A 785 32.38 -37.09 4.70
CA GLY A 785 32.64 -37.50 3.32
C GLY A 785 31.72 -38.59 2.82
N LYS A 786 31.32 -39.51 3.70
CA LYS A 786 30.38 -40.55 3.29
C LYS A 786 28.98 -39.99 3.09
N LEU A 787 28.58 -39.01 3.89
CA LEU A 787 27.28 -38.37 3.68
C LEU A 787 27.25 -37.59 2.37
N ALA A 788 28.36 -36.91 2.04
CA ALA A 788 28.44 -36.18 0.77
C ALA A 788 28.30 -37.11 -0.42
N ARG A 789 28.62 -38.38 -0.26
CA ARG A 789 28.52 -39.37 -1.32
C ARG A 789 27.35 -40.32 -1.13
N LYS A 790 26.45 -40.03 -0.18
CA LYS A 790 25.28 -40.87 0.10
C LYS A 790 25.67 -42.30 0.41
N LEU A 791 26.79 -42.47 1.11
CA LEU A 791 27.26 -43.81 1.44
C LEU A 791 26.94 -44.16 2.88
N PRO A 792 26.80 -45.44 3.20
CA PRO A 792 26.61 -45.85 4.59
C PRO A 792 27.81 -45.45 5.44
N LEU A 793 27.55 -45.20 6.72
CA LEU A 793 28.63 -44.75 7.59
C LEU A 793 29.64 -45.86 7.84
N ALA A 794 29.18 -47.09 7.98
CA ALA A 794 30.08 -48.23 8.15
C ALA A 794 30.63 -48.67 6.81
N GLY A 795 31.93 -48.92 6.74
CA GLY A 795 32.54 -49.42 5.53
C GLY A 795 33.69 -48.58 5.02
N HIS A 796 34.59 -49.22 4.28
CA HIS A 796 35.73 -48.54 3.68
C HIS A 796 35.27 -47.78 2.44
N ALA A 797 35.41 -46.46 2.47
CA ALA A 797 34.97 -45.59 1.37
C ALA A 797 36.11 -44.66 0.99
N PRO A 798 37.09 -45.15 0.24
CA PRO A 798 38.26 -44.32 -0.09
C PRO A 798 37.88 -43.20 -1.04
N GLN A 799 38.57 -42.09 -0.90
CA GLN A 799 38.36 -40.97 -1.80
C GLN A 799 39.47 -40.94 -2.84
N PRO A 800 39.13 -40.75 -4.11
CA PRO A 800 40.17 -40.71 -5.14
C PRO A 800 40.95 -39.41 -5.07
N ILE A 801 42.13 -39.42 -5.70
CA ILE A 801 42.87 -38.19 -5.90
C ILE A 801 42.05 -37.27 -6.79
N ASP A 802 42.05 -35.98 -6.48
CA ASP A 802 41.37 -34.98 -7.28
C ASP A 802 42.33 -34.07 -8.04
N VAL A 803 43.41 -33.64 -7.39
CA VAL A 803 44.38 -32.73 -7.98
C VAL A 803 45.78 -33.29 -7.76
N VAL A 804 46.61 -33.21 -8.79
CA VAL A 804 48.02 -33.57 -8.70
C VAL A 804 48.82 -32.29 -8.89
N ALA A 805 49.44 -31.80 -7.82
CA ALA A 805 50.14 -30.52 -7.82
C ALA A 805 51.56 -30.75 -7.29
N ALA A 806 52.45 -31.19 -8.19
CA ALA A 806 53.84 -31.41 -7.82
C ALA A 806 54.49 -30.09 -7.42
N GLY A 807 55.41 -30.17 -6.46
CA GLY A 807 56.16 -29.02 -6.02
C GLY A 807 57.55 -28.99 -6.61
N ARG A 808 58.11 -27.79 -6.66
CA ARG A 808 59.39 -27.58 -7.33
C ARG A 808 60.19 -26.54 -6.56
N ARG A 809 61.45 -26.83 -6.28
CA ARG A 809 62.34 -25.91 -5.60
C ARG A 809 63.11 -25.08 -6.63
N ASN A 810 63.11 -23.77 -6.46
CA ASN A 810 63.79 -22.85 -7.35
C ASN A 810 64.85 -22.07 -6.57
N ASN A 811 65.82 -21.55 -7.29
CA ASN A 811 66.93 -20.83 -6.69
C ASN A 811 67.49 -19.84 -7.68
N PRO A 812 67.95 -18.68 -7.23
CA PRO A 812 68.66 -17.76 -8.12
C PRO A 812 70.08 -18.25 -8.34
N PRO A 813 70.73 -17.80 -9.41
CA PRO A 813 72.12 -18.21 -9.64
C PRO A 813 73.07 -17.62 -8.61
N GLU A 814 74.10 -18.39 -8.29
CA GLU A 814 75.20 -17.91 -7.46
C GLU A 814 76.52 -18.19 -8.17
N ASP A 815 77.64 -18.08 -7.45
CA ASP A 815 78.95 -18.19 -8.10
C ASP A 815 79.14 -19.56 -8.74
N LYS A 816 78.66 -20.61 -8.08
CA LYS A 816 78.73 -21.98 -8.61
C LYS A 816 77.38 -22.65 -8.67
N VAL A 817 76.30 -21.94 -8.34
CA VAL A 817 74.95 -22.49 -8.35
C VAL A 817 74.27 -22.05 -9.64
N PRO A 818 73.62 -22.94 -10.38
CA PRO A 818 73.01 -22.55 -11.65
C PRO A 818 71.65 -21.90 -11.45
N ALA A 819 71.25 -21.13 -12.45
CA ALA A 819 69.97 -20.45 -12.42
C ALA A 819 68.84 -21.46 -12.63
N LEU A 820 67.96 -21.57 -11.64
CA LEU A 820 66.76 -22.40 -11.73
C LEU A 820 65.59 -21.59 -11.19
N CYS A 821 65.18 -20.56 -11.93
CA CYS A 821 64.15 -19.66 -11.45
C CYS A 821 63.38 -19.07 -12.64
N ALA A 822 62.82 -19.94 -13.48
CA ALA A 822 61.99 -19.51 -14.58
C ALA A 822 60.51 -19.72 -14.34
N TYR A 823 60.14 -20.50 -13.32
CA TYR A 823 58.75 -20.79 -13.03
C TYR A 823 58.11 -19.65 -12.24
N ASN A 824 56.81 -19.47 -12.45
CA ASN A 824 56.01 -18.49 -11.72
C ASN A 824 55.27 -19.27 -10.63
N PRO A 825 54.36 -18.67 -9.85
CA PRO A 825 53.74 -19.44 -8.74
C PRO A 825 53.18 -20.80 -9.14
N LEU A 826 52.39 -20.88 -10.21
CA LEU A 826 51.66 -22.11 -10.52
C LEU A 826 51.68 -22.36 -12.02
N HIS A 827 52.27 -23.49 -12.42
CA HIS A 827 52.34 -23.91 -13.81
C HIS A 827 51.46 -25.15 -14.04
N TYR A 828 50.87 -25.21 -15.23
CA TYR A 828 50.22 -26.43 -15.70
C TYR A 828 50.99 -26.99 -16.88
N MET A 829 51.34 -28.26 -16.81
CA MET A 829 52.11 -28.93 -17.85
C MET A 829 51.33 -30.10 -18.42
N GLU A 830 51.19 -30.14 -19.74
CA GLU A 830 50.70 -31.34 -20.39
C GLU A 830 51.70 -32.47 -20.20
N LEU A 831 51.26 -33.69 -20.47
CA LEU A 831 52.02 -34.89 -20.11
C LEU A 831 53.45 -34.89 -20.65
N PRO A 832 53.73 -34.55 -21.91
CA PRO A 832 55.15 -34.54 -22.34
C PRO A 832 56.02 -33.58 -21.53
N GLU A 833 55.60 -32.33 -21.38
CA GLU A 833 56.40 -31.38 -20.60
C GLU A 833 56.45 -31.77 -19.13
N LEU A 834 55.38 -32.37 -18.62
CA LEU A 834 55.36 -32.78 -17.21
C LEU A 834 56.41 -33.84 -16.94
N PHE A 835 56.63 -34.77 -17.88
CA PHE A 835 57.52 -35.88 -17.60
C PHE A 835 58.99 -35.57 -17.88
N MET A 836 59.29 -34.57 -18.71
CA MET A 836 60.64 -34.03 -18.70
C MET A 836 61.01 -33.50 -17.32
N GLU A 837 60.04 -32.94 -16.60
CA GLU A 837 60.28 -32.49 -15.23
C GLU A 837 60.43 -33.68 -14.28
N TYR A 838 59.53 -34.66 -14.39
CA TYR A 838 59.59 -35.84 -13.51
C TYR A 838 60.86 -36.65 -13.76
N ILE A 839 61.24 -36.83 -15.02
CA ILE A 839 62.44 -37.60 -15.34
C ILE A 839 63.68 -36.89 -14.80
N SER A 840 63.74 -35.57 -14.97
CA SER A 840 64.92 -34.82 -14.56
C SER A 840 64.93 -34.58 -13.05
N SER A 841 63.83 -34.07 -12.50
CA SER A 841 63.74 -33.65 -11.09
C SER A 841 64.93 -32.77 -10.72
N MET A 842 65.06 -31.67 -11.46
CA MET A 842 66.20 -30.78 -11.28
C MET A 842 66.15 -30.08 -9.92
N THR A 843 67.34 -29.83 -9.36
CA THR A 843 67.46 -29.12 -8.10
C THR A 843 68.79 -28.40 -8.08
N GLY A 844 68.81 -27.21 -7.47
CA GLY A 844 70.05 -26.46 -7.33
C GLY A 844 71.03 -27.07 -6.35
N LYS A 845 70.61 -28.06 -5.56
CA LYS A 845 71.49 -28.73 -4.63
C LYS A 845 72.31 -29.79 -5.36
N SER A 846 73.61 -29.82 -5.09
CA SER A 846 74.55 -30.67 -5.80
C SER A 846 74.45 -30.52 -7.31
N PRO A 847 74.73 -29.33 -7.85
CA PRO A 847 74.68 -29.14 -9.31
C PRO A 847 75.91 -29.75 -9.96
N SER A 848 75.68 -30.68 -10.90
CA SER A 848 76.78 -31.37 -11.56
C SER A 848 77.51 -30.45 -12.54
N THR A 849 78.31 -31.05 -13.43
CA THR A 849 79.07 -30.26 -14.38
C THR A 849 78.23 -29.79 -15.57
N THR A 850 77.09 -30.41 -15.81
CA THR A 850 76.20 -30.06 -16.91
C THR A 850 74.87 -29.60 -16.31
N GLY A 851 74.76 -28.30 -16.08
CA GLY A 851 73.49 -27.75 -15.59
C GLY A 851 73.33 -27.94 -14.10
N ALA A 852 72.17 -28.46 -13.71
CA ALA A 852 71.81 -28.62 -12.31
C ALA A 852 71.81 -30.09 -11.91
N GLY A 853 71.60 -30.33 -10.61
CA GLY A 853 71.51 -31.68 -10.11
C GLY A 853 70.18 -32.32 -10.40
N SER A 854 70.11 -33.62 -10.11
CA SER A 854 68.92 -34.40 -10.38
C SER A 854 68.67 -35.37 -9.23
N GLU A 855 67.41 -35.46 -8.79
CA GLU A 855 67.03 -36.43 -7.79
C GLU A 855 66.53 -37.74 -8.41
N GLY A 856 66.70 -37.90 -9.72
CA GLY A 856 66.23 -39.10 -10.39
C GLY A 856 64.78 -39.00 -10.82
N ALA A 857 64.34 -40.05 -11.51
CA ALA A 857 62.97 -40.10 -12.00
C ALA A 857 61.99 -40.09 -10.85
N LEU A 858 61.06 -39.13 -10.87
CA LEU A 858 60.04 -39.00 -9.83
C LEU A 858 60.65 -38.83 -8.45
N THR A 859 61.85 -38.23 -8.39
CA THR A 859 62.64 -38.03 -7.17
C THR A 859 62.96 -39.33 -6.44
N LYS A 860 62.87 -40.47 -7.12
CA LYS A 860 63.16 -41.77 -6.50
C LYS A 860 64.53 -42.30 -6.87
N GLY A 861 65.37 -41.48 -7.51
CA GLY A 861 66.70 -41.87 -7.91
C GLY A 861 67.50 -42.60 -6.84
N PRO A 862 67.64 -42.01 -5.66
CA PRO A 862 68.37 -42.68 -4.58
C PRO A 862 67.58 -43.74 -3.83
N PHE A 863 66.31 -43.98 -4.18
CA PHE A 863 65.47 -44.95 -3.48
C PHE A 863 64.91 -46.01 -4.42
N ASN A 864 65.67 -46.39 -5.44
CA ASN A 864 65.17 -47.32 -6.45
C ASN A 864 66.28 -48.29 -6.82
N ALA A 865 66.10 -49.56 -6.46
CA ALA A 865 67.03 -50.61 -6.85
C ALA A 865 66.77 -51.14 -8.26
N LEU A 866 65.74 -50.64 -8.93
CA LEU A 866 65.33 -51.10 -10.24
C LEU A 866 65.55 -50.01 -11.29
N PRO A 867 65.58 -50.37 -12.57
CA PRO A 867 65.57 -49.34 -13.62
C PRO A 867 64.37 -48.43 -13.48
N ALA A 868 64.63 -47.12 -13.54
CA ALA A 868 63.58 -46.13 -13.34
C ALA A 868 62.46 -46.23 -14.38
N VAL A 869 62.74 -46.85 -15.53
CA VAL A 869 61.75 -46.87 -16.61
C VAL A 869 60.50 -47.68 -16.23
N TYR A 870 60.61 -48.59 -15.27
CA TYR A 870 59.41 -49.26 -14.77
C TYR A 870 58.46 -48.25 -14.18
N ASP A 871 58.95 -47.40 -13.26
CA ASP A 871 58.14 -46.33 -12.69
C ASP A 871 57.58 -45.43 -13.78
N LEU A 872 58.42 -45.03 -14.74
CA LEU A 872 57.98 -44.08 -15.76
C LEU A 872 56.86 -44.66 -16.61
N ASN A 873 56.93 -45.96 -16.92
CA ASN A 873 55.86 -46.60 -17.69
C ASN A 873 54.55 -46.58 -16.90
N ALA A 874 54.60 -46.93 -15.62
CA ALA A 874 53.41 -46.89 -14.79
C ALA A 874 52.99 -45.46 -14.47
N ALA A 875 53.95 -44.55 -14.30
CA ALA A 875 53.61 -43.17 -13.98
C ALA A 875 52.90 -42.49 -15.15
N VAL A 876 53.39 -42.70 -16.38
CA VAL A 876 52.75 -42.04 -17.52
C VAL A 876 51.34 -42.59 -17.72
N LEU A 877 51.11 -43.84 -17.34
CA LEU A 877 49.76 -44.40 -17.46
C LEU A 877 48.82 -43.82 -16.40
N SER A 878 49.33 -43.54 -15.20
CA SER A 878 48.48 -43.00 -14.16
C SER A 878 47.99 -41.59 -14.46
N TYR A 879 48.55 -40.92 -15.46
CA TYR A 879 48.05 -39.64 -15.94
C TYR A 879 47.23 -39.78 -17.22
N ALA A 880 47.62 -40.68 -18.12
CA ALA A 880 46.91 -40.84 -19.38
C ALA A 880 45.57 -41.55 -19.19
N LEU A 881 45.54 -42.57 -18.33
CA LEU A 881 44.31 -43.33 -18.11
C LEU A 881 43.31 -42.57 -17.26
N THR A 882 43.78 -41.58 -16.49
CA THR A 882 42.95 -40.89 -15.51
C THR A 882 42.59 -39.46 -15.92
N ASP A 883 43.27 -38.89 -16.91
CA ASP A 883 43.11 -37.49 -17.30
C ASP A 883 43.52 -36.55 -16.17
N TYR A 884 44.39 -37.00 -15.28
CA TYR A 884 44.88 -36.14 -14.21
C TYR A 884 45.75 -35.03 -14.79
N ASP A 885 45.45 -33.80 -14.38
CA ASP A 885 46.25 -32.66 -14.82
C ASP A 885 47.49 -32.53 -13.96
N GLY A 886 48.62 -32.26 -14.61
CA GLY A 886 49.86 -32.06 -13.90
C GLY A 886 50.10 -30.60 -13.57
N TRP A 887 49.93 -30.24 -12.30
CA TRP A 887 50.20 -28.89 -11.82
C TRP A 887 51.58 -28.86 -11.17
N LEU A 888 52.15 -27.65 -11.13
CA LEU A 888 53.51 -27.46 -10.62
C LEU A 888 53.56 -26.14 -9.87
N SER A 889 53.62 -26.22 -8.55
CA SER A 889 53.79 -25.03 -7.72
C SER A 889 55.28 -24.75 -7.52
N SER A 890 55.59 -23.50 -7.22
CA SER A 890 56.97 -23.03 -7.09
C SER A 890 57.28 -22.73 -5.64
N ALA A 891 58.48 -23.11 -5.21
CA ALA A 891 58.95 -22.84 -3.85
C ALA A 891 60.34 -22.24 -3.93
N GLY A 892 60.75 -21.63 -2.82
CA GLY A 892 62.03 -20.94 -2.76
C GLY A 892 61.99 -19.57 -3.41
N TYR A 893 62.03 -19.52 -4.74
CA TYR A 893 62.11 -18.26 -5.46
C TYR A 893 61.22 -18.29 -6.69
N ILE A 894 60.78 -17.11 -7.10
CA ILE A 894 60.08 -16.89 -8.36
C ILE A 894 60.93 -15.90 -9.15
N GLY A 895 61.77 -16.40 -10.03
CA GLY A 895 62.77 -15.57 -10.65
C GLY A 895 63.88 -15.30 -9.67
N PRO A 896 64.92 -14.57 -10.12
CA PRO A 896 66.09 -14.37 -9.25
C PRO A 896 65.86 -13.45 -8.07
N ASN A 897 64.75 -12.71 -8.00
CA ASN A 897 64.61 -11.65 -7.02
C ASN A 897 63.35 -11.70 -6.17
N ALA A 898 62.44 -12.64 -6.42
CA ALA A 898 61.18 -12.74 -5.68
C ALA A 898 61.22 -14.02 -4.84
N ARG A 899 61.70 -13.89 -3.60
CA ARG A 899 61.76 -15.01 -2.67
C ARG A 899 60.40 -15.23 -2.02
N VAL A 900 59.91 -16.47 -2.05
CA VAL A 900 58.57 -16.76 -1.54
C VAL A 900 58.59 -17.92 -0.54
N ASP A 901 59.74 -18.60 -0.42
CA ASP A 901 59.87 -19.78 0.44
C ASP A 901 58.74 -20.78 0.18
N HIS A 902 57.96 -21.10 1.21
CA HIS A 902 56.83 -22.01 1.06
C HIS A 902 55.49 -21.29 1.17
N ASP A 903 55.47 -19.96 1.01
CA ASP A 903 54.22 -19.22 1.11
C ASP A 903 53.23 -19.66 0.03
N ILE A 904 53.73 -19.92 -1.18
CA ILE A 904 52.87 -20.37 -2.25
C ILE A 904 52.54 -21.85 -2.10
N SER A 905 53.47 -22.63 -1.57
CA SER A 905 53.19 -24.04 -1.30
C SER A 905 52.00 -24.18 -0.35
N MET A 906 51.88 -23.27 0.62
CA MET A 906 50.74 -23.29 1.52
C MET A 906 49.46 -22.82 0.84
N LEU A 907 49.59 -21.99 -0.19
CA LEU A 907 48.41 -21.44 -0.84
C LEU A 907 47.76 -22.43 -1.81
N ILE A 908 48.55 -23.33 -2.40
CA ILE A 908 48.01 -24.25 -3.41
C ILE A 908 46.84 -25.07 -2.87
N PRO A 909 46.92 -25.71 -1.71
CA PRO A 909 45.75 -26.48 -1.23
C PRO A 909 44.52 -25.61 -1.01
N GLU A 910 44.71 -24.40 -0.49
CA GLU A 910 43.58 -23.49 -0.28
C GLU A 910 42.98 -23.07 -1.62
N LEU A 911 43.83 -22.78 -2.59
CA LEU A 911 43.36 -22.38 -3.92
C LEU A 911 42.47 -23.45 -4.53
N PHE A 912 43.00 -24.67 -4.68
CA PHE A 912 42.26 -25.73 -5.35
C PHE A 912 41.05 -26.19 -4.56
N SER A 913 41.10 -26.13 -3.23
CA SER A 913 39.95 -26.50 -2.42
C SER A 913 38.77 -25.55 -2.62
N HIS A 914 39.02 -24.33 -3.07
CA HIS A 914 37.97 -23.37 -3.36
C HIS A 914 37.61 -23.33 -4.83
N MET A 915 38.12 -24.26 -5.63
CA MET A 915 37.76 -24.39 -7.03
C MET A 915 37.04 -25.71 -7.23
N GLY A 916 35.85 -25.64 -7.84
CA GLY A 916 35.10 -26.84 -8.12
C GLY A 916 35.73 -27.64 -9.23
N PRO A 917 35.06 -28.75 -9.60
CA PRO A 917 35.61 -29.61 -10.66
C PRO A 917 35.78 -28.89 -11.97
N ASN A 918 34.75 -28.16 -12.42
CA ASN A 918 34.84 -27.42 -13.67
C ASN A 918 35.87 -26.31 -13.58
N ASP A 919 35.99 -25.67 -12.41
CA ASP A 919 36.95 -24.58 -12.23
C ASP A 919 38.37 -25.05 -12.53
N ARG A 920 38.72 -26.26 -12.10
CA ARG A 920 40.08 -26.78 -12.25
C ARG A 920 40.30 -27.48 -13.59
N ASN A 921 39.27 -27.57 -14.44
CA ASN A 921 39.43 -28.18 -15.74
C ASN A 921 40.37 -27.34 -16.60
N THR A 922 41.50 -27.94 -17.01
CA THR A 922 42.54 -27.16 -17.66
C THR A 922 42.20 -26.80 -19.09
N LYS A 923 41.30 -27.53 -19.74
CA LYS A 923 40.94 -27.17 -21.12
C LYS A 923 40.15 -25.88 -21.17
N ARG A 924 39.24 -25.67 -20.23
CA ARG A 924 38.51 -24.41 -20.21
C ARG A 924 39.32 -23.28 -19.59
N LEU A 925 40.24 -23.61 -18.67
CA LEU A 925 41.15 -22.59 -18.14
C LEU A 925 42.00 -22.00 -19.25
N ILE A 926 42.50 -22.84 -20.16
CA ILE A 926 43.32 -22.34 -21.25
C ILE A 926 42.48 -21.53 -22.23
N SER A 927 41.30 -22.03 -22.58
CA SER A 927 40.48 -21.38 -23.61
C SER A 927 39.82 -20.11 -23.11
N GLU A 928 39.62 -19.97 -21.80
CA GLU A 928 39.03 -18.76 -21.23
C GLU A 928 40.09 -17.74 -20.80
N GLY A 929 41.35 -17.99 -21.10
CA GLY A 929 42.39 -17.01 -20.86
C GLY A 929 42.95 -16.98 -19.45
N TYR A 930 42.76 -18.04 -18.67
CA TYR A 930 43.31 -18.09 -17.32
C TYR A 930 44.71 -18.70 -17.27
N LEU A 931 45.14 -19.38 -18.33
CA LEU A 931 46.48 -19.98 -18.39
C LEU A 931 47.16 -19.54 -19.67
N GLU A 932 48.38 -19.04 -19.53
CA GLU A 932 49.18 -18.59 -20.67
C GLU A 932 50.21 -19.65 -21.03
N LYS A 933 50.32 -19.95 -22.32
CA LYS A 933 51.31 -20.91 -22.79
C LYS A 933 52.68 -20.24 -22.86
N MET A 934 53.68 -20.89 -22.27
CA MET A 934 55.05 -20.41 -22.36
C MET A 934 55.53 -20.47 -23.80
N GLN A 935 56.08 -19.36 -24.29
CA GLN A 935 56.50 -19.24 -25.67
C GLN A 935 58.02 -19.20 -25.78
N ASP A 936 58.54 -19.81 -26.84
CA ASP A 936 59.95 -19.67 -27.17
C ASP A 936 60.25 -18.25 -27.61
N PHE A 937 61.48 -17.80 -27.36
CA PHE A 937 61.89 -16.46 -27.73
C PHE A 937 63.37 -16.46 -28.03
N ASP A 938 63.80 -15.47 -28.81
CA ASP A 938 65.21 -15.31 -29.16
C ASP A 938 65.91 -14.44 -28.12
N PHE A 939 67.13 -14.83 -27.78
CA PHE A 939 67.95 -14.06 -26.85
C PHE A 939 69.41 -14.26 -27.22
N ASP A 940 70.07 -13.18 -27.64
CA ASP A 940 71.47 -13.22 -28.08
C ASP A 940 71.66 -14.25 -29.19
N GLY A 941 70.76 -14.20 -30.17
CA GLY A 941 70.81 -15.10 -31.30
C GLY A 941 70.49 -16.55 -31.01
N HIS A 942 70.37 -16.93 -29.74
CA HIS A 942 70.07 -18.30 -29.34
C HIS A 942 68.60 -18.40 -28.97
N ARG A 943 67.90 -19.35 -29.58
CA ARG A 943 66.50 -19.57 -29.25
C ARG A 943 66.38 -20.18 -27.87
N VAL A 944 65.65 -19.51 -26.98
CA VAL A 944 65.45 -19.97 -25.62
C VAL A 944 64.18 -20.80 -25.57
N LEU A 945 64.33 -22.09 -25.25
CA LEU A 945 63.24 -23.06 -25.35
C LEU A 945 62.36 -23.03 -24.11
N ALA A 946 61.75 -21.86 -23.87
CA ALA A 946 60.90 -21.67 -22.71
C ALA A 946 59.58 -22.43 -22.80
N SER A 947 59.21 -22.91 -23.98
CA SER A 947 57.94 -23.61 -24.15
C SER A 947 57.86 -24.91 -23.37
N ARG A 948 59.01 -25.46 -22.96
CA ARG A 948 59.02 -26.70 -22.19
C ARG A 948 58.38 -26.53 -20.82
N LEU A 949 58.23 -25.31 -20.34
CA LEU A 949 57.60 -25.07 -19.05
C LEU A 949 56.09 -25.17 -19.10
N GLY A 950 55.49 -25.27 -20.28
CA GLY A 950 54.06 -25.54 -20.38
C GLY A 950 53.25 -24.28 -20.26
N TYR A 951 52.28 -24.29 -19.35
CA TYR A 951 51.39 -23.17 -19.11
C TYR A 951 51.63 -22.58 -17.73
N ARG A 952 51.41 -21.27 -17.60
CA ARG A 952 51.52 -20.60 -16.31
C ARG A 952 50.28 -19.73 -16.09
N ILE A 953 49.93 -19.55 -14.81
CA ILE A 953 48.77 -18.74 -14.48
C ILE A 953 49.07 -17.28 -14.77
N ASN A 954 48.03 -16.53 -15.14
CA ASN A 954 48.12 -15.11 -15.37
C ASN A 954 47.36 -14.36 -14.27
N ASP A 955 47.20 -13.06 -14.44
CA ASP A 955 46.55 -12.25 -13.41
C ASP A 955 45.04 -12.49 -13.38
N ARG A 956 44.44 -12.87 -14.52
CA ARG A 956 43.03 -13.24 -14.52
C ARG A 956 42.79 -14.43 -13.62
N PHE A 957 43.69 -15.42 -13.66
CA PHE A 957 43.61 -16.53 -12.72
C PHE A 957 43.74 -16.04 -11.28
N VAL A 958 44.63 -15.09 -11.04
CA VAL A 958 44.86 -14.59 -9.69
C VAL A 958 43.63 -13.84 -9.19
N THR A 959 43.07 -12.95 -10.03
CA THR A 959 41.93 -12.16 -9.60
C THR A 959 40.71 -13.02 -9.35
N HIS A 960 40.49 -14.03 -10.19
CA HIS A 960 39.26 -14.80 -10.09
C HIS A 960 39.33 -15.86 -8.99
N TYR A 961 40.45 -16.56 -8.87
CA TYR A 961 40.53 -17.69 -7.95
C TYR A 961 41.27 -17.39 -6.66
N PHE A 962 42.31 -16.55 -6.69
CA PHE A 962 42.83 -16.05 -5.43
C PHE A 962 41.93 -14.99 -4.81
N GLY A 963 40.96 -14.46 -5.57
CA GLY A 963 39.94 -13.61 -5.00
C GLY A 963 38.97 -14.32 -4.10
N ARG A 964 38.98 -15.66 -4.08
CA ARG A 964 38.19 -16.43 -3.14
C ARG A 964 38.87 -16.59 -1.79
N ILE A 965 40.15 -16.18 -1.70
CA ILE A 965 40.91 -16.25 -0.46
C ILE A 965 41.29 -14.85 0.02
N PHE A 966 41.93 -14.06 -0.85
CA PHE A 966 42.45 -12.75 -0.48
C PHE A 966 41.44 -11.65 -0.79
N LEU A 967 41.52 -10.57 0.00
CA LEU A 967 40.61 -9.44 -0.16
C LEU A 967 40.98 -8.58 -1.37
N HIS A 968 42.27 -8.42 -1.64
CA HIS A 968 42.77 -7.68 -2.80
C HIS A 968 43.70 -8.60 -3.57
N PRO A 969 43.14 -9.47 -4.42
CA PRO A 969 43.99 -10.46 -5.11
C PRO A 969 44.85 -9.87 -6.21
N ASP A 970 44.44 -8.75 -6.81
CA ASP A 970 45.20 -8.16 -7.90
C ASP A 970 46.57 -7.67 -7.47
N VAL A 971 46.84 -7.56 -6.17
CA VAL A 971 48.15 -7.12 -5.68
C VAL A 971 48.93 -8.22 -4.99
N VAL A 972 48.34 -9.39 -4.79
CA VAL A 972 49.07 -10.50 -4.14
C VAL A 972 50.31 -10.85 -4.93
N PHE A 973 50.21 -10.87 -6.26
CA PHE A 973 51.33 -11.19 -7.13
C PHE A 973 51.61 -10.01 -8.05
N SER A 974 52.85 -9.54 -8.04
CA SER A 974 53.27 -8.49 -8.96
C SER A 974 53.46 -9.07 -10.36
N GLU A 975 53.64 -8.18 -11.34
CA GLU A 975 53.88 -8.63 -12.70
C GLU A 975 55.19 -9.39 -12.80
N GLU A 976 56.22 -8.94 -12.07
CA GLU A 976 57.49 -9.65 -12.05
C GLU A 976 57.36 -11.05 -11.47
N MET A 977 56.35 -11.30 -10.64
CA MET A 977 56.14 -12.63 -10.09
C MET A 977 55.31 -13.52 -11.01
N LEU A 978 54.34 -12.96 -11.74
CA LEU A 978 53.57 -13.76 -12.67
C LEU A 978 54.31 -13.99 -13.97
N ARG A 979 55.22 -13.08 -14.34
CA ARG A 979 56.04 -13.20 -15.54
C ARG A 979 57.49 -12.97 -15.12
N PRO A 980 58.13 -13.99 -14.55
CA PRO A 980 59.45 -13.77 -13.91
C PRO A 980 60.55 -13.33 -14.87
N GLU A 981 60.36 -13.45 -16.19
CA GLU A 981 61.36 -12.94 -17.11
C GLU A 981 61.49 -11.42 -17.05
N LEU A 982 60.47 -10.73 -16.53
CA LEU A 982 60.57 -9.28 -16.35
C LEU A 982 61.62 -8.89 -15.33
N GLN A 983 61.98 -9.80 -14.42
CA GLN A 983 63.01 -9.48 -13.43
C GLN A 983 64.39 -9.38 -14.07
N ASP A 984 64.71 -10.32 -14.96
CA ASP A 984 66.01 -10.37 -15.62
C ASP A 984 65.93 -11.34 -16.80
N GLU A 985 65.99 -10.82 -18.02
CA GLU A 985 65.85 -11.67 -19.19
C GLU A 985 67.03 -12.64 -19.31
N LYS A 986 68.23 -12.19 -18.99
CA LYS A 986 69.40 -13.06 -19.06
C LYS A 986 69.28 -14.21 -18.07
N ILE A 987 68.94 -13.92 -16.82
CA ILE A 987 68.81 -14.97 -15.81
C ILE A 987 67.66 -15.91 -16.17
N PHE A 988 66.62 -15.39 -16.82
CA PHE A 988 65.54 -16.25 -17.28
C PHE A 988 66.01 -17.17 -18.39
N ALA A 989 66.74 -16.62 -19.37
CA ALA A 989 67.27 -17.43 -20.45
C ALA A 989 68.27 -18.46 -19.93
N ASP A 990 69.10 -18.06 -18.95
CA ASP A 990 70.04 -18.99 -18.35
C ASP A 990 69.31 -20.13 -17.64
N SER A 991 68.22 -19.82 -16.95
CA SER A 991 67.44 -20.86 -16.28
C SER A 991 66.94 -21.90 -17.27
N ILE A 992 66.38 -21.45 -18.39
CA ILE A 992 65.89 -22.37 -19.40
C ILE A 992 67.03 -23.20 -19.98
N ASP A 993 68.19 -22.56 -20.20
CA ASP A 993 69.34 -23.31 -20.69
C ASP A 993 69.76 -24.39 -19.70
N VAL A 994 69.78 -24.06 -18.40
CA VAL A 994 70.09 -25.07 -17.39
C VAL A 994 69.08 -26.19 -17.43
N ILE A 995 67.80 -25.86 -17.64
CA ILE A 995 66.76 -26.88 -17.70
C ILE A 995 66.96 -27.77 -18.92
N VAL A 996 67.25 -27.17 -20.08
CA VAL A 996 67.41 -27.95 -21.31
C VAL A 996 68.66 -28.83 -21.22
N LYS A 997 69.74 -28.30 -20.65
CA LYS A 997 70.96 -29.09 -20.50
C LYS A 997 70.78 -30.23 -19.51
N THR A 998 69.98 -30.04 -18.47
CA THR A 998 69.75 -31.12 -17.51
C THR A 998 68.81 -32.17 -18.10
N HIS A 999 67.82 -31.75 -18.88
CA HIS A 999 67.00 -32.70 -19.62
C HIS A 999 67.86 -33.64 -20.46
N GLN A 1000 68.96 -33.10 -21.01
CA GLN A 1000 69.84 -33.91 -21.85
C GLN A 1000 70.60 -34.93 -21.04
N ARG A 1001 71.26 -34.49 -19.96
CA ARG A 1001 72.10 -35.40 -19.17
C ARG A 1001 71.28 -36.56 -18.60
N VAL A 1002 70.10 -36.27 -18.06
CA VAL A 1002 69.31 -37.31 -17.39
C VAL A 1002 68.76 -38.30 -18.41
N ALA A 1003 68.22 -37.80 -19.53
CA ALA A 1003 67.68 -38.71 -20.54
C ALA A 1003 68.78 -39.57 -21.15
N GLN A 1004 70.00 -39.04 -21.25
CA GLN A 1004 71.10 -39.80 -21.83
C GLN A 1004 71.44 -41.03 -20.99
N MET A 1005 71.22 -40.96 -19.68
CA MET A 1005 71.51 -42.11 -18.83
C MET A 1005 70.68 -43.33 -19.22
N TYR A 1006 69.47 -43.10 -19.75
CA TYR A 1006 68.65 -44.22 -20.18
C TYR A 1006 69.19 -44.89 -21.43
N PHE A 1007 70.05 -44.21 -22.18
CA PHE A 1007 70.69 -44.81 -23.33
C PHE A 1007 72.01 -45.49 -22.96
N ASP A 1008 72.71 -44.98 -21.96
CA ASP A 1008 73.98 -45.58 -21.55
C ASP A 1008 73.77 -46.93 -20.90
N ASP A 1009 72.68 -47.09 -20.13
CA ASP A 1009 72.36 -48.37 -19.51
C ASP A 1009 71.38 -49.19 -20.33
N GLY A 1010 70.91 -48.67 -21.46
CA GLY A 1010 70.05 -49.41 -22.37
C GLY A 1010 68.64 -49.62 -21.90
N THR A 1011 68.25 -49.09 -20.73
CA THR A 1011 66.88 -49.28 -20.26
C THR A 1011 65.85 -48.53 -21.09
N VAL A 1012 66.29 -47.65 -21.99
CA VAL A 1012 65.36 -46.95 -22.88
C VAL A 1012 64.63 -47.94 -23.78
N SER A 1013 65.24 -49.10 -24.05
CA SER A 1013 64.57 -50.13 -24.84
C SER A 1013 63.36 -50.71 -24.14
N LEU A 1014 63.21 -50.48 -22.83
CA LEU A 1014 62.06 -50.96 -22.08
C LEU A 1014 60.94 -49.93 -21.97
N ALA A 1015 61.14 -48.73 -22.50
CA ALA A 1015 60.17 -47.66 -22.35
C ALA A 1015 59.04 -47.80 -23.36
N CYS A 1016 57.83 -47.47 -22.91
CA CYS A 1016 56.69 -47.39 -23.82
C CYS A 1016 56.92 -46.28 -24.84
N PRO A 1017 56.26 -46.36 -25.99
CA PRO A 1017 56.52 -45.40 -27.08
C PRO A 1017 56.43 -43.95 -26.65
N PRO A 1018 55.46 -43.55 -25.77
CA PRO A 1018 55.47 -42.15 -25.31
C PRO A 1018 56.76 -41.76 -24.62
N ILE A 1019 57.12 -42.51 -23.57
CA ILE A 1019 58.32 -42.21 -22.79
C ILE A 1019 59.58 -42.36 -23.65
N ARG A 1020 59.57 -43.30 -24.58
CA ARG A 1020 60.77 -43.55 -25.39
C ARG A 1020 61.07 -42.36 -26.31
N ALA A 1021 60.05 -41.88 -27.02
CA ALA A 1021 60.27 -40.73 -27.89
C ALA A 1021 60.62 -39.48 -27.11
N LEU A 1022 60.05 -39.34 -25.90
CA LEU A 1022 60.38 -38.20 -25.06
C LEU A 1022 61.86 -38.21 -24.69
N LEU A 1023 62.38 -39.37 -24.28
CA LEU A 1023 63.79 -39.48 -23.95
C LEU A 1023 64.67 -39.16 -25.14
N GLU A 1024 64.29 -39.65 -26.33
CA GLU A 1024 65.05 -39.33 -27.53
C GLU A 1024 65.08 -37.84 -27.78
N ILE A 1025 63.96 -37.16 -27.53
CA ILE A 1025 63.90 -35.71 -27.74
C ILE A 1025 64.72 -34.98 -26.69
N MET A 1026 64.61 -35.41 -25.42
CA MET A 1026 65.37 -34.75 -24.35
C MET A 1026 66.87 -34.91 -24.55
N ALA A 1027 67.31 -36.08 -25.00
CA ALA A 1027 68.74 -36.38 -25.04
C ALA A 1027 69.39 -36.02 -26.37
N HIS A 1028 68.63 -36.06 -27.47
CA HIS A 1028 69.21 -35.89 -28.79
C HIS A 1028 68.65 -34.71 -29.57
N GLY A 1029 67.53 -34.13 -29.14
CA GLY A 1029 66.89 -33.05 -29.85
C GLY A 1029 65.70 -33.47 -30.70
N ALA A 1030 65.61 -34.76 -31.05
CA ALA A 1030 64.47 -35.25 -31.80
C ALA A 1030 64.39 -36.76 -31.59
N SER A 1031 63.21 -37.31 -31.89
CA SER A 1031 63.00 -38.74 -31.76
C SER A 1031 63.57 -39.47 -32.98
N ALA A 1032 63.41 -40.80 -33.00
CA ALA A 1032 63.86 -41.58 -34.14
C ALA A 1032 63.03 -41.27 -35.38
N GLU A 1033 61.77 -40.86 -35.19
CA GLU A 1033 60.89 -40.51 -36.30
C GLU A 1033 61.06 -39.07 -36.76
N GLY A 1034 61.99 -38.32 -36.18
CA GLY A 1034 62.11 -36.91 -36.47
C GLY A 1034 61.19 -36.02 -35.66
N TRP A 1035 60.45 -36.57 -34.71
CA TRP A 1035 59.51 -35.78 -33.93
C TRP A 1035 60.23 -34.85 -32.97
N THR A 1036 59.72 -33.62 -32.87
CA THR A 1036 60.04 -32.73 -31.78
C THR A 1036 58.86 -32.70 -30.81
N LEU A 1037 58.97 -31.88 -29.77
CA LEU A 1037 57.87 -31.77 -28.82
C LEU A 1037 56.61 -31.22 -29.49
N ASP A 1038 56.78 -30.47 -30.59
CA ASP A 1038 55.65 -29.88 -31.28
C ASP A 1038 54.91 -30.84 -32.20
N SER A 1039 55.54 -31.95 -32.57
CA SER A 1039 54.97 -32.86 -33.56
C SER A 1039 53.66 -33.45 -33.04
N PRO A 1040 52.57 -33.39 -33.82
CA PRO A 1040 51.31 -33.97 -33.35
C PRO A 1040 51.36 -35.48 -33.19
N GLU A 1041 52.15 -36.18 -34.02
CA GLU A 1041 52.24 -37.63 -33.90
C GLU A 1041 52.86 -38.04 -32.58
N PHE A 1042 53.84 -37.27 -32.09
CA PHE A 1042 54.48 -37.59 -30.82
C PHE A 1042 53.53 -37.31 -29.66
N ARG A 1043 52.82 -36.18 -29.70
CA ARG A 1043 51.96 -35.81 -28.59
C ARG A 1043 50.72 -36.68 -28.52
N LYS A 1044 50.26 -37.21 -29.66
CA LYS A 1044 49.09 -38.09 -29.64
C LYS A 1044 49.36 -39.40 -28.91
N LEU A 1045 50.64 -39.79 -28.77
CA LEU A 1045 50.98 -41.00 -28.02
C LEU A 1045 50.57 -40.87 -26.55
N PHE A 1046 50.55 -39.66 -26.01
CA PHE A 1046 50.21 -39.43 -24.61
C PHE A 1046 48.70 -39.33 -24.36
N GLU A 1047 47.90 -39.25 -25.42
CA GLU A 1047 46.46 -39.16 -25.24
C GLU A 1047 45.88 -40.48 -24.72
N ARG A 1048 44.68 -40.39 -24.16
CA ARG A 1048 44.08 -41.54 -23.49
C ARG A 1048 43.67 -42.61 -24.49
N GLU A 1049 42.96 -42.21 -25.55
CA GLU A 1049 42.47 -43.18 -26.52
C GLU A 1049 43.61 -43.91 -27.23
N SER A 1050 44.80 -43.30 -27.29
CA SER A 1050 45.92 -43.95 -27.97
C SER A 1050 46.50 -45.08 -27.12
N VAL A 1051 46.70 -44.84 -25.82
CA VAL A 1051 47.27 -45.87 -24.97
C VAL A 1051 46.28 -47.02 -24.78
N LEU A 1052 45.00 -46.70 -24.68
CA LEU A 1052 43.99 -47.75 -24.50
C LEU A 1052 43.95 -48.69 -25.68
N ALA A 1053 44.07 -48.16 -26.89
CA ALA A 1053 44.03 -48.95 -28.10
C ALA A 1053 45.40 -49.47 -28.52
N SER A 1054 46.42 -49.32 -27.67
CA SER A 1054 47.77 -49.72 -28.02
C SER A 1054 48.00 -51.19 -27.72
N ASP A 1055 49.03 -51.75 -28.37
CA ASP A 1055 49.43 -53.12 -28.10
C ASP A 1055 50.36 -53.22 -26.89
N TRP A 1056 51.19 -52.20 -26.66
CA TRP A 1056 52.09 -52.23 -25.51
C TRP A 1056 51.34 -52.06 -24.20
N TYR A 1057 50.15 -51.47 -24.21
CA TYR A 1057 49.36 -51.37 -22.99
C TYR A 1057 48.61 -52.67 -22.70
N ALA A 1058 48.00 -53.26 -23.73
CA ALA A 1058 47.37 -54.57 -23.56
C ALA A 1058 48.39 -55.61 -23.10
N ALA A 1059 49.63 -55.50 -23.60
CA ALA A 1059 50.69 -56.39 -23.14
C ALA A 1059 50.98 -56.20 -21.67
N ARG A 1060 50.86 -54.97 -21.16
CA ARG A 1060 50.99 -54.76 -19.71
C ARG A 1060 49.80 -55.36 -18.97
N LEU A 1061 48.61 -55.35 -19.59
CA LEU A 1061 47.45 -55.97 -18.98
C LEU A 1061 47.51 -57.49 -19.08
N ASP A 1062 48.03 -58.02 -20.20
CA ASP A 1062 48.26 -59.45 -20.30
C ASP A 1062 49.28 -59.92 -19.28
N ALA A 1063 50.37 -59.16 -19.12
CA ALA A 1063 51.39 -59.52 -18.14
C ALA A 1063 50.85 -59.43 -16.72
N LYS A 1064 49.92 -58.50 -16.47
CA LYS A 1064 49.34 -58.38 -15.15
C LYS A 1064 48.49 -59.59 -14.80
N GLN A 1065 47.60 -59.98 -15.72
CA GLN A 1065 46.78 -61.17 -15.48
C GLN A 1065 47.63 -62.42 -15.31
N ALA A 1066 48.71 -62.54 -16.08
CA ALA A 1066 49.53 -63.75 -16.01
C ALA A 1066 50.26 -63.84 -14.67
N GLU A 1067 50.73 -62.70 -14.14
CA GLU A 1067 51.46 -62.73 -12.88
C GLU A 1067 50.53 -62.95 -11.68
N ASP A 1068 49.29 -62.44 -11.76
CA ASP A 1068 48.35 -62.68 -10.67
C ASP A 1068 47.92 -64.14 -10.64
N VAL A 1069 47.74 -64.75 -11.80
CA VAL A 1069 47.43 -66.18 -11.85
C VAL A 1069 48.58 -66.98 -11.28
N LYS A 1070 49.82 -66.60 -11.61
CA LYS A 1070 50.98 -67.33 -11.10
C LYS A 1070 51.07 -67.23 -9.58
N GLN A 1071 50.79 -66.05 -9.02
CA GLN A 1071 50.83 -65.89 -7.57
C GLN A 1071 49.73 -66.69 -6.89
N THR A 1072 48.51 -66.64 -7.43
CA THR A 1072 47.40 -67.35 -6.80
C THR A 1072 47.61 -68.86 -6.85
N GLU A 1073 47.95 -69.39 -8.04
CA GLU A 1073 48.16 -70.83 -8.15
C GLU A 1073 49.34 -71.30 -7.31
N GLU A 1074 50.33 -70.43 -7.09
CA GLU A 1074 51.37 -70.75 -6.12
C GLU A 1074 50.80 -70.76 -4.70
N GLY A 1075 49.94 -69.79 -4.38
CA GLY A 1075 49.30 -69.79 -3.08
C GLY A 1075 48.35 -70.95 -2.89
N VAL A 1076 47.74 -71.44 -3.97
CA VAL A 1076 46.92 -72.64 -3.89
C VAL A 1076 47.78 -73.85 -3.58
N GLU A 1077 48.88 -74.02 -4.32
CA GLU A 1077 49.79 -75.13 -4.06
C GLU A 1077 50.44 -75.01 -2.69
N ARG A 1078 50.59 -73.78 -2.18
CA ARG A 1078 51.15 -73.58 -0.85
C ARG A 1078 50.19 -74.06 0.23
N LEU A 1079 48.91 -73.69 0.11
CA LEU A 1079 47.94 -74.08 1.13
C LEU A 1079 47.61 -75.57 1.05
N LYS A 1080 47.42 -76.10 -0.16
CA LYS A 1080 47.19 -77.53 -0.31
C LYS A 1080 48.27 -78.34 0.37
N GLU A 1081 49.55 -77.99 0.12
CA GLU A 1081 50.64 -78.73 0.73
C GLU A 1081 50.61 -78.61 2.25
N TYR A 1082 50.33 -77.41 2.77
CA TYR A 1082 50.40 -77.21 4.21
C TYR A 1082 49.25 -77.93 4.92
N ILE A 1083 48.06 -77.94 4.33
CA ILE A 1083 46.93 -78.59 4.98
C ILE A 1083 47.05 -80.11 4.88
N GLU A 1084 47.67 -80.62 3.80
CA GLU A 1084 47.85 -82.06 3.65
C GLU A 1084 48.92 -82.63 4.57
N ARG A 1085 49.57 -81.81 5.36
CA ARG A 1085 50.50 -82.31 6.37
C ARG A 1085 49.71 -82.84 7.57
N PRO A 1086 50.14 -83.96 8.16
CA PRO A 1086 49.33 -84.55 9.24
C PRO A 1086 49.30 -83.73 10.50
N ASP A 1087 50.43 -83.12 10.89
CA ASP A 1087 50.53 -82.40 12.15
C ASP A 1087 49.93 -80.99 12.09
N SER A 1088 49.47 -80.54 10.92
CA SER A 1088 48.98 -79.18 10.76
C SER A 1088 47.45 -79.10 10.82
N GLY A 1089 46.77 -80.14 11.28
CA GLY A 1089 45.33 -80.09 11.36
C GLY A 1089 44.82 -79.11 12.40
N SER A 1090 45.56 -78.98 13.50
CA SER A 1090 45.13 -78.11 14.58
C SER A 1090 45.10 -76.65 14.15
N VAL A 1091 46.07 -76.24 13.32
CA VAL A 1091 46.12 -74.85 12.90
C VAL A 1091 45.16 -74.59 11.74
N SER A 1092 44.87 -75.61 10.92
CA SER A 1092 43.89 -75.44 9.85
C SER A 1092 42.52 -75.06 10.39
N ALA A 1093 42.16 -75.60 11.56
CA ALA A 1093 40.88 -75.26 12.17
C ALA A 1093 40.87 -73.87 12.79
N ARG A 1094 42.01 -73.41 13.30
CA ARG A 1094 42.06 -72.12 13.97
C ARG A 1094 42.13 -70.97 12.97
N LEU A 1095 42.97 -71.10 11.93
CA LEU A 1095 43.12 -70.05 10.94
C LEU A 1095 42.13 -70.16 9.78
N HIS A 1096 41.18 -71.11 9.85
CA HIS A 1096 40.18 -71.31 8.81
C HIS A 1096 40.84 -71.50 7.44
N LEU A 1097 41.90 -72.31 7.42
CA LEU A 1097 42.63 -72.53 6.17
C LEU A 1097 41.81 -73.31 5.15
N ALA A 1098 40.82 -74.08 5.61
CA ALA A 1098 39.94 -74.77 4.66
C ALA A 1098 39.16 -73.77 3.82
N ASP A 1099 38.58 -72.75 4.47
CA ASP A 1099 37.86 -71.72 3.73
C ASP A 1099 38.80 -70.90 2.85
N ARG A 1100 40.00 -70.60 3.37
CA ARG A 1100 40.93 -69.75 2.65
C ARG A 1100 41.40 -70.39 1.36
N LEU A 1101 41.57 -71.71 1.36
CA LEU A 1101 41.99 -72.40 0.14
C LEU A 1101 40.91 -72.33 -0.93
N ARG A 1102 39.64 -72.51 -0.54
CA ARG A 1102 38.56 -72.42 -1.51
C ARG A 1102 38.46 -71.01 -2.08
N GLU A 1103 38.69 -69.99 -1.26
CA GLU A 1103 38.71 -68.62 -1.76
C GLU A 1103 39.83 -68.43 -2.78
N LEU A 1104 40.98 -69.07 -2.53
CA LEU A 1104 42.08 -69.00 -3.50
C LEU A 1104 41.70 -69.65 -4.82
N GLU A 1105 41.17 -70.87 -4.76
CA GLU A 1105 40.77 -71.56 -5.99
C GLU A 1105 39.66 -70.81 -6.72
N ALA A 1106 38.77 -70.15 -5.98
CA ALA A 1106 37.79 -69.28 -6.62
C ALA A 1106 38.47 -68.05 -7.22
N GLN A 1107 39.44 -67.47 -6.49
CA GLN A 1107 40.18 -66.34 -7.02
C GLN A 1107 41.02 -66.73 -8.23
N LEU A 1108 41.54 -67.96 -8.24
CA LEU A 1108 42.34 -68.41 -9.39
C LEU A 1108 41.48 -68.53 -10.64
N THR A 1109 40.28 -69.07 -10.52
CA THR A 1109 39.40 -69.18 -11.67
C THR A 1109 39.02 -67.81 -12.21
N TYR A 1110 38.75 -66.86 -11.32
CA TYR A 1110 38.36 -65.52 -11.76
C TYR A 1110 39.52 -64.82 -12.45
N GLU A 1111 40.72 -64.89 -11.86
CA GLU A 1111 41.88 -64.24 -12.46
C GLU A 1111 42.26 -64.83 -13.81
N ARG A 1112 41.84 -66.07 -14.09
CA ARG A 1112 42.08 -66.68 -15.39
C ARG A 1112 41.03 -66.30 -16.43
N SER A 1113 39.88 -65.78 -16.01
CA SER A 1113 38.77 -65.53 -16.91
C SER A 1113 39.02 -64.27 -17.74
N PRO A 1114 38.41 -64.19 -18.93
CA PRO A 1114 38.44 -62.93 -19.69
C PRO A 1114 37.69 -61.81 -18.97
N GLU A 1115 36.82 -62.14 -18.03
CA GLU A 1115 36.10 -61.12 -17.28
C GLU A 1115 37.06 -60.30 -16.42
N TYR A 1116 38.04 -60.96 -15.79
CA TYR A 1116 39.04 -60.22 -15.03
C TYR A 1116 39.97 -59.44 -15.96
N ARG A 1117 40.24 -59.96 -17.15
CA ARG A 1117 41.06 -59.22 -18.12
C ARG A 1117 40.38 -57.93 -18.53
N ARG A 1118 39.04 -57.92 -18.62
CA ARG A 1118 38.33 -56.71 -19.00
C ARG A 1118 38.33 -55.69 -17.85
N SER A 1119 38.27 -56.16 -16.61
CA SER A 1119 38.33 -55.24 -15.48
C SER A 1119 39.71 -54.63 -15.31
N LEU A 1120 40.75 -55.26 -15.87
CA LEU A 1120 42.09 -54.69 -15.80
C LEU A 1120 42.25 -53.48 -16.70
N VAL A 1121 41.32 -53.26 -17.63
CA VAL A 1121 41.40 -52.09 -18.50
C VAL A 1121 41.14 -50.84 -17.66
N GLY A 1122 42.07 -49.90 -17.72
CA GLY A 1122 42.05 -48.74 -16.85
C GLY A 1122 42.98 -48.81 -15.68
N THR A 1123 43.74 -49.91 -15.54
CA THR A 1123 44.75 -50.05 -14.50
C THR A 1123 46.14 -49.99 -15.13
N LEU A 1124 47.16 -49.98 -14.27
CA LEU A 1124 48.53 -49.78 -14.72
C LEU A 1124 49.13 -51.02 -15.35
N GLY A 1125 48.60 -52.20 -15.08
CA GLY A 1125 49.18 -53.41 -15.62
C GLY A 1125 50.55 -53.69 -15.02
N ARG A 1126 51.25 -54.65 -15.65
CA ARG A 1126 52.57 -55.06 -15.20
C ARG A 1126 53.57 -54.91 -16.32
N GLN A 1127 54.79 -54.52 -15.96
CA GLN A 1127 55.91 -54.45 -16.88
C GLN A 1127 56.03 -55.78 -17.64
N PRO A 1128 55.91 -55.78 -18.96
CA PRO A 1128 55.94 -57.05 -19.71
C PRO A 1128 57.31 -57.66 -19.80
N ARG A 1129 58.38 -56.89 -19.59
CA ARG A 1129 59.74 -57.38 -19.70
C ARG A 1129 60.63 -56.51 -18.85
N PHE A 1130 61.55 -57.14 -18.12
CA PHE A 1130 62.38 -56.44 -17.14
C PHE A 1130 63.80 -56.20 -17.62
N VAL A 1131 64.12 -56.53 -18.87
CA VAL A 1131 65.48 -56.39 -19.37
C VAL A 1131 65.51 -55.68 -20.73
N SER B 2 -44.78 -1.74 85.78
CA SER B 2 -44.48 -1.53 84.37
C SER B 2 -43.87 -0.15 84.13
N VAL B 3 -43.46 0.11 82.88
CA VAL B 3 -42.78 1.36 82.58
C VAL B 3 -43.77 2.50 82.41
N VAL B 4 -44.97 2.23 81.90
CA VAL B 4 -45.94 3.30 81.71
C VAL B 4 -46.63 3.65 83.03
N GLU B 5 -46.88 2.65 83.87
CA GLU B 5 -47.47 2.91 85.18
C GLU B 5 -46.51 3.69 86.06
N ARG B 6 -45.20 3.50 85.89
CA ARG B 6 -44.23 4.27 86.67
C ARG B 6 -44.28 5.74 86.32
N ARG B 7 -44.42 6.06 85.03
CA ARG B 7 -44.51 7.46 84.63
C ARG B 7 -45.81 8.09 85.11
N GLN B 8 -46.91 7.33 85.10
CA GLN B 8 -48.19 7.88 85.55
C GLN B 8 -48.17 8.19 87.05
N ILE B 9 -47.57 7.30 87.85
CA ILE B 9 -47.45 7.57 89.28
C ILE B 9 -46.54 8.77 89.51
N ASN B 10 -45.40 8.82 88.82
CA ASN B 10 -44.50 9.95 88.93
C ASN B 10 -45.21 11.26 88.60
N ALA B 11 -45.98 11.27 87.52
CA ALA B 11 -46.74 12.47 87.17
C ALA B 11 -47.76 12.80 88.25
N ALA B 12 -48.43 11.77 88.79
CA ALA B 12 -49.35 11.99 89.89
C ALA B 12 -48.62 12.52 91.12
N ILE B 13 -47.36 12.12 91.32
CA ILE B 13 -46.59 12.59 92.46
C ILE B 13 -46.15 14.04 92.24
N ASN B 14 -45.62 14.33 91.05
CA ASN B 14 -45.13 15.68 90.77
C ASN B 14 -46.25 16.71 90.91
N LEU B 15 -47.46 16.34 90.51
CA LEU B 15 -48.62 17.22 90.68
C LEU B 15 -48.83 17.55 92.16
N ARG B 16 -48.90 16.51 93.00
CA ARG B 16 -49.14 16.71 94.42
C ARG B 16 -47.96 17.40 95.10
N LEU B 17 -46.74 17.16 94.63
CA LEU B 17 -45.60 17.92 95.14
C LEU B 17 -45.69 19.38 94.73
N SER B 18 -46.10 19.64 93.48
CA SER B 18 -46.19 21.01 93.00
C SER B 18 -47.32 21.77 93.69
N LEU B 19 -48.33 21.07 94.18
CA LEU B 19 -49.40 21.74 94.91
C LEU B 19 -48.90 22.28 96.24
N LEU B 20 -48.04 21.52 96.93
CA LEU B 20 -47.47 21.92 98.21
C LEU B 20 -46.25 22.82 98.06
N GLY B 21 -45.96 23.29 96.84
CA GLY B 21 -44.79 24.13 96.62
C GLY B 21 -43.46 23.44 96.76
N LEU B 22 -43.44 22.10 96.87
CA LEU B 22 -42.21 21.36 97.09
C LEU B 22 -41.45 21.16 95.78
N PRO B 23 -40.14 20.98 95.85
CA PRO B 23 -39.38 20.66 94.63
C PRO B 23 -39.74 19.29 94.09
N HIS B 24 -39.62 19.14 92.77
CA HIS B 24 -39.99 17.92 92.09
C HIS B 24 -39.22 17.85 90.77
N PRO B 25 -39.03 16.66 90.20
CA PRO B 25 -38.31 16.56 88.93
C PRO B 25 -39.08 17.26 87.81
N ASP B 26 -38.33 17.95 86.95
CA ASP B 26 -38.93 18.74 85.88
C ASP B 26 -38.85 17.99 84.55
N PRO B 32 -45.66 22.75 79.41
CA PRO B 32 -46.85 22.23 78.74
C PRO B 32 -47.95 21.83 79.71
N ASP B 33 -47.80 20.67 80.34
CA ASP B 33 -48.77 20.25 81.34
C ASP B 33 -48.77 21.19 82.54
N ALA B 34 -47.61 21.71 82.91
CA ALA B 34 -47.52 22.58 84.09
C ALA B 34 -48.19 23.92 83.85
N ILE B 35 -48.08 24.45 82.63
CA ILE B 35 -48.71 25.73 82.32
C ILE B 35 -50.22 25.62 82.40
N LEU B 36 -50.76 24.43 82.13
CA LEU B 36 -52.20 24.23 82.19
C LEU B 36 -52.70 24.13 83.63
N VAL B 37 -51.98 23.42 84.48
CA VAL B 37 -52.44 23.14 85.83
C VAL B 37 -52.04 24.19 86.85
N GLU B 38 -51.04 25.03 86.54
CA GLU B 38 -50.54 25.98 87.54
C GLU B 38 -51.59 26.95 88.04
N PRO B 39 -52.46 27.54 87.21
CA PRO B 39 -53.52 28.39 87.78
C PRO B 39 -54.41 27.67 88.77
N LEU B 40 -54.67 26.38 88.56
CA LEU B 40 -55.50 25.64 89.50
C LEU B 40 -54.75 25.38 90.81
N LEU B 41 -53.46 25.05 90.72
CA LEU B 41 -52.66 24.90 91.93
C LEU B 41 -52.57 26.22 92.70
N ALA B 42 -52.43 27.33 91.99
CA ALA B 42 -52.42 28.63 92.66
C ALA B 42 -53.76 28.93 93.31
N ARG B 43 -54.85 28.70 92.57
CA ARG B 43 -56.19 28.85 93.15
C ARG B 43 -56.40 27.89 94.31
N GLN B 44 -55.82 26.69 94.24
CA GLN B 44 -55.96 25.72 95.32
C GLN B 44 -55.35 26.25 96.62
N ARG B 45 -54.09 26.69 96.56
CA ARG B 45 -53.42 27.19 97.76
C ARG B 45 -54.14 28.40 98.34
N GLU B 46 -54.77 29.21 97.48
CA GLU B 46 -55.52 30.35 97.98
C GLU B 46 -56.82 29.91 98.64
N LEU B 47 -57.50 28.92 98.05
CA LEU B 47 -58.68 28.36 98.69
C LEU B 47 -58.32 27.69 100.01
N SER B 48 -57.19 27.00 100.06
CA SER B 48 -56.74 26.39 101.31
C SER B 48 -56.38 27.46 102.34
N ARG B 49 -55.85 28.60 101.90
CA ARG B 49 -55.49 29.65 102.83
C ARG B 49 -56.74 30.32 103.41
N ARG B 50 -57.73 30.59 102.57
CA ARG B 50 -58.96 31.22 103.03
C ARG B 50 -59.74 30.35 104.01
N LEU B 51 -59.55 29.03 103.95
CA LEU B 51 -60.16 28.11 104.90
C LEU B 51 -59.27 27.89 106.13
N LYS B 52 -58.20 28.68 106.28
CA LYS B 52 -57.30 28.62 107.43
C LYS B 52 -56.67 27.24 107.58
N ASP B 53 -56.49 26.53 106.47
CA ASP B 53 -55.83 25.21 106.45
C ASP B 53 -56.49 24.25 107.43
N ARG B 54 -57.81 24.33 107.50
CA ARG B 54 -58.57 23.51 108.45
C ARG B 54 -58.30 22.03 108.21
N LEU B 55 -58.25 21.26 109.30
CA LEU B 55 -58.03 19.83 109.22
C LEU B 55 -59.19 19.15 108.51
N SER B 56 -58.92 17.92 108.06
CA SER B 56 -59.97 17.11 107.46
C SER B 56 -60.86 16.53 108.56
N ALA B 57 -61.97 15.94 108.13
CA ALA B 57 -62.92 15.38 109.09
C ALA B 57 -62.30 14.29 109.98
N PRO B 58 -61.48 13.36 109.47
CA PRO B 58 -60.80 12.44 110.40
C PRO B 58 -59.84 13.14 111.34
N ASP B 59 -59.13 14.17 110.88
CA ASP B 59 -58.17 14.86 111.73
C ASP B 59 -58.86 15.74 112.76
N LEU B 60 -60.02 16.33 112.42
CA LEU B 60 -60.76 17.11 113.40
C LEU B 60 -61.18 16.25 114.58
N ARG B 61 -61.58 15.01 114.32
CA ARG B 61 -61.94 14.11 115.40
C ARG B 61 -60.71 13.74 116.23
N ILE B 62 -59.55 13.60 115.60
CA ILE B 62 -58.32 13.33 116.34
C ILE B 62 -57.92 14.55 117.16
N GLN B 63 -57.97 15.73 116.55
CA GLN B 63 -57.51 16.95 117.21
C GLN B 63 -58.43 17.31 118.38
N ARG B 64 -59.74 17.12 118.22
CA ARG B 64 -60.67 17.41 119.32
C ARG B 64 -60.39 16.52 120.52
N PHE B 65 -60.09 15.24 120.27
CA PHE B 65 -59.72 14.35 121.37
C PHE B 65 -58.44 14.82 122.04
N LEU B 66 -57.41 15.15 121.25
CA LEU B 66 -56.15 15.61 121.83
C LEU B 66 -56.32 16.91 122.59
N ASP B 67 -57.17 17.81 122.10
CA ASP B 67 -57.39 19.08 122.78
C ASP B 67 -58.08 18.87 124.12
N ASP B 68 -59.03 17.94 124.19
CA ASP B 68 -59.76 17.70 125.44
C ASP B 68 -58.97 16.79 126.38
N TYR B 69 -58.45 15.68 125.84
CA TYR B 69 -57.73 14.72 126.67
C TYR B 69 -56.50 15.33 127.33
N LEU B 70 -55.86 16.28 126.66
CA LEU B 70 -54.62 16.90 127.16
C LEU B 70 -54.81 18.36 127.53
N ALA B 71 -56.04 18.78 127.84
CA ALA B 71 -56.29 20.18 128.16
C ALA B 71 -55.58 20.60 129.44
N ASP B 72 -55.32 19.67 130.35
CA ASP B 72 -54.65 19.96 131.60
C ASP B 72 -53.16 19.64 131.55
N CYS B 73 -52.54 19.82 130.38
CA CYS B 73 -51.12 19.58 130.20
C CYS B 73 -50.41 20.87 129.80
N ASP B 74 -49.10 20.90 129.97
CA ASP B 74 -48.31 22.05 129.57
C ASP B 74 -48.06 22.09 128.06
N GLU B 75 -48.39 21.02 127.34
CA GLU B 75 -48.27 20.97 125.90
C GLU B 75 -49.62 20.55 125.31
N HIS B 76 -50.01 21.20 124.22
CA HIS B 76 -51.26 20.90 123.51
C HIS B 76 -50.92 20.60 122.07
N PRO B 77 -50.51 19.37 121.77
CA PRO B 77 -49.99 19.06 120.43
C PRO B 77 -51.04 19.23 119.35
N GLN B 78 -50.62 19.80 118.23
CA GLN B 78 -51.48 20.03 117.09
C GLN B 78 -50.99 19.20 115.90
N LEU B 79 -51.92 18.56 115.20
CA LEU B 79 -51.56 17.77 114.04
C LEU B 79 -51.05 18.68 112.92
N PRO B 80 -50.13 18.18 112.09
CA PRO B 80 -49.70 18.95 110.92
C PRO B 80 -50.90 19.35 110.06
N ARG B 81 -51.09 20.66 109.91
CA ARG B 81 -52.23 21.17 109.17
C ARG B 81 -52.07 21.01 107.66
N THR B 82 -50.85 20.77 107.19
CA THR B 82 -50.57 20.67 105.75
C THR B 82 -49.65 19.47 105.52
N THR B 83 -50.16 18.45 104.86
CA THR B 83 -49.40 17.23 104.60
C THR B 83 -49.55 16.81 103.15
N LEU B 84 -48.70 15.88 102.74
CA LEU B 84 -48.81 15.24 101.43
C LEU B 84 -49.80 14.11 101.56
N VAL B 85 -51.01 14.32 101.05
CA VAL B 85 -52.08 13.34 101.16
C VAL B 85 -51.92 12.28 100.08
N LEU B 86 -51.88 11.02 100.48
CA LEU B 86 -51.80 9.89 99.56
C LEU B 86 -53.23 9.39 99.34
N ASP B 87 -53.91 10.00 98.36
CA ASP B 87 -55.31 9.70 98.10
C ASP B 87 -55.52 8.63 97.05
N GLU B 88 -54.46 8.16 96.39
CA GLU B 88 -54.54 7.08 95.41
C GLU B 88 -53.50 6.04 95.73
N PRO B 89 -53.81 4.76 95.56
CA PRO B 89 -52.80 3.71 95.80
C PRO B 89 -51.69 3.78 94.76
N GLY B 90 -50.47 3.55 95.23
CA GLY B 90 -49.28 3.59 94.39
C GLY B 90 -48.40 4.79 94.63
N LEU B 91 -48.95 5.88 95.18
CA LEU B 91 -48.15 7.06 95.45
C LEU B 91 -47.04 6.77 96.46
N ALA B 92 -47.38 6.06 97.55
CA ALA B 92 -46.39 5.73 98.55
C ALA B 92 -45.27 4.87 97.96
N ARG B 93 -45.63 3.92 97.10
CA ARG B 93 -44.62 3.10 96.44
C ARG B 93 -43.70 3.96 95.58
N GLY B 94 -44.28 4.83 94.75
CA GLY B 94 -43.46 5.69 93.90
C GLY B 94 -42.61 6.66 94.67
N LEU B 95 -43.07 7.10 95.83
CA LEU B 95 -42.34 8.08 96.63
C LEU B 95 -41.26 7.46 97.51
N SER B 96 -41.33 6.15 97.77
CA SER B 96 -40.41 5.52 98.70
C SER B 96 -39.05 5.20 98.10
N LEU B 97 -38.83 5.53 96.83
CA LEU B 97 -37.55 5.34 96.17
C LEU B 97 -37.26 6.55 95.30
N PRO B 98 -35.99 6.86 95.07
CA PRO B 98 -35.65 8.00 94.20
C PRO B 98 -36.28 7.86 92.82
N VAL B 99 -36.72 9.00 92.27
CA VAL B 99 -37.40 9.00 90.98
C VAL B 99 -36.46 8.51 89.88
N ASP B 100 -35.15 8.71 90.06
CA ASP B 100 -34.15 8.36 89.06
C ASP B 100 -33.30 7.17 89.46
N GLY B 101 -32.79 7.15 90.69
CA GLY B 101 -31.90 6.09 91.13
C GLY B 101 -32.61 4.94 91.80
N ASP B 102 -31.84 3.90 92.11
CA ASP B 102 -32.36 2.67 92.69
C ASP B 102 -31.92 2.47 94.13
N GLU B 103 -31.37 3.49 94.78
CA GLU B 103 -30.81 3.35 96.11
C GLU B 103 -31.10 4.58 96.95
N PHE B 104 -31.55 4.37 98.18
CA PHE B 104 -31.83 5.47 99.10
C PHE B 104 -31.37 5.08 100.51
N HIS B 105 -30.57 5.94 101.13
CA HIS B 105 -30.05 5.71 102.47
C HIS B 105 -30.36 6.89 103.36
N SER B 106 -30.97 6.62 104.51
CA SER B 106 -31.17 7.59 105.57
C SER B 106 -30.72 6.97 106.88
N ASP B 107 -30.87 7.71 107.98
CA ASP B 107 -30.47 7.20 109.29
C ASP B 107 -31.33 6.03 109.75
N ILE B 108 -32.49 5.83 109.15
CA ILE B 108 -33.45 4.84 109.65
C ILE B 108 -33.82 3.77 108.63
N VAL B 109 -33.47 3.93 107.35
CA VAL B 109 -33.89 2.97 106.34
C VAL B 109 -32.86 2.91 105.22
N ALA B 110 -32.70 1.72 104.65
CA ALA B 110 -31.96 1.50 103.42
C ALA B 110 -32.92 0.88 102.41
N SER B 111 -33.18 1.60 101.32
CA SER B 111 -34.20 1.23 100.36
C SER B 111 -33.56 1.01 98.99
N TYR B 112 -33.95 -0.08 98.33
CA TYR B 112 -33.39 -0.46 97.05
C TYR B 112 -34.51 -0.82 96.09
N ARG B 113 -34.38 -0.36 94.85
CA ARG B 113 -35.25 -0.81 93.78
C ARG B 113 -34.73 -2.15 93.26
N LEU B 114 -35.57 -3.17 93.32
CA LEU B 114 -35.18 -4.53 92.97
C LEU B 114 -35.76 -4.94 91.62
N VAL B 115 -35.07 -5.89 90.97
CA VAL B 115 -35.64 -6.56 89.81
C VAL B 115 -36.94 -7.25 90.18
N ASN B 116 -37.00 -7.83 91.39
CA ASN B 116 -38.15 -8.58 91.86
C ASN B 116 -38.90 -7.84 92.97
N GLY B 117 -38.98 -6.52 92.86
CA GLY B 117 -39.77 -5.75 93.81
C GLY B 117 -39.06 -4.55 94.40
N VAL B 118 -39.20 -4.36 95.72
CA VAL B 118 -38.55 -3.26 96.42
C VAL B 118 -38.10 -3.77 97.78
N LEU B 119 -36.89 -3.37 98.18
CA LEU B 119 -36.29 -3.83 99.42
C LEU B 119 -36.14 -2.65 100.38
N HIS B 120 -36.58 -2.86 101.62
CA HIS B 120 -36.49 -1.84 102.66
C HIS B 120 -35.91 -2.47 103.92
N ASN B 121 -34.71 -2.04 104.31
CA ASN B 121 -34.09 -2.53 105.53
C ASN B 121 -34.16 -1.45 106.60
N PRO B 122 -35.06 -1.57 107.58
CA PRO B 122 -35.17 -0.56 108.63
C PRO B 122 -33.96 -0.63 109.57
N LYS B 123 -33.84 0.42 110.39
CA LYS B 123 -32.69 0.52 111.28
C LYS B 123 -32.57 -0.69 112.19
N HIS B 124 -33.68 -1.26 112.61
CA HIS B 124 -33.71 -2.47 113.42
C HIS B 124 -34.48 -3.55 112.67
N ASP B 125 -33.90 -4.74 112.58
CA ASP B 125 -34.42 -5.79 111.72
C ASP B 125 -35.51 -6.62 112.38
N ARG B 126 -35.67 -6.54 113.70
CA ARG B 126 -36.64 -7.36 114.41
C ARG B 126 -37.46 -6.49 115.34
N ARG B 127 -38.56 -7.06 115.81
CA ARG B 127 -39.47 -6.40 116.75
C ARG B 127 -39.14 -6.82 118.18
N THR B 128 -39.27 -5.89 119.11
CA THR B 128 -39.10 -6.15 120.53
C THR B 128 -40.46 -6.08 121.23
N THR B 129 -40.50 -6.59 122.46
CA THR B 129 -41.73 -6.57 123.24
C THR B 129 -41.47 -6.02 124.65
N ALA B 130 -40.25 -6.22 125.15
CA ALA B 130 -39.90 -5.80 126.49
C ALA B 130 -39.99 -4.29 126.66
N GLY B 131 -41.02 -3.82 127.35
CA GLY B 131 -41.16 -2.40 127.62
C GLY B 131 -41.37 -1.54 126.39
N VAL B 132 -42.01 -2.08 125.35
CA VAL B 132 -42.25 -1.32 124.13
C VAL B 132 -43.61 -0.63 124.16
N PHE B 133 -44.62 -1.25 124.76
CA PHE B 133 -45.99 -0.73 124.75
C PHE B 133 -46.16 0.23 125.93
N HIS B 134 -46.20 1.52 125.63
CA HIS B 134 -46.45 2.57 126.62
C HIS B 134 -47.87 3.09 126.44
N ILE B 135 -48.58 3.26 127.55
CA ILE B 135 -49.94 3.78 127.55
C ILE B 135 -50.00 5.01 128.44
N SER B 136 -50.74 6.02 128.02
CA SER B 136 -50.86 7.26 128.76
C SER B 136 -51.92 7.15 129.85
N THR B 137 -51.66 7.80 130.98
CA THR B 137 -52.66 7.90 132.03
C THR B 137 -53.78 8.84 131.59
N GLY B 138 -54.87 8.82 132.35
CA GLY B 138 -56.01 9.67 132.08
C GLY B 138 -57.09 9.05 131.22
N GLY B 139 -56.91 7.81 130.78
CA GLY B 139 -57.91 7.15 129.95
C GLY B 139 -58.48 5.89 130.57
N LEU B 140 -58.69 4.86 129.76
CA LEU B 140 -59.17 3.59 130.26
C LEU B 140 -58.09 2.92 131.11
N PRO B 141 -58.46 1.92 131.92
CA PRO B 141 -57.47 1.27 132.80
C PRO B 141 -56.28 0.72 132.01
N ILE B 142 -55.10 0.88 132.60
CA ILE B 142 -53.85 0.42 132.00
C ILE B 142 -53.53 -0.96 132.56
N PRO B 143 -53.29 -1.96 131.70
CA PRO B 143 -52.97 -3.30 132.21
C PRO B 143 -51.68 -3.33 133.00
N GLN B 144 -51.55 -4.37 133.83
CA GLN B 144 -50.41 -4.48 134.74
C GLN B 144 -49.08 -4.59 133.99
N ASP B 145 -49.10 -5.19 132.80
CA ASP B 145 -47.85 -5.46 132.08
C ASP B 145 -47.35 -4.27 131.26
N LYS B 146 -48.22 -3.33 130.92
CA LYS B 146 -47.83 -2.22 130.07
C LYS B 146 -47.01 -1.19 130.86
N VAL B 147 -46.42 -0.25 130.13
CA VAL B 147 -45.67 0.84 130.72
C VAL B 147 -46.59 2.04 130.90
N GLU B 148 -46.63 2.58 132.11
CA GLU B 148 -47.53 3.66 132.46
C GLU B 148 -46.80 4.99 132.30
N VAL B 149 -47.22 5.78 131.31
CA VAL B 149 -46.63 7.09 131.04
C VAL B 149 -47.58 8.16 131.54
N ASP B 150 -47.05 9.12 132.30
CA ASP B 150 -47.88 10.21 132.79
C ASP B 150 -48.45 11.01 131.62
N LYS B 151 -49.71 11.43 131.78
CA LYS B 151 -50.40 12.15 130.72
C LYS B 151 -49.60 13.37 130.26
N ASN B 152 -48.93 14.05 131.18
CA ASN B 152 -48.16 15.23 130.81
C ASN B 152 -46.91 14.87 130.01
N VAL B 153 -46.29 13.72 130.30
CA VAL B 153 -45.17 13.26 129.50
C VAL B 153 -45.64 12.90 128.09
N TYR B 154 -46.79 12.23 127.99
CA TYR B 154 -47.34 11.90 126.68
C TYR B 154 -47.60 13.14 125.84
N ALA B 155 -48.00 14.24 126.49
CA ALA B 155 -48.24 15.49 125.76
C ALA B 155 -46.94 16.06 125.23
N ARG B 156 -45.85 15.94 125.99
CA ARG B 156 -44.56 16.46 125.53
C ARG B 156 -43.98 15.59 124.43
N ILE B 157 -44.18 14.27 124.53
CA ILE B 157 -43.68 13.37 123.49
C ILE B 157 -44.41 13.60 122.18
N LEU B 158 -45.74 13.68 122.23
CA LEU B 158 -46.51 13.92 121.01
C LEU B 158 -46.20 15.28 120.40
N ALA B 159 -45.91 16.28 121.24
CA ALA B 159 -45.49 17.58 120.70
C ALA B 159 -44.15 17.48 120.00
N ARG B 160 -43.21 16.74 120.58
CA ARG B 160 -41.91 16.57 119.94
C ARG B 160 -42.00 15.68 118.70
N ALA B 161 -42.98 14.77 118.67
CA ALA B 161 -43.15 13.92 117.50
C ALA B 161 -43.35 14.76 116.24
N PHE B 162 -44.02 15.90 116.37
CA PHE B 162 -44.23 16.81 115.26
C PHE B 162 -43.08 17.80 115.09
N GLN B 163 -42.03 17.69 115.90
CA GLN B 163 -40.81 18.49 115.70
C GLN B 163 -39.73 17.62 115.06
N ALA B 164 -39.96 17.30 113.79
CA ALA B 164 -39.08 16.34 113.12
C ALA B 164 -37.97 17.07 112.37
N PRO B 165 -36.76 16.51 112.35
CA PRO B 165 -35.68 17.10 111.57
C PRO B 165 -35.88 16.91 110.08
N ASP B 166 -35.25 17.81 109.30
CA ASP B 166 -35.40 17.80 107.85
C ASP B 166 -34.98 16.44 107.26
N GLU B 167 -33.97 15.81 107.85
CA GLU B 167 -33.49 14.54 107.33
C GLU B 167 -34.56 13.46 107.43
N GLU B 168 -35.27 13.40 108.55
CA GLU B 168 -36.39 12.49 108.69
C GLU B 168 -37.56 12.89 107.79
N LEU B 169 -37.67 14.17 107.43
CA LEU B 169 -38.74 14.64 106.56
C LEU B 169 -38.41 14.50 105.08
N ALA B 170 -37.18 14.16 104.73
CA ALA B 170 -36.78 14.11 103.33
C ALA B 170 -37.48 12.95 102.61
N LEU B 171 -38.18 13.27 101.53
CA LEU B 171 -38.79 12.24 100.70
C LEU B 171 -37.70 11.46 99.96
N PRO B 172 -37.75 10.14 99.97
CA PRO B 172 -36.81 9.38 99.13
C PRO B 172 -36.93 9.73 97.66
N TYR B 173 -38.12 10.13 97.22
CA TYR B 173 -38.37 10.45 95.82
C TYR B 173 -37.43 11.53 95.30
N THR B 174 -37.05 12.49 96.15
CA THR B 174 -36.22 13.61 95.73
C THR B 174 -34.82 13.58 96.35
N ALA B 175 -34.35 12.40 96.78
CA ALA B 175 -33.08 12.33 97.47
C ALA B 175 -31.90 12.67 96.57
N ASN B 176 -32.00 12.39 95.27
CA ASN B 176 -30.91 12.64 94.33
C ASN B 176 -31.07 13.94 93.57
N LEU B 177 -32.05 14.76 93.92
CA LEU B 177 -32.33 16.00 93.21
C LEU B 177 -31.52 17.15 93.82
N PRO B 178 -31.36 18.25 93.07
CA PRO B 178 -30.63 19.41 93.64
C PRO B 178 -31.23 19.92 94.94
N GLU B 179 -32.55 20.06 94.99
CA GLU B 179 -33.26 20.46 96.20
C GLU B 179 -34.21 19.35 96.60
N GLN B 180 -34.07 18.84 97.81
CA GLN B 180 -34.94 17.79 98.31
C GLN B 180 -36.22 18.39 98.89
N ALA B 181 -37.29 17.59 98.86
CA ALA B 181 -38.60 18.01 99.34
C ALA B 181 -38.83 17.42 100.73
N HIS B 182 -39.12 18.29 101.69
CA HIS B 182 -39.36 17.90 103.08
C HIS B 182 -40.82 18.18 103.43
N CYS B 183 -41.49 17.18 103.99
CA CYS B 183 -42.90 17.34 104.32
C CYS B 183 -43.33 16.18 105.21
N TRP B 184 -44.53 16.32 105.76
CA TRP B 184 -45.25 15.22 106.38
C TRP B 184 -46.18 14.61 105.35
N ALA B 185 -46.28 13.28 105.36
CA ALA B 185 -47.22 12.57 104.51
C ALA B 185 -48.35 12.01 105.38
N SER B 186 -49.54 11.90 104.78
CA SER B 186 -50.70 11.36 105.48
C SER B 186 -51.36 10.30 104.62
N LEU B 187 -51.87 9.26 105.27
CA LEU B 187 -52.57 8.16 104.61
C LEU B 187 -53.79 7.80 105.44
N LEU B 188 -54.94 7.69 104.79
CA LEU B 188 -56.21 7.37 105.44
C LEU B 188 -56.63 5.95 105.05
N MET B 189 -57.02 5.15 106.04
CA MET B 189 -57.39 3.77 105.80
C MET B 189 -58.64 3.45 106.61
N ARG B 190 -59.31 2.35 106.23
CA ARG B 190 -60.54 1.89 106.87
C ARG B 190 -60.42 0.41 107.18
N PRO B 191 -59.68 0.04 108.22
CA PRO B 191 -59.50 -1.38 108.53
C PRO B 191 -60.78 -2.02 109.10
N THR B 192 -61.10 -3.20 108.59
CA THR B 192 -62.31 -3.91 108.97
C THR B 192 -62.28 -4.30 110.45
N VAL B 193 -63.41 -4.12 111.12
CA VAL B 193 -63.53 -4.44 112.54
C VAL B 193 -64.65 -5.46 112.74
N LEU B 194 -65.70 -5.38 111.93
CA LEU B 194 -66.86 -6.26 112.04
C LEU B 194 -67.12 -6.92 110.69
N PRO B 195 -67.09 -8.24 110.60
CA PRO B 195 -67.33 -8.89 109.31
C PRO B 195 -68.80 -8.90 108.92
N ALA B 196 -69.03 -8.89 107.61
CA ALA B 196 -70.39 -8.88 107.08
C ALA B 196 -70.99 -10.28 107.16
N VAL B 197 -72.14 -10.38 107.82
CA VAL B 197 -72.92 -11.60 107.90
C VAL B 197 -74.32 -11.28 107.39
N PRO B 198 -74.80 -11.96 106.34
CA PRO B 198 -76.04 -11.53 105.68
C PRO B 198 -77.24 -11.56 106.63
N GLY B 199 -77.93 -10.42 106.72
CA GLY B 199 -79.07 -10.29 107.60
C GLY B 199 -78.76 -10.15 109.06
N ARG B 200 -77.49 -10.32 109.45
CA ARG B 200 -77.09 -10.25 110.86
C ARG B 200 -76.31 -8.99 111.16
N THR B 201 -75.15 -8.80 110.54
CA THR B 201 -74.33 -7.61 110.76
C THR B 201 -73.85 -7.05 109.43
N THR B 202 -73.86 -5.72 109.33
CA THR B 202 -73.24 -5.03 108.20
C THR B 202 -71.74 -4.91 108.46
N GLU B 203 -70.95 -5.05 107.40
CA GLU B 203 -69.52 -4.85 107.54
C GLU B 203 -69.24 -3.43 108.00
N LYS B 204 -68.54 -3.30 109.12
CA LYS B 204 -68.16 -2.01 109.66
C LYS B 204 -66.65 -1.94 109.77
N SER B 205 -66.14 -0.71 109.76
CA SER B 205 -64.71 -0.47 109.87
C SER B 205 -64.49 0.84 110.61
N TYR B 206 -63.32 0.99 111.21
CA TYR B 206 -62.92 2.25 111.82
C TYR B 206 -61.99 2.98 110.87
N GLU B 207 -61.67 4.22 111.21
CA GLU B 207 -60.80 5.05 110.38
C GLU B 207 -59.49 5.31 111.12
N VAL B 208 -58.38 5.09 110.44
CA VAL B 208 -57.05 5.37 110.98
C VAL B 208 -56.33 6.31 110.03
N HIS B 209 -55.67 7.32 110.60
CA HIS B 209 -54.90 8.29 109.82
C HIS B 209 -53.43 8.16 110.19
N PHE B 210 -52.63 7.69 109.23
CA PHE B 210 -51.19 7.62 109.40
C PHE B 210 -50.58 8.97 109.02
N ILE B 211 -49.94 9.62 109.99
CA ILE B 211 -49.29 10.90 109.78
C ILE B 211 -47.81 10.69 110.07
N VAL B 212 -46.99 10.58 109.02
CA VAL B 212 -45.58 10.27 109.18
C VAL B 212 -44.76 11.32 108.43
N PRO B 213 -43.51 11.52 108.82
CA PRO B 213 -42.62 12.36 108.02
C PRO B 213 -42.34 11.73 106.67
N GLY B 214 -41.80 12.54 105.75
CA GLY B 214 -41.57 12.08 104.40
C GLY B 214 -40.61 10.91 104.32
N GLY B 215 -39.62 10.86 105.20
CA GLY B 215 -38.62 9.81 105.17
C GLY B 215 -39.14 8.43 105.54
N LEU B 216 -40.36 8.34 106.05
CA LEU B 216 -40.99 7.06 106.37
C LEU B 216 -42.07 6.72 105.34
N MET B 217 -41.81 7.03 104.07
CA MET B 217 -42.77 6.75 103.03
C MET B 217 -42.96 5.25 102.83
N CYS B 218 -41.91 4.46 103.02
CA CYS B 218 -42.03 3.02 102.83
C CYS B 218 -42.95 2.38 103.85
N ASN B 219 -43.10 2.99 105.03
CA ASN B 219 -44.05 2.48 106.01
C ASN B 219 -45.48 2.77 105.60
N LEU B 220 -45.72 3.84 104.85
CA LEU B 220 -47.05 4.10 104.34
C LEU B 220 -47.41 3.11 103.24
N ASP B 221 -46.47 2.84 102.33
CA ASP B 221 -46.70 1.83 101.30
C ASP B 221 -46.90 0.46 101.94
N PHE B 222 -46.18 0.19 103.03
CA PHE B 222 -46.36 -1.08 103.74
C PHE B 222 -47.80 -1.25 104.22
N VAL B 223 -48.29 -0.29 105.02
CA VAL B 223 -49.63 -0.45 105.58
C VAL B 223 -50.71 -0.28 104.52
N GLU B 224 -50.45 0.54 103.49
CA GLU B 224 -51.46 0.72 102.44
C GLU B 224 -51.73 -0.60 101.72
N GLY B 225 -50.67 -1.38 101.45
CA GLY B 225 -50.85 -2.67 100.82
C GLY B 225 -51.58 -3.68 101.68
N ILE B 226 -51.61 -3.47 103.00
CA ILE B 226 -52.26 -4.40 103.90
C ILE B 226 -53.71 -4.02 104.17
N PHE B 227 -54.00 -2.73 104.37
CA PHE B 227 -55.32 -2.30 104.78
C PHE B 227 -56.01 -1.37 103.77
N GLY B 228 -55.38 -1.09 102.63
CA GLY B 228 -56.02 -0.31 101.59
C GLY B 228 -55.67 1.16 101.65
N ASN B 229 -56.35 1.91 100.78
CA ASN B 229 -56.22 3.37 100.70
C ASN B 229 -57.62 3.96 100.70
N ALA B 230 -57.97 4.66 101.78
CA ALA B 230 -59.32 5.20 101.91
C ALA B 230 -59.50 6.53 101.18
N GLY B 231 -58.48 7.04 100.51
CA GLY B 231 -58.63 8.21 99.66
C GLY B 231 -58.33 9.54 100.34
N ASP B 232 -58.81 10.60 99.69
CA ASP B 232 -58.58 11.96 100.17
C ASP B 232 -59.51 12.26 101.34
N PRO B 233 -58.99 12.50 102.55
CA PRO B 233 -59.86 12.71 103.71
C PRO B 233 -60.65 14.02 103.66
N TYR B 234 -60.27 14.96 102.80
CA TYR B 234 -61.01 16.21 102.67
C TYR B 234 -62.28 16.06 101.82
N LEU B 235 -62.45 14.92 101.15
CA LEU B 235 -63.68 14.68 100.39
C LEU B 235 -64.72 14.03 101.29
N PRO B 236 -65.96 14.54 101.31
CA PRO B 236 -66.99 13.90 102.13
C PRO B 236 -67.26 12.44 101.76
N GLU B 237 -66.91 12.01 100.55
CA GLU B 237 -67.00 10.60 100.19
C GLU B 237 -66.20 9.73 101.16
N ASN B 238 -65.07 10.24 101.66
CA ASN B 238 -64.18 9.51 102.54
C ASN B 238 -64.29 9.94 103.99
N ASP B 239 -65.32 10.73 104.32
CA ASP B 239 -65.63 11.02 105.71
C ASP B 239 -66.46 9.86 106.26
N ALA B 240 -65.89 9.10 107.19
CA ALA B 240 -66.59 7.94 107.72
C ALA B 240 -67.88 8.34 108.45
N SER B 241 -67.91 9.54 109.03
CA SER B 241 -69.08 9.96 109.79
C SER B 241 -70.30 10.18 108.92
N LEU B 242 -70.11 10.46 107.63
CA LEU B 242 -71.25 10.67 106.73
C LEU B 242 -71.83 9.37 106.19
N ASP B 243 -71.15 8.25 106.39
CA ASP B 243 -71.71 6.92 106.10
C ASP B 243 -71.53 6.05 107.34
N PRO B 244 -72.22 6.39 108.43
CA PRO B 244 -71.92 5.74 109.71
C PRO B 244 -72.37 4.29 109.80
N ASP B 245 -73.23 3.83 108.89
CA ASP B 245 -73.66 2.44 108.95
C ASP B 245 -72.53 1.48 108.63
N SER B 246 -71.51 1.93 107.91
CA SER B 246 -70.30 1.14 107.66
C SER B 246 -69.16 1.54 108.58
N TRP B 247 -69.43 2.35 109.60
CA TRP B 247 -68.41 2.86 110.49
C TRP B 247 -68.65 2.33 111.90
N THR B 248 -67.55 1.99 112.58
CA THR B 248 -67.65 1.62 113.99
C THR B 248 -67.82 2.83 114.90
N GLY B 249 -67.53 4.02 114.40
CA GLY B 249 -67.56 5.23 115.20
C GLY B 249 -66.24 5.59 115.83
N HIS B 250 -65.19 4.80 115.60
CA HIS B 250 -63.91 4.99 116.26
C HIS B 250 -62.86 5.48 115.27
N THR B 251 -61.97 6.33 115.76
CA THR B 251 -60.92 6.93 114.94
C THR B 251 -59.56 6.59 115.53
N GLY B 252 -58.64 6.15 114.68
CA GLY B 252 -57.28 5.86 115.07
C GLY B 252 -56.32 6.84 114.43
N CYS B 253 -55.19 7.06 115.08
CA CYS B 253 -54.14 7.91 114.54
C CYS B 253 -52.79 7.31 114.89
N VAL B 254 -51.94 7.16 113.89
CA VAL B 254 -50.59 6.61 114.08
C VAL B 254 -49.59 7.64 113.57
N ILE B 255 -48.68 8.04 114.44
CA ILE B 255 -47.57 8.92 114.09
C ILE B 255 -46.28 8.13 114.26
N LEU B 256 -45.43 8.16 113.23
CA LEU B 256 -44.13 7.52 113.30
C LEU B 256 -43.07 8.60 113.45
N ALA B 257 -42.28 8.53 114.52
CA ALA B 257 -41.26 9.54 114.81
C ALA B 257 -40.05 8.87 115.40
N PRO B 258 -39.19 8.28 114.57
CA PRO B 258 -37.97 7.63 115.09
C PRO B 258 -37.02 8.60 115.76
N HIS B 259 -37.11 9.91 115.45
CA HIS B 259 -36.22 10.88 116.08
C HIS B 259 -36.50 11.07 117.56
N LEU B 260 -37.58 10.50 118.09
CA LEU B 260 -37.91 10.63 119.51
C LEU B 260 -37.06 9.73 120.39
N THR B 261 -36.20 8.89 119.83
CA THR B 261 -35.37 8.02 120.66
C THR B 261 -34.23 8.76 121.35
N THR B 262 -34.01 10.03 121.01
CA THR B 262 -32.96 10.84 121.62
C THR B 262 -33.49 11.77 122.72
N MET B 263 -34.79 11.74 123.00
CA MET B 263 -35.32 12.49 124.14
C MET B 263 -34.69 12.00 125.44
N THR B 264 -34.48 12.92 126.37
CA THR B 264 -34.04 12.55 127.70
C THR B 264 -35.22 12.54 128.65
N LYS B 265 -35.17 11.62 129.62
CA LYS B 265 -36.25 11.54 130.60
C LYS B 265 -36.40 12.84 131.38
N LYS B 266 -35.29 13.50 131.67
CA LYS B 266 -35.34 14.73 132.46
C LYS B 266 -36.05 15.84 131.71
N SER B 267 -35.79 15.98 130.41
CA SER B 267 -36.39 17.07 129.64
C SER B 267 -37.88 16.87 129.42
N LEU B 268 -38.38 15.64 129.60
CA LEU B 268 -39.81 15.37 129.50
C LEU B 268 -40.54 15.64 130.80
N GLY B 269 -39.85 16.20 131.81
CA GLY B 269 -40.48 16.45 133.09
C GLY B 269 -40.63 15.24 133.98
N MET B 270 -39.90 14.16 133.70
CA MET B 270 -40.02 12.94 134.48
C MET B 270 -39.22 13.05 135.78
N PRO B 271 -39.64 12.34 136.82
CA PRO B 271 -39.00 12.51 138.13
C PRO B 271 -37.69 11.74 138.22
N HIS B 272 -36.87 12.16 139.17
CA HIS B 272 -35.67 11.40 139.50
C HIS B 272 -36.06 10.09 140.17
N TYR B 273 -35.15 9.12 140.10
CA TYR B 273 -35.41 7.81 140.69
C TYR B 273 -35.80 7.91 142.15
N ASP B 274 -35.25 8.89 142.88
CA ASP B 274 -35.55 9.01 144.30
C ASP B 274 -36.96 9.54 144.54
N ASP B 275 -37.51 10.30 143.61
CA ASP B 275 -38.80 10.95 143.78
C ASP B 275 -39.91 10.27 142.98
N ALA B 276 -39.70 9.04 142.53
CA ALA B 276 -40.65 8.33 141.70
C ALA B 276 -41.37 7.25 142.49
N THR B 277 -42.53 6.83 141.97
CA THR B 277 -43.26 5.71 142.55
C THR B 277 -42.60 4.40 142.16
N GLU B 278 -43.02 3.31 142.82
CA GLU B 278 -42.48 2.01 142.49
C GLU B 278 -42.82 1.60 141.06
N ARG B 279 -44.06 1.90 140.63
CA ARG B 279 -44.45 1.59 139.26
C ARG B 279 -43.62 2.39 138.25
N GLN B 280 -43.32 3.65 138.56
CA GLN B 280 -42.47 4.44 137.68
C GLN B 280 -41.06 3.86 137.61
N ARG B 281 -40.55 3.39 138.74
CA ARG B 281 -39.24 2.73 138.73
C ARG B 281 -39.29 1.42 137.95
N ARG B 282 -40.41 0.69 138.06
CA ARG B 282 -40.53 -0.57 137.32
C ARG B 282 -40.52 -0.32 135.82
N ASP B 283 -41.26 0.68 135.36
CA ASP B 283 -41.36 1.00 133.94
C ASP B 283 -40.21 1.86 133.43
N GLY B 284 -39.27 2.24 134.30
CA GLY B 284 -38.22 3.15 133.88
C GLY B 284 -38.68 4.55 133.59
N GLN B 285 -39.87 4.94 134.06
CA GLN B 285 -40.39 6.29 133.87
C GLN B 285 -39.74 7.29 134.83
N CYS B 286 -38.46 7.10 135.15
CA CYS B 286 -37.71 8.02 135.99
C CYS B 286 -36.25 7.97 135.55
N TRP B 287 -35.54 9.05 135.85
CA TRP B 287 -34.16 9.23 135.38
C TRP B 287 -33.19 9.28 136.54
N ARG B 288 -31.94 8.90 136.25
CA ARG B 288 -30.85 9.03 137.21
C ARG B 288 -29.81 10.02 136.71
N HIS B 289 -29.11 9.71 135.62
CA HIS B 289 -28.27 10.71 134.96
C HIS B 289 -29.13 11.58 134.06
N GLU B 290 -28.81 12.87 134.00
CA GLU B 290 -29.60 13.80 133.20
C GLU B 290 -29.61 13.44 131.73
N ASP B 291 -28.59 12.71 131.26
CA ASP B 291 -28.49 12.31 129.87
C ASP B 291 -29.28 11.04 129.56
N ASP B 292 -30.00 10.49 130.54
CA ASP B 292 -30.73 9.24 130.34
C ASP B 292 -31.81 9.42 129.29
N LEU B 293 -31.76 8.60 128.24
CA LEU B 293 -32.74 8.66 127.17
C LEU B 293 -34.05 8.03 127.59
N TYR B 294 -35.13 8.44 126.92
CA TYR B 294 -36.44 7.89 127.20
C TYR B 294 -36.47 6.40 126.86
N ASN B 295 -36.99 5.60 127.79
CA ASN B 295 -37.07 4.14 127.64
C ASN B 295 -35.69 3.52 127.43
N ASP B 296 -34.65 4.21 127.92
CA ASP B 296 -33.26 3.77 127.80
C ASP B 296 -32.85 3.61 126.34
N GLY B 297 -33.46 4.41 125.45
CA GLY B 297 -33.20 4.33 124.03
C GLY B 297 -33.86 3.16 123.32
N LYS B 298 -34.35 2.17 124.05
CA LYS B 298 -35.04 1.05 123.43
C LYS B 298 -36.29 1.51 122.70
N ALA B 299 -36.76 0.68 121.78
CA ALA B 299 -37.94 1.02 120.99
C ALA B 299 -39.15 1.14 121.90
N PHE B 300 -40.09 1.98 121.50
CA PHE B 300 -41.30 2.19 122.29
C PHE B 300 -42.38 2.78 121.40
N LYS B 301 -43.61 2.70 121.90
CA LYS B 301 -44.72 3.45 121.33
C LYS B 301 -45.61 3.93 122.48
N VAL B 302 -45.96 5.21 122.47
CA VAL B 302 -46.84 5.79 123.47
C VAL B 302 -48.24 5.87 122.89
N CYS B 303 -49.24 5.59 123.72
CA CYS B 303 -50.61 5.46 123.26
C CYS B 303 -51.54 6.12 124.26
N ALA B 304 -52.48 6.94 123.77
CA ALA B 304 -53.51 7.53 124.59
C ALA B 304 -54.87 7.18 124.00
N ARG B 305 -55.78 6.76 124.87
CA ARG B 305 -57.11 6.33 124.43
C ARG B 305 -58.01 6.23 125.64
N ASP B 306 -59.31 6.42 125.41
CA ASP B 306 -60.30 6.18 126.45
C ASP B 306 -61.62 5.71 125.85
N GLU B 307 -62.73 5.94 126.56
CA GLU B 307 -64.04 5.44 126.14
C GLU B 307 -64.61 6.18 124.94
N ARG B 308 -64.00 7.31 124.54
CA ARG B 308 -64.56 8.11 123.46
C ARG B 308 -64.37 7.48 122.09
N GLY B 309 -63.44 6.56 121.95
CA GLY B 309 -63.22 5.88 120.68
C GLY B 309 -62.14 6.45 119.79
N VAL B 310 -61.24 7.27 120.32
CA VAL B 310 -60.13 7.83 119.56
C VAL B 310 -58.83 7.40 120.22
N ILE B 311 -58.00 6.71 119.47
CA ILE B 311 -56.74 6.17 119.98
C ILE B 311 -55.60 6.78 119.16
N VAL B 312 -54.65 7.40 119.85
CA VAL B 312 -53.54 8.11 119.22
C VAL B 312 -52.25 7.45 119.66
N THR B 313 -51.46 6.98 118.70
CA THR B 313 -50.24 6.24 118.97
C THR B 313 -49.06 6.90 118.26
N VAL B 314 -47.96 7.06 118.98
CA VAL B 314 -46.69 7.52 118.42
C VAL B 314 -45.70 6.37 118.54
N ILE B 315 -45.10 5.98 117.41
CA ILE B 315 -44.14 4.88 117.38
C ILE B 315 -42.77 5.45 117.03
N ALA B 316 -41.81 5.30 117.94
CA ALA B 316 -40.46 5.79 117.72
C ALA B 316 -39.55 4.74 117.09
N ASP B 317 -40.05 3.99 116.12
CA ASP B 317 -39.27 2.98 115.42
C ASP B 317 -39.98 2.66 114.11
N ASN B 318 -39.22 2.62 113.02
CA ASN B 318 -39.80 2.47 111.70
C ASN B 318 -39.82 1.02 111.22
N TYR B 319 -39.52 0.05 112.08
CA TYR B 319 -39.67 -1.34 111.69
C TYR B 319 -41.13 -1.63 111.38
N PHE B 320 -41.38 -2.23 110.21
CA PHE B 320 -42.74 -2.33 109.68
C PHE B 320 -43.64 -3.21 110.53
N GLY B 321 -43.09 -4.10 111.35
CA GLY B 321 -43.93 -4.91 112.22
C GLY B 321 -44.75 -4.08 113.19
N TYR B 322 -44.17 -2.98 113.70
CA TYR B 322 -44.91 -2.14 114.64
C TYR B 322 -46.11 -1.48 113.97
N CYS B 323 -45.96 -1.04 112.72
CA CYS B 323 -47.06 -0.39 112.02
C CYS B 323 -48.23 -1.34 111.84
N LYS B 324 -47.96 -2.56 111.38
CA LYS B 324 -49.02 -3.53 111.15
C LYS B 324 -49.64 -3.98 112.47
N LYS B 325 -48.83 -4.16 113.50
CA LYS B 325 -49.37 -4.58 114.79
C LYS B 325 -50.10 -3.44 115.50
N GLU B 326 -49.74 -2.18 115.22
CA GLU B 326 -50.47 -1.07 115.81
C GLU B 326 -51.89 -0.99 115.25
N VAL B 327 -52.05 -1.28 113.95
CA VAL B 327 -53.39 -1.36 113.39
C VAL B 327 -54.17 -2.51 114.03
N LYS B 328 -53.49 -3.63 114.28
CA LYS B 328 -54.13 -4.73 115.00
C LYS B 328 -54.61 -4.28 116.38
N THR B 329 -53.80 -3.48 117.08
CA THR B 329 -54.20 -2.96 118.39
C THR B 329 -55.43 -2.07 118.28
N GLN B 330 -55.45 -1.17 117.29
CA GLN B 330 -56.58 -0.25 117.15
C GLN B 330 -57.83 -0.95 116.65
N ILE B 331 -57.68 -2.01 115.84
CA ILE B 331 -58.83 -2.83 115.50
C ILE B 331 -59.37 -3.53 116.74
N SER B 332 -58.47 -4.06 117.57
CA SER B 332 -58.89 -4.69 118.82
C SER B 332 -59.51 -3.67 119.78
N TYR B 333 -58.95 -2.46 119.82
CA TYR B 333 -59.54 -1.38 120.58
C TYR B 333 -60.95 -1.06 120.09
N SER B 334 -61.14 -0.99 118.77
CA SER B 334 -62.44 -0.66 118.21
C SER B 334 -63.45 -1.78 118.44
N ALA B 335 -63.00 -3.04 118.38
CA ALA B 335 -63.92 -4.16 118.59
C ALA B 335 -64.47 -4.18 120.01
N ASN B 336 -63.62 -3.91 121.00
CA ASN B 336 -64.07 -3.91 122.39
C ASN B 336 -65.08 -2.80 122.65
N LEU B 337 -64.83 -1.60 122.10
CA LEU B 337 -65.74 -0.49 122.31
C LEU B 337 -67.03 -0.64 121.51
N LEU B 338 -67.01 -1.44 120.44
CA LEU B 338 -68.20 -1.63 119.62
C LEU B 338 -69.14 -2.66 120.24
N GLY B 339 -68.63 -3.82 120.57
CA GLY B 339 -69.49 -4.89 121.06
C GLY B 339 -69.96 -5.78 119.94
N GLY B 340 -70.21 -7.05 120.28
CA GLY B 340 -70.60 -8.02 119.29
C GLY B 340 -69.51 -8.37 118.29
N ALA B 341 -68.28 -7.95 118.53
CA ALA B 341 -67.18 -8.19 117.61
C ALA B 341 -65.94 -8.61 118.41
N GLU B 342 -65.05 -9.34 117.75
CA GLU B 342 -63.80 -9.75 118.35
C GLU B 342 -62.66 -9.45 117.38
N GLU B 343 -61.48 -9.23 117.95
CA GLU B 343 -60.23 -9.19 117.20
C GLU B 343 -59.38 -10.35 117.69
N GLU B 344 -58.93 -11.19 116.77
CA GLU B 344 -58.25 -12.43 117.13
C GLU B 344 -56.88 -12.49 116.47
N HIS B 345 -55.91 -13.03 117.23
CA HIS B 345 -54.59 -13.40 116.70
C HIS B 345 -54.68 -14.86 116.29
N SER B 346 -55.21 -15.07 115.08
CA SER B 346 -55.65 -16.41 114.69
C SER B 346 -55.44 -16.63 113.20
N GLY B 347 -55.21 -17.89 112.84
CA GLY B 347 -55.28 -18.36 111.48
C GLY B 347 -56.46 -19.30 111.30
N GLY B 348 -56.64 -19.73 110.06
CA GLY B 348 -57.72 -20.65 109.76
C GLY B 348 -57.96 -20.73 108.26
N ALA B 349 -58.76 -21.73 107.89
CA ALA B 349 -59.07 -21.98 106.50
C ALA B 349 -60.29 -22.88 106.41
N GLU B 350 -60.89 -22.92 105.22
CA GLU B 350 -61.95 -23.86 104.91
C GLU B 350 -61.32 -25.13 104.33
N VAL B 351 -61.43 -26.23 105.06
CA VAL B 351 -60.74 -27.47 104.70
C VAL B 351 -61.74 -28.41 104.06
N TYR B 352 -61.58 -28.65 102.75
CA TYR B 352 -62.43 -29.58 102.02
C TYR B 352 -61.68 -30.89 101.84
N PRO B 353 -62.15 -32.00 102.43
CA PRO B 353 -61.43 -33.27 102.28
C PRO B 353 -61.45 -33.75 100.84
N ALA B 354 -60.41 -34.48 100.46
CA ALA B 354 -60.25 -34.98 99.11
C ALA B 354 -59.89 -36.45 99.12
N TRP B 355 -60.23 -37.13 98.02
CA TRP B 355 -59.95 -38.54 97.84
C TRP B 355 -59.41 -38.78 96.45
N ASN B 356 -58.42 -39.68 96.34
CA ASN B 356 -57.97 -40.18 95.06
C ASN B 356 -58.95 -41.28 94.62
N LEU B 357 -59.68 -41.02 93.54
CA LEU B 357 -60.71 -41.93 93.06
C LEU B 357 -60.21 -42.84 91.95
N ASN B 358 -58.91 -42.90 91.73
CA ASN B 358 -58.27 -43.82 90.77
C ASN B 358 -58.78 -43.50 89.37
N GLN B 359 -59.28 -44.47 88.61
CA GLN B 359 -59.64 -44.26 87.21
C GLN B 359 -61.14 -44.08 87.00
N ASP B 360 -61.96 -44.98 87.52
CA ASP B 360 -63.39 -44.96 87.30
C ASP B 360 -64.10 -44.58 88.58
N PHE B 361 -65.13 -43.75 88.45
CA PHE B 361 -65.92 -43.31 89.60
C PHE B 361 -67.30 -42.90 89.13
N THR B 362 -68.33 -43.46 89.78
CA THR B 362 -69.71 -43.14 89.46
C THR B 362 -70.28 -42.20 90.52
N ASP B 363 -70.90 -41.12 90.07
CA ASP B 363 -71.42 -40.11 90.97
C ASP B 363 -72.52 -40.68 91.85
N ARG B 364 -72.39 -40.47 93.17
CA ARG B 364 -73.38 -40.95 94.13
C ARG B 364 -74.06 -39.78 94.83
N THR B 365 -74.52 -38.79 94.06
CA THR B 365 -75.20 -37.64 94.63
C THR B 365 -76.52 -38.08 95.25
N PRO B 366 -76.76 -37.80 96.53
CA PRO B 366 -78.06 -38.17 97.14
C PRO B 366 -79.21 -37.47 96.44
N ASP B 367 -80.40 -38.07 96.57
CA ASP B 367 -81.57 -37.61 95.83
C ASP B 367 -81.98 -36.19 96.20
N ASP B 368 -81.43 -35.62 97.27
CA ASP B 368 -81.76 -34.24 97.64
C ASP B 368 -81.22 -33.22 96.64
N PHE B 369 -80.33 -33.61 95.73
CA PHE B 369 -79.69 -32.69 94.81
C PHE B 369 -79.87 -33.19 93.38
N THR B 370 -80.27 -32.27 92.48
CA THR B 370 -80.38 -32.57 91.07
C THR B 370 -79.81 -31.41 90.27
N LEU B 371 -79.43 -31.70 89.03
CA LEU B 371 -78.86 -30.65 88.18
C LEU B 371 -79.94 -29.69 87.69
N ALA B 372 -81.15 -30.20 87.42
CA ALA B 372 -82.24 -29.31 87.03
C ALA B 372 -82.57 -28.33 88.14
N ASP B 373 -82.49 -28.78 89.39
CA ASP B 373 -82.60 -27.87 90.54
C ASP B 373 -81.52 -26.80 90.47
N VAL B 374 -80.26 -27.22 90.26
CA VAL B 374 -79.16 -26.27 90.19
C VAL B 374 -79.36 -25.29 89.05
N ILE B 375 -79.78 -25.80 87.88
CA ILE B 375 -79.92 -24.95 86.70
C ILE B 375 -80.99 -23.89 86.93
N SER B 376 -82.22 -24.33 87.26
CA SER B 376 -83.33 -23.39 87.43
C SER B 376 -83.10 -22.39 88.56
N THR B 377 -82.18 -22.69 89.48
CA THR B 377 -81.88 -21.75 90.56
C THR B 377 -80.98 -20.62 90.08
N ASN B 378 -79.99 -20.94 89.23
CA ASN B 378 -79.02 -19.96 88.75
C ASN B 378 -78.97 -19.95 87.23
N ARG B 379 -80.14 -19.88 86.59
CA ARG B 379 -80.21 -19.92 85.13
C ARG B 379 -79.40 -18.81 84.51
N GLU B 380 -79.54 -17.58 85.02
CA GLU B 380 -78.87 -16.43 84.43
C GLU B 380 -77.36 -16.55 84.48
N LEU B 381 -76.83 -17.41 85.35
CA LEU B 381 -75.38 -17.60 85.46
C LEU B 381 -74.88 -18.81 84.69
N LEU B 382 -75.76 -19.69 84.23
CA LEU B 382 -75.36 -20.92 83.56
C LEU B 382 -75.52 -20.81 82.05
N ASP B 383 -74.81 -21.67 81.35
CA ASP B 383 -74.94 -21.87 79.91
C ASP B 383 -75.30 -23.33 79.70
N VAL B 384 -76.60 -23.61 79.56
CA VAL B 384 -77.06 -24.98 79.42
C VAL B 384 -76.60 -25.55 78.09
N ARG B 385 -75.90 -26.69 78.14
CA ARG B 385 -75.41 -27.29 76.91
C ARG B 385 -76.37 -28.37 76.40
N PRO B 386 -76.37 -28.62 75.09
CA PRO B 386 -77.33 -29.59 74.54
C PRO B 386 -77.21 -31.00 75.11
N GLU B 387 -76.01 -31.42 75.50
CA GLU B 387 -75.83 -32.79 75.99
C GLU B 387 -76.47 -33.01 77.35
N GLY B 388 -76.70 -31.96 78.12
CA GLY B 388 -77.37 -32.12 79.41
C GLY B 388 -76.58 -31.60 80.60
N TYR B 389 -75.56 -30.78 80.34
CA TYR B 389 -74.76 -30.17 81.38
C TYR B 389 -74.71 -28.65 81.14
N ALA B 390 -74.05 -27.94 82.05
CA ALA B 390 -74.00 -26.49 81.99
C ALA B 390 -72.63 -26.01 82.41
N VAL B 391 -72.28 -24.81 81.96
CA VAL B 391 -70.99 -24.19 82.24
C VAL B 391 -71.23 -22.87 82.95
N TYR B 392 -70.56 -22.69 84.09
CA TYR B 392 -70.66 -21.46 84.87
C TYR B 392 -70.10 -20.28 84.07
N LYS B 393 -70.96 -19.32 83.72
CA LYS B 393 -70.52 -18.21 82.88
C LYS B 393 -69.46 -17.32 83.53
N PRO B 394 -69.55 -16.94 84.81
CA PRO B 394 -68.47 -16.11 85.38
C PRO B 394 -67.11 -16.79 85.40
N GLU B 395 -67.05 -18.12 85.50
CA GLU B 395 -65.79 -18.86 85.45
C GLU B 395 -66.00 -20.13 84.63
N PRO B 396 -65.69 -20.09 83.33
CA PRO B 396 -66.07 -21.21 82.45
C PRO B 396 -65.33 -22.51 82.74
N ASN B 397 -64.28 -22.50 83.57
CA ASN B 397 -63.63 -23.74 83.97
C ASN B 397 -64.43 -24.50 85.02
N ILE B 398 -65.56 -23.97 85.46
CA ILE B 398 -66.46 -24.68 86.36
C ILE B 398 -67.57 -25.29 85.52
N VAL B 399 -67.68 -26.62 85.55
CA VAL B 399 -68.67 -27.35 84.76
C VAL B 399 -69.56 -28.14 85.72
N PHE B 400 -70.86 -28.05 85.52
CA PHE B 400 -71.83 -28.75 86.36
C PHE B 400 -72.27 -30.02 85.63
N ILE B 401 -72.03 -31.17 86.27
CA ILE B 401 -72.27 -32.47 85.66
C ILE B 401 -73.54 -33.08 86.26
N PRO B 402 -74.41 -33.68 85.46
CA PRO B 402 -75.63 -34.30 86.02
C PRO B 402 -75.30 -35.37 87.03
N GLU B 403 -76.19 -35.55 88.00
CA GLU B 403 -75.99 -36.57 89.01
C GLU B 403 -76.01 -37.96 88.38
N HIS B 404 -75.40 -38.91 89.09
CA HIS B 404 -75.28 -40.32 88.70
C HIS B 404 -74.40 -40.53 87.47
N SER B 405 -73.67 -39.50 87.02
CA SER B 405 -72.81 -39.64 85.86
C SER B 405 -71.62 -40.54 86.17
N HIS B 406 -70.97 -41.00 85.11
CA HIS B 406 -69.80 -41.87 85.22
C HIS B 406 -68.58 -41.11 84.72
N TYR B 407 -67.58 -40.98 85.58
CA TYR B 407 -66.30 -40.38 85.22
C TYR B 407 -65.27 -41.49 85.04
N SER B 408 -64.54 -41.44 83.93
CA SER B 408 -63.51 -42.42 83.62
C SER B 408 -62.25 -41.70 83.19
N MET B 409 -61.15 -41.94 83.90
CA MET B 409 -59.87 -41.36 83.50
C MET B 409 -59.26 -42.11 82.33
N ARG B 410 -59.46 -43.43 82.26
CA ARG B 410 -58.90 -44.22 81.16
C ARG B 410 -59.46 -43.76 79.83
N THR B 411 -60.79 -43.82 79.66
CA THR B 411 -61.41 -43.31 78.45
C THR B 411 -61.44 -41.79 78.39
N GLN B 412 -61.16 -41.11 79.52
CA GLN B 412 -61.15 -39.65 79.60
C GLN B 412 -62.48 -39.05 79.19
N THR B 413 -63.57 -39.69 79.61
CA THR B 413 -64.91 -39.22 79.27
C THR B 413 -65.77 -39.15 80.52
N ILE B 414 -66.79 -38.31 80.46
CA ILE B 414 -67.85 -38.24 81.44
C ILE B 414 -69.14 -38.60 80.72
N SER B 415 -69.77 -39.70 81.11
CA SER B 415 -70.93 -40.21 80.42
C SER B 415 -72.13 -40.26 81.36
N TRP B 416 -73.31 -40.05 80.78
CA TRP B 416 -74.58 -40.12 81.50
C TRP B 416 -75.70 -40.29 80.48
N THR B 417 -76.93 -40.35 80.98
CA THR B 417 -78.12 -40.47 80.12
C THR B 417 -78.97 -39.21 80.31
N ALA B 418 -79.26 -38.54 79.20
CA ALA B 418 -80.07 -37.33 79.21
C ALA B 418 -80.80 -37.21 77.89
N HIS B 419 -82.06 -36.79 77.95
CA HIS B 419 -82.92 -36.65 76.78
C HIS B 419 -83.07 -37.99 76.05
N GLY B 420 -83.43 -39.02 76.80
CA GLY B 420 -83.66 -40.34 76.26
C GLY B 420 -82.53 -40.89 75.43
N ALA B 421 -81.29 -40.53 75.77
CA ALA B 421 -80.13 -40.97 75.03
C ALA B 421 -78.91 -40.95 75.94
N GLU B 422 -77.91 -41.74 75.56
CA GLU B 422 -76.66 -41.82 76.32
C GLU B 422 -75.69 -40.75 75.83
N GLN B 423 -75.19 -39.95 76.76
CA GLN B 423 -74.36 -38.80 76.44
C GLN B 423 -72.90 -39.07 76.81
N THR B 424 -72.01 -38.32 76.17
CA THR B 424 -70.57 -38.44 76.43
C THR B 424 -69.91 -37.13 76.10
N ILE B 425 -69.09 -36.63 77.04
CA ILE B 425 -68.25 -35.46 76.81
C ILE B 425 -66.83 -35.80 77.25
N LYS B 426 -65.89 -34.96 76.82
CA LYS B 426 -64.49 -35.20 77.13
C LYS B 426 -64.15 -34.65 78.51
N LEU B 427 -63.60 -35.50 79.37
CA LEU B 427 -63.13 -35.09 80.69
C LEU B 427 -61.81 -34.36 80.52
N LEU B 428 -61.87 -33.03 80.48
CA LEU B 428 -60.68 -32.22 80.23
C LEU B 428 -59.94 -31.93 81.52
N ALA B 429 -58.62 -31.85 81.42
CA ALA B 429 -57.81 -31.38 82.54
C ALA B 429 -57.97 -29.88 82.69
N GLY B 430 -57.76 -29.39 83.91
CA GLY B 430 -57.96 -27.99 84.18
C GLY B 430 -59.39 -27.56 84.36
N LYS B 431 -60.36 -28.45 84.14
CA LYS B 431 -61.76 -28.18 84.37
C LYS B 431 -62.20 -28.74 85.72
N HIS B 432 -63.15 -28.06 86.36
CA HIS B 432 -63.68 -28.46 87.65
C HIS B 432 -65.12 -28.94 87.45
N TYR B 433 -65.33 -30.24 87.61
CA TYR B 433 -66.62 -30.86 87.35
C TYR B 433 -67.38 -31.02 88.66
N LEU B 434 -68.44 -30.24 88.82
CA LEU B 434 -69.21 -30.18 90.06
C LEU B 434 -70.51 -30.95 89.91
N SER B 435 -70.71 -31.94 90.78
CA SER B 435 -71.99 -32.62 90.88
C SER B 435 -73.02 -31.69 91.52
N PRO B 436 -74.31 -32.01 91.40
CA PRO B 436 -75.34 -31.09 91.91
C PRO B 436 -75.20 -30.75 93.39
N ASP B 437 -74.45 -31.53 94.17
CA ASP B 437 -74.22 -31.22 95.57
C ASP B 437 -72.87 -30.54 95.80
N GLY B 438 -72.20 -30.10 94.74
CA GLY B 438 -70.93 -29.41 94.86
C GLY B 438 -69.71 -30.31 94.85
N TYR B 439 -69.89 -31.63 94.93
CA TYR B 439 -68.77 -32.55 94.88
C TYR B 439 -68.03 -32.40 93.56
N ARG B 440 -66.71 -32.29 93.62
CA ARG B 440 -65.90 -31.94 92.47
C ARG B 440 -65.02 -33.12 92.04
N ILE B 441 -64.93 -33.32 90.73
CA ILE B 441 -64.00 -34.24 90.12
C ILE B 441 -63.06 -33.45 89.23
N HIS B 442 -61.76 -33.73 89.33
CA HIS B 442 -60.81 -33.17 88.38
C HIS B 442 -59.70 -34.18 88.13
N ALA B 443 -59.09 -34.08 86.95
CA ALA B 443 -58.00 -34.97 86.55
C ALA B 443 -56.67 -34.43 87.06
N LYS B 444 -55.82 -35.33 87.51
CA LYS B 444 -54.51 -34.95 88.04
C LYS B 444 -53.53 -36.07 87.79
N HIS B 445 -52.27 -35.69 87.55
CA HIS B 445 -51.19 -36.66 87.46
C HIS B 445 -50.36 -36.62 88.74
N ARG B 446 -49.68 -37.74 89.00
CA ARG B 446 -48.91 -37.86 90.23
C ARG B 446 -47.71 -36.92 90.20
N GLU B 447 -47.20 -36.62 91.40
CA GLU B 447 -46.06 -35.72 91.51
C GLU B 447 -44.81 -36.34 90.89
N MET B 448 -44.60 -37.63 91.10
CA MET B 448 -43.38 -38.31 90.68
C MET B 448 -43.51 -38.99 89.33
N ASP B 449 -44.59 -38.73 88.60
CA ASP B 449 -44.77 -39.30 87.26
C ASP B 449 -45.93 -38.62 86.55
N ALA B 450 -45.63 -37.76 85.58
CA ALA B 450 -46.67 -37.07 84.83
C ALA B 450 -47.48 -38.00 83.93
N THR B 451 -47.07 -39.26 83.78
CA THR B 451 -47.79 -40.21 82.93
C THR B 451 -48.80 -41.05 83.70
N GLN B 452 -48.87 -40.92 85.03
CA GLN B 452 -49.87 -41.62 85.82
C GLN B 452 -50.98 -40.63 86.16
N TRP B 453 -52.16 -40.83 85.58
CA TRP B 453 -53.30 -39.95 85.76
C TRP B 453 -54.39 -40.65 86.57
N HIS B 454 -55.18 -39.84 87.27
CA HIS B 454 -56.23 -40.35 88.14
C HIS B 454 -57.18 -39.20 88.48
N LEU B 455 -58.39 -39.56 88.90
CA LEU B 455 -59.39 -38.59 89.30
C LEU B 455 -59.22 -38.27 90.79
N ILE B 456 -59.49 -37.02 91.14
CA ILE B 456 -59.52 -36.57 92.52
C ILE B 456 -60.92 -36.08 92.83
N GLY B 457 -61.50 -36.59 93.91
CA GLY B 457 -62.81 -36.16 94.37
C GLY B 457 -62.67 -35.24 95.56
N THR B 458 -63.23 -34.04 95.44
CA THR B 458 -63.16 -33.03 96.49
C THR B 458 -64.56 -32.81 97.05
N SER B 459 -64.76 -33.17 98.31
CA SER B 459 -66.04 -32.97 98.97
C SER B 459 -66.34 -31.49 99.10
N SER B 460 -67.61 -31.14 98.96
CA SER B 460 -68.08 -29.77 99.16
C SER B 460 -68.52 -29.51 100.60
N ARG B 461 -68.28 -30.46 101.50
CA ARG B 461 -68.60 -30.29 102.93
C ARG B 461 -67.40 -29.65 103.61
N ALA B 462 -67.40 -28.32 103.65
CA ALA B 462 -66.29 -27.58 104.25
C ALA B 462 -66.27 -27.80 105.75
N VAL B 463 -65.09 -28.16 106.27
CA VAL B 463 -64.86 -28.15 107.70
C VAL B 463 -63.97 -26.95 108.01
N THR B 464 -64.58 -25.80 108.27
CA THR B 464 -63.83 -24.58 108.47
C THR B 464 -63.16 -24.59 109.82
N CYS B 465 -61.85 -24.35 109.83
CA CYS B 465 -61.03 -24.45 111.03
C CYS B 465 -60.61 -23.05 111.50
N HIS B 466 -60.42 -22.94 112.81
CA HIS B 466 -60.06 -21.69 113.46
C HIS B 466 -59.00 -21.99 114.49
N LYS B 467 -57.83 -21.36 114.35
CA LYS B 467 -56.67 -21.61 115.20
C LYS B 467 -56.32 -20.32 115.93
N PRO B 468 -57.01 -20.01 117.03
CA PRO B 468 -56.78 -18.74 117.73
C PRO B 468 -55.84 -18.86 118.91
N ALA B 469 -55.45 -17.72 119.49
CA ALA B 469 -54.72 -17.67 120.76
C ALA B 469 -53.56 -18.64 120.78
N THR B 470 -52.85 -18.72 119.66
CA THR B 470 -51.75 -19.66 119.47
C THR B 470 -50.42 -18.92 119.65
N VAL B 471 -49.60 -19.39 120.58
CA VAL B 471 -48.33 -18.76 120.91
C VAL B 471 -47.40 -18.83 119.69
N SER B 472 -46.34 -18.03 119.71
CA SER B 472 -45.36 -18.07 118.63
C SER B 472 -44.71 -19.44 118.58
N GLY B 473 -44.80 -20.10 117.43
CA GLY B 473 -44.30 -21.44 117.27
C GLY B 473 -45.35 -22.52 117.39
N GLY B 474 -46.60 -22.16 117.67
CA GLY B 474 -47.66 -23.13 117.79
C GLY B 474 -48.25 -23.62 116.49
N GLY B 475 -47.95 -22.94 115.38
CA GLY B 475 -48.40 -23.38 114.07
C GLY B 475 -49.62 -22.64 113.55
N LYS B 476 -49.71 -21.35 113.84
CA LYS B 476 -50.89 -20.58 113.46
C LYS B 476 -51.12 -20.59 111.95
N SER B 477 -50.07 -20.33 111.17
CA SER B 477 -50.20 -20.28 109.72
C SER B 477 -50.23 -21.67 109.08
N GLU B 478 -49.74 -22.69 109.78
CA GLU B 478 -49.70 -24.04 109.22
C GLU B 478 -51.09 -24.64 108.99
N ILE B 479 -52.14 -24.06 109.56
CA ILE B 479 -53.47 -24.63 109.40
C ILE B 479 -54.03 -24.36 108.02
N SER B 480 -53.58 -23.29 107.35
CA SER B 480 -54.04 -22.96 106.01
C SER B 480 -53.07 -23.39 104.92
N LYS B 481 -51.89 -23.86 105.29
CA LYS B 481 -50.90 -24.32 104.32
C LYS B 481 -51.30 -25.70 103.79
N SER B 482 -51.22 -25.88 102.48
CA SER B 482 -51.51 -27.17 101.90
C SER B 482 -50.49 -28.21 102.34
N ILE B 483 -50.92 -29.48 102.36
CA ILE B 483 -50.06 -30.56 102.83
C ILE B 483 -49.38 -31.29 101.69
N SER B 484 -49.61 -30.87 100.44
CA SER B 484 -49.02 -31.55 99.29
C SER B 484 -47.50 -31.55 99.36
N ASP B 485 -46.90 -30.39 99.65
CA ASP B 485 -45.45 -30.27 99.68
C ASP B 485 -44.83 -30.94 100.90
N ALA B 486 -45.62 -31.58 101.75
CA ALA B 486 -45.11 -32.39 102.84
C ALA B 486 -45.03 -33.87 102.49
N PHE B 487 -45.42 -34.24 101.27
CA PHE B 487 -45.47 -35.65 100.89
C PHE B 487 -44.07 -36.21 100.69
N VAL B 488 -43.82 -37.36 101.33
CA VAL B 488 -42.61 -38.14 101.11
C VAL B 488 -42.97 -39.33 100.22
N PHE B 489 -42.24 -39.49 99.13
CA PHE B 489 -42.56 -40.51 98.13
C PHE B 489 -41.58 -41.68 98.24
N GLY B 490 -42.11 -42.89 98.19
CA GLY B 490 -41.30 -44.08 98.26
C GLY B 490 -41.72 -45.15 97.26
N ASN B 491 -41.39 -46.40 97.56
CA ASN B 491 -41.72 -47.51 96.67
C ASN B 491 -42.23 -48.69 97.51
N ALA B 492 -42.90 -49.62 96.83
CA ALA B 492 -43.48 -50.79 97.49
C ALA B 492 -42.43 -51.90 97.54
N PHE B 493 -42.13 -52.37 98.74
CA PHE B 493 -41.15 -53.42 98.94
C PHE B 493 -41.83 -54.78 99.09
N SER B 494 -41.01 -55.83 99.04
CA SER B 494 -41.51 -57.19 99.23
C SER B 494 -40.36 -58.15 99.49
N HIS B 495 -40.33 -58.75 100.68
CA HIS B 495 -39.30 -59.74 100.99
C HIS B 495 -39.49 -61.03 100.20
N ASP B 496 -40.68 -61.27 99.67
CA ASP B 496 -40.96 -62.46 98.87
C ASP B 496 -42.22 -62.18 98.07
N ILE B 497 -42.05 -61.86 96.79
CA ILE B 497 -43.19 -61.41 95.98
C ILE B 497 -44.10 -62.59 95.62
N ASP B 498 -43.55 -63.78 95.45
CA ASP B 498 -44.37 -64.92 95.06
C ASP B 498 -45.11 -65.54 96.23
N SER B 499 -44.52 -65.49 97.43
CA SER B 499 -45.21 -66.00 98.61
C SER B 499 -46.27 -65.03 99.12
N ALA B 500 -46.09 -63.74 98.88
CA ALA B 500 -47.06 -62.75 99.34
C ALA B 500 -48.31 -62.74 98.47
N MET B 501 -48.14 -62.84 97.14
CA MET B 501 -49.30 -62.87 96.25
C MET B 501 -50.13 -64.13 96.45
N ASP B 502 -49.50 -65.22 96.90
CA ASP B 502 -50.26 -66.42 97.27
C ASP B 502 -51.19 -66.13 98.45
N GLN B 503 -50.68 -65.40 99.44
CA GLN B 503 -51.51 -65.04 100.59
C GLN B 503 -52.56 -63.99 100.20
N VAL B 504 -52.24 -63.12 99.25
CA VAL B 504 -53.24 -62.17 98.74
C VAL B 504 -54.33 -62.91 97.97
N GLN B 505 -53.93 -63.87 97.13
CA GLN B 505 -54.91 -64.70 96.44
C GLN B 505 -55.74 -65.52 97.43
N ALA B 506 -55.13 -65.90 98.56
CA ALA B 506 -55.89 -66.59 99.61
C ALA B 506 -56.85 -65.63 100.30
N LEU B 507 -56.40 -64.40 100.57
CA LEU B 507 -57.29 -63.41 101.18
C LEU B 507 -58.45 -63.06 100.27
N PHE B 508 -58.22 -63.04 98.95
CA PHE B 508 -59.30 -62.81 98.00
C PHE B 508 -60.32 -63.94 98.00
N ASP B 509 -59.96 -65.11 98.53
CA ASP B 509 -60.85 -66.26 98.55
C ASP B 509 -61.33 -66.56 99.98
N THR B 510 -61.87 -65.55 100.67
CA THR B 510 -62.38 -65.72 102.01
C THR B 510 -63.85 -65.29 102.07
N ASP B 511 -64.58 -65.85 103.03
CA ASP B 511 -66.01 -65.60 103.17
C ASP B 511 -66.27 -64.18 103.65
N PHE B 512 -66.49 -63.25 102.72
CA PHE B 512 -66.77 -61.87 103.07
C PHE B 512 -68.22 -61.63 103.44
N THR B 513 -69.12 -62.57 103.12
CA THR B 513 -70.52 -62.41 103.49
C THR B 513 -70.78 -62.68 104.96
N ASN B 514 -69.79 -63.19 105.69
CA ASN B 514 -69.96 -63.58 107.08
C ASN B 514 -69.37 -62.55 108.06
N ARG B 515 -68.83 -61.43 107.55
CA ARG B 515 -68.12 -60.49 108.41
C ARG B 515 -69.07 -59.73 109.33
N PHE B 516 -70.24 -59.34 108.83
CA PHE B 516 -71.12 -58.44 109.57
C PHE B 516 -71.58 -59.09 110.87
N ALA B 517 -71.47 -58.33 111.96
CA ALA B 517 -71.93 -58.83 113.26
C ALA B 517 -73.45 -59.00 113.27
N ASP B 518 -74.18 -57.96 112.84
CA ASP B 518 -75.62 -58.05 112.68
C ASP B 518 -75.93 -59.10 111.63
N ALA B 519 -76.48 -60.25 112.07
CA ALA B 519 -76.69 -61.38 111.17
C ALA B 519 -77.61 -61.05 110.01
N SER B 520 -78.40 -59.98 110.11
CA SER B 520 -79.27 -59.59 109.01
C SER B 520 -78.49 -59.10 107.80
N ARG B 521 -77.32 -58.50 108.03
CA ARG B 521 -76.50 -57.99 106.94
C ARG B 521 -75.65 -59.08 106.30
N ASN B 522 -75.52 -60.25 106.92
CA ASN B 522 -74.77 -61.34 106.34
C ASN B 522 -75.51 -61.91 105.11
N GLY B 523 -74.73 -62.51 104.21
CA GLY B 523 -75.31 -63.09 103.02
C GLY B 523 -75.97 -62.10 102.09
N THR B 524 -75.55 -60.83 102.12
CA THR B 524 -76.09 -59.81 101.22
C THR B 524 -75.02 -59.06 100.45
N ASP B 525 -73.73 -59.24 100.76
CA ASP B 525 -72.63 -58.61 100.07
C ASP B 525 -71.70 -59.71 99.57
N HIS B 526 -72.01 -60.24 98.38
CA HIS B 526 -71.22 -61.30 97.77
C HIS B 526 -70.23 -60.78 96.74
N ARG B 527 -69.95 -59.48 96.76
CA ARG B 527 -69.01 -58.92 95.80
C ARG B 527 -67.59 -59.36 96.12
N PRO B 528 -66.82 -59.79 95.14
CA PRO B 528 -65.39 -60.05 95.37
C PRO B 528 -64.66 -58.75 95.66
N VAL B 529 -63.37 -58.90 96.04
CA VAL B 529 -62.57 -57.73 96.37
C VAL B 529 -62.33 -56.88 95.12
N LEU B 530 -61.97 -57.53 94.01
CA LEU B 530 -61.72 -56.84 92.75
C LEU B 530 -62.99 -56.53 91.97
N SER B 531 -64.15 -56.59 92.63
CA SER B 531 -65.41 -56.29 91.96
C SER B 531 -65.39 -54.87 91.40
N ILE B 532 -65.85 -54.73 90.15
CA ILE B 532 -65.93 -53.42 89.52
C ILE B 532 -66.91 -52.51 90.25
N ASP B 533 -67.84 -53.10 91.00
CA ASP B 533 -68.78 -52.34 91.82
C ASP B 533 -68.24 -52.02 93.20
N ARG B 534 -67.00 -52.41 93.50
CA ARG B 534 -66.39 -52.21 94.81
C ARG B 534 -65.25 -51.20 94.67
N SER B 535 -65.33 -50.10 95.41
CA SER B 535 -64.35 -49.04 95.30
C SER B 535 -63.08 -49.40 96.05
N LEU B 536 -62.15 -48.46 96.15
CA LEU B 536 -60.89 -48.70 96.84
C LEU B 536 -61.05 -48.58 98.35
N GLY B 537 -61.80 -47.57 98.82
CA GLY B 537 -62.00 -47.42 100.24
C GLY B 537 -62.80 -48.55 100.85
N SER B 538 -63.74 -49.12 100.10
CA SER B 538 -64.57 -50.20 100.62
C SER B 538 -63.74 -51.45 100.93
N VAL B 539 -62.69 -51.70 100.16
CA VAL B 539 -61.79 -52.81 100.47
C VAL B 539 -60.98 -52.50 101.72
N ILE B 540 -60.57 -51.23 101.88
CA ILE B 540 -59.86 -50.83 103.09
C ILE B 540 -60.80 -50.88 104.29
N LYS B 541 -62.08 -50.56 104.10
CA LYS B 541 -63.05 -50.74 105.17
C LYS B 541 -63.27 -52.22 105.48
N LEU B 542 -63.15 -53.09 104.47
CA LEU B 542 -63.41 -54.51 104.68
C LEU B 542 -62.31 -55.16 105.52
N LEU B 543 -61.07 -54.73 105.34
CA LEU B 543 -59.93 -55.34 106.02
C LEU B 543 -59.53 -54.59 107.29
N THR B 544 -60.33 -53.60 107.72
CA THR B 544 -60.04 -52.87 108.95
C THR B 544 -60.90 -53.40 110.08
N PRO B 545 -60.32 -53.79 111.21
CA PRO B 545 -61.14 -54.33 112.32
C PRO B 545 -62.06 -53.27 112.89
N SER B 546 -63.36 -53.52 112.79
CA SER B 546 -64.38 -52.61 113.30
C SER B 546 -65.26 -53.33 114.31
N ILE B 547 -66.14 -52.57 114.96
CA ILE B 547 -67.11 -53.17 115.86
C ILE B 547 -68.34 -53.67 115.11
N GLN B 548 -68.59 -53.16 113.92
CA GLN B 548 -69.71 -53.64 113.11
C GLN B 548 -69.53 -55.08 112.67
N TYR B 549 -68.32 -55.61 112.75
CA TYR B 549 -68.06 -57.01 112.45
C TYR B 549 -68.09 -57.85 113.73
N ASN B 550 -68.33 -59.15 113.56
CA ASN B 550 -68.34 -60.05 114.70
C ASN B 550 -66.91 -60.26 115.20
N ASP B 551 -66.81 -60.90 116.37
CA ASP B 551 -65.51 -61.15 116.97
C ASP B 551 -64.70 -62.18 116.19
N GLU B 552 -65.35 -63.02 115.39
CA GLU B 552 -64.63 -64.01 114.60
C GLU B 552 -63.93 -63.36 113.41
N TYR B 553 -64.56 -62.35 112.81
CA TYR B 553 -63.97 -61.68 111.66
C TYR B 553 -62.94 -60.64 112.08
N ASN B 554 -63.10 -60.04 113.26
CA ASN B 554 -62.10 -59.08 113.75
C ASN B 554 -60.79 -59.77 114.10
N ALA B 555 -60.87 -60.96 114.74
CA ALA B 555 -59.65 -61.72 115.01
C ALA B 555 -58.99 -62.20 113.72
N PHE B 556 -59.78 -62.34 112.65
CA PHE B 556 -59.21 -62.71 111.36
C PHE B 556 -58.43 -61.55 110.75
N LEU B 557 -59.02 -60.35 110.79
CA LEU B 557 -58.32 -59.17 110.26
C LEU B 557 -57.08 -58.86 111.07
N GLU B 558 -57.13 -59.09 112.38
CA GLU B 558 -55.97 -58.84 113.24
C GLU B 558 -54.87 -59.88 113.06
N GLY B 559 -55.10 -60.91 112.24
CA GLY B 559 -54.13 -61.95 112.00
C GLY B 559 -53.41 -61.90 110.66
N ILE B 560 -53.62 -60.85 109.88
CA ILE B 560 -52.98 -60.70 108.58
C ILE B 560 -51.75 -59.82 108.74
N GLU B 561 -50.71 -60.12 107.96
CA GLU B 561 -49.48 -59.33 108.00
C GLU B 561 -49.68 -58.02 107.25
N PRO B 562 -49.14 -56.91 107.76
CA PRO B 562 -49.22 -55.65 107.02
C PRO B 562 -48.59 -55.70 105.64
N ASP B 563 -47.69 -56.65 105.39
CA ASP B 563 -47.15 -56.82 104.04
C ASP B 563 -48.23 -57.30 103.09
N VAL B 564 -49.04 -58.28 103.53
CA VAL B 564 -50.10 -58.81 102.69
C VAL B 564 -51.25 -57.82 102.60
N LYS B 565 -51.52 -57.09 103.69
CA LYS B 565 -52.63 -56.14 103.70
C LYS B 565 -52.37 -55.00 102.72
N GLU B 566 -51.18 -54.39 102.79
CA GLU B 566 -50.86 -53.31 101.86
C GLU B 566 -50.75 -53.82 100.43
N LEU B 567 -50.20 -55.03 100.25
CA LEU B 567 -50.13 -55.60 98.91
C LEU B 567 -51.50 -55.87 98.34
N ALA B 568 -52.46 -56.25 99.19
CA ALA B 568 -53.84 -56.43 98.72
C ALA B 568 -54.45 -55.10 98.30
N PHE B 569 -54.24 -54.05 99.10
CA PHE B 569 -54.67 -52.72 98.69
C PHE B 569 -53.94 -52.26 97.43
N THR B 570 -52.68 -52.67 97.29
CA THR B 570 -51.89 -52.26 96.12
C THR B 570 -52.50 -52.82 94.84
N VAL B 571 -52.76 -54.12 94.81
CA VAL B 571 -53.35 -54.72 93.61
C VAL B 571 -54.78 -54.22 93.42
N LYS B 572 -55.53 -54.06 94.52
CA LYS B 572 -56.89 -53.54 94.41
C LYS B 572 -56.90 -52.18 93.73
N ARG B 573 -56.00 -51.28 94.14
CA ARG B 573 -55.91 -49.97 93.53
C ARG B 573 -55.65 -50.08 92.03
N TYR B 574 -54.52 -50.67 91.65
CA TYR B 574 -54.10 -50.73 90.26
C TYR B 574 -54.80 -51.82 89.46
N TYR B 575 -55.77 -52.52 90.04
CA TYR B 575 -56.46 -53.57 89.29
C TYR B 575 -57.30 -52.98 88.18
N LEU B 576 -57.24 -53.62 87.01
CA LEU B 576 -58.08 -53.26 85.87
C LEU B 576 -58.77 -54.53 85.40
N PRO B 577 -60.11 -54.57 85.38
CA PRO B 577 -60.80 -55.77 84.88
C PRO B 577 -60.71 -55.91 83.38
N GLU B 578 -59.82 -55.15 82.75
CA GLU B 578 -59.56 -55.31 81.32
C GLU B 578 -59.07 -56.71 80.98
N TRP B 579 -58.49 -57.42 81.96
CA TRP B 579 -58.23 -58.85 81.84
C TRP B 579 -58.88 -59.64 82.97
N GLY B 580 -58.69 -59.21 84.23
CA GLY B 580 -59.35 -59.82 85.35
C GLY B 580 -58.94 -61.24 85.68
N GLU B 581 -58.16 -61.90 84.82
CA GLU B 581 -57.75 -63.29 85.06
C GLU B 581 -56.44 -63.33 85.85
N ASP B 582 -55.33 -63.03 85.17
CA ASP B 582 -54.01 -63.12 85.79
C ASP B 582 -53.52 -61.72 86.19
N TRP B 583 -54.14 -61.21 87.25
CA TRP B 583 -53.59 -60.01 87.88
C TRP B 583 -52.19 -60.27 88.42
N ARG B 584 -51.89 -61.54 88.74
CA ARG B 584 -50.57 -61.92 89.23
C ARG B 584 -49.47 -61.61 88.23
N SER B 585 -49.80 -61.51 86.94
CA SER B 585 -48.78 -61.26 85.92
C SER B 585 -48.37 -59.78 85.88
N HIS B 586 -49.29 -58.86 86.17
CA HIS B 586 -48.97 -57.45 86.09
C HIS B 586 -47.98 -57.00 87.15
N PHE B 587 -47.80 -57.79 88.21
CA PHE B 587 -46.98 -57.40 89.35
C PHE B 587 -45.74 -58.29 89.40
N THR B 588 -44.58 -57.73 89.07
CA THR B 588 -43.31 -58.43 89.06
C THR B 588 -42.30 -57.64 89.88
N VAL B 589 -41.12 -58.22 90.04
CA VAL B 589 -39.98 -57.54 90.63
C VAL B 589 -38.83 -57.61 89.64
N GLY B 590 -38.01 -56.56 89.64
CA GLY B 590 -36.88 -56.52 88.74
C GLY B 590 -35.77 -57.46 89.16
N ILE B 591 -34.88 -57.76 88.22
CA ILE B 591 -33.72 -58.60 88.46
C ILE B 591 -32.48 -57.76 88.18
N MET B 592 -31.71 -57.50 89.23
CA MET B 592 -30.48 -56.71 89.14
C MET B 592 -29.27 -57.60 89.40
N ASN B 593 -28.30 -57.55 88.49
CA ASN B 593 -27.07 -58.31 88.63
C ASN B 593 -27.34 -59.80 88.84
N GLY B 594 -28.35 -60.31 88.14
CA GLY B 594 -28.73 -61.70 88.29
C GLY B 594 -29.37 -62.05 89.61
N ARG B 595 -29.84 -61.06 90.36
CA ARG B 595 -30.48 -61.29 91.65
C ARG B 595 -31.80 -60.54 91.70
N HIS B 596 -32.81 -61.16 92.30
CA HIS B 596 -34.14 -60.58 92.33
C HIS B 596 -34.21 -59.41 93.30
N GLY B 597 -34.84 -58.32 92.85
CA GLY B 597 -35.01 -57.14 93.68
C GLY B 597 -36.22 -57.23 94.57
N ASN B 598 -36.38 -56.22 95.43
CA ASN B 598 -37.46 -56.19 96.40
C ASN B 598 -38.53 -55.16 96.08
N MET B 599 -38.31 -54.29 95.10
CA MET B 599 -39.27 -53.24 94.77
C MET B 599 -40.38 -53.82 93.88
N VAL B 600 -41.63 -53.68 94.34
CA VAL B 600 -42.77 -54.19 93.58
C VAL B 600 -42.99 -53.33 92.35
N ARG B 601 -43.07 -53.99 91.19
CA ARG B 601 -43.20 -53.30 89.91
C ARG B 601 -44.52 -53.65 89.26
N LEU B 602 -45.19 -52.64 88.72
CA LEU B 602 -46.41 -52.80 87.95
C LEU B 602 -46.06 -52.66 86.47
N ASP B 603 -46.09 -53.78 85.75
CA ASP B 603 -45.64 -53.82 84.35
C ASP B 603 -44.21 -53.30 84.23
N GLY B 604 -43.36 -53.69 85.18
CA GLY B 604 -42.00 -53.21 85.25
C GLY B 604 -41.85 -51.82 85.84
N LYS B 605 -42.93 -51.04 85.90
CA LYS B 605 -42.88 -49.70 86.48
C LYS B 605 -42.96 -49.80 87.99
N LYS B 606 -41.94 -49.29 88.69
CA LYS B 606 -41.94 -49.30 90.14
C LYS B 606 -43.17 -48.58 90.69
N ILE B 607 -43.74 -49.13 91.74
CA ILE B 607 -44.93 -48.56 92.35
C ILE B 607 -44.51 -47.43 93.28
N ILE B 608 -45.30 -46.35 93.30
CA ILE B 608 -45.03 -45.17 94.11
C ILE B 608 -46.02 -45.15 95.27
N THR B 609 -45.50 -44.93 96.48
CA THR B 609 -46.32 -44.84 97.68
C THR B 609 -46.18 -43.46 98.29
N ASN B 610 -47.27 -42.95 98.86
CA ASN B 610 -47.29 -41.63 99.50
C ASN B 610 -47.13 -41.79 101.01
N MET B 611 -46.30 -40.94 101.59
CA MET B 611 -45.98 -41.03 103.01
C MET B 611 -45.88 -39.66 103.63
N LEU B 612 -46.16 -39.58 104.92
CA LEU B 612 -46.02 -38.36 105.71
C LEU B 612 -45.13 -38.64 106.91
N ARG B 613 -44.33 -37.66 107.28
CA ARG B 613 -43.51 -37.76 108.48
C ARG B 613 -44.31 -37.33 109.68
N VAL B 614 -44.36 -38.19 110.70
CA VAL B 614 -44.99 -37.84 111.97
C VAL B 614 -43.92 -37.86 113.06
N GLY B 615 -43.10 -36.82 113.10
CA GLY B 615 -42.10 -36.68 114.15
C GLY B 615 -40.77 -37.32 113.80
N PHE B 616 -39.81 -37.09 114.69
CA PHE B 616 -38.44 -37.58 114.55
C PHE B 616 -38.13 -38.57 115.65
N ARG B 617 -37.27 -39.52 115.35
CA ARG B 617 -36.72 -40.38 116.39
C ARG B 617 -35.60 -39.63 117.12
N GLU B 618 -35.13 -40.21 118.23
CA GLU B 618 -34.09 -39.55 119.01
C GLU B 618 -32.81 -39.40 118.20
N ASP B 619 -32.45 -40.41 117.42
CA ASP B 619 -31.26 -40.34 116.57
C ASP B 619 -31.38 -39.23 115.52
N GLY B 620 -32.60 -38.84 115.17
CA GLY B 620 -32.82 -37.80 114.17
C GLY B 620 -33.50 -38.26 112.90
N SER B 621 -33.71 -39.56 112.73
CA SER B 621 -34.36 -40.06 111.52
C SER B 621 -35.85 -39.68 111.52
N TRP B 622 -36.41 -39.67 110.31
CA TRP B 622 -37.82 -39.31 110.14
C TRP B 622 -38.70 -40.52 110.41
N ARG B 623 -39.76 -40.32 111.18
CA ARG B 623 -40.79 -41.35 111.37
C ARG B 623 -41.78 -41.22 110.22
N LEU B 624 -41.58 -42.03 109.18
CA LEU B 624 -42.40 -41.97 107.98
C LEU B 624 -43.49 -43.04 108.04
N PHE B 625 -44.66 -42.71 107.51
CA PHE B 625 -45.81 -43.60 107.58
C PHE B 625 -46.59 -43.54 106.27
N THR B 626 -47.00 -44.72 105.79
CA THR B 626 -47.68 -44.80 104.51
C THR B 626 -49.09 -44.25 104.62
N LEU B 627 -49.45 -43.37 103.66
CA LEU B 627 -50.80 -42.88 103.53
C LEU B 627 -51.68 -43.91 102.83
N ARG B 628 -52.99 -43.71 102.92
CA ARG B 628 -53.91 -44.60 102.25
C ARG B 628 -53.84 -44.41 100.73
N PRO B 629 -54.07 -45.47 99.96
CA PRO B 629 -54.03 -45.32 98.49
C PRO B 629 -55.11 -44.40 97.95
N ASP B 630 -56.16 -44.12 98.72
CA ASP B 630 -57.25 -43.25 98.28
C ASP B 630 -57.19 -41.87 98.90
N TYR B 631 -56.20 -41.59 99.75
CA TYR B 631 -56.09 -40.27 100.36
C TYR B 631 -55.49 -39.27 99.40
N SER B 632 -56.00 -38.04 99.46
CA SER B 632 -55.49 -36.92 98.68
C SER B 632 -55.49 -35.68 99.57
N PRO B 633 -54.54 -34.77 99.37
CA PRO B 633 -54.47 -33.58 100.22
C PRO B 633 -55.77 -32.79 100.19
N ALA B 634 -56.18 -32.30 101.36
CA ALA B 634 -57.41 -31.55 101.46
C ALA B 634 -57.24 -30.16 100.87
N VAL B 635 -58.29 -29.66 100.24
CA VAL B 635 -58.28 -28.32 99.65
C VAL B 635 -58.50 -27.30 100.76
N LYS B 636 -57.52 -26.43 100.98
CA LYS B 636 -57.60 -25.41 102.01
C LYS B 636 -57.78 -24.04 101.36
N VAL B 637 -58.86 -23.36 101.72
CA VAL B 637 -59.10 -21.98 101.30
C VAL B 637 -58.83 -21.10 102.51
N GLN B 638 -57.75 -20.33 102.47
CA GLN B 638 -57.33 -19.55 103.62
C GLN B 638 -58.34 -18.45 103.93
N THR B 639 -58.70 -18.33 105.21
CA THR B 639 -59.66 -17.34 105.66
C THR B 639 -59.08 -16.33 106.65
N GLU B 640 -57.98 -16.66 107.32
CA GLU B 640 -57.40 -15.78 108.32
C GLU B 640 -55.93 -16.14 108.49
N ASP B 641 -55.18 -15.22 109.10
CA ASP B 641 -53.74 -15.41 109.22
C ASP B 641 -53.18 -14.76 110.48
N ASP B 642 -53.43 -13.47 110.69
CA ASP B 642 -52.84 -12.78 111.83
C ASP B 642 -53.84 -11.83 112.48
N ILE B 643 -54.51 -11.00 111.69
CA ILE B 643 -55.44 -10.01 112.20
C ILE B 643 -56.83 -10.41 111.72
N THR B 644 -57.64 -10.95 112.63
CA THR B 644 -58.96 -11.47 112.31
C THR B 644 -60.03 -10.66 113.01
N ALA B 645 -61.04 -10.23 112.26
CA ALA B 645 -62.26 -9.65 112.81
C ALA B 645 -63.34 -10.72 112.75
N SER B 646 -63.95 -11.02 113.89
CA SER B 646 -64.94 -12.08 113.98
C SER B 646 -66.19 -11.58 114.66
N THR B 647 -67.29 -12.31 114.46
CA THR B 647 -68.55 -12.01 115.12
C THR B 647 -69.27 -13.30 115.43
N VAL B 648 -70.06 -13.28 116.49
CA VAL B 648 -70.89 -14.41 116.88
C VAL B 648 -72.34 -13.96 116.79
N THR B 649 -73.11 -14.59 115.90
CA THR B 649 -74.51 -14.30 115.71
C THR B 649 -75.24 -15.61 115.50
N PRO B 650 -76.56 -15.64 115.72
CA PRO B 650 -77.37 -16.75 115.21
C PRO B 650 -77.11 -16.94 113.72
N PRO B 651 -77.13 -18.18 113.23
CA PRO B 651 -76.73 -18.42 111.84
C PRO B 651 -77.54 -17.58 110.87
N TRP B 652 -76.84 -17.01 109.88
CA TRP B 652 -77.50 -16.10 108.95
C TRP B 652 -78.59 -16.77 108.13
N GLU B 653 -78.66 -18.11 108.13
CA GLU B 653 -79.71 -18.83 107.44
C GLU B 653 -80.78 -19.37 108.37
N ASP B 654 -80.59 -19.25 109.69
CA ASP B 654 -81.59 -19.72 110.65
C ASP B 654 -81.45 -18.88 111.92
N ALA B 655 -82.39 -17.97 112.13
CA ALA B 655 -82.38 -17.19 113.37
C ALA B 655 -82.54 -18.08 114.59
N GLU B 656 -83.23 -19.20 114.45
CA GLU B 656 -83.49 -20.12 115.55
C GLU B 656 -82.36 -21.14 115.75
N GLY B 657 -81.28 -21.05 114.97
CA GLY B 657 -80.23 -22.05 115.02
C GLY B 657 -79.19 -21.77 116.08
N LEU B 658 -78.26 -22.72 116.20
CA LEU B 658 -77.17 -22.59 117.16
C LEU B 658 -76.19 -21.52 116.69
N PRO B 659 -75.92 -20.49 117.50
CA PRO B 659 -75.06 -19.39 117.03
C PRO B 659 -73.71 -19.88 116.53
N ARG B 660 -73.18 -19.17 115.54
CA ARG B 660 -71.92 -19.52 114.90
C ARG B 660 -70.98 -18.31 114.93
N LYS B 661 -69.71 -18.57 114.66
CA LYS B 661 -68.72 -17.50 114.51
C LYS B 661 -68.36 -17.35 113.03
N TYR B 662 -68.28 -16.10 112.58
CA TYR B 662 -67.90 -15.77 111.22
C TYR B 662 -66.69 -14.84 111.27
N VAL B 663 -65.67 -15.15 110.49
CA VAL B 663 -64.40 -14.43 110.52
C VAL B 663 -64.07 -13.92 109.12
N THR B 664 -63.28 -12.85 109.08
CA THR B 664 -62.67 -12.36 107.84
C THR B 664 -61.26 -11.88 108.15
N ASN B 665 -60.39 -11.95 107.16
CA ASN B 665 -59.02 -11.45 107.30
C ASN B 665 -59.01 -9.94 107.10
N CYS B 666 -58.40 -9.23 108.05
CA CYS B 666 -58.28 -7.77 107.93
C CYS B 666 -57.12 -7.36 107.03
N GLU B 667 -56.22 -8.27 106.70
CA GLU B 667 -55.05 -7.98 105.89
C GLU B 667 -55.27 -8.50 104.47
N HIS B 668 -54.94 -7.67 103.48
CA HIS B 668 -54.98 -8.08 102.09
C HIS B 668 -53.61 -8.49 101.57
N LEU B 669 -52.56 -8.30 102.36
CA LEU B 669 -51.25 -8.88 102.12
C LEU B 669 -50.75 -9.44 103.44
N LEU B 670 -49.93 -10.48 103.36
CA LEU B 670 -49.45 -11.19 104.55
C LEU B 670 -47.96 -10.93 104.74
N PHE B 671 -47.59 -10.51 105.95
CA PHE B 671 -46.19 -10.20 106.27
C PHE B 671 -45.51 -11.50 106.71
N GLN B 672 -45.06 -12.25 105.70
CA GLN B 672 -44.49 -13.58 105.94
C GLN B 672 -43.04 -13.48 106.40
N ARG B 673 -42.65 -14.38 107.30
CA ARG B 673 -41.24 -14.52 107.67
C ARG B 673 -40.72 -15.87 107.17
N PRO B 674 -40.09 -15.93 106.00
CA PRO B 674 -39.53 -17.20 105.53
C PRO B 674 -38.28 -17.60 106.30
N ASP B 675 -38.48 -18.18 107.49
CA ASP B 675 -37.35 -18.63 108.31
C ASP B 675 -36.49 -19.63 107.55
N ASP B 676 -37.12 -20.63 106.95
CA ASP B 676 -36.41 -21.75 106.35
C ASP B 676 -36.03 -21.51 104.90
N ALA B 677 -36.34 -20.33 104.35
CA ALA B 677 -35.87 -19.99 103.01
C ALA B 677 -34.35 -19.91 102.93
N ILE B 678 -33.66 -19.88 104.08
CA ILE B 678 -32.22 -19.88 104.11
C ILE B 678 -31.63 -21.23 103.68
N HIS B 679 -32.47 -22.27 103.60
CA HIS B 679 -32.08 -23.57 103.05
C HIS B 679 -32.63 -23.66 101.64
N ARG B 680 -31.74 -23.67 100.65
CA ARG B 680 -32.15 -23.60 99.25
C ARG B 680 -33.02 -24.78 98.86
N GLY B 681 -34.11 -24.49 98.15
CA GLY B 681 -35.03 -25.50 97.66
C GLY B 681 -36.05 -25.98 98.66
N TYR B 682 -35.90 -25.65 99.94
CA TYR B 682 -36.81 -26.16 100.97
C TYR B 682 -38.16 -25.46 100.90
N ASP B 683 -38.19 -24.16 101.16
CA ASP B 683 -39.43 -23.38 101.19
C ASP B 683 -39.82 -23.04 99.75
N LYS B 684 -40.62 -23.93 99.15
CA LYS B 684 -40.97 -23.76 97.75
C LYS B 684 -41.87 -22.55 97.53
N GLN B 685 -42.74 -22.23 98.49
CA GLN B 685 -43.66 -21.11 98.31
C GLN B 685 -42.91 -19.78 98.40
N ALA B 686 -42.06 -19.61 99.41
CA ALA B 686 -41.32 -18.35 99.56
C ALA B 686 -40.41 -18.11 98.37
N GLU B 687 -39.82 -19.17 97.82
CA GLU B 687 -38.95 -19.01 96.67
C GLU B 687 -39.72 -18.57 95.44
N PHE B 688 -40.91 -19.13 95.22
CA PHE B 688 -41.75 -18.69 94.12
C PHE B 688 -42.16 -17.24 94.29
N ASP B 689 -42.60 -16.87 95.51
CA ASP B 689 -43.11 -15.53 95.76
C ASP B 689 -42.01 -14.48 95.61
N LEU B 690 -40.79 -14.79 96.07
CA LEU B 690 -39.71 -13.83 96.03
C LEU B 690 -39.08 -13.69 94.66
N ALA B 691 -39.22 -14.70 93.79
CA ALA B 691 -38.60 -14.66 92.47
C ALA B 691 -39.56 -14.31 91.35
N SER B 692 -40.85 -14.66 91.48
CA SER B 692 -41.79 -14.44 90.39
C SER B 692 -42.36 -13.04 90.36
N GLY B 693 -42.36 -12.32 91.47
CA GLY B 693 -42.98 -11.02 91.52
C GLY B 693 -42.14 -9.91 90.93
N THR B 694 -42.80 -8.77 90.68
CA THR B 694 -42.17 -7.55 90.22
C THR B 694 -42.37 -6.38 91.18
N ASP B 695 -43.39 -6.43 92.05
CA ASP B 695 -43.70 -5.36 92.98
C ASP B 695 -43.71 -5.84 94.42
N THR B 696 -42.97 -6.90 94.71
CA THR B 696 -43.02 -7.50 96.05
C THR B 696 -42.33 -6.58 97.05
N PHE B 697 -43.05 -6.27 98.13
CA PHE B 697 -42.49 -5.53 99.25
C PHE B 697 -41.65 -6.48 100.09
N ILE B 698 -40.33 -6.29 100.09
CA ILE B 698 -39.38 -7.20 100.72
C ILE B 698 -38.60 -6.43 101.77
N SER B 699 -38.38 -7.05 102.93
CA SER B 699 -37.65 -6.43 104.01
C SER B 699 -36.73 -7.43 104.68
N ASN B 700 -35.55 -6.94 105.10
CA ASN B 700 -34.55 -7.73 105.83
C ASN B 700 -33.91 -8.82 104.98
N PHE B 701 -33.74 -8.55 103.69
CA PHE B 701 -32.90 -9.36 102.82
C PHE B 701 -31.70 -8.52 102.38
N GLU B 702 -30.68 -9.20 101.89
CA GLU B 702 -29.48 -8.50 101.47
C GLU B 702 -29.65 -7.99 100.05
N PRO B 703 -29.36 -6.71 99.79
CA PRO B 703 -29.36 -6.23 98.40
C PRO B 703 -28.19 -6.84 97.64
N LEU B 704 -28.47 -7.32 96.42
CA LEU B 704 -27.48 -8.01 95.62
C LEU B 704 -27.30 -7.32 94.29
N THR B 705 -26.08 -7.34 93.78
CA THR B 705 -25.74 -6.67 92.53
C THR B 705 -25.93 -7.61 91.34
N HIS B 706 -25.75 -7.05 90.14
CA HIS B 706 -25.77 -7.87 88.93
C HIS B 706 -24.65 -8.90 88.94
N GLU B 707 -23.44 -8.47 89.33
CA GLU B 707 -22.31 -9.39 89.33
C GLU B 707 -22.51 -10.52 90.32
N GLN B 708 -23.14 -10.24 91.47
CA GLN B 708 -23.41 -11.30 92.43
C GLN B 708 -24.37 -12.34 91.87
N ALA B 709 -25.20 -11.99 90.90
CA ALA B 709 -26.02 -12.98 90.21
C ALA B 709 -25.20 -13.76 89.19
N ARG B 710 -24.24 -13.10 88.54
CA ARG B 710 -23.37 -13.81 87.61
C ARG B 710 -22.45 -14.76 88.36
N ASP B 711 -21.99 -14.37 89.54
CA ASP B 711 -21.22 -15.29 90.38
C ASP B 711 -22.06 -16.48 90.80
N LEU B 712 -23.25 -16.22 91.36
CA LEU B 712 -24.11 -17.30 91.84
C LEU B 712 -24.51 -18.25 90.72
N LEU B 713 -24.63 -17.73 89.49
CA LEU B 713 -24.94 -18.59 88.35
C LEU B 713 -23.84 -19.60 88.10
N THR B 714 -22.58 -19.25 88.37
CA THR B 714 -21.47 -20.16 88.21
C THR B 714 -21.13 -20.91 89.50
N ASP B 715 -21.89 -20.69 90.58
CA ASP B 715 -21.82 -21.52 91.79
C ASP B 715 -22.79 -22.68 91.58
N VAL B 716 -22.31 -23.73 90.92
CA VAL B 716 -23.22 -24.74 90.38
C VAL B 716 -23.93 -25.52 91.50
N GLN B 717 -23.26 -25.72 92.64
CA GLN B 717 -23.92 -26.43 93.73
C GLN B 717 -25.07 -25.61 94.29
N ALA B 718 -24.82 -24.36 94.65
CA ALA B 718 -25.87 -23.52 95.21
C ALA B 718 -26.97 -23.26 94.19
N TYR B 719 -26.60 -22.98 92.94
CA TYR B 719 -27.59 -22.66 91.92
C TYR B 719 -28.58 -23.80 91.73
N SER B 720 -28.08 -25.04 91.63
CA SER B 720 -28.93 -26.18 91.34
C SER B 720 -29.84 -26.54 92.49
N GLU B 721 -29.56 -26.07 93.71
CA GLU B 721 -30.41 -26.38 94.85
C GLU B 721 -31.66 -25.49 94.91
N PHE B 722 -31.64 -24.32 94.27
CA PHE B 722 -32.82 -23.49 94.22
C PHE B 722 -33.93 -24.17 93.43
N THR B 723 -35.17 -23.86 93.78
CA THR B 723 -36.28 -24.26 92.93
C THR B 723 -36.22 -23.48 91.61
N LYS B 724 -36.91 -24.01 90.60
CA LYS B 724 -36.85 -23.41 89.27
C LYS B 724 -37.21 -21.93 89.23
N PRO B 725 -38.15 -21.41 90.03
CA PRO B 725 -38.40 -19.95 89.97
C PRO B 725 -37.19 -19.10 90.33
N VAL B 726 -36.43 -19.46 91.36
CA VAL B 726 -35.26 -18.67 91.73
C VAL B 726 -34.17 -18.82 90.69
N ARG B 727 -33.97 -20.02 90.16
CA ARG B 727 -32.96 -20.22 89.12
C ARG B 727 -33.25 -19.35 87.90
N LYS B 728 -34.53 -19.19 87.57
CA LYS B 728 -34.91 -18.31 86.48
C LYS B 728 -34.53 -16.86 86.79
N LEU B 729 -34.77 -16.40 88.01
CA LEU B 729 -34.43 -15.03 88.38
C LEU B 729 -32.92 -14.80 88.32
N ILE B 730 -32.14 -15.78 88.78
CA ILE B 730 -30.69 -15.65 88.76
C ILE B 730 -30.19 -15.48 87.34
N GLU B 731 -30.82 -16.17 86.38
CA GLU B 731 -30.41 -16.05 84.98
C GLU B 731 -30.77 -14.69 84.41
N ARG B 732 -32.00 -14.23 84.66
CA ARG B 732 -32.43 -12.95 84.11
C ARG B 732 -31.57 -11.80 84.62
N VAL B 733 -31.20 -11.85 85.91
CA VAL B 733 -30.35 -10.80 86.46
C VAL B 733 -28.93 -10.93 85.94
N ALA B 734 -28.43 -12.16 85.81
CA ALA B 734 -27.06 -12.37 85.34
C ALA B 734 -26.89 -11.90 83.90
N ALA B 735 -27.96 -11.90 83.12
CA ALA B 735 -27.92 -11.44 81.74
C ALA B 735 -28.12 -9.93 81.61
N MET B 736 -28.37 -9.23 82.71
CA MET B 736 -28.62 -7.80 82.63
C MET B 736 -27.30 -7.05 82.43
N PRO B 737 -27.19 -6.22 81.40
CA PRO B 737 -26.03 -5.33 81.30
C PRO B 737 -26.03 -4.33 82.46
N ASP B 738 -24.87 -3.69 82.65
CA ASP B 738 -24.73 -2.79 83.79
C ASP B 738 -25.60 -1.54 83.65
N ASP B 739 -25.90 -1.14 82.42
CA ASP B 739 -26.70 0.06 82.17
C ASP B 739 -28.20 -0.21 82.22
N GLN B 740 -28.63 -1.36 82.73
CA GLN B 740 -30.04 -1.73 82.77
C GLN B 740 -30.51 -1.76 84.22
N SER B 741 -31.61 -1.06 84.49
CA SER B 741 -32.25 -1.00 85.80
C SER B 741 -33.31 -2.08 85.94
N PRO B 742 -33.66 -2.47 87.16
CA PRO B 742 -33.14 -2.02 88.47
C PRO B 742 -31.71 -2.49 88.73
N GLU B 743 -31.00 -1.79 89.61
CA GLU B 743 -29.60 -2.12 89.88
C GLU B 743 -29.47 -3.34 90.80
N PHE B 744 -30.48 -3.62 91.62
CA PHE B 744 -30.35 -4.61 92.67
C PHE B 744 -31.44 -5.68 92.53
N TRP B 745 -31.24 -6.77 93.26
CA TRP B 745 -32.20 -7.86 93.33
C TRP B 745 -32.01 -8.55 94.67
N VAL B 746 -33.00 -9.38 95.04
CA VAL B 746 -32.97 -10.10 96.30
C VAL B 746 -33.05 -11.59 96.03
N CYS B 747 -32.17 -12.35 96.67
CA CYS B 747 -32.20 -13.80 96.60
C CYS B 747 -32.85 -14.36 97.86
N SER B 748 -33.60 -15.45 97.70
CA SER B 748 -34.42 -15.99 98.77
C SER B 748 -33.61 -16.55 99.93
N ASP B 749 -32.36 -16.94 99.70
CA ASP B 749 -31.55 -17.59 100.73
C ASP B 749 -30.54 -16.66 101.37
N ASP B 750 -30.59 -15.35 101.07
CA ASP B 750 -29.62 -14.39 101.57
C ASP B 750 -30.35 -13.29 102.35
N PRO B 751 -30.67 -13.53 103.62
CA PRO B 751 -31.25 -12.47 104.44
C PRO B 751 -30.27 -11.34 104.65
N ARG B 752 -30.76 -10.29 105.30
CA ARG B 752 -29.97 -9.08 105.51
C ARG B 752 -28.72 -9.36 106.33
N HIS B 753 -27.58 -8.89 105.83
CA HIS B 753 -26.32 -9.07 106.55
C HIS B 753 -26.22 -8.07 107.69
N LEU B 754 -25.99 -8.58 108.91
CA LEU B 754 -25.91 -7.76 110.11
C LEU B 754 -24.47 -7.28 110.34
N PRO B 755 -24.31 -6.09 110.93
CA PRO B 755 -22.96 -5.59 111.20
C PRO B 755 -22.14 -6.51 112.10
N ASP B 756 -22.78 -7.32 112.93
CA ASP B 756 -22.10 -8.21 113.85
C ASP B 756 -21.77 -9.57 113.24
N GLY B 757 -21.61 -9.64 111.92
CA GLY B 757 -21.12 -10.84 111.28
C GLY B 757 -22.17 -11.77 110.71
N GLY B 758 -23.29 -11.93 111.42
CA GLY B 758 -24.33 -12.85 111.01
C GLY B 758 -25.31 -12.24 110.05
N ARG B 759 -26.39 -12.99 109.80
CA ARG B 759 -27.50 -12.53 108.96
C ARG B 759 -28.77 -12.46 109.79
N SER B 760 -29.69 -11.62 109.34
CA SER B 760 -30.94 -11.40 110.06
C SER B 760 -31.74 -12.69 110.17
N LYS B 761 -32.30 -12.92 111.35
CA LYS B 761 -33.18 -14.06 111.59
C LYS B 761 -34.63 -13.75 111.26
N ASN B 762 -34.92 -12.53 110.81
CA ASN B 762 -36.29 -12.09 110.56
C ASN B 762 -36.44 -11.55 109.12
N PRO B 763 -36.19 -12.39 108.12
CA PRO B 763 -36.50 -11.96 106.75
C PRO B 763 -38.01 -11.84 106.56
N ARG B 764 -38.42 -10.90 105.72
CA ARG B 764 -39.83 -10.58 105.61
C ARG B 764 -40.17 -10.20 104.17
N TYR B 765 -41.41 -10.50 103.78
CA TYR B 765 -41.94 -10.02 102.51
C TYR B 765 -43.47 -10.08 102.57
N LEU B 766 -44.11 -9.11 101.92
CA LEU B 766 -45.56 -9.08 101.85
C LEU B 766 -46.04 -10.04 100.78
N GLN B 767 -46.76 -11.08 101.20
CA GLN B 767 -47.25 -12.11 100.31
C GLN B 767 -48.68 -11.80 99.88
N VAL B 768 -48.96 -12.00 98.59
CA VAL B 768 -50.33 -11.98 98.12
C VAL B 768 -51.09 -13.14 98.76
N ARG B 769 -52.31 -12.86 99.23
CA ARG B 769 -53.10 -13.89 99.88
C ARG B 769 -53.36 -15.04 98.90
N PRO B 770 -53.30 -16.28 99.37
CA PRO B 770 -53.52 -17.43 98.46
C PRO B 770 -54.85 -17.37 97.74
N THR B 771 -55.89 -16.83 98.37
CA THR B 771 -57.18 -16.69 97.68
C THR B 771 -57.14 -15.62 96.60
N ASP B 772 -56.17 -14.69 96.66
CA ASP B 772 -56.02 -13.68 95.63
C ASP B 772 -55.09 -14.13 94.52
N SER B 773 -53.98 -14.78 94.87
CA SER B 773 -53.08 -15.33 93.85
C SER B 773 -53.71 -16.49 93.10
N ASN B 774 -54.69 -17.16 93.69
CA ASN B 774 -55.40 -18.29 93.06
C ASN B 774 -56.90 -18.02 93.11
N PRO B 775 -57.39 -17.03 92.37
CA PRO B 775 -58.81 -16.69 92.47
C PRO B 775 -59.72 -17.73 91.85
N GLU B 776 -59.20 -18.61 90.98
CA GLU B 776 -60.05 -19.62 90.36
C GLU B 776 -60.51 -20.66 91.37
N LEU B 777 -59.57 -21.19 92.17
CA LEU B 777 -59.95 -22.21 93.14
C LEU B 777 -60.82 -21.64 94.24
N THR B 778 -60.62 -20.36 94.58
CA THR B 778 -61.52 -19.72 95.54
C THR B 778 -62.96 -19.70 95.01
N THR B 779 -63.13 -19.38 93.73
CA THR B 779 -64.46 -19.38 93.13
C THR B 779 -65.06 -20.78 93.13
N VAL B 780 -64.26 -21.80 92.82
CA VAL B 780 -64.76 -23.17 92.83
C VAL B 780 -65.23 -23.57 94.22
N ALA B 781 -64.48 -23.19 95.24
CA ALA B 781 -64.87 -23.49 96.62
C ALA B 781 -66.16 -22.76 97.00
N ASP B 782 -66.30 -21.50 96.57
CA ASP B 782 -67.52 -20.76 96.86
C ASP B 782 -68.73 -21.37 96.16
N VAL B 783 -68.58 -21.74 94.89
CA VAL B 783 -69.68 -22.34 94.15
C VAL B 783 -70.02 -23.72 94.72
N ALA B 784 -68.99 -24.53 94.98
CA ALA B 784 -69.25 -25.86 95.55
C ALA B 784 -69.83 -25.78 96.95
N GLY B 785 -69.39 -24.79 97.74
CA GLY B 785 -69.94 -24.63 99.07
C GLY B 785 -71.40 -24.22 99.08
N LYS B 786 -71.82 -23.45 98.09
CA LYS B 786 -73.22 -23.06 97.99
C LYS B 786 -74.09 -24.21 97.49
N LEU B 787 -73.56 -25.03 96.57
CA LEU B 787 -74.30 -26.20 96.12
C LEU B 787 -74.52 -27.19 97.26
N ALA B 788 -73.52 -27.34 98.13
CA ALA B 788 -73.64 -28.28 99.24
C ALA B 788 -74.71 -27.83 100.23
N ARG B 789 -74.90 -26.53 100.38
CA ARG B 789 -75.90 -25.97 101.29
C ARG B 789 -77.18 -25.55 100.57
N LYS B 790 -77.37 -25.99 99.33
CA LYS B 790 -78.56 -25.68 98.53
C LYS B 790 -78.83 -24.18 98.52
N LEU B 791 -77.78 -23.40 98.33
CA LEU B 791 -77.89 -21.96 98.25
C LEU B 791 -77.70 -21.48 96.82
N PRO B 792 -78.37 -20.40 96.41
CA PRO B 792 -78.10 -19.83 95.09
C PRO B 792 -76.67 -19.32 95.00
N LEU B 793 -76.12 -19.37 93.78
CA LEU B 793 -74.71 -19.06 93.58
C LEU B 793 -74.42 -17.56 93.60
N ALA B 794 -75.44 -16.71 93.65
CA ALA B 794 -75.23 -15.29 93.40
C ALA B 794 -74.81 -14.53 94.66
N GLY B 795 -75.42 -14.84 95.79
CA GLY B 795 -75.25 -14.03 96.98
C GLY B 795 -73.96 -14.26 97.73
N HIS B 796 -73.82 -13.53 98.83
CA HIS B 796 -72.70 -13.70 99.77
C HIS B 796 -73.14 -14.70 100.84
N ALA B 797 -72.52 -15.88 100.86
CA ALA B 797 -72.91 -16.97 101.74
C ALA B 797 -71.70 -17.44 102.54
N PRO B 798 -71.37 -16.73 103.63
CA PRO B 798 -70.16 -17.08 104.38
C PRO B 798 -70.32 -18.39 105.14
N GLN B 799 -69.22 -19.14 105.22
CA GLN B 799 -69.15 -20.42 105.91
C GLN B 799 -68.85 -20.19 107.39
N PRO B 800 -69.65 -20.73 108.30
CA PRO B 800 -69.34 -20.58 109.73
C PRO B 800 -68.10 -21.35 110.13
N ILE B 801 -67.50 -20.93 111.24
CA ILE B 801 -66.44 -21.70 111.87
C ILE B 801 -67.02 -23.02 112.36
N ASP B 802 -66.32 -24.12 112.08
CA ASP B 802 -66.78 -25.44 112.50
C ASP B 802 -65.93 -26.01 113.64
N VAL B 803 -64.61 -25.93 113.54
CA VAL B 803 -63.71 -26.47 114.55
C VAL B 803 -62.78 -25.37 115.02
N VAL B 804 -62.59 -25.27 116.32
CA VAL B 804 -61.57 -24.42 116.92
C VAL B 804 -60.48 -25.34 117.43
N ALA B 805 -59.25 -25.15 116.92
CA ALA B 805 -58.12 -26.01 117.27
C ALA B 805 -56.89 -25.12 117.44
N ALA B 806 -56.82 -24.44 118.58
CA ALA B 806 -55.64 -23.65 118.91
C ALA B 806 -54.41 -24.55 118.98
N GLY B 807 -53.24 -23.94 118.81
CA GLY B 807 -52.00 -24.67 118.86
C GLY B 807 -51.13 -24.26 120.04
N ARG B 808 -50.24 -25.15 120.45
CA ARG B 808 -49.31 -24.87 121.55
C ARG B 808 -47.89 -25.17 121.10
N ARG B 809 -46.95 -24.35 121.57
CA ARG B 809 -45.54 -24.63 121.40
C ARG B 809 -45.04 -25.29 122.69
N ASN B 810 -44.63 -26.54 122.59
CA ASN B 810 -44.14 -27.31 123.72
C ASN B 810 -42.64 -27.54 123.56
N ASN B 811 -41.91 -27.43 124.67
CA ASN B 811 -40.47 -27.54 124.65
C ASN B 811 -39.98 -28.42 125.80
N PRO B 812 -38.97 -29.25 125.56
CA PRO B 812 -38.36 -30.00 126.66
C PRO B 812 -37.58 -29.06 127.57
N PRO B 813 -37.27 -29.48 128.79
CA PRO B 813 -36.52 -28.60 129.69
C PRO B 813 -35.08 -28.43 129.22
N GLU B 814 -34.49 -27.30 129.62
CA GLU B 814 -33.08 -27.02 129.40
C GLU B 814 -32.53 -26.39 130.66
N ASP B 815 -31.34 -25.79 130.56
CA ASP B 815 -30.71 -25.18 131.71
C ASP B 815 -31.53 -24.00 132.23
N LYS B 816 -31.62 -22.93 131.44
CA LYS B 816 -32.38 -21.75 131.81
C LYS B 816 -33.73 -21.69 131.11
N VAL B 817 -34.30 -22.85 130.79
CA VAL B 817 -35.60 -22.93 130.12
C VAL B 817 -36.50 -23.90 130.87
N PRO B 818 -37.72 -23.51 131.24
CA PRO B 818 -38.60 -24.41 131.98
C PRO B 818 -39.15 -25.51 131.09
N ALA B 819 -39.70 -26.54 131.73
CA ALA B 819 -40.28 -27.68 131.03
C ALA B 819 -41.75 -27.40 130.72
N LEU B 820 -42.13 -27.60 129.45
CA LEU B 820 -43.51 -27.42 129.00
C LEU B 820 -43.79 -28.51 127.96
N CYS B 821 -43.83 -29.76 128.40
CA CYS B 821 -43.98 -30.89 127.50
C CYS B 821 -44.89 -31.95 128.14
N ALA B 822 -46.09 -31.52 128.53
CA ALA B 822 -47.07 -32.41 129.13
C ALA B 822 -48.18 -32.82 128.17
N TYR B 823 -48.22 -32.25 126.97
CA TYR B 823 -49.31 -32.48 126.03
C TYR B 823 -48.97 -33.57 125.02
N ASN B 824 -49.95 -34.41 124.73
CA ASN B 824 -49.88 -35.38 123.63
C ASN B 824 -50.39 -34.64 122.39
N PRO B 825 -50.46 -35.26 121.19
CA PRO B 825 -50.71 -34.45 119.99
C PRO B 825 -51.99 -33.60 120.04
N LEU B 826 -53.06 -34.09 120.64
CA LEU B 826 -54.35 -33.41 120.55
C LEU B 826 -55.09 -33.50 121.88
N HIS B 827 -55.47 -32.34 122.41
CA HIS B 827 -56.20 -32.23 123.67
C HIS B 827 -57.56 -31.58 123.44
N TYR B 828 -58.50 -31.89 124.31
CA TYR B 828 -59.79 -31.19 124.37
C TYR B 828 -59.98 -30.63 125.77
N MET B 829 -60.33 -29.36 125.86
CA MET B 829 -60.48 -28.67 127.13
C MET B 829 -61.87 -28.05 127.23
N GLU B 830 -62.58 -28.38 128.30
CA GLU B 830 -63.78 -27.63 128.64
C GLU B 830 -63.39 -26.20 129.02
N LEU B 831 -64.37 -25.31 128.95
CA LEU B 831 -64.11 -23.88 129.03
C LEU B 831 -63.30 -23.44 130.25
N PRO B 832 -63.52 -23.95 131.46
CA PRO B 832 -62.63 -23.55 132.57
C PRO B 832 -61.16 -23.84 132.32
N GLU B 833 -60.84 -25.06 131.85
CA GLU B 833 -59.44 -25.39 131.59
C GLU B 833 -58.92 -24.74 130.33
N LEU B 834 -59.77 -24.57 129.32
CA LEU B 834 -59.33 -23.94 128.08
C LEU B 834 -58.92 -22.49 128.31
N PHE B 835 -59.64 -21.78 129.17
CA PHE B 835 -59.34 -20.37 129.36
C PHE B 835 -58.21 -20.12 130.34
N MET B 836 -57.86 -21.11 131.17
CA MET B 836 -56.58 -21.04 131.85
C MET B 836 -55.44 -21.07 130.85
N GLU B 837 -55.61 -21.80 129.74
CA GLU B 837 -54.60 -21.81 128.69
C GLU B 837 -54.61 -20.50 127.90
N TYR B 838 -55.81 -20.00 127.59
CA TYR B 838 -55.90 -18.75 126.83
C TYR B 838 -55.39 -17.56 127.63
N ILE B 839 -55.75 -17.49 128.92
CA ILE B 839 -55.33 -16.37 129.75
C ILE B 839 -53.82 -16.38 129.95
N SER B 840 -53.22 -17.57 130.03
CA SER B 840 -51.79 -17.67 130.28
C SER B 840 -50.97 -17.49 129.02
N SER B 841 -51.28 -18.27 127.98
CA SER B 841 -50.51 -18.31 126.74
C SER B 841 -49.03 -18.59 127.03
N MET B 842 -48.81 -19.71 127.72
CA MET B 842 -47.47 -20.08 128.17
C MET B 842 -46.57 -20.43 126.99
N THR B 843 -45.29 -20.09 127.15
CA THR B 843 -44.28 -20.46 126.16
C THR B 843 -42.93 -20.54 126.87
N GLY B 844 -42.08 -21.45 126.38
CA GLY B 844 -40.75 -21.58 126.93
C GLY B 844 -39.86 -20.39 126.65
N LYS B 845 -40.09 -19.70 125.54
CA LYS B 845 -39.33 -18.50 125.21
C LYS B 845 -39.57 -17.42 126.25
N SER B 846 -38.49 -16.70 126.62
CA SER B 846 -38.49 -15.73 127.70
C SER B 846 -38.96 -16.40 128.98
N PRO B 847 -38.07 -17.10 129.69
CA PRO B 847 -38.50 -17.89 130.85
C PRO B 847 -39.07 -17.06 131.99
N SER B 848 -38.98 -15.73 131.93
CA SER B 848 -39.47 -14.84 132.97
C SER B 848 -38.84 -15.16 134.32
N THR B 849 -39.49 -14.75 135.41
CA THR B 849 -38.94 -15.00 136.75
C THR B 849 -39.25 -16.42 137.21
N THR B 850 -40.52 -16.81 137.19
CA THR B 850 -40.93 -18.15 137.57
C THR B 850 -41.89 -18.69 136.51
N GLY B 851 -42.13 -19.99 136.57
CA GLY B 851 -43.03 -20.61 135.61
C GLY B 851 -42.47 -20.51 134.20
N ALA B 852 -43.29 -20.01 133.29
CA ALA B 852 -42.93 -19.88 131.88
C ALA B 852 -43.31 -18.48 131.40
N GLY B 853 -42.89 -18.18 130.16
CA GLY B 853 -43.25 -16.92 129.56
C GLY B 853 -44.71 -16.89 129.15
N SER B 854 -45.28 -15.69 129.12
CA SER B 854 -46.68 -15.48 128.77
C SER B 854 -46.77 -14.48 127.63
N GLU B 855 -47.51 -14.84 126.58
CA GLU B 855 -47.79 -13.92 125.48
C GLU B 855 -49.03 -13.08 125.73
N GLY B 856 -49.63 -13.17 126.92
CA GLY B 856 -50.81 -12.42 127.25
C GLY B 856 -52.10 -13.15 126.91
N ALA B 857 -53.21 -12.58 127.35
CA ALA B 857 -54.52 -13.18 127.12
C ALA B 857 -54.77 -13.33 125.63
N LEU B 858 -55.06 -14.57 125.21
CA LEU B 858 -55.36 -14.89 123.82
C LEU B 858 -54.19 -14.52 122.90
N THR B 859 -52.97 -14.57 123.46
CA THR B 859 -51.72 -14.18 122.79
C THR B 859 -51.76 -12.76 122.24
N LYS B 860 -52.67 -11.92 122.76
CA LYS B 860 -52.79 -10.53 122.34
C LYS B 860 -52.17 -9.57 123.35
N GLY B 861 -51.30 -10.07 124.22
CA GLY B 861 -50.65 -9.26 125.23
C GLY B 861 -50.02 -8.00 124.70
N PRO B 862 -49.06 -8.14 123.77
CA PRO B 862 -48.39 -6.95 123.21
C PRO B 862 -49.20 -6.19 122.17
N PHE B 863 -50.41 -6.65 121.83
CA PHE B 863 -51.23 -5.98 120.83
C PHE B 863 -52.56 -5.50 121.39
N ASN B 864 -52.65 -5.30 122.70
CA ASN B 864 -53.89 -4.90 123.35
C ASN B 864 -53.62 -3.70 124.24
N ALA B 865 -54.16 -2.55 123.85
CA ALA B 865 -54.03 -1.34 124.65
C ALA B 865 -55.07 -1.24 125.75
N LEU B 866 -55.96 -2.22 125.86
CA LEU B 866 -57.05 -2.21 126.81
C LEU B 866 -56.93 -3.39 127.77
N PRO B 867 -57.58 -3.31 128.93
CA PRO B 867 -57.61 -4.47 129.84
C PRO B 867 -58.10 -5.72 129.13
N ALA B 868 -57.35 -6.81 129.31
CA ALA B 868 -57.64 -8.05 128.59
C ALA B 868 -58.98 -8.66 128.96
N VAL B 869 -59.58 -8.28 130.10
CA VAL B 869 -60.87 -8.82 130.49
C VAL B 869 -61.95 -8.50 129.48
N TYR B 870 -61.79 -7.41 128.72
CA TYR B 870 -62.75 -7.11 127.64
C TYR B 870 -62.76 -8.23 126.62
N ASP B 871 -61.57 -8.68 126.20
CA ASP B 871 -61.47 -9.81 125.28
C ASP B 871 -61.97 -11.10 125.93
N LEU B 872 -61.57 -11.34 127.18
CA LEU B 872 -61.91 -12.59 127.85
C LEU B 872 -63.42 -12.74 128.00
N ASN B 873 -64.12 -11.66 128.31
CA ASN B 873 -65.58 -11.75 128.45
C ASN B 873 -66.24 -12.05 127.12
N ALA B 874 -65.70 -11.49 126.02
CA ALA B 874 -66.26 -11.79 124.70
C ALA B 874 -65.86 -13.18 124.23
N ALA B 875 -64.62 -13.59 124.51
CA ALA B 875 -64.16 -14.90 124.07
C ALA B 875 -64.92 -16.03 124.77
N VAL B 876 -65.22 -15.86 126.06
CA VAL B 876 -65.94 -16.92 126.77
C VAL B 876 -67.36 -17.05 126.24
N LEU B 877 -67.97 -15.94 125.81
CA LEU B 877 -69.30 -16.03 125.21
C LEU B 877 -69.25 -16.73 123.86
N SER B 878 -68.20 -16.46 123.06
CA SER B 878 -68.10 -17.08 121.75
C SER B 878 -67.98 -18.60 121.82
N TYR B 879 -67.59 -19.15 122.98
CA TYR B 879 -67.58 -20.59 123.20
C TYR B 879 -68.85 -21.09 123.89
N ALA B 880 -69.41 -20.31 124.81
CA ALA B 880 -70.59 -20.77 125.55
C ALA B 880 -71.86 -20.67 124.70
N LEU B 881 -72.00 -19.58 123.94
CA LEU B 881 -73.19 -19.40 123.11
C LEU B 881 -73.20 -20.30 121.89
N THR B 882 -72.09 -20.96 121.57
CA THR B 882 -71.94 -21.69 120.33
C THR B 882 -71.69 -23.18 120.50
N ASP B 883 -71.27 -23.63 121.67
CA ASP B 883 -70.84 -25.00 121.93
C ASP B 883 -69.64 -25.40 121.08
N TYR B 884 -68.85 -24.41 120.64
CA TYR B 884 -67.57 -24.71 120.01
C TYR B 884 -66.68 -25.45 121.00
N ASP B 885 -66.08 -26.54 120.55
CA ASP B 885 -65.15 -27.28 121.38
C ASP B 885 -63.79 -26.62 121.38
N GLY B 886 -63.11 -26.70 122.52
CA GLY B 886 -61.77 -26.18 122.63
C GLY B 886 -60.72 -27.25 122.43
N TRP B 887 -60.27 -27.43 121.19
CA TRP B 887 -59.20 -28.38 120.88
C TRP B 887 -57.85 -27.71 120.97
N LEU B 888 -56.83 -28.50 121.30
CA LEU B 888 -55.47 -27.99 121.49
C LEU B 888 -54.49 -28.97 120.86
N SER B 889 -53.82 -28.54 119.79
CA SER B 889 -52.83 -29.35 119.10
C SER B 889 -51.43 -28.98 119.56
N SER B 890 -50.54 -29.97 119.56
CA SER B 890 -49.20 -29.79 120.06
C SER B 890 -48.21 -29.58 118.92
N ALA B 891 -47.26 -28.67 119.13
CA ALA B 891 -46.20 -28.40 118.18
C ALA B 891 -44.86 -28.43 118.91
N GLY B 892 -43.81 -28.71 118.15
CA GLY B 892 -42.47 -28.76 118.71
C GLY B 892 -42.11 -30.12 119.27
N TYR B 893 -42.52 -30.38 120.51
CA TYR B 893 -42.22 -31.63 121.18
C TYR B 893 -43.46 -32.19 121.85
N ILE B 894 -43.52 -33.51 121.93
CA ILE B 894 -44.53 -34.23 122.71
C ILE B 894 -43.76 -34.97 123.80
N GLY B 895 -43.76 -34.41 125.01
CA GLY B 895 -42.84 -34.85 126.02
C GLY B 895 -41.45 -34.35 125.66
N PRO B 896 -40.45 -34.68 126.49
CA PRO B 896 -39.09 -34.18 126.22
C PRO B 896 -38.36 -34.90 125.10
N ASN B 897 -38.80 -36.10 124.68
CA ASN B 897 -38.04 -36.92 123.75
C ASN B 897 -38.63 -36.97 122.34
N ALA B 898 -39.94 -36.79 122.18
CA ALA B 898 -40.61 -36.96 120.89
C ALA B 898 -40.73 -35.60 120.20
N ARG B 899 -39.75 -35.27 119.38
CA ARG B 899 -39.80 -34.05 118.58
C ARG B 899 -40.76 -34.24 117.41
N VAL B 900 -41.62 -33.25 117.16
CA VAL B 900 -42.63 -33.38 116.12
C VAL B 900 -42.71 -32.13 115.26
N ASP B 901 -42.10 -31.03 115.74
CA ASP B 901 -42.14 -29.75 115.06
C ASP B 901 -43.56 -29.33 114.69
N HIS B 902 -43.89 -29.33 113.40
CA HIS B 902 -45.23 -28.97 112.94
C HIS B 902 -45.92 -30.11 112.19
N ASP B 903 -45.43 -31.34 112.35
CA ASP B 903 -46.04 -32.46 111.63
C ASP B 903 -47.47 -32.71 112.10
N ILE B 904 -47.72 -32.58 113.40
CA ILE B 904 -49.08 -32.76 113.91
C ILE B 904 -49.91 -31.50 113.68
N SER B 905 -49.27 -30.33 113.63
CA SER B 905 -50.00 -29.12 113.23
C SER B 905 -50.62 -29.29 111.85
N MET B 906 -49.90 -29.94 110.93
CA MET B 906 -50.40 -30.16 109.58
C MET B 906 -51.50 -31.21 109.56
N LEU B 907 -51.48 -32.16 110.49
CA LEU B 907 -52.46 -33.23 110.48
C LEU B 907 -53.83 -32.76 110.95
N ILE B 908 -53.86 -31.78 111.87
CA ILE B 908 -55.13 -31.35 112.47
C ILE B 908 -56.20 -31.02 111.43
N PRO B 909 -55.93 -30.19 110.41
CA PRO B 909 -56.97 -29.94 109.41
C PRO B 909 -57.32 -31.18 108.60
N GLU B 910 -56.33 -32.02 108.28
CA GLU B 910 -56.62 -33.26 107.56
C GLU B 910 -57.50 -34.17 108.40
N LEU B 911 -57.24 -34.23 109.71
CA LEU B 911 -58.02 -35.08 110.60
C LEU B 911 -59.48 -34.62 110.68
N PHE B 912 -59.69 -33.38 111.11
CA PHE B 912 -61.05 -32.88 111.34
C PHE B 912 -61.86 -32.81 110.04
N SER B 913 -61.20 -32.62 108.90
CA SER B 913 -61.92 -32.56 107.64
C SER B 913 -62.50 -33.91 107.24
N HIS B 914 -61.90 -35.00 107.71
CA HIS B 914 -62.39 -36.34 107.44
C HIS B 914 -63.33 -36.86 108.53
N MET B 915 -63.68 -36.00 109.49
CA MET B 915 -64.65 -36.35 110.52
C MET B 915 -65.92 -35.53 110.30
N GLY B 916 -67.07 -36.15 110.59
CA GLY B 916 -68.33 -35.48 110.45
C GLY B 916 -68.69 -34.72 111.71
N PRO B 917 -69.83 -34.00 111.68
CA PRO B 917 -70.27 -33.30 112.90
C PRO B 917 -70.45 -34.23 114.09
N ASN B 918 -71.10 -35.39 113.88
CA ASN B 918 -71.24 -36.35 114.97
C ASN B 918 -69.91 -36.95 115.38
N ASP B 919 -68.97 -37.08 114.43
CA ASP B 919 -67.66 -37.63 114.77
C ASP B 919 -66.87 -36.69 115.67
N ARG B 920 -67.05 -35.38 115.51
CA ARG B 920 -66.31 -34.41 116.31
C ARG B 920 -67.03 -34.02 117.58
N ASN B 921 -68.19 -34.60 117.87
CA ASN B 921 -68.92 -34.30 119.10
C ASN B 921 -68.12 -34.80 120.30
N THR B 922 -67.71 -33.87 121.17
CA THR B 922 -66.87 -34.24 122.30
C THR B 922 -67.63 -35.03 123.35
N LYS B 923 -68.93 -34.77 123.52
CA LYS B 923 -69.70 -35.54 124.48
C LYS B 923 -69.82 -37.00 124.06
N ARG B 924 -69.79 -37.27 122.75
CA ARG B 924 -69.79 -38.64 122.28
C ARG B 924 -68.39 -39.24 122.33
N LEU B 925 -67.36 -38.45 121.99
CA LEU B 925 -65.99 -38.94 122.03
C LEU B 925 -65.58 -39.33 123.45
N ILE B 926 -66.04 -38.56 124.44
CA ILE B 926 -65.71 -38.88 125.83
C ILE B 926 -66.49 -40.10 126.29
N SER B 927 -67.79 -40.14 126.01
CA SER B 927 -68.63 -41.22 126.51
C SER B 927 -68.32 -42.56 125.83
N GLU B 928 -67.81 -42.52 124.61
CA GLU B 928 -67.47 -43.74 123.88
C GLU B 928 -66.00 -44.12 124.02
N GLY B 929 -65.21 -43.37 124.77
CA GLY B 929 -63.86 -43.77 125.09
C GLY B 929 -62.80 -43.38 124.08
N TYR B 930 -62.99 -42.29 123.35
CA TYR B 930 -61.97 -41.78 122.45
C TYR B 930 -61.17 -40.62 123.06
N LEU B 931 -61.63 -40.05 124.16
CA LEU B 931 -60.93 -38.99 124.86
C LEU B 931 -60.68 -39.42 126.30
N GLU B 932 -59.44 -39.26 126.76
CA GLU B 932 -59.02 -39.68 128.09
C GLU B 932 -58.87 -38.46 128.97
N LYS B 933 -59.57 -38.43 130.10
CA LYS B 933 -59.52 -37.29 131.02
C LYS B 933 -58.23 -37.32 131.83
N MET B 934 -57.54 -36.19 131.86
CA MET B 934 -56.34 -36.06 132.66
C MET B 934 -56.68 -36.16 134.14
N GLN B 935 -55.84 -36.86 134.90
CA GLN B 935 -56.07 -37.11 136.31
C GLN B 935 -54.94 -36.55 137.15
N ASP B 936 -55.28 -36.03 138.32
CA ASP B 936 -54.27 -35.64 139.29
C ASP B 936 -53.59 -36.89 139.85
N PHE B 937 -52.31 -36.76 140.16
CA PHE B 937 -51.54 -37.85 140.74
C PHE B 937 -50.49 -37.27 141.69
N ASP B 938 -49.78 -38.16 142.37
CA ASP B 938 -48.78 -37.78 143.35
C ASP B 938 -47.38 -38.03 142.81
N PHE B 939 -46.45 -37.17 143.20
CA PHE B 939 -45.05 -37.34 142.81
C PHE B 939 -44.19 -36.62 143.84
N ASP B 940 -43.39 -37.38 144.60
CA ASP B 940 -42.58 -36.83 145.68
C ASP B 940 -43.43 -36.10 146.71
N GLY B 941 -44.57 -36.71 147.07
CA GLY B 941 -45.45 -36.12 148.07
C GLY B 941 -46.37 -35.06 147.52
N HIS B 942 -45.84 -34.19 146.66
CA HIS B 942 -46.63 -33.12 146.07
C HIS B 942 -47.68 -33.69 145.14
N ARG B 943 -48.86 -33.07 145.13
CA ARG B 943 -49.96 -33.48 144.26
C ARG B 943 -49.85 -32.73 142.94
N VAL B 944 -49.79 -33.48 141.84
CA VAL B 944 -49.65 -32.91 140.51
C VAL B 944 -51.04 -32.62 139.95
N LEU B 945 -51.30 -31.34 139.65
CA LEU B 945 -52.62 -30.96 139.18
C LEU B 945 -52.75 -31.15 137.67
N ALA B 946 -52.47 -32.36 137.20
CA ALA B 946 -52.47 -32.65 135.76
C ALA B 946 -53.87 -32.63 135.16
N SER B 947 -54.92 -32.63 135.96
CA SER B 947 -56.28 -32.57 135.43
C SER B 947 -56.61 -31.23 134.78
N ARG B 948 -55.77 -30.21 134.97
CA ARG B 948 -56.00 -28.92 134.32
C ARG B 948 -55.81 -28.99 132.81
N LEU B 949 -55.19 -30.05 132.29
CA LEU B 949 -55.00 -30.21 130.86
C LEU B 949 -56.22 -30.78 130.16
N GLY B 950 -57.26 -31.14 130.90
CA GLY B 950 -58.52 -31.57 130.31
C GLY B 950 -58.54 -33.00 129.80
N TYR B 951 -58.81 -33.16 128.51
CA TYR B 951 -58.87 -34.47 127.87
C TYR B 951 -57.83 -34.56 126.77
N ARG B 952 -57.54 -35.78 126.35
CA ARG B 952 -56.57 -36.02 125.28
C ARG B 952 -56.98 -37.28 124.53
N ILE B 953 -56.48 -37.40 123.31
CA ILE B 953 -56.78 -38.56 122.47
C ILE B 953 -55.97 -39.75 122.94
N ASN B 954 -56.53 -40.94 122.74
CA ASN B 954 -55.88 -42.19 123.11
C ASN B 954 -55.71 -43.07 121.87
N ASP B 955 -55.30 -44.31 122.09
CA ASP B 955 -55.08 -45.24 120.97
C ASP B 955 -56.35 -45.43 120.15
N ARG B 956 -57.51 -45.41 120.80
CA ARG B 956 -58.76 -45.66 120.08
C ARG B 956 -59.13 -44.51 119.16
N PHE B 957 -58.79 -43.28 119.53
CA PHE B 957 -59.02 -42.15 118.65
C PHE B 957 -58.12 -42.22 117.43
N VAL B 958 -56.84 -42.55 117.64
CA VAL B 958 -55.89 -42.61 116.52
C VAL B 958 -56.26 -43.74 115.56
N THR B 959 -56.65 -44.89 116.09
CA THR B 959 -56.99 -46.02 115.24
C THR B 959 -58.20 -45.71 114.36
N HIS B 960 -59.24 -45.10 114.95
CA HIS B 960 -60.49 -44.94 114.23
C HIS B 960 -60.45 -43.76 113.27
N TYR B 961 -59.89 -42.63 113.69
CA TYR B 961 -59.97 -41.40 112.90
C TYR B 961 -58.72 -41.09 112.10
N PHE B 962 -57.53 -41.39 112.65
CA PHE B 962 -56.33 -41.23 111.84
C PHE B 962 -56.21 -42.35 110.79
N GLY B 963 -56.95 -43.45 110.96
CA GLY B 963 -57.03 -44.46 109.92
C GLY B 963 -57.72 -43.99 108.66
N ARG B 964 -58.27 -42.78 108.66
CA ARG B 964 -58.85 -42.15 107.48
C ARG B 964 -57.81 -41.39 106.67
N ILE B 965 -56.54 -41.44 107.07
CA ILE B 965 -55.46 -40.75 106.37
C ILE B 965 -54.30 -41.72 106.22
N PHE B 966 -53.89 -42.35 107.31
CA PHE B 966 -52.76 -43.27 107.30
C PHE B 966 -53.23 -44.71 107.09
N LEU B 967 -52.35 -45.50 106.47
CA LEU B 967 -52.70 -46.88 106.18
C LEU B 967 -52.65 -47.74 107.44
N HIS B 968 -51.66 -47.50 108.31
CA HIS B 968 -51.49 -48.23 109.56
C HIS B 968 -51.54 -47.22 110.70
N PRO B 969 -52.74 -46.83 111.13
CA PRO B 969 -52.83 -45.77 112.15
C PRO B 969 -52.32 -46.19 113.52
N ASP B 970 -52.36 -47.48 113.85
CA ASP B 970 -51.96 -47.93 115.18
C ASP B 970 -50.47 -47.75 115.45
N VAL B 971 -49.64 -47.53 114.44
CA VAL B 971 -48.20 -47.37 114.63
C VAL B 971 -47.72 -45.94 114.45
N VAL B 972 -48.59 -45.03 114.02
CA VAL B 972 -48.17 -43.64 113.79
C VAL B 972 -47.68 -43.02 115.09
N PHE B 973 -48.51 -43.07 116.13
CA PHE B 973 -48.14 -42.55 117.44
C PHE B 973 -47.77 -43.71 118.37
N SER B 974 -46.71 -43.50 119.16
CA SER B 974 -46.29 -44.49 120.13
C SER B 974 -46.96 -44.25 121.47
N GLU B 975 -46.78 -45.20 122.38
CA GLU B 975 -47.29 -45.02 123.73
C GLU B 975 -46.64 -43.83 124.41
N GLU B 976 -45.39 -43.53 124.07
CA GLU B 976 -44.72 -42.36 124.61
C GLU B 976 -45.29 -41.06 124.04
N MET B 977 -45.99 -41.12 122.91
CA MET B 977 -46.52 -39.91 122.30
C MET B 977 -47.97 -39.64 122.67
N LEU B 978 -48.78 -40.68 122.87
CA LEU B 978 -50.14 -40.48 123.34
C LEU B 978 -50.22 -40.27 124.84
N ARG B 979 -49.21 -40.72 125.59
CA ARG B 979 -49.12 -40.52 127.03
C ARG B 979 -47.69 -40.08 127.33
N PRO B 980 -47.38 -38.79 127.17
CA PRO B 980 -46.00 -38.33 127.34
C PRO B 980 -45.47 -38.43 128.75
N GLU B 981 -46.31 -38.72 129.75
CA GLU B 981 -45.81 -38.94 131.10
C GLU B 981 -44.93 -40.19 131.18
N LEU B 982 -45.07 -41.11 130.22
CA LEU B 982 -44.25 -42.31 130.19
C LEU B 982 -42.81 -42.05 129.76
N GLN B 983 -42.53 -40.89 129.17
CA GLN B 983 -41.15 -40.59 128.75
C GLN B 983 -40.29 -40.24 129.97
N ASP B 984 -40.83 -39.46 130.90
CA ASP B 984 -40.13 -39.06 132.12
C ASP B 984 -41.14 -38.45 133.08
N GLU B 985 -41.42 -39.14 134.19
CA GLU B 985 -42.45 -38.67 135.10
C GLU B 985 -42.05 -37.37 135.78
N LYS B 986 -40.78 -37.25 136.18
CA LYS B 986 -40.33 -36.02 136.83
C LYS B 986 -40.46 -34.82 135.90
N ILE B 987 -40.04 -34.98 134.64
CA ILE B 987 -40.18 -33.88 133.69
C ILE B 987 -41.64 -33.58 133.41
N PHE B 988 -42.50 -34.61 133.44
CA PHE B 988 -43.93 -34.38 133.26
C PHE B 988 -44.49 -33.58 134.44
N ALA B 989 -44.14 -33.97 135.66
CA ALA B 989 -44.61 -33.23 136.83
C ALA B 989 -44.04 -31.83 136.86
N ASP B 990 -42.77 -31.67 136.46
CA ASP B 990 -42.18 -30.34 136.39
C ASP B 990 -42.91 -29.47 135.36
N SER B 991 -43.50 -30.09 134.33
CA SER B 991 -44.24 -29.33 133.35
C SER B 991 -45.58 -28.86 133.90
N ILE B 992 -46.26 -29.72 134.67
CA ILE B 992 -47.54 -29.32 135.27
C ILE B 992 -47.33 -28.21 136.28
N ASP B 993 -46.24 -28.27 137.04
CA ASP B 993 -45.98 -27.25 138.06
C ASP B 993 -45.65 -25.91 137.42
N VAL B 994 -44.89 -25.91 136.32
CA VAL B 994 -44.66 -24.68 135.59
C VAL B 994 -45.97 -24.10 135.07
N ILE B 995 -46.87 -24.98 134.61
CA ILE B 995 -48.17 -24.52 134.13
C ILE B 995 -48.99 -23.95 135.29
N VAL B 996 -49.05 -24.67 136.41
CA VAL B 996 -49.81 -24.21 137.56
C VAL B 996 -49.25 -22.90 138.10
N LYS B 997 -47.92 -22.79 138.15
CA LYS B 997 -47.29 -21.56 138.65
C LYS B 997 -47.58 -20.38 137.73
N THR B 998 -47.42 -20.58 136.42
CA THR B 998 -47.69 -19.49 135.48
C THR B 998 -49.17 -19.10 135.50
N HIS B 999 -50.05 -20.09 135.70
CA HIS B 999 -51.46 -19.77 135.91
C HIS B 999 -51.64 -18.75 137.02
N GLN B 1000 -50.88 -18.90 138.11
CA GLN B 1000 -51.00 -18.00 139.24
C GLN B 1000 -50.38 -16.64 138.94
N ARG B 1001 -49.17 -16.64 138.35
CA ARG B 1001 -48.49 -15.38 138.06
C ARG B 1001 -49.30 -14.51 137.11
N VAL B 1002 -49.85 -15.12 136.05
CA VAL B 1002 -50.64 -14.36 135.08
C VAL B 1002 -51.95 -13.89 135.71
N ALA B 1003 -52.61 -14.76 136.46
CA ALA B 1003 -53.90 -14.40 137.05
C ALA B 1003 -53.75 -13.30 138.10
N GLN B 1004 -52.65 -13.33 138.86
CA GLN B 1004 -52.43 -12.31 139.89
C GLN B 1004 -52.34 -10.91 139.30
N MET B 1005 -51.96 -10.79 138.02
CA MET B 1005 -51.86 -9.47 137.39
C MET B 1005 -53.23 -8.80 137.27
N TYR B 1006 -54.27 -9.58 136.98
CA TYR B 1006 -55.61 -9.02 136.89
C TYR B 1006 -56.08 -8.48 138.24
N PHE B 1007 -55.51 -8.96 139.34
CA PHE B 1007 -55.82 -8.38 140.64
C PHE B 1007 -54.96 -7.15 140.93
N ASP B 1008 -53.74 -7.11 140.38
CA ASP B 1008 -52.84 -5.99 140.65
C ASP B 1008 -53.27 -4.73 139.92
N ASP B 1009 -53.83 -4.85 138.73
CA ASP B 1009 -54.36 -3.69 138.02
C ASP B 1009 -55.84 -3.48 138.27
N GLY B 1010 -56.47 -4.32 139.08
CA GLY B 1010 -57.86 -4.17 139.43
C GLY B 1010 -58.85 -4.51 138.34
N THR B 1011 -58.38 -4.96 137.17
CA THR B 1011 -59.29 -5.26 136.08
C THR B 1011 -60.12 -6.51 136.33
N VAL B 1012 -59.81 -7.29 137.37
CA VAL B 1012 -60.59 -8.49 137.66
C VAL B 1012 -62.01 -8.12 138.06
N SER B 1013 -62.21 -6.91 138.57
CA SER B 1013 -63.56 -6.47 138.90
C SER B 1013 -64.39 -6.17 137.67
N LEU B 1014 -63.77 -6.08 136.48
CA LEU B 1014 -64.48 -5.86 135.24
C LEU B 1014 -64.79 -7.15 134.49
N ALA B 1015 -64.34 -8.29 135.01
CA ALA B 1015 -64.58 -9.58 134.36
C ALA B 1015 -65.99 -10.08 134.67
N CYS B 1016 -66.49 -10.92 133.77
CA CYS B 1016 -67.76 -11.58 134.00
C CYS B 1016 -67.59 -12.67 135.07
N PRO B 1017 -68.68 -13.11 135.69
CA PRO B 1017 -68.56 -14.09 136.80
C PRO B 1017 -67.78 -15.33 136.44
N PRO B 1018 -67.94 -15.91 135.24
CA PRO B 1018 -67.08 -17.06 134.89
C PRO B 1018 -65.61 -16.72 134.88
N ILE B 1019 -65.21 -15.67 134.15
CA ILE B 1019 -63.81 -15.27 134.09
C ILE B 1019 -63.34 -14.80 135.46
N ARG B 1020 -64.18 -14.05 136.17
CA ARG B 1020 -63.82 -13.58 137.51
C ARG B 1020 -63.53 -14.74 138.45
N ALA B 1021 -64.43 -15.73 138.48
CA ALA B 1021 -64.22 -16.88 139.34
C ALA B 1021 -63.00 -17.69 138.91
N LEU B 1022 -62.77 -17.80 137.60
CA LEU B 1022 -61.61 -18.53 137.12
C LEU B 1022 -60.31 -17.83 137.51
N LEU B 1023 -60.27 -16.50 137.39
CA LEU B 1023 -59.06 -15.76 137.76
C LEU B 1023 -58.79 -15.86 139.26
N GLU B 1024 -59.85 -15.86 140.08
CA GLU B 1024 -59.66 -16.03 141.52
C GLU B 1024 -59.09 -17.39 141.85
N ILE B 1025 -59.59 -18.45 141.19
CA ILE B 1025 -59.07 -19.79 141.43
C ILE B 1025 -57.61 -19.88 141.02
N MET B 1026 -57.28 -19.36 139.83
CA MET B 1026 -55.92 -19.45 139.33
C MET B 1026 -54.93 -18.73 140.24
N ALA B 1027 -55.32 -17.59 140.78
CA ALA B 1027 -54.39 -16.75 141.53
C ALA B 1027 -54.37 -17.05 143.01
N HIS B 1028 -55.49 -17.50 143.58
CA HIS B 1028 -55.59 -17.68 145.02
C HIS B 1028 -56.01 -19.07 145.46
N GLY B 1029 -56.30 -19.97 144.52
CA GLY B 1029 -56.64 -21.34 144.83
C GLY B 1029 -58.13 -21.62 144.91
N ALA B 1030 -58.93 -20.61 145.22
CA ALA B 1030 -60.38 -20.78 145.29
C ALA B 1030 -61.05 -19.47 144.95
N SER B 1031 -62.27 -19.56 144.42
CA SER B 1031 -63.04 -18.38 144.12
C SER B 1031 -63.52 -17.73 145.42
N ALA B 1032 -64.14 -16.55 145.28
CA ALA B 1032 -64.67 -15.86 146.44
C ALA B 1032 -65.71 -16.71 147.17
N GLU B 1033 -66.49 -17.51 146.43
CA GLU B 1033 -67.49 -18.39 147.01
C GLU B 1033 -66.89 -19.66 147.59
N GLY B 1034 -65.58 -19.86 147.46
CA GLY B 1034 -64.95 -21.09 147.89
C GLY B 1034 -64.91 -22.19 146.86
N TRP B 1035 -65.24 -21.89 145.61
CA TRP B 1035 -65.23 -22.90 144.55
C TRP B 1035 -63.81 -23.24 144.13
N THR B 1036 -63.64 -24.46 143.63
CA THR B 1036 -62.43 -24.88 142.95
C THR B 1036 -62.80 -25.25 141.50
N LEU B 1037 -61.81 -25.79 140.78
CA LEU B 1037 -62.03 -26.05 139.35
C LEU B 1037 -63.10 -27.10 139.12
N ASP B 1038 -63.35 -27.98 140.09
CA ASP B 1038 -64.32 -29.06 139.92
C ASP B 1038 -65.57 -28.85 140.76
N SER B 1039 -65.80 -27.64 141.24
CA SER B 1039 -67.07 -27.32 141.90
C SER B 1039 -68.17 -27.27 140.85
N PRO B 1040 -69.25 -28.05 141.00
CA PRO B 1040 -70.33 -27.97 140.00
C PRO B 1040 -70.93 -26.58 139.86
N GLU B 1041 -70.94 -25.80 140.94
CA GLU B 1041 -71.41 -24.41 140.85
C GLU B 1041 -70.51 -23.59 139.94
N PHE B 1042 -69.21 -23.78 140.04
CA PHE B 1042 -68.27 -23.00 139.22
C PHE B 1042 -68.35 -23.40 137.75
N ARG B 1043 -68.34 -24.71 137.48
CA ARG B 1043 -68.37 -25.15 136.09
C ARG B 1043 -69.69 -24.81 135.41
N LYS B 1044 -70.78 -24.77 136.17
CA LYS B 1044 -72.08 -24.44 135.60
C LYS B 1044 -72.14 -23.01 135.09
N LEU B 1045 -71.27 -22.12 135.58
CA LEU B 1045 -71.22 -20.76 135.08
C LEU B 1045 -70.79 -20.68 133.62
N PHE B 1046 -70.16 -21.73 133.10
CA PHE B 1046 -69.71 -21.76 131.72
C PHE B 1046 -70.70 -22.46 130.80
N GLU B 1047 -71.74 -23.08 131.34
CA GLU B 1047 -72.71 -23.78 130.52
C GLU B 1047 -73.60 -22.80 129.76
N ARG B 1048 -74.08 -23.23 128.60
CA ARG B 1048 -74.82 -22.34 127.72
C ARG B 1048 -76.15 -21.92 128.33
N GLU B 1049 -76.88 -22.87 128.94
CA GLU B 1049 -78.16 -22.53 129.55
C GLU B 1049 -77.99 -21.50 130.66
N SER B 1050 -76.86 -21.55 131.37
CA SER B 1050 -76.65 -20.61 132.47
C SER B 1050 -76.33 -19.21 131.96
N VAL B 1051 -75.49 -19.11 130.92
CA VAL B 1051 -75.12 -17.78 130.43
C VAL B 1051 -76.31 -17.13 129.73
N LEU B 1052 -77.16 -17.93 129.06
CA LEU B 1052 -78.33 -17.35 128.40
C LEU B 1052 -79.31 -16.77 129.41
N ALA B 1053 -79.42 -17.38 130.60
CA ALA B 1053 -80.31 -16.90 131.64
C ALA B 1053 -79.65 -15.91 132.59
N SER B 1054 -78.34 -15.71 132.47
CA SER B 1054 -77.61 -14.91 133.45
C SER B 1054 -77.92 -13.42 133.28
N ASP B 1055 -77.80 -12.68 134.39
CA ASP B 1055 -78.00 -11.24 134.35
C ASP B 1055 -76.81 -10.53 133.71
N TRP B 1056 -75.60 -11.08 133.84
CA TRP B 1056 -74.44 -10.42 133.27
C TRP B 1056 -74.45 -10.47 131.75
N TYR B 1057 -75.05 -11.52 131.17
CA TYR B 1057 -75.14 -11.57 129.71
C TYR B 1057 -76.20 -10.61 129.19
N ALA B 1058 -77.37 -10.57 129.85
CA ALA B 1058 -78.39 -9.60 129.47
C ALA B 1058 -77.87 -8.18 129.59
N ALA B 1059 -77.01 -7.92 130.60
CA ALA B 1059 -76.41 -6.61 130.73
C ALA B 1059 -75.47 -6.31 129.55
N ARG B 1060 -74.86 -7.35 128.98
CA ARG B 1060 -74.06 -7.13 127.78
C ARG B 1060 -74.95 -6.84 126.58
N LEU B 1061 -76.08 -7.51 126.48
CA LEU B 1061 -77.00 -7.26 125.37
C LEU B 1061 -77.66 -5.91 125.49
N ASP B 1062 -78.00 -5.49 126.72
CA ASP B 1062 -78.57 -4.15 126.91
C ASP B 1062 -77.53 -3.07 126.62
N ALA B 1063 -76.28 -3.29 127.03
CA ALA B 1063 -75.23 -2.32 126.74
C ALA B 1063 -74.96 -2.26 125.24
N LYS B 1064 -75.06 -3.39 124.55
CA LYS B 1064 -74.88 -3.40 123.11
C LYS B 1064 -75.99 -2.64 122.40
N GLN B 1065 -77.24 -2.85 122.82
CA GLN B 1065 -78.34 -2.08 122.23
C GLN B 1065 -78.21 -0.59 122.52
N ALA B 1066 -77.68 -0.24 123.69
CA ALA B 1066 -77.57 1.17 124.06
C ALA B 1066 -76.54 1.88 123.20
N GLU B 1067 -75.37 1.26 123.00
CA GLU B 1067 -74.34 1.90 122.20
C GLU B 1067 -74.72 1.93 120.72
N ASP B 1068 -75.37 0.86 120.23
CA ASP B 1068 -75.84 0.86 118.86
C ASP B 1068 -76.86 1.96 118.62
N VAL B 1069 -77.74 2.21 119.59
CA VAL B 1069 -78.68 3.30 119.48
C VAL B 1069 -77.96 4.64 119.53
N LYS B 1070 -76.97 4.78 120.41
CA LYS B 1070 -76.23 6.03 120.51
C LYS B 1070 -75.46 6.32 119.23
N GLN B 1071 -74.83 5.29 118.65
CA GLN B 1071 -74.06 5.49 117.43
C GLN B 1071 -74.96 5.91 116.27
N THR B 1072 -76.08 5.21 116.09
CA THR B 1072 -77.01 5.58 115.02
C THR B 1072 -77.60 6.96 115.25
N GLU B 1073 -77.88 7.30 116.52
CA GLU B 1073 -78.39 8.62 116.83
C GLU B 1073 -77.37 9.71 116.49
N GLU B 1074 -76.11 9.48 116.87
CA GLU B 1074 -75.05 10.42 116.51
C GLU B 1074 -74.88 10.50 115.00
N GLY B 1075 -75.21 9.43 114.28
CA GLY B 1075 -75.15 9.44 112.83
C GLY B 1075 -76.30 10.18 112.20
N VAL B 1076 -77.50 10.00 112.74
CA VAL B 1076 -78.67 10.73 112.24
C VAL B 1076 -78.46 12.23 112.41
N GLU B 1077 -77.97 12.65 113.57
CA GLU B 1077 -77.72 14.08 113.79
C GLU B 1077 -76.56 14.58 112.94
N ARG B 1078 -75.58 13.70 112.66
CA ARG B 1078 -74.48 14.09 111.80
C ARG B 1078 -74.96 14.39 110.38
N LEU B 1079 -75.80 13.52 109.83
CA LEU B 1079 -76.33 13.75 108.49
C LEU B 1079 -77.30 14.92 108.46
N LYS B 1080 -78.21 14.99 109.44
CA LYS B 1080 -79.15 16.11 109.49
C LYS B 1080 -78.43 17.45 109.51
N GLU B 1081 -77.42 17.58 110.36
CA GLU B 1081 -76.68 18.83 110.46
C GLU B 1081 -75.99 19.15 109.13
N TYR B 1082 -75.29 18.17 108.56
CA TYR B 1082 -74.55 18.41 107.32
C TYR B 1082 -75.50 18.74 106.18
N ILE B 1083 -76.63 18.03 106.09
CA ILE B 1083 -77.58 18.27 105.00
C ILE B 1083 -78.19 19.67 105.12
N GLU B 1084 -78.46 20.11 106.35
CA GLU B 1084 -79.08 21.42 106.56
C GLU B 1084 -78.14 22.59 106.27
N ARG B 1085 -76.85 22.34 106.11
CA ARG B 1085 -75.93 23.41 105.74
C ARG B 1085 -76.33 23.95 104.36
N PRO B 1086 -76.23 25.27 104.14
CA PRO B 1086 -76.65 25.80 102.83
C PRO B 1086 -75.71 25.38 101.71
N ASP B 1087 -74.40 25.43 101.93
CA ASP B 1087 -73.45 25.13 100.87
C ASP B 1087 -73.34 23.64 100.56
N SER B 1088 -73.98 22.78 101.35
CA SER B 1088 -73.79 21.34 101.23
C SER B 1088 -74.69 20.69 100.18
N GLY B 1089 -75.32 21.48 99.31
CA GLY B 1089 -76.29 20.92 98.38
C GLY B 1089 -75.69 19.88 97.46
N SER B 1090 -74.59 20.21 96.78
CA SER B 1090 -74.04 19.32 95.78
C SER B 1090 -73.58 18.00 96.38
N VAL B 1091 -73.00 18.04 97.59
CA VAL B 1091 -72.56 16.81 98.23
C VAL B 1091 -73.75 15.92 98.55
N SER B 1092 -74.86 16.51 99.02
CA SER B 1092 -76.03 15.71 99.35
C SER B 1092 -76.59 15.00 98.13
N ALA B 1093 -76.49 15.61 96.94
CA ALA B 1093 -77.02 14.99 95.74
C ALA B 1093 -76.10 13.90 95.22
N ARG B 1094 -74.78 14.10 95.30
CA ARG B 1094 -73.85 13.12 94.77
C ARG B 1094 -73.79 11.87 95.66
N LEU B 1095 -73.80 12.05 96.97
CA LEU B 1095 -73.73 10.92 97.90
C LEU B 1095 -75.10 10.38 98.28
N HIS B 1096 -76.18 11.05 97.86
CA HIS B 1096 -77.55 10.67 98.24
C HIS B 1096 -77.71 10.65 99.77
N LEU B 1097 -77.32 11.75 100.40
CA LEU B 1097 -77.36 11.82 101.86
C LEU B 1097 -78.79 11.86 102.38
N ALA B 1098 -79.73 12.38 101.60
CA ALA B 1098 -81.13 12.33 101.99
C ALA B 1098 -81.63 10.89 102.08
N ASP B 1099 -81.25 10.06 101.09
CA ASP B 1099 -81.60 8.65 101.14
C ASP B 1099 -80.86 7.93 102.26
N ARG B 1100 -79.59 8.32 102.50
CA ARG B 1100 -78.81 7.69 103.55
C ARG B 1100 -79.32 8.06 104.94
N LEU B 1101 -79.88 9.27 105.08
CA LEU B 1101 -80.45 9.66 106.37
C LEU B 1101 -81.73 8.90 106.68
N ARG B 1102 -82.56 8.66 105.65
CA ARG B 1102 -83.79 7.90 105.86
C ARG B 1102 -83.48 6.48 106.32
N GLU B 1103 -82.43 5.87 105.76
CA GLU B 1103 -82.00 4.56 106.22
C GLU B 1103 -81.61 4.61 107.70
N LEU B 1104 -80.81 5.61 108.08
CA LEU B 1104 -80.40 5.75 109.47
C LEU B 1104 -81.60 5.91 110.39
N GLU B 1105 -82.54 6.77 110.01
CA GLU B 1105 -83.74 6.96 110.81
C GLU B 1105 -84.57 5.69 110.88
N ALA B 1106 -84.55 4.89 109.81
CA ALA B 1106 -85.24 3.60 109.85
C ALA B 1106 -84.52 2.62 110.75
N GLN B 1107 -83.18 2.66 110.76
CA GLN B 1107 -82.42 1.74 111.60
C GLN B 1107 -82.50 2.14 113.07
N LEU B 1108 -82.51 3.44 113.35
CA LEU B 1108 -82.59 3.90 114.73
C LEU B 1108 -83.89 3.47 115.38
N THR B 1109 -85.00 3.49 114.63
CA THR B 1109 -86.25 2.99 115.15
C THR B 1109 -86.19 1.49 115.40
N TYR B 1110 -85.56 0.74 114.50
CA TYR B 1110 -85.44 -0.70 114.68
C TYR B 1110 -84.54 -1.04 115.86
N GLU B 1111 -83.41 -0.33 116.01
CA GLU B 1111 -82.48 -0.61 117.08
C GLU B 1111 -82.99 -0.16 118.44
N ARG B 1112 -84.03 0.68 118.50
CA ARG B 1112 -84.67 0.99 119.76
C ARG B 1112 -85.71 -0.07 120.16
N SER B 1113 -86.16 -0.88 119.21
CA SER B 1113 -87.28 -1.78 119.42
C SER B 1113 -86.87 -3.03 120.21
N PRO B 1114 -87.83 -3.66 120.88
CA PRO B 1114 -87.52 -4.96 121.52
C PRO B 1114 -87.20 -6.05 120.52
N GLU B 1115 -87.66 -5.94 119.27
CA GLU B 1115 -87.33 -6.92 118.25
C GLU B 1115 -85.83 -7.00 118.03
N TYR B 1116 -85.14 -5.86 118.07
CA TYR B 1116 -83.70 -5.84 117.95
C TYR B 1116 -83.04 -6.49 119.17
N ARG B 1117 -83.54 -6.18 120.38
CA ARG B 1117 -82.99 -6.77 121.59
C ARG B 1117 -83.14 -8.29 121.62
N ARG B 1118 -84.21 -8.81 121.00
CA ARG B 1118 -84.34 -10.26 120.88
C ARG B 1118 -83.37 -10.82 119.86
N SER B 1119 -83.07 -10.07 118.80
CA SER B 1119 -82.11 -10.53 117.80
C SER B 1119 -80.69 -10.57 118.35
N LEU B 1120 -80.42 -9.85 119.44
CA LEU B 1120 -79.09 -9.88 120.06
C LEU B 1120 -78.84 -11.13 120.88
N VAL B 1121 -79.89 -11.89 121.21
CA VAL B 1121 -79.72 -13.13 121.96
C VAL B 1121 -78.95 -14.12 121.10
N GLY B 1122 -77.79 -14.56 121.57
CA GLY B 1122 -76.89 -15.37 120.80
C GLY B 1122 -75.69 -14.64 120.26
N THR B 1123 -75.59 -13.34 120.51
CA THR B 1123 -74.46 -12.52 120.11
C THR B 1123 -73.62 -12.16 121.33
N LEU B 1124 -72.43 -11.61 121.06
CA LEU B 1124 -71.46 -11.37 122.12
C LEU B 1124 -71.85 -10.17 123.00
N GLY B 1125 -72.66 -9.25 122.50
CA GLY B 1125 -72.99 -8.08 123.28
C GLY B 1125 -71.78 -7.18 123.51
N ARG B 1126 -71.93 -6.26 124.46
CA ARG B 1126 -70.93 -5.24 124.72
C ARG B 1126 -70.53 -5.27 126.19
N GLN B 1127 -69.29 -4.88 126.46
CA GLN B 1127 -68.82 -4.70 127.82
C GLN B 1127 -69.71 -3.68 128.53
N PRO B 1128 -70.40 -4.07 129.62
CA PRO B 1128 -71.32 -3.13 130.25
C PRO B 1128 -70.64 -1.93 130.87
N ARG B 1129 -69.53 -2.14 131.59
CA ARG B 1129 -68.76 -1.06 132.19
C ARG B 1129 -67.29 -1.27 131.88
N PHE B 1130 -66.65 -0.22 131.35
CA PHE B 1130 -65.24 -0.30 130.96
C PHE B 1130 -64.28 0.08 132.07
N VAL B 1131 -64.75 0.70 133.14
CA VAL B 1131 -63.87 1.10 134.22
C VAL B 1131 -64.55 0.89 135.57
N MET C 1 -32.63 16.23 40.16
CA MET C 1 -33.44 15.05 40.47
C MET C 1 -33.56 14.85 41.97
N SER C 2 -34.59 14.12 42.39
CA SER C 2 -34.81 13.84 43.80
C SER C 2 -33.71 12.94 44.35
N VAL C 3 -33.71 12.80 45.68
CA VAL C 3 -32.74 11.91 46.31
C VAL C 3 -33.07 10.45 45.98
N VAL C 4 -34.35 10.14 45.72
CA VAL C 4 -34.73 8.79 45.36
C VAL C 4 -34.22 8.45 43.97
N GLU C 5 -34.48 9.33 43.00
CA GLU C 5 -34.02 9.09 41.64
C GLU C 5 -32.50 9.05 41.55
N ARG C 6 -31.81 9.83 42.38
CA ARG C 6 -30.35 9.83 42.35
C ARG C 6 -29.79 8.51 42.86
N ARG C 7 -30.45 7.90 43.84
CA ARG C 7 -29.99 6.61 44.34
C ARG C 7 -30.38 5.46 43.41
N GLN C 8 -31.52 5.57 42.72
CA GLN C 8 -31.90 4.54 41.77
C GLN C 8 -30.98 4.54 40.54
N ILE C 9 -30.54 5.73 40.12
CA ILE C 9 -29.57 5.79 39.03
C ILE C 9 -28.23 5.25 39.49
N ASN C 10 -27.80 5.63 40.70
CA ASN C 10 -26.53 5.12 41.23
C ASN C 10 -26.58 3.61 41.38
N ALA C 11 -27.73 3.06 41.76
CA ALA C 11 -27.85 1.60 41.86
C ALA C 11 -27.75 0.95 40.49
N ALA C 12 -28.40 1.53 39.48
CA ALA C 12 -28.28 1.02 38.13
C ALA C 12 -26.85 1.16 37.61
N ILE C 13 -26.15 2.21 38.01
CA ILE C 13 -24.77 2.42 37.59
C ILE C 13 -23.86 1.38 38.24
N ASN C 14 -24.01 1.16 39.54
CA ASN C 14 -23.15 0.21 40.24
C ASN C 14 -23.32 -1.20 39.72
N LEU C 15 -24.53 -1.57 39.31
CA LEU C 15 -24.74 -2.87 38.69
C LEU C 15 -23.93 -3.01 37.41
N ARG C 16 -24.05 -2.02 36.51
CA ARG C 16 -23.32 -2.08 35.26
C ARG C 16 -21.82 -1.98 35.49
N LEU C 17 -21.40 -1.15 36.46
CA LEU C 17 -19.99 -1.13 36.82
C LEU C 17 -19.53 -2.47 37.38
N SER C 18 -20.35 -3.08 38.24
CA SER C 18 -19.99 -4.38 38.83
C SER C 18 -19.95 -5.47 37.76
N LEU C 19 -20.88 -5.43 36.80
CA LEU C 19 -20.87 -6.40 35.72
C LEU C 19 -19.56 -6.36 34.94
N LEU C 20 -19.06 -5.16 34.65
CA LEU C 20 -17.79 -5.01 33.95
C LEU C 20 -16.58 -5.27 34.83
N GLY C 21 -16.78 -5.63 36.10
CA GLY C 21 -15.65 -5.89 36.97
C GLY C 21 -14.84 -4.67 37.34
N LEU C 22 -15.48 -3.50 37.41
CA LEU C 22 -14.85 -2.23 37.73
C LEU C 22 -15.17 -1.81 39.14
N PRO C 23 -14.32 -0.96 39.74
CA PRO C 23 -14.62 -0.47 41.09
C PRO C 23 -15.86 0.43 41.10
N HIS C 24 -16.54 0.45 42.24
CA HIS C 24 -17.77 1.20 42.42
C HIS C 24 -18.04 1.30 43.92
N PRO C 25 -18.85 2.29 44.33
CA PRO C 25 -19.13 2.45 45.77
C PRO C 25 -19.94 1.29 46.33
N ASP C 26 -19.85 1.13 47.64
CA ASP C 26 -20.63 0.12 48.35
C ASP C 26 -21.61 0.76 49.34
N ASP C 33 -30.14 -7.31 47.64
CA ASP C 33 -28.76 -7.11 48.05
C ASP C 33 -27.81 -7.43 46.90
N ALA C 34 -26.53 -7.08 47.07
CA ALA C 34 -25.53 -7.45 46.08
C ALA C 34 -25.38 -8.96 45.99
N ILE C 35 -25.49 -9.65 47.13
CA ILE C 35 -25.34 -11.10 47.16
C ILE C 35 -26.46 -11.83 46.44
N LEU C 36 -27.50 -11.11 46.02
CA LEU C 36 -28.62 -11.71 45.30
C LEU C 36 -28.51 -11.53 43.79
N VAL C 37 -27.81 -10.51 43.34
CA VAL C 37 -27.61 -10.27 41.92
C VAL C 37 -26.25 -10.78 41.43
N GLU C 38 -25.31 -11.05 42.33
CA GLU C 38 -23.98 -11.49 41.93
C GLU C 38 -23.99 -12.76 41.09
N PRO C 39 -24.77 -13.81 41.40
CA PRO C 39 -24.80 -14.96 40.50
C PRO C 39 -25.17 -14.62 39.06
N LEU C 40 -26.09 -13.67 38.86
CA LEU C 40 -26.43 -13.28 37.50
C LEU C 40 -25.31 -12.52 36.81
N LEU C 41 -24.52 -11.77 37.57
CA LEU C 41 -23.41 -11.04 36.98
C LEU C 41 -22.29 -11.99 36.56
N ALA C 42 -21.94 -12.94 37.42
CA ALA C 42 -20.89 -13.91 37.08
C ALA C 42 -21.32 -14.79 35.92
N ARG C 43 -22.59 -15.17 35.87
CA ARG C 43 -23.10 -15.94 34.74
C ARG C 43 -23.04 -15.12 33.45
N GLN C 44 -23.38 -13.84 33.52
CA GLN C 44 -23.37 -13.02 32.32
C GLN C 44 -21.97 -12.75 31.84
N ARG C 45 -21.03 -12.55 32.77
CA ARG C 45 -19.62 -12.39 32.39
C ARG C 45 -19.11 -13.63 31.67
N GLU C 46 -19.60 -14.81 32.04
CA GLU C 46 -19.20 -16.03 31.36
C GLU C 46 -19.91 -16.20 30.02
N LEU C 47 -21.15 -15.75 29.91
CA LEU C 47 -21.81 -15.76 28.61
C LEU C 47 -21.09 -14.87 27.62
N SER C 48 -20.59 -13.73 28.09
CA SER C 48 -19.86 -12.81 27.21
C SER C 48 -18.57 -13.44 26.71
N ARG C 49 -17.90 -14.23 27.56
CA ARG C 49 -16.65 -14.85 27.14
C ARG C 49 -16.90 -15.96 26.13
N ARG C 50 -17.96 -16.75 26.34
CA ARG C 50 -18.33 -17.78 25.39
C ARG C 50 -18.81 -17.22 24.06
N LEU C 51 -18.96 -15.91 23.94
CA LEU C 51 -19.33 -15.26 22.69
C LEU C 51 -18.17 -14.48 22.08
N LYS C 52 -16.98 -14.58 22.67
CA LYS C 52 -15.79 -13.87 22.20
C LYS C 52 -16.03 -12.36 22.13
N ASP C 53 -16.85 -11.84 23.04
CA ASP C 53 -17.17 -10.42 23.11
C ASP C 53 -17.64 -9.88 21.75
N ARG C 54 -18.54 -10.64 21.13
CA ARG C 54 -19.03 -10.27 19.81
C ARG C 54 -19.75 -8.92 19.85
N LEU C 55 -19.52 -8.11 18.82
CA LEU C 55 -20.13 -6.80 18.74
C LEU C 55 -21.64 -6.91 18.56
N SER C 56 -22.34 -5.88 19.03
CA SER C 56 -23.78 -5.80 18.80
C SER C 56 -24.06 -5.50 17.34
N ALA C 57 -25.34 -5.60 16.96
CA ALA C 57 -25.71 -5.41 15.56
C ALA C 57 -25.31 -4.06 15.01
N PRO C 58 -25.54 -2.92 15.70
CA PRO C 58 -25.04 -1.65 15.14
C PRO C 58 -23.54 -1.62 14.95
N ASP C 59 -22.78 -2.05 15.96
CA ASP C 59 -21.32 -2.08 15.83
C ASP C 59 -20.88 -2.95 14.67
N LEU C 60 -21.53 -4.09 14.49
CA LEU C 60 -21.18 -5.00 13.40
C LEU C 60 -21.27 -4.30 12.06
N ARG C 61 -22.37 -3.58 11.82
CA ARG C 61 -22.48 -2.81 10.58
C ARG C 61 -21.38 -1.77 10.46
N ILE C 62 -20.98 -1.17 11.59
CA ILE C 62 -19.88 -0.20 11.58
C ILE C 62 -18.56 -0.91 11.34
N GLN C 63 -18.35 -2.05 12.00
CA GLN C 63 -17.08 -2.76 11.87
C GLN C 63 -16.89 -3.31 10.47
N ARG C 64 -17.98 -3.79 9.84
CA ARG C 64 -17.88 -4.29 8.48
C ARG C 64 -17.45 -3.18 7.52
N PHE C 65 -18.01 -1.98 7.69
CA PHE C 65 -17.65 -0.88 6.83
C PHE C 65 -16.17 -0.53 7.00
N LEU C 66 -15.71 -0.39 8.24
CA LEU C 66 -14.31 -0.03 8.47
C LEU C 66 -13.37 -1.10 7.95
N ASP C 67 -13.73 -2.37 8.11
CA ASP C 67 -12.90 -3.46 7.60
C ASP C 67 -12.76 -3.38 6.08
N ASP C 68 -13.88 -3.25 5.37
CA ASP C 68 -13.82 -3.17 3.91
C ASP C 68 -13.21 -1.85 3.47
N TYR C 69 -13.65 -0.73 4.06
CA TYR C 69 -13.22 0.58 3.60
C TYR C 69 -11.74 0.83 3.84
N LEU C 70 -11.14 0.19 4.84
CA LEU C 70 -9.75 0.40 5.19
C LEU C 70 -8.89 -0.84 4.93
N ALA C 71 -9.27 -1.66 3.95
CA ALA C 71 -8.51 -2.87 3.67
C ALA C 71 -7.12 -2.56 3.13
N ASP C 72 -6.99 -1.51 2.30
CA ASP C 72 -5.72 -1.14 1.69
C ASP C 72 -4.88 -0.23 2.58
N CYS C 73 -4.96 -0.38 3.90
CA CYS C 73 -4.28 0.52 4.82
C CYS C 73 -3.38 -0.27 5.76
N ASP C 74 -2.44 0.44 6.39
CA ASP C 74 -1.55 -0.18 7.35
C ASP C 74 -2.30 -0.64 8.60
N GLU C 75 -3.21 0.19 9.09
CA GLU C 75 -4.01 -0.14 10.26
C GLU C 75 -5.41 -0.56 9.84
N HIS C 76 -6.04 -1.38 10.67
CA HIS C 76 -7.42 -1.82 10.48
C HIS C 76 -8.13 -1.66 11.82
N PRO C 77 -8.63 -0.45 12.10
CA PRO C 77 -9.16 -0.16 13.44
C PRO C 77 -10.31 -1.08 13.81
N GLN C 78 -10.32 -1.49 15.08
CA GLN C 78 -11.36 -2.35 15.63
C GLN C 78 -12.06 -1.62 16.77
N LEU C 79 -13.39 -1.55 16.72
CA LEU C 79 -14.16 -0.90 17.77
C LEU C 79 -13.88 -1.57 19.12
N PRO C 80 -14.06 -0.83 20.22
CA PRO C 80 -13.93 -1.45 21.55
C PRO C 80 -14.94 -2.57 21.71
N ARG C 81 -14.43 -3.76 22.05
CA ARG C 81 -15.29 -4.93 22.19
C ARG C 81 -16.05 -4.95 23.50
N THR C 82 -15.55 -4.28 24.53
CA THR C 82 -16.20 -4.24 25.83
C THR C 82 -16.37 -2.78 26.24
N THR C 83 -17.61 -2.35 26.44
CA THR C 83 -17.90 -0.97 26.78
C THR C 83 -19.01 -0.92 27.83
N LEU C 84 -19.07 0.21 28.53
CA LEU C 84 -20.17 0.50 29.45
C LEU C 84 -21.37 0.95 28.63
N VAL C 85 -22.36 0.08 28.51
CA VAL C 85 -23.53 0.35 27.67
C VAL C 85 -24.52 1.19 28.46
N LEU C 86 -24.79 2.40 27.96
CA LEU C 86 -25.78 3.29 28.57
C LEU C 86 -27.13 3.00 27.91
N ASP C 87 -27.83 2.00 28.44
CA ASP C 87 -29.09 1.54 27.87
C ASP C 87 -30.30 2.25 28.43
N GLU C 88 -30.16 2.99 29.52
CA GLU C 88 -31.25 3.73 30.13
C GLU C 88 -30.92 5.22 30.17
N PRO C 89 -31.89 6.08 29.92
CA PRO C 89 -31.63 7.52 30.04
C PRO C 89 -31.32 7.90 31.48
N GLY C 90 -30.46 8.90 31.64
CA GLY C 90 -30.08 9.38 32.96
C GLY C 90 -28.86 8.71 33.57
N LEU C 91 -28.42 7.58 33.03
CA LEU C 91 -27.20 6.96 33.54
C LEU C 91 -25.98 7.81 33.22
N ALA C 92 -25.94 8.40 32.02
CA ALA C 92 -24.85 9.29 31.67
C ALA C 92 -24.82 10.51 32.60
N ARG C 93 -25.99 11.02 32.95
CA ARG C 93 -26.07 12.10 33.94
C ARG C 93 -25.42 11.69 35.25
N GLY C 94 -25.79 10.52 35.77
CA GLY C 94 -25.24 10.07 37.04
C GLY C 94 -23.75 9.82 36.97
N LEU C 95 -23.27 9.33 35.82
CA LEU C 95 -21.86 8.99 35.68
C LEU C 95 -20.97 10.20 35.42
N SER C 96 -21.53 11.32 34.98
CA SER C 96 -20.74 12.48 34.60
C SER C 96 -20.23 13.29 35.80
N LEU C 97 -20.65 12.95 37.02
CA LEU C 97 -20.19 13.63 38.21
C LEU C 97 -19.78 12.61 39.27
N PRO C 98 -18.89 12.99 40.18
CA PRO C 98 -18.56 12.10 41.29
C PRO C 98 -19.80 11.74 42.10
N VAL C 99 -19.89 10.47 42.48
CA VAL C 99 -21.02 10.00 43.27
C VAL C 99 -20.99 10.63 44.66
N ASP C 100 -19.80 10.90 45.19
CA ASP C 100 -19.62 11.35 46.57
C ASP C 100 -19.20 12.81 46.66
N GLY C 101 -19.20 13.54 45.55
CA GLY C 101 -18.75 14.92 45.55
C GLY C 101 -19.46 15.72 44.47
N ASP C 102 -19.16 17.02 44.44
CA ASP C 102 -19.82 17.94 43.53
C ASP C 102 -18.86 18.62 42.57
N GLU C 103 -17.64 18.10 42.43
CA GLU C 103 -16.62 18.75 41.61
C GLU C 103 -15.75 17.69 40.95
N PHE C 104 -15.44 17.91 39.68
CA PHE C 104 -14.59 17.01 38.91
C PHE C 104 -13.77 17.80 37.91
N HIS C 105 -12.48 17.47 37.81
CA HIS C 105 -11.56 18.18 36.92
C HIS C 105 -10.64 17.16 36.24
N SER C 106 -10.67 17.15 34.91
CA SER C 106 -9.72 16.42 34.09
C SER C 106 -9.09 17.40 33.11
N ASP C 107 -8.24 16.89 32.22
CA ASP C 107 -7.58 17.75 31.24
C ASP C 107 -8.53 18.29 30.20
N ILE C 108 -9.74 17.74 30.07
CA ILE C 108 -10.64 18.12 29.01
C ILE C 108 -11.89 18.86 29.51
N VAL C 109 -12.27 18.69 30.79
CA VAL C 109 -13.54 19.22 31.26
C VAL C 109 -13.44 19.55 32.74
N ALA C 110 -14.20 20.55 33.16
CA ALA C 110 -14.41 20.89 34.56
C ALA C 110 -15.91 20.80 34.85
N SER C 111 -16.30 19.86 35.71
CA SER C 111 -17.70 19.55 35.93
C SER C 111 -18.09 19.83 37.37
N TYR C 112 -19.30 20.35 37.57
CA TYR C 112 -19.79 20.72 38.88
C TYR C 112 -21.25 20.34 39.00
N ARG C 113 -21.62 19.80 40.16
CA ARG C 113 -23.03 19.59 40.49
C ARG C 113 -23.62 20.90 41.01
N LEU C 114 -24.74 21.31 40.43
CA LEU C 114 -25.34 22.60 40.74
C LEU C 114 -26.67 22.44 41.47
N VAL C 115 -27.05 23.50 42.18
CA VAL C 115 -28.41 23.59 42.69
C VAL C 115 -29.40 23.60 41.54
N ASN C 116 -29.07 24.33 40.47
CA ASN C 116 -29.96 24.49 39.32
C ASN C 116 -29.56 23.63 38.13
N GLY C 117 -28.93 22.48 38.38
CA GLY C 117 -28.62 21.55 37.31
C GLY C 117 -27.22 20.97 37.39
N VAL C 118 -26.53 20.93 36.26
CA VAL C 118 -25.15 20.46 36.20
C VAL C 118 -24.38 21.36 35.25
N LEU C 119 -23.12 21.63 35.60
CA LEU C 119 -22.28 22.55 34.84
C LEU C 119 -21.06 21.80 34.31
N HIS C 120 -20.79 21.96 33.01
CA HIS C 120 -19.63 21.34 32.37
C HIS C 120 -18.91 22.40 31.54
N ASN C 121 -17.70 22.74 31.95
CA ASN C 121 -16.88 23.69 31.22
C ASN C 121 -15.80 22.93 30.45
N PRO C 122 -15.97 22.69 29.15
CA PRO C 122 -14.98 21.91 28.41
C PRO C 122 -13.68 22.67 28.18
N LYS C 123 -12.69 22.01 27.58
CA LYS C 123 -11.38 22.62 27.39
C LYS C 123 -11.47 23.87 26.53
N HIS C 124 -12.26 23.82 25.46
CA HIS C 124 -12.51 24.96 24.60
C HIS C 124 -13.97 25.38 24.71
N ASP C 125 -14.21 26.68 24.77
CA ASP C 125 -15.54 27.20 25.08
C ASP C 125 -16.38 27.47 23.84
N ARG C 126 -15.83 27.31 22.64
CA ARG C 126 -16.56 27.62 21.43
C ARG C 126 -16.09 26.74 20.29
N ARG C 127 -16.87 26.72 19.21
CA ARG C 127 -16.53 25.95 18.03
C ARG C 127 -15.62 26.74 17.10
N THR C 128 -14.83 26.00 16.33
CA THR C 128 -14.09 26.53 15.19
C THR C 128 -14.64 25.89 13.93
N THR C 129 -14.45 26.58 12.80
CA THR C 129 -14.81 26.04 11.51
C THR C 129 -13.65 25.92 10.55
N ALA C 130 -12.62 26.77 10.70
CA ALA C 130 -11.48 26.75 9.79
C ALA C 130 -10.64 25.50 10.04
N GLY C 131 -10.56 24.62 9.04
CA GLY C 131 -9.73 23.45 9.14
C GLY C 131 -10.21 22.40 10.11
N VAL C 132 -11.51 22.38 10.42
CA VAL C 132 -12.05 21.43 11.39
C VAL C 132 -12.59 20.18 10.71
N PHE C 133 -13.33 20.33 9.61
CA PHE C 133 -14.00 19.20 8.97
C PHE C 133 -13.01 18.51 8.03
N HIS C 134 -12.56 17.33 8.43
CA HIS C 134 -11.67 16.50 7.62
C HIS C 134 -12.44 15.31 7.09
N ILE C 135 -12.33 15.04 5.79
CA ILE C 135 -13.03 13.94 5.16
C ILE C 135 -12.01 13.01 4.51
N SER C 136 -12.09 11.74 4.85
CA SER C 136 -11.17 10.74 4.32
C SER C 136 -11.40 10.52 2.83
N THR C 137 -10.31 10.23 2.12
CA THR C 137 -10.41 9.89 0.72
C THR C 137 -10.90 8.45 0.56
N GLY C 138 -11.28 8.10 -0.68
CA GLY C 138 -11.74 6.76 -0.98
C GLY C 138 -13.23 6.56 -0.87
N GLY C 139 -14.01 7.62 -0.72
CA GLY C 139 -15.46 7.52 -0.63
C GLY C 139 -16.14 8.41 -1.64
N LEU C 140 -17.24 9.03 -1.21
CA LEU C 140 -17.95 9.99 -2.04
C LEU C 140 -17.11 11.25 -2.20
N PRO C 141 -17.38 12.06 -3.22
CA PRO C 141 -16.51 13.20 -3.51
C PRO C 141 -16.38 14.15 -2.34
N ILE C 142 -15.15 14.60 -2.09
CA ILE C 142 -14.87 15.54 -1.00
C ILE C 142 -15.06 16.97 -1.50
N PRO C 143 -15.86 17.78 -0.82
CA PRO C 143 -16.09 19.15 -1.27
C PRO C 143 -14.82 19.98 -1.23
N GLN C 144 -14.82 21.06 -2.04
CA GLN C 144 -13.61 21.87 -2.20
C GLN C 144 -13.21 22.58 -0.92
N ASP C 145 -14.16 22.85 -0.03
CA ASP C 145 -13.88 23.59 1.20
C ASP C 145 -13.39 22.71 2.34
N LYS C 146 -13.50 21.39 2.22
CA LYS C 146 -13.14 20.50 3.32
C LYS C 146 -11.67 20.10 3.24
N VAL C 147 -11.14 19.65 4.37
CA VAL C 147 -9.78 19.14 4.44
C VAL C 147 -9.76 17.70 3.93
N GLU C 148 -8.90 17.42 2.97
CA GLU C 148 -8.79 16.10 2.35
C GLU C 148 -7.70 15.32 3.08
N VAL C 149 -8.10 14.25 3.76
CA VAL C 149 -7.19 13.41 4.53
C VAL C 149 -7.08 12.06 3.83
N ASP C 150 -5.85 11.60 3.61
CA ASP C 150 -5.64 10.33 2.92
C ASP C 150 -6.24 9.19 3.73
N LYS C 151 -6.84 8.23 3.02
CA LYS C 151 -7.53 7.12 3.66
C LYS C 151 -6.64 6.38 4.64
N ASN C 152 -5.35 6.24 4.31
CA ASN C 152 -4.43 5.54 5.19
C ASN C 152 -4.16 6.33 6.47
N VAL C 153 -4.08 7.66 6.36
CA VAL C 153 -3.92 8.49 7.55
C VAL C 153 -5.16 8.39 8.44
N TYR C 154 -6.33 8.29 7.82
CA TYR C 154 -7.56 8.13 8.60
C TYR C 154 -7.55 6.83 9.39
N ALA C 155 -7.03 5.75 8.81
CA ALA C 155 -6.99 4.47 9.50
C ALA C 155 -6.05 4.53 10.71
N ARG C 156 -4.90 5.20 10.55
CA ARG C 156 -3.99 5.35 11.68
C ARG C 156 -4.60 6.23 12.77
N ILE C 157 -5.36 7.26 12.38
CA ILE C 157 -6.00 8.12 13.37
C ILE C 157 -7.09 7.36 14.11
N LEU C 158 -7.89 6.57 13.39
CA LEU C 158 -8.99 5.84 14.02
C LEU C 158 -8.46 4.77 14.97
N ALA C 159 -7.41 4.06 14.57
CA ALA C 159 -6.82 3.05 15.46
C ALA C 159 -6.22 3.71 16.70
N ARG C 160 -5.55 4.85 16.52
CA ARG C 160 -5.00 5.57 17.67
C ARG C 160 -6.08 6.19 18.54
N ALA C 161 -7.27 6.43 17.98
CA ALA C 161 -8.37 6.96 18.78
C ALA C 161 -8.80 5.97 19.86
N PHE C 162 -8.66 4.67 19.60
CA PHE C 162 -8.98 3.65 20.58
C PHE C 162 -7.81 3.31 21.49
N GLN C 163 -6.68 4.00 21.35
CA GLN C 163 -5.55 3.85 22.26
C GLN C 163 -5.51 5.04 23.21
N ALA C 164 -6.51 5.09 24.09
CA ALA C 164 -6.79 6.23 24.96
C ALA C 164 -6.02 6.11 26.27
N PRO C 165 -5.50 7.23 26.78
CA PRO C 165 -4.77 7.20 28.06
C PRO C 165 -5.71 7.05 29.24
N ASP C 166 -5.12 6.70 30.39
CA ASP C 166 -5.91 6.37 31.57
C ASP C 166 -6.69 7.57 32.08
N GLU C 167 -6.07 8.76 32.09
CA GLU C 167 -6.76 9.94 32.57
C GLU C 167 -8.01 10.23 31.74
N GLU C 168 -7.98 9.91 30.45
CA GLU C 168 -9.14 10.13 29.59
C GLU C 168 -10.19 9.04 29.74
N LEU C 169 -9.81 7.86 30.22
CA LEU C 169 -10.75 6.78 30.44
C LEU C 169 -11.39 6.82 31.83
N ALA C 170 -10.86 7.64 32.74
CA ALA C 170 -11.37 7.67 34.10
C ALA C 170 -12.78 8.20 34.14
N LEU C 171 -13.67 7.46 34.78
CA LEU C 171 -15.05 7.91 34.94
C LEU C 171 -15.10 9.02 35.98
N PRO C 172 -15.81 10.13 35.71
CA PRO C 172 -16.05 11.11 36.78
C PRO C 172 -16.75 10.52 37.97
N TYR C 173 -17.59 9.51 37.75
CA TYR C 173 -18.34 8.86 38.83
C TYR C 173 -17.42 8.37 39.95
N THR C 174 -16.25 7.83 39.59
CA THR C 174 -15.35 7.21 40.55
C THR C 174 -14.09 8.02 40.80
N ALA C 175 -14.13 9.33 40.50
CA ALA C 175 -12.91 10.14 40.55
C ALA C 175 -12.37 10.31 41.97
N ASN C 176 -13.20 10.15 43.00
CA ASN C 176 -12.78 10.35 44.38
C ASN C 176 -12.64 9.05 45.15
N LEU C 177 -12.63 7.91 44.47
CA LEU C 177 -12.58 6.62 45.13
C LEU C 177 -11.15 6.10 45.21
N PRO C 178 -10.86 5.18 46.13
CA PRO C 178 -9.52 4.59 46.19
C PRO C 178 -9.09 3.95 44.87
N GLU C 179 -10.02 3.32 44.17
CA GLU C 179 -9.77 2.78 42.84
C GLU C 179 -10.73 3.41 41.86
N GLN C 180 -10.20 4.00 40.80
CA GLN C 180 -11.04 4.60 39.77
C GLN C 180 -11.41 3.56 38.71
N ALA C 181 -12.56 3.78 38.08
CA ALA C 181 -13.09 2.88 37.07
C ALA C 181 -12.80 3.46 35.69
N HIS C 182 -11.93 2.78 34.93
CA HIS C 182 -11.58 3.18 33.58
C HIS C 182 -12.28 2.27 32.59
N CYS C 183 -12.91 2.87 31.57
CA CYS C 183 -13.64 2.09 30.59
C CYS C 183 -14.01 2.98 29.41
N TRP C 184 -14.45 2.33 28.33
CA TRP C 184 -15.15 3.00 27.24
C TRP C 184 -16.65 2.91 27.47
N ALA C 185 -17.36 3.93 27.03
CA ALA C 185 -18.81 3.97 27.15
C ALA C 185 -19.43 4.10 25.78
N SER C 186 -20.64 3.56 25.62
CA SER C 186 -21.33 3.56 24.35
C SER C 186 -22.77 4.01 24.53
N LEU C 187 -23.28 4.75 23.55
CA LEU C 187 -24.65 5.25 23.55
C LEU C 187 -25.25 5.06 22.17
N LEU C 188 -26.43 4.46 22.11
CA LEU C 188 -27.16 4.26 20.86
C LEU C 188 -28.32 5.24 20.80
N MET C 189 -28.54 5.84 19.63
CA MET C 189 -29.61 6.79 19.44
C MET C 189 -30.25 6.57 18.08
N ARG C 190 -31.41 7.18 17.87
CA ARG C 190 -32.16 7.06 16.62
C ARG C 190 -32.64 8.45 16.20
N PRO C 191 -31.75 9.27 15.65
CA PRO C 191 -32.16 10.63 15.25
C PRO C 191 -33.03 10.60 14.00
N THR C 192 -34.05 11.48 13.99
CA THR C 192 -35.02 11.50 12.91
C THR C 192 -34.41 12.03 11.62
N VAL C 193 -34.74 11.39 10.50
CA VAL C 193 -34.26 11.82 9.19
C VAL C 193 -35.44 12.16 8.29
N LEU C 194 -36.56 11.46 8.46
CA LEU C 194 -37.76 11.69 7.66
C LEU C 194 -38.96 11.86 8.58
N PRO C 195 -39.72 12.94 8.42
CA PRO C 195 -40.91 13.12 9.27
C PRO C 195 -42.07 12.25 8.81
N ALA C 196 -43.03 12.07 9.72
CA ALA C 196 -44.22 11.28 9.44
C ALA C 196 -45.32 12.17 8.89
N VAL C 197 -45.86 11.78 7.72
CA VAL C 197 -46.95 12.51 7.08
C VAL C 197 -48.03 11.47 6.76
N PRO C 198 -49.27 11.66 7.22
CA PRO C 198 -50.27 10.58 7.16
C PRO C 198 -50.50 10.10 5.73
N GLY C 199 -50.33 8.79 5.53
CA GLY C 199 -50.50 8.22 4.21
C GLY C 199 -49.52 8.72 3.18
N ARG C 200 -48.39 9.30 3.62
CA ARG C 200 -47.40 9.82 2.71
C ARG C 200 -46.02 9.27 3.06
N THR C 201 -45.65 9.36 4.34
CA THR C 201 -44.36 8.89 4.81
C THR C 201 -44.50 8.29 6.19
N THR C 202 -43.69 7.27 6.46
CA THR C 202 -43.48 6.80 7.81
C THR C 202 -42.30 7.55 8.41
N GLU C 203 -42.37 7.84 9.70
CA GLU C 203 -41.22 8.42 10.37
C GLU C 203 -40.05 7.45 10.30
N LYS C 204 -38.91 7.92 9.79
CA LYS C 204 -37.72 7.10 9.64
C LYS C 204 -36.55 7.77 10.33
N SER C 205 -35.68 6.96 10.93
CA SER C 205 -34.50 7.43 11.62
C SER C 205 -33.31 6.56 11.25
N TYR C 206 -32.12 7.13 11.33
CA TYR C 206 -30.91 6.33 11.18
C TYR C 206 -30.45 5.89 12.56
N GLU C 207 -29.31 5.21 12.62
CA GLU C 207 -28.75 4.74 13.89
C GLU C 207 -27.34 5.28 14.03
N VAL C 208 -27.07 5.98 15.13
CA VAL C 208 -25.75 6.47 15.45
C VAL C 208 -25.34 5.85 16.77
N HIS C 209 -24.05 5.54 16.89
CA HIS C 209 -23.52 4.91 18.10
C HIS C 209 -22.31 5.72 18.56
N PHE C 210 -22.46 6.42 19.67
CA PHE C 210 -21.35 7.13 20.28
C PHE C 210 -20.49 6.13 21.07
N ILE C 211 -19.19 6.16 20.83
CA ILE C 211 -18.22 5.32 21.53
C ILE C 211 -17.14 6.25 22.05
N VAL C 212 -17.15 6.54 23.34
CA VAL C 212 -16.26 7.55 23.92
C VAL C 212 -15.59 6.96 25.15
N PRO C 213 -14.44 7.50 25.53
CA PRO C 213 -13.83 7.11 26.82
C PRO C 213 -14.68 7.61 27.98
N GLY C 214 -14.46 6.98 29.15
CA GLY C 214 -15.26 7.32 30.32
C GLY C 214 -15.17 8.78 30.71
N GLY C 215 -14.03 9.42 30.46
CA GLY C 215 -13.85 10.81 30.81
C GLY C 215 -14.69 11.78 29.98
N LEU C 216 -15.32 11.31 28.92
CA LEU C 216 -16.22 12.13 28.11
C LEU C 216 -17.67 11.76 28.34
N MET C 217 -18.01 11.37 29.57
CA MET C 217 -19.37 10.96 29.89
C MET C 217 -20.36 12.11 29.73
N CYS C 218 -19.95 13.34 30.03
CA CYS C 218 -20.88 14.46 29.91
C CYS C 218 -21.28 14.69 28.46
N ASN C 219 -20.43 14.34 27.51
CA ASN C 219 -20.81 14.43 26.10
C ASN C 219 -21.90 13.42 25.76
N LEU C 220 -21.90 12.25 26.42
CA LEU C 220 -22.99 11.30 26.22
C LEU C 220 -24.27 11.82 26.84
N ASP C 221 -24.19 12.35 28.05
CA ASP C 221 -25.36 12.98 28.66
C ASP C 221 -25.86 14.13 27.80
N PHE C 222 -24.95 14.85 27.15
CA PHE C 222 -25.34 15.96 26.29
C PHE C 222 -26.18 15.49 25.11
N VAL C 223 -25.67 14.51 24.35
CA VAL C 223 -26.37 14.08 23.15
C VAL C 223 -27.58 13.23 23.48
N GLU C 224 -27.57 12.53 24.62
CA GLU C 224 -28.72 11.71 24.99
C GLU C 224 -29.96 12.55 25.22
N GLY C 225 -29.79 13.71 25.88
CA GLY C 225 -30.93 14.58 26.11
C GLY C 225 -31.48 15.20 24.83
N ILE C 226 -30.62 15.38 23.83
CA ILE C 226 -31.05 16.02 22.59
C ILE C 226 -31.72 15.03 21.66
N PHE C 227 -31.17 13.82 21.54
CA PHE C 227 -31.67 12.86 20.56
C PHE C 227 -32.27 11.60 21.15
N GLY C 228 -32.18 11.40 22.47
CA GLY C 228 -32.81 10.26 23.11
C GLY C 228 -31.85 9.13 23.38
N ASN C 229 -32.43 8.03 23.87
CA ASN C 229 -31.68 6.82 24.18
C ASN C 229 -32.37 5.65 23.49
N ALA C 230 -31.62 4.93 22.64
CA ALA C 230 -32.20 3.85 21.84
C ALA C 230 -32.15 2.51 22.53
N GLY C 231 -31.55 2.43 23.72
CA GLY C 231 -31.56 1.20 24.50
C GLY C 231 -30.29 0.38 24.34
N ASP C 232 -30.37 -0.84 24.84
CA ASP C 232 -29.27 -1.78 24.77
C ASP C 232 -29.08 -2.24 23.32
N PRO C 233 -27.95 -1.94 22.67
CA PRO C 233 -27.78 -2.32 21.26
C PRO C 233 -27.67 -3.82 21.06
N TYR C 234 -27.43 -4.60 22.10
CA TYR C 234 -27.35 -6.05 21.99
C TYR C 234 -28.71 -6.72 21.94
N LEU C 235 -29.80 -5.96 22.08
CA LEU C 235 -31.13 -6.55 22.04
C LEU C 235 -31.74 -6.41 20.66
N PRO C 236 -32.44 -7.44 20.17
CA PRO C 236 -33.11 -7.33 18.86
C PRO C 236 -34.16 -6.25 18.80
N GLU C 237 -34.72 -5.82 19.94
CA GLU C 237 -35.66 -4.69 19.94
C GLU C 237 -35.00 -3.42 19.44
N ASN C 238 -33.70 -3.26 19.72
CA ASN C 238 -32.97 -2.05 19.38
C ASN C 238 -32.07 -2.24 18.17
N ASP C 239 -32.32 -3.29 17.39
CA ASP C 239 -31.62 -3.52 16.13
C ASP C 239 -32.46 -2.88 15.03
N ALA C 240 -31.97 -1.77 14.47
CA ALA C 240 -32.73 -1.05 13.46
C ALA C 240 -33.02 -1.92 12.24
N SER C 241 -32.17 -2.93 11.97
CA SER C 241 -32.37 -3.77 10.80
C SER C 241 -33.55 -4.72 10.97
N LEU C 242 -33.99 -4.98 12.20
CA LEU C 242 -35.13 -5.85 12.43
C LEU C 242 -36.47 -5.11 12.39
N ASP C 243 -36.45 -3.79 12.37
CA ASP C 243 -37.65 -2.98 12.13
C ASP C 243 -37.33 -1.96 11.04
N PRO C 244 -37.08 -2.43 9.81
CA PRO C 244 -36.53 -1.53 8.78
C PRO C 244 -37.52 -0.50 8.27
N ASP C 245 -38.83 -0.70 8.48
CA ASP C 245 -39.80 0.28 7.98
C ASP C 245 -39.62 1.64 8.66
N SER C 246 -39.06 1.67 9.86
CA SER C 246 -38.78 2.90 10.58
C SER C 246 -37.30 3.28 10.52
N TRP C 247 -36.52 2.62 9.66
CA TRP C 247 -35.09 2.84 9.57
C TRP C 247 -34.73 3.35 8.17
N THR C 248 -33.85 4.35 8.13
CA THR C 248 -33.34 4.83 6.85
C THR C 248 -32.44 3.80 6.16
N GLY C 249 -31.91 2.84 6.92
CA GLY C 249 -30.93 1.93 6.40
C GLY C 249 -29.50 2.36 6.61
N HIS C 250 -29.28 3.51 7.26
CA HIS C 250 -27.97 4.11 7.38
C HIS C 250 -27.51 4.10 8.84
N THR C 251 -26.20 3.98 9.01
CA THR C 251 -25.59 3.85 10.33
C THR C 251 -24.51 4.89 10.50
N GLY C 252 -24.46 5.50 11.67
CA GLY C 252 -23.41 6.46 11.98
C GLY C 252 -22.62 6.02 13.18
N CYS C 253 -21.40 6.55 13.31
CA CYS C 253 -20.57 6.29 14.48
C CYS C 253 -19.82 7.57 14.82
N VAL C 254 -19.76 7.88 16.11
CA VAL C 254 -19.06 9.06 16.61
C VAL C 254 -18.12 8.62 17.71
N ILE C 255 -16.82 8.74 17.48
CA ILE C 255 -15.79 8.48 18.48
C ILE C 255 -15.20 9.83 18.89
N LEU C 256 -15.17 10.08 20.19
CA LEU C 256 -14.60 11.30 20.73
C LEU C 256 -13.26 10.96 21.37
N ALA C 257 -12.19 11.53 20.82
CA ALA C 257 -10.83 11.24 21.30
C ALA C 257 -10.01 12.53 21.33
N PRO C 258 -10.18 13.35 22.37
CA PRO C 258 -9.33 14.55 22.50
C PRO C 258 -7.84 14.23 22.59
N HIS C 259 -7.47 13.03 23.02
CA HIS C 259 -6.04 12.72 23.15
C HIS C 259 -5.34 12.71 21.80
N LEU C 260 -6.08 12.68 20.69
CA LEU C 260 -5.49 12.69 19.37
C LEU C 260 -4.85 14.02 19.01
N THR C 261 -5.10 15.09 19.78
CA THR C 261 -4.57 16.40 19.45
C THR C 261 -3.05 16.49 19.59
N THR C 262 -2.40 15.45 20.09
CA THR C 262 -0.95 15.43 20.23
C THR C 262 -0.27 14.53 19.21
N MET C 263 -1.01 14.01 18.24
CA MET C 263 -0.40 13.26 17.15
C MET C 263 0.48 14.17 16.32
N THR C 264 1.67 13.68 15.97
CA THR C 264 2.55 14.40 15.06
C THR C 264 2.23 13.98 13.63
N LYS C 265 2.34 14.94 12.69
CA LYS C 265 2.01 14.66 11.30
C LYS C 265 2.92 13.59 10.73
N LYS C 266 4.19 13.58 11.12
CA LYS C 266 5.13 12.61 10.58
C LYS C 266 4.82 11.19 11.04
N SER C 267 4.31 11.04 12.27
CA SER C 267 4.03 9.71 12.79
C SER C 267 2.86 9.02 12.08
N LEU C 268 1.95 9.78 11.48
CA LEU C 268 0.82 9.22 10.76
C LEU C 268 1.16 8.87 9.31
N GLY C 269 2.39 9.11 8.87
CA GLY C 269 2.78 8.82 7.51
C GLY C 269 2.51 9.91 6.51
N MET C 270 2.24 11.13 6.96
CA MET C 270 1.94 12.23 6.06
C MET C 270 3.20 12.78 5.42
N PRO C 271 3.12 13.26 4.19
CA PRO C 271 4.34 13.67 3.48
C PRO C 271 4.88 14.99 4.00
N HIS C 272 6.17 15.21 3.73
CA HIS C 272 6.80 16.49 4.02
C HIS C 272 6.24 17.57 3.09
N TYR C 273 6.40 18.83 3.50
CA TYR C 273 5.93 19.95 2.69
C TYR C 273 6.49 19.87 1.27
N ASP C 274 7.77 19.52 1.14
CA ASP C 274 8.39 19.44 -0.18
C ASP C 274 7.85 18.28 -1.00
N ASP C 275 7.30 17.25 -0.36
CA ASP C 275 6.79 16.07 -1.05
C ASP C 275 5.27 16.01 -1.05
N ALA C 276 4.60 17.13 -0.82
CA ALA C 276 3.15 17.17 -0.71
C ALA C 276 2.53 17.91 -1.89
N THR C 277 1.34 17.46 -2.28
CA THR C 277 0.57 18.16 -3.31
C THR C 277 0.10 19.52 -2.79
N GLU C 278 -0.32 20.38 -3.71
CA GLU C 278 -0.75 21.72 -3.32
C GLU C 278 -2.01 21.66 -2.45
N ARG C 279 -2.92 20.74 -2.76
CA ARG C 279 -4.11 20.56 -1.91
C ARG C 279 -3.71 20.10 -0.51
N GLN C 280 -2.70 19.23 -0.42
CA GLN C 280 -2.18 18.83 0.88
C GLN C 280 -1.56 20.01 1.63
N ARG C 281 -0.93 20.93 0.89
CA ARG C 281 -0.38 22.12 1.53
C ARG C 281 -1.48 23.08 1.97
N ARG C 282 -2.53 23.19 1.15
CA ARG C 282 -3.66 24.04 1.52
C ARG C 282 -4.31 23.56 2.81
N ASP C 283 -4.54 22.25 2.91
CA ASP C 283 -5.19 21.66 4.07
C ASP C 283 -4.23 21.44 5.24
N GLY C 284 -2.95 21.76 5.08
CA GLY C 284 -2.00 21.45 6.12
C GLY C 284 -1.76 19.97 6.33
N GLN C 285 -2.20 19.13 5.40
CA GLN C 285 -2.02 17.68 5.53
C GLN C 285 -0.60 17.27 5.19
N CYS C 286 0.37 17.94 5.80
CA CYS C 286 1.79 17.69 5.56
C CYS C 286 2.58 18.37 6.66
N TRP C 287 3.74 17.80 6.98
CA TRP C 287 4.57 18.30 8.06
C TRP C 287 5.80 19.01 7.50
N ARG C 288 6.21 20.08 8.17
CA ARG C 288 7.47 20.75 7.91
C ARG C 288 8.56 20.33 8.90
N HIS C 289 8.24 20.34 10.19
CA HIS C 289 9.10 19.80 11.23
C HIS C 289 8.48 18.53 11.79
N GLU C 290 9.34 17.68 12.36
CA GLU C 290 8.87 16.40 12.88
C GLU C 290 7.90 16.59 14.04
N ASP C 291 8.06 17.65 14.82
CA ASP C 291 7.21 17.91 15.97
C ASP C 291 5.85 18.50 15.59
N ASP C 292 5.60 18.77 14.31
CA ASP C 292 4.35 19.38 13.88
C ASP C 292 3.16 18.51 14.26
N LEU C 293 2.25 19.07 15.04
CA LEU C 293 1.06 18.33 15.46
C LEU C 293 0.03 18.29 14.34
N TYR C 294 -0.83 17.27 14.39
CA TYR C 294 -1.86 17.11 13.38
C TYR C 294 -2.83 18.30 13.41
N ASN C 295 -3.08 18.88 12.24
CA ASN C 295 -3.96 20.04 12.10
C ASN C 295 -3.48 21.21 12.96
N ASP C 296 -2.17 21.33 13.10
CA ASP C 296 -1.53 22.41 13.86
C ASP C 296 -2.01 22.46 15.31
N GLY C 297 -2.48 21.34 15.85
CA GLY C 297 -3.02 21.31 17.19
C GLY C 297 -4.44 21.82 17.33
N LYS C 298 -4.96 22.52 16.32
CA LYS C 298 -6.31 23.06 16.40
C LYS C 298 -7.34 21.92 16.34
N ALA C 299 -8.59 22.29 16.60
CA ALA C 299 -9.67 21.31 16.63
C ALA C 299 -9.89 20.70 15.25
N PHE C 300 -10.35 19.44 15.24
CA PHE C 300 -10.60 18.76 13.98
C PHE C 300 -11.50 17.55 14.23
N LYS C 301 -12.19 17.15 13.18
CA LYS C 301 -12.87 15.86 13.13
C LYS C 301 -12.58 15.20 11.80
N VAL C 302 -12.30 13.90 11.82
CA VAL C 302 -12.04 13.12 10.62
C VAL C 302 -13.26 12.25 10.34
N CYS C 303 -13.64 12.16 9.07
CA CYS C 303 -14.90 11.53 8.70
C CYS C 303 -14.69 10.64 7.47
N ALA C 304 -15.24 9.42 7.52
CA ALA C 304 -15.19 8.50 6.40
C ALA C 304 -16.62 8.01 6.11
N ARG C 305 -16.99 8.04 4.83
CA ARG C 305 -18.35 7.70 4.43
C ARG C 305 -18.39 7.55 2.91
N ASP C 306 -19.28 6.70 2.44
CA ASP C 306 -19.50 6.56 0.99
C ASP C 306 -20.97 6.21 0.76
N GLU C 307 -21.27 5.64 -0.40
CA GLU C 307 -22.64 5.38 -0.80
C GLU C 307 -23.27 4.21 -0.06
N ARG C 308 -22.50 3.47 0.74
CA ARG C 308 -23.04 2.33 1.47
C ARG C 308 -23.96 2.76 2.62
N GLY C 309 -23.74 3.95 3.17
CA GLY C 309 -24.60 4.45 4.22
C GLY C 309 -24.05 4.35 5.63
N VAL C 310 -22.75 4.11 5.80
CA VAL C 310 -22.13 4.02 7.11
C VAL C 310 -21.09 5.13 7.21
N ILE C 311 -21.36 6.10 8.08
CA ILE C 311 -20.49 7.26 8.29
C ILE C 311 -19.86 7.13 9.67
N VAL C 312 -18.53 7.24 9.73
CA VAL C 312 -17.76 7.03 10.95
C VAL C 312 -16.90 8.25 11.17
N THR C 313 -17.17 8.99 12.25
CA THR C 313 -16.49 10.24 12.54
C THR C 313 -15.77 10.16 13.87
N VAL C 314 -14.53 10.66 13.90
CA VAL C 314 -13.77 10.86 15.11
C VAL C 314 -13.65 12.35 15.35
N ILE C 315 -13.98 12.79 16.57
CA ILE C 315 -13.87 14.19 16.96
C ILE C 315 -12.81 14.29 18.04
N ALA C 316 -11.80 15.14 17.83
CA ALA C 316 -10.71 15.32 18.78
C ALA C 316 -10.93 16.53 19.68
N ASP C 317 -12.18 16.84 20.00
CA ASP C 317 -12.51 17.97 20.85
C ASP C 317 -13.78 17.63 21.60
N ASN C 318 -13.80 17.90 22.90
CA ASN C 318 -14.93 17.53 23.73
C ASN C 318 -16.00 18.61 23.82
N TYR C 319 -15.84 19.73 23.11
CA TYR C 319 -16.85 20.78 23.17
C TYR C 319 -18.17 20.27 22.62
N PHE C 320 -19.25 20.54 23.34
CA PHE C 320 -20.53 19.88 23.07
C PHE C 320 -21.11 20.27 21.72
N GLY C 321 -20.80 21.47 21.23
CA GLY C 321 -21.30 21.87 19.92
C GLY C 321 -20.87 20.93 18.81
N TYR C 322 -19.70 20.33 18.93
CA TYR C 322 -19.23 19.42 17.89
C TYR C 322 -20.08 18.15 17.84
N CYS C 323 -20.41 17.58 19.00
CA CYS C 323 -21.21 16.37 19.03
C CYS C 323 -22.59 16.60 18.43
N LYS C 324 -23.24 17.69 18.84
CA LYS C 324 -24.57 18.01 18.33
C LYS C 324 -24.54 18.25 16.82
N LYS C 325 -23.51 18.95 16.32
CA LYS C 325 -23.45 19.25 14.90
C LYS C 325 -23.01 18.04 14.08
N GLU C 326 -22.25 17.12 14.68
CA GLU C 326 -21.88 15.92 13.95
C GLU C 326 -23.09 15.05 13.69
N VAL C 327 -24.04 15.00 14.64
CA VAL C 327 -25.29 14.29 14.37
C VAL C 327 -26.07 14.99 13.27
N LYS C 328 -26.07 16.33 13.27
CA LYS C 328 -26.65 17.06 12.15
C LYS C 328 -25.98 16.66 10.84
N THR C 329 -24.65 16.49 10.86
CA THR C 329 -23.93 16.09 9.65
C THR C 329 -24.40 14.73 9.16
N GLN C 330 -24.64 13.79 10.09
CA GLN C 330 -25.02 12.44 9.69
C GLN C 330 -26.50 12.33 9.35
N ILE C 331 -27.35 13.17 9.94
CA ILE C 331 -28.75 13.23 9.51
C ILE C 331 -28.82 13.74 8.07
N SER C 332 -28.08 14.81 7.77
CA SER C 332 -28.00 15.30 6.40
C SER C 332 -27.43 14.25 5.46
N TYR C 333 -26.39 13.54 5.92
CA TYR C 333 -25.84 12.44 5.14
C TYR C 333 -26.90 11.40 4.83
N SER C 334 -27.65 10.97 5.86
CA SER C 334 -28.67 9.94 5.67
C SER C 334 -29.78 10.43 4.76
N ALA C 335 -30.17 11.71 4.88
CA ALA C 335 -31.25 12.23 4.05
C ALA C 335 -30.85 12.27 2.58
N ASN C 336 -29.59 12.57 2.29
CA ASN C 336 -29.14 12.58 0.89
C ASN C 336 -29.19 11.20 0.28
N LEU C 337 -28.77 10.18 1.04
CA LEU C 337 -28.80 8.81 0.54
C LEU C 337 -30.19 8.21 0.56
N LEU C 338 -31.09 8.72 1.41
CA LEU C 338 -32.44 8.20 1.46
C LEU C 338 -33.28 8.69 0.29
N GLY C 339 -33.18 9.97 -0.03
CA GLY C 339 -34.05 10.57 -1.01
C GLY C 339 -35.40 10.94 -0.41
N GLY C 340 -36.10 11.83 -1.11
CA GLY C 340 -37.40 12.29 -0.67
C GLY C 340 -37.36 13.02 0.66
N ALA C 341 -36.16 13.36 1.12
CA ALA C 341 -35.99 13.98 2.42
C ALA C 341 -34.92 15.06 2.35
N GLU C 342 -35.14 16.12 3.12
CA GLU C 342 -34.16 17.19 3.30
C GLU C 342 -33.77 17.27 4.78
N GLU C 343 -32.54 17.70 5.01
CA GLU C 343 -32.10 18.13 6.34
C GLU C 343 -31.77 19.61 6.21
N GLU C 344 -32.40 20.43 7.04
CA GLU C 344 -32.29 21.88 6.91
C GLU C 344 -31.74 22.49 8.18
N HIS C 345 -30.93 23.55 8.00
CA HIS C 345 -30.46 24.40 9.09
C HIS C 345 -31.45 25.55 9.20
N SER C 346 -32.56 25.29 9.88
CA SER C 346 -33.72 26.17 9.78
C SER C 346 -34.44 26.28 11.12
N GLY C 347 -35.13 27.41 11.28
CA GLY C 347 -36.11 27.58 12.34
C GLY C 347 -37.49 27.77 11.73
N GLY C 348 -38.50 27.80 12.58
CA GLY C 348 -39.85 27.99 12.11
C GLY C 348 -40.85 27.79 13.22
N ALA C 349 -42.09 28.18 12.91
CA ALA C 349 -43.17 28.09 13.88
C ALA C 349 -44.51 28.17 13.16
N GLU C 350 -45.53 27.58 13.78
CA GLU C 350 -46.91 27.82 13.38
C GLU C 350 -47.36 29.13 14.04
N VAL C 351 -47.65 30.13 13.21
CA VAL C 351 -47.97 31.47 13.70
C VAL C 351 -49.46 31.71 13.51
N TYR C 352 -50.16 31.87 14.64
CA TYR C 352 -51.60 32.13 14.64
C TYR C 352 -51.85 33.58 14.96
N PRO C 353 -52.38 34.38 14.02
CA PRO C 353 -52.55 35.81 14.29
C PRO C 353 -53.56 36.04 15.40
N ALA C 354 -53.33 37.11 16.16
CA ALA C 354 -54.18 37.43 17.31
C ALA C 354 -54.56 38.90 17.28
N TRP C 355 -55.76 39.18 17.76
CA TRP C 355 -56.28 40.54 17.83
C TRP C 355 -56.77 40.83 19.24
N ASN C 356 -56.66 42.10 19.64
CA ASN C 356 -57.32 42.61 20.83
C ASN C 356 -58.74 43.01 20.45
N LEU C 357 -59.72 42.36 21.06
CA LEU C 357 -61.13 42.56 20.71
C LEU C 357 -61.87 43.45 21.69
N ASN C 358 -61.14 44.13 22.58
CA ASN C 358 -61.70 45.09 23.55
C ASN C 358 -62.68 44.35 24.45
N GLN C 359 -63.93 44.80 24.58
CA GLN C 359 -64.82 44.29 25.63
C GLN C 359 -65.87 43.32 25.11
N ASP C 360 -66.44 43.57 23.93
CA ASP C 360 -67.52 42.75 23.40
C ASP C 360 -67.13 42.19 22.04
N PHE C 361 -67.56 40.96 21.78
CA PHE C 361 -67.28 40.31 20.50
C PHE C 361 -68.33 39.23 20.27
N THR C 362 -68.99 39.30 19.11
CA THR C 362 -69.95 38.29 18.70
C THR C 362 -69.29 37.34 17.74
N ASP C 363 -69.41 36.03 18.02
CA ASP C 363 -68.78 35.02 17.18
C ASP C 363 -69.29 35.12 15.75
N ARG C 364 -68.35 35.00 14.80
CA ARG C 364 -68.68 35.12 13.39
C ARG C 364 -68.27 33.86 12.63
N THR C 365 -68.69 32.71 13.14
CA THR C 365 -68.33 31.43 12.53
C THR C 365 -69.06 31.27 11.20
N PRO C 366 -68.37 30.90 10.12
CA PRO C 366 -69.06 30.63 8.85
C PRO C 366 -70.06 29.50 9.00
N ASP C 367 -71.02 29.46 8.07
CA ASP C 367 -72.16 28.55 8.22
C ASP C 367 -71.84 27.11 7.89
N ASP C 368 -70.65 26.81 7.38
CA ASP C 368 -70.23 25.42 7.17
C ASP C 368 -69.49 24.84 8.37
N PHE C 369 -69.42 25.59 9.48
CA PHE C 369 -68.91 25.09 10.76
C PHE C 369 -70.01 25.19 11.80
N THR C 370 -70.33 24.08 12.46
CA THR C 370 -71.30 24.08 13.55
C THR C 370 -70.76 23.25 14.69
N LEU C 371 -71.16 23.61 15.92
CA LEU C 371 -70.77 22.82 17.08
C LEU C 371 -71.43 21.45 17.08
N ALA C 372 -72.65 21.34 16.57
CA ALA C 372 -73.30 20.04 16.46
C ALA C 372 -72.50 19.11 15.57
N ASP C 373 -71.90 19.64 14.50
CA ASP C 373 -71.06 18.82 13.64
C ASP C 373 -69.74 18.46 14.33
N VAL C 374 -69.20 19.37 15.13
CA VAL C 374 -67.96 19.07 15.85
C VAL C 374 -68.21 18.02 16.93
N ILE C 375 -69.39 18.05 17.56
CA ILE C 375 -69.69 17.08 18.61
C ILE C 375 -69.90 15.69 18.00
N SER C 376 -70.62 15.61 16.89
CA SER C 376 -70.87 14.30 16.27
C SER C 376 -69.61 13.68 15.69
N THR C 377 -68.58 14.48 15.42
CA THR C 377 -67.34 13.95 14.88
C THR C 377 -66.43 13.41 15.99
N ASN C 378 -66.42 14.08 17.14
CA ASN C 378 -65.50 13.76 18.23
C ASN C 378 -66.25 13.53 19.53
N ARG C 379 -67.36 12.81 19.45
CA ARG C 379 -68.24 12.68 20.61
C ARG C 379 -67.56 11.94 21.76
N GLU C 380 -66.63 11.04 21.46
CA GLU C 380 -65.94 10.30 22.52
C GLU C 380 -64.96 11.18 23.28
N LEU C 381 -64.48 12.26 22.69
CA LEU C 381 -63.49 13.13 23.30
C LEU C 381 -64.11 14.35 23.98
N LEU C 382 -65.42 14.55 23.87
CA LEU C 382 -66.06 15.73 24.41
C LEU C 382 -66.99 15.38 25.57
N ASP C 383 -67.27 16.38 26.39
CA ASP C 383 -68.26 16.30 27.46
C ASP C 383 -69.29 17.40 27.19
N VAL C 384 -70.44 17.02 26.66
CA VAL C 384 -71.47 17.98 26.29
C VAL C 384 -72.17 18.47 27.54
N ARG C 385 -72.38 19.79 27.64
CA ARG C 385 -72.99 20.40 28.80
C ARG C 385 -74.42 20.85 28.48
N PRO C 386 -75.30 20.89 29.48
CA PRO C 386 -76.72 21.15 29.20
C PRO C 386 -76.99 22.51 28.55
N GLU C 387 -76.15 23.51 28.81
CA GLU C 387 -76.37 24.83 28.25
C GLU C 387 -76.20 24.85 26.74
N GLY C 388 -75.49 23.87 26.17
CA GLY C 388 -75.34 23.80 24.73
C GLY C 388 -73.90 23.91 24.26
N TYR C 389 -72.94 23.89 25.18
CA TYR C 389 -71.52 23.89 24.86
C TYR C 389 -70.90 22.59 25.35
N ALA C 390 -69.66 22.36 24.93
CA ALA C 390 -68.95 21.14 25.25
C ALA C 390 -67.58 21.45 25.84
N VAL C 391 -67.04 20.49 26.58
CA VAL C 391 -65.73 20.61 27.21
C VAL C 391 -64.85 19.47 26.69
N TYR C 392 -63.64 19.83 26.25
CA TYR C 392 -62.68 18.87 25.74
C TYR C 392 -62.16 18.01 26.90
N LYS C 393 -62.51 16.73 26.90
CA LYS C 393 -62.12 15.86 28.01
C LYS C 393 -60.61 15.71 28.18
N PRO C 394 -59.81 15.45 27.14
CA PRO C 394 -58.37 15.28 27.37
C PRO C 394 -57.68 16.54 27.89
N GLU C 395 -58.29 17.71 27.76
CA GLU C 395 -57.72 18.95 28.31
C GLU C 395 -58.89 19.87 28.65
N PRO C 396 -59.38 19.82 29.89
CA PRO C 396 -60.63 20.53 30.23
C PRO C 396 -60.55 22.04 30.09
N ASN C 397 -59.36 22.62 29.98
CA ASN C 397 -59.28 24.06 29.78
C ASN C 397 -59.72 24.46 28.38
N ILE C 398 -59.85 23.51 27.45
CA ILE C 398 -60.39 23.78 26.13
C ILE C 398 -61.90 23.61 26.19
N VAL C 399 -62.62 24.67 25.82
CA VAL C 399 -64.08 24.69 25.86
C VAL C 399 -64.58 24.99 24.45
N PHE C 400 -65.58 24.22 24.01
CA PHE C 400 -66.16 24.39 22.68
C PHE C 400 -67.46 25.18 22.81
N ILE C 401 -67.43 26.42 22.33
CA ILE C 401 -68.54 27.35 22.44
C ILE C 401 -69.34 27.34 21.14
N PRO C 402 -70.68 27.32 21.20
CA PRO C 402 -71.48 27.29 19.97
C PRO C 402 -71.20 28.48 19.07
N GLU C 403 -71.60 28.33 17.81
CA GLU C 403 -71.46 29.43 16.86
C GLU C 403 -72.43 30.54 17.17
N HIS C 404 -72.06 31.76 16.77
CA HIS C 404 -72.87 32.96 16.94
C HIS C 404 -73.10 33.29 18.42
N SER C 405 -72.12 32.99 19.26
CA SER C 405 -72.17 33.35 20.67
C SER C 405 -71.55 34.72 20.88
N HIS C 406 -72.08 35.45 21.84
CA HIS C 406 -71.58 36.78 22.20
C HIS C 406 -70.68 36.65 23.43
N TYR C 407 -69.44 37.09 23.29
CA TYR C 407 -68.49 37.14 24.40
C TYR C 407 -68.43 38.57 24.94
N SER C 408 -68.39 38.68 26.27
CA SER C 408 -68.35 39.99 26.91
C SER C 408 -67.39 39.95 28.08
N MET C 409 -66.48 40.92 28.15
CA MET C 409 -65.61 41.07 29.30
C MET C 409 -66.21 41.96 30.37
N ARG C 410 -67.04 42.93 29.99
CA ARG C 410 -67.69 43.79 30.97
C ARG C 410 -68.56 42.99 31.93
N THR C 411 -69.40 42.10 31.39
CA THR C 411 -70.19 41.20 32.21
C THR C 411 -69.49 39.88 32.48
N GLN C 412 -68.35 39.62 31.82
CA GLN C 412 -67.58 38.39 31.98
C GLN C 412 -68.45 37.15 31.71
N THR C 413 -69.17 37.18 30.61
CA THR C 413 -70.10 36.11 30.28
C THR C 413 -69.95 35.70 28.81
N ILE C 414 -70.42 34.49 28.53
CA ILE C 414 -70.60 33.99 27.17
C ILE C 414 -72.06 33.58 27.05
N SER C 415 -72.76 34.13 26.07
CA SER C 415 -74.19 33.91 25.94
C SER C 415 -74.54 33.53 24.50
N TRP C 416 -75.53 32.67 24.37
CA TRP C 416 -76.05 32.23 23.09
C TRP C 416 -77.49 31.78 23.29
N THR C 417 -78.07 31.15 22.26
CA THR C 417 -79.41 30.60 22.33
C THR C 417 -79.36 29.11 22.02
N ALA C 418 -79.87 28.30 22.94
CA ALA C 418 -79.91 26.86 22.77
C ALA C 418 -81.09 26.32 23.57
N HIS C 419 -81.75 25.30 23.01
CA HIS C 419 -82.91 24.68 23.62
C HIS C 419 -84.04 25.69 23.86
N GLY C 420 -84.18 26.65 22.95
CA GLY C 420 -85.25 27.63 23.04
C GLY C 420 -85.18 28.55 24.23
N ALA C 421 -83.98 28.82 24.75
CA ALA C 421 -83.83 29.69 25.90
C ALA C 421 -82.48 30.40 25.83
N GLU C 422 -82.42 31.58 26.45
CA GLU C 422 -81.18 32.32 26.54
C GLU C 422 -80.21 31.60 27.48
N GLN C 423 -79.02 31.27 26.98
CA GLN C 423 -78.01 30.58 27.74
C GLN C 423 -76.88 31.55 28.10
N THR C 424 -76.30 31.36 29.28
CA THR C 424 -75.23 32.23 29.75
C THR C 424 -74.32 31.43 30.67
N ILE C 425 -73.02 31.52 30.43
CA ILE C 425 -72.01 30.91 31.28
C ILE C 425 -70.95 31.95 31.59
N LYS C 426 -70.23 31.72 32.68
CA LYS C 426 -69.20 32.64 33.11
C LYS C 426 -67.96 32.48 32.23
N LEU C 427 -67.49 33.59 31.66
CA LEU C 427 -66.27 33.60 30.85
C LEU C 427 -65.09 33.56 31.80
N LEU C 428 -64.54 32.36 32.01
CA LEU C 428 -63.44 32.17 32.94
C LEU C 428 -62.12 32.56 32.31
N ALA C 429 -61.26 33.20 33.08
CA ALA C 429 -59.88 33.39 32.67
C ALA C 429 -59.13 32.07 32.78
N GLY C 430 -58.19 31.87 31.87
CA GLY C 430 -57.45 30.62 31.81
C GLY C 430 -58.12 29.53 31.00
N LYS C 431 -59.34 29.76 30.52
CA LYS C 431 -60.01 28.83 29.61
C LYS C 431 -59.77 29.26 28.17
N HIS C 432 -59.80 28.28 27.27
CA HIS C 432 -59.64 28.50 25.84
C HIS C 432 -60.99 28.23 25.17
N TYR C 433 -61.69 29.29 24.82
CA TYR C 433 -63.03 29.17 24.24
C TYR C 433 -62.91 29.09 22.72
N LEU C 434 -63.22 27.92 22.17
CA LEU C 434 -63.02 27.63 20.76
C LEU C 434 -64.36 27.65 20.02
N SER C 435 -64.41 28.39 18.91
CA SER C 435 -65.55 28.36 18.02
C SER C 435 -65.60 27.03 17.28
N PRO C 436 -66.70 26.73 16.59
CA PRO C 436 -66.73 25.51 15.78
C PRO C 436 -65.64 25.44 14.72
N ASP C 437 -65.11 26.57 14.27
CA ASP C 437 -64.03 26.59 13.29
C ASP C 437 -62.66 26.80 13.93
N GLY C 438 -62.58 26.78 15.25
CA GLY C 438 -61.31 26.83 15.95
C GLY C 438 -60.91 28.20 16.49
N TYR C 439 -61.62 29.26 16.10
CA TYR C 439 -61.32 30.60 16.59
C TYR C 439 -61.40 30.62 18.11
N ARG C 440 -60.39 31.20 18.75
CA ARG C 440 -60.26 31.15 20.21
C ARG C 440 -60.46 32.52 20.82
N ILE C 441 -61.29 32.59 21.86
CA ILE C 441 -61.41 33.75 22.73
C ILE C 441 -60.85 33.37 24.09
N HIS C 442 -60.02 34.24 24.65
CA HIS C 442 -59.60 34.09 26.04
C HIS C 442 -59.43 35.47 26.64
N ALA C 443 -59.63 35.55 27.96
CA ALA C 443 -59.51 36.81 28.68
C ALA C 443 -58.05 37.09 29.03
N LYS C 444 -57.68 38.36 28.99
CA LYS C 444 -56.32 38.78 29.29
C LYS C 444 -56.35 40.18 29.85
N HIS C 445 -55.42 40.47 30.76
CA HIS C 445 -55.23 41.81 31.26
C HIS C 445 -53.92 42.39 30.74
N ARG C 446 -53.80 43.71 30.82
CA ARG C 446 -52.65 44.39 30.28
C ARG C 446 -51.43 44.21 31.18
N GLU C 447 -50.26 44.17 30.57
CA GLU C 447 -49.02 43.92 31.31
C GLU C 447 -48.80 44.99 32.38
N MET C 448 -49.14 46.24 32.08
CA MET C 448 -48.88 47.36 32.98
C MET C 448 -50.05 47.70 33.89
N ASP C 449 -51.15 46.94 33.81
CA ASP C 449 -52.31 47.22 34.65
C ASP C 449 -53.16 45.97 34.73
N ALA C 450 -53.11 45.27 35.86
CA ALA C 450 -53.91 44.06 36.03
C ALA C 450 -55.40 44.34 36.10
N THR C 451 -55.81 45.60 36.30
CA THR C 451 -57.22 45.96 36.39
C THR C 451 -57.82 46.35 35.05
N GLN C 452 -57.06 46.28 33.96
CA GLN C 452 -57.56 46.56 32.62
C GLN C 452 -57.64 45.23 31.85
N TRP C 453 -58.87 44.75 31.64
CA TRP C 453 -59.11 43.47 30.99
C TRP C 453 -59.73 43.66 29.62
N HIS C 454 -59.54 42.64 28.78
CA HIS C 454 -60.07 42.65 27.43
C HIS C 454 -60.09 41.23 26.89
N LEU C 455 -60.78 41.05 25.78
CA LEU C 455 -60.80 39.78 25.08
C LEU C 455 -59.68 39.74 24.04
N ILE C 456 -59.10 38.56 23.85
CA ILE C 456 -58.11 38.32 22.81
C ILE C 456 -58.64 37.25 21.88
N GLY C 457 -58.67 37.55 20.58
CA GLY C 457 -59.07 36.58 19.60
C GLY C 457 -57.89 36.01 18.83
N THR C 458 -57.72 34.70 18.85
CA THR C 458 -56.65 34.03 18.12
C THR C 458 -57.26 33.24 16.97
N SER C 459 -56.77 33.49 15.75
CA SER C 459 -57.24 32.76 14.59
C SER C 459 -56.74 31.32 14.64
N SER C 460 -57.59 30.39 14.22
CA SER C 460 -57.19 29.00 14.11
C SER C 460 -56.48 28.71 12.80
N ARG C 461 -56.43 29.66 11.89
CA ARG C 461 -55.81 29.48 10.58
C ARG C 461 -54.33 29.77 10.71
N ALA C 462 -53.52 28.70 10.75
CA ALA C 462 -52.09 28.84 10.95
C ALA C 462 -51.41 29.36 9.69
N VAL C 463 -50.50 30.31 9.88
CA VAL C 463 -49.53 30.66 8.85
C VAL C 463 -48.19 30.08 9.30
N THR C 464 -47.89 28.85 8.87
CA THR C 464 -46.69 28.16 9.31
C THR C 464 -45.48 28.72 8.57
N CYS C 465 -44.54 29.27 9.32
CA CYS C 465 -43.36 29.92 8.77
C CYS C 465 -42.14 29.02 8.88
N HIS C 466 -41.28 29.10 7.87
CA HIS C 466 -40.07 28.30 7.77
C HIS C 466 -38.93 29.25 7.45
N LYS C 467 -37.88 29.26 8.29
CA LYS C 467 -36.77 30.20 8.16
C LYS C 467 -35.49 29.40 7.94
N PRO C 468 -35.23 28.97 6.70
CA PRO C 468 -34.07 28.12 6.45
C PRO C 468 -32.86 28.89 5.98
N ALA C 469 -31.72 28.20 5.88
CA ALA C 469 -30.53 28.70 5.20
C ALA C 469 -30.18 30.12 5.65
N THR C 470 -30.29 30.36 6.94
CA THR C 470 -30.08 31.68 7.52
C THR C 470 -28.71 31.74 8.18
N VAL C 471 -27.86 32.66 7.71
CA VAL C 471 -26.51 32.78 8.25
C VAL C 471 -26.58 33.21 9.72
N SER C 472 -25.46 33.03 10.41
CA SER C 472 -25.37 33.43 11.81
C SER C 472 -25.65 34.92 11.96
N GLY C 473 -26.48 35.25 12.96
CA GLY C 473 -26.94 36.61 13.13
C GLY C 473 -28.12 37.00 12.28
N GLY C 474 -28.61 36.10 11.43
CA GLY C 474 -29.76 36.38 10.59
C GLY C 474 -31.10 36.17 11.24
N GLY C 475 -31.15 35.70 12.48
CA GLY C 475 -32.39 35.60 13.22
C GLY C 475 -33.12 34.29 13.04
N LYS C 476 -32.41 33.18 12.89
CA LYS C 476 -33.05 31.90 12.62
C LYS C 476 -34.03 31.52 13.72
N SER C 477 -33.68 31.79 14.98
CA SER C 477 -34.50 31.40 16.11
C SER C 477 -35.49 32.48 16.54
N GLU C 478 -35.38 33.69 16.02
CA GLU C 478 -36.32 34.75 16.38
C GLU C 478 -37.71 34.52 15.81
N ILE C 479 -37.84 33.70 14.77
CA ILE C 479 -39.13 33.50 14.13
C ILE C 479 -40.11 32.73 15.01
N SER C 480 -39.60 31.98 15.99
CA SER C 480 -40.47 31.25 16.92
C SER C 480 -40.55 31.90 18.29
N LYS C 481 -39.75 32.93 18.55
CA LYS C 481 -39.83 33.66 19.81
C LYS C 481 -41.04 34.57 19.79
N SER C 482 -41.71 34.70 20.93
CA SER C 482 -42.87 35.57 21.02
C SER C 482 -42.45 37.03 21.01
N ILE C 483 -43.27 37.87 20.38
CA ILE C 483 -42.95 39.28 20.22
C ILE C 483 -43.48 40.06 21.43
N SER C 484 -43.97 39.33 22.44
CA SER C 484 -44.49 39.98 23.63
C SER C 484 -43.39 40.70 24.39
N ASP C 485 -42.27 40.02 24.65
CA ASP C 485 -41.19 40.62 25.42
C ASP C 485 -40.50 41.77 24.71
N ALA C 486 -40.83 42.02 23.44
CA ALA C 486 -40.30 43.18 22.72
C ALA C 486 -41.16 44.42 22.88
N PHE C 487 -42.31 44.30 23.56
CA PHE C 487 -43.21 45.43 23.71
C PHE C 487 -42.62 46.50 24.62
N VAL C 488 -42.74 47.76 24.19
CA VAL C 488 -42.49 48.92 25.02
C VAL C 488 -43.85 49.55 25.31
N PHE C 489 -44.06 49.96 26.55
CA PHE C 489 -45.33 50.52 26.97
C PHE C 489 -45.18 52.00 27.29
N GLY C 490 -46.25 52.75 27.02
CA GLY C 490 -46.29 54.15 27.36
C GLY C 490 -47.69 54.58 27.72
N ASN C 491 -47.91 55.89 27.81
CA ASN C 491 -49.23 56.44 28.08
C ASN C 491 -49.58 57.44 26.98
N ALA C 492 -50.84 57.85 26.97
CA ALA C 492 -51.30 58.85 26.01
C ALA C 492 -50.87 60.24 26.49
N PHE C 493 -50.06 60.92 25.69
CA PHE C 493 -49.55 62.24 26.02
C PHE C 493 -50.29 63.30 25.22
N SER C 494 -50.36 64.51 25.79
CA SER C 494 -50.94 65.65 25.09
C SER C 494 -50.38 66.93 25.70
N HIS C 495 -49.93 67.86 24.84
CA HIS C 495 -49.44 69.15 25.33
C HIS C 495 -50.58 69.98 25.90
N ASP C 496 -51.78 69.86 25.33
CA ASP C 496 -52.96 70.54 25.86
C ASP C 496 -54.16 69.73 25.39
N ILE C 497 -54.78 68.98 26.30
CA ILE C 497 -55.89 68.12 25.92
C ILE C 497 -57.13 68.92 25.52
N ASP C 498 -57.26 70.16 25.99
CA ASP C 498 -58.38 70.99 25.57
C ASP C 498 -58.21 71.44 24.12
N SER C 499 -57.04 71.98 23.79
CA SER C 499 -56.75 72.35 22.41
C SER C 499 -56.72 71.13 21.50
N ALA C 500 -56.36 69.96 22.05
CA ALA C 500 -56.29 68.74 21.26
C ALA C 500 -57.68 68.20 20.93
N MET C 501 -58.56 68.12 21.93
CA MET C 501 -59.90 67.61 21.69
C MET C 501 -60.70 68.54 20.80
N ASP C 502 -60.38 69.83 20.78
CA ASP C 502 -61.01 70.74 19.82
C ASP C 502 -60.61 70.39 18.40
N GLN C 503 -59.32 70.12 18.17
CA GLN C 503 -58.88 69.71 16.84
C GLN C 503 -59.47 68.36 16.46
N VAL C 504 -59.74 67.50 17.45
CA VAL C 504 -60.37 66.21 17.15
C VAL C 504 -61.83 66.42 16.75
N GLN C 505 -62.52 67.34 17.42
CA GLN C 505 -63.88 67.68 17.01
C GLN C 505 -63.91 68.21 15.58
N ALA C 506 -62.89 68.96 15.19
CA ALA C 506 -62.82 69.49 13.84
C ALA C 506 -62.63 68.37 12.82
N LEU C 507 -61.88 67.32 13.19
CA LEU C 507 -61.76 66.16 12.32
C LEU C 507 -63.08 65.41 12.22
N PHE C 508 -63.78 65.23 13.35
CA PHE C 508 -65.04 64.50 13.34
C PHE C 508 -66.10 65.18 12.49
N ASP C 509 -65.98 66.49 12.26
CA ASP C 509 -66.92 67.24 11.44
C ASP C 509 -66.34 67.61 10.09
N THR C 510 -65.27 66.94 9.66
CA THR C 510 -64.70 67.18 8.34
C THR C 510 -65.55 66.48 7.28
N ASP C 511 -65.72 67.16 6.15
CA ASP C 511 -66.55 66.64 5.06
C ASP C 511 -65.73 65.63 4.25
N PHE C 512 -65.58 64.43 4.82
CA PHE C 512 -64.80 63.37 4.19
C PHE C 512 -65.44 62.81 2.93
N THR C 513 -66.67 63.24 2.60
CA THR C 513 -67.43 62.55 1.57
C THR C 513 -66.85 62.70 0.17
N ASN C 514 -65.95 63.67 -0.04
CA ASN C 514 -65.35 63.91 -1.34
C ASN C 514 -63.84 63.71 -1.28
N ARG C 515 -63.40 62.63 -0.63
CA ARG C 515 -61.98 62.38 -0.44
C ARG C 515 -61.38 61.57 -1.58
N PHE C 516 -62.15 60.67 -2.20
CA PHE C 516 -61.60 59.81 -3.24
C PHE C 516 -61.27 60.61 -4.49
N ALA C 517 -60.31 60.09 -5.26
CA ALA C 517 -60.00 60.65 -6.56
C ALA C 517 -60.93 60.15 -7.66
N ASP C 518 -61.81 59.19 -7.35
CA ASP C 518 -62.71 58.62 -8.34
C ASP C 518 -63.80 59.61 -8.76
N ALA C 519 -64.09 60.61 -7.95
CA ALA C 519 -65.08 61.65 -8.23
C ALA C 519 -66.50 61.09 -8.31
N SER C 520 -66.67 59.94 -8.97
CA SER C 520 -67.99 59.32 -9.05
C SER C 520 -68.48 58.86 -7.69
N ARG C 521 -67.56 58.40 -6.84
CA ARG C 521 -67.91 57.97 -5.48
C ARG C 521 -67.72 59.08 -4.46
N ASN C 522 -67.40 60.30 -4.90
CA ASN C 522 -67.30 61.43 -4.00
C ASN C 522 -68.68 62.01 -3.74
N GLY C 523 -69.03 62.19 -2.48
CA GLY C 523 -70.35 62.63 -2.10
C GLY C 523 -71.31 61.53 -1.75
N THR C 524 -70.86 60.28 -1.66
CA THR C 524 -71.71 59.14 -1.38
C THR C 524 -71.51 58.54 0.00
N ASP C 525 -70.32 58.70 0.58
CA ASP C 525 -70.03 58.18 1.91
C ASP C 525 -70.30 59.28 2.93
N HIS C 526 -71.31 59.07 3.77
CA HIS C 526 -71.66 60.01 4.84
C HIS C 526 -71.70 59.30 6.19
N ARG C 527 -70.95 58.22 6.32
CA ARG C 527 -70.94 57.47 7.58
C ARG C 527 -70.20 58.27 8.65
N PRO C 528 -70.80 58.48 9.82
CA PRO C 528 -70.13 59.25 10.87
C PRO C 528 -68.85 58.57 11.33
N VAL C 529 -67.95 59.38 11.92
CA VAL C 529 -66.66 58.87 12.35
C VAL C 529 -66.82 57.99 13.59
N LEU C 530 -67.68 58.40 14.52
CA LEU C 530 -67.85 57.71 15.79
C LEU C 530 -69.03 56.75 15.80
N SER C 531 -69.74 56.60 14.68
CA SER C 531 -70.84 55.65 14.63
C SER C 531 -70.34 54.24 14.89
N ILE C 532 -71.08 53.49 15.71
CA ILE C 532 -70.68 52.14 16.09
C ILE C 532 -70.55 51.23 14.88
N ASP C 533 -71.28 51.53 13.79
CA ASP C 533 -71.18 50.74 12.58
C ASP C 533 -69.81 50.87 11.93
N ARG C 534 -69.20 52.05 12.00
CA ARG C 534 -67.85 52.24 11.49
C ARG C 534 -66.84 51.61 12.42
N SER C 535 -65.90 50.85 11.87
CA SER C 535 -64.91 50.15 12.66
C SER C 535 -63.71 51.04 12.93
N LEU C 536 -62.80 50.55 13.77
CA LEU C 536 -61.56 51.26 14.03
C LEU C 536 -60.71 51.35 12.77
N GLY C 537 -60.51 50.22 12.09
CA GLY C 537 -59.73 50.22 10.86
C GLY C 537 -60.36 51.06 9.76
N SER C 538 -61.69 51.17 9.77
CA SER C 538 -62.34 52.09 8.84
C SER C 538 -61.93 53.53 9.11
N VAL C 539 -61.83 53.90 10.39
CA VAL C 539 -61.40 55.26 10.74
C VAL C 539 -59.91 55.43 10.48
N ILE C 540 -59.13 54.36 10.66
CA ILE C 540 -57.69 54.45 10.40
C ILE C 540 -57.42 54.68 8.92
N LYS C 541 -58.14 53.96 8.05
CA LYS C 541 -57.99 54.19 6.61
C LYS C 541 -58.52 55.56 6.22
N LEU C 542 -59.47 56.10 6.98
CA LEU C 542 -60.01 57.42 6.67
C LEU C 542 -58.95 58.51 6.79
N LEU C 543 -57.99 58.33 7.69
CA LEU C 543 -56.95 59.33 7.94
C LEU C 543 -55.58 58.87 7.44
N THR C 544 -55.53 57.92 6.51
CA THR C 544 -54.29 57.40 5.97
C THR C 544 -54.19 57.75 4.48
N PRO C 545 -53.11 58.39 4.05
CA PRO C 545 -52.99 58.76 2.64
C PRO C 545 -52.86 57.53 1.74
N SER C 546 -53.53 57.58 0.59
CA SER C 546 -53.45 56.51 -0.38
C SER C 546 -53.72 57.09 -1.77
N ILE C 547 -53.38 56.31 -2.79
CA ILE C 547 -53.58 56.72 -4.18
C ILE C 547 -55.05 56.78 -4.55
N GLN C 548 -55.93 56.18 -3.74
CA GLN C 548 -57.37 56.26 -4.00
C GLN C 548 -57.91 57.66 -3.76
N TYR C 549 -57.33 58.39 -2.80
CA TYR C 549 -57.77 59.73 -2.48
C TYR C 549 -57.23 60.73 -3.49
N ASN C 550 -57.73 61.96 -3.41
CA ASN C 550 -57.29 63.03 -4.31
C ASN C 550 -56.15 63.83 -3.67
N ASP C 551 -55.57 64.73 -4.47
CA ASP C 551 -54.48 65.56 -3.98
C ASP C 551 -54.96 66.52 -2.89
N GLU C 552 -56.17 67.05 -3.05
CA GLU C 552 -56.72 67.96 -2.04
C GLU C 552 -56.88 67.28 -0.69
N TYR C 553 -57.23 65.99 -0.69
CA TYR C 553 -57.42 65.26 0.55
C TYR C 553 -56.14 64.65 1.10
N ASN C 554 -55.23 64.21 0.24
CA ASN C 554 -53.95 63.68 0.71
C ASN C 554 -53.11 64.77 1.38
N ALA C 555 -53.27 66.02 0.96
CA ALA C 555 -52.59 67.12 1.62
C ALA C 555 -53.24 67.47 2.95
N PHE C 556 -54.57 67.34 3.04
CA PHE C 556 -55.28 67.61 4.29
C PHE C 556 -54.82 66.65 5.39
N LEU C 557 -54.71 65.36 5.06
CA LEU C 557 -54.22 64.39 6.04
C LEU C 557 -52.77 64.64 6.40
N GLU C 558 -52.01 65.27 5.52
CA GLU C 558 -50.60 65.57 5.81
C GLU C 558 -50.47 66.68 6.84
N GLY C 559 -51.45 67.58 6.90
CA GLY C 559 -51.40 68.69 7.84
C GLY C 559 -52.12 68.40 9.14
N ILE C 560 -52.25 67.13 9.48
CA ILE C 560 -52.87 66.69 10.73
C ILE C 560 -51.76 66.15 11.62
N GLU C 561 -51.51 66.84 12.73
CA GLU C 561 -50.45 66.44 13.64
C GLU C 561 -50.71 65.04 14.18
N PRO C 562 -49.70 64.17 14.20
CA PRO C 562 -49.92 62.81 14.74
C PRO C 562 -50.44 62.79 16.16
N ASP C 563 -50.21 63.86 16.95
CA ASP C 563 -50.87 63.97 18.24
C ASP C 563 -52.39 63.97 18.07
N VAL C 564 -52.89 64.79 17.13
CA VAL C 564 -54.32 64.84 16.87
C VAL C 564 -54.82 63.50 16.34
N LYS C 565 -54.07 62.90 15.43
CA LYS C 565 -54.46 61.62 14.85
C LYS C 565 -54.48 60.52 15.90
N GLU C 566 -53.44 60.47 16.74
CA GLU C 566 -53.40 59.48 17.81
C GLU C 566 -54.58 59.64 18.75
N LEU C 567 -54.86 60.89 19.16
CA LEU C 567 -55.97 61.14 20.07
C LEU C 567 -57.31 60.79 19.42
N ALA C 568 -57.45 61.06 18.12
CA ALA C 568 -58.69 60.75 17.43
C ALA C 568 -58.94 59.25 17.42
N PHE C 569 -57.91 58.46 17.09
CA PHE C 569 -58.03 57.01 17.14
C PHE C 569 -58.37 56.53 18.55
N THR C 570 -57.77 57.17 19.56
CA THR C 570 -58.03 56.77 20.95
C THR C 570 -59.49 56.98 21.31
N VAL C 571 -60.09 58.06 20.82
CA VAL C 571 -61.51 58.29 21.07
C VAL C 571 -62.35 57.22 20.37
N LYS C 572 -62.07 56.98 19.09
CA LYS C 572 -62.81 55.96 18.34
C LYS C 572 -62.68 54.60 19.00
N ARG C 573 -61.49 54.28 19.53
CA ARG C 573 -61.26 52.96 20.12
C ARG C 573 -62.15 52.73 21.34
N TYR C 574 -62.30 53.74 22.18
CA TYR C 574 -62.96 53.57 23.47
C TYR C 574 -64.32 54.23 23.55
N TYR C 575 -64.76 54.90 22.48
CA TYR C 575 -66.07 55.54 22.50
C TYR C 575 -67.17 54.51 22.62
N LEU C 576 -68.05 54.71 23.60
CA LEU C 576 -69.23 53.89 23.76
C LEU C 576 -70.46 54.68 23.35
N PRO C 577 -71.37 54.10 22.55
CA PRO C 577 -72.57 54.85 22.14
C PRO C 577 -73.41 55.35 23.30
N GLU C 578 -73.23 54.81 24.51
CA GLU C 578 -73.93 55.34 25.68
C GLU C 578 -73.55 56.80 25.93
N TRP C 579 -72.33 57.18 25.57
CA TRP C 579 -71.88 58.55 25.83
C TRP C 579 -72.71 59.57 25.04
N GLY C 580 -72.98 59.29 23.78
CA GLY C 580 -73.78 60.18 22.94
C GLY C 580 -72.92 61.20 22.22
N GLU C 581 -73.14 62.48 22.52
CA GLU C 581 -72.40 63.56 21.88
C GLU C 581 -71.25 64.09 22.72
N ASP C 582 -71.19 63.76 24.01
CA ASP C 582 -70.16 64.30 24.89
C ASP C 582 -69.11 63.21 25.16
N TRP C 583 -68.20 63.06 24.20
CA TRP C 583 -67.06 62.18 24.38
C TRP C 583 -65.88 62.87 25.07
N ARG C 584 -65.90 64.20 25.15
CA ARG C 584 -64.79 64.92 25.77
C ARG C 584 -64.76 64.72 27.28
N SER C 585 -65.92 64.55 27.91
CA SER C 585 -66.00 64.42 29.36
C SER C 585 -65.36 63.14 29.88
N HIS C 586 -65.09 62.15 29.03
CA HIS C 586 -64.50 60.90 29.46
C HIS C 586 -62.99 60.86 29.31
N PHE C 587 -62.39 61.84 28.63
CA PHE C 587 -60.95 61.95 28.47
C PHE C 587 -60.47 63.21 29.19
N THR C 588 -59.56 63.04 30.14
CA THR C 588 -59.09 64.14 30.96
C THR C 588 -57.61 63.97 31.28
N VAL C 589 -57.04 65.02 31.88
CA VAL C 589 -55.69 64.99 32.42
C VAL C 589 -55.75 65.52 33.84
N GLY C 590 -54.82 65.06 34.68
CA GLY C 590 -54.78 65.51 36.04
C GLY C 590 -54.25 66.92 36.19
N ILE C 591 -54.64 67.57 37.28
CA ILE C 591 -54.11 68.88 37.64
C ILE C 591 -52.83 68.68 38.44
N MET C 592 -51.75 69.30 38.00
CA MET C 592 -50.44 69.14 38.62
C MET C 592 -49.83 70.51 38.86
N ASN C 593 -49.65 70.88 40.13
CA ASN C 593 -49.06 72.16 40.52
C ASN C 593 -49.87 73.32 39.96
N GLY C 594 -51.21 73.17 39.96
CA GLY C 594 -52.09 74.20 39.47
C GLY C 594 -52.25 74.26 37.96
N ARG C 595 -51.39 73.58 37.22
CA ARG C 595 -51.47 73.55 35.76
C ARG C 595 -52.04 72.22 35.29
N HIS C 596 -52.53 72.21 34.05
CA HIS C 596 -53.03 70.98 33.46
C HIS C 596 -51.91 69.98 33.31
N GLY C 597 -52.26 68.70 33.47
CA GLY C 597 -51.32 67.62 33.24
C GLY C 597 -51.22 67.27 31.78
N ASN C 598 -50.48 66.20 31.51
CA ASN C 598 -50.18 65.80 30.15
C ASN C 598 -50.61 64.38 29.79
N MET C 599 -50.88 63.53 30.77
CA MET C 599 -51.19 62.13 30.50
C MET C 599 -52.70 61.96 30.42
N VAL C 600 -53.18 61.59 29.23
CA VAL C 600 -54.61 61.42 29.00
C VAL C 600 -55.13 60.20 29.74
N ARG C 601 -56.28 60.36 30.39
CA ARG C 601 -56.90 59.29 31.16
C ARG C 601 -58.32 59.06 30.67
N LEU C 602 -58.70 57.79 30.56
CA LEU C 602 -60.06 57.40 30.19
C LEU C 602 -60.79 56.95 31.45
N ASP C 603 -61.75 57.77 31.89
CA ASP C 603 -62.51 57.50 33.11
C ASP C 603 -61.58 57.29 34.30
N GLY C 604 -60.62 58.19 34.45
CA GLY C 604 -59.71 58.12 35.57
C GLY C 604 -58.47 57.30 35.33
N LYS C 605 -58.61 56.19 34.59
CA LYS C 605 -57.50 55.28 34.38
C LYS C 605 -56.54 55.80 33.32
N LYS C 606 -55.24 55.61 33.56
CA LYS C 606 -54.24 55.96 32.57
C LYS C 606 -54.40 55.10 31.31
N ILE C 607 -54.36 55.76 30.16
CA ILE C 607 -54.47 55.05 28.89
C ILE C 607 -53.11 54.48 28.54
N ILE C 608 -53.05 53.17 28.36
CA ILE C 608 -51.80 52.48 28.03
C ILE C 608 -51.68 52.34 26.52
N THR C 609 -50.48 52.54 26.00
CA THR C 609 -50.19 52.39 24.58
C THR C 609 -49.09 51.35 24.41
N ASN C 610 -49.29 50.45 23.44
CA ASN C 610 -48.29 49.45 23.12
C ASN C 610 -47.40 49.95 21.99
N MET C 611 -46.11 49.63 22.07
CA MET C 611 -45.15 50.11 21.10
C MET C 611 -44.17 49.00 20.76
N LEU C 612 -43.63 49.06 19.55
CA LEU C 612 -42.53 48.22 19.12
C LEU C 612 -41.38 49.10 18.64
N ARG C 613 -40.17 48.63 18.88
CA ARG C 613 -38.99 49.30 18.35
C ARG C 613 -38.67 48.73 16.97
N VAL C 614 -38.47 49.61 16.01
CA VAL C 614 -38.01 49.20 14.68
C VAL C 614 -36.72 49.94 14.38
N GLY C 615 -35.59 49.42 14.87
CA GLY C 615 -34.30 50.02 14.61
C GLY C 615 -33.93 51.14 15.56
N PHE C 616 -32.73 51.69 15.33
CA PHE C 616 -32.18 52.76 16.14
C PHE C 616 -31.86 53.95 15.25
N ARG C 617 -32.00 55.15 15.82
CA ARG C 617 -31.51 56.32 15.13
C ARG C 617 -29.98 56.30 15.08
N GLU C 618 -29.42 57.09 14.17
CA GLU C 618 -27.98 57.09 13.98
C GLU C 618 -27.21 57.50 15.23
N ASP C 619 -27.89 58.05 16.24
CA ASP C 619 -27.27 58.38 17.51
C ASP C 619 -27.53 57.33 18.59
N GLY C 620 -28.31 56.30 18.29
CA GLY C 620 -28.55 55.21 19.22
C GLY C 620 -29.90 55.22 19.90
N SER C 621 -30.76 56.19 19.62
CA SER C 621 -32.06 56.25 20.27
C SER C 621 -33.06 55.34 19.57
N TRP C 622 -33.98 54.79 20.36
CA TRP C 622 -34.92 53.80 19.85
C TRP C 622 -35.97 54.44 18.97
N ARG C 623 -36.21 53.84 17.81
CA ARG C 623 -37.30 54.26 16.91
C ARG C 623 -38.53 53.49 17.32
N LEU C 624 -39.33 54.08 18.21
CA LEU C 624 -40.53 53.43 18.71
C LEU C 624 -41.73 53.83 17.85
N PHE C 625 -42.67 52.88 17.71
CA PHE C 625 -43.85 53.10 16.90
C PHE C 625 -45.04 52.45 17.56
N THR C 626 -46.15 53.17 17.59
CA THR C 626 -47.35 52.69 18.29
C THR C 626 -48.00 51.55 17.52
N LEU C 627 -48.40 50.53 18.26
CA LEU C 627 -49.13 49.41 17.69
C LEU C 627 -50.62 49.74 17.64
N ARG C 628 -51.31 49.13 16.67
CA ARG C 628 -52.74 49.29 16.59
C ARG C 628 -53.40 48.77 17.86
N PRO C 629 -54.42 49.46 18.39
CA PRO C 629 -55.08 48.98 19.61
C PRO C 629 -55.68 47.59 19.46
N ASP C 630 -56.13 47.23 18.26
CA ASP C 630 -56.67 45.90 18.00
C ASP C 630 -55.60 44.87 17.68
N TYR C 631 -54.32 45.24 17.74
CA TYR C 631 -53.25 44.29 17.50
C TYR C 631 -52.85 43.60 18.79
N SER C 632 -52.68 42.28 18.70
CA SER C 632 -52.22 41.44 19.79
C SER C 632 -51.13 40.52 19.28
N PRO C 633 -50.14 40.20 20.11
CA PRO C 633 -49.02 39.36 19.64
C PRO C 633 -49.52 38.01 19.15
N ALA C 634 -48.93 37.55 18.05
CA ALA C 634 -49.32 36.28 17.45
C ALA C 634 -48.88 35.12 18.35
N VAL C 635 -49.70 34.07 18.35
CA VAL C 635 -49.35 32.83 19.05
C VAL C 635 -48.43 32.01 18.16
N LYS C 636 -47.27 31.64 18.68
CA LYS C 636 -46.26 30.91 17.93
C LYS C 636 -46.04 29.54 18.56
N VAL C 637 -46.26 28.49 17.78
CA VAL C 637 -45.93 27.13 18.17
C VAL C 637 -44.64 26.76 17.46
N GLN C 638 -43.55 26.66 18.21
CA GLN C 638 -42.26 26.38 17.60
C GLN C 638 -42.23 24.97 17.03
N THR C 639 -41.81 24.86 15.77
CA THR C 639 -41.75 23.59 15.07
C THR C 639 -40.34 23.17 14.68
N GLU C 640 -39.37 24.08 14.74
CA GLU C 640 -38.00 23.81 14.29
C GLU C 640 -37.09 24.88 14.88
N ASP C 641 -35.82 24.53 15.06
CA ASP C 641 -34.87 25.45 15.66
C ASP C 641 -33.50 25.40 14.98
N ASP C 642 -32.90 24.22 14.90
CA ASP C 642 -31.55 24.11 14.36
C ASP C 642 -31.38 22.93 13.41
N ILE C 643 -31.82 21.75 13.84
CA ILE C 643 -31.69 20.53 13.04
C ILE C 643 -33.09 20.08 12.64
N THR C 644 -33.43 20.26 11.37
CA THR C 644 -34.77 20.02 10.87
C THR C 644 -34.76 18.91 9.82
N ALA C 645 -35.64 17.94 9.99
CA ALA C 645 -35.91 16.93 8.97
C ALA C 645 -37.22 17.29 8.28
N SER C 646 -37.17 17.41 6.95
CA SER C 646 -38.34 17.83 6.19
C SER C 646 -38.55 16.89 5.00
N THR C 647 -39.78 16.88 4.51
CA THR C 647 -40.14 16.13 3.31
C THR C 647 -41.08 16.99 2.48
N VAL C 648 -41.19 16.65 1.20
CA VAL C 648 -42.10 17.31 0.27
C VAL C 648 -42.97 16.23 -0.36
N THR C 649 -44.27 16.33 -0.15
CA THR C 649 -45.22 15.36 -0.69
C THR C 649 -46.46 16.10 -1.14
N PRO C 650 -47.29 15.48 -1.97
CA PRO C 650 -48.67 15.96 -2.13
C PRO C 650 -49.35 16.06 -0.78
N PRO C 651 -50.22 17.06 -0.59
CA PRO C 651 -50.84 17.26 0.73
C PRO C 651 -51.50 15.98 1.23
N TRP C 652 -51.30 15.68 2.51
CA TRP C 652 -51.80 14.43 3.06
C TRP C 652 -53.32 14.37 3.08
N GLU C 653 -54.01 15.51 3.00
CA GLU C 653 -55.46 15.52 2.94
C GLU C 653 -55.99 15.74 1.53
N ASP C 654 -55.12 15.86 0.52
CA ASP C 654 -55.56 16.07 -0.85
C ASP C 654 -54.39 15.74 -1.77
N ALA C 655 -54.41 14.52 -2.33
CA ALA C 655 -53.37 14.09 -3.26
C ALA C 655 -53.39 14.85 -4.58
N GLU C 656 -54.34 15.76 -4.78
CA GLU C 656 -54.43 16.55 -6.00
C GLU C 656 -53.97 17.98 -5.83
N GLY C 657 -53.75 18.42 -4.60
CA GLY C 657 -53.36 19.79 -4.35
C GLY C 657 -51.88 20.04 -4.60
N LEU C 658 -51.51 21.30 -4.49
CA LEU C 658 -50.13 21.70 -4.68
C LEU C 658 -49.25 21.07 -3.61
N PRO C 659 -48.13 20.45 -3.97
CA PRO C 659 -47.27 19.82 -2.96
C PRO C 659 -46.83 20.79 -1.87
N ARG C 660 -46.58 20.22 -0.69
CA ARG C 660 -46.26 20.99 0.51
C ARG C 660 -45.02 20.40 1.17
N LYS C 661 -44.38 21.21 2.02
CA LYS C 661 -43.27 20.76 2.84
C LYS C 661 -43.73 20.57 4.28
N TYR C 662 -43.34 19.46 4.89
CA TYR C 662 -43.63 19.16 6.28
C TYR C 662 -42.32 18.98 7.04
N VAL C 663 -42.26 19.54 8.25
CA VAL C 663 -41.02 19.56 9.03
C VAL C 663 -41.27 18.94 10.39
N THR C 664 -40.18 18.48 11.01
CA THR C 664 -40.12 18.15 12.43
C THR C 664 -38.76 18.55 12.97
N ASN C 665 -38.70 18.70 14.29
CA ASN C 665 -37.46 19.05 14.96
C ASN C 665 -36.77 17.76 15.40
N CYS C 666 -35.54 17.55 14.91
CA CYS C 666 -34.76 16.37 15.29
C CYS C 666 -34.20 16.47 16.71
N GLU C 667 -34.24 17.66 17.30
CA GLU C 667 -33.75 17.89 18.66
C GLU C 667 -34.92 17.97 19.62
N HIS C 668 -34.73 17.41 20.81
CA HIS C 668 -35.70 17.52 21.89
C HIS C 668 -35.24 18.46 23.00
N LEU C 669 -34.00 18.93 22.94
CA LEU C 669 -33.49 19.99 23.80
C LEU C 669 -32.69 20.95 22.92
N LEU C 670 -32.79 22.24 23.20
CA LEU C 670 -32.23 23.29 22.36
C LEU C 670 -31.02 23.91 23.04
N PHE C 671 -29.87 23.86 22.36
CA PHE C 671 -28.60 24.35 22.89
C PHE C 671 -28.56 25.87 22.74
N GLN C 672 -29.16 26.55 23.71
CA GLN C 672 -29.31 28.00 23.63
C GLN C 672 -28.04 28.71 24.07
N ARG C 673 -27.79 29.86 23.43
CA ARG C 673 -26.68 30.74 23.80
C ARG C 673 -27.26 32.06 24.28
N PRO C 674 -27.51 32.20 25.59
CA PRO C 674 -28.03 33.48 26.10
C PRO C 674 -26.96 34.58 26.12
N ASP C 675 -26.73 35.19 24.96
CA ASP C 675 -25.73 36.25 24.86
C ASP C 675 -26.05 37.40 25.79
N ASP C 676 -27.26 37.92 25.70
CA ASP C 676 -27.65 39.14 26.42
C ASP C 676 -28.08 38.86 27.85
N ALA C 677 -28.06 37.60 28.30
CA ALA C 677 -28.30 37.32 29.71
C ALA C 677 -27.21 37.88 30.61
N ILE C 678 -26.11 38.35 30.02
CA ILE C 678 -25.09 39.07 30.78
C ILE C 678 -25.64 40.40 31.30
N HIS C 679 -26.70 40.92 30.68
CA HIS C 679 -27.41 42.08 31.16
C HIS C 679 -28.57 41.61 32.01
N ARG C 680 -28.53 41.93 33.30
CA ARG C 680 -29.54 41.43 34.24
C ARG C 680 -30.92 41.95 33.86
N GLY C 681 -31.91 41.05 33.90
CA GLY C 681 -33.29 41.39 33.63
C GLY C 681 -33.66 41.49 32.16
N TYR C 682 -32.69 41.43 31.25
CA TYR C 682 -32.99 41.58 29.83
C TYR C 682 -33.57 40.30 29.24
N ASP C 683 -32.88 39.18 29.42
CA ASP C 683 -33.27 37.90 28.82
C ASP C 683 -34.12 37.15 29.84
N LYS C 684 -35.43 37.44 29.84
CA LYS C 684 -36.32 36.87 30.83
C LYS C 684 -36.39 35.35 30.71
N GLN C 685 -36.41 34.84 29.47
CA GLN C 685 -36.57 33.40 29.27
C GLN C 685 -35.35 32.64 29.77
N ALA C 686 -34.14 33.10 29.42
CA ALA C 686 -32.93 32.45 29.91
C ALA C 686 -32.84 32.53 31.43
N GLU C 687 -33.20 33.68 32.00
CA GLU C 687 -33.16 33.81 33.46
C GLU C 687 -34.14 32.85 34.13
N PHE C 688 -35.33 32.68 33.55
CA PHE C 688 -36.28 31.71 34.07
C PHE C 688 -35.74 30.29 33.94
N ASP C 689 -35.24 29.94 32.74
CA ASP C 689 -34.79 28.58 32.48
C ASP C 689 -33.61 28.19 33.37
N LEU C 690 -32.64 29.07 33.53
CA LEU C 690 -31.44 28.72 34.29
C LEU C 690 -31.70 28.69 35.79
N ALA C 691 -32.68 29.45 36.27
CA ALA C 691 -32.94 29.56 37.70
C ALA C 691 -34.04 28.63 38.20
N SER C 692 -34.98 28.23 37.34
CA SER C 692 -36.11 27.45 37.80
C SER C 692 -35.78 25.96 37.93
N GLY C 693 -35.04 25.41 36.98
CA GLY C 693 -34.82 23.97 36.96
C GLY C 693 -33.79 23.51 37.96
N THR C 694 -33.74 22.18 38.12
CA THR C 694 -32.72 21.52 38.93
C THR C 694 -31.92 20.50 38.14
N ASP C 695 -32.23 20.29 36.87
CA ASP C 695 -31.55 19.30 36.05
C ASP C 695 -31.05 19.90 34.73
N THR C 696 -30.91 21.23 34.67
CA THR C 696 -30.49 21.88 33.45
C THR C 696 -29.04 21.55 33.13
N PHE C 697 -28.79 21.17 31.88
CA PHE C 697 -27.44 20.96 31.38
C PHE C 697 -26.87 22.33 31.00
N ILE C 698 -25.92 22.82 31.79
CA ILE C 698 -25.35 24.16 31.62
C ILE C 698 -23.90 24.04 31.22
N SER C 699 -23.44 24.93 30.35
CA SER C 699 -22.05 24.92 29.89
C SER C 699 -21.53 26.35 29.73
N ASN C 700 -20.25 26.53 30.05
CA ASN C 700 -19.54 27.81 29.89
C ASN C 700 -20.10 28.89 30.81
N PHE C 701 -20.49 28.51 32.03
CA PHE C 701 -20.79 29.46 33.08
C PHE C 701 -19.79 29.30 34.20
N GLU C 702 -19.67 30.35 35.03
CA GLU C 702 -18.75 30.32 36.15
C GLU C 702 -19.37 29.56 37.32
N PRO C 703 -18.66 28.60 37.90
CA PRO C 703 -19.19 27.91 39.09
C PRO C 703 -19.12 28.83 40.31
N LEU C 704 -20.24 28.97 41.01
CA LEU C 704 -20.37 29.90 42.11
C LEU C 704 -20.63 29.17 43.41
N THR C 705 -20.03 29.65 44.50
CA THR C 705 -20.15 29.03 45.80
C THR C 705 -21.33 29.62 46.57
N HIS C 706 -21.59 29.06 47.76
CA HIS C 706 -22.68 29.56 48.58
C HIS C 706 -22.42 30.98 49.06
N GLU C 707 -21.18 31.30 49.42
CA GLU C 707 -20.88 32.65 49.90
C GLU C 707 -21.14 33.69 48.82
N GLN C 708 -20.82 33.36 47.57
CA GLN C 708 -21.06 34.31 46.48
C GLN C 708 -22.54 34.61 46.34
N ALA C 709 -23.41 33.65 46.66
CA ALA C 709 -24.84 33.92 46.68
C ALA C 709 -25.20 34.87 47.82
N ARG C 710 -24.55 34.71 48.97
CA ARG C 710 -24.82 35.61 50.10
C ARG C 710 -24.29 37.01 49.81
N ASP C 711 -23.13 37.11 49.15
CA ASP C 711 -22.60 38.41 48.76
C ASP C 711 -23.50 39.05 47.71
N LEU C 712 -24.02 38.26 46.78
CA LEU C 712 -24.90 38.82 45.75
C LEU C 712 -26.26 39.18 46.30
N LEU C 713 -26.73 38.46 47.31
CA LEU C 713 -28.00 38.80 47.95
C LEU C 713 -27.95 40.18 48.61
N THR C 714 -26.79 40.56 49.14
CA THR C 714 -26.61 41.86 49.76
C THR C 714 -26.16 42.95 48.78
N ASP C 715 -25.89 42.59 47.52
CA ASP C 715 -25.59 43.57 46.48
C ASP C 715 -26.91 44.04 45.90
N VAL C 716 -27.47 45.10 46.50
CA VAL C 716 -28.86 45.45 46.22
C VAL C 716 -29.04 45.87 44.77
N GLN C 717 -28.08 46.61 44.22
CA GLN C 717 -28.23 47.12 42.87
C GLN C 717 -28.33 45.98 41.86
N ALA C 718 -27.33 45.10 41.84
CA ALA C 718 -27.36 43.98 40.90
C ALA C 718 -28.52 43.03 41.22
N TYR C 719 -28.72 42.73 42.50
CA TYR C 719 -29.75 41.76 42.88
C TYR C 719 -31.14 42.22 42.47
N SER C 720 -31.40 43.53 42.50
CA SER C 720 -32.71 44.02 42.13
C SER C 720 -32.94 44.07 40.62
N GLU C 721 -31.86 43.96 39.83
CA GLU C 721 -32.01 44.01 38.38
C GLU C 721 -32.37 42.66 37.77
N PHE C 722 -32.15 41.56 38.50
CA PHE C 722 -32.56 40.25 38.02
C PHE C 722 -34.07 40.14 37.97
N THR C 723 -34.57 39.27 37.10
CA THR C 723 -35.97 38.90 37.17
C THR C 723 -36.21 38.05 38.42
N LYS C 724 -37.49 37.92 38.78
CA LYS C 724 -37.84 37.23 40.03
C LYS C 724 -37.32 35.79 40.12
N PRO C 725 -37.32 34.97 39.05
CA PRO C 725 -36.80 33.60 39.22
C PRO C 725 -35.35 33.53 39.67
N VAL C 726 -34.49 34.45 39.21
CA VAL C 726 -33.09 34.41 39.62
C VAL C 726 -32.94 34.94 41.03
N ARG C 727 -33.68 35.99 41.39
CA ARG C 727 -33.65 36.47 42.77
C ARG C 727 -34.08 35.38 43.75
N LYS C 728 -35.10 34.60 43.39
CA LYS C 728 -35.52 33.49 44.23
C LYS C 728 -34.42 32.44 44.34
N LEU C 729 -33.70 32.18 43.25
CA LEU C 729 -32.60 31.23 43.29
C LEU C 729 -31.49 31.71 44.23
N ILE C 730 -31.08 32.98 44.07
CA ILE C 730 -30.02 33.53 44.91
C ILE C 730 -30.38 33.42 46.38
N GLU C 731 -31.65 33.66 46.72
CA GLU C 731 -32.08 33.54 48.11
C GLU C 731 -32.00 32.10 48.60
N ARG C 732 -32.41 31.14 47.76
CA ARG C 732 -32.36 29.73 48.17
C ARG C 732 -30.94 29.29 48.46
N VAL C 733 -30.01 29.63 47.56
CA VAL C 733 -28.61 29.24 47.77
C VAL C 733 -28.04 29.98 48.98
N ALA C 734 -28.32 31.27 49.10
CA ALA C 734 -27.79 32.05 50.22
C ALA C 734 -28.23 31.49 51.56
N ALA C 735 -29.36 30.81 51.61
CA ALA C 735 -29.85 30.22 52.84
C ALA C 735 -29.21 28.86 53.14
N MET C 736 -28.48 28.27 52.19
CA MET C 736 -27.92 26.94 52.39
C MET C 736 -26.73 27.00 53.33
N PRO C 737 -26.70 26.19 54.39
CA PRO C 737 -25.48 26.05 55.19
C PRO C 737 -24.40 25.33 54.38
N ASP C 738 -23.18 25.42 54.90
CA ASP C 738 -22.03 24.84 54.20
C ASP C 738 -22.06 23.33 54.17
N ASP C 739 -22.87 22.68 54.99
CA ASP C 739 -22.99 21.23 55.03
C ASP C 739 -24.21 20.72 54.26
N GLN C 740 -24.60 21.42 53.20
CA GLN C 740 -25.70 20.98 52.35
C GLN C 740 -25.26 21.06 50.89
N SER C 741 -25.53 20.00 50.15
CA SER C 741 -25.21 19.92 48.73
C SER C 741 -26.44 20.22 47.89
N PRO C 742 -26.28 20.65 46.62
CA PRO C 742 -25.02 20.87 45.88
C PRO C 742 -24.17 22.03 46.40
N GLU C 743 -22.86 21.94 46.17
CA GLU C 743 -21.94 22.97 46.63
C GLU C 743 -21.95 24.20 45.73
N PHE C 744 -22.30 24.05 44.46
CA PHE C 744 -22.16 25.10 43.47
C PHE C 744 -23.52 25.45 42.85
N TRP C 745 -23.53 26.62 42.20
CA TRP C 745 -24.70 27.09 41.46
C TRP C 745 -24.20 27.99 40.33
N VAL C 746 -25.11 28.30 39.40
CA VAL C 746 -24.79 29.12 38.24
C VAL C 746 -25.77 30.29 38.19
N CYS C 747 -25.25 31.50 38.05
CA CYS C 747 -26.06 32.69 37.89
C CYS C 747 -26.09 33.09 36.42
N SER C 748 -27.27 33.52 35.96
CA SER C 748 -27.50 33.73 34.54
C SER C 748 -26.67 34.88 33.95
N ASP C 749 -26.11 35.76 34.77
CA ASP C 749 -25.36 36.90 34.28
C ASP C 749 -23.86 36.73 34.39
N ASP C 750 -23.38 35.54 34.73
CA ASP C 750 -21.96 35.30 35.01
C ASP C 750 -21.47 34.13 34.17
N PRO C 751 -21.08 34.39 32.92
CA PRO C 751 -20.49 33.32 32.10
C PRO C 751 -19.13 32.89 32.64
N ARG C 752 -18.61 31.83 32.04
CA ARG C 752 -17.36 31.23 32.48
C ARG C 752 -16.22 32.24 32.43
N HIS C 753 -15.50 32.38 33.54
CA HIS C 753 -14.36 33.29 33.59
C HIS C 753 -13.20 32.70 32.79
N LEU C 754 -12.67 33.48 31.86
CA LEU C 754 -11.57 33.00 31.02
C LEU C 754 -10.23 33.36 31.64
N PRO C 755 -9.21 32.51 31.42
CA PRO C 755 -7.90 32.76 32.05
C PRO C 755 -7.27 34.09 31.68
N ASP C 756 -7.69 34.72 30.57
CA ASP C 756 -7.11 35.97 30.14
C ASP C 756 -7.82 37.20 30.71
N GLY C 757 -8.75 37.01 31.66
CA GLY C 757 -9.39 38.09 32.36
C GLY C 757 -10.84 38.29 32.01
N GLY C 758 -11.22 38.01 30.76
CA GLY C 758 -12.59 38.19 30.33
C GLY C 758 -13.48 37.03 30.73
N ARG C 759 -14.66 37.00 30.13
CA ARG C 759 -15.62 35.93 30.35
C ARG C 759 -16.05 35.37 29.00
N SER C 760 -16.51 34.12 29.01
CA SER C 760 -16.83 33.43 27.77
C SER C 760 -18.01 34.09 27.08
N LYS C 761 -17.89 34.24 25.76
CA LYS C 761 -18.95 34.78 24.93
C LYS C 761 -19.88 33.70 24.40
N ASN C 762 -19.72 32.46 24.86
CA ASN C 762 -20.54 31.34 24.42
C ASN C 762 -21.14 30.60 25.61
N PRO C 763 -21.96 31.29 26.43
CA PRO C 763 -22.67 30.57 27.49
C PRO C 763 -23.78 29.72 26.87
N ARG C 764 -23.97 28.52 27.43
CA ARG C 764 -24.84 27.55 26.80
C ARG C 764 -25.65 26.81 27.85
N TYR C 765 -26.84 26.35 27.44
CA TYR C 765 -27.61 25.43 28.24
C TYR C 765 -28.65 24.75 27.36
N LEU C 766 -29.00 23.52 27.72
CA LEU C 766 -30.00 22.76 26.98
C LEU C 766 -31.39 23.18 27.47
N GLN C 767 -32.14 23.85 26.59
CA GLN C 767 -33.45 24.36 26.94
C GLN C 767 -34.53 23.35 26.57
N VAL C 768 -35.52 23.20 27.46
CA VAL C 768 -36.72 22.44 27.11
C VAL C 768 -37.44 23.16 25.99
N ARG C 769 -37.92 22.40 25.02
CA ARG C 769 -38.62 23.00 23.89
C ARG C 769 -39.91 23.67 24.36
N PRO C 770 -40.27 24.83 23.80
CA PRO C 770 -41.50 25.51 24.23
C PRO C 770 -42.74 24.64 24.17
N THR C 771 -42.83 23.74 23.19
CA THR C 771 -43.99 22.86 23.10
C THR C 771 -44.00 21.83 24.22
N ASP C 772 -42.84 21.48 24.76
CA ASP C 772 -42.79 20.55 25.88
C ASP C 772 -43.02 21.27 27.21
N SER C 773 -42.47 22.47 27.37
CA SER C 773 -42.66 23.23 28.60
C SER C 773 -44.04 23.88 28.70
N ASN C 774 -44.70 24.10 27.56
CA ASN C 774 -46.07 24.63 27.54
C ASN C 774 -46.93 23.67 26.72
N PRO C 775 -47.27 22.51 27.27
CA PRO C 775 -48.04 21.53 26.50
C PRO C 775 -49.50 21.90 26.32
N GLU C 776 -50.08 22.68 27.23
CA GLU C 776 -51.49 23.04 27.09
C GLU C 776 -51.70 23.88 25.84
N LEU C 777 -50.87 24.90 25.64
CA LEU C 777 -51.02 25.75 24.47
C LEU C 777 -50.75 24.98 23.18
N THR C 778 -49.83 24.01 23.23
CA THR C 778 -49.61 23.15 22.07
C THR C 778 -50.84 22.31 21.77
N THR C 779 -51.52 21.82 22.80
CA THR C 779 -52.76 21.07 22.58
C THR C 779 -53.85 21.98 22.04
N VAL C 780 -53.94 23.22 22.53
CA VAL C 780 -54.95 24.15 22.05
C VAL C 780 -54.76 24.41 20.57
N ALA C 781 -53.52 24.72 20.16
CA ALA C 781 -53.26 24.99 18.75
C ALA C 781 -53.58 23.79 17.89
N ASP C 782 -53.27 22.58 18.37
CA ASP C 782 -53.58 21.37 17.62
C ASP C 782 -55.09 21.21 17.43
N VAL C 783 -55.85 21.33 18.52
CA VAL C 783 -57.30 21.20 18.44
C VAL C 783 -57.88 22.30 17.55
N ALA C 784 -57.45 23.54 17.76
CA ALA C 784 -57.96 24.65 16.96
C ALA C 784 -57.65 24.47 15.48
N GLY C 785 -56.41 24.07 15.18
CA GLY C 785 -56.03 23.89 13.78
C GLY C 785 -56.74 22.74 13.10
N LYS C 786 -57.16 21.73 13.88
CA LYS C 786 -57.96 20.66 13.31
C LYS C 786 -59.39 21.11 13.06
N LEU C 787 -59.94 21.95 13.94
CA LEU C 787 -61.26 22.50 13.70
C LEU C 787 -61.26 23.40 12.47
N ALA C 788 -60.19 24.19 12.28
CA ALA C 788 -60.12 25.06 11.12
C ALA C 788 -60.15 24.28 9.82
N ARG C 789 -59.61 23.07 9.82
CA ARG C 789 -59.53 22.23 8.62
C ARG C 789 -60.60 21.15 8.58
N LYS C 790 -61.62 21.23 9.45
CA LYS C 790 -62.71 20.27 9.49
C LYS C 790 -62.18 18.84 9.66
N LEU C 791 -61.20 18.69 10.53
CA LEU C 791 -60.59 17.40 10.79
C LEU C 791 -61.05 16.86 12.15
N PRO C 792 -61.12 15.54 12.31
CA PRO C 792 -61.35 14.98 13.64
C PRO C 792 -60.18 15.29 14.57
N LEU C 793 -60.50 15.42 15.85
CA LEU C 793 -59.49 15.79 16.84
C LEU C 793 -58.57 14.63 17.21
N ALA C 794 -58.85 13.42 16.73
CA ALA C 794 -58.15 12.23 17.22
C ALA C 794 -56.74 12.11 16.63
N GLY C 795 -56.63 12.02 15.31
CA GLY C 795 -55.41 11.58 14.67
C GLY C 795 -54.29 12.61 14.61
N HIS C 796 -53.33 12.31 13.75
CA HIS C 796 -52.14 13.14 13.53
C HIS C 796 -52.39 14.01 12.31
N ALA C 797 -52.49 15.33 12.52
CA ALA C 797 -52.84 16.29 11.47
C ALA C 797 -51.75 17.35 11.35
N PRO C 798 -50.63 17.04 10.70
CA PRO C 798 -49.53 18.00 10.61
C PRO C 798 -49.88 19.19 9.73
N GLN C 799 -49.36 20.34 10.12
CA GLN C 799 -49.56 21.58 9.39
C GLN C 799 -48.45 21.75 8.36
N PRO C 800 -48.77 22.04 7.10
CA PRO C 800 -47.74 22.26 6.10
C PRO C 800 -47.14 23.65 6.22
N ILE C 801 -45.91 23.78 5.70
CA ILE C 801 -45.29 25.09 5.58
C ILE C 801 -46.15 25.98 4.72
N ASP C 802 -46.37 27.22 5.16
CA ASP C 802 -47.10 28.21 4.37
C ASP C 802 -46.19 29.29 3.81
N VAL C 803 -45.26 29.80 4.62
CA VAL C 803 -44.37 30.89 4.23
C VAL C 803 -42.94 30.45 4.42
N VAL C 804 -42.08 30.78 3.47
CA VAL C 804 -40.64 30.57 3.58
C VAL C 804 -39.97 31.93 3.56
N ALA C 805 -39.34 32.29 4.67
CA ALA C 805 -38.74 33.61 4.83
C ALA C 805 -37.36 33.42 5.46
N ALA C 806 -36.36 33.20 4.62
CA ALA C 806 -34.99 33.08 5.09
C ALA C 806 -34.51 34.42 5.66
N GLY C 807 -33.51 34.33 6.53
CA GLY C 807 -32.93 35.51 7.14
C GLY C 807 -31.56 35.83 6.60
N ARG C 808 -31.13 37.07 6.78
CA ARG C 808 -29.88 37.56 6.20
C ARG C 808 -29.25 38.54 7.18
N ARG C 809 -27.95 38.36 7.44
CA ARG C 809 -27.21 39.26 8.32
C ARG C 809 -26.47 40.26 7.45
N ASN C 810 -26.91 41.51 7.47
CA ASN C 810 -26.28 42.58 6.72
C ASN C 810 -25.46 43.47 7.64
N ASN C 811 -24.36 43.99 7.13
CA ASN C 811 -23.45 44.80 7.92
C ASN C 811 -22.91 45.94 7.07
N PRO C 812 -22.56 47.06 7.69
CA PRO C 812 -21.93 48.15 6.94
C PRO C 812 -20.45 47.87 6.73
N PRO C 813 -19.82 48.51 5.76
CA PRO C 813 -18.39 48.30 5.55
C PRO C 813 -17.57 48.89 6.69
N GLU C 814 -16.54 48.15 7.09
CA GLU C 814 -15.58 48.58 8.10
C GLU C 814 -14.18 48.35 7.54
N ASP C 815 -13.18 48.60 8.37
CA ASP C 815 -11.81 48.26 8.00
C ASP C 815 -11.65 46.74 8.08
N LYS C 816 -11.21 46.12 6.97
CA LYS C 816 -11.09 44.68 6.80
C LYS C 816 -12.43 43.97 6.78
N VAL C 817 -13.54 44.70 6.68
CA VAL C 817 -14.88 44.11 6.61
C VAL C 817 -15.57 44.61 5.34
N PRO C 818 -16.09 43.74 4.49
CA PRO C 818 -16.71 44.19 3.24
C PRO C 818 -18.12 44.73 3.47
N ALA C 819 -18.55 45.56 2.51
CA ALA C 819 -19.90 46.09 2.54
C ALA C 819 -20.90 45.01 2.13
N LEU C 820 -21.81 44.69 3.04
CA LEU C 820 -22.91 43.74 2.77
C LEU C 820 -24.21 44.32 3.31
N CYS C 821 -24.64 45.45 2.74
CA CYS C 821 -25.81 46.16 3.26
C CYS C 821 -26.61 46.77 2.10
N ALA C 822 -27.07 45.93 1.19
CA ALA C 822 -27.89 46.38 0.07
C ALA C 822 -29.36 45.99 0.21
N TYR C 823 -29.68 45.11 1.15
CA TYR C 823 -31.05 44.63 1.30
C TYR C 823 -31.88 45.59 2.14
N ASN C 824 -33.13 45.79 1.74
CA ASN C 824 -34.09 46.59 2.49
C ASN C 824 -34.80 45.62 3.44
N PRO C 825 -35.81 46.04 4.23
CA PRO C 825 -36.36 45.09 5.23
C PRO C 825 -36.75 43.72 4.71
N LEU C 826 -37.45 43.65 3.57
CA LEU C 826 -37.99 42.38 3.10
C LEU C 826 -37.86 42.30 1.59
N HIS C 827 -37.20 41.26 1.11
CA HIS C 827 -37.02 41.00 -0.31
C HIS C 827 -37.73 39.73 -0.71
N TYR C 828 -38.16 39.69 -1.97
CA TYR C 828 -38.69 38.48 -2.60
C TYR C 828 -37.80 38.14 -3.79
N MET C 829 -37.36 36.89 -3.85
CA MET C 829 -36.45 36.43 -4.90
C MET C 829 -37.05 35.22 -5.60
N GLU C 830 -37.08 35.27 -6.93
CA GLU C 830 -37.39 34.09 -7.71
C GLU C 830 -36.26 33.07 -7.57
N LEU C 831 -36.55 31.84 -7.98
CA LEU C 831 -35.66 30.73 -7.67
C LEU C 831 -34.21 30.92 -8.14
N PRO C 832 -33.92 31.46 -9.35
CA PRO C 832 -32.52 31.70 -9.71
C PRO C 832 -31.81 32.62 -8.73
N GLU C 833 -32.36 33.82 -8.51
CA GLU C 833 -31.75 34.77 -7.59
C GLU C 833 -31.73 34.22 -6.17
N LEU C 834 -32.80 33.53 -5.77
CA LEU C 834 -32.87 32.98 -4.42
C LEU C 834 -31.72 32.01 -4.16
N PHE C 835 -31.36 31.22 -5.17
CA PHE C 835 -30.37 30.17 -4.96
C PHE C 835 -28.94 30.65 -5.13
N MET C 836 -28.72 31.80 -5.77
CA MET C 836 -27.41 32.43 -5.66
C MET C 836 -27.15 32.83 -4.21
N GLU C 837 -28.19 33.27 -3.50
CA GLU C 837 -28.05 33.57 -2.09
C GLU C 837 -27.82 32.30 -1.27
N TYR C 838 -28.61 31.26 -1.54
CA TYR C 838 -28.48 30.01 -0.80
C TYR C 838 -27.13 29.35 -1.05
N ILE C 839 -26.65 29.37 -2.30
CA ILE C 839 -25.37 28.75 -2.61
C ILE C 839 -24.23 29.51 -1.93
N SER C 840 -24.32 30.83 -1.89
CA SER C 840 -23.22 31.63 -1.34
C SER C 840 -23.28 31.72 0.17
N SER C 841 -24.48 31.93 0.73
CA SER C 841 -24.67 32.16 2.16
C SER C 841 -23.66 33.18 2.70
N MET C 842 -23.71 34.38 2.12
CA MET C 842 -22.72 35.40 2.43
C MET C 842 -22.86 35.91 3.86
N THR C 843 -21.73 36.30 4.44
CA THR C 843 -21.72 36.92 5.76
C THR C 843 -20.43 37.73 5.88
N GLY C 844 -20.52 38.83 6.64
CA GLY C 844 -19.34 39.66 6.84
C GLY C 844 -18.27 38.99 7.67
N LYS C 845 -18.66 38.08 8.56
CA LYS C 845 -17.69 37.34 9.37
C LYS C 845 -16.80 36.50 8.47
N SER C 846 -15.50 36.49 8.80
CA SER C 846 -14.47 35.84 7.99
C SER C 846 -14.49 36.41 6.58
N PRO C 847 -13.90 37.60 6.36
CA PRO C 847 -14.04 38.25 5.04
C PRO C 847 -13.37 37.51 3.90
N SER C 848 -12.64 36.42 4.18
CA SER C 848 -11.88 35.69 3.17
C SER C 848 -10.87 36.60 2.48
N THR C 849 -10.32 36.14 1.35
CA THR C 849 -9.36 36.94 0.61
C THR C 849 -9.99 37.79 -0.48
N THR C 850 -11.19 37.42 -0.95
CA THR C 850 -11.84 38.14 -2.04
C THR C 850 -13.01 38.96 -1.54
N GLY C 851 -14.23 38.50 -1.82
CA GLY C 851 -15.43 39.22 -1.42
C GLY C 851 -15.77 39.06 0.05
N ALA C 852 -16.86 38.37 0.34
CA ALA C 852 -17.33 38.15 1.70
C ALA C 852 -17.16 36.69 2.10
N GLY C 853 -17.48 36.41 3.36
CA GLY C 853 -17.41 35.06 3.87
C GLY C 853 -18.65 34.24 3.52
N SER C 854 -18.48 32.92 3.52
CA SER C 854 -19.52 32.02 3.08
C SER C 854 -19.71 30.90 4.11
N GLU C 855 -20.96 30.62 4.45
CA GLU C 855 -21.29 29.50 5.33
C GLU C 855 -21.62 28.24 4.56
N GLY C 856 -21.33 28.20 3.26
CA GLY C 856 -21.65 27.03 2.45
C GLY C 856 -23.08 27.03 1.99
N ALA C 857 -23.40 26.04 1.16
CA ALA C 857 -24.74 25.93 0.59
C ALA C 857 -25.77 25.75 1.72
N LEU C 858 -26.79 26.61 1.71
CA LEU C 858 -27.88 26.56 2.69
C LEU C 858 -27.34 26.69 4.11
N THR C 859 -26.25 27.42 4.28
CA THR C 859 -25.55 27.61 5.57
C THR C 859 -25.17 26.29 6.23
N LYS C 860 -25.05 25.21 5.45
CA LYS C 860 -24.67 23.90 5.97
C LYS C 860 -23.26 23.49 5.60
N GLY C 861 -22.44 24.41 5.08
CA GLY C 861 -21.07 24.14 4.72
C GLY C 861 -20.29 23.36 5.75
N PRO C 862 -20.14 23.90 6.97
CA PRO C 862 -19.43 23.18 8.03
C PRO C 862 -20.18 21.98 8.58
N PHE C 863 -21.37 21.67 8.07
CA PHE C 863 -22.18 20.57 8.60
C PHE C 863 -22.53 19.54 7.55
N ASN C 864 -21.93 19.62 6.36
CA ASN C 864 -22.25 18.73 5.25
C ASN C 864 -21.00 17.96 4.88
N ALA C 865 -21.00 16.66 5.13
CA ALA C 865 -19.89 15.79 4.72
C ALA C 865 -20.00 15.35 3.26
N LEU C 866 -21.07 15.71 2.58
CA LEU C 866 -21.32 15.33 1.20
C LEU C 866 -21.23 16.54 0.28
N PRO C 867 -21.03 16.33 -1.02
CA PRO C 867 -21.11 17.42 -1.98
C PRO C 867 -22.45 18.13 -1.88
N ALA C 868 -22.40 19.47 -1.80
CA ALA C 868 -23.59 20.26 -1.52
C ALA C 868 -24.63 20.17 -2.62
N VAL C 869 -24.27 19.69 -3.80
CA VAL C 869 -25.23 19.59 -4.91
C VAL C 869 -26.40 18.69 -4.54
N TYR C 870 -26.17 17.68 -3.68
CA TYR C 870 -27.26 16.83 -3.24
C TYR C 870 -28.34 17.64 -2.55
N ASP C 871 -27.94 18.51 -1.61
CA ASP C 871 -28.88 19.44 -0.99
C ASP C 871 -29.47 20.38 -2.02
N LEU C 872 -28.64 20.92 -2.90
CA LEU C 872 -29.10 21.93 -3.85
C LEU C 872 -30.13 21.37 -4.82
N ASN C 873 -29.92 20.13 -5.29
CA ASN C 873 -30.90 19.52 -6.17
C ASN C 873 -32.25 19.34 -5.47
N ALA C 874 -32.22 18.81 -4.25
CA ALA C 874 -33.46 18.62 -3.49
C ALA C 874 -34.08 19.96 -3.09
N ALA C 875 -33.24 20.96 -2.78
CA ALA C 875 -33.77 22.24 -2.32
C ALA C 875 -34.51 22.96 -3.43
N VAL C 876 -33.97 22.97 -4.64
CA VAL C 876 -34.63 23.71 -5.71
C VAL C 876 -35.94 23.03 -6.09
N LEU C 877 -36.05 21.72 -5.89
CA LEU C 877 -37.32 21.04 -6.13
C LEU C 877 -38.35 21.41 -5.07
N SER C 878 -37.92 21.56 -3.81
CA SER C 878 -38.84 21.90 -2.74
C SER C 878 -39.45 23.28 -2.89
N TYR C 879 -38.91 24.13 -3.77
CA TYR C 879 -39.54 25.38 -4.14
C TYR C 879 -40.25 25.29 -5.49
N ALA C 880 -39.70 24.53 -6.44
CA ALA C 880 -40.30 24.46 -7.76
C ALA C 880 -41.56 23.59 -7.75
N LEU C 881 -41.54 22.48 -7.00
CA LEU C 881 -42.70 21.61 -6.94
C LEU C 881 -43.84 22.21 -6.12
N THR C 882 -43.51 23.12 -5.21
CA THR C 882 -44.47 23.64 -4.25
C THR C 882 -44.93 25.07 -4.53
N ASP C 883 -44.23 25.79 -5.40
CA ASP C 883 -44.45 27.22 -5.61
C ASP C 883 -44.34 28.01 -4.30
N TYR C 884 -43.45 27.57 -3.41
CA TYR C 884 -43.12 28.35 -2.23
C TYR C 884 -42.36 29.60 -2.65
N ASP C 885 -42.77 30.74 -2.12
CA ASP C 885 -42.06 31.98 -2.40
C ASP C 885 -40.83 32.10 -1.51
N GLY C 886 -39.72 32.51 -2.12
CA GLY C 886 -38.50 32.73 -1.37
C GLY C 886 -38.36 34.15 -0.86
N TRP C 887 -38.86 34.41 0.34
CA TRP C 887 -38.70 35.72 0.95
C TRP C 887 -37.35 35.81 1.66
N LEU C 888 -36.87 37.04 1.79
CA LEU C 888 -35.57 37.30 2.42
C LEU C 888 -35.71 38.52 3.32
N SER C 889 -35.59 38.30 4.64
CA SER C 889 -35.70 39.37 5.62
C SER C 889 -34.31 39.80 6.08
N SER C 890 -34.14 41.10 6.31
CA SER C 890 -32.85 41.68 6.65
C SER C 890 -32.71 41.83 8.16
N ALA C 891 -31.54 41.44 8.68
CA ALA C 891 -31.22 41.61 10.08
C ALA C 891 -29.87 42.31 10.21
N GLY C 892 -29.72 43.07 11.29
CA GLY C 892 -28.50 43.81 11.51
C GLY C 892 -28.59 45.24 11.02
N TYR C 893 -28.38 45.43 9.71
CA TYR C 893 -28.40 46.76 9.12
C TYR C 893 -29.23 46.75 7.85
N ILE C 894 -29.83 47.91 7.57
CA ILE C 894 -30.47 48.19 6.28
C ILE C 894 -29.70 49.35 5.69
N GLY C 895 -28.82 49.07 4.74
CA GLY C 895 -27.85 50.04 4.33
C GLY C 895 -26.82 50.24 5.42
N PRO C 896 -25.84 51.12 5.18
CA PRO C 896 -24.76 51.30 6.16
C PRO C 896 -25.14 52.10 7.39
N ASN C 897 -26.31 52.76 7.41
CA ASN C 897 -26.64 53.68 8.49
C ASN C 897 -27.83 53.26 9.34
N ALA C 898 -28.74 52.43 8.84
CA ALA C 898 -29.96 52.08 9.57
C ALA C 898 -29.74 50.73 10.27
N ARG C 899 -29.37 50.78 11.55
CA ARG C 899 -29.22 49.58 12.35
C ARG C 899 -30.59 49.12 12.85
N VAL C 900 -30.88 47.83 12.69
CA VAL C 900 -32.19 47.30 13.02
C VAL C 900 -32.10 46.08 13.92
N ASP C 901 -30.90 45.50 14.02
CA ASP C 901 -30.69 44.27 14.78
C ASP C 901 -31.69 43.20 14.35
N HIS C 902 -32.57 42.77 15.26
CA HIS C 902 -33.56 41.75 14.96
C HIS C 902 -34.99 42.27 15.05
N ASP C 903 -35.17 43.60 15.02
CA ASP C 903 -36.52 44.16 15.10
C ASP C 903 -37.36 43.80 13.88
N ILE C 904 -36.72 43.54 12.76
CA ILE C 904 -37.45 43.13 11.56
C ILE C 904 -37.63 41.62 11.49
N SER C 905 -36.68 40.85 12.04
CA SER C 905 -36.89 39.43 12.18
C SER C 905 -38.14 39.14 13.00
N MET C 906 -38.38 39.90 14.06
CA MET C 906 -39.55 39.68 14.90
C MET C 906 -40.84 40.07 14.18
N LEU C 907 -40.78 41.06 13.30
CA LEU C 907 -41.98 41.53 12.62
C LEU C 907 -42.43 40.59 11.51
N ILE C 908 -41.50 39.85 10.90
CA ILE C 908 -41.85 38.99 9.77
C ILE C 908 -43.01 38.05 10.09
N PRO C 909 -42.97 37.25 11.16
CA PRO C 909 -44.14 36.39 11.44
C PRO C 909 -45.41 37.17 11.68
N GLU C 910 -45.32 38.27 12.42
CA GLU C 910 -46.50 39.11 12.64
C GLU C 910 -47.01 39.67 11.33
N LEU C 911 -46.12 40.15 10.48
CA LEU C 911 -46.52 40.67 9.17
C LEU C 911 -47.24 39.60 8.35
N PHE C 912 -46.61 38.43 8.19
CA PHE C 912 -47.17 37.41 7.32
C PHE C 912 -48.43 36.77 7.90
N SER C 913 -48.50 36.60 9.22
CA SER C 913 -49.66 35.95 9.82
C SER C 913 -50.92 36.79 9.70
N HIS C 914 -50.81 38.11 9.57
CA HIS C 914 -51.95 38.96 9.32
C HIS C 914 -52.24 39.16 7.84
N MET C 915 -51.64 38.36 6.97
CA MET C 915 -51.88 38.40 5.54
C MET C 915 -52.48 37.07 5.11
N GLY C 916 -53.63 37.14 4.44
CA GLY C 916 -54.27 35.96 3.94
C GLY C 916 -53.48 35.31 2.83
N PRO C 917 -53.98 34.17 2.33
CA PRO C 917 -53.23 33.46 1.26
C PRO C 917 -53.11 34.28 -0.01
N ASN C 918 -54.15 35.01 -0.37
CA ASN C 918 -54.08 35.87 -1.55
C ASN C 918 -53.28 37.14 -1.28
N ASP C 919 -53.26 37.61 -0.03
CA ASP C 919 -52.41 38.75 0.31
C ASP C 919 -50.94 38.43 0.06
N ARG C 920 -50.50 37.23 0.42
CA ARG C 920 -49.10 36.83 0.28
C ARG C 920 -48.75 36.34 -1.12
N ASN C 921 -49.69 36.39 -2.06
CA ASN C 921 -49.43 35.94 -3.43
C ASN C 921 -48.46 36.91 -4.10
N THR C 922 -47.26 36.45 -4.41
CA THR C 922 -46.23 37.34 -4.93
C THR C 922 -46.54 37.80 -6.36
N LYS C 923 -47.24 36.99 -7.15
CA LYS C 923 -47.67 37.45 -8.46
C LYS C 923 -48.67 38.61 -8.33
N ARG C 924 -49.65 38.46 -7.43
CA ARG C 924 -50.58 39.55 -7.18
C ARG C 924 -49.89 40.75 -6.57
N LEU C 925 -48.95 40.52 -5.64
CA LEU C 925 -48.22 41.61 -5.01
C LEU C 925 -47.41 42.40 -6.04
N ILE C 926 -46.88 41.73 -7.06
CA ILE C 926 -46.11 42.43 -8.08
C ILE C 926 -47.02 43.16 -9.05
N SER C 927 -48.10 42.51 -9.50
CA SER C 927 -48.96 43.11 -10.51
C SER C 927 -49.77 44.29 -9.99
N GLU C 928 -49.82 44.50 -8.67
CA GLU C 928 -50.55 45.61 -8.09
C GLU C 928 -49.63 46.63 -7.43
N GLY C 929 -48.32 46.50 -7.61
CA GLY C 929 -47.39 47.55 -7.22
C GLY C 929 -46.92 47.52 -5.79
N TYR C 930 -46.97 46.37 -5.11
CA TYR C 930 -46.46 46.27 -3.75
C TYR C 930 -45.01 45.83 -3.69
N LEU C 931 -44.49 45.22 -4.75
CA LEU C 931 -43.11 44.76 -4.81
C LEU C 931 -42.39 45.49 -5.94
N GLU C 932 -41.24 46.09 -5.62
CA GLU C 932 -40.42 46.80 -6.59
C GLU C 932 -39.30 45.90 -7.07
N LYS C 933 -39.18 45.75 -8.38
CA LYS C 933 -38.12 44.92 -8.96
C LYS C 933 -36.79 45.69 -8.97
N MET C 934 -35.75 45.04 -8.47
CA MET C 934 -34.42 45.63 -8.50
C MET C 934 -33.89 45.68 -9.93
N GLN C 935 -33.31 46.82 -10.30
CA GLN C 935 -32.80 47.03 -11.65
C GLN C 935 -31.31 47.34 -11.62
N ASP C 936 -30.62 46.95 -12.68
CA ASP C 936 -29.22 47.27 -12.82
C ASP C 936 -29.04 48.75 -13.13
N PHE C 937 -27.93 49.31 -12.64
CA PHE C 937 -27.60 50.70 -12.89
C PHE C 937 -26.08 50.82 -12.99
N ASP C 938 -25.63 51.96 -13.50
CA ASP C 938 -24.22 52.22 -13.71
C ASP C 938 -23.66 53.05 -12.55
N PHE C 939 -22.42 52.77 -12.16
CA PHE C 939 -21.74 53.54 -11.14
C PHE C 939 -20.25 53.51 -11.42
N ASP C 940 -19.66 54.69 -11.63
CA ASP C 940 -18.24 54.82 -11.96
C ASP C 940 -17.87 53.93 -13.15
N GLY C 941 -18.74 53.93 -14.17
CA GLY C 941 -18.44 53.20 -15.38
C GLY C 941 -18.90 51.76 -15.35
N HIS C 942 -18.82 51.12 -14.19
CA HIS C 942 -19.20 49.72 -14.07
C HIS C 942 -20.71 49.59 -13.91
N ARG C 943 -21.25 48.50 -14.43
CA ARG C 943 -22.68 48.22 -14.30
C ARG C 943 -22.91 47.42 -13.02
N VAL C 944 -23.61 48.04 -12.08
CA VAL C 944 -23.94 47.39 -10.81
C VAL C 944 -25.08 46.42 -11.05
N LEU C 945 -24.87 45.15 -10.70
CA LEU C 945 -25.83 44.09 -11.00
C LEU C 945 -26.84 43.93 -9.86
N ALA C 946 -27.53 45.03 -9.55
CA ALA C 946 -28.47 45.03 -8.43
C ALA C 946 -29.70 44.18 -8.68
N SER C 947 -29.98 43.81 -9.94
CA SER C 947 -31.15 42.98 -10.23
C SER C 947 -31.04 41.59 -9.60
N ARG C 948 -29.85 41.17 -9.18
CA ARG C 948 -29.68 39.89 -8.50
C ARG C 948 -30.31 39.85 -7.11
N LEU C 949 -30.87 40.97 -6.64
CA LEU C 949 -31.57 40.98 -5.37
C LEU C 949 -33.08 40.78 -5.52
N GLY C 950 -33.57 40.71 -6.76
CA GLY C 950 -34.96 40.36 -7.00
C GLY C 950 -35.93 41.51 -6.80
N TYR C 951 -36.88 41.32 -5.89
CA TYR C 951 -37.88 42.33 -5.59
C TYR C 951 -37.77 42.71 -4.11
N ARG C 952 -38.24 43.92 -3.79
CA ARG C 952 -38.22 44.41 -2.42
C ARG C 952 -39.51 45.17 -2.14
N ILE C 953 -39.89 45.22 -0.87
CA ILE C 953 -41.12 45.90 -0.48
C ILE C 953 -40.93 47.41 -0.66
N ASN C 954 -42.04 48.08 -0.99
CA ASN C 954 -42.07 49.54 -1.10
C ASN C 954 -43.03 50.10 -0.05
N ASP C 955 -43.26 51.42 -0.11
CA ASP C 955 -44.12 52.05 0.88
C ASP C 955 -45.58 51.64 0.73
N ARG C 956 -45.99 51.18 -0.45
CA ARG C 956 -47.35 50.66 -0.58
C ARG C 956 -47.51 49.36 0.18
N PHE C 957 -46.51 48.49 0.14
CA PHE C 957 -46.52 47.29 0.98
C PHE C 957 -46.56 47.67 2.45
N VAL C 958 -45.76 48.66 2.86
CA VAL C 958 -45.69 49.02 4.27
C VAL C 958 -47.03 49.62 4.73
N THR C 959 -47.63 50.47 3.91
CA THR C 959 -48.86 51.14 4.33
C THR C 959 -50.01 50.15 4.48
N HIS C 960 -50.11 49.17 3.58
CA HIS C 960 -51.26 48.28 3.57
C HIS C 960 -51.09 47.09 4.52
N TYR C 961 -49.88 46.55 4.65
CA TYR C 961 -49.67 45.33 5.43
C TYR C 961 -48.94 45.55 6.73
N PHE C 962 -47.94 46.43 6.77
CA PHE C 962 -47.40 46.83 8.07
C PHE C 962 -48.38 47.72 8.83
N GLY C 963 -49.36 48.29 8.14
CA GLY C 963 -50.45 49.02 8.76
C GLY C 963 -51.47 48.17 9.46
N ARG C 964 -51.36 46.85 9.34
CA ARG C 964 -52.18 45.94 10.14
C ARG C 964 -51.58 45.68 11.52
N ILE C 965 -50.35 46.16 11.75
CA ILE C 965 -49.67 46.03 13.04
C ILE C 965 -49.42 47.40 13.67
N PHE C 966 -48.90 48.34 12.89
CA PHE C 966 -48.55 49.66 13.38
C PHE C 966 -49.66 50.67 13.08
N LEU C 967 -49.85 51.61 14.00
CA LEU C 967 -50.90 52.61 13.84
C LEU C 967 -50.51 53.66 12.80
N HIS C 968 -49.21 53.96 12.67
CA HIS C 968 -48.70 54.94 11.72
C HIS C 968 -47.68 54.25 10.84
N PRO C 969 -48.11 53.45 9.86
CA PRO C 969 -47.15 52.67 9.07
C PRO C 969 -46.27 53.52 8.16
N ASP C 970 -46.77 54.67 7.70
CA ASP C 970 -46.01 55.48 6.76
C ASP C 970 -44.75 56.10 7.36
N VAL C 971 -44.60 56.07 8.69
CA VAL C 971 -43.41 56.61 9.33
C VAL C 971 -42.50 55.55 9.88
N VAL C 972 -42.91 54.27 9.87
CA VAL C 972 -42.07 53.21 10.42
C VAL C 972 -40.75 53.13 9.67
N PHE C 973 -40.81 52.95 8.36
CA PHE C 973 -39.64 52.94 7.50
C PHE C 973 -39.57 54.25 6.71
N SER C 974 -38.37 54.81 6.62
CA SER C 974 -38.15 56.01 5.83
C SER C 974 -37.81 55.63 4.39
N GLU C 975 -37.54 56.64 3.56
CA GLU C 975 -37.12 56.39 2.19
C GLU C 975 -35.78 55.65 2.16
N GLU C 976 -34.85 56.04 3.03
CA GLU C 976 -33.53 55.44 3.04
C GLU C 976 -33.54 54.00 3.56
N MET C 977 -34.60 53.59 4.26
CA MET C 977 -34.70 52.22 4.73
C MET C 977 -35.38 51.32 3.71
N LEU C 978 -36.40 51.82 3.00
CA LEU C 978 -37.01 51.03 1.94
C LEU C 978 -36.17 51.02 0.67
N ARG C 979 -35.26 51.99 0.53
CA ARG C 979 -34.37 52.07 -0.63
C ARG C 979 -32.98 52.44 -0.12
N PRO C 980 -32.24 51.47 0.42
CA PRO C 980 -30.96 51.79 1.08
C PRO C 980 -29.90 52.38 0.17
N GLU C 981 -30.08 52.31 -1.15
CA GLU C 981 -29.14 52.99 -2.04
C GLU C 981 -29.17 54.50 -1.87
N LEU C 982 -30.20 55.04 -1.20
CA LEU C 982 -30.26 56.47 -0.92
C LEU C 982 -29.36 56.88 0.24
N GLN C 983 -28.96 55.94 1.09
CA GLN C 983 -28.05 56.29 2.18
C GLN C 983 -26.65 56.55 1.67
N ASP C 984 -26.20 55.75 0.71
CA ASP C 984 -24.87 55.89 0.12
C ASP C 984 -24.81 55.01 -1.14
N GLU C 985 -24.79 55.64 -2.31
CA GLU C 985 -24.80 54.85 -3.55
C GLU C 985 -23.47 54.15 -3.76
N LYS C 986 -22.37 54.76 -3.32
CA LYS C 986 -21.07 54.09 -3.42
C LYS C 986 -21.04 52.82 -2.57
N ILE C 987 -21.46 52.94 -1.31
CA ILE C 987 -21.50 51.75 -0.44
C ILE C 987 -22.49 50.74 -0.99
N PHE C 988 -23.59 51.20 -1.59
CA PHE C 988 -24.55 50.29 -2.19
C PHE C 988 -23.94 49.54 -3.36
N ALA C 989 -23.18 50.25 -4.20
CA ALA C 989 -22.51 49.59 -5.33
C ALA C 989 -21.45 48.61 -4.85
N ASP C 990 -20.70 48.99 -3.81
CA ASP C 990 -19.70 48.09 -3.25
C ASP C 990 -20.34 46.82 -2.70
N SER C 991 -21.51 46.95 -2.07
CA SER C 991 -22.20 45.77 -1.57
C SER C 991 -22.56 44.82 -2.70
N ILE C 992 -23.19 45.34 -3.75
CA ILE C 992 -23.55 44.50 -4.89
C ILE C 992 -22.32 43.89 -5.52
N ASP C 993 -21.22 44.64 -5.58
CA ASP C 993 -19.98 44.11 -6.14
C ASP C 993 -19.44 42.97 -5.28
N VAL C 994 -19.49 43.11 -3.95
CA VAL C 994 -19.07 42.02 -3.08
C VAL C 994 -19.97 40.81 -3.29
N ILE C 995 -21.27 41.05 -3.49
CA ILE C 995 -22.22 39.95 -3.70
C ILE C 995 -21.89 39.20 -5.00
N VAL C 996 -21.60 39.94 -6.07
CA VAL C 996 -21.30 39.30 -7.34
C VAL C 996 -19.96 38.57 -7.28
N LYS C 997 -18.96 39.18 -6.64
CA LYS C 997 -17.66 38.51 -6.50
C LYS C 997 -17.79 37.25 -5.67
N THR C 998 -18.54 37.31 -4.56
CA THR C 998 -18.72 36.12 -3.74
C THR C 998 -19.53 35.05 -4.46
N HIS C 999 -20.50 35.46 -5.27
CA HIS C 999 -21.21 34.51 -6.12
C HIS C 999 -20.23 33.75 -7.01
N GLN C 1000 -19.18 34.42 -7.48
CA GLN C 1000 -18.21 33.78 -8.35
C GLN C 1000 -17.31 32.83 -7.56
N ARG C 1001 -16.75 33.31 -6.43
CA ARG C 1001 -15.81 32.48 -5.69
C ARG C 1001 -16.45 31.21 -5.17
N VAL C 1002 -17.69 31.31 -4.68
CA VAL C 1002 -18.38 30.14 -4.15
C VAL C 1002 -18.74 29.17 -5.27
N ALA C 1003 -19.28 29.69 -6.37
CA ALA C 1003 -19.67 28.83 -7.48
C ALA C 1003 -18.46 28.15 -8.10
N GLN C 1004 -17.33 28.88 -8.19
CA GLN C 1004 -16.12 28.31 -8.78
C GLN C 1004 -15.64 27.07 -8.03
N MET C 1005 -16.02 26.92 -6.76
CA MET C 1005 -15.62 25.74 -5.99
C MET C 1005 -16.27 24.47 -6.53
N TYR C 1006 -17.49 24.58 -7.07
CA TYR C 1006 -18.17 23.40 -7.60
C TYR C 1006 -17.50 22.88 -8.87
N PHE C 1007 -16.81 23.75 -9.61
CA PHE C 1007 -16.02 23.30 -10.74
C PHE C 1007 -14.66 22.77 -10.28
N ASP C 1008 -14.08 23.36 -9.25
CA ASP C 1008 -12.77 22.91 -8.77
C ASP C 1008 -12.83 21.50 -8.22
N ASP C 1009 -13.90 21.14 -7.51
CA ASP C 1009 -14.04 19.79 -6.99
C ASP C 1009 -14.83 18.87 -7.91
N GLY C 1010 -15.28 19.38 -9.06
CA GLY C 1010 -15.94 18.56 -10.05
C GLY C 1010 -17.35 18.12 -9.71
N THR C 1011 -17.92 18.59 -8.61
CA THR C 1011 -19.27 18.17 -8.25
C THR C 1011 -20.35 18.90 -9.03
N VAL C 1012 -19.98 19.86 -9.89
CA VAL C 1012 -20.97 20.54 -10.72
C VAL C 1012 -21.63 19.57 -11.70
N SER C 1013 -20.93 18.47 -12.05
CA SER C 1013 -21.50 17.47 -12.94
C SER C 1013 -22.66 16.71 -12.30
N LEU C 1014 -22.72 16.66 -10.97
CA LEU C 1014 -23.81 16.02 -10.27
C LEU C 1014 -25.05 16.91 -10.16
N ALA C 1015 -24.92 18.20 -10.49
CA ALA C 1015 -26.04 19.12 -10.34
C ALA C 1015 -27.09 18.88 -11.42
N CYS C 1016 -28.34 19.17 -11.07
CA CYS C 1016 -29.44 19.13 -12.03
C CYS C 1016 -29.31 20.32 -12.99
N PRO C 1017 -30.01 20.28 -14.12
CA PRO C 1017 -29.87 21.35 -15.13
C PRO C 1017 -30.11 22.75 -14.57
N PRO C 1018 -31.15 22.97 -13.74
CA PRO C 1018 -31.31 24.33 -13.20
C PRO C 1018 -30.11 24.80 -12.38
N ILE C 1019 -29.62 23.97 -11.46
CA ILE C 1019 -28.50 24.37 -10.61
C ILE C 1019 -27.19 24.37 -11.40
N ARG C 1020 -27.04 23.44 -12.35
CA ARG C 1020 -25.83 23.41 -13.18
C ARG C 1020 -25.67 24.70 -13.97
N ALA C 1021 -26.74 25.15 -14.61
CA ALA C 1021 -26.68 26.38 -15.40
C ALA C 1021 -26.42 27.60 -14.52
N LEU C 1022 -27.04 27.64 -13.34
CA LEU C 1022 -26.86 28.76 -12.43
C LEU C 1022 -25.41 28.86 -11.97
N LEU C 1023 -24.83 27.74 -11.55
CA LEU C 1023 -23.43 27.73 -11.12
C LEU C 1023 -22.51 28.18 -12.25
N GLU C 1024 -22.80 27.74 -13.48
CA GLU C 1024 -22.01 28.20 -14.61
C GLU C 1024 -22.11 29.72 -14.78
N ILE C 1025 -23.31 30.27 -14.58
CA ILE C 1025 -23.49 31.72 -14.68
C ILE C 1025 -22.78 32.42 -13.54
N MET C 1026 -22.97 31.94 -12.31
CA MET C 1026 -22.32 32.56 -11.16
C MET C 1026 -20.81 32.53 -11.28
N ALA C 1027 -20.25 31.43 -11.78
CA ALA C 1027 -18.80 31.26 -11.82
C ALA C 1027 -18.17 31.81 -13.08
N HIS C 1028 -18.86 31.75 -14.21
CA HIS C 1028 -18.28 32.11 -15.50
C HIS C 1028 -19.05 33.17 -16.25
N GLY C 1029 -20.12 33.72 -15.66
CA GLY C 1029 -20.88 34.77 -16.31
C GLY C 1029 -21.82 34.31 -17.39
N ALA C 1030 -21.78 33.04 -17.77
CA ALA C 1030 -22.68 32.50 -18.78
C ALA C 1030 -22.66 30.98 -18.69
N SER C 1031 -23.78 30.37 -19.05
CA SER C 1031 -23.88 28.92 -19.02
C SER C 1031 -23.22 28.32 -20.25
N ALA C 1032 -23.13 26.99 -20.26
CA ALA C 1032 -22.62 26.30 -21.44
C ALA C 1032 -23.46 26.61 -22.68
N GLU C 1033 -24.75 26.82 -22.51
CA GLU C 1033 -25.64 27.19 -23.61
C GLU C 1033 -25.49 28.64 -24.03
N GLY C 1034 -24.77 29.46 -23.27
CA GLY C 1034 -24.71 30.88 -23.51
C GLY C 1034 -25.75 31.69 -22.76
N TRP C 1035 -26.57 31.04 -21.93
CA TRP C 1035 -27.60 31.74 -21.18
C TRP C 1035 -26.98 32.68 -20.15
N THR C 1036 -27.76 33.69 -19.77
CA THR C 1036 -27.47 34.57 -18.64
C THR C 1036 -28.64 34.50 -17.66
N LEU C 1037 -28.61 35.38 -16.66
CA LEU C 1037 -29.63 35.30 -15.61
C LEU C 1037 -31.01 35.65 -16.13
N ASP C 1038 -31.11 36.45 -17.19
CA ASP C 1038 -32.39 36.87 -17.74
C ASP C 1038 -32.73 36.17 -19.05
N SER C 1039 -32.01 35.12 -19.40
CA SER C 1039 -32.35 34.33 -20.57
C SER C 1039 -33.65 33.57 -20.30
N PRO C 1040 -34.68 33.71 -21.14
CA PRO C 1040 -35.94 33.01 -20.87
C PRO C 1040 -35.81 31.51 -20.80
N GLU C 1041 -34.90 30.91 -21.58
CA GLU C 1041 -34.71 29.47 -21.52
C GLU C 1041 -34.06 29.03 -20.21
N PHE C 1042 -33.15 29.86 -19.68
CA PHE C 1042 -32.54 29.53 -18.39
C PHE C 1042 -33.57 29.57 -17.26
N ARG C 1043 -34.31 30.67 -17.17
CA ARG C 1043 -35.27 30.82 -16.08
C ARG C 1043 -36.41 29.82 -16.17
N LYS C 1044 -36.72 29.32 -17.38
CA LYS C 1044 -37.79 28.34 -17.52
C LYS C 1044 -37.45 27.02 -16.84
N LEU C 1045 -36.16 26.70 -16.67
CA LEU C 1045 -35.77 25.46 -16.01
C LEU C 1045 -36.26 25.39 -14.57
N PHE C 1046 -36.52 26.53 -13.93
CA PHE C 1046 -36.98 26.57 -12.55
C PHE C 1046 -38.49 26.55 -12.42
N GLU C 1047 -39.23 26.67 -13.52
CA GLU C 1047 -40.68 26.70 -13.45
C GLU C 1047 -41.25 25.31 -13.15
N ARG C 1048 -42.45 25.29 -12.58
CA ARG C 1048 -43.02 24.05 -12.06
C ARG C 1048 -43.36 23.08 -13.19
N GLU C 1049 -44.01 23.57 -14.25
CA GLU C 1049 -44.38 22.69 -15.35
C GLU C 1049 -43.17 22.10 -16.04
N SER C 1050 -42.05 22.84 -16.07
CA SER C 1050 -40.84 22.34 -16.72
C SER C 1050 -40.25 21.17 -15.93
N VAL C 1051 -40.07 21.34 -14.63
CA VAL C 1051 -39.45 20.28 -13.84
C VAL C 1051 -40.36 19.05 -13.79
N LEU C 1052 -41.68 19.26 -13.79
CA LEU C 1052 -42.60 18.12 -13.75
C LEU C 1052 -42.49 17.26 -15.00
N ALA C 1053 -42.21 17.88 -16.14
CA ALA C 1053 -42.09 17.16 -17.41
C ALA C 1053 -40.65 16.86 -17.80
N SER C 1054 -39.68 17.24 -16.97
CA SER C 1054 -38.28 17.09 -17.33
C SER C 1054 -37.81 15.65 -17.15
N ASP C 1055 -36.80 15.27 -17.92
CA ASP C 1055 -36.22 13.94 -17.79
C ASP C 1055 -35.39 13.81 -16.51
N TRP C 1056 -34.81 14.92 -16.03
CA TRP C 1056 -33.95 14.83 -14.85
C TRP C 1056 -34.76 14.66 -13.57
N TYR C 1057 -35.98 15.17 -13.53
CA TYR C 1057 -36.83 14.97 -12.36
C TYR C 1057 -37.44 13.57 -12.34
N ALA C 1058 -37.83 13.07 -13.52
CA ALA C 1058 -38.30 11.68 -13.60
C ALA C 1058 -37.20 10.70 -13.22
N ALA C 1059 -35.95 11.02 -13.56
CA ALA C 1059 -34.83 10.19 -13.15
C ALA C 1059 -34.71 10.14 -11.63
N ARG C 1060 -35.00 11.26 -10.96
CA ARG C 1060 -34.93 11.28 -9.50
C ARG C 1060 -36.03 10.43 -8.89
N LEU C 1061 -37.22 10.45 -9.48
CA LEU C 1061 -38.33 9.66 -8.95
C LEU C 1061 -38.09 8.17 -9.17
N ASP C 1062 -37.60 7.80 -10.36
CA ASP C 1062 -37.24 6.40 -10.61
C ASP C 1062 -36.19 5.93 -9.62
N ALA C 1063 -35.12 6.72 -9.44
CA ALA C 1063 -34.08 6.34 -8.50
C ALA C 1063 -34.63 6.19 -7.08
N LYS C 1064 -35.64 6.99 -6.73
CA LYS C 1064 -36.25 6.89 -5.40
C LYS C 1064 -37.01 5.58 -5.25
N GLN C 1065 -37.81 5.21 -6.25
CA GLN C 1065 -38.51 3.93 -6.20
C GLN C 1065 -37.54 2.76 -6.12
N ALA C 1066 -36.48 2.80 -6.94
CA ALA C 1066 -35.53 1.69 -6.97
C ALA C 1066 -34.85 1.50 -5.62
N GLU C 1067 -34.50 2.61 -4.95
CA GLU C 1067 -33.84 2.52 -3.65
C GLU C 1067 -34.81 2.04 -2.57
N ASP C 1068 -36.05 2.53 -2.60
CA ASP C 1068 -37.05 2.04 -1.65
C ASP C 1068 -37.33 0.56 -1.87
N VAL C 1069 -37.40 0.14 -3.14
CA VAL C 1069 -37.57 -1.28 -3.42
C VAL C 1069 -36.35 -2.07 -2.98
N LYS C 1070 -35.15 -1.47 -3.09
CA LYS C 1070 -33.95 -2.15 -2.63
C LYS C 1070 -33.93 -2.27 -1.10
N GLN C 1071 -34.31 -1.19 -0.40
CA GLN C 1071 -34.24 -1.21 1.06
C GLN C 1071 -35.26 -2.18 1.66
N THR C 1072 -36.45 -2.27 1.07
CA THR C 1072 -37.44 -3.20 1.58
C THR C 1072 -37.01 -4.65 1.32
N GLU C 1073 -36.45 -4.92 0.15
CA GLU C 1073 -35.96 -6.26 -0.15
C GLU C 1073 -34.88 -6.68 0.83
N GLU C 1074 -33.97 -5.78 1.18
CA GLU C 1074 -32.97 -6.11 2.19
C GLU C 1074 -33.61 -6.36 3.55
N GLY C 1075 -34.73 -5.70 3.84
CA GLY C 1075 -35.42 -5.88 5.10
C GLY C 1075 -36.26 -7.13 5.13
N VAL C 1076 -36.91 -7.45 4.00
CA VAL C 1076 -37.65 -8.71 3.90
C VAL C 1076 -36.70 -9.89 4.07
N GLU C 1077 -35.54 -9.84 3.43
CA GLU C 1077 -34.59 -10.94 3.55
C GLU C 1077 -33.91 -10.95 4.92
N ARG C 1078 -33.75 -9.77 5.53
CA ARG C 1078 -33.24 -9.71 6.89
C ARG C 1078 -34.19 -10.39 7.86
N LEU C 1079 -35.50 -10.18 7.67
CA LEU C 1079 -36.48 -10.78 8.57
C LEU C 1079 -36.63 -12.28 8.33
N LYS C 1080 -36.72 -12.69 7.06
CA LYS C 1080 -36.74 -14.12 6.74
C LYS C 1080 -35.54 -14.83 7.35
N GLU C 1081 -34.34 -14.30 7.08
CA GLU C 1081 -33.11 -14.93 7.59
C GLU C 1081 -33.14 -15.04 9.11
N TYR C 1082 -33.63 -14.02 9.80
CA TYR C 1082 -33.65 -14.05 11.26
C TYR C 1082 -34.73 -15.00 11.77
N ILE C 1083 -35.87 -15.06 11.08
CA ILE C 1083 -36.95 -15.94 11.53
C ILE C 1083 -36.61 -17.40 11.24
N GLU C 1084 -35.95 -17.66 10.10
CA GLU C 1084 -35.60 -19.03 9.74
C GLU C 1084 -34.58 -19.65 10.68
N ARG C 1085 -33.81 -18.83 11.40
CA ARG C 1085 -32.86 -19.36 12.36
C ARG C 1085 -33.59 -20.16 13.45
N PRO C 1086 -32.98 -21.23 13.95
CA PRO C 1086 -33.67 -22.07 14.95
C PRO C 1086 -33.73 -21.45 16.34
N ASP C 1087 -32.93 -20.43 16.63
CA ASP C 1087 -32.87 -19.89 17.99
C ASP C 1087 -33.71 -18.63 18.19
N SER C 1088 -34.13 -17.98 17.11
CA SER C 1088 -34.83 -16.71 17.20
C SER C 1088 -36.34 -16.85 17.28
N GLY C 1089 -36.84 -18.04 17.64
CA GLY C 1089 -38.28 -18.23 17.74
C GLY C 1089 -38.90 -17.40 18.84
N SER C 1090 -38.19 -17.25 19.96
CA SER C 1090 -38.71 -16.45 21.07
C SER C 1090 -38.75 -14.96 20.73
N VAL C 1091 -37.74 -14.49 19.98
CA VAL C 1091 -37.73 -13.08 19.57
C VAL C 1091 -38.86 -12.79 18.60
N SER C 1092 -39.14 -13.74 17.69
CA SER C 1092 -40.19 -13.53 16.70
C SER C 1092 -41.56 -13.42 17.35
N ALA C 1093 -41.75 -14.05 18.50
CA ALA C 1093 -43.03 -13.96 19.20
C ALA C 1093 -43.17 -12.64 19.96
N ARG C 1094 -42.10 -12.19 20.62
CA ARG C 1094 -42.18 -10.98 21.41
C ARG C 1094 -42.20 -9.73 20.53
N LEU C 1095 -41.56 -9.78 19.36
CA LEU C 1095 -41.50 -8.64 18.46
C LEU C 1095 -42.52 -8.73 17.33
N HIS C 1096 -43.34 -9.78 17.29
CA HIS C 1096 -44.30 -10.00 16.21
C HIS C 1096 -43.61 -9.91 14.84
N LEU C 1097 -42.49 -10.62 14.71
CA LEU C 1097 -41.72 -10.57 13.48
C LEU C 1097 -42.45 -11.20 12.30
N ALA C 1098 -43.43 -12.07 12.56
CA ALA C 1098 -44.24 -12.61 11.48
C ALA C 1098 -45.14 -11.53 10.89
N ASP C 1099 -45.79 -10.75 11.74
CA ASP C 1099 -46.58 -9.62 11.26
C ASP C 1099 -45.70 -8.57 10.59
N ARG C 1100 -44.50 -8.38 11.13
CA ARG C 1100 -43.59 -7.38 10.58
C ARG C 1100 -43.05 -7.80 9.22
N LEU C 1101 -43.01 -9.11 8.94
CA LEU C 1101 -42.53 -9.56 7.63
C LEU C 1101 -43.61 -9.44 6.56
N ARG C 1102 -44.85 -9.80 6.89
CA ARG C 1102 -45.94 -9.64 5.93
C ARG C 1102 -46.16 -8.17 5.60
N GLU C 1103 -45.99 -7.29 6.59
CA GLU C 1103 -46.13 -5.86 6.33
C GLU C 1103 -45.03 -5.37 5.40
N LEU C 1104 -43.82 -5.92 5.52
CA LEU C 1104 -42.76 -5.57 4.59
C LEU C 1104 -43.04 -6.13 3.20
N GLU C 1105 -43.48 -7.39 3.12
CA GLU C 1105 -43.81 -7.97 1.82
C GLU C 1105 -44.99 -7.26 1.17
N ALA C 1106 -45.93 -6.75 1.98
CA ALA C 1106 -46.99 -5.93 1.42
C ALA C 1106 -46.46 -4.59 0.96
N GLN C 1107 -45.60 -3.96 1.77
CA GLN C 1107 -44.97 -2.70 1.36
C GLN C 1107 -44.10 -2.89 0.13
N LEU C 1108 -43.45 -4.05 0.01
CA LEU C 1108 -42.61 -4.31 -1.15
C LEU C 1108 -43.43 -4.39 -2.43
N THR C 1109 -44.59 -5.07 -2.38
CA THR C 1109 -45.45 -5.14 -3.55
C THR C 1109 -45.94 -3.76 -3.95
N TYR C 1110 -46.25 -2.91 -2.98
CA TYR C 1110 -46.68 -1.55 -3.29
C TYR C 1110 -45.55 -0.75 -3.92
N GLU C 1111 -44.36 -0.79 -3.32
CA GLU C 1111 -43.24 0.00 -3.83
C GLU C 1111 -42.76 -0.46 -5.19
N ARG C 1112 -43.00 -1.73 -5.57
CA ARG C 1112 -42.68 -2.17 -6.92
C ARG C 1112 -43.72 -1.76 -7.94
N SER C 1113 -44.93 -1.43 -7.51
CA SER C 1113 -46.03 -1.20 -8.43
C SER C 1113 -45.90 0.14 -9.13
N PRO C 1114 -46.54 0.30 -10.28
CA PRO C 1114 -46.58 1.63 -10.92
C PRO C 1114 -47.38 2.66 -10.12
N GLU C 1115 -48.18 2.23 -9.14
CA GLU C 1115 -48.93 3.17 -8.33
C GLU C 1115 -48.03 3.94 -7.38
N TYR C 1116 -46.99 3.28 -6.85
CA TYR C 1116 -46.04 3.99 -6.00
C TYR C 1116 -45.21 4.98 -6.80
N ARG C 1117 -44.75 4.58 -8.00
CA ARG C 1117 -44.06 5.52 -8.87
C ARG C 1117 -44.94 6.71 -9.21
N ARG C 1118 -46.26 6.48 -9.34
CA ARG C 1118 -47.19 7.55 -9.67
C ARG C 1118 -47.46 8.46 -8.49
N SER C 1119 -47.44 7.92 -7.26
CA SER C 1119 -47.63 8.75 -6.07
C SER C 1119 -46.36 9.51 -5.69
N LEU C 1120 -45.21 9.19 -6.29
CA LEU C 1120 -43.97 9.92 -6.06
C LEU C 1120 -43.93 11.25 -6.83
N VAL C 1121 -44.82 11.45 -7.79
CA VAL C 1121 -44.88 12.72 -8.52
C VAL C 1121 -45.28 13.83 -7.55
N GLY C 1122 -44.44 14.84 -7.43
CA GLY C 1122 -44.61 15.88 -6.44
C GLY C 1122 -43.77 15.70 -5.20
N THR C 1123 -42.92 14.68 -5.14
CA THR C 1123 -41.96 14.49 -4.07
C THR C 1123 -40.57 14.81 -4.58
N LEU C 1124 -39.61 14.88 -3.64
CA LEU C 1124 -38.26 15.28 -4.00
C LEU C 1124 -37.53 14.21 -4.79
N GLY C 1125 -37.83 12.94 -4.54
CA GLY C 1125 -37.10 11.87 -5.20
C GLY C 1125 -35.72 11.69 -4.58
N ARG C 1126 -34.87 10.99 -5.32
CA ARG C 1126 -33.51 10.67 -4.87
C ARG C 1126 -32.50 11.16 -5.90
N GLN C 1127 -31.33 11.54 -5.41
CA GLN C 1127 -30.20 11.85 -6.27
C GLN C 1127 -29.92 10.65 -7.19
N PRO C 1128 -29.99 10.82 -8.52
CA PRO C 1128 -29.83 9.65 -9.40
C PRO C 1128 -28.43 9.08 -9.39
N ARG C 1129 -27.40 9.93 -9.35
CA ARG C 1129 -26.02 9.46 -9.29
C ARG C 1129 -25.25 10.29 -8.29
N PHE C 1130 -24.59 9.62 -7.35
CA PHE C 1130 -23.81 10.29 -6.32
C PHE C 1130 -22.36 10.50 -6.69
N VAL C 1131 -21.92 9.95 -7.83
CA VAL C 1131 -20.55 10.12 -8.27
C VAL C 1131 -20.52 10.07 -9.79
N MET D 1 -1.18 -36.60 -37.61
CA MET D 1 -0.22 -37.30 -36.76
C MET D 1 -0.04 -38.75 -37.20
N SER D 2 1.04 -39.37 -36.75
CA SER D 2 1.32 -40.75 -37.13
C SER D 2 0.26 -41.69 -36.56
N VAL D 3 0.17 -42.86 -37.18
CA VAL D 3 -0.76 -43.88 -36.70
C VAL D 3 -0.34 -44.37 -35.32
N VAL D 4 0.96 -44.31 -35.02
CA VAL D 4 1.44 -44.66 -33.68
C VAL D 4 0.98 -43.63 -32.67
N GLU D 5 1.16 -42.35 -32.97
CA GLU D 5 0.70 -41.29 -32.08
C GLU D 5 -0.80 -41.37 -31.86
N ARG D 6 -1.56 -41.67 -32.91
CA ARG D 6 -3.01 -41.77 -32.77
C ARG D 6 -3.40 -42.92 -31.84
N ARG D 7 -2.68 -44.05 -31.93
CA ARG D 7 -2.99 -45.18 -31.07
C ARG D 7 -2.59 -44.90 -29.62
N GLN D 8 -1.48 -44.21 -29.41
CA GLN D 8 -1.05 -43.90 -28.04
C GLN D 8 -2.01 -42.93 -27.37
N ILE D 9 -2.52 -41.95 -28.13
CA ILE D 9 -3.53 -41.05 -27.58
C ILE D 9 -4.81 -41.81 -27.27
N ASN D 10 -5.18 -42.75 -28.14
CA ASN D 10 -6.34 -43.59 -27.87
C ASN D 10 -6.14 -44.41 -26.59
N ALA D 11 -4.92 -44.86 -26.32
CA ALA D 11 -4.66 -45.62 -25.11
C ALA D 11 -4.81 -44.75 -23.88
N ALA D 12 -4.26 -43.53 -23.92
CA ALA D 12 -4.41 -42.61 -22.79
C ALA D 12 -5.86 -42.26 -22.56
N ILE D 13 -6.63 -42.08 -23.64
CA ILE D 13 -8.06 -41.79 -23.50
C ILE D 13 -8.78 -42.94 -22.84
N ASN D 14 -8.48 -44.18 -23.27
CA ASN D 14 -9.17 -45.34 -22.74
C ASN D 14 -8.89 -45.53 -21.25
N LEU D 15 -7.66 -45.27 -20.83
CA LEU D 15 -7.33 -45.38 -19.41
C LEU D 15 -8.20 -44.47 -18.56
N ARG D 16 -8.47 -43.25 -19.05
CA ARG D 16 -9.28 -42.31 -18.29
C ARG D 16 -10.76 -42.68 -18.35
N LEU D 17 -11.27 -43.05 -19.52
CA LEU D 17 -12.66 -43.50 -19.61
C LEU D 17 -12.91 -44.71 -18.72
N SER D 18 -11.89 -45.55 -18.53
CA SER D 18 -12.03 -46.71 -17.65
C SER D 18 -12.04 -46.28 -16.18
N LEU D 19 -11.22 -45.29 -15.82
CA LEU D 19 -11.21 -44.79 -14.45
C LEU D 19 -12.57 -44.21 -14.06
N LEU D 20 -13.30 -43.66 -15.02
CA LEU D 20 -14.62 -43.10 -14.77
C LEU D 20 -15.74 -44.12 -14.93
N GLY D 21 -15.42 -45.37 -15.25
CA GLY D 21 -16.46 -46.36 -15.46
C GLY D 21 -17.29 -46.15 -16.71
N LEU D 22 -16.76 -45.40 -17.70
CA LEU D 22 -17.41 -45.07 -18.95
C LEU D 22 -17.03 -46.10 -20.03
N PRO D 23 -17.96 -46.37 -20.96
CA PRO D 23 -17.64 -47.31 -22.04
C PRO D 23 -16.53 -46.78 -22.92
N HIS D 24 -15.76 -47.70 -23.51
CA HIS D 24 -14.58 -47.37 -24.29
C HIS D 24 -14.20 -48.58 -25.12
N PRO D 25 -13.44 -48.39 -26.21
CA PRO D 25 -13.03 -49.53 -27.04
C PRO D 25 -11.94 -50.37 -26.39
N ASP D 33 -1.35 -56.82 -21.19
CA ASP D 33 -1.21 -55.37 -21.13
C ASP D 33 -2.35 -54.75 -20.33
N ALA D 34 -3.59 -55.12 -20.67
CA ALA D 34 -4.72 -54.73 -19.82
C ALA D 34 -4.68 -55.47 -18.50
N ILE D 35 -4.17 -56.71 -18.48
CA ILE D 35 -3.96 -57.44 -17.24
C ILE D 35 -2.90 -56.77 -16.39
N LEU D 36 -2.10 -55.89 -16.97
CA LEU D 36 -1.02 -55.22 -16.24
C LEU D 36 -1.55 -54.01 -15.47
N VAL D 37 -2.32 -53.15 -16.15
CA VAL D 37 -2.78 -51.90 -15.54
C VAL D 37 -4.11 -52.03 -14.83
N GLU D 38 -4.82 -53.13 -15.01
CA GLU D 38 -6.13 -53.27 -14.35
C GLU D 38 -6.04 -53.23 -12.83
N PRO D 39 -5.10 -53.92 -12.15
CA PRO D 39 -5.00 -53.75 -10.70
C PRO D 39 -4.76 -52.31 -10.28
N LEU D 40 -4.03 -51.54 -11.09
CA LEU D 40 -3.79 -50.13 -10.76
C LEU D 40 -5.03 -49.29 -10.98
N LEU D 41 -5.85 -49.64 -11.98
CA LEU D 41 -7.07 -48.89 -12.24
C LEU D 41 -8.12 -49.14 -11.16
N ALA D 42 -8.22 -50.39 -10.69
CA ALA D 42 -9.15 -50.71 -9.61
C ALA D 42 -8.74 -50.02 -8.31
N ARG D 43 -7.44 -49.86 -8.08
CA ARG D 43 -6.98 -49.11 -6.91
C ARG D 43 -7.40 -47.65 -7.00
N GLN D 44 -7.24 -47.03 -8.17
CA GLN D 44 -7.53 -45.61 -8.31
C GLN D 44 -9.03 -45.34 -8.28
N ARG D 45 -9.83 -46.20 -8.93
CA ARG D 45 -11.27 -46.03 -8.87
C ARG D 45 -11.79 -46.13 -7.44
N GLU D 46 -11.15 -46.97 -6.61
CA GLU D 46 -11.58 -47.08 -5.22
C GLU D 46 -11.15 -45.87 -4.40
N LEU D 47 -9.95 -45.34 -4.66
CA LEU D 47 -9.51 -44.14 -3.95
C LEU D 47 -10.31 -42.92 -4.39
N SER D 48 -10.60 -42.81 -5.70
CA SER D 48 -11.45 -41.73 -6.17
C SER D 48 -12.86 -41.84 -5.62
N ARG D 49 -13.32 -43.06 -5.35
CA ARG D 49 -14.64 -43.24 -4.77
C ARG D 49 -14.70 -42.71 -3.34
N ARG D 50 -13.61 -42.87 -2.58
CA ARG D 50 -13.58 -42.35 -1.22
C ARG D 50 -13.44 -40.84 -1.18
N LEU D 51 -12.93 -40.23 -2.25
CA LEU D 51 -12.94 -38.79 -2.43
C LEU D 51 -13.99 -38.36 -3.45
N LYS D 52 -15.12 -39.07 -3.50
CA LYS D 52 -16.13 -38.83 -4.51
C LYS D 52 -16.67 -37.41 -4.41
N ASP D 53 -16.73 -36.74 -5.57
CA ASP D 53 -17.37 -35.43 -5.69
C ASP D 53 -16.65 -34.37 -4.85
N ARG D 54 -15.34 -34.25 -5.05
CA ARG D 54 -14.55 -33.18 -4.50
C ARG D 54 -13.97 -32.34 -5.64
N LEU D 55 -13.81 -31.04 -5.39
CA LEU D 55 -13.39 -30.10 -6.40
C LEU D 55 -11.90 -29.82 -6.29
N SER D 56 -11.26 -29.64 -7.45
CA SER D 56 -9.87 -29.23 -7.48
C SER D 56 -9.73 -27.79 -6.97
N ALA D 57 -8.47 -27.38 -6.76
CA ALA D 57 -8.22 -26.03 -6.27
C ALA D 57 -8.84 -24.93 -7.13
N PRO D 58 -8.75 -24.96 -8.47
CA PRO D 58 -9.44 -23.92 -9.25
C PRO D 58 -10.95 -23.94 -9.08
N ASP D 59 -11.57 -25.12 -9.07
CA ASP D 59 -13.02 -25.20 -8.94
C ASP D 59 -13.49 -24.72 -7.57
N LEU D 60 -12.69 -24.95 -6.52
CA LEU D 60 -13.05 -24.44 -5.20
C LEU D 60 -13.09 -22.92 -5.19
N ARG D 61 -12.13 -22.28 -5.87
CA ARG D 61 -12.15 -20.83 -5.99
C ARG D 61 -13.37 -20.36 -6.78
N ILE D 62 -13.75 -21.10 -7.82
CA ILE D 62 -14.92 -20.74 -8.60
C ILE D 62 -16.20 -20.93 -7.80
N GLN D 63 -16.31 -22.06 -7.09
CA GLN D 63 -17.54 -22.36 -6.36
C GLN D 63 -17.71 -21.41 -5.18
N ARG D 64 -16.61 -21.03 -4.52
CA ARG D 64 -16.70 -20.08 -3.42
C ARG D 64 -17.22 -18.73 -3.90
N PHE D 65 -16.85 -18.32 -5.11
CA PHE D 65 -17.37 -17.08 -5.66
C PHE D 65 -18.86 -17.19 -5.96
N LEU D 66 -19.27 -18.27 -6.64
CA LEU D 66 -20.68 -18.44 -6.99
C LEU D 66 -21.56 -18.56 -5.75
N ASP D 67 -21.11 -19.30 -4.74
CA ASP D 67 -21.88 -19.44 -3.51
C ASP D 67 -22.09 -18.09 -2.84
N ASP D 68 -21.06 -17.25 -2.82
CA ASP D 68 -21.17 -15.93 -2.22
C ASP D 68 -21.94 -14.98 -3.13
N TYR D 69 -21.54 -14.91 -4.42
CA TYR D 69 -22.15 -13.97 -5.35
C TYR D 69 -23.64 -14.23 -5.53
N LEU D 70 -24.07 -15.49 -5.45
CA LEU D 70 -25.45 -15.86 -5.69
C LEU D 70 -26.16 -16.33 -4.42
N ALA D 71 -25.76 -15.79 -3.27
CA ALA D 71 -26.31 -16.27 -2.00
C ALA D 71 -27.78 -15.88 -1.85
N ASP D 72 -28.16 -14.70 -2.34
CA ASP D 72 -29.52 -14.20 -2.21
C ASP D 72 -30.36 -14.49 -3.45
N CYS D 73 -30.11 -15.61 -4.12
CA CYS D 73 -30.88 -16.03 -5.28
C CYS D 73 -31.70 -17.27 -4.94
N ASP D 74 -32.68 -17.56 -5.79
CA ASP D 74 -33.48 -18.78 -5.63
C ASP D 74 -32.73 -20.02 -6.10
N GLU D 75 -31.68 -19.86 -6.90
CA GLU D 75 -30.82 -20.95 -7.32
C GLU D 75 -29.41 -20.71 -6.82
N HIS D 76 -28.68 -21.80 -6.59
CA HIS D 76 -27.29 -21.76 -6.14
C HIS D 76 -26.52 -22.80 -6.93
N PRO D 77 -26.11 -22.46 -8.16
CA PRO D 77 -25.54 -23.47 -9.05
C PRO D 77 -24.22 -24.03 -8.54
N GLN D 78 -24.07 -25.35 -8.68
CA GLN D 78 -22.86 -26.06 -8.29
C GLN D 78 -22.21 -26.66 -9.53
N LEU D 79 -20.88 -26.59 -9.58
CA LEU D 79 -20.15 -27.14 -10.71
C LEU D 79 -20.29 -28.67 -10.76
N PRO D 80 -20.12 -29.27 -11.93
CA PRO D 80 -20.01 -30.74 -12.00
C PRO D 80 -18.85 -31.22 -11.14
N ARG D 81 -19.16 -32.11 -10.20
CA ARG D 81 -18.17 -32.52 -9.21
C ARG D 81 -17.14 -33.46 -9.81
N THR D 82 -17.58 -34.41 -10.64
CA THR D 82 -16.69 -35.36 -11.31
C THR D 82 -16.74 -35.10 -12.81
N THR D 83 -15.58 -34.85 -13.40
CA THR D 83 -15.48 -34.59 -14.83
C THR D 83 -14.30 -35.35 -15.41
N LEU D 84 -14.35 -35.58 -16.72
CA LEU D 84 -13.22 -36.15 -17.45
C LEU D 84 -12.14 -35.09 -17.57
N VAL D 85 -11.08 -35.22 -16.78
CA VAL D 85 -10.01 -34.24 -16.76
C VAL D 85 -9.08 -34.46 -17.95
N LEU D 86 -8.83 -33.40 -18.71
CA LEU D 86 -7.88 -33.44 -19.82
C LEU D 86 -6.54 -32.93 -19.31
N ASP D 87 -5.81 -33.81 -18.64
CA ASP D 87 -4.55 -33.44 -18.00
C ASP D 87 -3.37 -33.41 -18.97
N GLU D 88 -3.47 -34.08 -20.11
CA GLU D 88 -2.40 -34.06 -21.10
C GLU D 88 -2.89 -33.44 -22.40
N PRO D 89 -2.05 -32.70 -23.11
CA PRO D 89 -2.45 -32.17 -24.42
C PRO D 89 -2.54 -33.28 -25.46
N GLY D 90 -3.50 -33.12 -26.37
CA GLY D 90 -3.77 -34.09 -27.40
C GLY D 90 -4.95 -34.99 -27.11
N LEU D 91 -5.31 -35.15 -25.83
CA LEU D 91 -6.49 -35.95 -25.49
C LEU D 91 -7.75 -35.37 -26.12
N ALA D 92 -7.90 -34.05 -26.09
CA ALA D 92 -9.09 -33.42 -26.65
C ALA D 92 -9.18 -33.66 -28.16
N ARG D 93 -8.04 -33.64 -28.85
CA ARG D 93 -8.05 -33.96 -30.27
C ARG D 93 -8.54 -35.38 -30.51
N GLY D 94 -8.08 -36.33 -29.71
CA GLY D 94 -8.51 -37.71 -29.89
C GLY D 94 -9.98 -37.91 -29.58
N LEU D 95 -10.49 -37.21 -28.57
CA LEU D 95 -11.87 -37.37 -28.15
C LEU D 95 -12.87 -36.64 -29.04
N SER D 96 -12.42 -35.75 -29.92
CA SER D 96 -13.33 -34.96 -30.74
C SER D 96 -13.82 -35.68 -31.98
N LEU D 97 -13.30 -36.87 -32.27
CA LEU D 97 -13.72 -37.66 -33.41
C LEU D 97 -13.91 -39.10 -32.97
N PRO D 98 -14.77 -39.85 -33.65
CA PRO D 98 -14.93 -41.28 -33.30
C PRO D 98 -13.61 -42.02 -33.39
N VAL D 99 -13.38 -42.90 -32.42
CA VAL D 99 -12.13 -43.67 -32.38
C VAL D 99 -12.02 -44.56 -33.60
N ASP D 100 -13.14 -44.98 -34.16
CA ASP D 100 -13.16 -45.93 -35.27
C ASP D 100 -13.77 -45.36 -36.53
N GLY D 101 -14.12 -44.08 -36.56
CA GLY D 101 -14.76 -43.49 -37.72
C GLY D 101 -14.25 -42.10 -37.98
N ASP D 102 -14.51 -41.61 -39.19
CA ASP D 102 -14.03 -40.32 -39.65
C ASP D 102 -15.14 -39.26 -39.69
N GLU D 103 -16.32 -39.54 -39.12
CA GLU D 103 -17.45 -38.63 -39.24
C GLU D 103 -18.27 -38.65 -37.96
N PHE D 104 -18.67 -37.46 -37.50
CA PHE D 104 -19.50 -37.31 -36.32
C PHE D 104 -20.53 -36.22 -36.54
N HIS D 105 -21.77 -36.48 -36.12
CA HIS D 105 -22.85 -35.52 -36.27
C HIS D 105 -23.68 -35.49 -35.00
N SER D 106 -23.91 -34.28 -34.49
CA SER D 106 -24.86 -34.04 -33.42
C SER D 106 -25.67 -32.81 -33.80
N ASP D 107 -26.58 -32.41 -32.90
CA ASP D 107 -27.36 -31.21 -33.13
C ASP D 107 -26.53 -29.94 -33.04
N ILE D 108 -25.23 -30.06 -32.75
CA ILE D 108 -24.39 -28.94 -32.38
C ILE D 108 -23.22 -28.76 -33.33
N VAL D 109 -22.63 -29.85 -33.81
CA VAL D 109 -21.44 -29.79 -34.65
C VAL D 109 -21.45 -30.95 -35.62
N ALA D 110 -20.76 -30.76 -36.75
CA ALA D 110 -20.44 -31.83 -37.69
C ALA D 110 -18.92 -31.92 -37.75
N SER D 111 -18.37 -33.04 -37.25
CA SER D 111 -16.92 -33.22 -37.16
C SER D 111 -16.45 -34.26 -38.17
N TYR D 112 -15.30 -34.00 -38.77
CA TYR D 112 -14.75 -34.87 -39.81
C TYR D 112 -13.26 -35.05 -39.60
N ARG D 113 -12.79 -36.30 -39.70
CA ARG D 113 -11.37 -36.57 -39.75
C ARG D 113 -10.86 -36.37 -41.17
N LEU D 114 -9.83 -35.56 -41.33
CA LEU D 114 -9.35 -35.12 -42.63
C LEU D 114 -7.97 -35.69 -42.94
N VAL D 115 -7.66 -35.74 -44.23
CA VAL D 115 -6.29 -36.02 -44.67
C VAL D 115 -5.37 -34.89 -44.24
N ASN D 116 -5.83 -33.65 -44.35
CA ASN D 116 -5.03 -32.48 -44.03
C ASN D 116 -5.34 -31.90 -42.66
N GLY D 117 -6.01 -32.66 -41.80
CA GLY D 117 -6.24 -32.20 -40.44
C GLY D 117 -7.55 -32.68 -39.83
N VAL D 118 -8.33 -31.75 -39.30
CA VAL D 118 -9.61 -32.06 -38.68
C VAL D 118 -10.57 -30.92 -38.99
N LEU D 119 -11.82 -31.26 -39.30
CA LEU D 119 -12.83 -30.29 -39.70
C LEU D 119 -13.99 -30.31 -38.72
N HIS D 120 -14.33 -29.15 -38.17
CA HIS D 120 -15.48 -29.00 -37.28
C HIS D 120 -16.34 -27.86 -37.80
N ASN D 121 -17.58 -28.17 -38.17
CA ASN D 121 -18.52 -27.14 -38.60
C ASN D 121 -19.56 -26.94 -37.50
N PRO D 122 -19.50 -25.84 -36.75
CA PRO D 122 -20.48 -25.63 -35.67
C PRO D 122 -21.86 -25.29 -36.25
N LYS D 123 -22.84 -25.23 -35.35
CA LYS D 123 -24.22 -25.03 -35.77
C LYS D 123 -24.39 -23.68 -36.48
N HIS D 124 -23.75 -22.63 -35.97
CA HIS D 124 -23.74 -21.33 -36.61
C HIS D 124 -22.33 -21.01 -37.07
N ASP D 125 -22.17 -20.69 -38.35
CA ASP D 125 -20.84 -20.54 -38.92
C ASP D 125 -20.20 -19.20 -38.54
N ARG D 126 -20.99 -18.13 -38.48
CA ARG D 126 -20.46 -16.79 -38.29
C ARG D 126 -20.81 -16.24 -36.92
N ARG D 127 -19.90 -15.46 -36.37
CA ARG D 127 -20.09 -14.83 -35.07
C ARG D 127 -20.93 -13.56 -35.21
N THR D 128 -21.69 -13.27 -34.16
CA THR D 128 -22.46 -12.04 -34.07
C THR D 128 -22.08 -11.30 -32.79
N THR D 129 -22.38 -10.00 -32.76
CA THR D 129 -22.06 -9.16 -31.62
C THR D 129 -23.23 -8.38 -31.04
N ALA D 130 -24.34 -8.25 -31.77
CA ALA D 130 -25.48 -7.48 -31.29
C ALA D 130 -26.24 -8.28 -30.25
N GLY D 131 -26.27 -7.77 -29.02
CA GLY D 131 -27.02 -8.41 -27.95
C GLY D 131 -26.48 -9.75 -27.51
N VAL D 132 -25.20 -10.03 -27.76
CA VAL D 132 -24.64 -11.32 -27.39
C VAL D 132 -24.00 -11.31 -26.01
N PHE D 133 -23.45 -10.17 -25.59
CA PHE D 133 -22.69 -10.07 -24.35
C PHE D 133 -23.64 -9.66 -23.22
N HIS D 134 -23.92 -10.60 -22.32
CA HIS D 134 -24.81 -10.37 -21.19
C HIS D 134 -24.01 -10.39 -19.90
N ILE D 135 -24.17 -9.35 -19.09
CA ILE D 135 -23.45 -9.20 -17.83
C ILE D 135 -24.43 -9.18 -16.69
N SER D 136 -24.12 -9.93 -15.63
CA SER D 136 -25.01 -10.05 -14.48
C SER D 136 -24.85 -8.86 -13.55
N THR D 137 -25.93 -8.54 -12.85
CA THR D 137 -25.90 -7.50 -11.84
C THR D 137 -25.29 -8.04 -10.55
N GLY D 138 -24.98 -7.13 -9.64
CA GLY D 138 -24.40 -7.49 -8.36
C GLY D 138 -22.88 -7.44 -8.30
N GLY D 139 -22.22 -6.94 -9.33
CA GLY D 139 -20.78 -6.81 -9.31
C GLY D 139 -20.29 -5.46 -9.82
N LEU D 140 -19.18 -5.48 -10.57
CA LEU D 140 -18.61 -4.25 -11.09
C LEU D 140 -19.57 -3.59 -12.09
N PRO D 141 -19.40 -2.29 -12.34
CA PRO D 141 -20.35 -1.57 -13.22
C PRO D 141 -20.46 -2.22 -14.59
N ILE D 142 -21.67 -2.23 -15.11
CA ILE D 142 -21.98 -2.83 -16.41
C ILE D 142 -21.94 -1.75 -17.47
N PRO D 143 -21.15 -1.92 -18.55
CA PRO D 143 -21.09 -0.88 -19.59
C PRO D 143 -22.44 -0.64 -20.25
N GLN D 144 -22.56 0.53 -20.86
CA GLN D 144 -23.85 0.97 -21.38
C GLN D 144 -24.33 0.08 -22.53
N ASP D 145 -23.41 -0.41 -23.35
CA ASP D 145 -23.76 -1.17 -24.55
C ASP D 145 -24.03 -2.64 -24.29
N LYS D 146 -23.70 -3.15 -23.11
CA LYS D 146 -23.92 -4.55 -22.80
C LYS D 146 -25.36 -4.80 -22.38
N VAL D 147 -25.74 -6.07 -22.35
CA VAL D 147 -27.06 -6.48 -21.91
C VAL D 147 -27.00 -6.78 -20.43
N GLU D 148 -27.90 -6.18 -19.66
CA GLU D 148 -27.91 -6.29 -18.21
C GLU D 148 -28.85 -7.42 -17.81
N VAL D 149 -28.29 -8.50 -17.26
CA VAL D 149 -29.07 -9.64 -16.76
C VAL D 149 -29.17 -9.52 -15.25
N ASP D 150 -30.39 -9.66 -14.73
CA ASP D 150 -30.57 -9.69 -13.28
C ASP D 150 -29.83 -10.88 -12.69
N LYS D 151 -29.24 -10.67 -11.51
CA LYS D 151 -28.43 -11.72 -10.88
C LYS D 151 -29.22 -13.01 -10.69
N ASN D 152 -30.52 -12.88 -10.39
CA ASN D 152 -31.33 -14.07 -10.13
C ASN D 152 -31.60 -14.84 -11.42
N VAL D 153 -31.73 -14.14 -12.55
CA VAL D 153 -31.87 -14.84 -13.84
C VAL D 153 -30.58 -15.55 -14.18
N TYR D 154 -29.44 -14.91 -13.92
CA TYR D 154 -28.15 -15.55 -14.14
C TYR D 154 -28.02 -16.85 -13.35
N ALA D 155 -28.45 -16.83 -12.09
CA ALA D 155 -28.37 -18.03 -11.27
C ALA D 155 -29.20 -19.17 -11.87
N ARG D 156 -30.37 -18.84 -12.42
CA ARG D 156 -31.22 -19.85 -13.04
C ARG D 156 -30.59 -20.38 -14.32
N ILE D 157 -29.99 -19.50 -15.12
CA ILE D 157 -29.33 -19.94 -16.35
C ILE D 157 -28.13 -20.83 -16.02
N LEU D 158 -27.33 -20.42 -15.04
CA LEU D 158 -26.16 -21.21 -14.67
C LEU D 158 -26.55 -22.56 -14.10
N ALA D 159 -27.64 -22.61 -13.33
CA ALA D 159 -28.13 -23.88 -12.82
C ALA D 159 -28.61 -24.78 -13.96
N ARG D 160 -29.36 -24.22 -14.92
CA ARG D 160 -29.84 -25.00 -16.05
C ARG D 160 -28.73 -25.36 -17.02
N ALA D 161 -27.63 -24.59 -17.03
CA ALA D 161 -26.50 -24.93 -17.88
C ALA D 161 -25.87 -26.25 -17.45
N PHE D 162 -25.86 -26.53 -16.16
CA PHE D 162 -25.29 -27.78 -15.65
C PHE D 162 -26.23 -28.96 -15.80
N GLN D 163 -27.41 -28.77 -16.37
CA GLN D 163 -28.37 -29.83 -16.63
C GLN D 163 -28.47 -30.06 -18.13
N ALA D 164 -27.42 -30.66 -18.69
CA ALA D 164 -27.27 -30.88 -20.13
C ALA D 164 -27.97 -32.17 -20.55
N PRO D 165 -28.62 -32.16 -21.71
CA PRO D 165 -29.27 -33.38 -22.20
C PRO D 165 -28.25 -34.46 -22.53
N ASP D 166 -28.75 -35.68 -22.70
CA ASP D 166 -27.88 -36.83 -22.88
C ASP D 166 -27.06 -36.71 -24.17
N GLU D 167 -27.69 -36.23 -25.25
CA GLU D 167 -26.98 -36.14 -26.53
C GLU D 167 -25.87 -35.10 -26.48
N GLU D 168 -26.00 -34.07 -25.64
CA GLU D 168 -24.94 -33.07 -25.53
C GLU D 168 -23.76 -33.58 -24.72
N LEU D 169 -23.99 -34.54 -23.82
CA LEU D 169 -22.93 -35.09 -23.00
C LEU D 169 -22.17 -36.22 -23.67
N ALA D 170 -22.69 -36.77 -24.77
CA ALA D 170 -22.06 -37.92 -25.41
C ALA D 170 -20.77 -37.49 -26.11
N LEU D 171 -19.68 -38.20 -25.81
CA LEU D 171 -18.40 -37.91 -26.42
C LEU D 171 -18.42 -38.35 -27.90
N PRO D 172 -17.83 -37.55 -28.79
CA PRO D 172 -17.70 -38.03 -30.19
C PRO D 172 -16.83 -39.26 -30.31
N TYR D 173 -15.85 -39.40 -29.40
CA TYR D 173 -14.95 -40.55 -29.40
C TYR D 173 -15.72 -41.86 -29.44
N THR D 174 -16.81 -41.96 -28.68
CA THR D 174 -17.57 -43.19 -28.53
C THR D 174 -18.86 -43.19 -29.35
N ALA D 175 -18.99 -42.28 -30.31
CA ALA D 175 -20.25 -42.10 -31.03
C ALA D 175 -20.67 -43.39 -31.75
N ASN D 176 -19.72 -44.10 -32.35
CA ASN D 176 -20.04 -45.29 -33.13
C ASN D 176 -19.98 -46.59 -32.31
N LEU D 177 -19.55 -46.52 -31.05
CA LEU D 177 -19.43 -47.71 -30.23
C LEU D 177 -20.81 -48.23 -29.81
N PRO D 178 -20.90 -49.50 -29.40
CA PRO D 178 -22.19 -50.04 -28.94
C PRO D 178 -22.84 -49.21 -27.85
N GLU D 179 -22.10 -48.82 -26.82
CA GLU D 179 -22.59 -47.92 -25.79
C GLU D 179 -21.77 -46.65 -25.83
N GLN D 180 -22.44 -45.52 -25.62
CA GLN D 180 -21.79 -44.22 -25.70
C GLN D 180 -21.44 -43.71 -24.31
N ALA D 181 -20.36 -42.95 -24.23
CA ALA D 181 -19.88 -42.38 -22.98
C ALA D 181 -20.38 -40.94 -22.87
N HIS D 182 -21.22 -40.69 -21.88
CA HIS D 182 -21.67 -39.35 -21.54
C HIS D 182 -20.91 -38.86 -20.32
N CYS D 183 -20.47 -37.60 -20.36
CA CYS D 183 -19.70 -37.06 -19.24
C CYS D 183 -19.55 -35.55 -19.43
N TRP D 184 -19.12 -34.90 -18.37
CA TRP D 184 -18.60 -33.54 -18.42
C TRP D 184 -17.08 -33.60 -18.53
N ALA D 185 -16.50 -32.68 -19.28
CA ALA D 185 -15.05 -32.62 -19.45
C ALA D 185 -14.54 -31.27 -18.96
N SER D 186 -13.36 -31.28 -18.35
CA SER D 186 -12.75 -30.08 -17.81
C SER D 186 -11.34 -29.91 -18.36
N LEU D 187 -10.94 -28.66 -18.54
CA LEU D 187 -9.63 -28.32 -19.06
C LEU D 187 -9.12 -27.09 -18.33
N LEU D 188 -7.90 -27.18 -17.81
CA LEU D 188 -7.26 -26.07 -17.10
C LEU D 188 -6.23 -25.41 -18.00
N MET D 189 -6.23 -24.08 -18.01
CA MET D 189 -5.28 -23.33 -18.84
C MET D 189 -4.74 -22.15 -18.03
N ARG D 190 -3.62 -21.59 -18.50
CA ARG D 190 -2.97 -20.47 -17.84
C ARG D 190 -2.60 -19.42 -18.89
N PRO D 191 -3.58 -18.66 -19.37
CA PRO D 191 -3.28 -17.65 -20.39
C PRO D 191 -2.51 -16.47 -19.79
N THR D 192 -1.56 -15.96 -20.58
CA THR D 192 -0.66 -14.92 -20.11
C THR D 192 -1.38 -13.57 -19.99
N VAL D 193 -1.13 -12.86 -18.88
CA VAL D 193 -1.69 -11.54 -18.65
C VAL D 193 -0.61 -10.48 -18.59
N LEU D 194 0.56 -10.81 -18.03
CA LEU D 194 1.66 -9.88 -17.87
C LEU D 194 2.91 -10.46 -18.54
N PRO D 195 3.46 -9.83 -19.57
CA PRO D 195 4.61 -10.42 -20.27
C PRO D 195 5.86 -10.36 -19.42
N ALA D 196 6.76 -11.32 -19.67
CA ALA D 196 8.03 -11.36 -18.97
C ALA D 196 8.97 -10.27 -19.50
N VAL D 197 9.43 -9.41 -18.60
CA VAL D 197 10.39 -8.36 -18.94
C VAL D 197 11.55 -8.46 -17.96
N PRO D 198 12.77 -8.73 -18.43
CA PRO D 198 13.88 -9.02 -17.51
C PRO D 198 14.14 -7.87 -16.54
N GLY D 199 14.12 -8.19 -15.25
CA GLY D 199 14.36 -7.21 -14.22
C GLY D 199 13.20 -6.27 -13.92
N ARG D 200 12.13 -6.31 -14.71
CA ARG D 200 10.98 -5.43 -14.53
C ARG D 200 9.72 -6.17 -14.13
N THR D 201 9.34 -7.22 -14.87
CA THR D 201 8.13 -7.97 -14.57
C THR D 201 8.39 -9.46 -14.70
N THR D 202 7.86 -10.22 -13.75
CA THR D 202 7.73 -11.66 -13.90
C THR D 202 6.52 -11.94 -14.79
N GLU D 203 6.62 -12.99 -15.62
CA GLU D 203 5.48 -13.39 -16.42
C GLU D 203 4.36 -13.89 -15.52
N LYS D 204 3.17 -13.32 -15.67
CA LYS D 204 2.02 -13.68 -14.87
C LYS D 204 0.91 -14.19 -15.76
N SER D 205 0.20 -15.22 -15.28
CA SER D 205 -0.94 -15.78 -15.98
C SER D 205 -2.05 -15.99 -14.98
N TYR D 206 -3.29 -15.94 -15.46
CA TYR D 206 -4.44 -16.29 -14.64
C TYR D 206 -4.86 -17.71 -14.96
N GLU D 207 -5.71 -18.28 -14.10
CA GLU D 207 -6.19 -19.64 -14.31
C GLU D 207 -7.62 -19.59 -14.84
N VAL D 208 -7.85 -20.32 -15.92
CA VAL D 208 -9.18 -20.48 -16.48
C VAL D 208 -9.50 -21.97 -16.52
N HIS D 209 -10.75 -22.31 -16.25
CA HIS D 209 -11.20 -23.70 -16.22
C HIS D 209 -12.40 -23.83 -17.16
N PHE D 210 -12.19 -24.51 -18.27
CA PHE D 210 -13.30 -24.84 -19.16
C PHE D 210 -13.99 -26.10 -18.67
N ILE D 211 -15.31 -26.02 -18.45
CA ILE D 211 -16.12 -27.14 -17.99
C ILE D 211 -17.28 -27.29 -18.97
N VAL D 212 -17.21 -28.30 -19.82
CA VAL D 212 -18.16 -28.42 -20.93
C VAL D 212 -18.67 -29.86 -21.00
N PRO D 213 -19.86 -30.05 -21.58
CA PRO D 213 -20.31 -31.41 -21.88
C PRO D 213 -19.43 -32.07 -22.92
N GLY D 214 -19.52 -33.39 -22.99
CA GLY D 214 -18.65 -34.15 -23.87
C GLY D 214 -18.83 -33.81 -25.34
N GLY D 215 -20.04 -33.42 -25.73
CA GLY D 215 -20.29 -33.08 -27.12
C GLY D 215 -19.52 -31.87 -27.61
N LEU D 216 -19.06 -31.02 -26.68
CA LEU D 216 -18.27 -29.84 -27.02
C LEU D 216 -16.77 -30.10 -26.89
N MET D 217 -16.34 -31.35 -27.07
CA MET D 217 -14.92 -31.68 -26.96
C MET D 217 -14.09 -30.92 -28.00
N CYS D 218 -14.65 -30.68 -29.18
CA CYS D 218 -13.90 -29.94 -30.20
C CYS D 218 -13.57 -28.53 -29.74
N ASN D 219 -14.44 -27.92 -28.93
CA ASN D 219 -14.14 -26.60 -28.39
C ASN D 219 -13.00 -26.64 -27.39
N LEU D 220 -12.86 -27.74 -26.65
CA LEU D 220 -11.71 -27.89 -25.76
C LEU D 220 -10.43 -27.98 -26.56
N ASP D 221 -10.42 -28.81 -27.61
CA ASP D 221 -9.24 -28.92 -28.45
C ASP D 221 -8.90 -27.59 -29.10
N PHE D 222 -9.93 -26.79 -29.42
CA PHE D 222 -9.69 -25.46 -29.99
C PHE D 222 -8.92 -24.58 -29.02
N VAL D 223 -9.45 -24.37 -27.81
CA VAL D 223 -8.78 -23.48 -26.88
C VAL D 223 -7.46 -24.07 -26.40
N GLU D 224 -7.38 -25.40 -26.28
CA GLU D 224 -6.14 -26.01 -25.82
C GLU D 224 -4.98 -25.70 -26.76
N GLY D 225 -5.22 -25.83 -28.07
CA GLY D 225 -4.19 -25.48 -29.04
C GLY D 225 -3.79 -24.03 -28.97
N ILE D 226 -4.72 -23.16 -28.54
CA ILE D 226 -4.45 -21.72 -28.52
C ILE D 226 -3.75 -21.29 -27.23
N PHE D 227 -4.19 -21.79 -26.08
CA PHE D 227 -3.67 -21.33 -24.80
C PHE D 227 -2.97 -22.40 -23.99
N GLY D 228 -2.79 -23.61 -24.56
CA GLY D 228 -2.05 -24.66 -23.88
C GLY D 228 -2.90 -25.48 -22.94
N ASN D 229 -2.23 -26.40 -22.24
CA ASN D 229 -2.85 -27.28 -21.27
C ASN D 229 -2.08 -27.14 -19.97
N ALA D 230 -2.78 -26.80 -18.89
CA ALA D 230 -2.14 -26.53 -17.61
C ALA D 230 -2.07 -27.75 -16.69
N GLY D 231 -2.54 -28.91 -17.16
CA GLY D 231 -2.33 -30.15 -16.44
C GLY D 231 -3.50 -30.54 -15.55
N ASP D 232 -3.21 -31.53 -14.71
CA ASP D 232 -4.19 -32.11 -13.79
C ASP D 232 -4.49 -31.13 -12.66
N PRO D 233 -5.69 -30.54 -12.61
CA PRO D 233 -5.96 -29.50 -11.60
C PRO D 233 -5.97 -30.00 -10.17
N TYR D 234 -5.92 -31.31 -9.93
CA TYR D 234 -5.86 -31.85 -8.59
C TYR D 234 -4.44 -32.00 -8.06
N LEU D 235 -3.44 -31.67 -8.86
CA LEU D 235 -2.05 -31.77 -8.43
C LEU D 235 -1.56 -30.42 -7.94
N PRO D 236 -0.84 -30.38 -6.81
CA PRO D 236 -0.33 -29.11 -6.29
C PRO D 236 0.61 -28.39 -7.24
N GLU D 237 1.24 -29.10 -8.18
CA GLU D 237 2.10 -28.44 -9.17
C GLU D 237 1.30 -27.48 -10.05
N ASN D 238 0.01 -27.76 -10.25
CA ASN D 238 -0.83 -26.98 -11.15
C ASN D 238 -1.77 -26.06 -10.41
N ASP D 239 -1.72 -26.03 -9.08
CA ASP D 239 -2.49 -25.08 -8.29
C ASP D 239 -1.82 -23.72 -8.38
N ALA D 240 -2.50 -22.76 -9.01
CA ALA D 240 -1.89 -21.45 -9.24
C ALA D 240 -1.63 -20.72 -7.92
N SER D 241 -2.45 -20.97 -6.90
CA SER D 241 -2.28 -20.29 -5.62
C SER D 241 -1.01 -20.72 -4.90
N LEU D 242 -0.47 -21.90 -5.23
CA LEU D 242 0.74 -22.37 -4.58
C LEU D 242 2.01 -21.81 -5.20
N ASP D 243 1.89 -21.06 -6.29
CA ASP D 243 3.02 -20.35 -6.89
C ASP D 243 2.54 -18.96 -7.32
N PRO D 244 2.21 -18.11 -6.35
CA PRO D 244 1.56 -16.82 -6.68
C PRO D 244 2.47 -15.84 -7.41
N ASP D 245 3.78 -16.07 -7.43
CA ASP D 245 4.68 -15.15 -8.12
C ASP D 245 4.39 -15.10 -9.62
N SER D 246 3.90 -16.19 -10.20
CA SER D 246 3.53 -16.24 -11.60
C SER D 246 2.02 -16.26 -11.81
N TRP D 247 1.24 -16.07 -10.75
CA TRP D 247 -0.21 -16.01 -10.84
C TRP D 247 -0.66 -14.57 -10.66
N THR D 248 -1.68 -14.18 -11.43
CA THR D 248 -2.30 -12.86 -11.27
C THR D 248 -3.24 -12.80 -10.08
N GLY D 249 -3.52 -13.93 -9.43
CA GLY D 249 -4.51 -14.00 -8.39
C GLY D 249 -5.93 -14.16 -8.88
N HIS D 250 -6.14 -14.24 -10.18
CA HIS D 250 -7.48 -14.23 -10.76
C HIS D 250 -7.82 -15.59 -11.36
N THR D 251 -9.11 -15.88 -11.40
CA THR D 251 -9.61 -17.18 -11.81
C THR D 251 -10.81 -16.98 -12.74
N GLY D 252 -10.82 -17.69 -13.86
CA GLY D 252 -11.91 -17.62 -14.80
C GLY D 252 -12.56 -18.98 -14.98
N CYS D 253 -13.84 -18.98 -15.32
CA CYS D 253 -14.58 -20.19 -15.61
C CYS D 253 -15.39 -19.98 -16.86
N VAL D 254 -15.30 -20.91 -17.81
CA VAL D 254 -16.05 -20.85 -19.05
C VAL D 254 -16.87 -22.13 -19.16
N ILE D 255 -18.17 -21.98 -19.35
CA ILE D 255 -19.09 -23.10 -19.48
C ILE D 255 -19.78 -22.98 -20.83
N LEU D 256 -19.82 -24.07 -21.57
CA LEU D 256 -20.46 -24.10 -22.87
C LEU D 256 -21.71 -24.98 -22.76
N ALA D 257 -22.88 -24.36 -22.85
CA ALA D 257 -24.16 -25.07 -22.77
C ALA D 257 -25.04 -24.60 -23.92
N PRO D 258 -24.84 -25.16 -25.12
CA PRO D 258 -25.70 -24.78 -26.24
C PRO D 258 -27.16 -25.15 -26.04
N HIS D 259 -27.46 -26.09 -25.14
CA HIS D 259 -28.85 -26.47 -24.89
C HIS D 259 -29.66 -25.36 -24.24
N LEU D 260 -29.01 -24.31 -23.74
CA LEU D 260 -29.73 -23.19 -23.10
C LEU D 260 -30.50 -22.35 -24.10
N THR D 261 -30.27 -22.51 -25.40
CA THR D 261 -30.95 -21.70 -26.40
C THR D 261 -32.46 -21.94 -26.44
N THR D 262 -32.97 -22.91 -25.68
CA THR D 262 -34.40 -23.18 -25.63
C THR D 262 -35.06 -22.66 -24.36
N MET D 263 -34.31 -22.01 -23.47
CA MET D 263 -34.91 -21.38 -22.29
C MET D 263 -35.91 -20.30 -22.72
N THR D 264 -37.09 -20.33 -22.14
CA THR D 264 -38.05 -19.24 -22.30
C THR D 264 -37.78 -18.18 -21.24
N LYS D 265 -38.01 -16.92 -21.62
CA LYS D 265 -37.83 -15.83 -20.66
C LYS D 265 -38.77 -15.98 -19.48
N LYS D 266 -39.99 -16.45 -19.72
CA LYS D 266 -40.96 -16.59 -18.63
C LYS D 266 -40.49 -17.63 -17.61
N SER D 267 -39.88 -18.71 -18.08
CA SER D 267 -39.42 -19.76 -17.16
C SER D 267 -38.25 -19.29 -16.30
N LEU D 268 -37.60 -18.20 -16.66
CA LEU D 268 -36.49 -17.65 -15.90
C LEU D 268 -36.91 -16.59 -14.90
N GLY D 269 -38.22 -16.40 -14.72
CA GLY D 269 -38.70 -15.38 -13.82
C GLY D 269 -38.61 -13.97 -14.35
N MET D 270 -38.33 -13.80 -15.64
CA MET D 270 -38.21 -12.48 -16.21
C MET D 270 -39.59 -11.84 -16.36
N PRO D 271 -39.66 -10.51 -16.35
CA PRO D 271 -40.97 -9.84 -16.38
C PRO D 271 -41.54 -9.76 -17.79
N HIS D 272 -42.84 -9.52 -17.84
CA HIS D 272 -43.49 -9.21 -19.11
C HIS D 272 -43.01 -7.84 -19.60
N TYR D 273 -43.24 -7.58 -20.88
CA TYR D 273 -42.85 -6.30 -21.47
C TYR D 273 -43.49 -5.12 -20.72
N ASP D 274 -44.74 -5.29 -20.28
CA ASP D 274 -45.42 -4.18 -19.61
C ASP D 274 -44.80 -3.88 -18.25
N ASP D 275 -44.35 -4.92 -17.53
CA ASP D 275 -43.79 -4.77 -16.20
C ASP D 275 -42.28 -4.63 -16.22
N ALA D 276 -41.69 -4.15 -17.31
CA ALA D 276 -40.25 -4.07 -17.47
C ALA D 276 -39.80 -2.61 -17.55
N THR D 277 -38.55 -2.39 -17.16
CA THR D 277 -37.92 -1.08 -17.28
C THR D 277 -37.47 -0.83 -18.72
N GLU D 278 -37.09 0.42 -19.00
CA GLU D 278 -36.57 0.74 -20.33
C GLU D 278 -35.32 -0.07 -20.65
N ARG D 279 -34.42 -0.21 -19.67
CA ARG D 279 -33.21 -0.99 -19.90
C ARG D 279 -33.55 -2.45 -20.17
N GLN D 280 -34.53 -3.00 -19.46
CA GLN D 280 -34.96 -4.38 -19.71
C GLN D 280 -35.62 -4.50 -21.08
N ARG D 281 -36.45 -3.53 -21.45
CA ARG D 281 -37.04 -3.54 -22.79
C ARG D 281 -35.97 -3.34 -23.85
N ARG D 282 -34.98 -2.49 -23.58
CA ARG D 282 -33.93 -2.26 -24.57
C ARG D 282 -33.10 -3.52 -24.79
N ASP D 283 -32.78 -4.24 -23.72
CA ASP D 283 -31.91 -5.40 -23.81
C ASP D 283 -32.66 -6.68 -24.17
N GLY D 284 -33.95 -6.59 -24.50
CA GLY D 284 -34.72 -7.80 -24.71
C GLY D 284 -34.90 -8.66 -23.49
N GLN D 285 -34.55 -8.14 -22.30
CA GLN D 285 -34.67 -8.89 -21.04
C GLN D 285 -36.10 -8.90 -20.49
N CYS D 286 -37.08 -8.97 -21.38
CA CYS D 286 -38.48 -9.08 -20.99
C CYS D 286 -39.20 -9.91 -22.05
N TRP D 287 -40.20 -10.66 -21.60
CA TRP D 287 -40.94 -11.55 -22.50
C TRP D 287 -42.26 -10.93 -22.90
N ARG D 288 -42.63 -11.14 -24.15
CA ARG D 288 -43.88 -10.67 -24.71
C ARG D 288 -44.90 -11.80 -24.87
N HIS D 289 -44.46 -12.92 -25.42
CA HIS D 289 -45.22 -14.16 -25.43
C HIS D 289 -44.54 -15.16 -24.51
N GLU D 290 -45.34 -16.04 -23.88
CA GLU D 290 -44.79 -16.94 -22.88
C GLU D 290 -43.85 -17.98 -23.46
N ASP D 291 -43.76 -18.09 -24.80
CA ASP D 291 -42.84 -19.00 -25.45
C ASP D 291 -41.56 -18.31 -25.94
N ASP D 292 -41.42 -17.01 -25.71
CA ASP D 292 -40.26 -16.26 -26.20
C ASP D 292 -38.97 -16.85 -25.64
N LEU D 293 -38.10 -17.29 -26.55
CA LEU D 293 -36.82 -17.85 -26.13
C LEU D 293 -35.92 -16.75 -25.58
N TYR D 294 -35.02 -17.14 -24.67
CA TYR D 294 -34.09 -16.18 -24.10
C TYR D 294 -33.24 -15.55 -25.19
N ASN D 295 -33.12 -14.22 -25.14
CA ASN D 295 -32.38 -13.45 -26.13
C ASN D 295 -32.93 -13.64 -27.54
N ASP D 296 -34.20 -14.05 -27.64
CA ASP D 296 -34.90 -14.21 -28.92
C ASP D 296 -34.17 -15.16 -29.86
N GLY D 297 -33.64 -16.25 -29.29
CA GLY D 297 -32.93 -17.24 -30.07
C GLY D 297 -31.56 -16.83 -30.54
N LYS D 298 -31.22 -15.54 -30.50
CA LYS D 298 -29.89 -15.11 -30.90
C LYS D 298 -28.83 -15.69 -29.97
N ALA D 299 -27.61 -15.78 -30.49
CA ALA D 299 -26.49 -16.24 -29.67
C ALA D 299 -26.29 -15.32 -28.49
N PHE D 300 -25.93 -15.90 -27.35
CA PHE D 300 -25.72 -15.11 -26.15
C PHE D 300 -24.70 -15.79 -25.25
N LYS D 301 -24.11 -15.00 -24.37
CA LYS D 301 -23.31 -15.51 -23.25
C LYS D 301 -23.55 -14.61 -22.05
N VAL D 302 -23.69 -15.22 -20.88
CA VAL D 302 -23.90 -14.49 -19.64
C VAL D 302 -22.63 -14.54 -18.82
N CYS D 303 -22.38 -13.46 -18.08
CA CYS D 303 -21.11 -13.27 -17.40
C CYS D 303 -21.33 -12.65 -16.03
N ALA D 304 -20.69 -13.21 -15.00
CA ALA D 304 -20.74 -12.66 -13.65
C ALA D 304 -19.31 -12.45 -13.16
N ARG D 305 -19.05 -11.28 -12.59
CA ARG D 305 -17.71 -10.91 -12.16
C ARG D 305 -17.79 -9.66 -11.29
N ASP D 306 -16.80 -9.51 -10.41
CA ASP D 306 -16.64 -8.27 -9.64
C ASP D 306 -15.17 -8.14 -9.27
N GLU D 307 -14.90 -7.32 -8.24
CA GLU D 307 -13.53 -6.95 -7.90
C GLU D 307 -12.74 -8.09 -7.25
N ARG D 308 -13.38 -9.23 -6.96
CA ARG D 308 -12.68 -10.32 -6.29
C ARG D 308 -11.84 -11.17 -7.23
N GLY D 309 -11.93 -10.94 -8.54
CA GLY D 309 -11.05 -11.59 -9.48
C GLY D 309 -11.52 -12.94 -10.00
N VAL D 310 -12.77 -13.31 -9.80
CA VAL D 310 -13.32 -14.56 -10.30
C VAL D 310 -14.42 -14.21 -11.29
N ILE D 311 -14.20 -14.54 -12.56
CA ILE D 311 -15.17 -14.26 -13.62
C ILE D 311 -15.70 -15.60 -14.14
N VAL D 312 -17.02 -15.71 -14.23
CA VAL D 312 -17.67 -16.95 -14.61
C VAL D 312 -18.62 -16.65 -15.77
N THR D 313 -18.35 -17.24 -16.93
CA THR D 313 -19.12 -17.01 -18.14
C THR D 313 -19.71 -18.31 -18.64
N VAL D 314 -20.98 -18.26 -19.03
CA VAL D 314 -21.65 -19.35 -19.72
C VAL D 314 -21.90 -18.92 -21.16
N ILE D 315 -21.45 -19.74 -22.11
CA ILE D 315 -21.66 -19.49 -23.53
C ILE D 315 -22.68 -20.50 -24.03
N ALA D 316 -23.72 -20.00 -24.71
CA ALA D 316 -24.79 -20.84 -25.24
C ALA D 316 -24.62 -21.12 -26.72
N ASP D 317 -23.40 -21.08 -27.22
CA ASP D 317 -23.13 -21.28 -28.65
C ASP D 317 -21.73 -21.87 -28.78
N ASN D 318 -21.61 -22.93 -29.57
CA ASN D 318 -20.35 -23.65 -29.68
C ASN D 318 -19.45 -23.13 -30.79
N TYR D 319 -19.77 -21.98 -31.41
CA TYR D 319 -18.87 -21.41 -32.38
C TYR D 319 -17.55 -21.05 -31.71
N PHE D 320 -16.44 -21.47 -32.34
CA PHE D 320 -15.15 -21.46 -31.66
C PHE D 320 -14.65 -20.04 -31.41
N GLY D 321 -15.09 -19.07 -32.21
CA GLY D 321 -14.69 -17.69 -31.96
C GLY D 321 -15.09 -17.20 -30.59
N TYR D 322 -16.25 -17.65 -30.08
CA TYR D 322 -16.69 -17.22 -28.77
C TYR D 322 -15.76 -17.72 -27.67
N CYS D 323 -15.31 -18.98 -27.77
CA CYS D 323 -14.42 -19.54 -26.75
C CYS D 323 -13.12 -18.75 -26.69
N LYS D 324 -12.52 -18.47 -27.84
CA LYS D 324 -11.26 -17.74 -27.89
C LYS D 324 -11.45 -16.29 -27.45
N LYS D 325 -12.57 -15.68 -27.79
CA LYS D 325 -12.80 -14.29 -27.42
C LYS D 325 -13.20 -14.14 -25.96
N GLU D 326 -13.79 -15.18 -25.35
CA GLU D 326 -14.07 -15.11 -23.92
C GLU D 326 -12.78 -15.18 -23.12
N VAL D 327 -11.81 -15.98 -23.57
CA VAL D 327 -10.50 -15.97 -22.93
C VAL D 327 -9.86 -14.59 -23.06
N LYS D 328 -10.03 -13.95 -24.23
CA LYS D 328 -9.57 -12.57 -24.36
C LYS D 328 -10.26 -11.65 -23.35
N THR D 329 -11.58 -11.82 -23.20
CA THR D 329 -12.31 -11.01 -22.23
C THR D 329 -11.79 -11.20 -20.83
N GLN D 330 -11.47 -12.44 -20.45
CA GLN D 330 -10.99 -12.70 -19.10
C GLN D 330 -9.58 -12.20 -18.89
N ILE D 331 -8.73 -12.26 -19.92
CA ILE D 331 -7.38 -11.71 -19.79
C ILE D 331 -7.43 -10.21 -19.58
N SER D 332 -8.29 -9.52 -20.35
CA SER D 332 -8.47 -8.09 -20.14
C SER D 332 -9.05 -7.81 -18.76
N TYR D 333 -9.96 -8.67 -18.30
CA TYR D 333 -10.49 -8.56 -16.94
C TYR D 333 -9.38 -8.71 -15.91
N SER D 334 -8.50 -9.71 -16.10
CA SER D 334 -7.39 -9.91 -15.18
C SER D 334 -6.40 -8.74 -15.24
N ALA D 335 -6.19 -8.16 -16.43
CA ALA D 335 -5.23 -7.07 -16.57
C ALA D 335 -5.70 -5.81 -15.85
N ASN D 336 -7.00 -5.53 -15.91
CA ASN D 336 -7.53 -4.33 -15.26
C ASN D 336 -7.40 -4.43 -13.74
N LEU D 337 -7.77 -5.58 -13.17
CA LEU D 337 -7.70 -5.77 -11.73
C LEU D 337 -6.27 -5.92 -11.23
N LEU D 338 -5.33 -6.28 -12.12
CA LEU D 338 -3.95 -6.49 -11.70
C LEU D 338 -3.18 -5.18 -11.65
N GLY D 339 -3.28 -4.37 -12.70
CA GLY D 339 -2.47 -3.18 -12.82
C GLY D 339 -1.14 -3.46 -13.49
N GLY D 340 -0.52 -2.39 -13.99
CA GLY D 340 0.74 -2.50 -14.70
C GLY D 340 0.70 -3.31 -15.97
N ALA D 341 -0.48 -3.80 -16.37
CA ALA D 341 -0.60 -4.65 -17.55
C ALA D 341 -1.76 -4.16 -18.40
N GLU D 342 -1.67 -4.44 -19.69
CA GLU D 342 -2.72 -4.11 -20.65
C GLU D 342 -3.06 -5.34 -21.46
N GLU D 343 -4.30 -5.40 -21.94
CA GLU D 343 -4.72 -6.37 -22.93
C GLU D 343 -5.14 -5.60 -24.17
N GLU D 344 -4.57 -5.96 -25.31
CA GLU D 344 -4.75 -5.19 -26.54
C GLU D 344 -5.24 -6.07 -27.67
N HIS D 345 -6.19 -5.54 -28.44
CA HIS D 345 -6.63 -6.13 -29.70
C HIS D 345 -5.69 -5.61 -30.78
N SER D 346 -4.50 -6.20 -30.85
CA SER D 346 -3.42 -5.64 -31.65
C SER D 346 -2.60 -6.73 -32.32
N GLY D 347 -2.06 -6.41 -33.49
CA GLY D 347 -1.00 -7.16 -34.10
C GLY D 347 0.30 -6.35 -34.07
N GLY D 348 1.38 -7.00 -34.47
CA GLY D 348 2.66 -6.32 -34.49
C GLY D 348 3.78 -7.28 -34.85
N ALA D 349 4.93 -6.69 -35.14
CA ALA D 349 6.09 -7.47 -35.53
C ALA D 349 7.35 -6.62 -35.38
N GLU D 350 8.47 -7.31 -35.14
CA GLU D 350 9.79 -6.70 -35.25
C GLU D 350 10.20 -6.69 -36.72
N VAL D 351 10.41 -5.48 -37.27
CA VAL D 351 10.63 -5.30 -38.70
C VAL D 351 12.10 -4.96 -38.91
N TYR D 352 12.80 -5.81 -39.65
CA TYR D 352 14.21 -5.60 -39.96
C TYR D 352 14.36 -5.26 -41.44
N PRO D 353 14.75 -4.03 -41.80
CA PRO D 353 14.85 -3.68 -43.22
C PRO D 353 15.93 -4.48 -43.92
N ALA D 354 15.73 -4.69 -45.21
CA ALA D 354 16.64 -5.48 -46.02
C ALA D 354 16.97 -4.75 -47.32
N TRP D 355 18.10 -5.13 -47.91
CA TRP D 355 18.58 -4.53 -49.14
C TRP D 355 19.13 -5.62 -50.06
N ASN D 356 18.80 -5.52 -51.33
CA ASN D 356 19.48 -6.31 -52.35
C ASN D 356 20.83 -5.67 -52.60
N LEU D 357 21.90 -6.30 -52.11
CA LEU D 357 23.25 -5.77 -52.20
C LEU D 357 23.96 -6.17 -53.49
N ASN D 358 23.24 -6.78 -54.43
CA ASN D 358 23.72 -7.12 -55.76
C ASN D 358 24.86 -8.14 -55.64
N GLN D 359 26.00 -7.93 -56.26
CA GLN D 359 27.03 -8.96 -56.38
C GLN D 359 28.13 -8.85 -55.33
N ASP D 360 28.55 -7.64 -54.98
CA ASP D 360 29.65 -7.44 -54.05
C ASP D 360 29.21 -6.54 -52.91
N PHE D 361 29.75 -6.80 -51.72
CA PHE D 361 29.48 -5.98 -50.55
C PHE D 361 30.63 -6.10 -49.57
N THR D 362 31.14 -4.96 -49.12
CA THR D 362 32.19 -4.91 -48.11
C THR D 362 31.57 -4.57 -46.76
N ASP D 363 31.90 -5.38 -45.76
CA ASP D 363 31.35 -5.20 -44.41
C ASP D 363 31.72 -3.82 -43.88
N ARG D 364 30.71 -3.08 -43.43
CA ARG D 364 30.92 -1.73 -42.93
C ARG D 364 30.57 -1.64 -41.45
N THR D 365 31.11 -2.54 -40.64
CA THR D 365 30.80 -2.56 -39.22
C THR D 365 31.52 -1.40 -38.52
N PRO D 366 30.81 -0.61 -37.70
CA PRO D 366 31.48 0.45 -36.95
C PRO D 366 32.55 -0.13 -36.03
N ASP D 367 33.52 0.72 -35.68
CA ASP D 367 34.64 0.28 -34.87
C ASP D 367 34.22 -0.18 -33.48
N ASP D 368 32.95 -0.03 -33.12
CA ASP D 368 32.45 -0.39 -31.80
C ASP D 368 32.13 -1.87 -31.67
N PHE D 369 32.05 -2.61 -32.78
CA PHE D 369 31.71 -4.03 -32.77
C PHE D 369 32.83 -4.83 -33.41
N THR D 370 33.29 -5.88 -32.72
CA THR D 370 34.35 -6.73 -33.23
C THR D 370 33.99 -8.20 -32.99
N LEU D 371 34.53 -9.08 -33.84
CA LEU D 371 34.28 -10.50 -33.67
C LEU D 371 35.02 -11.05 -32.45
N ALA D 372 36.21 -10.52 -32.16
CA ALA D 372 36.91 -10.94 -30.95
C ALA D 372 36.06 -10.67 -29.71
N ASP D 373 35.32 -9.56 -29.70
CA ASP D 373 34.42 -9.26 -28.59
C ASP D 373 33.25 -10.25 -28.55
N VAL D 374 32.66 -10.56 -29.71
CA VAL D 374 31.56 -11.50 -29.74
C VAL D 374 32.02 -12.89 -29.31
N ILE D 375 33.23 -13.28 -29.71
CA ILE D 375 33.73 -14.61 -29.39
C ILE D 375 33.98 -14.74 -27.90
N SER D 376 34.66 -13.75 -27.29
CA SER D 376 34.96 -13.84 -25.88
C SER D 376 33.70 -13.79 -25.03
N THR D 377 32.71 -12.99 -25.46
CA THR D 377 31.48 -12.87 -24.68
C THR D 377 30.67 -14.15 -24.71
N ASN D 378 30.62 -14.83 -25.85
CA ASN D 378 29.81 -16.03 -25.99
C ASN D 378 30.67 -17.22 -26.42
N ARG D 379 31.78 -17.44 -25.73
CA ARG D 379 32.73 -18.47 -26.17
C ARG D 379 32.11 -19.87 -26.09
N GLU D 380 31.33 -20.13 -25.05
CA GLU D 380 30.76 -21.46 -24.87
C GLU D 380 29.71 -21.78 -25.92
N LEU D 381 29.21 -20.77 -26.65
CA LEU D 381 28.19 -20.98 -27.66
C LEU D 381 28.73 -20.96 -29.08
N LEU D 382 29.99 -20.54 -29.28
CA LEU D 382 30.58 -20.42 -30.60
C LEU D 382 31.57 -21.55 -30.85
N ASP D 383 31.64 -21.98 -32.11
CA ASP D 383 32.65 -22.91 -32.59
C ASP D 383 33.63 -22.11 -33.43
N VAL D 384 34.76 -21.73 -32.84
CA VAL D 384 35.74 -20.91 -33.52
C VAL D 384 36.50 -21.77 -34.52
N ARG D 385 36.74 -21.20 -35.72
CA ARG D 385 37.37 -21.91 -36.82
C ARG D 385 38.75 -21.34 -37.13
N PRO D 386 39.65 -22.14 -37.71
CA PRO D 386 41.04 -21.68 -37.90
C PRO D 386 41.17 -20.48 -38.82
N GLU D 387 40.30 -20.34 -39.81
CA GLU D 387 40.39 -19.22 -40.74
C GLU D 387 40.03 -17.89 -40.09
N GLY D 388 39.50 -17.91 -38.87
CA GLY D 388 39.17 -16.71 -38.15
C GLY D 388 37.69 -16.36 -38.06
N TYR D 389 36.80 -17.32 -38.25
CA TYR D 389 35.37 -17.09 -38.07
C TYR D 389 34.82 -18.09 -37.07
N ALA D 390 33.55 -17.90 -36.70
CA ALA D 390 32.91 -18.71 -35.68
C ALA D 390 31.53 -19.17 -36.16
N VAL D 391 31.09 -20.30 -35.63
CA VAL D 391 29.80 -20.91 -36.00
C VAL D 391 28.96 -21.05 -34.74
N TYR D 392 27.74 -20.54 -34.80
CA TYR D 392 26.81 -20.62 -33.67
C TYR D 392 26.46 -22.08 -33.40
N LYS D 393 26.96 -22.62 -32.29
CA LYS D 393 26.72 -24.02 -31.99
C LYS D 393 25.25 -24.37 -31.76
N PRO D 394 24.45 -23.57 -31.05
CA PRO D 394 23.00 -23.90 -30.94
C PRO D 394 22.27 -23.93 -32.27
N GLU D 395 22.79 -23.27 -33.31
CA GLU D 395 22.17 -23.30 -34.64
C GLU D 395 23.25 -23.05 -35.68
N PRO D 396 23.84 -24.12 -36.23
CA PRO D 396 25.06 -23.96 -37.06
C PRO D 396 24.83 -23.24 -38.38
N ASN D 397 23.58 -23.02 -38.80
CA ASN D 397 23.35 -22.21 -39.99
C ASN D 397 23.71 -20.75 -39.77
N ILE D 398 23.91 -20.32 -38.52
CA ILE D 398 24.34 -18.97 -38.21
C ILE D 398 25.86 -18.98 -38.11
N VAL D 399 26.51 -18.16 -38.92
CA VAL D 399 27.97 -18.08 -38.99
C VAL D 399 28.38 -16.64 -38.72
N PHE D 400 29.44 -16.47 -37.93
CA PHE D 400 29.91 -15.14 -37.51
C PHE D 400 31.16 -14.79 -38.31
N ILE D 401 31.04 -13.78 -39.17
CA ILE D 401 32.11 -13.37 -40.09
C ILE D 401 32.82 -12.15 -39.51
N PRO D 402 34.16 -12.09 -39.57
CA PRO D 402 34.89 -10.94 -39.03
C PRO D 402 34.44 -9.63 -39.67
N GLU D 403 34.66 -8.55 -38.92
CA GLU D 403 34.38 -7.22 -39.44
C GLU D 403 35.30 -6.90 -40.62
N HIS D 404 34.79 -6.07 -41.53
CA HIS D 404 35.54 -5.61 -42.70
C HIS D 404 35.84 -6.74 -43.68
N SER D 405 34.94 -7.70 -43.80
CA SER D 405 35.09 -8.78 -44.76
C SER D 405 34.41 -8.43 -46.07
N HIS D 406 34.82 -9.12 -47.14
CA HIS D 406 34.24 -8.92 -48.46
C HIS D 406 33.40 -10.13 -48.85
N TYR D 407 32.16 -9.86 -49.27
CA TYR D 407 31.22 -10.88 -49.70
C TYR D 407 31.07 -10.75 -51.22
N SER D 408 31.34 -11.84 -51.94
CA SER D 408 31.22 -11.84 -53.39
C SER D 408 30.30 -12.98 -53.81
N MET D 409 29.23 -12.64 -54.54
CA MET D 409 28.34 -13.65 -55.08
C MET D 409 28.91 -14.29 -56.35
N ARG D 410 29.64 -13.52 -57.16
CA ARG D 410 30.17 -14.06 -58.40
C ARG D 410 31.25 -15.10 -58.14
N THR D 411 32.13 -14.86 -57.18
CA THR D 411 33.11 -15.85 -56.78
C THR D 411 32.59 -16.78 -55.68
N GLN D 412 31.44 -16.45 -55.08
CA GLN D 412 30.84 -17.22 -53.99
C GLN D 412 31.83 -17.43 -52.85
N THR D 413 32.47 -16.34 -52.44
CA THR D 413 33.47 -16.38 -51.39
C THR D 413 33.26 -15.24 -50.41
N ILE D 414 33.56 -15.53 -49.14
CA ILE D 414 33.71 -14.52 -48.10
C ILE D 414 35.19 -14.48 -47.74
N SER D 415 35.78 -13.29 -47.77
CA SER D 415 37.22 -13.15 -47.57
C SER D 415 37.51 -12.05 -46.58
N TRP D 416 38.58 -12.26 -45.81
CA TRP D 416 39.07 -11.28 -44.83
C TRP D 416 40.53 -11.58 -44.58
N THR D 417 41.13 -10.85 -43.64
CA THR D 417 42.52 -11.01 -43.28
C THR D 417 42.62 -11.31 -41.79
N ALA D 418 42.98 -12.54 -41.47
CA ALA D 418 43.13 -12.99 -40.09
C ALA D 418 44.42 -13.78 -39.96
N HIS D 419 45.05 -13.68 -38.80
CA HIS D 419 46.32 -14.36 -38.52
C HIS D 419 47.40 -13.95 -39.53
N GLY D 420 47.40 -12.68 -39.90
CA GLY D 420 48.38 -12.16 -40.83
C GLY D 420 48.27 -12.65 -42.26
N ALA D 421 47.35 -13.56 -42.54
CA ALA D 421 47.19 -14.14 -43.87
C ALA D 421 45.80 -13.86 -44.40
N GLU D 422 45.71 -13.71 -45.72
CA GLU D 422 44.40 -13.53 -46.36
C GLU D 422 43.61 -14.83 -46.30
N GLN D 423 42.36 -14.74 -45.87
CA GLN D 423 41.50 -15.89 -45.69
C GLN D 423 40.34 -15.85 -46.67
N THR D 424 39.77 -17.03 -46.92
CA THR D 424 38.64 -17.15 -47.83
C THR D 424 37.87 -18.42 -47.50
N ILE D 425 36.56 -18.28 -47.33
CA ILE D 425 35.66 -19.41 -47.18
C ILE D 425 34.57 -19.28 -48.23
N LYS D 426 33.82 -20.36 -48.43
CA LYS D 426 32.77 -20.39 -49.43
C LYS D 426 31.48 -19.79 -48.87
N LEU D 427 30.92 -18.84 -49.62
CA LEU D 427 29.62 -18.23 -49.25
C LEU D 427 28.53 -19.23 -49.60
N LEU D 428 28.04 -19.94 -48.58
CA LEU D 428 27.05 -20.99 -48.79
C LEU D 428 25.64 -20.41 -48.75
N ALA D 429 24.80 -20.89 -49.65
CA ALA D 429 23.37 -20.64 -49.53
C ALA D 429 22.81 -21.41 -48.35
N GLY D 430 21.75 -20.87 -47.76
CA GLY D 430 21.19 -21.43 -46.55
C GLY D 430 21.90 -21.06 -45.26
N LYS D 431 23.02 -20.34 -45.34
CA LYS D 431 23.72 -19.86 -44.16
C LYS D 431 23.33 -18.42 -43.87
N HIS D 432 23.44 -18.04 -42.61
CA HIS D 432 23.15 -16.69 -42.13
C HIS D 432 24.46 -16.08 -41.65
N TYR D 433 25.07 -15.23 -42.47
CA TYR D 433 26.38 -14.67 -42.18
C TYR D 433 26.19 -13.34 -41.45
N LEU D 434 26.49 -13.34 -40.16
CA LEU D 434 26.26 -12.21 -39.28
C LEU D 434 27.57 -11.48 -39.00
N SER D 435 27.56 -10.16 -39.20
CA SER D 435 28.67 -9.31 -38.79
C SER D 435 28.67 -9.18 -37.27
N PRO D 436 29.76 -8.67 -36.69
CA PRO D 436 29.78 -8.47 -35.23
C PRO D 436 28.65 -7.62 -34.70
N ASP D 437 28.13 -6.67 -35.48
CA ASP D 437 27.00 -5.86 -35.08
C ASP D 437 25.66 -6.49 -35.45
N GLY D 438 25.66 -7.71 -35.97
CA GLY D 438 24.45 -8.45 -36.25
C GLY D 438 23.95 -8.35 -37.68
N TYR D 439 24.53 -7.48 -38.50
CA TYR D 439 24.11 -7.36 -39.89
C TYR D 439 24.27 -8.69 -40.61
N ARG D 440 23.25 -9.06 -41.39
CA ARG D 440 23.18 -10.38 -42.01
C ARG D 440 23.38 -10.30 -43.51
N ILE D 441 24.23 -11.18 -44.03
CA ILE D 441 24.38 -11.41 -45.47
C ILE D 441 23.94 -12.84 -45.74
N HIS D 442 23.08 -13.02 -46.74
CA HIS D 442 22.72 -14.35 -47.18
C HIS D 442 22.47 -14.34 -48.69
N ALA D 443 22.74 -15.48 -49.33
CA ALA D 443 22.56 -15.60 -50.77
C ALA D 443 21.11 -15.95 -51.09
N LYS D 444 20.63 -15.42 -52.21
CA LYS D 444 19.25 -15.63 -52.62
C LYS D 444 19.16 -15.47 -54.13
N HIS D 445 18.33 -16.28 -54.76
CA HIS D 445 18.01 -16.12 -56.16
C HIS D 445 16.66 -15.43 -56.30
N ARG D 446 16.47 -14.77 -57.44
CA ARG D 446 15.24 -14.04 -57.69
C ARG D 446 14.07 -15.01 -57.85
N GLU D 447 12.87 -14.48 -57.61
CA GLU D 447 11.67 -15.33 -57.67
C GLU D 447 11.45 -15.86 -59.08
N MET D 448 11.64 -15.01 -60.09
CA MET D 448 11.28 -15.37 -61.45
C MET D 448 12.40 -16.02 -62.24
N ASP D 449 13.64 -15.93 -61.78
CA ASP D 449 14.77 -16.57 -62.46
C ASP D 449 15.68 -17.18 -61.40
N ALA D 450 15.64 -18.50 -61.27
CA ALA D 450 16.46 -19.18 -60.28
C ALA D 450 17.95 -19.11 -60.60
N THR D 451 18.34 -18.61 -61.77
CA THR D 451 19.74 -18.51 -62.17
C THR D 451 20.32 -17.13 -61.91
N GLN D 452 19.54 -16.19 -61.38
CA GLN D 452 20.01 -14.84 -61.10
C GLN D 452 20.20 -14.71 -59.59
N TRP D 453 21.45 -14.72 -59.15
CA TRP D 453 21.77 -14.71 -57.73
C TRP D 453 22.31 -13.35 -57.32
N HIS D 454 22.16 -13.06 -56.03
CA HIS D 454 22.59 -11.78 -55.46
C HIS D 454 22.67 -11.92 -53.96
N LEU D 455 23.28 -10.92 -53.32
CA LEU D 455 23.41 -10.86 -51.88
C LEU D 455 22.29 -10.01 -51.30
N ILE D 456 21.69 -10.50 -50.22
CA ILE D 456 20.67 -9.78 -49.46
C ILE D 456 21.29 -9.36 -48.14
N GLY D 457 21.19 -8.08 -47.82
CA GLY D 457 21.67 -7.58 -46.54
C GLY D 457 20.52 -7.18 -45.64
N THR D 458 20.39 -7.84 -44.49
CA THR D 458 19.33 -7.53 -43.53
C THR D 458 19.93 -6.76 -42.37
N SER D 459 19.33 -5.62 -42.06
CA SER D 459 19.78 -4.82 -40.92
C SER D 459 19.37 -5.45 -39.61
N SER D 460 20.27 -5.42 -38.63
CA SER D 460 19.98 -5.94 -37.30
C SER D 460 19.31 -4.91 -36.39
N ARG D 461 19.11 -3.69 -36.87
CA ARG D 461 18.42 -2.65 -36.12
C ARG D 461 16.91 -2.81 -36.32
N ALA D 462 16.26 -3.49 -35.39
CA ALA D 462 14.82 -3.70 -35.49
C ALA D 462 14.05 -2.41 -35.29
N VAL D 463 12.99 -2.24 -36.08
CA VAL D 463 11.98 -1.23 -35.81
C VAL D 463 10.71 -1.98 -35.45
N THR D 464 10.49 -2.22 -34.17
CA THR D 464 9.35 -3.01 -33.73
C THR D 464 8.07 -2.21 -33.86
N CYS D 465 7.10 -2.77 -34.57
CA CYS D 465 5.86 -2.08 -34.89
C CYS D 465 4.70 -2.69 -34.13
N HIS D 466 3.79 -1.82 -33.68
CA HIS D 466 2.65 -2.19 -32.87
C HIS D 466 1.41 -1.59 -33.52
N LYS D 467 0.40 -2.42 -33.78
CA LYS D 467 -0.82 -2.00 -34.48
C LYS D 467 -2.01 -2.26 -33.57
N PRO D 468 -2.30 -1.35 -32.63
CA PRO D 468 -3.41 -1.58 -31.69
C PRO D 468 -4.72 -1.02 -32.19
N ALA D 469 -5.78 -1.24 -31.41
CA ALA D 469 -7.07 -0.57 -31.58
C ALA D 469 -7.49 -0.45 -33.04
N THR D 470 -7.25 -1.48 -33.83
CA THR D 470 -7.55 -1.47 -35.26
C THR D 470 -8.89 -2.16 -35.50
N VAL D 471 -9.82 -1.45 -36.14
CA VAL D 471 -11.15 -1.98 -36.40
C VAL D 471 -11.05 -3.10 -37.43
N SER D 472 -12.11 -3.89 -37.54
CA SER D 472 -12.15 -4.96 -38.54
C SER D 472 -12.09 -4.36 -39.93
N GLY D 473 -11.09 -4.77 -40.70
CA GLY D 473 -10.83 -4.21 -42.01
C GLY D 473 -9.72 -3.20 -42.05
N GLY D 474 -9.20 -2.80 -40.88
CA GLY D 474 -8.10 -1.86 -40.80
C GLY D 474 -6.73 -2.45 -41.02
N GLY D 475 -6.64 -3.77 -41.20
CA GLY D 475 -5.38 -4.42 -41.51
C GLY D 475 -4.54 -4.78 -40.30
N LYS D 476 -5.17 -5.37 -39.28
CA LYS D 476 -4.46 -5.68 -38.05
C LYS D 476 -3.36 -6.72 -38.29
N SER D 477 -3.73 -7.88 -38.84
CA SER D 477 -2.77 -8.95 -39.06
C SER D 477 -1.83 -8.68 -40.24
N GLU D 478 -2.06 -7.61 -41.00
CA GLU D 478 -1.23 -7.34 -42.17
C GLU D 478 0.18 -6.89 -41.77
N ILE D 479 0.32 -6.30 -40.58
CA ILE D 479 1.60 -5.70 -40.21
C ILE D 479 2.69 -6.75 -40.08
N SER D 480 2.33 -8.00 -39.78
CA SER D 480 3.31 -9.06 -39.62
C SER D 480 3.43 -9.95 -40.83
N LYS D 481 2.55 -9.83 -41.81
CA LYS D 481 2.66 -10.62 -43.03
C LYS D 481 3.78 -10.08 -43.90
N SER D 482 4.60 -10.98 -44.43
CA SER D 482 5.68 -10.56 -45.31
C SER D 482 5.10 -9.98 -46.60
N ILE D 483 5.80 -8.97 -47.13
CA ILE D 483 5.35 -8.31 -48.36
C ILE D 483 5.83 -9.03 -49.61
N SER D 484 6.53 -10.16 -49.45
CA SER D 484 7.06 -10.88 -50.61
C SER D 484 5.94 -11.30 -51.57
N ASP D 485 4.91 -11.97 -51.03
CA ASP D 485 3.84 -12.48 -51.88
C ASP D 485 3.03 -11.39 -52.56
N ALA D 486 3.23 -10.13 -52.20
CA ALA D 486 2.55 -9.02 -52.84
C ALA D 486 3.32 -8.46 -54.03
N PHE D 487 4.51 -8.98 -54.31
CA PHE D 487 5.32 -8.49 -55.41
C PHE D 487 4.67 -8.81 -56.75
N VAL D 488 4.75 -7.87 -57.68
CA VAL D 488 4.36 -8.06 -59.06
C VAL D 488 5.62 -7.90 -59.91
N PHE D 489 5.91 -8.92 -60.72
CA PHE D 489 7.15 -8.94 -61.49
C PHE D 489 6.89 -8.57 -62.94
N GLY D 490 7.75 -7.72 -63.48
CA GLY D 490 7.67 -7.31 -64.86
C GLY D 490 9.02 -7.29 -65.53
N ASN D 491 9.11 -6.65 -66.69
CA ASN D 491 10.38 -6.53 -67.41
C ASN D 491 10.63 -5.07 -67.74
N ALA D 492 11.88 -4.77 -68.08
CA ALA D 492 12.25 -3.43 -68.50
C ALA D 492 11.99 -3.27 -69.99
N PHE D 493 11.29 -2.20 -70.37
CA PHE D 493 10.93 -1.95 -71.75
C PHE D 493 11.50 -0.62 -72.22
N SER D 494 11.59 -0.49 -73.55
CA SER D 494 12.08 0.75 -74.15
C SER D 494 11.55 0.84 -75.57
N HIS D 495 11.00 2.00 -75.92
CA HIS D 495 10.58 2.23 -77.30
C HIS D 495 11.76 2.19 -78.26
N ASP D 496 12.97 2.45 -77.77
CA ASP D 496 14.20 2.40 -78.55
C ASP D 496 15.39 2.44 -77.59
N ILE D 497 16.04 1.29 -77.37
CA ILE D 497 17.04 1.22 -76.32
C ILE D 497 18.31 1.95 -76.73
N ASP D 498 18.67 1.91 -78.02
CA ASP D 498 19.86 2.62 -78.47
C ASP D 498 19.68 4.13 -78.33
N SER D 499 18.51 4.64 -78.69
CA SER D 499 18.22 6.06 -78.47
C SER D 499 18.13 6.37 -76.98
N ALA D 500 17.55 5.47 -76.19
CA ALA D 500 17.41 5.72 -74.76
C ALA D 500 18.76 5.74 -74.06
N MET D 501 19.66 4.84 -74.45
CA MET D 501 21.00 4.83 -73.84
C MET D 501 21.82 6.04 -74.25
N ASP D 502 21.53 6.62 -75.42
CA ASP D 502 22.21 7.85 -75.80
C ASP D 502 21.77 9.02 -74.92
N GLN D 503 20.50 9.01 -74.47
CA GLN D 503 20.06 10.02 -73.51
C GLN D 503 20.60 9.72 -72.12
N VAL D 504 20.67 8.43 -71.75
CA VAL D 504 21.25 8.04 -70.47
C VAL D 504 22.72 8.46 -70.41
N GLN D 505 23.44 8.32 -71.54
CA GLN D 505 24.83 8.75 -71.57
C GLN D 505 24.95 10.26 -71.43
N ALA D 506 24.06 11.01 -72.09
CA ALA D 506 24.06 12.46 -71.96
C ALA D 506 23.66 12.89 -70.56
N LEU D 507 22.84 12.09 -69.87
CA LEU D 507 22.46 12.41 -68.50
C LEU D 507 23.62 12.17 -67.55
N PHE D 508 24.43 11.15 -67.80
CA PHE D 508 25.58 10.87 -66.94
C PHE D 508 26.64 11.96 -67.03
N ASP D 509 26.70 12.67 -68.15
CA ASP D 509 27.78 13.61 -68.42
C ASP D 509 27.38 15.07 -68.13
N THR D 510 26.35 15.29 -67.34
CA THR D 510 25.97 16.65 -66.97
C THR D 510 26.78 17.10 -65.75
N ASP D 511 26.83 18.43 -65.57
CA ASP D 511 27.64 19.03 -64.51
C ASP D 511 26.86 19.02 -63.20
N PHE D 512 26.79 17.82 -62.62
CA PHE D 512 26.04 17.59 -61.38
C PHE D 512 26.63 18.27 -60.16
N THR D 513 27.87 18.75 -60.25
CA THR D 513 28.54 19.28 -59.06
C THR D 513 27.97 20.61 -58.60
N ASN D 514 27.31 21.36 -59.48
CA ASN D 514 26.73 22.66 -59.15
C ASN D 514 25.22 22.58 -58.99
N ARG D 515 24.72 21.52 -58.34
CA ARG D 515 23.29 21.30 -58.22
C ARG D 515 22.69 21.88 -56.94
N PHE D 516 23.50 22.09 -55.90
CA PHE D 516 22.98 22.51 -54.61
C PHE D 516 22.64 24.00 -54.61
N ALA D 517 21.54 24.34 -53.93
CA ALA D 517 21.15 25.74 -53.80
C ALA D 517 22.15 26.50 -52.92
N ASP D 518 22.48 25.94 -51.76
CA ASP D 518 23.57 26.46 -50.95
C ASP D 518 24.85 26.43 -51.75
N ALA D 519 25.37 27.61 -52.12
CA ALA D 519 26.52 27.68 -53.01
C ALA D 519 27.76 27.03 -52.40
N SER D 520 27.84 26.98 -51.07
CA SER D 520 29.04 26.42 -50.42
C SER D 520 29.19 24.93 -50.71
N ARG D 521 28.08 24.23 -50.95
CA ARG D 521 28.10 22.79 -51.16
C ARG D 521 28.38 22.41 -52.62
N ASN D 522 28.47 23.38 -53.52
CA ASN D 522 28.78 23.12 -54.92
C ASN D 522 30.29 23.07 -55.14
N GLY D 523 30.70 22.23 -56.09
CA GLY D 523 32.10 22.10 -56.44
C GLY D 523 32.87 21.08 -55.63
N THR D 524 32.26 20.47 -54.61
CA THR D 524 32.94 19.48 -53.79
C THR D 524 32.68 18.06 -54.28
N ASP D 525 31.43 17.74 -54.61
CA ASP D 525 31.08 16.41 -55.10
C ASP D 525 31.46 16.32 -56.58
N HIS D 526 32.40 15.42 -56.90
CA HIS D 526 32.83 15.23 -58.28
C HIS D 526 32.78 13.75 -58.68
N ARG D 527 32.04 12.94 -57.95
CA ARG D 527 31.94 11.53 -58.29
C ARG D 527 31.08 11.35 -59.53
N PRO D 528 31.52 10.59 -60.53
CA PRO D 528 30.65 10.27 -61.67
C PRO D 528 29.47 9.44 -61.21
N VAL D 529 28.48 9.35 -62.10
CA VAL D 529 27.25 8.63 -61.75
C VAL D 529 27.53 7.14 -61.55
N LEU D 530 28.45 6.57 -62.32
CA LEU D 530 28.77 5.15 -62.24
C LEU D 530 29.96 4.85 -61.34
N SER D 531 30.32 5.78 -60.46
CA SER D 531 31.47 5.57 -59.58
C SER D 531 31.15 4.54 -58.51
N ILE D 532 32.12 3.68 -58.22
CA ILE D 532 31.98 2.72 -57.12
C ILE D 532 31.81 3.44 -55.80
N ASP D 533 32.29 4.67 -55.69
CA ASP D 533 32.13 5.49 -54.49
C ASP D 533 30.77 6.18 -54.48
N ARG D 534 29.74 5.51 -55.02
CA ARG D 534 28.41 6.10 -55.08
C ARG D 534 27.40 4.97 -55.16
N SER D 535 26.41 5.00 -54.27
CA SER D 535 25.40 3.96 -54.23
C SER D 535 24.22 4.31 -55.13
N LEU D 536 23.32 3.34 -55.30
CA LEU D 536 22.13 3.57 -56.11
C LEU D 536 21.24 4.64 -55.50
N GLY D 537 21.03 4.57 -54.18
CA GLY D 537 20.24 5.59 -53.51
C GLY D 537 20.82 6.99 -53.66
N SER D 538 22.15 7.09 -53.72
CA SER D 538 22.78 8.38 -53.99
C SER D 538 22.39 8.93 -55.35
N VAL D 539 22.34 8.05 -56.37
CA VAL D 539 21.93 8.48 -57.69
C VAL D 539 20.43 8.79 -57.72
N ILE D 540 19.64 8.12 -56.90
CA ILE D 540 18.22 8.45 -56.81
C ILE D 540 18.03 9.84 -56.20
N LYS D 541 18.81 10.16 -55.16
CA LYS D 541 18.80 11.52 -54.63
C LYS D 541 19.32 12.52 -55.66
N LEU D 542 20.16 12.05 -56.58
CA LEU D 542 20.71 12.95 -57.59
C LEU D 542 19.67 13.34 -58.64
N LEU D 543 18.81 12.40 -59.02
CA LEU D 543 17.83 12.61 -60.08
C LEU D 543 16.46 13.04 -59.57
N THR D 544 16.20 12.93 -58.27
CA THR D 544 14.91 13.36 -57.76
C THR D 544 14.98 14.84 -57.36
N PRO D 545 14.06 15.68 -57.83
CA PRO D 545 14.11 17.10 -57.45
C PRO D 545 13.98 17.27 -55.94
N SER D 546 14.73 18.24 -55.42
CA SER D 546 14.76 18.48 -53.98
C SER D 546 14.82 19.98 -53.72
N ILE D 547 14.36 20.36 -52.52
CA ILE D 547 14.38 21.76 -52.11
C ILE D 547 15.82 22.22 -51.91
N GLN D 548 16.73 21.29 -51.62
CA GLN D 548 18.14 21.62 -51.45
C GLN D 548 18.81 22.00 -52.78
N TYR D 549 18.16 21.71 -53.91
CA TYR D 549 18.76 21.95 -55.21
C TYR D 549 18.40 23.34 -55.73
N ASN D 550 18.92 23.67 -56.92
CA ASN D 550 18.67 24.96 -57.54
C ASN D 550 17.31 24.99 -58.21
N ASP D 551 16.87 26.20 -58.56
CA ASP D 551 15.73 26.34 -59.45
C ASP D 551 16.09 25.91 -60.87
N GLU D 552 17.36 26.09 -61.25
CA GLU D 552 17.82 25.65 -62.57
C GLU D 552 18.02 24.15 -62.62
N TYR D 553 18.53 23.55 -61.54
CA TYR D 553 18.78 22.11 -61.54
C TYR D 553 17.50 21.31 -61.33
N ASN D 554 16.52 21.86 -60.60
CA ASN D 554 15.25 21.16 -60.45
C ASN D 554 14.45 21.20 -61.74
N ALA D 555 14.50 22.32 -62.47
CA ALA D 555 13.86 22.38 -63.77
C ALA D 555 14.50 21.39 -64.75
N PHE D 556 15.78 21.07 -64.54
CA PHE D 556 16.46 20.09 -65.38
C PHE D 556 15.96 18.68 -65.09
N LEU D 557 15.78 18.34 -63.81
CA LEU D 557 15.30 17.02 -63.44
C LEU D 557 13.85 16.80 -63.87
N GLU D 558 13.02 17.84 -63.82
CA GLU D 558 11.64 17.72 -64.25
C GLU D 558 11.53 17.48 -65.76
N GLY D 559 12.56 17.82 -66.52
CA GLY D 559 12.56 17.63 -67.95
C GLY D 559 13.25 16.37 -68.40
N ILE D 560 13.33 15.38 -67.53
CA ILE D 560 13.89 14.07 -67.83
C ILE D 560 12.75 13.09 -67.98
N GLU D 561 12.65 12.46 -69.14
CA GLU D 561 11.58 11.49 -69.38
C GLU D 561 11.74 10.31 -68.42
N PRO D 562 10.63 9.76 -67.91
CA PRO D 562 10.76 8.61 -66.98
C PRO D 562 11.46 7.41 -67.58
N ASP D 563 11.37 7.20 -68.90
CA ASP D 563 12.05 6.08 -69.53
C ASP D 563 13.56 6.20 -69.37
N VAL D 564 14.10 7.39 -69.63
CA VAL D 564 15.53 7.61 -69.45
C VAL D 564 15.90 7.55 -67.98
N LYS D 565 15.05 8.12 -67.12
CA LYS D 565 15.35 8.18 -65.69
C LYS D 565 15.46 6.79 -65.09
N GLU D 566 14.57 5.88 -65.47
CA GLU D 566 14.61 4.54 -64.92
C GLU D 566 15.70 3.69 -65.57
N LEU D 567 15.90 3.85 -66.88
CA LEU D 567 16.98 3.12 -67.54
C LEU D 567 18.33 3.49 -66.94
N ALA D 568 18.50 4.76 -66.58
CA ALA D 568 19.73 5.19 -65.92
C ALA D 568 19.93 4.47 -64.60
N PHE D 569 18.86 4.29 -63.84
CA PHE D 569 18.96 3.51 -62.60
C PHE D 569 19.29 2.05 -62.89
N THR D 570 18.69 1.49 -63.95
CA THR D 570 18.99 0.10 -64.31
C THR D 570 20.45 -0.06 -64.70
N VAL D 571 21.00 0.92 -65.42
CA VAL D 571 22.42 0.88 -65.78
C VAL D 571 23.28 0.95 -64.51
N LYS D 572 22.97 1.91 -63.63
CA LYS D 572 23.71 2.02 -62.37
C LYS D 572 23.58 0.75 -61.53
N ARG D 573 22.39 0.13 -61.54
CA ARG D 573 22.16 -1.04 -60.70
C ARG D 573 23.05 -2.21 -61.11
N TYR D 574 23.07 -2.55 -62.39
CA TYR D 574 23.82 -3.70 -62.87
C TYR D 574 25.20 -3.32 -63.42
N TYR D 575 25.67 -2.10 -63.16
CA TYR D 575 26.97 -1.67 -63.66
C TYR D 575 28.08 -2.46 -62.97
N LEU D 576 28.86 -3.20 -63.76
CA LEU D 576 30.04 -3.86 -63.25
C LEU D 576 31.27 -3.07 -63.69
N PRO D 577 32.12 -2.62 -62.76
CA PRO D 577 33.27 -1.78 -63.16
C PRO D 577 34.24 -2.49 -64.08
N GLU D 578 34.16 -3.82 -64.22
CA GLU D 578 34.98 -4.52 -65.19
C GLU D 578 34.65 -4.11 -66.62
N TRP D 579 33.42 -3.64 -66.86
CA TRP D 579 33.06 -3.13 -68.17
C TRP D 579 33.86 -1.89 -68.53
N GLY D 580 34.29 -1.12 -67.51
CA GLY D 580 35.02 0.11 -67.75
C GLY D 580 34.08 1.22 -68.19
N GLU D 581 34.09 1.53 -69.48
CA GLU D 581 33.18 2.52 -70.05
C GLU D 581 32.30 1.93 -71.15
N ASP D 582 32.33 0.62 -71.34
CA ASP D 582 31.49 -0.04 -72.33
C ASP D 582 30.32 -0.74 -71.62
N TRP D 583 29.41 0.08 -71.11
CA TRP D 583 28.21 -0.42 -70.47
C TRP D 583 27.05 -0.62 -71.42
N ARG D 584 27.10 -0.01 -72.61
CA ARG D 584 26.01 -0.14 -73.56
C ARG D 584 25.92 -1.55 -74.13
N SER D 585 27.06 -2.17 -74.41
CA SER D 585 27.07 -3.45 -75.11
C SER D 585 26.39 -4.56 -74.33
N HIS D 586 26.16 -4.38 -73.02
CA HIS D 586 25.58 -5.42 -72.20
C HIS D 586 24.06 -5.31 -72.08
N PHE D 587 23.47 -4.21 -72.54
CA PHE D 587 22.02 -4.05 -72.58
C PHE D 587 21.56 -4.09 -74.03
N THR D 588 20.66 -5.02 -74.34
CA THR D 588 20.21 -5.22 -75.71
C THR D 588 18.70 -5.48 -75.73
N VAL D 589 18.14 -5.45 -76.93
CA VAL D 589 16.78 -5.89 -77.19
C VAL D 589 16.81 -6.83 -78.38
N GLY D 590 15.87 -7.77 -78.39
CA GLY D 590 15.84 -8.78 -79.44
C GLY D 590 15.33 -8.26 -80.77
N ILE D 591 15.39 -9.12 -81.77
CA ILE D 591 14.83 -8.86 -83.10
C ILE D 591 13.62 -9.77 -83.28
N MET D 592 12.47 -9.18 -83.60
CA MET D 592 11.23 -9.94 -83.73
C MET D 592 10.50 -9.49 -84.98
N ASN D 593 10.29 -10.43 -85.91
CA ASN D 593 9.63 -10.15 -87.19
C ASN D 593 10.37 -9.06 -87.95
N GLY D 594 11.70 -9.10 -87.89
CA GLY D 594 12.53 -8.14 -88.60
C GLY D 594 12.65 -6.78 -87.96
N ARG D 595 11.84 -6.47 -86.96
CA ARG D 595 11.91 -5.21 -86.25
C ARG D 595 12.62 -5.40 -84.91
N HIS D 596 13.03 -4.27 -84.33
CA HIS D 596 13.74 -4.31 -83.06
C HIS D 596 12.75 -4.51 -81.91
N GLY D 597 13.09 -5.41 -81.00
CA GLY D 597 12.27 -5.64 -79.82
C GLY D 597 12.35 -4.48 -78.85
N ASN D 598 11.62 -4.64 -77.74
CA ASN D 598 11.54 -3.59 -76.74
C ASN D 598 11.82 -4.05 -75.33
N MET D 599 11.87 -5.35 -75.07
CA MET D 599 12.21 -5.86 -73.75
C MET D 599 13.73 -5.87 -73.59
N VAL D 600 14.23 -5.08 -72.65
CA VAL D 600 15.66 -4.91 -72.46
C VAL D 600 16.25 -6.14 -71.79
N ARG D 601 17.41 -6.58 -72.29
CA ARG D 601 18.09 -7.75 -71.77
C ARG D 601 19.46 -7.35 -71.27
N LEU D 602 19.87 -7.94 -70.13
CA LEU D 602 21.20 -7.72 -69.56
C LEU D 602 22.04 -8.95 -69.85
N ASP D 603 22.92 -8.84 -70.86
CA ASP D 603 23.77 -9.94 -71.29
C ASP D 603 22.94 -11.17 -71.66
N GLY D 604 21.85 -10.94 -72.39
CA GLY D 604 20.99 -12.02 -72.84
C GLY D 604 19.76 -12.23 -71.98
N LYS D 605 19.93 -12.20 -70.66
CA LYS D 605 18.82 -12.43 -69.74
C LYS D 605 17.90 -11.22 -69.67
N LYS D 606 16.60 -11.49 -69.65
CA LYS D 606 15.61 -10.42 -69.52
C LYS D 606 15.74 -9.77 -68.15
N ILE D 607 15.73 -8.44 -68.13
CA ILE D 607 15.81 -7.71 -66.87
C ILE D 607 14.46 -7.79 -66.17
N ILE D 608 14.48 -8.26 -64.92
CA ILE D 608 13.27 -8.42 -64.12
C ILE D 608 13.10 -7.21 -63.22
N THR D 609 11.88 -6.69 -63.14
CA THR D 609 11.57 -5.55 -62.30
C THR D 609 10.59 -5.97 -61.20
N ASN D 610 10.75 -5.36 -60.03
CA ASN D 610 9.88 -5.61 -58.89
C ASN D 610 8.93 -4.44 -58.70
N MET D 611 7.68 -4.75 -58.39
CA MET D 611 6.65 -3.73 -58.25
C MET D 611 5.68 -4.11 -57.14
N LEU D 612 5.02 -3.10 -56.59
CA LEU D 612 3.93 -3.27 -55.64
C LEU D 612 2.70 -2.53 -56.14
N ARG D 613 1.54 -3.05 -55.82
CA ARG D 613 0.29 -2.37 -56.12
C ARG D 613 -0.06 -1.44 -54.97
N VAL D 614 -0.31 -0.17 -55.29
CA VAL D 614 -0.78 0.79 -54.30
C VAL D 614 -2.15 1.29 -54.75
N GLY D 615 -3.19 0.50 -54.46
CA GLY D 615 -4.54 0.90 -54.77
C GLY D 615 -4.94 0.66 -56.21
N PHE D 616 -6.17 1.05 -56.51
CA PHE D 616 -6.78 0.84 -57.82
C PHE D 616 -7.22 2.17 -58.41
N ARG D 617 -7.29 2.21 -59.74
CA ARG D 617 -7.96 3.30 -60.41
C ARG D 617 -9.47 3.10 -60.35
N GLU D 618 -10.21 4.13 -60.74
CA GLU D 618 -11.66 4.09 -60.61
C GLU D 618 -12.28 2.95 -61.42
N ASP D 619 -11.60 2.52 -62.48
CA ASP D 619 -12.11 1.42 -63.31
C ASP D 619 -11.74 0.04 -62.79
N GLY D 620 -10.75 -0.04 -61.89
CA GLY D 620 -10.32 -1.32 -61.33
C GLY D 620 -8.95 -1.77 -61.75
N SER D 621 -8.22 -0.98 -62.53
CA SER D 621 -6.87 -1.35 -62.94
C SER D 621 -5.88 -1.10 -61.80
N TRP D 622 -4.92 -2.00 -61.65
CA TRP D 622 -3.95 -1.91 -60.57
C TRP D 622 -3.03 -0.72 -60.77
N ARG D 623 -2.86 0.08 -59.72
CA ARG D 623 -1.87 1.16 -59.70
C ARG D 623 -0.55 0.55 -59.23
N LEU D 624 0.29 0.16 -60.18
CA LEU D 624 1.55 -0.50 -59.86
C LEU D 624 2.70 0.50 -59.93
N PHE D 625 3.71 0.28 -59.08
CA PHE D 625 4.83 1.19 -58.98
C PHE D 625 6.12 0.39 -58.77
N THR D 626 7.17 0.79 -59.48
CA THR D 626 8.43 0.05 -59.46
C THR D 626 9.15 0.23 -58.14
N LEU D 627 9.62 -0.87 -57.57
CA LEU D 627 10.45 -0.82 -56.38
C LEU D 627 11.89 -0.50 -56.75
N ARG D 628 12.60 0.12 -55.81
CA ARG D 628 14.01 0.41 -56.03
C ARG D 628 14.79 -0.88 -56.24
N PRO D 629 15.74 -0.89 -57.19
CA PRO D 629 16.52 -2.12 -57.41
C PRO D 629 17.25 -2.62 -56.17
N ASP D 630 17.63 -1.74 -55.24
CA ASP D 630 18.33 -2.15 -54.03
C ASP D 630 17.38 -2.46 -52.89
N TYR D 631 16.07 -2.48 -53.14
CA TYR D 631 15.10 -2.76 -52.10
C TYR D 631 14.82 -4.26 -52.03
N SER D 632 14.63 -4.76 -50.81
CA SER D 632 14.33 -6.14 -50.52
C SER D 632 13.29 -6.18 -49.41
N PRO D 633 12.39 -7.17 -49.43
CA PRO D 633 11.36 -7.23 -48.39
C PRO D 633 11.97 -7.31 -47.00
N ALA D 634 11.40 -6.55 -46.08
CA ALA D 634 11.88 -6.55 -44.71
C ALA D 634 11.56 -7.87 -44.03
N VAL D 635 12.45 -8.29 -43.13
CA VAL D 635 12.22 -9.51 -42.35
C VAL D 635 11.30 -9.15 -41.18
N LYS D 636 10.16 -9.84 -41.09
CA LYS D 636 9.17 -9.58 -40.06
C LYS D 636 9.13 -10.75 -39.10
N VAL D 637 9.36 -10.47 -37.82
CA VAL D 637 9.22 -11.44 -36.74
C VAL D 637 7.93 -11.12 -36.02
N GLN D 638 6.90 -11.92 -36.23
CA GLN D 638 5.59 -11.64 -35.67
C GLN D 638 5.62 -11.72 -34.16
N THR D 639 5.10 -10.69 -33.49
CA THR D 639 5.05 -10.65 -32.04
C THR D 639 3.64 -10.68 -31.48
N GLU D 640 2.64 -10.28 -32.26
CA GLU D 640 1.27 -10.20 -31.78
C GLU D 640 0.32 -10.31 -32.97
N ASP D 641 -0.92 -10.71 -32.69
CA ASP D 641 -1.89 -10.87 -33.76
C ASP D 641 -3.30 -10.45 -33.35
N ASP D 642 -3.80 -10.96 -32.23
CA ASP D 642 -5.18 -10.69 -31.85
C ASP D 642 -5.34 -10.47 -30.35
N ILE D 643 -4.76 -11.36 -29.54
CA ILE D 643 -4.82 -11.27 -28.08
C ILE D 643 -3.42 -10.94 -27.58
N THR D 644 -3.21 -9.71 -27.13
CA THR D 644 -1.89 -9.21 -26.77
C THR D 644 -1.87 -8.82 -25.30
N ALA D 645 -0.85 -9.29 -24.58
CA ALA D 645 -0.57 -8.87 -23.22
C ALA D 645 0.65 -7.95 -23.24
N SER D 646 0.51 -6.75 -22.67
CA SER D 646 1.57 -5.78 -22.74
C SER D 646 1.75 -5.10 -21.38
N THR D 647 2.91 -4.50 -21.20
CA THR D 647 3.20 -3.71 -20.02
C THR D 647 4.13 -2.58 -20.41
N VAL D 648 4.08 -1.49 -19.65
CA VAL D 648 4.99 -0.37 -19.80
C VAL D 648 5.86 -0.32 -18.55
N THR D 649 7.18 -0.32 -18.74
CA THR D 649 8.14 -0.27 -17.66
C THR D 649 9.33 0.55 -18.12
N PRO D 650 10.16 1.01 -17.19
CA PRO D 650 11.48 1.51 -17.58
C PRO D 650 12.23 0.43 -18.33
N PRO D 651 13.05 0.82 -19.31
CA PRO D 651 13.72 -0.18 -20.16
C PRO D 651 14.48 -1.19 -19.32
N TRP D 652 14.41 -2.46 -19.73
CA TRP D 652 15.06 -3.50 -18.95
C TRP D 652 16.58 -3.36 -18.94
N GLU D 653 17.15 -2.60 -19.87
CA GLU D 653 18.59 -2.39 -19.93
C GLU D 653 19.02 -1.05 -19.33
N ASP D 654 18.08 -0.23 -18.87
CA ASP D 654 18.42 1.08 -18.32
C ASP D 654 17.26 1.54 -17.44
N ALA D 655 17.42 1.40 -16.13
CA ALA D 655 16.37 1.75 -15.18
C ALA D 655 16.05 3.23 -15.16
N GLU D 656 16.86 4.06 -15.83
CA GLU D 656 16.64 5.50 -15.86
C GLU D 656 16.18 6.02 -17.21
N GLY D 657 15.95 5.13 -18.18
CA GLY D 657 15.64 5.53 -19.53
C GLY D 657 14.16 5.76 -19.77
N LEU D 658 13.87 6.20 -21.00
CA LEU D 658 12.50 6.47 -21.40
C LEU D 658 11.68 5.18 -21.37
N PRO D 659 10.55 5.15 -20.65
CA PRO D 659 9.78 3.90 -20.56
C PRO D 659 9.33 3.39 -21.92
N ARG D 660 9.24 2.07 -22.03
CA ARG D 660 8.89 1.41 -23.28
C ARG D 660 7.76 0.42 -23.04
N LYS D 661 7.09 0.02 -24.11
CA LYS D 661 6.05 -1.00 -24.06
C LYS D 661 6.61 -2.32 -24.59
N TYR D 662 6.34 -3.41 -23.86
CA TYR D 662 6.74 -4.75 -24.24
C TYR D 662 5.49 -5.61 -24.38
N VAL D 663 5.46 -6.46 -25.41
CA VAL D 663 4.29 -7.28 -25.70
C VAL D 663 4.68 -8.73 -25.83
N THR D 664 3.70 -9.62 -25.63
CA THR D 664 3.77 -11.02 -26.01
C THR D 664 2.40 -11.45 -26.52
N ASN D 665 2.41 -12.40 -27.44
CA ASN D 665 1.18 -12.97 -27.97
C ASN D 665 0.64 -14.00 -26.98
N CYS D 666 -0.64 -13.87 -26.62
CA CYS D 666 -1.26 -14.82 -25.70
C CYS D 666 -1.67 -16.11 -26.39
N GLU D 667 -1.67 -16.14 -27.71
CA GLU D 667 -2.10 -17.29 -28.49
C GLU D 667 -0.90 -17.97 -29.12
N HIS D 668 -0.94 -19.30 -29.16
CA HIS D 668 0.10 -20.09 -29.82
C HIS D 668 -0.35 -20.65 -31.15
N LEU D 669 -1.64 -20.55 -31.46
CA LEU D 669 -2.17 -20.75 -32.81
C LEU D 669 -3.05 -19.55 -33.13
N LEU D 670 -3.11 -19.19 -34.41
CA LEU D 670 -3.84 -18.02 -34.85
C LEU D 670 -5.06 -18.45 -35.65
N PHE D 671 -6.21 -17.87 -35.32
CA PHE D 671 -7.50 -18.26 -35.88
C PHE D 671 -7.75 -17.41 -37.13
N GLN D 672 -7.17 -17.86 -38.25
CA GLN D 672 -7.18 -17.09 -39.48
C GLN D 672 -8.48 -17.30 -40.25
N ARG D 673 -8.91 -16.23 -40.94
CA ARG D 673 -10.06 -16.27 -41.84
C ARG D 673 -9.58 -15.95 -43.24
N PRO D 674 -9.15 -16.96 -44.02
CA PRO D 674 -8.72 -16.70 -45.38
C PRO D 674 -9.88 -16.35 -46.30
N ASP D 675 -10.28 -15.07 -46.28
CA ASP D 675 -11.41 -14.62 -47.09
C ASP D 675 -11.15 -14.87 -48.57
N ASP D 676 -9.92 -14.68 -49.01
CA ASP D 676 -9.57 -14.74 -50.42
C ASP D 676 -9.10 -16.12 -50.87
N ALA D 677 -9.01 -17.08 -49.96
CA ALA D 677 -8.69 -18.45 -50.36
C ALA D 677 -9.73 -18.99 -51.33
N ILE D 678 -10.93 -18.41 -51.34
CA ILE D 678 -11.96 -18.74 -52.33
C ILE D 678 -11.49 -18.44 -53.74
N HIS D 679 -10.47 -17.59 -53.89
CA HIS D 679 -9.87 -17.29 -55.19
C HIS D 679 -8.58 -18.10 -55.30
N ARG D 680 -8.58 -19.10 -56.17
CA ARG D 680 -7.49 -20.06 -56.24
C ARG D 680 -6.17 -19.38 -56.59
N GLY D 681 -5.11 -19.75 -55.87
CA GLY D 681 -3.79 -19.25 -56.12
C GLY D 681 -3.49 -17.87 -55.55
N TYR D 682 -4.50 -17.17 -55.04
CA TYR D 682 -4.28 -15.79 -54.60
C TYR D 682 -3.69 -15.74 -53.20
N ASP D 683 -4.22 -16.54 -52.27
CA ASP D 683 -3.77 -16.54 -50.87
C ASP D 683 -2.79 -17.69 -50.68
N LYS D 684 -1.53 -17.44 -51.06
CA LYS D 684 -0.52 -18.49 -51.07
C LYS D 684 -0.30 -19.07 -49.68
N GLN D 685 -0.31 -18.23 -48.65
CA GLN D 685 -0.05 -18.72 -47.30
C GLN D 685 -1.16 -19.65 -46.82
N ALA D 686 -2.42 -19.23 -47.01
CA ALA D 686 -3.53 -20.08 -46.61
C ALA D 686 -3.52 -21.39 -47.38
N GLU D 687 -3.30 -21.34 -48.69
CA GLU D 687 -3.26 -22.56 -49.48
C GLU D 687 -2.15 -23.48 -49.02
N PHE D 688 -1.01 -22.93 -48.60
CA PHE D 688 0.06 -23.75 -48.06
C PHE D 688 -0.30 -24.30 -46.69
N ASP D 689 -0.82 -23.45 -45.81
CA ASP D 689 -1.17 -23.90 -44.46
C ASP D 689 -2.22 -25.01 -44.49
N LEU D 690 -3.24 -24.85 -45.34
CA LEU D 690 -4.36 -25.79 -45.36
C LEU D 690 -4.01 -27.11 -46.04
N ALA D 691 -3.08 -27.10 -47.00
CA ALA D 691 -2.76 -28.30 -47.75
C ALA D 691 -1.54 -29.05 -47.22
N SER D 692 -0.68 -28.40 -46.45
CA SER D 692 0.58 -29.00 -46.03
C SER D 692 0.51 -29.72 -44.69
N GLY D 693 -0.50 -29.42 -43.87
CA GLY D 693 -0.57 -30.01 -42.55
C GLY D 693 -1.33 -31.33 -42.52
N THR D 694 -1.22 -32.03 -41.40
CA THR D 694 -2.03 -33.19 -41.11
C THR D 694 -2.80 -33.07 -39.80
N ASP D 695 -2.54 -32.02 -39.01
CA ASP D 695 -3.21 -31.81 -37.73
C ASP D 695 -3.95 -30.49 -37.68
N THR D 696 -4.08 -29.80 -38.81
CA THR D 696 -4.67 -28.47 -38.83
C THR D 696 -6.12 -28.50 -38.37
N PHE D 697 -6.44 -27.68 -37.37
CA PHE D 697 -7.82 -27.47 -36.96
C PHE D 697 -8.50 -26.58 -37.99
N ILE D 698 -9.57 -27.07 -38.61
CA ILE D 698 -10.25 -26.37 -39.69
C ILE D 698 -11.74 -26.25 -39.36
N SER D 699 -12.31 -25.08 -39.64
CA SER D 699 -13.71 -24.83 -39.35
C SER D 699 -14.36 -24.07 -40.50
N ASN D 700 -15.63 -24.41 -40.77
CA ASN D 700 -16.46 -23.75 -41.78
C ASN D 700 -15.91 -23.97 -43.20
N PHE D 701 -15.34 -25.14 -43.43
CA PHE D 701 -15.01 -25.60 -44.78
C PHE D 701 -15.91 -26.76 -45.15
N GLU D 702 -16.00 -27.03 -46.44
CA GLU D 702 -16.87 -28.09 -46.94
C GLU D 702 -16.15 -29.43 -46.89
N PRO D 703 -16.65 -30.43 -46.16
CA PRO D 703 -16.01 -31.75 -46.17
C PRO D 703 -16.11 -32.38 -47.55
N LEU D 704 -14.98 -32.87 -48.05
CA LEU D 704 -14.89 -33.40 -49.40
C LEU D 704 -14.49 -34.88 -49.35
N THR D 705 -14.96 -35.63 -50.34
CA THR D 705 -14.71 -37.06 -50.43
C THR D 705 -13.55 -37.34 -51.38
N HIS D 706 -13.11 -38.60 -51.36
CA HIS D 706 -12.07 -39.03 -52.31
C HIS D 706 -12.53 -38.83 -53.75
N GLU D 707 -13.78 -39.20 -54.05
CA GLU D 707 -14.29 -39.03 -55.42
C GLU D 707 -14.18 -37.58 -55.87
N GLN D 708 -14.48 -36.63 -54.98
CA GLN D 708 -14.39 -35.23 -55.35
C GLN D 708 -12.94 -34.81 -55.59
N ALA D 709 -11.99 -35.49 -54.96
CA ALA D 709 -10.59 -35.21 -55.24
C ALA D 709 -10.20 -35.68 -56.63
N ARG D 710 -10.77 -36.79 -57.10
CA ARG D 710 -10.48 -37.26 -58.45
C ARG D 710 -11.20 -36.42 -59.50
N ASP D 711 -12.42 -35.97 -59.20
CA ASP D 711 -13.10 -35.04 -60.10
C ASP D 711 -12.32 -33.75 -60.25
N LEU D 712 -11.81 -33.21 -59.13
CA LEU D 712 -11.08 -31.95 -59.18
C LEU D 712 -9.73 -32.11 -59.87
N LEU D 713 -9.07 -33.25 -59.68
CA LEU D 713 -7.79 -33.50 -60.35
C LEU D 713 -7.94 -33.45 -61.86
N THR D 714 -9.09 -33.86 -62.39
CA THR D 714 -9.34 -33.87 -63.82
C THR D 714 -10.01 -32.57 -64.31
N ASP D 715 -10.35 -31.66 -63.40
CA ASP D 715 -10.82 -30.32 -63.76
C ASP D 715 -9.59 -29.46 -64.02
N VAL D 716 -9.15 -29.43 -65.27
CA VAL D 716 -7.82 -28.89 -65.58
C VAL D 716 -7.74 -27.41 -65.26
N GLN D 717 -8.82 -26.66 -65.53
CA GLN D 717 -8.77 -25.22 -65.33
C GLN D 717 -8.65 -24.88 -63.85
N ALA D 718 -9.55 -25.40 -63.02
CA ALA D 718 -9.51 -25.09 -61.59
C ALA D 718 -8.28 -25.67 -60.92
N TYR D 719 -7.88 -26.89 -61.31
CA TYR D 719 -6.76 -27.55 -60.66
C TYR D 719 -5.45 -26.79 -60.86
N SER D 720 -5.21 -26.30 -62.08
CA SER D 720 -3.94 -25.63 -62.37
C SER D 720 -3.86 -24.25 -61.72
N GLU D 721 -4.98 -23.66 -61.34
CA GLU D 721 -4.96 -22.35 -60.70
C GLU D 721 -4.49 -22.42 -59.25
N PHE D 722 -4.59 -23.58 -58.60
CA PHE D 722 -4.10 -23.72 -57.23
C PHE D 722 -2.58 -23.56 -57.19
N THR D 723 -2.08 -23.14 -56.03
CA THR D 723 -0.64 -23.20 -55.81
C THR D 723 -0.21 -24.66 -55.65
N LYS D 724 1.11 -24.87 -55.76
CA LYS D 724 1.62 -26.24 -55.76
C LYS D 724 1.28 -27.04 -54.52
N PRO D 725 1.27 -26.48 -53.30
CA PRO D 725 0.85 -27.31 -52.15
C PRO D 725 -0.54 -27.91 -52.30
N VAL D 726 -1.50 -27.14 -52.83
CA VAL D 726 -2.87 -27.66 -52.96
C VAL D 726 -2.94 -28.69 -54.07
N ARG D 727 -2.22 -28.46 -55.17
CA ARG D 727 -2.21 -29.43 -56.26
C ARG D 727 -1.64 -30.75 -55.79
N LYS D 728 -0.58 -30.71 -54.98
CA LYS D 728 -0.01 -31.95 -54.44
C LYS D 728 -0.97 -32.64 -53.49
N LEU D 729 -1.79 -31.88 -52.75
CA LEU D 729 -2.77 -32.50 -51.88
C LEU D 729 -3.87 -33.19 -52.69
N ILE D 730 -4.35 -32.53 -53.75
CA ILE D 730 -5.39 -33.12 -54.58
C ILE D 730 -4.90 -34.41 -55.21
N GLU D 731 -3.63 -34.46 -55.63
CA GLU D 731 -3.07 -35.68 -56.19
C GLU D 731 -3.04 -36.79 -55.15
N ARG D 732 -2.53 -36.50 -53.94
CA ARG D 732 -2.41 -37.52 -52.91
C ARG D 732 -3.77 -38.08 -52.51
N VAL D 733 -4.77 -37.21 -52.33
CA VAL D 733 -6.09 -37.70 -51.96
C VAL D 733 -6.73 -38.49 -53.10
N ALA D 734 -6.51 -38.05 -54.34
CA ALA D 734 -7.12 -38.72 -55.49
C ALA D 734 -6.57 -40.12 -55.70
N ALA D 735 -5.35 -40.39 -55.24
CA ALA D 735 -4.75 -41.71 -55.35
C ALA D 735 -5.11 -42.62 -54.18
N MET D 736 -5.98 -42.17 -53.29
CA MET D 736 -6.37 -42.97 -52.14
C MET D 736 -7.47 -43.94 -52.51
N PRO D 737 -7.29 -45.25 -52.31
CA PRO D 737 -8.40 -46.19 -52.50
C PRO D 737 -9.49 -45.93 -51.47
N ASP D 738 -10.68 -46.48 -51.75
CA ASP D 738 -11.86 -46.18 -50.94
C ASP D 738 -11.80 -46.78 -49.53
N ASP D 739 -10.88 -47.69 -49.26
CA ASP D 739 -10.74 -48.25 -47.92
C ASP D 739 -9.78 -47.45 -47.05
N GLN D 740 -8.77 -46.83 -47.64
CA GLN D 740 -7.77 -46.09 -46.88
C GLN D 740 -8.40 -44.88 -46.20
N SER D 741 -7.97 -44.62 -44.97
CA SER D 741 -8.40 -43.49 -44.19
C SER D 741 -7.29 -42.44 -44.10
N PRO D 742 -7.61 -41.18 -43.79
CA PRO D 742 -8.95 -40.59 -43.53
C PRO D 742 -9.86 -40.57 -44.75
N GLU D 743 -11.17 -40.53 -44.52
CA GLU D 743 -12.17 -40.53 -45.58
C GLU D 743 -12.36 -39.15 -46.21
N PHE D 744 -12.05 -38.08 -45.50
CA PHE D 744 -12.39 -36.73 -45.94
C PHE D 744 -11.14 -35.88 -46.08
N TRP D 745 -11.33 -34.72 -46.71
CA TRP D 745 -10.29 -33.71 -46.86
C TRP D 745 -10.96 -32.38 -47.11
N VAL D 746 -10.19 -31.30 -46.92
CA VAL D 746 -10.68 -29.93 -47.08
C VAL D 746 -9.85 -29.24 -48.15
N CYS D 747 -10.52 -28.59 -49.10
CA CYS D 747 -9.86 -27.79 -50.11
C CYS D 747 -9.92 -26.31 -49.75
N SER D 748 -8.89 -25.58 -50.15
CA SER D 748 -8.73 -24.21 -49.67
C SER D 748 -9.72 -23.23 -50.28
N ASP D 749 -10.34 -23.57 -51.41
CA ASP D 749 -11.25 -22.65 -52.10
C ASP D 749 -12.71 -23.06 -51.97
N ASP D 750 -13.04 -24.01 -51.09
CA ASP D 750 -14.39 -24.54 -50.94
C ASP D 750 -14.84 -24.37 -49.50
N PRO D 751 -15.36 -23.19 -49.14
CA PRO D 751 -15.88 -23.01 -47.78
C PRO D 751 -17.15 -23.81 -47.53
N ARG D 752 -17.63 -23.79 -46.30
CA ARG D 752 -18.76 -24.60 -45.90
C ARG D 752 -20.01 -24.25 -46.69
N HIS D 753 -20.63 -25.27 -47.31
CA HIS D 753 -21.88 -25.07 -48.04
C HIS D 753 -23.03 -24.81 -47.07
N LEU D 754 -23.73 -23.72 -47.29
CA LEU D 754 -24.82 -23.35 -46.40
C LEU D 754 -26.15 -23.89 -46.92
N PRO D 755 -27.10 -24.17 -46.03
CA PRO D 755 -28.36 -24.78 -46.47
C PRO D 755 -29.17 -23.91 -47.41
N ASP D 756 -28.94 -22.60 -47.43
CA ASP D 756 -29.71 -21.69 -48.26
C ASP D 756 -29.02 -21.37 -49.59
N GLY D 757 -28.09 -22.21 -50.02
CA GLY D 757 -27.52 -22.07 -51.35
C GLY D 757 -26.06 -21.65 -51.38
N GLY D 758 -25.73 -20.59 -50.65
CA GLY D 758 -24.39 -20.03 -50.69
C GLY D 758 -23.39 -20.83 -49.88
N ARG D 759 -22.18 -20.29 -49.78
CA ARG D 759 -21.12 -20.87 -48.98
C ARG D 759 -20.71 -19.91 -47.88
N SER D 760 -20.05 -20.44 -46.86
CA SER D 760 -19.78 -19.66 -45.66
C SER D 760 -18.77 -18.56 -45.95
N LYS D 761 -19.06 -17.37 -45.42
CA LYS D 761 -18.16 -16.22 -45.52
C LYS D 761 -17.13 -16.19 -44.41
N ASN D 762 -17.16 -17.15 -43.48
CA ASN D 762 -16.23 -17.20 -42.36
C ASN D 762 -15.48 -18.53 -42.31
N PRO D 763 -14.68 -18.83 -43.34
CA PRO D 763 -13.84 -20.03 -43.27
C PRO D 763 -12.68 -19.78 -42.32
N ARG D 764 -12.37 -20.79 -41.50
CA ARG D 764 -11.43 -20.60 -40.41
C ARG D 764 -10.49 -21.79 -40.30
N TYR D 765 -9.26 -21.52 -39.89
CA TYR D 765 -8.31 -22.57 -39.52
C TYR D 765 -7.30 -22.01 -38.53
N LEU D 766 -6.81 -22.89 -37.66
CA LEU D 766 -5.79 -22.52 -36.67
C LEU D 766 -4.42 -22.61 -37.34
N GLN D 767 -3.78 -21.45 -37.52
CA GLN D 767 -2.50 -21.38 -38.20
C GLN D 767 -1.36 -21.46 -37.19
N VAL D 768 -0.35 -22.28 -37.49
CA VAL D 768 0.88 -22.27 -36.72
C VAL D 768 1.52 -20.90 -36.84
N ARG D 769 1.96 -20.33 -35.72
CA ARG D 769 2.55 -19.01 -35.76
C ARG D 769 3.84 -19.03 -36.56
N PRO D 770 4.12 -17.96 -37.34
CA PRO D 770 5.34 -17.95 -38.15
C PRO D 770 6.61 -18.16 -37.33
N THR D 771 6.65 -17.69 -36.09
CA THR D 771 7.85 -17.88 -35.27
C THR D 771 8.04 -19.34 -34.89
N ASP D 772 6.95 -20.10 -34.80
CA ASP D 772 7.05 -21.53 -34.49
C ASP D 772 7.28 -22.39 -35.72
N SER D 773 6.80 -21.95 -36.88
CA SER D 773 6.96 -22.72 -38.12
C SER D 773 8.28 -22.43 -38.83
N ASN D 774 8.85 -21.24 -38.62
CA ASN D 774 10.19 -20.90 -39.12
C ASN D 774 11.06 -20.56 -37.92
N PRO D 775 11.39 -21.55 -37.09
CA PRO D 775 12.13 -21.24 -35.86
C PRO D 775 13.56 -20.81 -36.12
N GLU D 776 14.16 -21.27 -37.22
CA GLU D 776 15.55 -20.90 -37.51
C GLU D 776 15.67 -19.40 -37.72
N LEU D 777 14.80 -18.82 -38.55
CA LEU D 777 14.87 -17.38 -38.80
C LEU D 777 14.58 -16.59 -37.54
N THR D 778 13.69 -17.11 -36.68
CA THR D 778 13.45 -16.46 -35.39
C THR D 778 14.70 -16.44 -34.54
N THR D 779 15.47 -17.52 -34.57
CA THR D 779 16.74 -17.57 -33.84
C THR D 779 17.75 -16.60 -34.43
N VAL D 780 17.76 -16.46 -35.76
CA VAL D 780 18.68 -15.52 -36.40
C VAL D 780 18.38 -14.10 -35.95
N ALA D 781 17.10 -13.71 -35.97
CA ALA D 781 16.72 -12.37 -35.55
C ALA D 781 17.08 -12.13 -34.09
N ASP D 782 16.87 -13.13 -33.23
CA ASP D 782 17.21 -12.98 -31.82
C ASP D 782 18.72 -12.80 -31.65
N VAL D 783 19.51 -13.64 -32.31
CA VAL D 783 20.97 -13.52 -32.23
C VAL D 783 21.43 -12.20 -32.83
N ALA D 784 20.92 -11.86 -34.02
CA ALA D 784 21.34 -10.63 -34.69
C ALA D 784 20.92 -9.39 -33.91
N GLY D 785 19.74 -9.43 -33.29
CA GLY D 785 19.28 -8.30 -32.48
C GLY D 785 20.01 -8.12 -31.18
N LYS D 786 20.59 -9.20 -30.63
CA LYS D 786 21.43 -9.07 -29.45
C LYS D 786 22.80 -8.50 -29.81
N LEU D 787 23.36 -8.92 -30.96
CA LEU D 787 24.63 -8.37 -31.41
C LEU D 787 24.49 -6.87 -31.69
N ALA D 788 23.35 -6.46 -32.25
CA ALA D 788 23.14 -5.06 -32.56
C ALA D 788 23.06 -4.20 -31.30
N ARG D 789 22.56 -4.77 -30.21
CA ARG D 789 22.45 -4.06 -28.94
C ARG D 789 23.61 -4.39 -27.99
N LYS D 790 24.67 -5.01 -28.49
CA LYS D 790 25.86 -5.35 -27.71
C LYS D 790 25.49 -6.19 -26.48
N LEU D 791 24.66 -7.20 -26.71
CA LEU D 791 24.20 -8.08 -25.63
C LEU D 791 24.77 -9.47 -25.80
N PRO D 792 24.93 -10.23 -24.71
CA PRO D 792 25.27 -11.64 -24.84
C PRO D 792 24.15 -12.40 -25.55
N LEU D 793 24.52 -13.51 -26.18
CA LEU D 793 23.55 -14.29 -26.93
C LEU D 793 22.66 -15.14 -26.04
N ALA D 794 23.07 -15.41 -24.80
CA ALA D 794 22.41 -16.45 -24.00
C ALA D 794 21.07 -15.97 -23.44
N GLY D 795 21.01 -14.77 -22.89
CA GLY D 795 19.87 -14.35 -22.10
C GLY D 795 18.61 -14.08 -22.93
N HIS D 796 17.55 -13.75 -22.22
CA HIS D 796 16.29 -13.32 -22.81
C HIS D 796 16.29 -11.80 -22.89
N ALA D 797 16.25 -11.27 -24.11
CA ALA D 797 16.39 -9.83 -24.36
C ALA D 797 15.28 -9.37 -25.29
N PRO D 798 14.11 -9.03 -24.74
CA PRO D 798 12.99 -8.62 -25.60
C PRO D 798 13.22 -7.26 -26.22
N GLN D 799 12.67 -7.09 -27.43
CA GLN D 799 12.71 -5.83 -28.15
C GLN D 799 11.52 -4.97 -27.75
N PRO D 800 11.74 -3.72 -27.35
CA PRO D 800 10.61 -2.84 -27.02
C PRO D 800 9.91 -2.36 -28.28
N ILE D 801 8.72 -1.80 -28.08
CA ILE D 801 8.00 -1.17 -29.18
C ILE D 801 8.73 0.09 -29.62
N ASP D 802 8.77 0.33 -30.92
CA ASP D 802 9.34 1.56 -31.46
C ASP D 802 8.31 2.45 -32.16
N VAL D 803 7.40 1.86 -32.92
CA VAL D 803 6.40 2.61 -33.67
C VAL D 803 5.03 2.05 -33.36
N VAL D 804 4.10 2.93 -33.01
CA VAL D 804 2.69 2.57 -32.86
C VAL D 804 1.95 3.15 -34.05
N ALA D 805 1.31 2.28 -34.84
CA ALA D 805 0.61 2.68 -36.07
C ALA D 805 -0.70 1.90 -36.16
N ALA D 806 -1.72 2.40 -35.46
CA ALA D 806 -3.04 1.79 -35.51
C ALA D 806 -3.62 1.92 -36.91
N GLY D 807 -4.52 0.99 -37.25
CA GLY D 807 -5.10 0.91 -38.57
C GLY D 807 -6.54 1.39 -38.57
N ARG D 808 -6.98 1.87 -39.73
CA ARG D 808 -8.28 2.49 -39.87
C ARG D 808 -8.95 1.98 -41.13
N ARG D 809 -10.24 1.68 -41.05
CA ARG D 809 -11.02 1.25 -42.20
C ARG D 809 -11.90 2.41 -42.66
N ASN D 810 -11.63 2.91 -43.86
CA ASN D 810 -12.38 4.00 -44.45
C ASN D 810 -13.19 3.49 -45.64
N ASN D 811 -14.40 4.02 -45.79
CA ASN D 811 -15.33 3.57 -46.81
C ASN D 811 -16.03 4.77 -47.42
N PRO D 812 -16.43 4.67 -48.68
CA PRO D 812 -17.17 5.77 -49.31
C PRO D 812 -18.62 5.75 -48.86
N PRO D 813 -19.35 6.85 -49.05
CA PRO D 813 -20.76 6.86 -48.69
C PRO D 813 -21.59 6.01 -49.66
N GLU D 814 -22.55 5.28 -49.09
CA GLU D 814 -23.55 4.55 -49.86
C GLU D 814 -24.93 4.95 -49.35
N ASP D 815 -25.97 4.39 -49.97
CA ASP D 815 -27.33 4.85 -49.67
C ASP D 815 -27.70 4.62 -48.21
N LYS D 816 -27.14 3.60 -47.57
CA LYS D 816 -27.39 3.34 -46.16
C LYS D 816 -26.11 3.25 -45.36
N VAL D 817 -25.01 3.76 -45.90
CA VAL D 817 -23.71 3.75 -45.21
C VAL D 817 -23.15 5.17 -45.23
N PRO D 818 -22.76 5.71 -44.08
CA PRO D 818 -22.27 7.09 -44.05
C PRO D 818 -20.85 7.20 -44.60
N ALA D 819 -20.54 8.37 -45.13
CA ALA D 819 -19.18 8.65 -45.58
C ALA D 819 -18.21 8.62 -44.41
N LEU D 820 -17.13 7.88 -44.58
CA LEU D 820 -16.09 7.75 -43.56
C LEU D 820 -14.72 7.67 -44.24
N CYS D 821 -14.45 8.59 -45.15
CA CYS D 821 -13.26 8.52 -46.00
C CYS D 821 -12.57 9.89 -46.07
N ALA D 822 -12.20 10.42 -44.91
CA ALA D 822 -11.49 11.69 -44.85
C ALA D 822 -9.98 11.52 -44.66
N TYR D 823 -9.54 10.35 -44.24
CA TYR D 823 -8.12 10.14 -43.96
C TYR D 823 -7.33 9.90 -45.24
N ASN D 824 -6.08 10.35 -45.22
CA ASN D 824 -5.13 10.14 -46.32
C ASN D 824 -4.30 8.91 -45.95
N PRO D 825 -3.27 8.52 -46.71
CA PRO D 825 -2.56 7.28 -46.37
C PRO D 825 -2.11 7.15 -44.91
N LEU D 826 -1.51 8.18 -44.34
CA LEU D 826 -0.90 8.06 -43.01
C LEU D 826 -1.07 9.37 -42.25
N HIS D 827 -1.70 9.29 -41.07
CA HIS D 827 -1.92 10.43 -40.21
C HIS D 827 -1.12 10.28 -38.92
N TYR D 828 -0.76 11.42 -38.33
CA TYR D 828 -0.19 11.48 -36.99
C TYR D 828 -1.13 12.27 -36.10
N MET D 829 -1.45 11.72 -34.94
CA MET D 829 -2.40 12.33 -34.02
C MET D 829 -1.77 12.47 -32.64
N GLU D 830 -1.87 13.66 -32.06
CA GLU D 830 -1.52 13.84 -30.67
C GLU D 830 -2.57 13.15 -29.79
N LEU D 831 -2.21 12.95 -28.52
CA LEU D 831 -3.01 12.10 -27.65
C LEU D 831 -4.49 12.50 -27.55
N PRO D 832 -4.86 13.77 -27.45
CA PRO D 832 -6.31 14.08 -27.45
C PRO D 832 -7.01 13.58 -28.71
N GLU D 833 -6.49 13.93 -29.89
CA GLU D 833 -7.09 13.49 -31.14
C GLU D 833 -6.97 11.99 -31.31
N LEU D 834 -5.86 11.41 -30.88
CA LEU D 834 -5.66 9.97 -31.01
C LEU D 834 -6.69 9.19 -30.20
N PHE D 835 -7.07 9.71 -29.03
CA PHE D 835 -7.95 8.95 -28.16
C PHE D 835 -9.43 9.21 -28.42
N MET D 836 -9.78 10.31 -29.08
CA MET D 836 -11.12 10.37 -29.67
C MET D 836 -11.30 9.26 -30.69
N GLU D 837 -10.27 9.03 -31.51
CA GLU D 837 -10.31 7.93 -32.47
C GLU D 837 -10.40 6.58 -31.76
N TYR D 838 -9.56 6.39 -30.73
CA TYR D 838 -9.57 5.12 -29.99
C TYR D 838 -10.91 4.89 -29.31
N ILE D 839 -11.47 5.91 -28.67
CA ILE D 839 -12.74 5.75 -27.95
C ILE D 839 -13.86 5.40 -28.92
N SER D 840 -13.90 6.07 -30.07
CA SER D 840 -15.00 5.87 -31.02
C SER D 840 -14.87 4.53 -31.75
N SER D 841 -13.67 4.26 -32.28
CA SER D 841 -13.43 3.10 -33.15
C SER D 841 -14.50 3.00 -34.23
N MET D 842 -14.56 4.03 -35.07
CA MET D 842 -15.60 4.14 -36.07
C MET D 842 -15.37 3.14 -37.20
N THR D 843 -16.48 2.63 -37.74
CA THR D 843 -16.43 1.73 -38.89
C THR D 843 -17.74 1.85 -39.65
N GLY D 844 -17.66 1.73 -40.98
CA GLY D 844 -18.85 1.80 -41.82
C GLY D 844 -19.75 0.59 -41.70
N LYS D 845 -19.28 -0.49 -41.09
CA LYS D 845 -20.10 -1.67 -40.86
C LYS D 845 -21.05 -1.45 -39.70
N SER D 846 -22.29 -1.91 -39.86
CA SER D 846 -23.36 -1.68 -38.90
C SER D 846 -23.51 -0.19 -38.61
N PRO D 847 -23.97 0.59 -39.58
CA PRO D 847 -24.06 2.04 -39.37
C PRO D 847 -25.08 2.39 -38.30
N SER D 848 -24.75 3.41 -37.51
CA SER D 848 -25.62 3.85 -36.44
C SER D 848 -26.62 4.88 -36.95
N THR D 849 -27.59 5.21 -36.09
CA THR D 849 -28.61 6.18 -36.46
C THR D 849 -28.04 7.60 -36.47
N THR D 850 -27.24 7.94 -35.46
CA THR D 850 -26.67 9.29 -35.40
C THR D 850 -25.54 9.46 -36.41
N GLY D 851 -24.57 8.53 -36.40
CA GLY D 851 -23.44 8.62 -37.30
C GLY D 851 -22.96 7.29 -37.83
N ALA D 852 -21.79 6.85 -37.37
CA ALA D 852 -21.15 5.64 -37.86
C ALA D 852 -21.13 4.57 -36.76
N GLY D 853 -20.82 3.34 -37.18
CA GLY D 853 -20.73 2.25 -36.24
C GLY D 853 -19.52 2.38 -35.32
N SER D 854 -19.56 1.65 -34.21
CA SER D 854 -18.53 1.77 -33.19
C SER D 854 -18.15 0.39 -32.68
N GLU D 855 -16.84 0.12 -32.63
CA GLU D 855 -16.33 -1.12 -32.08
C GLU D 855 -15.89 -0.97 -30.64
N GLY D 856 -16.35 0.07 -29.94
CA GLY D 856 -16.01 0.27 -28.55
C GLY D 856 -14.59 0.78 -28.38
N ALA D 857 -14.24 1.02 -27.12
CA ALA D 857 -12.94 1.59 -26.80
C ALA D 857 -11.83 0.63 -27.21
N LEU D 858 -10.87 1.13 -27.98
CA LEU D 858 -9.71 0.36 -28.42
C LEU D 858 -10.13 -0.91 -29.18
N THR D 859 -11.31 -0.86 -29.81
CA THR D 859 -11.90 -1.98 -30.54
C THR D 859 -12.07 -3.21 -29.65
N LYS D 860 -12.35 -2.99 -28.36
CA LYS D 860 -12.57 -4.07 -27.41
C LYS D 860 -13.97 -4.07 -26.83
N GLY D 861 -14.87 -3.26 -27.38
CA GLY D 861 -16.24 -3.17 -26.92
C GLY D 861 -16.93 -4.52 -26.75
N PRO D 862 -16.93 -5.35 -27.81
CA PRO D 862 -17.53 -6.68 -27.69
C PRO D 862 -16.71 -7.66 -26.88
N PHE D 863 -15.50 -7.31 -26.47
CA PHE D 863 -14.64 -8.22 -25.72
C PHE D 863 -14.32 -7.75 -24.31
N ASN D 864 -14.94 -6.66 -23.85
CA ASN D 864 -14.64 -6.10 -22.54
C ASN D 864 -15.86 -6.23 -21.65
N ALA D 865 -15.71 -7.01 -20.56
CA ALA D 865 -16.76 -7.19 -19.58
C ALA D 865 -16.74 -6.11 -18.50
N LEU D 866 -15.78 -5.20 -18.54
CA LEU D 866 -15.60 -4.15 -17.56
C LEU D 866 -15.83 -2.78 -18.19
N PRO D 867 -16.06 -1.75 -17.38
CA PRO D 867 -16.11 -0.39 -17.94
C PRO D 867 -14.81 -0.06 -18.66
N ALA D 868 -14.94 0.44 -19.89
CA ALA D 868 -13.79 0.67 -20.75
C ALA D 868 -12.82 1.70 -20.18
N VAL D 869 -13.26 2.54 -19.24
CA VAL D 869 -12.39 3.59 -18.71
C VAL D 869 -11.14 2.99 -18.07
N TYR D 870 -11.24 1.77 -17.53
CA TYR D 870 -10.04 1.10 -17.02
C TYR D 870 -8.99 0.99 -18.12
N ASP D 871 -9.41 0.55 -19.31
CA ASP D 871 -8.48 0.47 -20.44
C ASP D 871 -8.00 1.86 -20.85
N LEU D 872 -8.93 2.81 -20.99
CA LEU D 872 -8.57 4.15 -21.45
C LEU D 872 -7.55 4.79 -20.51
N ASN D 873 -7.73 4.66 -19.20
CA ASN D 873 -6.75 5.23 -18.26
C ASN D 873 -5.38 4.62 -18.45
N ALA D 874 -5.30 3.29 -18.61
CA ALA D 874 -4.01 2.65 -18.82
C ALA D 874 -3.47 2.96 -20.22
N ALA D 875 -4.35 3.00 -21.22
CA ALA D 875 -3.92 3.25 -22.58
C ALA D 875 -3.30 4.64 -22.72
N VAL D 876 -3.96 5.66 -22.18
CA VAL D 876 -3.44 7.02 -22.30
C VAL D 876 -2.12 7.15 -21.54
N LEU D 877 -1.97 6.39 -20.45
CA LEU D 877 -0.69 6.37 -19.74
C LEU D 877 0.42 5.77 -20.58
N SER D 878 0.11 4.72 -21.35
CA SER D 878 1.14 4.05 -22.14
C SER D 878 1.66 4.90 -23.30
N TYR D 879 1.00 6.02 -23.61
CA TYR D 879 1.48 6.97 -24.59
C TYR D 879 2.19 8.16 -23.97
N ALA D 880 1.69 8.65 -22.84
CA ALA D 880 2.31 9.81 -22.20
C ALA D 880 3.63 9.44 -21.54
N LEU D 881 3.67 8.31 -20.83
CA LEU D 881 4.88 7.90 -20.15
C LEU D 881 6.00 7.53 -21.12
N THR D 882 5.67 7.17 -22.36
CA THR D 882 6.61 6.59 -23.30
C THR D 882 6.97 7.49 -24.46
N ASP D 883 6.26 8.59 -24.67
CA ASP D 883 6.41 9.49 -25.82
C ASP D 883 6.05 8.82 -27.14
N TYR D 884 5.39 7.67 -27.12
CA TYR D 884 5.01 7.02 -28.37
C TYR D 884 4.09 7.93 -29.18
N ASP D 885 4.38 8.02 -30.47
CA ASP D 885 3.54 8.77 -31.38
C ASP D 885 2.37 7.92 -31.84
N GLY D 886 1.19 8.54 -31.90
CA GLY D 886 0.02 7.85 -32.39
C GLY D 886 -0.17 8.03 -33.89
N TRP D 887 0.35 7.08 -34.66
CA TRP D 887 0.16 7.08 -36.11
C TRP D 887 -1.15 6.38 -36.45
N LEU D 888 -1.71 6.74 -37.60
CA LEU D 888 -2.97 6.15 -38.06
C LEU D 888 -2.88 5.95 -39.57
N SER D 889 -2.83 4.69 -39.99
CA SER D 889 -2.77 4.34 -41.39
C SER D 889 -4.15 3.97 -41.91
N SER D 890 -4.37 4.23 -43.19
CA SER D 890 -5.69 4.09 -43.81
C SER D 890 -5.77 2.80 -44.60
N ALA D 891 -6.96 2.19 -44.60
CA ALA D 891 -7.22 0.96 -45.32
C ALA D 891 -8.60 1.04 -45.96
N GLY D 892 -8.76 0.34 -47.08
CA GLY D 892 -10.02 0.34 -47.79
C GLY D 892 -10.09 1.42 -48.84
N TYR D 893 -10.36 2.65 -48.41
CA TYR D 893 -10.49 3.77 -49.33
C TYR D 893 -9.74 4.97 -48.79
N ILE D 894 -9.30 5.82 -49.71
CA ILE D 894 -8.79 7.16 -49.39
C ILE D 894 -9.62 8.14 -50.19
N GLY D 895 -10.45 8.90 -49.49
CA GLY D 895 -11.50 9.63 -50.14
C GLY D 895 -12.54 8.66 -50.67
N PRO D 896 -13.54 9.16 -51.39
CA PRO D 896 -14.57 8.27 -51.94
C PRO D 896 -14.16 7.54 -53.21
N ASN D 897 -13.05 7.92 -53.84
CA ASN D 897 -12.71 7.39 -55.16
C ASN D 897 -11.47 6.50 -55.18
N ALA D 898 -10.52 6.69 -54.28
CA ALA D 898 -9.26 5.96 -54.32
C ALA D 898 -9.36 4.73 -53.42
N ARG D 899 -9.70 3.59 -54.02
CA ARG D 899 -9.71 2.33 -53.29
C ARG D 899 -8.29 1.81 -53.15
N VAL D 900 -7.88 1.54 -51.90
CA VAL D 900 -6.52 1.08 -51.62
C VAL D 900 -6.47 -0.26 -50.91
N ASP D 901 -7.60 -0.77 -50.43
CA ASP D 901 -7.64 -2.03 -49.69
C ASP D 901 -6.60 -2.06 -48.58
N HIS D 902 -5.69 -3.03 -48.62
CA HIS D 902 -4.64 -3.13 -47.61
C HIS D 902 -3.25 -2.84 -48.18
N ASP D 903 -3.18 -2.16 -49.34
CA ASP D 903 -1.89 -1.87 -49.94
C ASP D 903 -1.07 -0.95 -49.05
N ILE D 904 -1.69 0.07 -48.47
CA ILE D 904 -0.97 1.00 -47.62
C ILE D 904 -0.59 0.32 -46.30
N SER D 905 -1.49 -0.52 -45.77
CA SER D 905 -1.18 -1.26 -44.55
C SER D 905 0.11 -2.06 -44.70
N MET D 906 0.33 -2.64 -45.88
CA MET D 906 1.54 -3.43 -46.10
C MET D 906 2.78 -2.55 -46.23
N LEU D 907 2.61 -1.29 -46.65
CA LEU D 907 3.74 -0.39 -46.78
C LEU D 907 4.17 0.22 -45.45
N ILE D 908 3.26 0.30 -44.48
CA ILE D 908 3.60 0.96 -43.21
C ILE D 908 4.80 0.32 -42.52
N PRO D 909 4.86 -1.00 -42.32
CA PRO D 909 6.08 -1.57 -41.72
C PRO D 909 7.32 -1.34 -42.57
N GLU D 910 7.21 -1.46 -43.89
CA GLU D 910 8.36 -1.21 -44.75
C GLU D 910 8.81 0.23 -44.65
N LEU D 911 7.86 1.17 -44.56
CA LEU D 911 8.20 2.58 -44.45
C LEU D 911 8.98 2.88 -43.18
N PHE D 912 8.41 2.50 -42.03
CA PHE D 912 9.03 2.84 -40.76
C PHE D 912 10.35 2.09 -40.54
N SER D 913 10.51 0.93 -41.19
CA SER D 913 11.75 0.18 -41.02
C SER D 913 12.93 0.84 -41.71
N HIS D 914 12.68 1.67 -42.72
CA HIS D 914 13.74 2.40 -43.41
C HIS D 914 13.92 3.80 -42.86
N MET D 915 13.32 4.11 -41.72
CA MET D 915 13.46 5.39 -41.05
C MET D 915 14.11 5.15 -39.69
N GLY D 916 15.15 5.94 -39.39
CA GLY D 916 15.78 5.85 -38.09
C GLY D 916 14.95 6.51 -37.00
N PRO D 917 15.48 6.48 -35.78
CA PRO D 917 14.75 7.10 -34.67
C PRO D 917 14.52 8.59 -34.86
N ASN D 918 15.50 9.29 -35.45
CA ASN D 918 15.34 10.72 -35.69
C ASN D 918 14.42 10.99 -36.87
N ASP D 919 14.42 10.11 -37.88
CA ASP D 919 13.51 10.27 -39.01
C ASP D 919 12.06 10.21 -38.54
N ARG D 920 11.75 9.34 -37.58
CA ARG D 920 10.40 9.14 -37.11
C ARG D 920 9.98 10.13 -36.02
N ASN D 921 10.89 10.99 -35.56
CA ASN D 921 10.58 11.99 -34.56
C ASN D 921 9.54 12.98 -35.10
N THR D 922 8.32 12.92 -34.56
CA THR D 922 7.23 13.72 -35.13
C THR D 922 7.41 15.21 -34.86
N LYS D 923 8.18 15.59 -33.83
CA LYS D 923 8.39 17.02 -33.60
C LYS D 923 9.21 17.65 -34.71
N ARG D 924 10.20 16.94 -35.22
CA ARG D 924 10.97 17.45 -36.35
C ARG D 924 10.32 17.16 -37.70
N LEU D 925 9.48 16.11 -37.78
CA LEU D 925 8.70 15.89 -38.99
C LEU D 925 7.72 17.04 -39.23
N ILE D 926 7.16 17.59 -38.16
CA ILE D 926 6.21 18.70 -38.28
C ILE D 926 6.96 20.00 -38.56
N SER D 927 8.01 20.27 -37.80
CA SER D 927 8.72 21.55 -37.93
C SER D 927 9.50 21.66 -39.23
N GLU D 928 9.84 20.53 -39.87
CA GLU D 928 10.56 20.57 -41.14
C GLU D 928 9.65 20.44 -42.35
N GLY D 929 8.34 20.35 -42.15
CA GLY D 929 7.40 20.41 -43.25
C GLY D 929 6.99 19.07 -43.83
N TYR D 930 7.24 17.97 -43.14
CA TYR D 930 6.86 16.65 -43.65
C TYR D 930 5.45 16.24 -43.25
N LEU D 931 4.93 16.79 -42.16
CA LEU D 931 3.54 16.60 -41.77
C LEU D 931 2.85 17.96 -41.79
N GLU D 932 1.70 18.03 -42.46
CA GLU D 932 0.88 19.23 -42.46
C GLU D 932 -0.32 19.03 -41.57
N LYS D 933 -0.68 20.08 -40.83
CA LYS D 933 -1.73 20.00 -39.83
C LYS D 933 -3.10 20.18 -40.48
N MET D 934 -4.05 19.32 -40.11
CA MET D 934 -5.43 19.49 -40.54
C MET D 934 -5.99 20.77 -39.95
N GLN D 935 -6.68 21.56 -40.78
CA GLN D 935 -7.27 22.81 -40.36
C GLN D 935 -8.79 22.72 -40.45
N ASP D 936 -9.46 23.46 -39.58
CA ASP D 936 -10.89 23.65 -39.71
C ASP D 936 -11.19 24.51 -40.94
N PHE D 937 -12.41 24.38 -41.46
CA PHE D 937 -12.83 25.20 -42.59
C PHE D 937 -14.34 25.30 -42.56
N ASP D 938 -14.85 26.24 -43.35
CA ASP D 938 -16.29 26.49 -43.43
C ASP D 938 -16.87 25.80 -44.66
N PHE D 939 -18.09 25.30 -44.52
CA PHE D 939 -18.77 24.58 -45.60
C PHE D 939 -20.25 24.57 -45.27
N ASP D 940 -21.05 25.27 -46.09
CA ASP D 940 -22.50 25.38 -45.89
C ASP D 940 -22.83 26.02 -44.54
N GLY D 941 -22.23 27.19 -44.29
CA GLY D 941 -22.44 27.92 -43.05
C GLY D 941 -22.15 27.09 -41.81
N HIS D 942 -21.37 26.03 -42.00
CA HIS D 942 -21.09 25.04 -40.97
C HIS D 942 -19.60 24.99 -40.74
N ARG D 943 -19.19 24.83 -39.49
CA ARG D 943 -17.78 24.74 -39.14
C ARG D 943 -17.36 23.28 -39.17
N VAL D 944 -16.63 22.89 -40.21
CA VAL D 944 -16.18 21.51 -40.36
C VAL D 944 -14.91 21.32 -39.53
N LEU D 945 -15.00 20.46 -38.52
CA LEU D 945 -13.94 20.32 -37.52
C LEU D 945 -12.89 19.30 -37.98
N ALA D 946 -12.27 19.60 -39.12
CA ALA D 946 -11.26 18.71 -39.68
C ALA D 946 -9.99 18.66 -38.85
N SER D 947 -9.79 19.62 -37.95
CA SER D 947 -8.60 19.61 -37.10
C SER D 947 -8.58 18.41 -36.15
N ARG D 948 -9.71 17.76 -35.92
CA ARG D 948 -9.75 16.56 -35.09
C ARG D 948 -8.98 15.40 -35.69
N LEU D 949 -8.49 15.52 -36.92
CA LEU D 949 -7.74 14.45 -37.56
C LEU D 949 -6.23 14.62 -37.41
N GLY D 950 -5.78 15.63 -36.68
CA GLY D 950 -4.37 15.79 -36.39
C GLY D 950 -3.52 16.23 -37.56
N TYR D 951 -2.52 15.42 -37.90
CA TYR D 951 -1.59 15.73 -38.97
C TYR D 951 -1.63 14.63 -40.03
N ARG D 952 -1.28 14.98 -41.26
CA ARG D 952 -1.20 14.02 -42.34
C ARG D 952 0.10 14.24 -43.12
N ILE D 953 0.49 13.23 -43.88
CA ILE D 953 1.71 13.31 -44.67
C ILE D 953 1.46 14.14 -45.92
N ASN D 954 2.55 14.67 -46.48
CA ASN D 954 2.46 15.46 -47.69
C ASN D 954 3.42 14.94 -48.74
N ASP D 955 3.57 15.67 -49.86
CA ASP D 955 4.48 15.25 -50.91
C ASP D 955 5.92 15.18 -50.41
N ARG D 956 6.29 16.03 -49.46
CA ARG D 956 7.65 16.00 -48.92
C ARG D 956 7.92 14.69 -48.19
N PHE D 957 6.97 14.24 -47.37
CA PHE D 957 7.12 12.97 -46.68
C PHE D 957 7.24 11.82 -47.66
N VAL D 958 6.35 11.79 -48.66
CA VAL D 958 6.33 10.68 -49.61
C VAL D 958 7.63 10.64 -50.41
N THR D 959 8.06 11.79 -50.92
CA THR D 959 9.31 11.83 -51.70
C THR D 959 10.48 11.35 -50.87
N HIS D 960 10.59 11.83 -49.63
CA HIS D 960 11.80 11.57 -48.85
C HIS D 960 11.85 10.13 -48.35
N TYR D 961 10.76 9.66 -47.74
CA TYR D 961 10.80 8.38 -47.05
C TYR D 961 10.19 7.22 -47.86
N PHE D 962 9.13 7.45 -48.62
CA PHE D 962 8.66 6.42 -49.53
C PHE D 962 9.62 6.20 -50.68
N GLY D 963 10.47 7.19 -50.98
CA GLY D 963 11.54 7.02 -51.95
C GLY D 963 12.65 6.09 -51.52
N ARG D 964 12.60 5.61 -50.28
CA ARG D 964 13.52 4.55 -49.83
C ARG D 964 13.02 3.17 -50.22
N ILE D 965 11.78 3.09 -50.72
CA ILE D 965 11.17 1.84 -51.15
C ILE D 965 10.84 1.87 -52.64
N PHE D 966 10.19 2.94 -53.08
CA PHE D 966 9.75 3.06 -54.46
C PHE D 966 10.72 3.89 -55.27
N LEU D 967 10.86 3.52 -56.54
CA LEU D 967 11.79 4.21 -57.43
C LEU D 967 11.28 5.59 -57.82
N HIS D 968 9.96 5.72 -57.98
CA HIS D 968 9.32 6.98 -58.34
C HIS D 968 8.30 7.31 -57.27
N PRO D 969 8.75 7.77 -56.10
CA PRO D 969 7.80 8.07 -55.01
C PRO D 969 6.86 9.21 -55.33
N ASP D 970 7.21 10.08 -56.28
CA ASP D 970 6.39 11.24 -56.59
C ASP D 970 5.03 10.87 -57.17
N VAL D 971 4.90 9.68 -57.74
CA VAL D 971 3.66 9.26 -58.40
C VAL D 971 2.91 8.20 -57.61
N VAL D 972 3.48 7.69 -56.52
CA VAL D 972 2.81 6.64 -55.74
C VAL D 972 1.47 7.13 -55.22
N PHE D 973 1.43 8.35 -54.70
CA PHE D 973 0.20 8.96 -54.19
C PHE D 973 -0.09 10.22 -54.99
N SER D 974 -1.26 10.27 -55.61
CA SER D 974 -1.68 11.48 -56.30
C SER D 974 -2.11 12.55 -55.30
N GLU D 975 -2.32 13.77 -55.81
CA GLU D 975 -2.75 14.85 -54.93
C GLU D 975 -4.12 14.59 -54.35
N GLU D 976 -4.98 13.87 -55.09
CA GLU D 976 -6.28 13.48 -54.54
C GLU D 976 -6.13 12.53 -53.37
N MET D 977 -5.02 11.79 -53.31
CA MET D 977 -4.85 10.80 -52.25
C MET D 977 -4.17 11.38 -51.02
N LEU D 978 -3.19 12.27 -51.20
CA LEU D 978 -2.59 12.94 -50.07
C LEU D 978 -3.51 14.01 -49.48
N ARG D 979 -4.49 14.48 -50.26
CA ARG D 979 -5.47 15.47 -49.80
C ARG D 979 -6.83 15.02 -50.30
N PRO D 980 -7.45 14.06 -49.61
CA PRO D 980 -8.72 13.49 -50.10
C PRO D 980 -9.86 14.48 -50.23
N GLU D 981 -9.75 15.71 -49.69
CA GLU D 981 -10.82 16.68 -49.89
C GLU D 981 -10.88 17.18 -51.34
N LEU D 982 -9.80 17.02 -52.11
CA LEU D 982 -9.81 17.40 -53.52
C LEU D 982 -10.64 16.47 -54.38
N GLN D 983 -11.01 15.28 -53.88
CA GLN D 983 -11.86 14.38 -54.65
C GLN D 983 -13.30 14.84 -54.65
N ASP D 984 -13.80 15.25 -53.48
CA ASP D 984 -15.18 15.70 -53.32
C ASP D 984 -15.30 16.40 -51.97
N GLU D 985 -15.43 17.73 -51.99
CA GLU D 985 -15.42 18.47 -50.73
C GLU D 985 -16.68 18.20 -49.91
N LYS D 986 -17.80 17.89 -50.56
CA LYS D 986 -19.01 17.59 -49.82
C LYS D 986 -18.85 16.30 -49.01
N ILE D 987 -18.38 15.22 -49.67
CA ILE D 987 -18.20 13.95 -48.98
C ILE D 987 -17.14 14.08 -47.90
N PHE D 988 -16.10 14.87 -48.16
CA PHE D 988 -15.07 15.11 -47.14
C PHE D 988 -15.69 15.74 -45.89
N ALA D 989 -16.51 16.77 -46.07
CA ALA D 989 -17.16 17.41 -44.93
C ALA D 989 -18.14 16.46 -44.25
N ASP D 990 -18.87 15.66 -45.04
CA ASP D 990 -19.79 14.68 -44.45
C ASP D 990 -19.04 13.67 -43.58
N SER D 991 -17.85 13.26 -44.01
CA SER D 991 -17.05 12.36 -43.20
C SER D 991 -16.69 13.02 -41.86
N ILE D 992 -16.17 14.24 -41.91
CA ILE D 992 -15.82 14.95 -40.68
C ILE D 992 -17.06 15.10 -39.79
N ASP D 993 -18.20 15.41 -40.40
CA ASP D 993 -19.42 15.56 -39.61
C ASP D 993 -19.84 14.25 -38.98
N VAL D 994 -19.64 13.13 -39.68
CA VAL D 994 -19.97 11.83 -39.11
C VAL D 994 -18.99 11.48 -37.99
N ILE D 995 -17.72 11.84 -38.16
CA ILE D 995 -16.72 11.61 -37.11
C ILE D 995 -17.10 12.40 -35.86
N VAL D 996 -17.47 13.67 -36.04
CA VAL D 996 -17.85 14.50 -34.89
C VAL D 996 -19.09 13.95 -34.21
N LYS D 997 -20.08 13.53 -34.99
CA LYS D 997 -21.32 13.03 -34.38
C LYS D 997 -21.08 11.71 -33.66
N THR D 998 -20.25 10.83 -34.23
CA THR D 998 -19.95 9.57 -33.56
C THR D 998 -19.17 9.80 -32.27
N HIS D 999 -18.23 10.76 -32.29
CA HIS D 999 -17.55 11.16 -31.06
C HIS D 999 -18.53 11.48 -29.96
N GLN D 1000 -19.61 12.20 -30.29
CA GLN D 1000 -20.59 12.59 -29.27
C GLN D 1000 -21.39 11.38 -28.79
N ARG D 1001 -21.90 10.57 -29.72
CA ARG D 1001 -22.74 9.44 -29.34
C ARG D 1001 -21.96 8.47 -28.45
N VAL D 1002 -20.74 8.12 -28.85
CA VAL D 1002 -19.95 7.15 -28.09
C VAL D 1002 -19.60 7.71 -26.71
N ALA D 1003 -19.07 8.93 -26.66
CA ALA D 1003 -18.69 9.52 -25.39
C ALA D 1003 -19.89 9.70 -24.46
N GLN D 1004 -21.07 9.98 -25.04
CA GLN D 1004 -22.27 10.15 -24.22
C GLN D 1004 -22.61 8.88 -23.45
N MET D 1005 -22.19 7.72 -23.96
CA MET D 1005 -22.45 6.46 -23.27
C MET D 1005 -21.75 6.44 -21.91
N TYR D 1006 -20.56 7.05 -21.82
CA TYR D 1006 -19.82 7.06 -20.56
C TYR D 1006 -20.52 7.90 -19.51
N PHE D 1007 -21.38 8.83 -19.91
CA PHE D 1007 -22.21 9.57 -18.97
C PHE D 1007 -23.50 8.83 -18.64
N ASP D 1008 -24.04 8.08 -19.59
CA ASP D 1008 -25.30 7.37 -19.35
C ASP D 1008 -25.12 6.20 -18.39
N ASP D 1009 -23.97 5.53 -18.42
CA ASP D 1009 -23.70 4.48 -17.44
C ASP D 1009 -22.86 4.97 -16.27
N GLY D 1010 -22.43 6.24 -16.28
CA GLY D 1010 -21.76 6.86 -15.17
C GLY D 1010 -20.28 6.58 -15.05
N THR D 1011 -19.69 5.77 -15.94
CA THR D 1011 -18.29 5.38 -15.79
C THR D 1011 -17.32 6.53 -16.02
N VAL D 1012 -17.80 7.70 -16.46
CA VAL D 1012 -16.92 8.83 -16.68
C VAL D 1012 -16.28 9.29 -15.37
N SER D 1013 -16.98 9.09 -14.25
CA SER D 1013 -16.41 9.45 -12.95
C SER D 1013 -15.20 8.60 -12.61
N LEU D 1014 -15.08 7.41 -13.20
CA LEU D 1014 -13.90 6.58 -13.02
C LEU D 1014 -12.75 6.96 -13.95
N ALA D 1015 -12.95 7.94 -14.83
CA ALA D 1015 -11.93 8.30 -15.80
C ALA D 1015 -10.90 9.25 -15.17
N CYS D 1016 -9.64 9.07 -15.57
CA CYS D 1016 -8.60 9.99 -15.16
C CYS D 1016 -8.87 11.36 -15.78
N PRO D 1017 -8.28 12.42 -15.21
CA PRO D 1017 -8.59 13.80 -15.67
C PRO D 1017 -8.42 13.99 -17.17
N PRO D 1018 -7.34 13.48 -17.79
CA PRO D 1018 -7.25 13.65 -19.26
C PRO D 1018 -8.42 13.03 -20.01
N ILE D 1019 -8.82 11.80 -19.66
CA ILE D 1019 -9.93 11.15 -20.35
C ILE D 1019 -11.25 11.78 -19.96
N ARG D 1020 -11.44 12.07 -18.68
CA ARG D 1020 -12.68 12.70 -18.23
C ARG D 1020 -12.94 13.99 -18.98
N ALA D 1021 -11.92 14.85 -19.08
CA ALA D 1021 -12.07 16.09 -19.82
C ALA D 1021 -12.30 15.83 -21.31
N LEU D 1022 -11.62 14.81 -21.85
CA LEU D 1022 -11.80 14.50 -23.27
C LEU D 1022 -13.22 14.00 -23.55
N LEU D 1023 -13.76 13.14 -22.68
CA LEU D 1023 -15.10 12.63 -22.89
C LEU D 1023 -16.14 13.75 -22.80
N GLU D 1024 -15.91 14.74 -21.94
CA GLU D 1024 -16.85 15.85 -21.84
C GLU D 1024 -16.85 16.69 -23.10
N ILE D 1025 -15.67 16.94 -23.69
CA ILE D 1025 -15.59 17.70 -24.92
C ILE D 1025 -16.25 16.95 -26.06
N MET D 1026 -16.03 15.63 -26.14
CA MET D 1026 -16.63 14.83 -27.21
C MET D 1026 -18.14 14.82 -27.11
N ALA D 1027 -18.68 14.71 -25.89
CA ALA D 1027 -20.11 14.55 -25.71
C ALA D 1027 -20.84 15.88 -25.53
N HIS D 1028 -20.18 16.90 -24.99
CA HIS D 1028 -20.85 18.14 -24.64
C HIS D 1028 -20.22 19.39 -25.25
N GLY D 1029 -19.22 19.24 -26.11
CA GLY D 1029 -18.60 20.39 -26.74
C GLY D 1029 -17.61 21.14 -25.87
N ALA D 1030 -17.62 20.91 -24.56
CA ALA D 1030 -16.68 21.57 -23.66
C ALA D 1030 -16.62 20.77 -22.37
N SER D 1031 -15.50 20.91 -21.66
CA SER D 1031 -15.34 20.28 -20.37
C SER D 1031 -16.01 21.13 -19.29
N ALA D 1032 -16.03 20.59 -18.07
CA ALA D 1032 -16.62 21.31 -16.94
C ALA D 1032 -15.91 22.65 -16.71
N GLU D 1033 -14.59 22.66 -16.83
CA GLU D 1033 -13.83 23.90 -16.69
C GLU D 1033 -14.05 24.85 -17.87
N GLY D 1034 -14.61 24.37 -18.98
CA GLY D 1034 -14.79 25.18 -20.15
C GLY D 1034 -13.78 24.96 -21.26
N TRP D 1035 -12.95 23.93 -21.14
CA TRP D 1035 -11.91 23.68 -22.13
C TRP D 1035 -12.50 23.15 -23.43
N THR D 1036 -11.75 23.33 -24.51
CA THR D 1036 -12.03 22.71 -25.80
C THR D 1036 -10.81 21.90 -26.20
N LEU D 1037 -10.82 21.38 -27.44
CA LEU D 1037 -9.74 20.52 -27.88
C LEU D 1037 -8.41 21.26 -28.00
N ASP D 1038 -8.42 22.58 -28.04
CA ASP D 1038 -7.19 23.35 -28.19
C ASP D 1038 -6.88 24.24 -27.00
N SER D 1039 -7.61 24.10 -25.90
CA SER D 1039 -7.26 24.80 -24.67
C SER D 1039 -5.90 24.33 -24.19
N PRO D 1040 -4.93 25.23 -23.98
CA PRO D 1040 -3.61 24.79 -23.49
C PRO D 1040 -3.69 24.02 -22.17
N GLU D 1041 -4.58 24.44 -21.27
CA GLU D 1041 -4.73 23.74 -20.00
C GLU D 1041 -5.17 22.30 -20.21
N PHE D 1042 -6.07 22.08 -21.17
CA PHE D 1042 -6.54 20.73 -21.44
C PHE D 1042 -5.45 19.87 -22.06
N ARG D 1043 -4.84 20.34 -23.15
CA ARG D 1043 -3.78 19.59 -23.82
C ARG D 1043 -2.57 19.35 -22.93
N LYS D 1044 -2.37 20.21 -21.93
CA LYS D 1044 -1.24 20.02 -21.02
C LYS D 1044 -1.42 18.80 -20.12
N LEU D 1045 -2.66 18.34 -19.92
CA LEU D 1045 -2.90 17.15 -19.12
C LEU D 1045 -2.30 15.89 -19.76
N PHE D 1046 -1.96 15.94 -21.04
CA PHE D 1046 -1.46 14.78 -21.77
C PHE D 1046 0.06 14.77 -21.89
N GLU D 1047 0.75 15.81 -21.44
CA GLU D 1047 2.19 15.88 -21.57
C GLU D 1047 2.86 15.02 -20.50
N ARG D 1048 4.05 14.51 -20.86
CA ARG D 1048 4.72 13.54 -20.00
C ARG D 1048 5.07 14.13 -18.64
N GLU D 1049 5.71 15.30 -18.62
CA GLU D 1049 6.07 15.92 -17.35
C GLU D 1049 4.86 16.19 -16.48
N SER D 1050 3.71 16.44 -17.10
CA SER D 1050 2.50 16.72 -16.32
C SER D 1050 1.96 15.44 -15.68
N VAL D 1051 1.85 14.35 -16.45
CA VAL D 1051 1.30 13.13 -15.86
C VAL D 1051 2.25 12.57 -14.81
N LEU D 1052 3.56 12.74 -14.99
CA LEU D 1052 4.51 12.23 -14.02
C LEU D 1052 4.34 12.91 -12.67
N ALA D 1053 3.99 14.20 -12.68
CA ALA D 1053 3.79 14.96 -11.45
C ALA D 1053 2.33 15.03 -11.02
N SER D 1054 1.42 14.48 -11.81
CA SER D 1054 0.00 14.59 -11.50
C SER D 1054 -0.36 13.80 -10.25
N ASP D 1055 -1.48 14.17 -9.64
CA ASP D 1055 -1.97 13.44 -8.48
C ASP D 1055 -2.68 12.15 -8.89
N TRP D 1056 -3.32 12.12 -10.06
CA TRP D 1056 -4.04 10.93 -10.47
C TRP D 1056 -3.11 9.81 -10.88
N TYR D 1057 -1.88 10.13 -11.30
CA TYR D 1057 -0.93 9.08 -11.61
C TYR D 1057 -0.28 8.52 -10.34
N ALA D 1058 -0.06 9.37 -9.34
CA ALA D 1058 0.47 8.86 -8.08
C ALA D 1058 -0.52 7.93 -7.40
N ALA D 1059 -1.82 8.17 -7.57
CA ALA D 1059 -2.82 7.27 -7.01
C ALA D 1059 -2.79 5.91 -7.70
N ARG D 1060 -2.46 5.88 -8.99
CA ARG D 1060 -2.35 4.60 -9.68
C ARG D 1060 -1.13 3.81 -9.20
N LEU D 1061 -0.01 4.49 -8.95
CA LEU D 1061 1.15 3.80 -8.41
C LEU D 1061 0.92 3.37 -6.97
N ASP D 1062 0.21 4.18 -6.19
CA ASP D 1062 -0.12 3.81 -4.82
C ASP D 1062 -1.05 2.60 -4.78
N ALA D 1063 -2.11 2.63 -5.60
CA ALA D 1063 -3.04 1.51 -5.65
C ALA D 1063 -2.38 0.25 -6.18
N LYS D 1064 -1.41 0.40 -7.09
CA LYS D 1064 -0.66 -0.75 -7.59
C LYS D 1064 0.20 -1.36 -6.48
N GLN D 1065 0.89 -0.50 -5.72
CA GLN D 1065 1.68 -0.98 -4.59
C GLN D 1065 0.81 -1.66 -3.55
N ALA D 1066 -0.42 -1.18 -3.36
CA ALA D 1066 -1.32 -1.81 -2.41
C ALA D 1066 -1.75 -3.19 -2.88
N GLU D 1067 -2.13 -3.31 -4.15
CA GLU D 1067 -2.59 -4.60 -4.66
C GLU D 1067 -1.46 -5.62 -4.69
N ASP D 1068 -0.25 -5.19 -5.07
CA ASP D 1068 0.88 -6.10 -5.04
C ASP D 1068 1.19 -6.57 -3.63
N VAL D 1069 0.98 -5.72 -2.63
CA VAL D 1069 1.18 -6.15 -1.25
C VAL D 1069 0.05 -7.07 -0.81
N LYS D 1070 -1.17 -6.78 -1.23
CA LYS D 1070 -2.30 -7.66 -0.90
C LYS D 1070 -2.14 -9.03 -1.53
N GLN D 1071 -1.69 -9.08 -2.80
CA GLN D 1071 -1.51 -10.35 -3.48
C GLN D 1071 -0.41 -11.19 -2.84
N THR D 1072 0.72 -10.56 -2.50
CA THR D 1072 1.82 -11.29 -1.90
C THR D 1072 1.46 -11.80 -0.51
N GLU D 1073 0.79 -10.97 0.29
CA GLU D 1073 0.28 -11.41 1.59
C GLU D 1073 -0.58 -12.66 1.44
N GLU D 1074 -1.58 -12.61 0.57
CA GLU D 1074 -2.45 -13.76 0.37
C GLU D 1074 -1.66 -14.99 -0.09
N GLY D 1075 -0.57 -14.77 -0.82
CA GLY D 1075 0.27 -15.89 -1.22
C GLY D 1075 1.16 -16.42 -0.11
N VAL D 1076 1.52 -15.56 0.85
CA VAL D 1076 2.33 -16.00 1.97
C VAL D 1076 1.51 -16.90 2.90
N GLU D 1077 0.32 -16.44 3.30
CA GLU D 1077 -0.50 -17.26 4.18
C GLU D 1077 -1.10 -18.46 3.45
N ARG D 1078 -1.20 -18.40 2.12
CA ARG D 1078 -1.59 -19.60 1.37
C ARG D 1078 -0.55 -20.69 1.53
N LEU D 1079 0.74 -20.32 1.48
CA LEU D 1079 1.80 -21.32 1.61
C LEU D 1079 2.01 -21.72 3.07
N LYS D 1080 1.86 -20.77 4.00
CA LYS D 1080 1.96 -21.09 5.41
C LYS D 1080 0.90 -22.10 5.82
N GLU D 1081 -0.36 -21.84 5.43
CA GLU D 1081 -1.43 -22.78 5.77
C GLU D 1081 -1.21 -24.13 5.10
N TYR D 1082 -0.76 -24.12 3.84
CA TYR D 1082 -0.56 -25.38 3.13
C TYR D 1082 0.57 -26.19 3.76
N ILE D 1083 1.66 -25.52 4.15
CA ILE D 1083 2.79 -26.23 4.74
C ILE D 1083 2.46 -26.69 6.15
N GLU D 1084 1.82 -25.82 6.94
CA GLU D 1084 1.46 -26.17 8.32
C GLU D 1084 0.25 -27.09 8.34
N ARG D 1085 0.27 -28.10 7.46
CA ARG D 1085 -0.77 -29.11 7.34
C ARG D 1085 -0.10 -30.47 7.38
N PRO D 1086 -0.66 -31.44 8.12
CA PRO D 1086 0.08 -32.69 8.37
C PRO D 1086 0.39 -33.50 7.12
N ASP D 1087 -0.51 -33.52 6.13
CA ASP D 1087 -0.37 -34.41 4.99
C ASP D 1087 0.41 -33.81 3.83
N SER D 1088 0.81 -32.55 3.89
CA SER D 1088 1.48 -31.88 2.78
C SER D 1088 2.99 -31.85 2.93
N GLY D 1089 3.56 -32.76 3.73
CA GLY D 1089 5.00 -32.76 3.90
C GLY D 1089 5.74 -33.10 2.61
N SER D 1090 5.30 -34.16 1.93
CA SER D 1090 5.98 -34.58 0.71
C SER D 1090 5.83 -33.56 -0.42
N VAL D 1091 4.71 -32.83 -0.45
CA VAL D 1091 4.53 -31.80 -1.46
C VAL D 1091 5.48 -30.63 -1.21
N SER D 1092 5.63 -30.23 0.05
CA SER D 1092 6.51 -29.11 0.38
C SER D 1092 7.96 -29.39 0.00
N ALA D 1093 8.38 -30.64 0.08
CA ALA D 1093 9.74 -30.99 -0.34
C ALA D 1093 9.86 -31.02 -1.86
N ARG D 1094 8.90 -31.67 -2.52
CA ARG D 1094 8.98 -31.85 -3.97
C ARG D 1094 8.86 -30.52 -4.71
N LEU D 1095 8.04 -29.61 -4.20
CA LEU D 1095 7.81 -28.32 -4.86
C LEU D 1095 8.64 -27.19 -4.28
N HIS D 1096 9.46 -27.46 -3.26
CA HIS D 1096 10.29 -26.45 -2.61
C HIS D 1096 9.44 -25.27 -2.12
N LEU D 1097 8.32 -25.60 -1.47
CA LEU D 1097 7.44 -24.56 -0.96
C LEU D 1097 8.12 -23.73 0.12
N ALA D 1098 9.11 -24.31 0.82
CA ALA D 1098 9.88 -23.55 1.78
C ALA D 1098 10.65 -22.42 1.10
N ASP D 1099 11.44 -22.77 0.08
CA ASP D 1099 12.13 -21.74 -0.69
C ASP D 1099 11.16 -20.78 -1.36
N ARG D 1100 10.00 -21.29 -1.80
CA ARG D 1100 9.01 -20.43 -2.42
C ARG D 1100 8.39 -19.48 -1.41
N LEU D 1101 8.18 -19.95 -0.18
CA LEU D 1101 7.61 -19.08 0.85
C LEU D 1101 8.63 -18.04 1.32
N ARG D 1102 9.89 -18.44 1.43
CA ARG D 1102 10.93 -17.49 1.83
C ARG D 1102 11.09 -16.39 0.80
N GLU D 1103 10.99 -16.73 -0.49
CA GLU D 1103 11.06 -15.72 -1.53
C GLU D 1103 9.88 -14.77 -1.47
N LEU D 1104 8.68 -15.29 -1.16
CA LEU D 1104 7.51 -14.44 -1.04
C LEU D 1104 7.65 -13.45 0.11
N GLU D 1105 8.08 -13.94 1.28
CA GLU D 1105 8.26 -13.05 2.42
C GLU D 1105 9.35 -12.01 2.16
N ALA D 1106 10.37 -12.38 1.39
CA ALA D 1106 11.40 -11.41 1.01
C ALA D 1106 10.81 -10.32 0.12
N GLN D 1107 9.94 -10.71 -0.82
CA GLN D 1107 9.33 -9.74 -1.73
C GLN D 1107 8.22 -8.95 -1.05
N LEU D 1108 7.53 -9.54 -0.07
CA LEU D 1108 6.51 -8.81 0.66
C LEU D 1108 7.11 -7.61 1.40
N THR D 1109 8.33 -7.77 1.92
CA THR D 1109 9.01 -6.66 2.57
C THR D 1109 9.32 -5.56 1.56
N TYR D 1110 9.88 -5.94 0.40
CA TYR D 1110 10.23 -4.94 -0.61
C TYR D 1110 9.01 -4.19 -1.11
N GLU D 1111 7.91 -4.92 -1.37
CA GLU D 1111 6.71 -4.27 -1.89
C GLU D 1111 6.08 -3.31 -0.87
N ARG D 1112 6.36 -3.50 0.42
CA ARG D 1112 5.93 -2.54 1.42
C ARG D 1112 6.84 -1.31 1.50
N SER D 1113 8.01 -1.37 0.89
CA SER D 1113 9.02 -0.33 1.05
C SER D 1113 8.75 0.84 0.11
N PRO D 1114 9.23 2.04 0.48
CA PRO D 1114 9.14 3.17 -0.45
C PRO D 1114 9.98 2.98 -1.71
N GLU D 1115 11.03 2.17 -1.64
CA GLU D 1115 11.89 1.98 -2.81
C GLU D 1115 11.14 1.27 -3.93
N TYR D 1116 10.25 0.34 -3.59
CA TYR D 1116 9.41 -0.30 -4.60
C TYR D 1116 8.43 0.70 -5.21
N ARG D 1117 7.87 1.58 -4.38
CA ARG D 1117 6.99 2.63 -4.89
C ARG D 1117 7.74 3.52 -5.88
N ARG D 1118 9.01 3.82 -5.59
CA ARG D 1118 9.79 4.66 -6.49
C ARG D 1118 10.06 3.96 -7.82
N SER D 1119 10.30 2.65 -7.78
CA SER D 1119 10.53 1.90 -9.01
C SER D 1119 9.26 1.71 -9.83
N LEU D 1120 8.09 1.97 -9.25
CA LEU D 1120 6.86 1.91 -10.02
C LEU D 1120 6.70 3.09 -10.96
N VAL D 1121 7.49 4.16 -10.76
CA VAL D 1121 7.43 5.31 -11.65
C VAL D 1121 7.86 4.88 -13.05
N GLY D 1122 7.03 5.18 -14.04
CA GLY D 1122 7.23 4.71 -15.38
C GLY D 1122 6.39 3.53 -15.78
N THR D 1123 5.56 3.02 -14.87
CA THR D 1123 4.65 1.92 -15.17
C THR D 1123 3.21 2.42 -15.20
N LEU D 1124 2.31 1.54 -15.62
CA LEU D 1124 0.92 1.93 -15.79
C LEU D 1124 0.17 2.02 -14.47
N GLY D 1125 0.70 1.46 -13.40
CA GLY D 1125 -0.03 1.47 -12.16
C GLY D 1125 -1.31 0.66 -12.26
N ARG D 1126 -2.25 0.98 -11.37
CA ARG D 1126 -3.50 0.26 -11.26
C ARG D 1126 -4.65 1.24 -11.14
N GLN D 1127 -5.80 0.85 -11.69
CA GLN D 1127 -7.03 1.60 -11.54
C GLN D 1127 -7.29 1.86 -10.05
N PRO D 1128 -7.35 3.14 -9.62
CA PRO D 1128 -7.54 3.42 -8.18
C PRO D 1128 -8.90 2.99 -7.67
N ARG D 1129 -9.97 3.43 -8.32
CA ARG D 1129 -11.34 3.08 -7.95
C ARG D 1129 -11.99 2.33 -9.11
N PHE D 1130 -12.46 1.12 -8.84
CA PHE D 1130 -13.19 0.37 -9.86
C PHE D 1130 -14.67 0.65 -9.85
N VAL D 1131 -15.22 1.15 -8.74
CA VAL D 1131 -16.63 1.45 -8.66
C VAL D 1131 -16.81 2.82 -8.01
N SER E 2 8.46 68.97 -104.77
CA SER E 2 8.96 68.99 -106.14
C SER E 2 9.75 70.25 -106.44
N VAL E 3 10.24 70.37 -107.67
CA VAL E 3 11.04 71.53 -108.04
C VAL E 3 10.16 72.75 -108.25
N VAL E 4 9.01 72.58 -108.90
CA VAL E 4 8.13 73.72 -109.17
C VAL E 4 7.50 74.23 -107.89
N GLU E 5 7.11 73.32 -106.99
CA GLU E 5 6.55 73.72 -105.71
C GLU E 5 7.55 74.54 -104.89
N ARG E 6 8.81 74.12 -104.90
CA ARG E 6 9.83 74.82 -104.12
C ARG E 6 10.07 76.23 -104.65
N ARG E 7 9.98 76.43 -105.97
CA ARG E 7 10.19 77.76 -106.53
C ARG E 7 9.04 78.70 -106.18
N GLN E 8 7.81 78.18 -106.13
CA GLN E 8 6.67 79.03 -105.78
C GLN E 8 6.69 79.41 -104.31
N ILE E 9 7.22 78.54 -103.45
CA ILE E 9 7.35 78.90 -102.04
C ILE E 9 8.43 79.95 -101.85
N ASN E 10 9.57 79.78 -102.54
CA ASN E 10 10.64 80.77 -102.45
C ASN E 10 10.18 82.13 -102.98
N ALA E 11 9.29 82.14 -103.96
CA ALA E 11 8.78 83.40 -104.50
C ALA E 11 7.90 84.11 -103.47
N ALA E 12 6.99 83.37 -102.83
CA ALA E 12 6.15 83.96 -101.79
C ALA E 12 6.98 84.43 -100.60
N ILE E 13 8.05 83.70 -100.28
CA ILE E 13 8.92 84.10 -99.18
C ILE E 13 9.64 85.40 -99.50
N ASN E 14 10.16 85.53 -100.72
CA ASN E 14 10.88 86.73 -101.10
C ASN E 14 9.97 87.96 -101.07
N LEU E 15 8.72 87.80 -101.52
CA LEU E 15 7.75 88.88 -101.41
C LEU E 15 7.64 89.38 -99.98
N ARG E 16 7.52 88.45 -99.03
CA ARG E 16 7.36 88.81 -97.64
C ARG E 16 8.66 89.36 -97.04
N LEU E 17 9.81 88.86 -97.48
CA LEU E 17 11.07 89.44 -97.02
C LEU E 17 11.27 90.83 -97.60
N SER E 18 10.80 91.08 -98.82
CA SER E 18 10.90 92.41 -99.41
C SER E 18 9.94 93.38 -98.74
N LEU E 19 8.74 92.90 -98.36
CA LEU E 19 7.77 93.75 -97.68
C LEU E 19 8.31 94.24 -96.34
N LEU E 20 9.19 93.48 -95.70
CA LEU E 20 9.77 93.86 -94.42
C LEU E 20 11.09 94.60 -94.58
N GLY E 21 11.57 94.79 -95.80
CA GLY E 21 12.84 95.46 -96.01
C GLY E 21 14.07 94.62 -95.75
N LEU E 22 13.91 93.31 -95.62
CA LEU E 22 15.01 92.40 -95.34
C LEU E 22 15.68 91.95 -96.63
N PRO E 23 16.95 91.55 -96.56
CA PRO E 23 17.60 90.99 -97.75
C PRO E 23 16.97 89.68 -98.20
N HIS E 24 17.13 89.39 -99.49
CA HIS E 24 16.51 88.22 -100.12
C HIS E 24 17.14 88.04 -101.50
N PRO E 25 17.14 86.81 -102.03
CA PRO E 25 17.68 86.58 -103.38
C PRO E 25 16.78 87.14 -104.47
N ALA E 34 7.52 90.70 -110.58
CA ALA E 34 8.78 91.39 -110.33
C ALA E 34 8.61 92.89 -110.55
N ILE E 35 8.77 93.32 -111.79
CA ILE E 35 8.50 94.69 -112.16
C ILE E 35 7.04 95.05 -111.90
N LEU E 36 6.16 94.05 -111.93
CA LEU E 36 4.73 94.29 -111.75
C LEU E 36 4.35 94.41 -110.28
N VAL E 37 5.05 93.69 -109.39
CA VAL E 37 4.68 93.70 -107.98
C VAL E 37 5.34 94.82 -107.18
N GLU E 38 6.43 95.40 -107.69
CA GLU E 38 7.11 96.46 -106.93
C GLU E 38 6.21 97.66 -106.62
N PRO E 39 5.36 98.16 -107.52
CA PRO E 39 4.46 99.25 -107.13
C PRO E 39 3.54 98.88 -105.97
N LEU E 40 3.07 97.64 -105.92
CA LEU E 40 2.19 97.23 -104.84
C LEU E 40 2.95 96.97 -103.54
N LEU E 41 4.18 96.45 -103.63
CA LEU E 41 5.00 96.31 -102.43
C LEU E 41 5.31 97.67 -101.82
N ALA E 42 5.65 98.65 -102.66
CA ALA E 42 5.90 100.00 -102.16
C ALA E 42 4.63 100.63 -101.61
N ARG E 43 3.49 100.36 -102.26
CA ARG E 43 2.23 100.88 -101.76
C ARG E 43 1.87 100.27 -100.42
N GLN E 44 2.33 99.05 -100.16
CA GLN E 44 1.97 98.36 -98.92
C GLN E 44 2.87 98.80 -97.77
N ARG E 45 4.18 98.96 -98.02
CA ARG E 45 5.06 99.42 -96.96
C ARG E 45 4.70 100.83 -96.50
N GLU E 46 4.21 101.67 -97.41
CA GLU E 46 3.77 103.01 -97.02
C GLU E 46 2.49 102.95 -96.20
N LEU E 47 1.52 102.15 -96.63
CA LEU E 47 0.32 101.94 -95.82
C LEU E 47 0.68 101.33 -94.46
N SER E 48 1.66 100.42 -94.45
CA SER E 48 2.04 99.74 -93.21
C SER E 48 2.60 100.73 -92.19
N ARG E 49 3.62 101.50 -92.57
CA ARG E 49 4.22 102.43 -91.64
C ARG E 49 3.28 103.57 -91.26
N ARG E 50 2.23 103.82 -92.04
CA ARG E 50 1.16 104.71 -91.59
C ARG E 50 0.37 104.11 -90.43
N LEU E 51 0.73 102.92 -89.97
CA LEU E 51 0.09 102.29 -88.82
C LEU E 51 1.14 101.85 -87.81
N ARG E 54 1.45 98.51 -84.73
CA ARG E 54 0.11 98.10 -84.33
C ARG E 54 0.00 96.58 -84.24
N LEU E 55 -0.82 96.10 -83.32
CA LEU E 55 -0.97 94.68 -83.06
C LEU E 55 -2.22 94.12 -83.72
N SER E 56 -2.12 92.89 -84.22
CA SER E 56 -3.29 92.19 -84.71
C SER E 56 -4.21 91.83 -83.53
N ALA E 57 -5.43 91.44 -83.86
CA ALA E 57 -6.40 91.11 -82.81
C ALA E 57 -5.91 90.02 -81.85
N PRO E 58 -5.27 88.93 -82.30
CA PRO E 58 -4.74 87.96 -81.32
C PRO E 58 -3.66 88.55 -80.42
N ASP E 59 -2.77 89.38 -80.98
CA ASP E 59 -1.73 89.99 -80.17
C ASP E 59 -2.29 91.03 -79.22
N LEU E 60 -3.39 91.68 -79.58
CA LEU E 60 -4.03 92.64 -78.67
C LEU E 60 -4.50 91.94 -77.40
N ARG E 61 -5.19 90.81 -77.54
CA ARG E 61 -5.66 90.07 -76.37
C ARG E 61 -4.48 89.62 -75.51
N ILE E 62 -3.41 89.13 -76.13
CA ILE E 62 -2.22 88.75 -75.37
C ILE E 62 -1.61 89.97 -74.70
N GLN E 63 -1.52 91.09 -75.41
CA GLN E 63 -0.88 92.27 -74.86
C GLN E 63 -1.72 92.88 -73.74
N ARG E 64 -3.03 92.96 -73.92
CA ARG E 64 -3.89 93.51 -72.87
C ARG E 64 -3.85 92.64 -71.62
N PHE E 65 -3.68 91.33 -71.77
CA PHE E 65 -3.51 90.46 -70.60
C PHE E 65 -2.17 90.70 -69.93
N LEU E 66 -1.10 90.82 -70.72
CA LEU E 66 0.21 91.07 -70.14
C LEU E 66 0.26 92.41 -69.43
N ASP E 67 -0.36 93.43 -70.01
CA ASP E 67 -0.34 94.75 -69.39
C ASP E 67 -1.07 94.75 -68.05
N ASP E 68 -2.15 93.97 -67.94
CA ASP E 68 -2.91 93.94 -66.69
C ASP E 68 -2.34 92.93 -65.70
N TYR E 69 -1.94 91.74 -66.19
CA TYR E 69 -1.38 90.73 -65.31
C TYR E 69 -0.06 91.20 -64.69
N LEU E 70 0.76 91.91 -65.47
CA LEU E 70 2.06 92.39 -65.02
C LEU E 70 2.06 93.90 -64.79
N ALA E 71 0.91 94.46 -64.41
CA ALA E 71 0.80 95.90 -64.25
C ALA E 71 1.64 96.42 -63.09
N ASP E 72 1.95 95.58 -62.11
CA ASP E 72 2.72 96.01 -60.94
C ASP E 72 4.06 95.30 -60.89
N CYS E 73 4.85 95.39 -61.95
CA CYS E 73 6.16 94.77 -62.04
C CYS E 73 7.16 95.80 -62.54
N ASP E 74 8.45 95.46 -62.41
CA ASP E 74 9.51 96.34 -62.91
C ASP E 74 9.48 96.45 -64.42
N GLU E 75 9.12 95.37 -65.11
CA GLU E 75 9.07 95.32 -66.56
C GLU E 75 7.63 95.17 -67.04
N HIS E 76 7.36 95.67 -68.23
CA HIS E 76 6.06 95.52 -68.89
C HIS E 76 6.33 95.06 -70.31
N PRO E 77 6.48 93.76 -70.52
CA PRO E 77 6.95 93.27 -71.82
C PRO E 77 5.93 93.51 -72.92
N GLN E 78 6.40 94.05 -74.03
CA GLN E 78 5.56 94.30 -75.21
C GLN E 78 5.94 93.34 -76.32
N LEU E 79 4.93 92.76 -76.97
CA LEU E 79 5.18 91.84 -78.06
C LEU E 79 5.83 92.57 -79.24
N PRO E 80 6.65 91.87 -80.02
CA PRO E 80 7.23 92.49 -81.23
C PRO E 80 6.13 93.01 -82.14
N ARG E 81 6.19 94.31 -82.45
CA ARG E 81 5.13 94.94 -83.24
C ARG E 81 5.22 94.54 -84.70
N THR E 82 6.42 94.23 -85.20
CA THR E 82 6.63 93.81 -86.57
C THR E 82 7.24 92.42 -86.58
N THR E 83 6.58 91.48 -87.25
CA THR E 83 7.10 90.13 -87.38
C THR E 83 6.89 89.65 -88.81
N LEU E 84 7.73 88.70 -89.21
CA LEU E 84 7.54 87.99 -90.48
C LEU E 84 6.35 87.05 -90.29
N VAL E 85 5.19 87.44 -90.81
CA VAL E 85 3.95 86.70 -90.59
C VAL E 85 3.88 85.55 -91.58
N LEU E 86 3.81 84.31 -91.06
CA LEU E 86 3.67 83.12 -91.89
C LEU E 86 2.18 82.88 -92.09
N ASP E 87 1.61 83.54 -93.10
CA ASP E 87 0.18 83.49 -93.35
C ASP E 87 -0.23 82.31 -94.23
N GLU E 88 0.71 81.60 -94.83
CA GLU E 88 0.42 80.46 -95.69
C GLU E 88 1.22 79.25 -95.23
N PRO E 89 0.65 78.06 -95.34
CA PRO E 89 1.42 76.85 -95.02
C PRO E 89 2.54 76.63 -96.02
N GLY E 90 3.65 76.11 -95.51
CA GLY E 90 4.81 75.82 -96.32
C GLY E 90 5.87 76.89 -96.32
N LEU E 91 5.53 78.11 -95.88
CA LEU E 91 6.53 79.15 -95.77
C LEU E 91 7.57 78.80 -94.71
N ALA E 92 7.12 78.21 -93.60
CA ALA E 92 8.06 77.84 -92.54
C ALA E 92 9.02 76.75 -93.02
N ARG E 93 8.52 75.81 -93.82
CA ARG E 93 9.39 74.78 -94.37
C ARG E 93 10.46 75.39 -95.27
N GLY E 94 10.06 76.30 -96.16
CA GLY E 94 11.04 76.91 -97.05
C GLY E 94 12.04 77.78 -96.32
N LEU E 95 11.59 78.49 -95.28
CA LEU E 95 12.45 79.40 -94.54
C LEU E 95 13.39 78.68 -93.57
N SER E 96 13.20 77.38 -93.35
CA SER E 96 13.99 76.64 -92.38
C SER E 96 15.26 76.04 -92.98
N LEU E 97 15.55 76.32 -94.24
CA LEU E 97 16.73 75.81 -94.92
C LEU E 97 17.25 76.88 -95.86
N PRO E 98 18.57 76.92 -96.11
CA PRO E 98 19.11 77.88 -97.07
C PRO E 98 18.46 77.72 -98.44
N VAL E 99 18.15 78.86 -99.05
CA VAL E 99 17.49 78.85 -100.36
C VAL E 99 18.39 78.18 -101.40
N ASP E 100 19.70 78.26 -101.22
CA ASP E 100 20.65 77.74 -102.18
C ASP E 100 21.50 76.61 -101.63
N GLY E 101 21.34 76.25 -100.36
CA GLY E 101 22.15 75.24 -99.73
C GLY E 101 21.30 74.13 -99.12
N ASP E 102 21.97 73.05 -98.76
CA ASP E 102 21.31 71.89 -98.17
C ASP E 102 21.66 71.68 -96.70
N GLU E 103 22.41 72.61 -96.10
CA GLU E 103 22.94 72.42 -94.76
C GLU E 103 22.88 73.75 -94.01
N PHE E 104 22.44 73.70 -92.75
CA PHE E 104 22.36 74.87 -91.91
C PHE E 104 22.82 74.54 -90.50
N HIS E 105 23.58 75.44 -89.91
CA HIS E 105 24.11 75.25 -88.57
C HIS E 105 24.05 76.55 -87.80
N SER E 106 23.38 76.52 -86.65
CA SER E 106 23.45 77.56 -85.64
C SER E 106 23.81 76.90 -84.31
N ASP E 107 23.94 77.72 -83.26
CA ASP E 107 24.18 77.16 -81.94
C ASP E 107 22.97 76.40 -81.39
N ILE E 108 21.88 76.34 -82.15
CA ILE E 108 20.58 75.92 -81.63
C ILE E 108 20.06 74.72 -82.40
N VAL E 109 20.41 74.61 -83.68
CA VAL E 109 19.90 73.53 -84.52
C VAL E 109 20.90 73.21 -85.61
N ALA E 110 20.87 71.97 -86.07
CA ALA E 110 21.54 71.53 -87.29
C ALA E 110 20.47 71.03 -88.25
N SER E 111 20.37 71.69 -89.40
CA SER E 111 19.30 71.41 -90.36
C SER E 111 19.89 70.95 -91.69
N TYR E 112 19.23 69.97 -92.29
CA TYR E 112 19.71 69.35 -93.53
C TYR E 112 18.53 69.12 -94.47
N ARG E 113 18.75 69.41 -95.75
CA ARG E 113 17.78 69.08 -96.79
C ARG E 113 18.05 67.66 -97.27
N LEU E 114 17.04 66.80 -97.15
CA LEU E 114 17.19 65.37 -97.40
C LEU E 114 16.49 64.96 -98.69
N VAL E 115 16.99 63.88 -99.28
CA VAL E 115 16.28 63.23 -100.39
C VAL E 115 14.90 62.80 -99.94
N ASN E 116 14.76 62.37 -98.68
CA ASN E 116 13.49 61.92 -98.14
C ASN E 116 12.89 62.90 -97.14
N GLY E 117 13.17 64.20 -97.31
CA GLY E 117 12.51 65.21 -96.50
C GLY E 117 13.40 66.29 -95.91
N VAL E 118 13.27 66.53 -94.61
CA VAL E 118 14.09 67.52 -93.91
C VAL E 118 14.51 66.93 -92.57
N LEU E 119 15.72 67.28 -92.14
CA LEU E 119 16.28 66.78 -90.89
C LEU E 119 16.69 67.96 -90.02
N HIS E 120 16.18 67.99 -88.79
CA HIS E 120 16.51 69.02 -87.82
C HIS E 120 16.97 68.37 -86.53
N ASN E 121 18.23 68.62 -86.16
CA ASN E 121 18.76 68.11 -84.90
C ASN E 121 18.93 69.27 -83.92
N PRO E 122 18.04 69.45 -82.96
CA PRO E 122 18.18 70.54 -82.00
C PRO E 122 19.33 70.27 -81.03
N LYS E 123 19.69 71.33 -80.29
CA LYS E 123 20.82 71.24 -79.36
C LYS E 123 20.65 70.08 -78.39
N HIS E 124 19.45 69.89 -77.85
CA HIS E 124 19.12 68.76 -77.01
C HIS E 124 18.20 67.83 -77.78
N ASP E 125 18.40 66.52 -77.59
CA ASP E 125 17.68 65.53 -78.40
C ASP E 125 16.47 64.95 -77.70
N ARG E 126 16.36 65.07 -76.38
CA ARG E 126 15.25 64.49 -75.66
C ARG E 126 14.64 65.51 -74.70
N ARG E 127 13.41 65.24 -74.30
CA ARG E 127 12.65 66.12 -73.44
C ARG E 127 12.90 65.77 -71.98
N THR E 128 13.02 66.80 -71.15
CA THR E 128 13.14 66.63 -69.71
C THR E 128 11.85 67.04 -69.03
N THR E 129 11.67 66.58 -67.80
CA THR E 129 10.47 66.90 -67.04
C THR E 129 10.77 67.46 -65.66
N ALA E 130 11.82 66.98 -65.00
CA ALA E 130 12.18 67.47 -63.67
C ALA E 130 12.56 68.94 -63.71
N GLY E 131 11.76 69.78 -63.06
CA GLY E 131 12.07 71.19 -62.96
C GLY E 131 11.94 71.97 -64.24
N VAL E 132 11.11 71.51 -65.17
CA VAL E 132 10.96 72.17 -66.47
C VAL E 132 9.78 73.13 -66.48
N PHE E 133 8.67 72.75 -65.87
CA PHE E 133 7.44 73.54 -65.92
C PHE E 133 7.47 74.59 -64.80
N HIS E 134 7.59 75.86 -65.19
CA HIS E 134 7.59 76.99 -64.26
C HIS E 134 6.29 77.78 -64.45
N ILE E 135 5.63 78.11 -63.34
CA ILE E 135 4.35 78.81 -63.37
C ILE E 135 4.48 80.08 -62.54
N SER E 136 4.00 81.19 -63.09
CA SER E 136 4.07 82.48 -62.42
C SER E 136 2.93 82.65 -61.41
N THR E 137 3.26 83.25 -60.27
CA THR E 137 2.25 83.60 -59.28
C THR E 137 1.37 84.72 -59.81
N GLY E 138 0.29 85.00 -59.06
CA GLY E 138 -0.64 86.03 -59.45
C GLY E 138 -1.78 85.55 -60.33
N GLY E 139 -1.83 84.26 -60.66
CA GLY E 139 -2.94 83.72 -61.42
C GLY E 139 -3.65 82.60 -60.67
N LEU E 140 -4.12 81.59 -61.41
CA LEU E 140 -4.79 80.46 -60.81
C LEU E 140 -3.82 79.66 -59.93
N PRO E 141 -4.33 78.86 -58.98
CA PRO E 141 -3.45 78.14 -58.07
C PRO E 141 -2.39 77.32 -58.83
N ILE E 142 -1.22 77.19 -58.21
CA ILE E 142 -0.08 76.52 -58.81
C ILE E 142 0.04 75.13 -58.20
N PRO E 143 0.04 74.06 -58.99
CA PRO E 143 0.16 72.71 -58.43
C PRO E 143 1.42 72.55 -57.58
N GLN E 144 1.35 71.58 -56.67
CA GLN E 144 2.44 71.38 -55.72
C GLN E 144 3.73 70.97 -56.42
N ASP E 145 3.62 70.17 -57.49
CA ASP E 145 4.80 69.63 -58.16
C ASP E 145 5.44 70.59 -59.14
N LYS E 146 4.84 71.75 -59.39
CA LYS E 146 5.40 72.70 -60.34
C LYS E 146 6.34 73.67 -59.63
N VAL E 147 7.11 74.41 -60.42
CA VAL E 147 8.06 75.39 -59.92
C VAL E 147 7.37 76.74 -59.83
N GLU E 148 7.38 77.34 -58.64
CA GLU E 148 6.69 78.59 -58.38
C GLU E 148 7.63 79.75 -58.70
N VAL E 149 7.30 80.52 -59.74
CA VAL E 149 8.08 81.69 -60.15
C VAL E 149 7.30 82.93 -59.75
N ASP E 150 7.95 83.84 -59.05
CA ASP E 150 7.32 85.10 -58.69
C ASP E 150 6.96 85.88 -59.95
N LYS E 151 5.83 86.59 -59.88
CA LYS E 151 5.32 87.33 -61.04
C LYS E 151 6.35 88.34 -61.54
N ASN E 152 7.08 88.98 -60.62
CA ASN E 152 8.07 89.97 -61.04
C ASN E 152 9.21 89.33 -61.81
N VAL E 153 9.64 88.14 -61.41
CA VAL E 153 10.69 87.44 -62.13
C VAL E 153 10.21 87.03 -63.52
N TYR E 154 8.96 86.59 -63.62
CA TYR E 154 8.39 86.25 -64.92
C TYR E 154 8.43 87.44 -65.88
N ALA E 155 8.12 88.63 -65.38
CA ALA E 155 8.10 89.81 -66.25
C ALA E 155 9.49 90.11 -66.80
N ARG E 156 10.52 90.00 -65.96
CA ARG E 156 11.88 90.23 -66.44
C ARG E 156 12.31 89.16 -67.43
N ILE E 157 11.84 87.93 -67.25
CA ILE E 157 12.16 86.86 -68.20
C ILE E 157 11.49 87.14 -69.54
N LEU E 158 10.18 87.40 -69.52
CA LEU E 158 9.46 87.66 -70.75
C LEU E 158 9.97 88.89 -71.47
N ALA E 159 10.42 89.91 -70.71
CA ALA E 159 11.02 91.07 -71.34
C ALA E 159 12.34 90.72 -72.03
N ARG E 160 13.17 89.90 -71.37
CA ARG E 160 14.42 89.48 -71.99
C ARG E 160 14.19 88.50 -73.14
N ALA E 161 13.08 87.78 -73.13
CA ALA E 161 12.78 86.87 -74.24
C ALA E 161 12.70 87.61 -75.55
N PHE E 162 12.18 88.84 -75.53
CA PHE E 162 12.07 89.66 -76.72
C PHE E 162 13.38 90.36 -77.09
N GLN E 163 14.45 90.12 -76.35
CA GLN E 163 15.77 90.68 -76.65
C GLN E 163 16.70 89.55 -77.07
N ALA E 164 16.43 89.02 -78.27
CA ALA E 164 17.21 87.88 -78.74
C ALA E 164 18.43 88.35 -79.54
N PRO E 165 19.56 87.67 -79.41
CA PRO E 165 20.75 88.06 -80.19
C PRO E 165 20.54 87.77 -81.66
N ASP E 166 21.36 88.45 -82.48
CA ASP E 166 21.20 88.33 -83.94
C ASP E 166 21.47 86.92 -84.43
N GLU E 167 22.33 86.17 -83.74
CA GLU E 167 22.60 84.79 -84.14
C GLU E 167 21.34 83.94 -84.04
N GLU E 168 20.41 84.32 -83.16
CA GLU E 168 19.15 83.62 -83.00
C GLU E 168 18.04 84.17 -83.89
N LEU E 169 18.15 85.43 -84.33
CA LEU E 169 17.15 86.02 -85.22
C LEU E 169 17.40 85.68 -86.68
N ALA E 170 18.58 85.16 -87.03
CA ALA E 170 18.92 84.93 -88.42
C ALA E 170 18.11 83.77 -89.00
N LEU E 171 17.44 84.02 -90.12
CA LEU E 171 16.71 82.97 -90.80
C LEU E 171 17.68 82.01 -91.48
N PRO E 172 17.44 80.70 -91.37
CA PRO E 172 18.25 79.75 -92.16
C PRO E 172 18.16 80.01 -93.65
N TYR E 173 17.05 80.59 -94.10
CA TYR E 173 16.83 80.84 -95.53
C TYR E 173 17.92 81.71 -96.14
N THR E 174 18.58 82.54 -95.33
CA THR E 174 19.56 83.52 -95.81
C THR E 174 20.95 83.27 -95.24
N ALA E 175 21.21 82.06 -94.73
CA ALA E 175 22.46 81.81 -94.01
C ALA E 175 23.68 81.97 -94.91
N ASN E 176 23.55 81.67 -96.19
CA ASN E 176 24.67 81.73 -97.13
C ASN E 176 24.68 82.99 -97.97
N LEU E 177 23.72 83.89 -97.78
CA LEU E 177 23.64 85.11 -98.57
C LEU E 177 24.66 86.13 -98.09
N PRO E 178 25.04 87.08 -98.95
CA PRO E 178 26.00 88.11 -98.53
C PRO E 178 25.52 88.93 -97.35
N GLU E 179 24.21 89.03 -97.14
CA GLU E 179 23.65 89.71 -95.97
C GLU E 179 22.50 88.88 -95.45
N GLN E 180 22.61 88.43 -94.20
CA GLN E 180 21.58 87.59 -93.61
C GLN E 180 20.39 88.43 -93.15
N ALA E 181 19.24 87.78 -93.06
CA ALA E 181 18.00 88.44 -92.67
C ALA E 181 17.67 88.06 -91.23
N HIS E 182 17.51 89.07 -90.37
CA HIS E 182 17.16 88.88 -88.97
C HIS E 182 15.75 89.42 -88.73
N CYS E 183 14.94 88.66 -88.01
CA CYS E 183 13.57 89.08 -87.75
C CYS E 183 12.94 88.17 -86.69
N TRP E 184 11.74 88.55 -86.27
CA TRP E 184 10.86 87.67 -85.51
C TRP E 184 9.79 87.13 -86.44
N ALA E 185 9.43 85.87 -86.26
CA ALA E 185 8.39 85.24 -87.06
C ALA E 185 7.23 84.85 -86.17
N SER E 186 6.02 84.94 -86.72
CA SER E 186 4.81 84.61 -85.99
C SER E 186 3.96 83.64 -86.79
N LEU E 187 3.16 82.85 -86.08
CA LEU E 187 2.32 81.82 -86.67
C LEU E 187 1.04 81.70 -85.85
N LEU E 188 -0.09 81.87 -86.51
CA LEU E 188 -1.39 81.74 -85.88
C LEU E 188 -1.96 80.35 -86.17
N MET E 189 -2.48 79.70 -85.14
CA MET E 189 -3.05 78.36 -85.27
C MET E 189 -4.34 78.30 -84.46
N ARG E 190 -5.16 77.29 -84.77
CA ARG E 190 -6.45 77.09 -84.12
C ARG E 190 -6.59 75.65 -83.66
N PRO E 191 -5.90 75.28 -82.57
CA PRO E 191 -5.96 73.89 -82.11
C PRO E 191 -7.30 73.57 -81.46
N THR E 192 -7.82 72.38 -81.80
CA THR E 192 -9.15 71.97 -81.37
C THR E 192 -9.20 71.72 -79.86
N VAL E 193 -10.25 72.22 -79.22
CA VAL E 193 -10.49 71.98 -77.80
C VAL E 193 -11.74 71.14 -77.57
N LEU E 194 -12.79 71.37 -78.35
CA LEU E 194 -14.06 70.66 -78.23
C LEU E 194 -14.40 70.01 -79.56
N PRO E 195 -14.61 68.70 -79.62
CA PRO E 195 -14.94 68.06 -80.90
C PRO E 195 -16.39 68.33 -81.32
N ALA E 196 -16.60 68.25 -82.62
CA ALA E 196 -17.94 68.42 -83.17
C ALA E 196 -18.74 67.13 -83.00
N VAL E 197 -19.93 67.25 -82.41
CA VAL E 197 -20.85 66.14 -82.25
C VAL E 197 -22.21 66.63 -82.76
N PRO E 198 -22.77 66.00 -83.79
CA PRO E 198 -23.94 66.59 -84.48
C PRO E 198 -25.13 66.77 -83.55
N GLY E 199 -25.55 68.01 -83.40
CA GLY E 199 -26.67 68.33 -82.53
C GLY E 199 -26.34 68.45 -81.06
N ARG E 200 -25.05 68.39 -80.71
CA ARG E 200 -24.67 68.43 -79.30
C ARG E 200 -23.63 69.52 -79.05
N THR E 201 -22.53 69.52 -79.82
CA THR E 201 -21.47 70.49 -79.63
C THR E 201 -20.93 70.93 -80.99
N THR E 202 -20.72 72.24 -81.13
CA THR E 202 -20.00 72.77 -82.27
C THR E 202 -18.50 72.60 -82.02
N GLU E 203 -17.75 72.32 -83.09
CA GLU E 203 -16.30 72.25 -82.96
C GLU E 203 -15.75 73.60 -82.55
N LYS E 204 -15.03 73.63 -81.44
CA LYS E 204 -14.44 74.85 -80.91
C LYS E 204 -12.94 74.69 -80.80
N SER E 205 -12.23 75.78 -81.05
CA SER E 205 -10.79 75.82 -80.93
C SER E 205 -10.40 77.13 -80.26
N TYR E 206 -9.22 77.13 -79.65
CA TYR E 206 -8.64 78.37 -79.16
C TYR E 206 -7.62 78.88 -80.18
N GLU E 207 -7.21 80.14 -80.01
CA GLU E 207 -6.24 80.75 -80.90
C GLU E 207 -4.89 80.84 -80.20
N VAL E 208 -3.85 80.35 -80.86
CA VAL E 208 -2.49 80.38 -80.33
C VAL E 208 -1.60 81.10 -81.32
N HIS E 209 -0.73 81.97 -80.81
CA HIS E 209 0.20 82.73 -81.62
C HIS E 209 1.62 82.36 -81.18
N PHE E 210 2.35 81.68 -82.07
CA PHE E 210 3.75 81.37 -81.84
C PHE E 210 4.59 82.56 -82.33
N ILE E 211 5.36 83.15 -81.44
CA ILE E 211 6.21 84.29 -81.76
C ILE E 211 7.64 83.89 -81.43
N VAL E 212 8.41 83.55 -82.45
CA VAL E 212 9.77 83.04 -82.27
C VAL E 212 10.74 83.86 -83.13
N PRO E 213 12.01 83.96 -82.73
CA PRO E 213 13.00 84.56 -83.62
C PRO E 213 13.25 83.70 -84.86
N GLY E 214 13.87 84.31 -85.86
CA GLY E 214 14.01 83.66 -87.15
C GLY E 214 14.80 82.37 -87.11
N GLY E 215 15.71 82.24 -86.15
CA GLY E 215 16.55 81.06 -86.07
C GLY E 215 15.82 79.80 -85.66
N LEU E 216 14.60 79.93 -85.15
CA LEU E 216 13.77 78.78 -84.77
C LEU E 216 12.64 78.57 -85.77
N MET E 217 12.93 78.79 -87.06
CA MET E 217 11.91 78.64 -88.09
C MET E 217 11.42 77.20 -88.17
N CYS E 218 12.30 76.22 -87.95
CA CYS E 218 11.91 74.82 -88.05
C CYS E 218 10.89 74.44 -86.99
N ASN E 219 10.92 75.10 -85.83
CA ASN E 219 9.90 74.85 -84.81
C ASN E 219 8.53 75.29 -85.27
N LEU E 220 8.45 76.38 -86.06
CA LEU E 220 7.17 76.79 -86.62
C LEU E 220 6.68 75.79 -87.65
N ASP E 221 7.59 75.33 -88.52
CA ASP E 221 7.24 74.26 -89.46
C ASP E 221 6.75 73.02 -88.72
N PHE E 222 7.36 72.73 -87.57
CA PHE E 222 6.95 71.58 -86.77
C PHE E 222 5.50 71.70 -86.32
N VAL E 223 5.15 72.80 -85.65
CA VAL E 223 3.80 72.92 -85.11
C VAL E 223 2.77 73.22 -86.20
N GLU E 224 3.19 73.88 -87.28
CA GLU E 224 2.24 74.14 -88.37
C GLU E 224 1.78 72.84 -89.02
N GLY E 225 2.68 71.87 -89.17
CA GLY E 225 2.28 70.58 -89.70
C GLY E 225 1.39 69.81 -88.76
N ILE E 226 1.52 70.05 -87.46
CA ILE E 226 0.73 69.31 -86.47
C ILE E 226 -0.64 69.95 -86.26
N PHE E 227 -0.70 71.28 -86.17
CA PHE E 227 -1.93 71.97 -85.79
C PHE E 227 -2.48 72.90 -86.87
N GLY E 228 -1.79 73.07 -87.99
CA GLY E 228 -2.31 73.82 -89.10
C GLY E 228 -1.83 75.27 -89.11
N ASN E 229 -2.34 76.01 -90.10
CA ASN E 229 -2.01 77.41 -90.28
C ASN E 229 -3.32 78.19 -90.34
N ALA E 230 -3.52 79.09 -89.37
CA ALA E 230 -4.74 79.87 -89.30
C ALA E 230 -4.66 81.16 -90.11
N GLY E 231 -3.56 81.40 -90.81
CA GLY E 231 -3.49 82.49 -91.77
C GLY E 231 -3.02 83.79 -91.17
N ASP E 232 -3.28 84.85 -91.94
CA ASP E 232 -2.90 86.21 -91.58
C ASP E 232 -3.68 86.68 -90.36
N PRO E 233 -3.05 86.90 -89.20
CA PRO E 233 -3.81 87.33 -88.02
C PRO E 233 -4.35 88.75 -88.13
N TYR E 234 -3.92 89.52 -89.12
CA TYR E 234 -4.44 90.87 -89.33
C TYR E 234 -5.73 90.89 -90.12
N LEU E 235 -6.14 89.76 -90.69
CA LEU E 235 -7.39 89.76 -91.45
C LEU E 235 -8.56 89.40 -90.54
N PRO E 236 -9.73 90.02 -90.75
CA PRO E 236 -10.89 89.69 -89.90
C PRO E 236 -11.37 88.27 -90.05
N GLU E 237 -11.17 87.64 -91.21
CA GLU E 237 -11.57 86.24 -91.37
C GLU E 237 -10.80 85.32 -90.43
N ASN E 238 -9.63 85.73 -89.97
CA ASN E 238 -8.79 84.93 -89.08
C ASN E 238 -8.82 85.45 -87.65
N ASP E 239 -9.76 86.33 -87.30
CA ASP E 239 -9.92 86.82 -85.94
C ASP E 239 -10.98 85.97 -85.25
N ALA E 240 -10.53 85.11 -84.32
CA ALA E 240 -11.45 84.18 -83.66
C ALA E 240 -12.58 84.90 -82.94
N SER E 241 -12.32 86.12 -82.45
CA SER E 241 -13.35 86.85 -81.71
C SER E 241 -14.53 87.25 -82.60
N LEU E 242 -14.33 87.30 -83.91
CA LEU E 242 -15.39 87.65 -84.84
C LEU E 242 -16.19 86.44 -85.30
N ASP E 243 -15.80 85.23 -84.89
CA ASP E 243 -16.57 84.02 -85.13
C ASP E 243 -16.66 83.23 -83.84
N PRO E 244 -17.28 83.81 -82.80
CA PRO E 244 -17.15 83.22 -81.45
C PRO E 244 -17.80 81.85 -81.29
N ASP E 245 -18.67 81.42 -82.21
CA ASP E 245 -19.30 80.13 -82.04
C ASP E 245 -18.29 78.99 -82.20
N SER E 246 -17.26 79.18 -83.03
CA SER E 246 -16.23 78.19 -83.24
C SER E 246 -14.97 78.49 -82.43
N TRP E 247 -15.08 79.35 -81.44
CA TRP E 247 -13.96 79.76 -80.60
C TRP E 247 -14.27 79.43 -79.15
N THR E 248 -13.26 78.97 -78.41
CA THR E 248 -13.44 78.73 -76.98
C THR E 248 -13.33 80.01 -76.16
N GLY E 249 -13.01 81.14 -76.79
CA GLY E 249 -12.82 82.38 -76.08
C GLY E 249 -11.46 82.55 -75.45
N HIS E 250 -10.56 81.58 -75.64
CA HIS E 250 -9.28 81.55 -74.97
C HIS E 250 -8.15 81.74 -75.97
N THR E 251 -7.07 82.37 -75.51
CA THR E 251 -5.92 82.72 -76.33
C THR E 251 -4.64 82.21 -75.69
N GLY E 252 -3.73 81.72 -76.51
CA GLY E 252 -2.44 81.27 -76.03
C GLY E 252 -1.32 81.92 -76.80
N CYS E 253 -0.19 82.12 -76.12
CA CYS E 253 1.00 82.67 -76.73
C CYS E 253 2.20 81.82 -76.34
N VAL E 254 2.90 81.30 -77.34
CA VAL E 254 4.12 80.53 -77.13
C VAL E 254 5.28 81.32 -77.70
N ILE E 255 6.29 81.56 -76.87
CA ILE E 255 7.49 82.31 -77.26
C ILE E 255 8.68 81.40 -77.03
N LEU E 256 9.44 81.16 -78.10
CA LEU E 256 10.60 80.28 -78.04
C LEU E 256 11.85 81.14 -77.97
N ALA E 257 12.54 81.12 -76.83
CA ALA E 257 13.72 81.95 -76.60
C ALA E 257 14.81 81.12 -75.96
N PRO E 258 15.58 80.38 -76.76
CA PRO E 258 16.69 79.60 -76.19
C PRO E 258 17.78 80.44 -75.55
N HIS E 259 17.90 81.71 -75.94
CA HIS E 259 18.97 82.55 -75.41
C HIS E 259 18.77 82.85 -73.92
N LEU E 260 17.57 82.64 -73.39
CA LEU E 260 17.28 82.85 -71.98
C LEU E 260 17.99 81.83 -71.09
N THR E 261 18.74 80.90 -71.66
CA THR E 261 19.39 79.85 -70.88
C THR E 261 20.59 80.37 -70.10
N THR E 262 21.04 81.60 -70.35
CA THR E 262 22.21 82.16 -69.69
C THR E 262 21.87 83.20 -68.62
N MET E 263 20.59 83.45 -68.36
CA MET E 263 20.21 84.43 -67.35
C MET E 263 20.69 83.99 -65.97
N THR E 264 21.28 84.92 -65.23
CA THR E 264 21.65 84.66 -63.85
C THR E 264 20.46 84.94 -62.95
N LYS E 265 20.32 84.13 -61.90
CA LYS E 265 19.21 84.30 -60.97
C LYS E 265 19.24 85.68 -60.31
N LYS E 266 20.43 86.15 -59.95
CA LYS E 266 20.54 87.44 -59.26
C LYS E 266 20.08 88.58 -60.15
N SER E 267 20.43 88.54 -61.45
CA SER E 267 20.05 89.62 -62.35
C SER E 267 18.55 89.73 -62.54
N LEU E 268 17.80 88.66 -62.33
CA LEU E 268 16.35 88.71 -62.41
C LEU E 268 15.70 89.24 -61.13
N GLY E 269 16.50 89.65 -60.14
CA GLY E 269 15.96 90.09 -58.87
C GLY E 269 15.59 88.98 -57.92
N MET E 270 16.03 87.75 -58.18
CA MET E 270 15.70 86.63 -57.31
C MET E 270 16.51 86.72 -56.02
N PRO E 271 15.96 86.23 -54.91
CA PRO E 271 16.62 86.40 -53.62
C PRO E 271 17.77 85.41 -53.44
N HIS E 272 18.66 85.77 -52.52
CA HIS E 272 19.72 84.85 -52.11
C HIS E 272 19.11 83.69 -51.33
N TYR E 273 19.85 82.58 -51.29
CA TYR E 273 19.37 81.39 -50.59
C TYR E 273 19.04 81.70 -49.13
N ASP E 274 19.83 82.54 -48.48
CA ASP E 274 19.59 82.88 -47.08
C ASP E 274 18.29 83.64 -46.89
N ASP E 275 17.77 84.29 -47.93
CA ASP E 275 16.58 85.12 -47.85
C ASP E 275 15.41 84.53 -48.64
N ALA E 276 15.43 83.22 -48.85
CA ALA E 276 14.42 82.53 -49.65
C ALA E 276 13.52 81.67 -48.77
N THR E 277 12.29 81.48 -49.21
CA THR E 277 11.37 80.60 -48.52
C THR E 277 11.73 79.15 -48.81
N GLU E 278 11.12 78.24 -48.04
CA GLU E 278 11.35 76.82 -48.27
C GLU E 278 10.90 76.40 -49.66
N ARG E 279 9.81 76.99 -50.15
CA ARG E 279 9.32 76.65 -51.48
C ARG E 279 10.29 77.13 -52.55
N GLN E 280 10.85 78.34 -52.38
CA GLN E 280 11.82 78.84 -53.37
C GLN E 280 13.09 78.01 -53.38
N ARG E 281 13.56 77.59 -52.21
CA ARG E 281 14.74 76.72 -52.15
C ARG E 281 14.45 75.36 -52.78
N ARG E 282 13.22 74.87 -52.68
CA ARG E 282 12.87 73.60 -53.29
C ARG E 282 12.87 73.70 -54.81
N ASP E 283 12.31 74.78 -55.35
CA ASP E 283 12.25 75.00 -56.80
C ASP E 283 13.54 75.55 -57.36
N GLY E 284 14.59 75.68 -56.55
CA GLY E 284 15.82 76.31 -57.02
C GLY E 284 15.64 77.76 -57.41
N GLN E 285 14.61 78.42 -56.91
CA GLN E 285 14.32 79.82 -57.24
C GLN E 285 15.11 80.80 -56.40
N CYS E 286 16.37 80.47 -56.08
CA CYS E 286 17.24 81.34 -55.32
C CYS E 286 18.68 81.07 -55.72
N TRP E 287 19.53 82.08 -55.58
CA TRP E 287 20.92 82.00 -56.00
C TRP E 287 21.84 81.97 -54.79
N ARG E 288 22.98 81.30 -54.97
CA ARG E 288 24.05 81.26 -53.99
C ARG E 288 25.34 81.89 -54.49
N HIS E 289 25.63 81.78 -55.79
CA HIS E 289 26.67 82.54 -56.45
C HIS E 289 26.02 83.49 -57.44
N GLU E 290 26.60 84.70 -57.58
CA GLU E 290 26.04 85.70 -58.47
C GLU E 290 26.07 85.26 -59.93
N ASP E 291 26.74 84.16 -60.25
CA ASP E 291 26.78 83.63 -61.61
C ASP E 291 25.93 82.38 -61.77
N ASP E 292 25.10 82.05 -60.77
CA ASP E 292 24.19 80.91 -60.90
C ASP E 292 23.17 81.17 -62.00
N LEU E 293 23.05 80.23 -62.91
CA LEU E 293 22.10 80.37 -64.01
C LEU E 293 20.69 80.02 -63.55
N TYR E 294 19.71 80.63 -64.19
CA TYR E 294 18.31 80.36 -63.89
C TYR E 294 18.00 78.89 -64.14
N ASN E 295 17.32 78.26 -63.18
CA ASN E 295 17.00 76.83 -63.22
C ASN E 295 18.26 75.97 -63.31
N ASP E 296 19.39 76.50 -62.84
CA ASP E 296 20.68 75.82 -62.88
C ASP E 296 21.09 75.46 -64.31
N GLY E 297 20.62 76.23 -65.28
CA GLY E 297 20.91 75.97 -66.68
C GLY E 297 20.07 74.90 -67.32
N LYS E 298 19.31 74.13 -66.55
CA LYS E 298 18.46 73.09 -67.11
C LYS E 298 17.31 73.71 -67.89
N ALA E 299 16.73 72.91 -68.78
CA ALA E 299 15.64 73.39 -69.63
C ALA E 299 14.44 73.80 -68.77
N PHE E 300 13.72 74.81 -69.25
CA PHE E 300 12.57 75.31 -68.52
C PHE E 300 11.61 76.00 -69.48
N LYS E 301 10.37 76.15 -69.03
CA LYS E 301 9.42 77.05 -69.64
C LYS E 301 8.66 77.76 -68.53
N VAL E 302 8.46 79.06 -68.68
CA VAL E 302 7.72 79.85 -67.70
C VAL E 302 6.33 80.14 -68.27
N CYS E 303 5.33 80.02 -67.41
CA CYS E 303 3.94 80.09 -67.82
C CYS E 303 3.16 81.02 -66.90
N ALA E 304 2.38 81.92 -67.50
CA ALA E 304 1.50 82.80 -66.75
C ALA E 304 0.08 82.67 -67.31
N ARG E 305 -0.88 82.58 -66.40
CA ARG E 305 -2.27 82.35 -66.81
C ARG E 305 -3.17 82.54 -65.59
N ASP E 306 -4.40 82.99 -65.85
CA ASP E 306 -5.42 83.06 -64.81
C ASP E 306 -6.77 82.71 -65.45
N GLU E 307 -7.84 83.00 -64.74
CA GLU E 307 -9.18 82.61 -65.17
C GLU E 307 -9.68 83.39 -66.39
N ARG E 308 -8.92 84.37 -66.89
CA ARG E 308 -9.37 85.19 -68.00
C ARG E 308 -9.22 84.50 -69.36
N GLY E 309 -8.48 83.40 -69.44
CA GLY E 309 -8.39 82.64 -70.67
C GLY E 309 -7.25 83.02 -71.58
N VAL E 310 -6.22 83.70 -71.09
CA VAL E 310 -5.04 84.04 -71.87
C VAL E 310 -3.83 83.44 -71.17
N ILE E 311 -3.20 82.46 -71.80
CA ILE E 311 -2.04 81.78 -71.23
C ILE E 311 -0.82 82.15 -72.07
N VAL E 312 0.24 82.61 -71.41
CA VAL E 312 1.45 83.09 -72.07
C VAL E 312 2.62 82.27 -71.56
N THR E 313 3.27 81.54 -72.48
CA THR E 313 4.34 80.62 -72.15
C THR E 313 5.61 80.99 -72.91
N VAL E 314 6.74 80.94 -72.23
CA VAL E 314 8.05 81.19 -72.82
C VAL E 314 8.88 79.93 -72.64
N ILE E 315 9.26 79.30 -73.75
CA ILE E 315 10.07 78.08 -73.74
C ILE E 315 11.50 78.45 -74.09
N ALA E 316 12.44 78.03 -73.26
CA ALA E 316 13.86 78.30 -73.45
C ALA E 316 14.61 77.11 -74.01
N ASP E 317 14.00 76.39 -74.95
CA ASP E 317 14.61 75.23 -75.57
C ASP E 317 13.88 74.96 -76.87
N ASN E 318 14.65 74.68 -77.92
CA ASN E 318 14.08 74.51 -79.26
C ASN E 318 13.77 73.06 -79.59
N TYR E 319 13.88 72.15 -78.63
CA TYR E 319 13.46 70.77 -78.89
C TYR E 319 11.98 70.73 -79.22
N PHE E 320 11.64 70.02 -80.30
CA PHE E 320 10.30 70.11 -80.85
C PHE E 320 9.25 69.54 -79.92
N GLY E 321 9.62 68.56 -79.09
CA GLY E 321 8.64 68.00 -78.16
C GLY E 321 8.08 69.03 -77.19
N TYR E 322 8.88 70.03 -76.82
CA TYR E 322 8.39 71.10 -75.95
C TYR E 322 7.29 71.91 -76.62
N CYS E 323 7.35 72.06 -77.94
CA CYS E 323 6.38 72.91 -78.64
C CYS E 323 5.00 72.25 -78.68
N LYS E 324 4.94 70.99 -79.12
CA LYS E 324 3.66 70.32 -79.22
C LYS E 324 3.07 70.06 -77.83
N LYS E 325 3.92 69.69 -76.86
CA LYS E 325 3.43 69.50 -75.50
C LYS E 325 2.93 70.80 -74.90
N GLU E 326 3.51 71.93 -75.29
CA GLU E 326 3.01 73.21 -74.80
C GLU E 326 1.64 73.51 -75.38
N VAL E 327 1.42 73.17 -76.66
CA VAL E 327 0.09 73.30 -77.24
C VAL E 327 -0.88 72.35 -76.55
N LYS E 328 -0.41 71.15 -76.20
CA LYS E 328 -1.24 70.24 -75.41
C LYS E 328 -1.62 70.87 -74.08
N THR E 329 -0.66 71.51 -73.40
CA THR E 329 -0.95 72.18 -72.15
C THR E 329 -2.00 73.27 -72.33
N GLN E 330 -1.92 74.00 -73.44
CA GLN E 330 -2.87 75.10 -73.67
C GLN E 330 -4.23 74.60 -74.12
N ILE E 331 -4.29 73.46 -74.81
CA ILE E 331 -5.59 72.86 -75.12
C ILE E 331 -6.26 72.37 -73.84
N SER E 332 -5.48 71.79 -72.92
CA SER E 332 -6.02 71.37 -71.63
C SER E 332 -6.43 72.57 -70.78
N TYR E 333 -5.62 73.63 -70.80
CA TYR E 333 -5.99 74.86 -70.10
C TYR E 333 -7.31 75.40 -70.61
N SER E 334 -7.48 75.44 -71.93
CA SER E 334 -8.75 75.91 -72.50
C SER E 334 -9.90 74.99 -72.16
N ALA E 335 -9.66 73.67 -72.14
CA ALA E 335 -10.74 72.74 -71.85
C ALA E 335 -11.26 72.91 -70.43
N ASN E 336 -10.36 73.13 -69.47
CA ASN E 336 -10.78 73.34 -68.09
C ASN E 336 -11.62 74.61 -67.97
N LEU E 337 -11.17 75.70 -68.58
CA LEU E 337 -11.88 76.97 -68.47
C LEU E 337 -13.15 76.98 -69.30
N LEU E 338 -13.20 76.24 -70.39
CA LEU E 338 -14.38 76.22 -71.23
C LEU E 338 -15.52 75.43 -70.57
N GLY E 339 -15.20 74.28 -69.99
CA GLY E 339 -16.20 73.37 -69.48
C GLY E 339 -16.76 72.49 -70.57
N GLY E 340 -17.33 71.36 -70.13
CA GLY E 340 -17.95 70.42 -71.05
C GLY E 340 -16.98 69.72 -71.99
N ALA E 341 -15.68 69.88 -71.75
CA ALA E 341 -14.67 69.30 -72.62
C ALA E 341 -13.49 68.81 -71.79
N GLU E 342 -12.95 67.66 -72.19
CA GLU E 342 -11.72 67.13 -71.63
C GLU E 342 -10.61 67.21 -72.66
N GLU E 343 -9.38 67.34 -72.16
CA GLU E 343 -8.18 67.08 -72.94
C GLU E 343 -7.50 65.88 -72.32
N GLU E 344 -7.16 64.90 -73.14
CA GLU E 344 -6.66 63.62 -72.64
C GLU E 344 -5.36 63.25 -73.32
N HIS E 345 -4.50 62.57 -72.55
CA HIS E 345 -3.25 61.99 -73.05
C HIS E 345 -3.54 60.53 -73.41
N SER E 346 -4.22 60.35 -74.54
CA SER E 346 -4.81 59.06 -74.85
C SER E 346 -4.66 58.73 -76.32
N GLY E 347 -4.65 57.42 -76.61
CA GLY E 347 -4.77 56.91 -77.95
C GLY E 347 -6.04 56.07 -78.07
N GLY E 348 -6.35 55.67 -79.30
CA GLY E 348 -7.54 54.88 -79.53
C GLY E 348 -7.81 54.70 -81.00
N ALA E 349 -8.77 53.83 -81.28
CA ALA E 349 -9.14 53.51 -82.64
C ALA E 349 -10.51 52.85 -82.65
N GLU E 350 -11.14 52.86 -83.80
CA GLU E 350 -12.35 52.08 -84.06
C GLU E 350 -11.92 50.69 -84.53
N VAL E 351 -12.27 49.67 -83.77
CA VAL E 351 -11.83 48.31 -84.05
C VAL E 351 -12.99 47.53 -84.65
N TYR E 352 -12.77 47.01 -85.86
CA TYR E 352 -13.76 46.18 -86.54
C TYR E 352 -13.23 44.75 -86.62
N PRO E 353 -13.87 43.79 -85.95
CA PRO E 353 -13.36 42.41 -85.98
C PRO E 353 -13.52 41.79 -87.36
N ALA E 354 -12.61 40.87 -87.68
CA ALA E 354 -12.54 40.27 -89.00
C ALA E 354 -12.37 38.76 -88.88
N TRP E 355 -12.81 38.05 -89.92
CA TRP E 355 -12.73 36.60 -89.97
C TRP E 355 -12.25 36.13 -91.32
N ASN E 356 -11.45 35.06 -91.30
CA ASN E 356 -11.09 34.34 -92.52
C ASN E 356 -12.22 33.38 -92.86
N LEU E 357 -13.01 33.71 -93.88
CA LEU E 357 -14.19 32.95 -94.23
C LEU E 357 -13.92 31.85 -95.26
N ASN E 358 -12.65 31.57 -95.56
CA ASN E 358 -12.24 30.52 -96.49
C ASN E 358 -12.74 30.79 -97.92
N GLN E 359 -13.34 29.78 -98.55
CA GLN E 359 -13.62 29.84 -99.98
C GLN E 359 -15.03 30.31 -100.31
N ASP E 360 -16.03 29.92 -99.51
CA ASP E 360 -17.42 30.24 -99.79
C ASP E 360 -18.06 30.86 -98.56
N PHE E 361 -18.87 31.88 -98.77
CA PHE E 361 -19.61 32.50 -97.67
C PHE E 361 -20.97 32.96 -98.18
N THR E 362 -22.02 32.59 -97.45
CA THR E 362 -23.37 33.04 -97.75
C THR E 362 -23.76 34.17 -96.80
N ASP E 363 -24.27 35.26 -97.39
CA ASP E 363 -24.59 36.45 -96.63
C ASP E 363 -25.63 36.15 -95.54
N ARG E 364 -25.45 36.79 -94.39
CA ARG E 364 -26.30 36.58 -93.21
C ARG E 364 -26.92 37.89 -92.74
N THR E 365 -27.35 38.73 -93.67
CA THR E 365 -27.86 40.05 -93.30
C THR E 365 -29.22 39.91 -92.65
N PRO E 366 -29.41 40.44 -91.45
CA PRO E 366 -30.73 40.35 -90.79
C PRO E 366 -31.80 41.09 -91.59
N ASP E 367 -33.05 40.72 -91.34
CA ASP E 367 -34.15 41.18 -92.15
C ASP E 367 -34.41 42.68 -92.06
N ASP E 368 -33.85 43.36 -91.06
CA ASP E 368 -34.03 44.80 -90.93
C ASP E 368 -33.05 45.61 -91.78
N PHE E 369 -32.26 44.95 -92.64
CA PHE E 369 -31.38 45.62 -93.58
C PHE E 369 -31.63 45.05 -94.96
N THR E 370 -31.93 45.92 -95.93
CA THR E 370 -32.10 45.51 -97.32
C THR E 370 -31.34 46.47 -98.23
N LEU E 371 -30.90 45.96 -99.37
CA LEU E 371 -30.27 46.83 -100.36
C LEU E 371 -31.26 47.84 -100.92
N ALA E 372 -32.54 47.46 -101.02
CA ALA E 372 -33.55 48.40 -101.51
C ALA E 372 -33.61 49.63 -100.63
N ASP E 373 -33.60 49.44 -99.31
CA ASP E 373 -33.61 50.59 -98.40
C ASP E 373 -32.30 51.36 -98.43
N VAL E 374 -31.19 50.68 -98.76
CA VAL E 374 -29.92 51.38 -98.94
C VAL E 374 -29.98 52.26 -100.19
N ILE E 375 -30.66 51.78 -101.23
CA ILE E 375 -30.69 52.51 -102.50
C ILE E 375 -31.58 53.75 -102.37
N SER E 376 -32.78 53.59 -101.81
CA SER E 376 -33.69 54.72 -101.69
C SER E 376 -33.15 55.77 -100.72
N THR E 377 -32.41 55.35 -99.70
CA THR E 377 -31.89 56.31 -98.72
C THR E 377 -30.78 57.17 -99.29
N ASN E 378 -29.93 56.58 -100.13
CA ASN E 378 -28.75 57.26 -100.66
C ASN E 378 -28.69 57.13 -102.18
N ARG E 379 -29.80 57.44 -102.84
CA ARG E 379 -29.89 57.24 -104.28
C ARG E 379 -28.92 58.13 -105.04
N GLU E 380 -28.71 59.36 -104.57
CA GLU E 380 -27.84 60.29 -105.27
C GLU E 380 -26.37 59.87 -105.23
N LEU E 381 -26.00 58.95 -104.34
CA LEU E 381 -24.62 58.53 -104.19
C LEU E 381 -24.33 57.16 -104.77
N LEU E 382 -25.34 56.45 -105.26
CA LEU E 382 -25.17 55.09 -105.74
C LEU E 382 -25.38 55.01 -107.25
N ASP E 383 -24.55 54.22 -107.91
CA ASP E 383 -24.77 53.84 -109.31
C ASP E 383 -25.42 52.46 -109.29
N VAL E 384 -26.72 52.41 -109.54
CA VAL E 384 -27.46 51.15 -109.53
C VAL E 384 -27.19 50.40 -110.82
N ARG E 385 -26.74 49.15 -110.69
CA ARG E 385 -26.37 48.33 -111.84
C ARG E 385 -27.49 47.38 -112.21
N PRO E 386 -27.57 46.98 -113.50
CA PRO E 386 -28.70 46.16 -113.96
C PRO E 386 -28.85 44.84 -113.21
N GLU E 387 -27.75 44.25 -112.72
CA GLU E 387 -27.84 42.97 -112.01
C GLU E 387 -28.46 43.10 -110.62
N GLY E 388 -28.78 44.29 -110.16
CA GLY E 388 -29.38 44.47 -108.86
C GLY E 388 -28.42 44.83 -107.75
N TYR E 389 -27.22 45.32 -108.07
CA TYR E 389 -26.27 45.80 -107.09
C TYR E 389 -25.90 47.25 -107.43
N ALA E 390 -25.22 47.91 -106.49
CA ALA E 390 -24.91 49.32 -106.61
C ALA E 390 -23.44 49.58 -106.32
N VAL E 391 -22.91 50.63 -106.94
CA VAL E 391 -21.53 51.05 -106.74
C VAL E 391 -21.54 52.44 -106.11
N TYR E 392 -20.69 52.63 -105.10
CA TYR E 392 -20.60 53.91 -104.40
C TYR E 392 -19.90 54.92 -105.31
N LYS E 393 -20.65 55.94 -105.75
CA LYS E 393 -20.07 56.92 -106.67
C LYS E 393 -18.88 57.68 -106.11
N PRO E 394 -18.89 58.18 -104.87
CA PRO E 394 -17.69 58.88 -104.36
C PRO E 394 -16.45 57.99 -104.32
N GLU E 395 -16.60 56.72 -103.91
CA GLU E 395 -15.49 55.77 -103.87
C GLU E 395 -15.93 54.50 -104.60
N PRO E 396 -15.67 54.40 -105.90
CA PRO E 396 -16.21 53.27 -106.69
C PRO E 396 -15.68 51.91 -106.30
N ASN E 397 -14.65 51.82 -105.46
CA ASN E 397 -14.22 50.51 -104.97
C ASN E 397 -15.17 49.94 -103.92
N ILE E 398 -16.10 50.73 -103.42
CA ILE E 398 -17.11 50.25 -102.49
C ILE E 398 -18.31 49.80 -103.31
N VAL E 399 -18.65 48.51 -103.19
CA VAL E 399 -19.73 47.90 -103.95
C VAL E 399 -20.75 47.35 -102.97
N PHE E 400 -22.02 47.73 -103.16
CA PHE E 400 -23.09 47.28 -102.30
C PHE E 400 -23.76 46.07 -102.93
N ILE E 401 -23.78 44.95 -102.20
CA ILE E 401 -24.25 43.67 -102.71
C ILE E 401 -25.59 43.35 -102.04
N PRO E 402 -26.56 42.81 -102.78
CA PRO E 402 -27.84 42.46 -102.16
C PRO E 402 -27.67 41.48 -100.99
N GLU E 403 -28.62 41.53 -100.07
CA GLU E 403 -28.61 40.60 -98.96
C GLU E 403 -28.85 39.18 -99.45
N HIS E 404 -28.37 38.20 -98.66
CA HIS E 404 -28.51 36.78 -98.94
C HIS E 404 -27.73 36.36 -100.20
N SER E 405 -26.78 37.16 -100.65
CA SER E 405 -25.96 36.76 -101.77
C SER E 405 -24.97 35.68 -101.35
N HIS E 406 -24.33 35.07 -102.36
CA HIS E 406 -23.32 34.06 -102.12
C HIS E 406 -21.99 34.55 -102.68
N TYR E 407 -20.97 34.59 -101.83
CA TYR E 407 -19.62 34.95 -102.22
C TYR E 407 -18.79 33.68 -102.31
N SER E 408 -18.02 33.55 -103.39
CA SER E 408 -17.22 32.36 -103.61
C SER E 408 -15.86 32.76 -104.15
N MET E 409 -14.80 32.29 -103.51
CA MET E 409 -13.45 32.55 -103.99
C MET E 409 -12.98 31.54 -105.02
N ARG E 410 -13.46 30.29 -104.94
CA ARG E 410 -13.07 29.28 -105.91
C ARG E 410 -13.58 29.62 -107.30
N THR E 411 -14.86 30.02 -107.40
CA THR E 411 -15.41 30.48 -108.66
C THR E 411 -15.24 31.98 -108.87
N GLN E 412 -14.78 32.71 -107.85
CA GLN E 412 -14.54 34.15 -107.94
C GLN E 412 -15.81 34.88 -108.40
N THR E 413 -16.94 34.49 -107.85
CA THR E 413 -18.23 35.06 -108.25
C THR E 413 -19.01 35.50 -107.03
N ILE E 414 -19.82 36.53 -107.22
CA ILE E 414 -20.89 36.90 -106.30
C ILE E 414 -22.20 36.67 -107.05
N SER E 415 -23.06 35.84 -106.49
CA SER E 415 -24.30 35.47 -107.14
C SER E 415 -25.48 35.69 -106.21
N TRP E 416 -26.63 36.00 -106.80
CA TRP E 416 -27.86 36.25 -106.06
C TRP E 416 -29.02 36.18 -107.05
N THR E 417 -30.22 36.39 -106.54
CA THR E 417 -31.45 36.33 -107.34
C THR E 417 -32.12 37.70 -107.31
N ALA E 418 -32.16 38.35 -108.47
CA ALA E 418 -32.82 39.64 -108.62
C ALA E 418 -33.50 39.70 -109.98
N HIS E 419 -34.65 40.39 -110.01
CA HIS E 419 -35.46 40.52 -111.23
C HIS E 419 -35.91 39.17 -111.75
N GLY E 420 -36.19 38.25 -110.83
CA GLY E 420 -36.67 36.92 -111.20
C GLY E 420 -35.64 36.09 -111.93
N ALA E 421 -34.40 36.56 -111.98
CA ALA E 421 -33.30 35.84 -112.62
C ALA E 421 -32.16 35.70 -111.63
N GLU E 422 -31.27 34.76 -111.92
CA GLU E 422 -30.11 34.50 -111.09
C GLU E 422 -28.91 35.26 -111.65
N GLN E 423 -28.48 36.29 -110.92
CA GLN E 423 -27.41 37.17 -111.36
C GLN E 423 -26.07 36.70 -110.83
N THR E 424 -25.01 37.01 -111.56
CA THR E 424 -23.66 36.62 -111.18
C THR E 424 -22.68 37.68 -111.67
N ILE E 425 -22.00 38.34 -110.73
CA ILE E 425 -20.93 39.27 -111.07
C ILE E 425 -19.62 38.70 -110.56
N LYS E 426 -18.53 39.25 -111.08
CA LYS E 426 -17.19 38.80 -110.74
C LYS E 426 -16.75 39.41 -109.41
N LEU E 427 -16.24 38.58 -108.51
CA LEU E 427 -15.70 39.04 -107.24
C LEU E 427 -14.30 39.57 -107.50
N LEU E 428 -14.16 40.90 -107.57
CA LEU E 428 -12.88 41.53 -107.90
C LEU E 428 -12.06 41.76 -106.65
N ALA E 429 -10.78 41.39 -106.70
CA ALA E 429 -9.84 41.82 -105.69
C ALA E 429 -9.67 43.33 -105.77
N GLY E 430 -9.48 43.96 -104.62
CA GLY E 430 -9.41 45.40 -104.55
C GLY E 430 -10.74 46.09 -104.39
N LYS E 431 -11.85 45.37 -104.45
CA LYS E 431 -13.16 45.93 -104.21
C LYS E 431 -13.63 45.60 -102.79
N HIS E 432 -14.45 46.48 -102.23
CA HIS E 432 -15.02 46.31 -100.90
C HIS E 432 -16.51 46.04 -101.08
N TYR E 433 -16.92 44.78 -100.94
CA TYR E 433 -18.30 44.38 -101.13
C TYR E 433 -19.02 44.48 -99.80
N LEU E 434 -19.98 45.40 -99.71
CA LEU E 434 -20.70 45.68 -98.48
C LEU E 434 -22.11 45.11 -98.55
N SER E 435 -22.47 44.32 -97.53
CA SER E 435 -23.83 43.87 -97.35
C SER E 435 -24.72 45.06 -96.98
N PRO E 436 -26.04 44.90 -97.01
CA PRO E 436 -26.92 46.02 -96.61
C PRO E 436 -26.69 46.49 -95.18
N ASP E 437 -26.06 45.69 -94.33
CA ASP E 437 -25.79 46.08 -92.95
C ASP E 437 -24.35 46.54 -92.74
N GLY E 438 -23.57 46.67 -93.80
CA GLY E 438 -22.20 47.14 -93.70
C GLY E 438 -21.15 46.05 -93.61
N TYR E 439 -21.54 44.80 -93.44
CA TYR E 439 -20.58 43.71 -93.39
C TYR E 439 -19.79 43.66 -94.69
N ARG E 440 -18.47 43.50 -94.59
CA ARG E 440 -17.59 43.60 -95.74
C ARG E 440 -16.99 42.25 -96.10
N ILE E 441 -16.99 41.94 -97.39
CA ILE E 441 -16.27 40.81 -97.96
C ILE E 441 -15.23 41.37 -98.91
N HIS E 442 -13.99 40.87 -98.80
CA HIS E 442 -12.99 41.19 -99.79
C HIS E 442 -12.05 40.00 -99.96
N ALA E 443 -11.45 39.90 -101.15
CA ALA E 443 -10.55 38.82 -101.48
C ALA E 443 -9.13 39.13 -101.01
N LYS E 444 -8.46 38.11 -100.48
CA LYS E 444 -7.13 38.28 -99.93
C LYS E 444 -6.39 36.96 -100.04
N HIS E 445 -5.08 37.03 -100.25
CA HIS E 445 -4.23 35.85 -100.28
C HIS E 445 -3.37 35.81 -99.04
N ARG E 446 -2.89 34.61 -98.70
CA ARG E 446 -2.09 34.43 -97.50
C ARG E 446 -0.72 35.08 -97.68
N GLU E 447 -0.18 35.56 -96.55
CA GLU E 447 1.09 36.27 -96.58
C GLU E 447 2.22 35.39 -97.09
N MET E 448 2.17 34.09 -96.83
CA MET E 448 3.25 33.17 -97.17
C MET E 448 3.05 32.47 -98.50
N ASP E 449 1.93 32.68 -99.18
CA ASP E 449 1.68 32.00 -100.46
C ASP E 449 0.61 32.81 -101.20
N ALA E 450 1.05 33.64 -102.15
CA ALA E 450 0.12 34.49 -102.88
C ALA E 450 -0.83 33.70 -103.78
N THR E 451 -0.64 32.39 -103.92
CA THR E 451 -1.53 31.55 -104.70
C THR E 451 -2.61 30.88 -103.86
N GLN E 452 -2.65 31.14 -102.56
CA GLN E 452 -3.70 30.64 -101.67
C GLN E 452 -4.61 31.82 -101.32
N TRP E 453 -5.81 31.83 -101.89
CA TRP E 453 -6.76 32.91 -101.70
C TRP E 453 -7.91 32.48 -100.80
N HIS E 454 -8.52 33.46 -100.17
CA HIS E 454 -9.64 33.22 -99.27
C HIS E 454 -10.44 34.51 -99.16
N LEU E 455 -11.60 34.40 -98.55
CA LEU E 455 -12.44 35.56 -98.27
C LEU E 455 -12.17 36.06 -96.86
N ILE E 456 -12.17 37.39 -96.69
CA ILE E 456 -12.09 38.01 -95.39
C ILE E 456 -13.42 38.73 -95.14
N GLY E 457 -14.05 38.42 -94.02
CA GLY E 457 -15.25 39.13 -93.62
C GLY E 457 -14.98 40.09 -92.48
N THR E 458 -15.24 41.39 -92.70
CA THR E 458 -15.02 42.40 -91.69
C THR E 458 -16.36 42.90 -91.17
N SER E 459 -16.54 42.89 -89.86
CA SER E 459 -17.78 43.32 -89.25
C SER E 459 -17.90 44.84 -89.29
N SER E 460 -19.13 45.32 -89.43
CA SER E 460 -19.41 46.75 -89.41
C SER E 460 -19.80 47.27 -88.03
N ARG E 461 -19.95 46.38 -87.05
CA ARG E 461 -20.24 46.79 -85.67
C ARG E 461 -18.91 47.13 -85.00
N ALA E 462 -18.56 48.41 -84.99
CA ALA E 462 -17.30 48.84 -84.42
C ALA E 462 -17.32 48.72 -82.90
N VAL E 463 -16.18 48.30 -82.34
CA VAL E 463 -15.90 48.42 -80.93
C VAL E 463 -14.84 49.50 -80.81
N THR E 464 -15.27 50.72 -80.49
CA THR E 464 -14.36 51.86 -80.45
C THR E 464 -13.63 51.88 -79.11
N CYS E 465 -12.31 51.79 -79.16
CA CYS E 465 -11.49 51.65 -77.97
C CYS E 465 -10.80 52.96 -77.62
N HIS E 466 -10.61 53.17 -76.32
CA HIS E 466 -10.04 54.39 -75.77
C HIS E 466 -9.02 53.98 -74.73
N LYS E 467 -7.80 54.52 -74.84
CA LYS E 467 -6.70 54.15 -73.95
C LYS E 467 -6.12 55.41 -73.33
N PRO E 468 -6.77 55.97 -72.31
CA PRO E 468 -6.26 57.17 -71.65
C PRO E 468 -5.38 56.82 -70.46
N ALA E 469 -4.73 57.86 -69.92
CA ALA E 469 -3.98 57.79 -68.66
C ALA E 469 -3.05 56.58 -68.63
N THR E 470 -2.34 56.38 -69.73
CA THR E 470 -1.40 55.27 -69.87
C THR E 470 0.02 55.80 -69.73
N VAL E 471 0.76 55.27 -68.76
CA VAL E 471 2.11 55.75 -68.47
C VAL E 471 3.03 55.40 -69.63
N SER E 472 4.20 56.03 -69.67
CA SER E 472 5.16 55.78 -70.75
C SER E 472 5.62 54.33 -70.72
N GLY E 473 5.31 53.59 -71.79
CA GLY E 473 5.63 52.18 -71.85
C GLY E 473 4.47 51.25 -71.56
N GLY E 474 3.24 51.77 -71.45
CA GLY E 474 2.06 50.98 -71.23
C GLY E 474 1.28 50.61 -72.47
N GLY E 475 1.68 51.14 -73.63
CA GLY E 475 1.05 50.76 -74.89
C GLY E 475 -0.01 51.72 -75.38
N LYS E 476 0.24 53.02 -75.27
CA LYS E 476 -0.75 54.01 -75.67
C LYS E 476 -1.04 53.93 -77.16
N SER E 477 0.01 53.88 -77.98
CA SER E 477 -0.16 53.82 -79.43
C SER E 477 -0.42 52.42 -79.95
N GLU E 478 -0.21 51.38 -79.13
CA GLU E 478 -0.40 50.01 -79.60
C GLU E 478 -1.86 49.65 -79.80
N ILE E 479 -2.80 50.44 -79.27
CA ILE E 479 -4.20 50.09 -79.39
C ILE E 479 -4.71 50.34 -80.82
N SER E 480 -4.03 51.18 -81.60
CA SER E 480 -4.43 51.46 -82.97
C SER E 480 -3.52 50.83 -84.00
N LYS E 481 -2.38 50.29 -83.60
CA LYS E 481 -1.51 49.59 -84.53
C LYS E 481 -2.14 48.25 -84.91
N SER E 482 -2.16 47.95 -86.20
CA SER E 482 -2.68 46.67 -86.65
C SER E 482 -1.79 45.53 -86.13
N ILE E 483 -2.41 44.37 -85.89
CA ILE E 483 -1.69 43.23 -85.35
C ILE E 483 -1.18 42.29 -86.44
N SER E 484 -1.47 42.58 -87.71
CA SER E 484 -1.16 41.63 -88.77
C SER E 484 0.34 41.38 -88.89
N ASP E 485 1.15 42.43 -88.71
CA ASP E 485 2.59 42.26 -88.82
C ASP E 485 3.21 41.57 -87.60
N ALA E 486 2.42 41.31 -86.56
CA ALA E 486 2.88 40.52 -85.42
C ALA E 486 2.70 39.02 -85.63
N PHE E 487 2.14 38.61 -86.76
CA PHE E 487 1.88 37.20 -87.01
C PHE E 487 3.18 36.43 -87.19
N VAL E 488 3.23 35.24 -86.60
CA VAL E 488 4.29 34.27 -86.84
C VAL E 488 3.67 33.09 -87.57
N PHE E 489 4.28 32.68 -88.68
CA PHE E 489 3.74 31.65 -89.53
C PHE E 489 4.52 30.35 -89.38
N GLY E 490 3.79 29.24 -89.37
CA GLY E 490 4.39 27.92 -89.38
C GLY E 490 3.62 26.98 -90.29
N ASN E 491 3.77 25.68 -90.09
CA ASN E 491 3.08 24.69 -90.89
C ASN E 491 2.49 23.62 -89.98
N ALA E 492 1.54 22.88 -90.52
CA ALA E 492 0.95 21.76 -89.80
C ALA E 492 1.92 20.58 -89.82
N PHE E 493 2.41 20.20 -88.63
CA PHE E 493 3.34 19.09 -88.50
C PHE E 493 2.64 17.89 -87.86
N SER E 494 3.09 16.70 -88.24
CA SER E 494 2.59 15.46 -87.67
C SER E 494 3.72 14.46 -87.60
N HIS E 495 3.75 13.67 -86.52
CA HIS E 495 4.73 12.61 -86.40
C HIS E 495 4.39 11.44 -87.33
N ASP E 496 3.13 11.03 -87.33
CA ASP E 496 2.63 10.02 -88.27
C ASP E 496 1.18 10.39 -88.57
N ILE E 497 0.95 10.97 -89.76
CA ILE E 497 -0.37 11.53 -90.07
C ILE E 497 -1.40 10.41 -90.23
N ASP E 498 -1.00 9.29 -90.82
CA ASP E 498 -1.94 8.17 -90.94
C ASP E 498 -2.34 7.66 -89.57
N SER E 499 -1.37 7.53 -88.66
CA SER E 499 -1.70 7.18 -87.28
C SER E 499 -2.49 8.29 -86.60
N ALA E 500 -2.24 9.56 -86.97
CA ALA E 500 -3.01 10.65 -86.41
C ALA E 500 -4.42 10.68 -86.97
N MET E 501 -4.58 10.41 -88.28
CA MET E 501 -5.91 10.40 -88.87
C MET E 501 -6.74 9.23 -88.36
N ASP E 502 -6.10 8.11 -88.05
CA ASP E 502 -6.84 7.00 -87.42
C ASP E 502 -7.33 7.40 -86.04
N GLN E 503 -6.50 8.10 -85.26
CA GLN E 503 -6.95 8.60 -83.97
C GLN E 503 -8.03 9.66 -84.13
N VAL E 504 -7.86 10.57 -85.11
CA VAL E 504 -8.85 11.61 -85.34
C VAL E 504 -10.18 11.01 -85.78
N GLN E 505 -10.15 10.04 -86.68
CA GLN E 505 -11.37 9.38 -87.10
C GLN E 505 -12.04 8.63 -85.95
N ALA E 506 -11.23 8.10 -85.02
CA ALA E 506 -11.79 7.49 -83.83
C ALA E 506 -12.41 8.53 -82.92
N LEU E 507 -11.79 9.72 -82.83
CA LEU E 507 -12.36 10.80 -82.06
C LEU E 507 -13.70 11.26 -82.64
N PHE E 508 -13.86 11.19 -83.96
CA PHE E 508 -15.10 11.63 -84.59
C PHE E 508 -16.26 10.71 -84.26
N ASP E 509 -16.03 9.40 -84.21
CA ASP E 509 -17.07 8.44 -83.87
C ASP E 509 -17.31 8.33 -82.37
N THR E 510 -16.87 9.30 -81.58
CA THR E 510 -17.12 9.31 -80.15
C THR E 510 -18.53 9.81 -79.87
N ASP E 511 -19.15 9.25 -78.83
CA ASP E 511 -20.52 9.59 -78.45
C ASP E 511 -20.50 10.85 -77.58
N PHE E 512 -20.36 11.99 -78.24
CA PHE E 512 -20.29 13.26 -77.53
C PHE E 512 -21.63 13.71 -76.96
N THR E 513 -22.73 13.03 -77.32
CA THR E 513 -24.05 13.47 -76.87
C THR E 513 -24.14 13.51 -75.35
N ASN E 514 -23.70 12.44 -74.69
CA ASN E 514 -23.75 12.34 -73.23
C ASN E 514 -22.42 12.86 -72.68
N ARG E 515 -22.34 14.19 -72.55
CA ARG E 515 -21.14 14.85 -72.06
C ARG E 515 -21.39 15.90 -70.99
N PHE E 516 -22.58 16.47 -70.90
CA PHE E 516 -22.84 17.53 -69.95
C PHE E 516 -23.11 16.95 -68.56
N ALA E 517 -23.03 17.83 -67.55
CA ALA E 517 -23.37 17.44 -66.20
C ALA E 517 -24.88 17.42 -65.99
N ASP E 518 -25.59 18.41 -66.53
CA ASP E 518 -27.05 18.46 -66.46
C ASP E 518 -27.61 17.40 -67.41
N ALA E 519 -28.09 16.29 -66.83
CA ALA E 519 -28.58 15.16 -67.61
C ALA E 519 -29.87 15.45 -68.37
N SER E 520 -30.37 16.69 -68.33
CA SER E 520 -31.52 17.09 -69.12
C SER E 520 -31.13 17.64 -70.48
N ARG E 521 -29.84 17.63 -70.82
CA ARG E 521 -29.34 18.14 -72.08
C ARG E 521 -28.59 17.09 -72.90
N ASN E 522 -28.41 15.89 -72.36
CA ASN E 522 -27.69 14.84 -73.07
C ASN E 522 -28.61 14.10 -74.03
N GLY E 523 -28.05 13.67 -75.16
CA GLY E 523 -28.81 13.05 -76.22
C GLY E 523 -29.47 14.03 -77.17
N THR E 524 -29.65 15.29 -76.76
CA THR E 524 -30.25 16.28 -77.64
C THR E 524 -29.25 16.73 -78.72
N ASP E 525 -28.00 16.98 -78.32
CA ASP E 525 -26.95 17.39 -79.25
C ASP E 525 -26.38 16.15 -79.92
N HIS E 526 -27.08 15.69 -80.96
CA HIS E 526 -26.66 14.53 -81.73
C HIS E 526 -25.97 14.91 -83.03
N ARG E 527 -25.46 16.14 -83.13
CA ARG E 527 -24.77 16.56 -84.33
C ARG E 527 -23.38 15.94 -84.39
N PRO E 528 -22.94 15.47 -85.56
CA PRO E 528 -21.55 15.02 -85.69
C PRO E 528 -20.58 16.19 -85.57
N VAL E 529 -19.31 15.85 -85.36
CA VAL E 529 -18.29 16.88 -85.22
C VAL E 529 -18.18 17.70 -86.51
N LEU E 530 -18.33 17.04 -87.65
CA LEU E 530 -18.23 17.69 -88.95
C LEU E 530 -19.56 18.20 -89.48
N SER E 531 -20.55 18.36 -88.60
CA SER E 531 -21.87 18.79 -89.05
C SER E 531 -21.82 20.22 -89.60
N ILE E 532 -22.63 20.47 -90.63
CA ILE E 532 -22.74 21.83 -91.15
C ILE E 532 -23.35 22.76 -90.10
N ASP E 533 -24.14 22.21 -89.19
CA ASP E 533 -24.75 22.99 -88.12
C ASP E 533 -23.84 23.03 -86.91
N ARG E 534 -22.53 22.94 -87.15
CA ARG E 534 -21.52 22.94 -86.09
C ARG E 534 -20.42 23.92 -86.49
N SER E 535 -20.33 25.02 -85.76
CA SER E 535 -19.27 25.99 -86.03
C SER E 535 -17.94 25.49 -85.49
N LEU E 536 -16.85 26.05 -86.03
CA LEU E 536 -15.52 25.71 -85.53
C LEU E 536 -15.39 26.03 -84.06
N GLY E 537 -15.91 27.18 -83.62
CA GLY E 537 -15.87 27.53 -82.22
C GLY E 537 -16.63 26.55 -81.35
N SER E 538 -17.69 25.95 -81.89
CA SER E 538 -18.42 24.93 -81.13
C SER E 538 -17.57 23.70 -80.92
N VAL E 539 -16.82 23.28 -81.95
CA VAL E 539 -15.94 22.13 -81.81
C VAL E 539 -14.77 22.45 -80.89
N ILE E 540 -14.27 23.69 -80.94
CA ILE E 540 -13.19 24.09 -80.05
C ILE E 540 -13.65 24.01 -78.59
N LYS E 541 -14.87 24.45 -78.31
CA LYS E 541 -15.43 24.29 -76.97
C LYS E 541 -15.84 22.85 -76.70
N LEU E 542 -16.25 22.11 -77.74
CA LEU E 542 -16.61 20.71 -77.57
C LEU E 542 -15.45 19.90 -77.03
N LEU E 543 -14.23 20.21 -77.45
CA LEU E 543 -13.04 19.47 -77.07
C LEU E 543 -12.22 20.18 -75.99
N THR E 544 -12.80 21.18 -75.32
CA THR E 544 -12.10 21.91 -74.27
C THR E 544 -12.70 21.59 -72.92
N PRO E 545 -11.89 21.23 -71.92
CA PRO E 545 -12.42 20.91 -70.59
C PRO E 545 -13.06 22.13 -69.94
N SER E 546 -14.35 22.04 -69.68
CA SER E 546 -15.12 23.11 -69.06
C SER E 546 -15.85 22.56 -67.83
N ILE E 547 -16.66 23.42 -67.21
CA ILE E 547 -17.45 23.00 -66.06
C ILE E 547 -18.80 22.42 -66.47
N GLN E 548 -19.31 22.74 -67.66
CA GLN E 548 -20.58 22.20 -68.10
C GLN E 548 -20.53 20.68 -68.23
N TYR E 549 -19.34 20.12 -68.44
CA TYR E 549 -19.19 18.69 -68.66
C TYR E 549 -18.99 17.96 -67.35
N ASN E 550 -19.39 16.69 -67.33
CA ASN E 550 -19.20 15.85 -66.17
C ASN E 550 -17.73 15.43 -66.05
N ASP E 551 -17.41 14.72 -64.98
CA ASP E 551 -16.04 14.26 -64.76
C ASP E 551 -15.63 13.21 -65.78
N GLU E 552 -16.57 12.41 -66.27
CA GLU E 552 -16.23 11.34 -67.19
C GLU E 552 -15.80 11.88 -68.54
N TYR E 553 -16.43 12.96 -69.01
CA TYR E 553 -16.09 13.52 -70.31
C TYR E 553 -14.92 14.50 -70.25
N ASN E 554 -14.82 15.29 -69.18
CA ASN E 554 -13.67 16.17 -69.02
C ASN E 554 -12.38 15.37 -68.93
N ALA E 555 -12.40 14.24 -68.22
CA ALA E 555 -11.24 13.37 -68.18
C ALA E 555 -10.93 12.78 -69.55
N PHE E 556 -11.95 12.66 -70.41
CA PHE E 556 -11.74 12.14 -71.75
C PHE E 556 -10.97 13.14 -72.61
N LEU E 557 -11.38 14.41 -72.59
CA LEU E 557 -10.74 15.43 -73.42
C LEU E 557 -9.27 15.58 -73.04
N GLU E 558 -8.96 15.53 -71.75
CA GLU E 558 -7.58 15.67 -71.30
C GLU E 558 -6.71 14.49 -71.69
N GLY E 559 -7.31 13.39 -72.16
CA GLY E 559 -6.59 12.24 -72.64
C GLY E 559 -6.26 12.26 -74.12
N ILE E 560 -6.75 13.25 -74.86
CA ILE E 560 -6.46 13.37 -76.28
C ILE E 560 -5.08 13.99 -76.45
N GLU E 561 -4.25 13.37 -77.28
CA GLU E 561 -2.93 13.92 -77.56
C GLU E 561 -3.07 15.24 -78.30
N PRO E 562 -2.33 16.29 -77.92
CA PRO E 562 -2.52 17.61 -78.55
C PRO E 562 -2.25 17.62 -80.04
N ASP E 563 -1.46 16.67 -80.56
CA ASP E 563 -1.28 16.58 -82.00
C ASP E 563 -2.54 16.11 -82.69
N VAL E 564 -3.25 15.15 -82.07
CA VAL E 564 -4.54 14.73 -82.59
C VAL E 564 -5.55 15.86 -82.51
N LYS E 565 -5.48 16.66 -81.44
CA LYS E 565 -6.43 17.76 -81.26
C LYS E 565 -6.27 18.81 -82.34
N GLU E 566 -5.03 19.14 -82.71
CA GLU E 566 -4.80 20.10 -83.77
C GLU E 566 -5.30 19.60 -85.11
N LEU E 567 -5.07 18.31 -85.40
CA LEU E 567 -5.55 17.75 -86.66
C LEU E 567 -7.07 17.72 -86.73
N ALA E 568 -7.73 17.53 -85.58
CA ALA E 568 -9.19 17.53 -85.56
C ALA E 568 -9.73 18.91 -85.92
N PHE E 569 -9.16 19.96 -85.34
CA PHE E 569 -9.59 21.32 -85.68
C PHE E 569 -9.29 21.63 -87.14
N THR E 570 -8.17 21.12 -87.65
CA THR E 570 -7.78 21.40 -89.04
C THR E 570 -8.76 20.80 -90.03
N VAL E 571 -9.13 19.53 -89.83
CA VAL E 571 -10.08 18.90 -90.73
C VAL E 571 -11.47 19.52 -90.56
N LYS E 572 -11.86 19.83 -89.33
CA LYS E 572 -13.14 20.51 -89.09
C LYS E 572 -13.18 21.85 -89.81
N ARG E 573 -12.05 22.55 -89.86
CA ARG E 573 -12.00 23.85 -90.53
C ARG E 573 -12.16 23.70 -92.03
N TYR E 574 -11.35 22.84 -92.67
CA TYR E 574 -11.31 22.73 -94.11
C TYR E 574 -12.26 21.66 -94.66
N TYR E 575 -13.20 21.18 -93.85
CA TYR E 575 -14.10 20.13 -94.30
C TYR E 575 -15.19 20.71 -95.20
N LEU E 576 -15.37 20.09 -96.36
CA LEU E 576 -16.44 20.45 -97.28
C LEU E 576 -17.43 19.30 -97.36
N PRO E 577 -18.72 19.54 -97.10
CA PRO E 577 -19.70 18.44 -97.21
C PRO E 577 -19.87 17.91 -98.62
N GLU E 578 -19.29 18.55 -99.62
CA GLU E 578 -19.33 18.03 -100.98
C GLU E 578 -18.63 16.68 -101.09
N TRP E 579 -17.76 16.36 -100.15
CA TRP E 579 -17.20 15.02 -100.01
C TRP E 579 -17.76 14.38 -98.74
N GLY E 580 -18.10 13.10 -98.83
CA GLY E 580 -18.72 12.41 -97.72
C GLY E 580 -17.78 12.09 -96.58
N GLU E 581 -17.24 10.88 -96.58
CA GLU E 581 -16.37 10.42 -95.50
C GLU E 581 -14.92 10.21 -95.93
N ASP E 582 -14.59 10.49 -97.20
CA ASP E 582 -13.23 10.34 -97.70
C ASP E 582 -12.35 11.54 -97.35
N TRP E 583 -12.64 12.24 -96.25
CA TRP E 583 -11.85 13.41 -95.89
C TRP E 583 -10.37 13.08 -95.67
N ARG E 584 -10.05 11.80 -95.41
CA ARG E 584 -8.66 11.42 -95.23
C ARG E 584 -7.83 11.61 -96.50
N SER E 585 -8.47 11.51 -97.67
CA SER E 585 -7.72 11.59 -98.93
C SER E 585 -7.24 13.00 -99.21
N HIS E 586 -7.93 14.03 -98.71
CA HIS E 586 -7.49 15.40 -98.95
C HIS E 586 -6.24 15.73 -98.14
N PHE E 587 -6.10 15.14 -96.96
CA PHE E 587 -4.99 15.44 -96.05
C PHE E 587 -3.90 14.41 -96.24
N THR E 588 -2.71 14.87 -96.65
CA THR E 588 -1.60 13.98 -96.96
C THR E 588 -0.29 14.66 -96.57
N VAL E 589 0.77 13.86 -96.53
CA VAL E 589 2.13 14.37 -96.36
C VAL E 589 2.96 13.84 -97.51
N GLY E 590 4.05 14.56 -97.80
CA GLY E 590 4.91 14.18 -98.90
C GLY E 590 5.74 12.96 -98.59
N ILE E 591 6.76 12.76 -99.43
CA ILE E 591 7.73 11.71 -99.26
C ILE E 591 9.11 12.36 -99.26
N MET E 592 9.94 12.00 -98.29
CA MET E 592 11.24 12.61 -98.12
C MET E 592 12.25 11.54 -97.73
N ASN E 593 13.28 11.39 -98.56
CA ASN E 593 14.33 10.40 -98.33
C ASN E 593 13.74 8.99 -98.19
N GLY E 594 12.77 8.68 -99.02
CA GLY E 594 12.11 7.37 -98.96
C GLY E 594 11.39 7.13 -97.65
N ARG E 595 10.76 8.17 -97.11
CA ARG E 595 10.10 8.09 -95.82
C ARG E 595 8.94 9.05 -95.82
N HIS E 596 7.89 8.71 -95.07
CA HIS E 596 6.71 9.56 -95.03
C HIS E 596 7.05 10.92 -94.47
N GLY E 597 6.41 11.95 -95.00
CA GLY E 597 6.68 13.31 -94.59
C GLY E 597 6.02 13.68 -93.27
N ASN E 598 6.22 14.93 -92.88
CA ASN E 598 5.64 15.46 -91.65
C ASN E 598 4.79 16.69 -91.86
N MET E 599 5.14 17.55 -92.83
CA MET E 599 4.31 18.71 -93.13
C MET E 599 3.01 18.27 -93.78
N VAL E 600 1.89 18.57 -93.14
CA VAL E 600 0.59 18.12 -93.62
C VAL E 600 0.14 19.00 -94.78
N ARG E 601 -0.18 18.37 -95.90
CA ARG E 601 -0.62 19.07 -97.10
C ARG E 601 -2.13 18.91 -97.28
N LEU E 602 -2.79 20.02 -97.61
CA LEU E 602 -4.21 20.00 -97.93
C LEU E 602 -4.36 20.08 -99.44
N ASP E 603 -4.76 18.96 -100.05
CA ASP E 603 -4.89 18.87 -101.52
C ASP E 603 -3.58 19.21 -102.21
N GLY E 604 -2.46 18.82 -101.60
CA GLY E 604 -1.16 19.08 -102.18
C GLY E 604 -0.44 20.26 -101.57
N LYS E 605 -1.16 21.34 -101.29
CA LYS E 605 -0.54 22.54 -100.74
C LYS E 605 -0.36 22.43 -99.23
N LYS E 606 0.80 22.87 -98.76
CA LYS E 606 1.09 22.83 -97.33
C LYS E 606 0.12 23.70 -96.56
N ILE E 607 -0.29 23.23 -95.39
CA ILE E 607 -1.21 23.97 -94.52
C ILE E 607 -0.42 25.02 -93.75
N ILE E 608 -0.72 26.27 -93.99
CA ILE E 608 -0.07 27.39 -93.30
C ILE E 608 -0.83 27.67 -92.01
N THR E 609 -0.08 27.87 -90.92
CA THR E 609 -0.66 28.21 -89.63
C THR E 609 -0.27 29.62 -89.24
N ASN E 610 -1.17 30.29 -88.51
CA ASN E 610 -0.93 31.63 -87.99
C ASN E 610 -0.80 31.58 -86.48
N MET E 611 0.18 32.31 -85.95
CA MET E 611 0.49 32.28 -84.53
C MET E 611 0.82 33.68 -84.03
N LEU E 612 0.57 33.91 -82.75
CA LEU E 612 0.93 35.15 -82.08
C LEU E 612 1.75 34.83 -80.83
N ARG E 613 2.79 35.63 -80.59
CA ARG E 613 3.59 35.47 -79.38
C ARG E 613 2.87 36.13 -78.22
N VAL E 614 2.77 35.41 -77.10
CA VAL E 614 2.20 35.97 -75.88
C VAL E 614 3.25 35.84 -74.78
N GLY E 615 4.20 36.78 -74.76
CA GLY E 615 5.19 36.81 -73.71
C GLY E 615 6.41 35.94 -74.01
N PHE E 616 7.23 35.79 -72.98
CA PHE E 616 8.49 35.06 -73.05
C PHE E 616 8.57 34.09 -71.89
N ARG E 617 9.20 32.95 -72.13
CA ARG E 617 9.57 32.07 -71.03
C ARG E 617 10.83 32.61 -70.34
N GLU E 618 11.11 32.09 -69.15
CA GLU E 618 12.22 32.62 -68.36
C GLU E 618 13.55 32.45 -69.08
N ASP E 619 13.66 31.47 -69.97
CA ASP E 619 14.87 31.32 -70.77
C ASP E 619 14.94 32.30 -71.93
N GLY E 620 13.85 33.01 -72.22
CA GLY E 620 13.84 33.99 -73.29
C GLY E 620 13.23 33.53 -74.59
N SER E 621 12.61 32.36 -74.63
CA SER E 621 12.00 31.85 -75.85
C SER E 621 10.57 32.37 -75.99
N TRP E 622 10.13 32.50 -77.24
CA TRP E 622 8.81 33.06 -77.52
C TRP E 622 7.72 32.06 -77.18
N ARG E 623 6.69 32.54 -76.48
CA ARG E 623 5.51 31.72 -76.17
C ARG E 623 4.51 31.90 -77.30
N LEU E 624 4.75 31.18 -78.39
CA LEU E 624 3.87 31.25 -79.56
C LEU E 624 2.63 30.42 -79.33
N PHE E 625 1.49 30.90 -79.82
CA PHE E 625 0.23 30.20 -79.70
C PHE E 625 -0.53 30.29 -81.01
N THR E 626 -1.17 29.18 -81.38
CA THR E 626 -1.85 29.10 -82.66
C THR E 626 -3.18 29.83 -82.61
N LEU E 627 -3.45 30.61 -83.66
CA LEU E 627 -4.71 31.33 -83.79
C LEU E 627 -5.76 30.46 -84.47
N ARG E 628 -7.02 30.76 -84.20
CA ARG E 628 -8.10 30.06 -84.88
C ARG E 628 -7.99 30.28 -86.38
N PRO E 629 -8.17 29.22 -87.19
CA PRO E 629 -8.02 29.38 -88.64
C PRO E 629 -8.95 30.43 -89.24
N ASP E 630 -10.09 30.67 -88.62
CA ASP E 630 -11.03 31.68 -89.08
C ASP E 630 -10.77 33.06 -88.48
N TYR E 631 -9.72 33.21 -87.68
CA TYR E 631 -9.37 34.52 -87.16
C TYR E 631 -8.59 35.32 -88.20
N SER E 632 -8.85 36.62 -88.25
CA SER E 632 -8.19 37.54 -89.15
C SER E 632 -7.93 38.83 -88.40
N PRO E 633 -6.83 39.54 -88.71
CA PRO E 633 -6.51 40.77 -87.98
C PRO E 633 -7.66 41.78 -88.06
N ALA E 634 -7.98 42.37 -86.92
CA ALA E 634 -9.05 43.35 -86.86
C ALA E 634 -8.66 44.62 -87.61
N VAL E 635 -9.65 45.24 -88.24
CA VAL E 635 -9.43 46.53 -88.89
C VAL E 635 -9.51 47.63 -87.85
N LYS E 636 -8.49 48.47 -87.79
CA LYS E 636 -8.45 49.58 -86.85
C LYS E 636 -8.40 50.89 -87.61
N VAL E 637 -9.32 51.79 -87.28
CA VAL E 637 -9.33 53.16 -87.81
C VAL E 637 -8.91 54.06 -86.66
N GLN E 638 -7.65 54.52 -86.70
CA GLN E 638 -7.09 55.29 -85.60
C GLN E 638 -7.87 56.58 -85.40
N THR E 639 -8.26 56.84 -84.15
CA THR E 639 -9.02 58.03 -83.81
C THR E 639 -8.25 59.04 -82.99
N GLU E 640 -7.20 58.60 -82.28
CA GLU E 640 -6.47 59.46 -81.36
C GLU E 640 -5.12 58.80 -81.08
N ASP E 641 -4.14 59.63 -80.71
CA ASP E 641 -2.79 59.13 -80.49
C ASP E 641 -2.11 59.74 -79.26
N ASP E 642 -2.09 61.07 -79.16
CA ASP E 642 -1.39 61.72 -78.06
C ASP E 642 -2.17 62.88 -77.47
N ILE E 643 -2.62 63.80 -78.32
CA ILE E 643 -3.35 65.00 -77.87
C ILE E 643 -4.80 64.84 -78.30
N THR E 644 -5.68 64.53 -77.35
CA THR E 644 -7.07 64.20 -77.63
C THR E 644 -8.00 65.24 -77.03
N ALA E 645 -8.88 65.80 -77.85
CA ALA E 645 -9.97 66.65 -77.40
C ALA E 645 -11.24 65.80 -77.37
N SER E 646 -11.87 65.73 -76.20
CA SER E 646 -13.03 64.87 -76.03
C SER E 646 -14.16 65.64 -75.36
N THR E 647 -15.36 65.09 -75.49
CA THR E 647 -16.55 65.63 -74.83
C THR E 647 -17.46 64.46 -74.47
N VAL E 648 -18.33 64.70 -73.50
CA VAL E 648 -19.34 63.74 -73.09
C VAL E 648 -20.69 64.42 -73.21
N THR E 649 -21.56 63.86 -74.05
CA THR E 649 -22.88 64.41 -74.29
C THR E 649 -23.89 63.27 -74.29
N PRO E 650 -25.16 63.58 -74.12
CA PRO E 650 -26.21 62.65 -74.56
C PRO E 650 -25.98 62.26 -76.00
N PRO E 651 -26.22 61.00 -76.36
CA PRO E 651 -25.88 60.54 -77.70
C PRO E 651 -26.54 61.41 -78.78
N TRP E 652 -25.81 61.61 -79.88
CA TRP E 652 -26.35 62.48 -80.92
C TRP E 652 -27.54 61.86 -81.64
N GLU E 653 -27.76 60.55 -81.49
CA GLU E 653 -28.90 59.88 -82.12
C GLU E 653 -30.11 59.75 -81.19
N ASP E 654 -29.95 60.02 -79.91
CA ASP E 654 -31.08 59.97 -78.97
C ASP E 654 -30.75 60.87 -77.79
N ALA E 655 -31.45 61.99 -77.66
CA ALA E 655 -31.15 62.97 -76.63
C ALA E 655 -31.42 62.46 -75.22
N GLU E 656 -32.22 61.42 -75.08
CA GLU E 656 -32.53 60.84 -73.77
C GLU E 656 -31.78 59.53 -73.52
N GLY E 657 -30.68 59.29 -74.26
CA GLY E 657 -29.96 58.05 -74.12
C GLY E 657 -28.77 58.16 -73.17
N LEU E 658 -28.18 57.01 -72.89
CA LEU E 658 -27.00 56.93 -72.03
C LEU E 658 -25.88 57.78 -72.61
N PRO E 659 -25.36 58.77 -71.87
CA PRO E 659 -24.29 59.63 -72.40
C PRO E 659 -23.10 58.83 -72.90
N ARG E 660 -22.42 59.38 -73.90
CA ARG E 660 -21.25 58.76 -74.51
C ARG E 660 -20.13 59.79 -74.59
N LYS E 661 -18.90 59.30 -74.69
CA LYS E 661 -17.75 60.15 -74.94
C LYS E 661 -17.41 60.11 -76.41
N TYR E 662 -17.16 61.28 -77.00
CA TYR E 662 -16.72 61.40 -78.38
C TYR E 662 -15.37 62.10 -78.41
N VAL E 663 -14.48 61.63 -79.28
CA VAL E 663 -13.11 62.11 -79.33
C VAL E 663 -12.74 62.50 -80.74
N THR E 664 -11.79 63.43 -80.85
CA THR E 664 -11.09 63.72 -82.09
C THR E 664 -9.61 63.92 -81.77
N ASN E 665 -8.77 63.62 -82.75
CA ASN E 665 -7.34 63.84 -82.61
C ASN E 665 -7.02 65.29 -82.91
N CYS E 666 -6.24 65.92 -82.03
CA CYS E 666 -5.87 67.32 -82.25
C CYS E 666 -4.69 67.47 -83.20
N GLU E 667 -3.87 66.44 -83.34
CA GLU E 667 -2.69 66.48 -84.19
C GLU E 667 -3.03 65.97 -85.58
N HIS E 668 -2.58 66.69 -86.60
CA HIS E 668 -2.71 66.25 -87.98
C HIS E 668 -1.49 65.50 -88.47
N LEU E 669 -0.38 65.56 -87.73
CA LEU E 669 0.77 64.72 -87.95
C LEU E 669 1.23 64.20 -86.59
N LEU E 670 1.70 62.97 -86.55
CA LEU E 670 2.02 62.28 -85.31
C LEU E 670 3.53 62.24 -85.12
N PHE E 671 4.01 62.77 -83.99
CA PHE E 671 5.43 62.82 -83.69
C PHE E 671 5.85 61.46 -83.15
N GLN E 672 6.09 60.53 -84.07
CA GLN E 672 6.43 59.17 -83.73
C GLN E 672 7.89 59.04 -83.33
N ARG E 673 8.16 58.11 -82.42
CA ARG E 673 9.53 57.74 -82.07
C ARG E 673 9.78 56.28 -82.41
N PRO E 674 10.37 55.98 -83.57
CA PRO E 674 10.65 54.57 -83.93
C PRO E 674 11.78 53.99 -83.10
N ASP E 675 11.45 53.53 -81.89
CA ASP E 675 12.46 53.00 -80.98
C ASP E 675 13.20 51.82 -81.60
N ASP E 676 12.47 50.94 -82.28
CA ASP E 676 13.03 49.68 -82.74
C ASP E 676 13.39 49.68 -84.23
N ALA E 677 13.23 50.82 -84.93
CA ALA E 677 13.71 50.90 -86.30
C ALA E 677 15.21 50.71 -86.39
N ILE E 678 15.91 50.82 -85.26
CA ILE E 678 17.33 50.52 -85.19
C ILE E 678 17.61 49.05 -85.47
N HIS E 679 16.59 48.20 -85.45
CA HIS E 679 16.69 46.81 -85.87
C HIS E 679 16.10 46.70 -87.27
N ARG E 680 16.97 46.42 -88.25
CA ARG E 680 16.57 46.43 -89.65
C ARG E 680 15.48 45.42 -89.93
N GLY E 681 14.41 45.87 -90.58
CA GLY E 681 13.32 45.01 -90.98
C GLY E 681 12.22 44.82 -89.97
N TYR E 682 12.37 45.33 -88.76
CA TYR E 682 11.40 45.08 -87.70
C TYR E 682 10.25 46.09 -87.72
N ASP E 683 10.56 47.38 -87.62
CA ASP E 683 9.55 48.44 -87.60
C ASP E 683 9.20 48.79 -89.04
N LYS E 684 8.33 47.96 -89.64
CA LYS E 684 8.03 48.09 -91.05
C LYS E 684 7.29 49.38 -91.36
N GLN E 685 6.45 49.87 -90.44
CA GLN E 685 5.72 51.10 -90.70
C GLN E 685 6.67 52.31 -90.71
N ALA E 686 7.60 52.36 -89.76
CA ALA E 686 8.56 53.46 -89.74
C ALA E 686 9.48 53.40 -90.95
N GLU E 687 9.95 52.20 -91.32
CA GLU E 687 10.82 52.09 -92.48
C GLU E 687 10.12 52.56 -93.75
N PHE E 688 8.80 52.38 -93.83
CA PHE E 688 8.06 52.87 -94.98
C PHE E 688 7.93 54.39 -94.94
N ASP E 689 7.55 54.94 -93.79
CA ASP E 689 7.34 56.38 -93.68
C ASP E 689 8.62 57.15 -93.98
N LEU E 690 9.74 56.72 -93.40
CA LEU E 690 11.01 57.43 -93.53
C LEU E 690 11.66 57.28 -94.90
N ALA E 691 11.21 56.33 -95.72
CA ALA E 691 11.85 56.06 -97.00
C ALA E 691 10.98 56.40 -98.21
N SER E 692 9.66 56.52 -98.04
CA SER E 692 8.77 56.67 -99.18
C SER E 692 8.41 58.11 -99.50
N GLY E 693 8.60 59.04 -98.56
CA GLY E 693 8.23 60.42 -98.77
C GLY E 693 9.42 61.32 -99.09
N THR E 694 9.11 62.52 -99.58
CA THR E 694 10.11 63.55 -99.82
C THR E 694 9.90 64.80 -98.98
N ASP E 695 8.90 64.81 -98.08
CA ASP E 695 8.60 65.99 -97.28
C ASP E 695 8.57 65.67 -95.79
N THR E 696 9.11 64.51 -95.39
CA THR E 696 9.03 64.09 -94.00
C THR E 696 9.85 65.01 -93.10
N PHE E 697 9.21 65.48 -92.03
CA PHE E 697 9.93 66.20 -90.97
C PHE E 697 10.61 65.16 -90.09
N ILE E 698 11.95 65.18 -90.06
CA ILE E 698 12.73 64.17 -89.37
C ILE E 698 13.61 64.86 -88.33
N SER E 699 13.72 64.25 -87.15
CA SER E 699 14.53 64.80 -86.08
C SER E 699 15.29 63.69 -85.37
N ASN E 700 16.50 64.03 -84.91
CA ASN E 700 17.36 63.14 -84.14
C ASN E 700 17.80 61.93 -84.94
N PHE E 701 17.96 62.09 -86.24
CA PHE E 701 18.61 61.08 -87.09
C PHE E 701 19.94 61.65 -87.58
N GLU E 702 20.80 60.74 -88.03
CA GLU E 702 22.13 61.14 -88.51
C GLU E 702 22.05 61.56 -89.97
N PRO E 703 22.67 62.68 -90.35
CA PRO E 703 22.72 63.06 -91.77
C PRO E 703 23.72 62.19 -92.52
N LEU E 704 23.24 61.50 -93.55
CA LEU E 704 24.07 60.60 -94.34
C LEU E 704 24.32 61.19 -95.72
N THR E 705 25.46 60.83 -96.29
CA THR E 705 25.88 61.36 -97.58
C THR E 705 25.54 60.38 -98.70
N HIS E 706 25.79 60.82 -99.94
CA HIS E 706 25.63 59.93 -101.09
C HIS E 706 26.57 58.74 -101.00
N GLU E 707 27.84 59.00 -100.66
CA GLU E 707 28.83 57.93 -100.57
C GLU E 707 28.44 56.87 -99.55
N GLN E 708 27.75 57.27 -98.48
CA GLN E 708 27.31 56.31 -97.49
C GLN E 708 26.21 55.40 -98.01
N ALA E 709 25.45 55.86 -99.01
CA ALA E 709 24.47 54.99 -99.64
C ALA E 709 25.14 54.02 -100.60
N ARG E 710 26.19 54.46 -101.29
CA ARG E 710 26.94 53.57 -102.16
C ARG E 710 27.65 52.49 -101.36
N ASP E 711 28.10 52.82 -100.14
CA ASP E 711 28.72 51.82 -99.28
C ASP E 711 27.68 50.92 -98.63
N LEU E 712 26.49 51.44 -98.36
CA LEU E 712 25.45 50.62 -97.73
C LEU E 712 24.78 49.70 -98.75
N LEU E 713 24.73 50.12 -100.02
CA LEU E 713 24.15 49.27 -101.05
C LEU E 713 24.92 47.96 -101.19
N THR E 714 26.25 48.02 -101.04
CA THR E 714 27.10 46.85 -101.18
C THR E 714 27.35 46.12 -99.87
N ASP E 715 26.73 46.57 -98.77
CA ASP E 715 26.73 45.82 -97.51
C ASP E 715 25.58 44.82 -97.58
N VAL E 716 25.88 43.64 -98.10
CA VAL E 716 24.83 42.69 -98.47
C VAL E 716 23.95 42.34 -97.28
N GLN E 717 24.57 42.08 -96.13
CA GLN E 717 23.80 41.66 -94.96
C GLN E 717 22.85 42.75 -94.50
N ALA E 718 23.39 43.94 -94.20
CA ALA E 718 22.54 45.03 -93.73
C ALA E 718 21.51 45.43 -94.78
N TYR E 719 21.93 45.53 -96.05
CA TYR E 719 21.03 45.97 -97.09
C TYR E 719 19.88 44.98 -97.27
N SER E 720 20.16 43.68 -97.24
CA SER E 720 19.11 42.69 -97.41
C SER E 720 18.13 42.68 -96.24
N GLU E 721 18.56 43.14 -95.06
CA GLU E 721 17.69 43.11 -93.89
C GLU E 721 16.68 44.24 -93.87
N PHE E 722 16.89 45.29 -94.65
CA PHE E 722 15.91 46.37 -94.74
C PHE E 722 14.67 45.90 -95.49
N THR E 723 13.54 46.51 -95.18
CA THR E 723 12.35 46.28 -95.97
C THR E 723 12.47 47.00 -97.32
N LYS E 724 11.67 46.56 -98.29
CA LYS E 724 11.79 47.06 -99.65
C LYS E 724 11.74 48.59 -99.77
N PRO E 725 10.96 49.33 -98.96
CA PRO E 725 11.03 50.80 -99.07
C PRO E 725 12.42 51.37 -98.79
N VAL E 726 13.10 50.89 -97.75
CA VAL E 726 14.42 51.43 -97.44
C VAL E 726 15.44 50.96 -98.47
N ARG E 727 15.31 49.71 -98.94
CA ARG E 727 16.23 49.21 -99.96
C ARG E 727 16.14 50.05 -101.23
N LYS E 728 14.93 50.42 -101.65
CA LYS E 728 14.77 51.25 -102.84
C LYS E 728 15.30 52.66 -102.61
N LEU E 729 15.17 53.19 -101.39
CA LEU E 729 15.71 54.51 -101.11
C LEU E 729 17.23 54.51 -101.20
N ILE E 730 17.88 53.46 -100.69
CA ILE E 730 19.33 53.37 -100.74
C ILE E 730 19.80 53.33 -102.19
N GLU E 731 19.05 52.64 -103.05
CA GLU E 731 19.39 52.58 -104.47
C GLU E 731 19.35 53.97 -105.10
N ARG E 732 18.27 54.71 -104.85
CA ARG E 732 18.11 56.00 -105.51
C ARG E 732 19.19 56.99 -105.10
N VAL E 733 19.54 57.02 -103.82
CA VAL E 733 20.60 57.92 -103.35
C VAL E 733 21.95 57.49 -103.91
N ALA E 734 22.20 56.17 -103.97
CA ALA E 734 23.48 55.68 -104.45
C ALA E 734 23.70 55.99 -105.93
N ALA E 735 22.64 56.26 -106.68
CA ALA E 735 22.76 56.57 -108.10
C ALA E 735 22.84 58.06 -108.38
N MET E 736 22.79 58.89 -107.36
CA MET E 736 22.86 60.34 -107.57
C MET E 736 24.32 60.75 -107.78
N PRO E 737 24.61 61.52 -108.82
CA PRO E 737 25.92 62.18 -108.90
C PRO E 737 26.12 63.14 -107.74
N ASP E 738 27.37 63.55 -107.55
CA ASP E 738 27.70 64.39 -106.41
C ASP E 738 27.15 65.80 -106.55
N ASP E 739 27.05 66.31 -107.78
CA ASP E 739 26.55 67.66 -108.02
C ASP E 739 25.03 67.72 -108.06
N GLN E 740 24.33 66.68 -107.62
CA GLN E 740 22.88 66.66 -107.60
C GLN E 740 22.39 66.80 -106.16
N SER E 741 21.41 67.66 -105.97
CA SER E 741 20.77 67.86 -104.68
C SER E 741 19.49 67.02 -104.60
N PRO E 742 19.02 66.69 -103.38
CA PRO E 742 19.58 67.01 -102.06
C PRO E 742 20.90 66.32 -101.76
N GLU E 743 21.70 66.91 -100.87
CA GLU E 743 23.01 66.38 -100.56
C GLU E 743 22.96 65.24 -99.54
N PHE E 744 21.95 65.23 -98.67
CA PHE E 744 21.90 64.31 -97.56
C PHE E 744 20.66 63.42 -97.63
N TRP E 745 20.67 62.37 -96.82
CA TRP E 745 19.53 61.48 -96.68
C TRP E 745 19.58 60.86 -95.29
N VAL E 746 18.44 60.36 -94.84
CA VAL E 746 18.31 59.73 -93.53
C VAL E 746 17.95 58.27 -93.72
N CYS E 747 18.64 57.38 -92.99
CA CYS E 747 18.33 55.96 -92.95
C CYS E 747 17.67 55.63 -91.63
N SER E 748 16.71 54.69 -91.68
CA SER E 748 15.88 54.41 -90.51
C SER E 748 16.65 53.75 -89.37
N ASP E 749 17.76 53.08 -89.65
CA ASP E 749 18.49 52.33 -88.62
C ASP E 749 19.67 53.10 -88.05
N ASP E 750 19.72 54.42 -88.28
CA ASP E 750 20.88 55.23 -87.86
C ASP E 750 20.39 56.53 -87.25
N PRO E 751 20.07 56.54 -85.96
CA PRO E 751 19.68 57.79 -85.30
C PRO E 751 20.83 58.77 -85.19
N ARG E 752 20.57 59.93 -84.59
CA ARG E 752 21.57 60.98 -84.47
C ARG E 752 22.75 60.52 -83.63
N HIS E 753 23.96 60.80 -84.12
CA HIS E 753 25.18 60.41 -83.40
C HIS E 753 25.46 61.42 -82.30
N LEU E 754 25.63 60.93 -81.09
CA LEU E 754 25.94 61.76 -79.94
C LEU E 754 27.44 61.92 -79.76
N PRO E 755 27.90 63.06 -79.26
CA PRO E 755 29.33 63.23 -78.99
C PRO E 755 29.89 62.20 -78.02
N ASP E 756 29.03 61.57 -77.20
CA ASP E 756 29.48 60.54 -76.27
C ASP E 756 30.00 59.30 -76.97
N GLY E 757 29.60 59.07 -78.22
CA GLY E 757 29.95 57.89 -78.96
C GLY E 757 28.78 56.99 -79.30
N GLY E 758 27.66 57.16 -78.61
CA GLY E 758 26.46 56.40 -78.89
C GLY E 758 25.57 57.09 -79.90
N ARG E 759 24.29 56.72 -79.86
CA ARG E 759 23.30 57.31 -80.73
C ARG E 759 22.06 57.68 -79.92
N SER E 760 21.26 58.59 -80.46
CA SER E 760 20.11 59.11 -79.75
C SER E 760 19.08 58.02 -79.51
N LYS E 761 18.53 57.98 -78.29
CA LYS E 761 17.43 57.09 -77.95
C LYS E 761 16.09 57.66 -78.38
N ASN E 762 16.06 58.86 -78.94
CA ASN E 762 14.82 59.56 -79.27
C ASN E 762 14.80 59.98 -80.74
N PRO E 763 14.91 59.02 -81.67
CA PRO E 763 14.71 59.38 -83.08
C PRO E 763 13.24 59.68 -83.34
N ARG E 764 12.98 60.71 -84.14
CA ARG E 764 11.63 61.22 -84.27
C ARG E 764 11.34 61.57 -85.72
N TYR E 765 10.06 61.48 -86.08
CA TYR E 765 9.59 61.94 -87.39
C TYR E 765 8.09 62.18 -87.30
N LEU E 766 7.62 63.15 -88.06
CA LEU E 766 6.19 63.46 -88.12
C LEU E 766 5.52 62.50 -89.11
N GLN E 767 4.69 61.61 -88.60
CA GLN E 767 4.02 60.63 -89.43
C GLN E 767 2.67 61.15 -89.91
N VAL E 768 2.36 60.90 -91.18
CA VAL E 768 1.02 61.14 -91.69
C VAL E 768 0.05 60.19 -90.98
N ARG E 769 -1.07 60.73 -90.53
CA ARG E 769 -2.04 59.92 -89.81
C ARG E 769 -2.54 58.78 -90.70
N PRO E 770 -2.74 57.58 -90.15
CA PRO E 770 -3.18 56.45 -90.99
C PRO E 770 -4.48 56.71 -91.73
N THR E 771 -5.43 57.41 -91.12
CA THR E 771 -6.67 57.75 -91.81
C THR E 771 -6.44 58.71 -92.97
N ASP E 772 -5.35 59.46 -92.95
CA ASP E 772 -5.02 60.37 -94.04
C ASP E 772 -4.16 59.71 -95.11
N SER E 773 -3.34 58.73 -94.73
CA SER E 773 -2.50 58.02 -95.69
C SER E 773 -3.22 56.86 -96.35
N ASN E 774 -4.33 56.40 -95.78
CA ASN E 774 -5.20 55.41 -96.42
C ASN E 774 -6.64 55.89 -96.29
N PRO E 775 -7.02 56.92 -97.06
CA PRO E 775 -8.39 57.44 -96.98
C PRO E 775 -9.43 56.48 -97.54
N GLU E 776 -9.04 55.54 -98.41
CA GLU E 776 -10.02 54.60 -98.95
C GLU E 776 -10.58 53.71 -97.86
N LEU E 777 -9.72 53.08 -97.07
CA LEU E 777 -10.20 52.24 -95.98
C LEU E 777 -10.98 53.05 -94.95
N THR E 778 -10.61 54.31 -94.77
CA THR E 778 -11.37 55.19 -93.87
C THR E 778 -12.78 55.42 -94.40
N THR E 779 -12.90 55.68 -95.71
CA THR E 779 -14.22 55.81 -96.32
C THR E 779 -15.03 54.52 -96.17
N VAL E 780 -14.39 53.37 -96.39
CA VAL E 780 -15.10 52.10 -96.28
C VAL E 780 -15.66 51.92 -94.87
N ALA E 781 -14.79 52.05 -93.86
CA ALA E 781 -15.25 51.92 -92.48
C ALA E 781 -16.33 52.93 -92.13
N ASP E 782 -16.26 54.14 -92.72
CA ASP E 782 -17.30 55.13 -92.48
C ASP E 782 -18.62 54.69 -93.11
N VAL E 783 -18.59 54.34 -94.40
CA VAL E 783 -19.80 53.86 -95.08
C VAL E 783 -20.35 52.63 -94.38
N ALA E 784 -19.49 51.63 -94.16
CA ALA E 784 -19.93 50.41 -93.50
C ALA E 784 -20.46 50.69 -92.09
N GLY E 785 -19.83 51.65 -91.39
CA GLY E 785 -20.27 51.97 -90.05
C GLY E 785 -21.62 52.67 -90.02
N LYS E 786 -21.95 53.42 -91.07
CA LYS E 786 -23.25 54.06 -91.14
C LYS E 786 -24.35 53.08 -91.52
N LEU E 787 -24.05 52.12 -92.41
CA LEU E 787 -25.02 51.08 -92.73
C LEU E 787 -25.34 50.24 -91.51
N ALA E 788 -24.32 49.94 -90.68
CA ALA E 788 -24.55 49.15 -89.48
C ALA E 788 -25.55 49.81 -88.55
N ARG E 789 -25.56 51.14 -88.50
CA ARG E 789 -26.43 51.90 -87.61
C ARG E 789 -27.67 52.43 -88.31
N LYS E 790 -27.95 51.97 -89.54
CA LYS E 790 -29.11 52.40 -90.31
C LYS E 790 -29.12 53.92 -90.50
N LEU E 791 -27.96 54.49 -90.79
CA LEU E 791 -27.82 55.92 -91.02
C LEU E 791 -27.58 56.21 -92.50
N PRO E 792 -27.99 57.37 -92.98
CA PRO E 792 -27.62 57.76 -94.35
C PRO E 792 -26.10 57.89 -94.46
N LEU E 793 -25.62 57.82 -95.71
CA LEU E 793 -24.19 57.85 -95.95
C LEU E 793 -23.61 59.25 -95.99
N ALA E 794 -24.45 60.27 -96.16
CA ALA E 794 -23.95 61.61 -96.46
C ALA E 794 -23.39 62.31 -95.22
N GLY E 795 -24.13 62.28 -94.11
CA GLY E 795 -23.83 63.14 -92.98
C GLY E 795 -22.58 62.75 -92.21
N HIS E 796 -22.31 63.55 -91.17
CA HIS E 796 -21.25 63.25 -90.21
C HIS E 796 -21.85 62.50 -89.02
N ALA E 797 -21.42 61.26 -88.83
CA ALA E 797 -21.98 60.37 -87.82
C ALA E 797 -20.87 59.76 -86.99
N PRO E 798 -20.33 60.50 -86.02
CA PRO E 798 -19.19 59.99 -85.25
C PRO E 798 -19.57 58.77 -84.41
N GLN E 799 -18.64 57.85 -84.29
CA GLN E 799 -18.82 56.69 -83.44
C GLN E 799 -18.43 57.03 -82.02
N PRO E 800 -19.23 56.66 -81.03
CA PRO E 800 -18.86 56.92 -79.63
C PRO E 800 -17.86 55.88 -79.14
N ILE E 801 -17.20 56.23 -78.03
CA ILE E 801 -16.36 55.25 -77.36
C ILE E 801 -17.22 54.11 -76.84
N ASP E 802 -16.72 52.89 -76.97
CA ASP E 802 -17.37 51.71 -76.41
C ASP E 802 -16.62 51.11 -75.24
N VAL E 803 -15.30 51.04 -75.33
CA VAL E 803 -14.45 50.41 -74.32
C VAL E 803 -13.36 51.38 -73.92
N VAL E 804 -13.11 51.48 -72.62
CA VAL E 804 -11.99 52.24 -72.08
C VAL E 804 -11.03 51.24 -71.45
N ALA E 805 -9.79 51.21 -71.93
CA ALA E 805 -8.81 50.22 -71.50
C ALA E 805 -7.44 50.89 -71.39
N ALA E 806 -7.19 51.51 -70.25
CA ALA E 806 -5.90 52.11 -69.98
C ALA E 806 -4.82 51.02 -69.89
N GLY E 807 -3.57 51.44 -69.97
CA GLY E 807 -2.45 50.52 -69.88
C GLY E 807 -1.48 50.92 -68.79
N ARG E 808 -0.76 49.93 -68.28
CA ARG E 808 0.23 50.13 -67.25
C ARG E 808 1.57 49.56 -67.69
N ARG E 809 2.64 50.22 -67.27
CA ARG E 809 4.01 49.71 -67.47
C ARG E 809 4.46 49.09 -66.15
N ASN E 810 4.37 47.77 -66.07
CA ASN E 810 4.79 47.03 -64.89
C ASN E 810 6.23 46.60 -65.02
N ASN E 811 6.92 46.49 -63.89
CA ASN E 811 8.34 46.18 -63.88
C ASN E 811 8.68 45.32 -62.68
N PRO E 812 9.63 44.39 -62.82
CA PRO E 812 10.09 43.62 -61.67
C PRO E 812 11.02 44.47 -60.80
N PRO E 813 11.15 44.15 -59.53
CA PRO E 813 12.03 44.95 -58.66
C PRO E 813 13.49 44.79 -59.05
N GLU E 814 14.22 45.88 -58.90
CA GLU E 814 15.67 45.91 -59.13
C GLU E 814 16.30 46.70 -58.00
N ASP E 815 17.63 46.81 -58.04
CA ASP E 815 18.31 47.70 -57.11
C ASP E 815 18.06 49.14 -57.54
N LYS E 816 17.53 49.95 -56.61
CA LYS E 816 17.13 51.33 -56.84
C LYS E 816 15.92 51.45 -57.76
N VAL E 817 15.18 50.37 -57.97
CA VAL E 817 13.93 50.38 -58.72
C VAL E 817 12.89 49.56 -57.95
N PRO E 818 11.71 50.10 -57.69
CA PRO E 818 10.75 49.39 -56.84
C PRO E 818 9.93 48.37 -57.61
N ALA E 819 9.41 47.41 -56.86
CA ALA E 819 8.54 46.38 -57.45
C ALA E 819 7.20 46.99 -57.85
N LEU E 820 6.81 46.76 -59.10
CA LEU E 820 5.54 47.24 -59.63
C LEU E 820 4.96 46.19 -60.57
N CYS E 821 4.75 44.98 -60.05
CA CYS E 821 4.34 43.84 -60.86
C CYS E 821 3.33 42.99 -60.08
N ALA E 822 2.15 43.55 -59.84
CA ALA E 822 1.08 42.83 -59.19
C ALA E 822 -0.12 42.60 -60.09
N TYR E 823 -0.20 43.30 -61.23
CA TYR E 823 -1.32 43.16 -62.14
C TYR E 823 -1.14 41.94 -63.04
N ASN E 824 -2.25 41.27 -63.33
CA ASN E 824 -2.30 40.16 -64.28
C ASN E 824 -2.63 40.74 -65.65
N PRO E 825 -2.81 39.94 -66.72
CA PRO E 825 -3.01 40.54 -68.06
C PRO E 825 -4.05 41.65 -68.14
N LEU E 826 -5.20 41.49 -67.51
CA LEU E 826 -6.30 42.43 -67.68
C LEU E 826 -7.06 42.58 -66.37
N HIS E 827 -7.21 43.83 -65.92
CA HIS E 827 -7.93 44.16 -64.70
C HIS E 827 -9.15 45.02 -65.03
N TYR E 828 -10.21 44.85 -64.24
CA TYR E 828 -11.33 45.77 -64.22
C TYR E 828 -11.38 46.44 -62.86
N MET E 829 -11.60 47.76 -62.86
CA MET E 829 -11.65 48.54 -61.64
C MET E 829 -12.89 49.41 -61.64
N GLU E 830 -13.67 49.33 -60.57
CA GLU E 830 -14.71 50.31 -60.35
C GLU E 830 -14.07 51.68 -60.09
N LEU E 831 -14.88 52.71 -60.17
CA LEU E 831 -14.36 54.08 -60.20
C LEU E 831 -13.42 54.44 -59.04
N PRO E 832 -13.68 54.08 -57.78
CA PRO E 832 -12.71 54.44 -56.73
C PRO E 832 -11.32 53.86 -56.97
N GLU E 833 -11.22 52.56 -57.24
CA GLU E 833 -9.93 51.95 -57.51
C GLU E 833 -9.33 52.48 -58.80
N LEU E 834 -10.17 52.70 -59.82
CA LEU E 834 -9.68 53.18 -61.11
C LEU E 834 -9.00 54.54 -60.98
N PHE E 835 -9.51 55.39 -60.10
CA PHE E 835 -8.97 56.74 -59.98
C PHE E 835 -7.82 56.86 -59.00
N MET E 836 -7.67 55.91 -58.07
CA MET E 836 -6.41 55.83 -57.36
C MET E 836 -5.26 55.55 -58.33
N GLU E 837 -5.53 54.77 -59.38
CA GLU E 837 -4.53 54.53 -60.41
C GLU E 837 -4.39 55.75 -61.34
N TYR E 838 -5.50 56.39 -61.69
CA TYR E 838 -5.44 57.59 -62.54
C TYR E 838 -4.72 58.73 -61.84
N ILE E 839 -5.02 58.96 -60.56
CA ILE E 839 -4.39 60.05 -59.83
C ILE E 839 -2.90 59.79 -59.64
N SER E 840 -2.52 58.54 -59.40
CA SER E 840 -1.13 58.22 -59.12
C SER E 840 -0.29 58.17 -60.39
N SER E 841 -0.69 57.34 -61.35
CA SER E 841 0.07 57.09 -62.58
C SER E 841 1.49 56.63 -62.25
N MET E 842 1.57 55.51 -61.55
CA MET E 842 2.85 54.99 -61.09
C MET E 842 3.64 54.39 -62.25
N THR E 843 4.97 54.47 -62.13
CA THR E 843 5.85 53.85 -63.10
C THR E 843 7.22 53.65 -62.45
N GLY E 844 7.87 52.53 -62.78
CA GLY E 844 9.23 52.31 -62.31
C GLY E 844 10.26 53.23 -62.92
N LYS E 845 9.89 53.96 -63.97
CA LYS E 845 10.82 54.90 -64.58
C LYS E 845 10.97 56.14 -63.70
N SER E 846 12.21 56.48 -63.37
CA SER E 846 12.55 57.55 -62.44
C SER E 846 11.83 57.33 -61.11
N PRO E 847 12.29 56.39 -60.29
CA PRO E 847 11.62 56.14 -59.02
C PRO E 847 11.85 57.27 -58.02
N SER E 848 10.81 57.56 -57.24
CA SER E 848 10.91 58.59 -56.21
C SER E 848 11.78 58.07 -55.06
N THR E 849 11.73 58.78 -53.93
CA THR E 849 12.50 58.39 -52.75
C THR E 849 11.76 57.37 -51.90
N THR E 850 10.48 57.61 -51.62
CA THR E 850 9.71 56.71 -50.78
C THR E 850 9.13 55.55 -51.58
N GLY E 851 8.44 55.85 -52.68
CA GLY E 851 7.79 54.84 -53.48
C GLY E 851 8.19 54.95 -54.94
N ALA E 852 7.23 54.65 -55.81
CA ALA E 852 7.45 54.67 -57.25
C ALA E 852 7.27 56.07 -57.80
N GLY E 853 7.76 56.26 -59.03
CA GLY E 853 7.55 57.51 -59.73
C GLY E 853 6.09 57.72 -60.08
N SER E 854 5.79 58.94 -60.53
CA SER E 854 4.42 59.31 -60.87
C SER E 854 4.43 60.26 -62.05
N GLU E 855 3.56 60.02 -63.01
CA GLU E 855 3.42 60.89 -64.18
C GLU E 855 2.29 61.88 -64.03
N GLY E 856 1.81 62.11 -62.81
CA GLY E 856 0.74 63.05 -62.56
C GLY E 856 -0.63 62.47 -62.83
N ALA E 857 -1.65 63.25 -62.47
CA ALA E 857 -3.02 62.83 -62.64
C ALA E 857 -3.33 62.61 -64.12
N LEU E 858 -3.80 61.40 -64.46
CA LEU E 858 -4.14 61.03 -65.83
C LEU E 858 -2.93 61.12 -66.76
N THR E 859 -1.73 60.94 -66.20
CA THR E 859 -0.44 61.08 -66.89
C THR E 859 -0.24 62.46 -67.51
N LYS E 860 -1.02 63.45 -67.08
CA LYS E 860 -0.91 64.81 -67.60
C LYS E 860 -0.14 65.74 -66.68
N GLY E 861 0.49 65.19 -65.64
CA GLY E 861 1.27 65.96 -64.70
C GLY E 861 2.20 66.98 -65.33
N PRO E 862 3.07 66.55 -66.25
CA PRO E 862 4.00 67.50 -66.88
C PRO E 862 3.39 68.35 -67.99
N PHE E 863 2.09 68.21 -68.27
CA PHE E 863 1.45 68.98 -69.34
C PHE E 863 0.21 69.70 -68.84
N ASN E 864 0.18 70.03 -67.55
CA ASN E 864 -0.99 70.69 -66.95
C ASN E 864 -0.53 71.92 -66.19
N ALA E 865 -0.87 73.09 -66.71
CA ALA E 865 -0.56 74.35 -66.05
C ALA E 865 -1.58 74.70 -64.97
N LEU E 866 -2.72 74.02 -64.93
CA LEU E 866 -3.76 74.22 -63.95
C LEU E 866 -3.76 73.08 -62.94
N PRO E 867 -4.35 73.29 -61.77
CA PRO E 867 -4.48 72.18 -60.81
C PRO E 867 -5.21 71.00 -61.43
N ALA E 868 -4.61 69.82 -61.30
CA ALA E 868 -5.17 68.60 -61.88
C ALA E 868 -6.56 68.29 -61.35
N VAL E 869 -6.97 68.93 -60.26
CA VAL E 869 -8.29 68.70 -59.70
C VAL E 869 -9.38 69.02 -60.71
N TYR E 870 -9.17 70.02 -61.56
CA TYR E 870 -10.14 70.33 -62.60
C TYR E 870 -10.34 69.13 -63.51
N ASP E 871 -9.25 68.57 -64.04
CA ASP E 871 -9.33 67.37 -64.87
C ASP E 871 -9.97 66.21 -64.13
N LEU E 872 -9.64 66.06 -62.84
CA LEU E 872 -10.17 64.93 -62.08
C LEU E 872 -11.68 65.00 -61.95
N ASN E 873 -12.21 66.19 -61.64
CA ASN E 873 -13.66 66.33 -61.51
C ASN E 873 -14.36 66.01 -62.82
N ALA E 874 -13.82 66.50 -63.94
CA ALA E 874 -14.40 66.19 -65.24
C ALA E 874 -14.24 64.71 -65.58
N ALA E 875 -13.05 64.16 -65.32
CA ALA E 875 -12.78 62.77 -65.70
C ALA E 875 -13.69 61.80 -64.95
N VAL E 876 -13.94 62.06 -63.67
CA VAL E 876 -14.77 61.14 -62.91
C VAL E 876 -16.22 61.21 -63.38
N LEU E 877 -16.65 62.35 -63.89
CA LEU E 877 -18.00 62.45 -64.43
C LEU E 877 -18.13 61.70 -65.75
N SER E 878 -17.06 61.70 -66.55
CA SER E 878 -17.11 61.04 -67.85
C SER E 878 -17.28 59.53 -67.72
N TYR E 879 -17.06 58.97 -66.53
CA TYR E 879 -17.35 57.58 -66.25
C TYR E 879 -18.68 57.38 -65.54
N ALA E 880 -19.04 58.27 -64.60
CA ALA E 880 -20.29 58.11 -63.88
C ALA E 880 -21.49 58.38 -64.77
N LEU E 881 -21.40 59.40 -65.62
CA LEU E 881 -22.51 59.73 -66.51
C LEU E 881 -22.68 58.72 -67.64
N THR E 882 -21.61 58.00 -68.01
CA THR E 882 -21.61 57.16 -69.19
C THR E 882 -21.64 55.67 -68.91
N ASP E 883 -21.38 55.24 -67.67
CA ASP E 883 -21.29 53.83 -67.28
C ASP E 883 -20.13 53.11 -67.97
N TYR E 884 -19.12 53.86 -68.44
CA TYR E 884 -17.94 53.21 -69.00
C TYR E 884 -17.23 52.40 -67.93
N ASP E 885 -16.79 51.20 -68.31
CA ASP E 885 -16.05 50.33 -67.40
C ASP E 885 -14.57 50.68 -67.47
N GLY E 886 -13.93 50.72 -66.31
CA GLY E 886 -12.51 50.98 -66.25
C GLY E 886 -11.67 49.71 -66.32
N TRP E 887 -11.21 49.37 -67.52
CA TRP E 887 -10.29 48.25 -67.70
C TRP E 887 -8.85 48.73 -67.60
N LEU E 888 -7.95 47.79 -67.33
CA LEU E 888 -6.54 48.12 -67.19
C LEU E 888 -5.72 46.97 -67.74
N SER E 889 -5.09 47.17 -68.90
CA SER E 889 -4.23 46.17 -69.50
C SER E 889 -2.80 46.36 -69.01
N SER E 890 -2.05 45.26 -69.01
CA SER E 890 -0.71 45.23 -68.42
C SER E 890 0.34 45.12 -69.52
N ALA E 891 1.37 45.96 -69.44
CA ALA E 891 2.48 45.95 -70.39
C ALA E 891 3.79 45.80 -69.63
N GLY E 892 4.77 45.21 -70.30
CA GLY E 892 6.07 44.98 -69.69
C GLY E 892 6.19 43.62 -69.03
N TYR E 893 5.81 43.54 -67.76
CA TYR E 893 5.91 42.30 -67.00
C TYR E 893 4.59 41.98 -66.33
N ILE E 894 4.37 40.70 -66.08
CA ILE E 894 3.26 40.20 -65.28
C ILE E 894 3.89 39.42 -64.12
N GLY E 895 3.98 40.04 -62.96
CA GLY E 895 4.77 39.51 -61.89
C GLY E 895 6.23 39.76 -62.16
N PRO E 896 7.11 39.20 -61.33
CA PRO E 896 8.54 39.48 -61.50
C PRO E 896 9.18 38.75 -62.68
N ASN E 897 8.67 37.58 -63.08
CA ASN E 897 9.41 36.69 -63.96
C ASN E 897 8.68 36.33 -65.26
N ALA E 898 7.62 37.06 -65.62
CA ALA E 898 6.86 36.78 -66.83
C ALA E 898 6.84 38.05 -67.68
N ARG E 899 7.86 38.22 -68.52
CA ARG E 899 7.95 39.38 -69.39
C ARG E 899 6.98 39.24 -70.56
N VAL E 900 6.23 40.30 -70.83
CA VAL E 900 5.20 40.26 -71.87
C VAL E 900 5.33 41.38 -72.90
N ASP E 901 6.09 42.43 -72.64
CA ASP E 901 6.25 43.57 -73.58
C ASP E 901 4.85 44.11 -73.90
N HIS E 902 4.56 44.40 -75.16
CA HIS E 902 3.24 44.87 -75.58
C HIS E 902 2.39 43.75 -76.19
N ASP E 903 2.77 42.49 -75.97
CA ASP E 903 2.02 41.38 -76.53
C ASP E 903 0.56 41.41 -76.05
N ILE E 904 0.34 41.82 -74.80
CA ILE E 904 -1.02 41.91 -74.30
C ILE E 904 -1.67 43.23 -74.69
N SER E 905 -0.88 44.30 -74.80
CA SER E 905 -1.40 45.56 -75.34
C SER E 905 -2.04 45.34 -76.70
N MET E 906 -1.43 44.49 -77.53
CA MET E 906 -1.94 44.26 -78.88
C MET E 906 -3.18 43.38 -78.87
N LEU E 907 -3.31 42.49 -77.89
CA LEU E 907 -4.47 41.59 -77.85
C LEU E 907 -5.73 42.28 -77.35
N ILE E 908 -5.61 43.39 -76.61
CA ILE E 908 -6.79 44.04 -76.03
C ILE E 908 -7.79 44.46 -77.10
N PRO E 909 -7.41 45.17 -78.17
CA PRO E 909 -8.42 45.51 -79.19
C PRO E 909 -9.02 44.29 -79.86
N GLU E 910 -8.21 43.25 -80.14
CA GLU E 910 -8.75 42.04 -80.76
C GLU E 910 -9.74 41.35 -79.84
N LEU E 911 -9.39 41.23 -78.55
CA LEU E 911 -10.28 40.62 -77.57
C LEU E 911 -11.62 41.33 -77.52
N PHE E 912 -11.60 42.63 -77.23
CA PHE E 912 -12.85 43.37 -77.04
C PHE E 912 -13.64 43.50 -78.33
N SER E 913 -12.97 43.51 -79.49
CA SER E 913 -13.70 43.58 -80.75
C SER E 913 -14.49 42.32 -81.05
N HIS E 914 -14.09 41.18 -80.49
CA HIS E 914 -14.84 39.93 -80.66
C HIS E 914 -15.84 39.70 -79.54
N MET E 915 -16.02 40.66 -78.65
CA MET E 915 -17.00 40.57 -77.57
C MET E 915 -18.11 41.58 -77.81
N GLY E 916 -19.35 41.13 -77.71
CA GLY E 916 -20.50 42.00 -77.85
C GLY E 916 -20.70 42.87 -76.63
N PRO E 917 -21.65 43.80 -76.71
CA PRO E 917 -21.92 44.66 -75.54
C PRO E 917 -22.32 43.89 -74.30
N ASN E 918 -23.07 42.79 -74.46
CA ASN E 918 -23.43 41.99 -73.30
C ASN E 918 -22.24 41.19 -72.79
N ASP E 919 -21.36 40.75 -73.69
CA ASP E 919 -20.17 40.01 -73.26
C ASP E 919 -19.25 40.90 -72.43
N ARG E 920 -19.17 42.18 -72.76
CA ARG E 920 -18.31 43.12 -72.06
C ARG E 920 -18.97 43.76 -70.85
N ASN E 921 -20.21 43.37 -70.53
CA ASN E 921 -20.89 43.90 -69.36
C ASN E 921 -20.24 43.37 -68.09
N THR E 922 -19.66 44.26 -67.30
CA THR E 922 -18.91 43.82 -66.12
C THR E 922 -19.82 43.35 -65.00
N LYS E 923 -21.06 43.85 -64.94
CA LYS E 923 -21.97 43.41 -63.89
C LYS E 923 -22.30 41.93 -64.03
N ARG E 924 -22.41 41.44 -65.26
CA ARG E 924 -22.59 40.01 -65.47
C ARG E 924 -21.26 39.26 -65.59
N LEU E 925 -20.19 39.94 -65.99
CA LEU E 925 -18.87 39.31 -65.96
C LEU E 925 -18.47 38.94 -64.55
N ILE E 926 -18.84 39.77 -63.56
CA ILE E 926 -18.53 39.47 -62.17
C ILE E 926 -19.50 38.43 -61.63
N SER E 927 -20.80 38.62 -61.87
CA SER E 927 -21.81 37.74 -61.30
C SER E 927 -21.81 36.34 -61.92
N GLU E 928 -20.99 36.11 -62.94
CA GLU E 928 -20.91 34.79 -63.57
C GLU E 928 -19.51 34.19 -63.47
N GLY E 929 -18.64 34.74 -62.64
CA GLY E 929 -17.35 34.12 -62.37
C GLY E 929 -16.30 34.32 -63.43
N TYR E 930 -16.45 35.29 -64.32
CA TYR E 930 -15.42 35.59 -65.29
C TYR E 930 -14.38 36.59 -64.78
N LEU E 931 -14.73 37.38 -63.76
CA LEU E 931 -13.81 38.28 -63.10
C LEU E 931 -13.78 37.94 -61.61
N GLU E 932 -12.58 37.84 -61.04
CA GLU E 932 -12.45 37.58 -59.62
C GLU E 932 -11.87 38.80 -58.91
N LYS E 933 -12.39 39.07 -57.71
CA LYS E 933 -12.06 40.29 -56.99
C LYS E 933 -10.77 40.11 -56.20
N MET E 934 -9.86 41.08 -56.33
CA MET E 934 -8.65 41.08 -55.54
C MET E 934 -8.99 41.22 -54.05
N GLN E 935 -8.43 40.34 -53.23
CA GLN E 935 -8.70 40.34 -51.81
C GLN E 935 -7.45 40.70 -51.02
N ASP E 936 -7.64 41.30 -49.85
CA ASP E 936 -6.53 41.59 -48.97
C ASP E 936 -6.01 40.29 -48.34
N PHE E 937 -4.80 40.38 -47.77
CA PHE E 937 -4.19 39.25 -47.12
C PHE E 937 -3.06 39.75 -46.24
N ASP E 938 -2.71 38.95 -45.23
CA ASP E 938 -1.63 39.27 -44.31
C ASP E 938 -0.34 38.60 -44.75
N PHE E 939 0.75 39.36 -44.72
CA PHE E 939 2.07 38.85 -45.11
C PHE E 939 3.10 39.45 -44.15
N ASP E 940 3.69 38.60 -43.31
CA ASP E 940 4.70 39.01 -42.33
C ASP E 940 4.14 40.08 -41.38
N GLY E 941 3.08 39.69 -40.68
CA GLY E 941 2.46 40.58 -39.69
C GLY E 941 2.07 41.92 -40.26
N HIS E 942 1.53 41.93 -41.47
CA HIS E 942 1.26 43.18 -42.19
C HIS E 942 0.14 42.93 -43.18
N ARG E 943 -0.89 43.76 -43.13
CA ARG E 943 -2.03 43.64 -44.05
C ARG E 943 -1.64 44.20 -45.41
N VAL E 944 -1.65 43.35 -46.43
CA VAL E 944 -1.32 43.75 -47.79
C VAL E 944 -2.63 44.14 -48.49
N LEU E 945 -2.80 45.45 -48.72
CA LEU E 945 -4.05 45.99 -49.25
C LEU E 945 -4.14 45.72 -50.75
N ALA E 946 -4.32 44.44 -51.09
CA ALA E 946 -4.41 44.02 -52.47
C ALA E 946 -5.77 44.32 -53.09
N SER E 947 -6.81 44.54 -52.27
CA SER E 947 -8.14 44.78 -52.80
C SER E 947 -8.21 46.03 -53.67
N ARG E 948 -7.24 46.93 -53.56
CA ARG E 948 -7.25 48.17 -54.34
C ARG E 948 -6.95 47.95 -55.82
N LEU E 949 -6.71 46.71 -56.25
CA LEU E 949 -6.50 46.42 -57.66
C LEU E 949 -7.78 46.00 -58.37
N GLY E 950 -8.91 46.03 -57.69
CA GLY E 950 -10.19 45.79 -58.35
C GLY E 950 -10.42 44.33 -58.63
N TYR E 951 -10.78 44.02 -59.88
CA TYR E 951 -11.02 42.67 -60.33
C TYR E 951 -10.03 42.32 -61.44
N ARG E 952 -9.83 41.02 -61.65
CA ARG E 952 -8.96 40.54 -62.71
C ARG E 952 -9.59 39.35 -63.40
N ILE E 953 -9.07 39.04 -64.58
CA ILE E 953 -9.55 37.91 -65.37
C ILE E 953 -8.97 36.61 -64.83
N ASN E 954 -9.76 35.55 -64.89
CA ASN E 954 -9.33 34.21 -64.52
C ASN E 954 -9.36 33.33 -65.76
N ASP E 955 -9.13 32.03 -65.57
CA ASP E 955 -9.08 31.12 -66.70
C ASP E 955 -10.44 30.98 -67.38
N ARG E 956 -11.52 31.21 -66.65
CA ARG E 956 -12.85 31.20 -67.27
C ARG E 956 -12.97 32.30 -68.32
N PHE E 957 -12.50 33.51 -67.99
CA PHE E 957 -12.50 34.58 -68.98
C PHE E 957 -11.60 34.23 -70.15
N VAL E 958 -10.41 33.68 -69.88
CA VAL E 958 -9.45 33.42 -70.95
C VAL E 958 -9.99 32.37 -71.90
N THR E 959 -10.48 31.25 -71.37
CA THR E 959 -10.94 30.17 -72.24
C THR E 959 -12.15 30.59 -73.06
N HIS E 960 -13.09 31.31 -72.44
CA HIS E 960 -14.35 31.61 -73.12
C HIS E 960 -14.21 32.71 -74.16
N TYR E 961 -13.38 33.72 -73.91
CA TYR E 961 -13.27 34.87 -74.79
C TYR E 961 -12.00 34.88 -75.62
N PHE E 962 -10.84 34.60 -75.04
CA PHE E 962 -9.64 34.44 -75.87
C PHE E 962 -9.73 33.23 -76.79
N GLY E 963 -10.62 32.28 -76.49
CA GLY E 963 -10.93 31.20 -77.41
C GLY E 963 -11.61 31.63 -78.68
N ARG E 964 -11.91 32.93 -78.82
CA ARG E 964 -12.39 33.50 -80.08
C ARG E 964 -11.25 33.99 -80.97
N ILE E 965 -10.02 34.03 -80.43
CA ILE E 965 -8.83 34.38 -81.17
C ILE E 965 -7.87 33.20 -81.26
N PHE E 966 -7.52 32.61 -80.12
CA PHE E 966 -6.57 31.53 -80.06
C PHE E 966 -7.28 30.18 -80.12
N LEU E 967 -6.51 29.15 -80.52
CA LEU E 967 -7.07 27.82 -80.69
C LEU E 967 -7.13 27.05 -79.38
N HIS E 968 -6.07 27.13 -78.58
CA HIS E 968 -5.99 26.50 -77.26
C HIS E 968 -5.83 27.60 -76.23
N PRO E 969 -6.93 28.25 -75.84
CA PRO E 969 -6.80 29.39 -74.92
C PRO E 969 -6.38 29.00 -73.52
N ASP E 970 -6.69 27.77 -73.09
CA ASP E 970 -6.40 27.35 -71.72
C ASP E 970 -4.90 27.36 -71.41
N VAL E 971 -4.04 27.43 -72.43
CA VAL E 971 -2.59 27.41 -72.23
C VAL E 971 -1.94 28.73 -72.57
N VAL E 972 -2.72 29.73 -72.98
CA VAL E 972 -2.15 31.03 -73.36
C VAL E 972 -1.56 31.72 -72.14
N PHE E 973 -2.33 31.80 -71.05
CA PHE E 973 -1.87 32.38 -69.80
C PHE E 973 -1.74 31.27 -68.77
N SER E 974 -0.55 31.09 -68.21
CA SER E 974 -0.35 30.15 -67.13
C SER E 974 -0.96 30.69 -65.84
N GLU E 975 -1.03 29.83 -64.82
CA GLU E 975 -1.58 30.26 -63.54
C GLU E 975 -0.73 31.36 -62.92
N GLU E 976 0.59 31.31 -63.10
CA GLU E 976 1.45 32.37 -62.60
C GLU E 976 1.21 33.69 -63.32
N MET E 977 0.62 33.66 -64.51
CA MET E 977 0.30 34.89 -65.21
C MET E 977 -1.08 35.42 -64.85
N LEU E 978 -2.08 34.54 -64.71
CA LEU E 978 -3.38 34.97 -64.24
C LEU E 978 -3.39 35.29 -62.75
N ARG E 979 -2.40 34.78 -62.01
CA ARG E 979 -2.27 35.02 -60.57
C ARG E 979 -0.81 35.28 -60.26
N PRO E 980 -0.33 36.50 -60.54
CA PRO E 980 1.12 36.77 -60.41
C PRO E 980 1.67 36.61 -59.00
N GLU E 981 0.84 36.52 -57.96
CA GLU E 981 1.37 36.30 -56.62
C GLU E 981 2.01 34.92 -56.49
N LEU E 982 1.62 33.96 -57.33
CA LEU E 982 2.20 32.63 -57.29
C LEU E 982 3.66 32.62 -57.73
N GLN E 983 4.10 33.63 -58.49
CA GLN E 983 5.49 33.70 -58.90
C GLN E 983 6.40 33.96 -57.70
N ASP E 984 6.06 34.97 -56.89
CA ASP E 984 6.81 35.30 -55.69
C ASP E 984 5.88 36.13 -54.81
N GLU E 985 5.40 35.54 -53.71
CA GLU E 985 4.46 36.24 -52.84
C GLU E 985 5.10 37.44 -52.16
N LYS E 986 6.39 37.36 -51.85
CA LYS E 986 7.08 38.50 -51.25
C LYS E 986 7.09 39.69 -52.21
N ILE E 987 7.49 39.46 -53.46
CA ILE E 987 7.53 40.54 -54.46
C ILE E 987 6.14 41.08 -54.73
N PHE E 988 5.12 40.21 -54.69
CA PHE E 988 3.75 40.67 -54.87
C PHE E 988 3.34 41.64 -53.76
N ALA E 989 3.52 41.24 -52.50
CA ALA E 989 3.21 42.13 -51.38
C ALA E 989 4.08 43.38 -51.40
N ASP E 990 5.30 43.28 -51.92
CA ASP E 990 6.14 44.46 -52.08
C ASP E 990 5.54 45.44 -53.07
N SER E 991 5.08 44.93 -54.23
CA SER E 991 4.48 45.79 -55.23
C SER E 991 3.24 46.50 -54.68
N ILE E 992 2.45 45.80 -53.87
CA ILE E 992 1.25 46.40 -53.31
C ILE E 992 1.62 47.52 -52.34
N ASP E 993 2.65 47.31 -51.52
CA ASP E 993 3.08 48.36 -50.61
C ASP E 993 3.58 49.59 -51.36
N VAL E 994 4.31 49.38 -52.45
CA VAL E 994 4.75 50.50 -53.28
C VAL E 994 3.56 51.27 -53.80
N ILE E 995 2.52 50.56 -54.24
CA ILE E 995 1.31 51.21 -54.74
C ILE E 995 0.67 52.06 -53.64
N VAL E 996 0.53 51.48 -52.45
CA VAL E 996 -0.17 52.17 -51.36
C VAL E 996 0.61 53.41 -50.91
N LYS E 997 1.93 53.27 -50.75
CA LYS E 997 2.74 54.43 -50.37
C LYS E 997 2.65 55.52 -51.44
N THR E 998 2.67 55.14 -52.72
CA THR E 998 2.58 56.14 -53.78
C THR E 998 1.20 56.79 -53.81
N HIS E 999 0.14 56.04 -53.46
CA HIS E 999 -1.18 56.65 -53.32
C HIS E 999 -1.15 57.80 -52.33
N GLN E 1000 -0.51 57.58 -51.17
CA GLN E 1000 -0.47 58.62 -50.14
C GLN E 1000 0.38 59.80 -50.59
N ARG E 1001 1.56 59.55 -51.17
CA ARG E 1001 2.44 60.65 -51.53
C ARG E 1001 1.82 61.54 -52.59
N VAL E 1002 1.08 60.96 -53.53
CA VAL E 1002 0.46 61.77 -54.58
C VAL E 1002 -0.75 62.52 -54.05
N ALA E 1003 -1.61 61.84 -53.28
CA ALA E 1003 -2.79 62.50 -52.73
C ALA E 1003 -2.40 63.59 -51.73
N GLN E 1004 -1.31 63.38 -50.97
CA GLN E 1004 -0.86 64.40 -50.04
C GLN E 1004 -0.50 65.69 -50.76
N MET E 1005 -0.09 65.60 -52.03
CA MET E 1005 0.21 66.81 -52.80
C MET E 1005 -1.00 67.71 -52.92
N TYR E 1006 -2.21 67.14 -52.97
CA TYR E 1006 -3.41 67.93 -53.12
C TYR E 1006 -3.78 68.68 -51.84
N PHE E 1007 -3.30 68.21 -50.69
CA PHE E 1007 -3.49 68.93 -49.44
C PHE E 1007 -2.40 69.96 -49.20
N ASP E 1008 -1.18 69.69 -49.66
CA ASP E 1008 -0.10 70.64 -49.49
C ASP E 1008 -0.36 71.94 -50.26
N ASP E 1009 -0.96 71.84 -51.44
CA ASP E 1009 -1.26 73.01 -52.24
C ASP E 1009 -2.72 73.44 -52.11
N GLY E 1010 -3.48 72.81 -51.22
CA GLY E 1010 -4.84 73.24 -50.95
C GLY E 1010 -5.82 73.05 -52.09
N THR E 1011 -5.42 72.40 -53.18
CA THR E 1011 -6.34 72.20 -54.29
C THR E 1011 -7.35 71.09 -54.03
N VAL E 1012 -7.23 70.38 -52.90
CA VAL E 1012 -8.22 69.37 -52.56
C VAL E 1012 -9.57 70.00 -52.23
N SER E 1013 -9.58 71.26 -51.82
CA SER E 1013 -10.84 71.97 -51.58
C SER E 1013 -11.60 72.26 -52.87
N LEU E 1014 -10.97 72.09 -54.02
CA LEU E 1014 -11.63 72.26 -55.32
C LEU E 1014 -12.16 70.96 -55.88
N ALA E 1015 -12.05 69.85 -55.15
CA ALA E 1015 -12.45 68.55 -55.63
C ALA E 1015 -13.93 68.29 -55.40
N CYS E 1016 -14.55 67.58 -56.34
CA CYS E 1016 -15.93 67.15 -56.15
C CYS E 1016 -15.99 66.11 -55.03
N PRO E 1017 -17.17 65.84 -54.48
CA PRO E 1017 -17.28 64.93 -53.33
C PRO E 1017 -16.63 63.57 -53.57
N PRO E 1018 -16.81 62.95 -54.74
CA PRO E 1018 -16.11 61.66 -54.97
C PRO E 1018 -14.60 61.78 -54.92
N ILE E 1019 -14.02 62.78 -55.60
CA ILE E 1019 -12.57 62.90 -55.64
C ILE E 1019 -12.03 63.36 -54.30
N ARG E 1020 -12.75 64.26 -53.62
CA ARG E 1020 -12.30 64.73 -52.31
C ARG E 1020 -12.22 63.58 -51.32
N ALA E 1021 -13.30 62.81 -51.19
CA ALA E 1021 -13.30 61.69 -50.26
C ALA E 1021 -12.26 60.65 -50.64
N LEU E 1022 -11.97 60.49 -51.93
CA LEU E 1022 -10.97 59.53 -52.37
C LEU E 1022 -9.56 60.02 -52.01
N LEU E 1023 -9.26 61.29 -52.28
CA LEU E 1023 -7.96 61.84 -51.94
C LEU E 1023 -7.71 61.79 -50.43
N GLU E 1024 -8.75 62.01 -49.63
CA GLU E 1024 -8.59 61.94 -48.19
C GLU E 1024 -8.30 60.51 -47.74
N ILE E 1025 -8.98 59.53 -48.33
CA ILE E 1025 -8.70 58.13 -48.02
C ILE E 1025 -7.27 57.78 -48.43
N MET E 1026 -6.88 58.19 -49.63
CA MET E 1026 -5.54 57.86 -50.14
C MET E 1026 -4.44 58.45 -49.26
N ALA E 1027 -4.60 59.71 -48.85
CA ALA E 1027 -3.54 60.41 -48.12
C ALA E 1027 -3.65 60.27 -46.62
N HIS E 1028 -4.84 59.96 -46.08
CA HIS E 1028 -5.06 59.94 -44.65
C HIS E 1028 -5.67 58.65 -44.12
N GLY E 1029 -5.96 57.67 -44.98
CA GLY E 1029 -6.57 56.44 -44.55
C GLY E 1029 -8.07 56.47 -44.40
N ALA E 1030 -8.67 57.65 -44.34
CA ALA E 1030 -10.12 57.77 -44.21
C ALA E 1030 -10.52 59.19 -44.59
N SER E 1031 -11.73 59.32 -45.12
CA SER E 1031 -12.26 60.63 -45.44
C SER E 1031 -12.62 61.38 -44.14
N ALA E 1032 -13.12 62.61 -44.30
CA ALA E 1032 -13.54 63.37 -43.13
C ALA E 1032 -14.78 62.73 -42.49
N GLU E 1033 -15.60 62.04 -43.27
CA GLU E 1033 -16.75 61.34 -42.74
C GLU E 1033 -16.38 60.03 -42.04
N GLY E 1034 -15.11 59.63 -42.09
CA GLY E 1034 -14.69 58.36 -41.56
C GLY E 1034 -14.82 57.20 -42.52
N TRP E 1035 -15.01 57.47 -43.81
CA TRP E 1035 -15.19 56.40 -44.78
C TRP E 1035 -13.86 55.77 -45.16
N THR E 1036 -13.93 54.51 -45.56
CA THR E 1036 -12.82 53.80 -46.17
C THR E 1036 -13.23 53.41 -47.59
N LEU E 1037 -12.37 52.64 -48.26
CA LEU E 1037 -12.64 52.29 -49.65
C LEU E 1037 -13.87 51.40 -49.79
N ASP E 1038 -14.20 50.62 -48.76
CA ASP E 1038 -15.34 49.71 -48.82
C ASP E 1038 -16.58 50.29 -48.13
N SER E 1039 -16.55 51.54 -47.72
CA SER E 1039 -17.73 52.17 -47.13
C SER E 1039 -18.80 52.38 -48.20
N PRO E 1040 -20.00 51.82 -48.05
CA PRO E 1040 -21.02 51.97 -49.09
C PRO E 1040 -21.40 53.42 -49.36
N GLU E 1041 -21.38 54.28 -48.34
CA GLU E 1041 -21.68 55.69 -48.55
C GLU E 1041 -20.62 56.36 -49.42
N PHE E 1042 -19.36 55.96 -49.27
CA PHE E 1042 -18.30 56.51 -50.11
C PHE E 1042 -18.42 55.98 -51.53
N ARG E 1043 -18.57 54.67 -51.69
CA ARG E 1043 -18.66 54.09 -53.03
C ARG E 1043 -19.91 54.55 -53.76
N LYS E 1044 -20.96 54.92 -53.02
CA LYS E 1044 -22.19 55.39 -53.64
C LYS E 1044 -21.99 56.74 -54.34
N LEU E 1045 -21.00 57.53 -53.91
CA LEU E 1045 -20.75 58.82 -54.52
C LEU E 1045 -20.32 58.70 -55.98
N PHE E 1046 -19.85 57.52 -56.40
CA PHE E 1046 -19.39 57.32 -57.76
C PHE E 1046 -20.47 56.76 -58.68
N GLU E 1047 -21.63 56.39 -58.14
CA GLU E 1047 -22.67 55.79 -58.94
C GLU E 1047 -23.39 56.83 -59.78
N ARG E 1048 -23.98 56.37 -60.89
CA ARG E 1048 -24.64 57.27 -61.83
C ARG E 1048 -25.88 57.92 -61.22
N GLU E 1049 -26.61 57.18 -60.39
CA GLU E 1049 -27.82 57.73 -59.79
C GLU E 1049 -27.49 58.84 -58.81
N SER E 1050 -26.39 58.70 -58.07
CA SER E 1050 -26.02 59.72 -57.08
C SER E 1050 -25.55 61.00 -57.76
N VAL E 1051 -24.69 60.88 -58.78
CA VAL E 1051 -24.13 62.08 -59.39
C VAL E 1051 -25.21 62.89 -60.09
N LEU E 1052 -26.14 62.22 -60.78
CA LEU E 1052 -27.20 62.93 -61.49
C LEU E 1052 -28.07 63.73 -60.52
N ALA E 1053 -28.40 63.15 -59.36
CA ALA E 1053 -29.24 63.82 -58.37
C ALA E 1053 -28.44 64.68 -57.42
N SER E 1054 -27.12 64.77 -57.59
CA SER E 1054 -26.29 65.52 -56.66
C SER E 1054 -26.39 67.01 -56.91
N ASP E 1055 -26.18 67.79 -55.86
CA ASP E 1055 -26.11 69.24 -56.00
C ASP E 1055 -24.80 69.69 -56.61
N TRP E 1056 -23.73 68.92 -56.42
CA TRP E 1056 -22.43 69.34 -56.95
C TRP E 1056 -22.35 69.14 -58.45
N TYR E 1057 -23.05 68.15 -59.01
CA TYR E 1057 -23.13 68.04 -60.46
C TYR E 1057 -24.04 69.10 -61.04
N ALA E 1058 -25.17 69.37 -60.39
CA ALA E 1058 -26.02 70.47 -60.82
C ALA E 1058 -25.28 71.80 -60.78
N ALA E 1059 -24.37 71.96 -59.82
CA ALA E 1059 -23.54 73.16 -59.78
C ALA E 1059 -22.65 73.25 -61.01
N ARG E 1060 -22.10 72.12 -61.46
CA ARG E 1060 -21.24 72.14 -62.64
C ARG E 1060 -22.03 72.49 -63.90
N LEU E 1061 -23.30 72.12 -63.96
CA LEU E 1061 -24.11 72.46 -65.14
C LEU E 1061 -24.53 73.93 -65.12
N ASP E 1062 -24.88 74.46 -63.95
CA ASP E 1062 -25.16 75.89 -63.86
C ASP E 1062 -23.93 76.71 -64.21
N ALA E 1063 -22.74 76.25 -63.79
CA ALA E 1063 -21.51 76.95 -64.14
C ALA E 1063 -21.26 76.91 -65.64
N LYS E 1064 -21.58 75.78 -66.29
CA LYS E 1064 -21.42 75.67 -67.72
C LYS E 1064 -22.36 76.63 -68.46
N GLN E 1065 -23.61 76.73 -67.99
CA GLN E 1065 -24.56 77.62 -68.63
C GLN E 1065 -24.11 79.08 -68.51
N ALA E 1066 -23.69 79.48 -67.30
CA ALA E 1066 -23.27 80.86 -67.09
C ALA E 1066 -22.12 81.24 -68.01
N GLU E 1067 -21.12 80.37 -68.13
CA GLU E 1067 -19.97 80.69 -68.97
C GLU E 1067 -20.37 80.77 -70.45
N ASP E 1068 -21.26 79.90 -70.90
CA ASP E 1068 -21.71 79.96 -72.28
C ASP E 1068 -22.51 81.24 -72.55
N VAL E 1069 -23.37 81.62 -71.60
CA VAL E 1069 -24.09 82.89 -71.76
C VAL E 1069 -23.11 84.05 -71.78
N LYS E 1070 -22.13 84.04 -70.88
CA LYS E 1070 -21.13 85.11 -70.84
C LYS E 1070 -20.34 85.17 -72.15
N GLN E 1071 -19.91 84.01 -72.66
CA GLN E 1071 -19.12 83.99 -73.90
C GLN E 1071 -19.95 84.48 -75.08
N THR E 1072 -21.21 84.04 -75.18
CA THR E 1072 -22.05 84.45 -76.30
C THR E 1072 -22.43 85.92 -76.18
N GLU E 1073 -22.62 86.43 -74.96
CA GLU E 1073 -22.84 87.86 -74.78
C GLU E 1073 -21.65 88.66 -75.30
N GLU E 1074 -20.43 88.26 -74.91
CA GLU E 1074 -19.23 88.95 -75.38
C GLU E 1074 -19.12 88.88 -76.90
N GLY E 1075 -19.54 87.77 -77.49
CA GLY E 1075 -19.53 87.67 -78.94
C GLY E 1075 -20.53 88.60 -79.58
N VAL E 1076 -21.73 88.72 -79.00
CA VAL E 1076 -22.73 89.65 -79.51
C VAL E 1076 -22.20 91.08 -79.41
N GLU E 1077 -21.55 91.39 -78.29
CA GLU E 1077 -21.05 92.76 -78.10
C GLU E 1077 -19.90 93.07 -79.04
N ARG E 1078 -19.01 92.11 -79.27
CA ARG E 1078 -17.91 92.33 -80.22
C ARG E 1078 -18.43 92.44 -81.65
N LEU E 1079 -19.38 91.59 -82.03
CA LEU E 1079 -19.98 91.69 -83.35
C LEU E 1079 -20.71 93.03 -83.52
N LYS E 1080 -21.39 93.49 -82.47
CA LYS E 1080 -22.06 94.79 -82.52
C LYS E 1080 -21.06 95.92 -82.73
N GLU E 1081 -20.02 95.97 -81.90
CA GLU E 1081 -19.03 97.04 -81.99
C GLU E 1081 -18.39 97.08 -83.38
N TYR E 1082 -18.17 95.91 -83.98
CA TYR E 1082 -17.46 95.87 -85.24
C TYR E 1082 -18.35 96.28 -86.41
N ILE E 1083 -19.60 95.80 -86.44
CA ILE E 1083 -20.47 96.12 -87.56
C ILE E 1083 -20.89 97.59 -87.56
N GLU E 1084 -20.81 98.26 -86.41
CA GLU E 1084 -21.24 99.65 -86.27
C GLU E 1084 -20.12 100.64 -86.56
N ARG E 1085 -18.90 100.17 -86.79
CA ARG E 1085 -17.84 101.07 -87.20
C ARG E 1085 -18.01 101.45 -88.67
N PRO E 1086 -17.63 102.68 -89.05
CA PRO E 1086 -17.88 103.10 -90.44
C PRO E 1086 -17.06 102.34 -91.46
N ASP E 1087 -15.82 101.99 -91.13
CA ASP E 1087 -14.93 101.35 -92.10
C ASP E 1087 -15.29 99.88 -92.34
N SER E 1088 -15.85 99.20 -91.33
CA SER E 1088 -16.03 97.75 -91.40
C SER E 1088 -17.26 97.35 -92.21
N GLY E 1089 -17.67 98.20 -93.17
CA GLY E 1089 -18.82 97.86 -93.99
C GLY E 1089 -18.52 96.75 -94.98
N SER E 1090 -17.39 96.86 -95.68
CA SER E 1090 -17.03 95.85 -96.67
C SER E 1090 -16.77 94.50 -96.02
N VAL E 1091 -16.29 94.50 -94.78
CA VAL E 1091 -16.05 93.23 -94.08
C VAL E 1091 -17.37 92.57 -93.69
N SER E 1092 -18.32 93.37 -93.19
CA SER E 1092 -19.59 92.80 -92.74
C SER E 1092 -20.36 92.15 -93.87
N ALA E 1093 -20.23 92.68 -95.09
CA ALA E 1093 -20.87 92.04 -96.24
C ALA E 1093 -20.13 90.78 -96.65
N ARG E 1094 -18.79 90.83 -96.66
CA ARG E 1094 -18.00 89.69 -97.12
C ARG E 1094 -18.10 88.51 -96.17
N LEU E 1095 -18.22 88.78 -94.86
CA LEU E 1095 -18.24 87.72 -93.86
C LEU E 1095 -19.64 87.41 -93.33
N HIS E 1096 -20.67 88.11 -93.83
CA HIS E 1096 -22.04 87.92 -93.39
C HIS E 1096 -22.17 88.11 -91.88
N LEU E 1097 -21.55 89.17 -91.38
CA LEU E 1097 -21.57 89.42 -89.94
C LEU E 1097 -22.97 89.75 -89.45
N ALA E 1098 -23.83 90.30 -90.31
CA ALA E 1098 -25.21 90.53 -89.93
C ALA E 1098 -25.93 89.20 -89.67
N ASP E 1099 -25.68 88.20 -90.52
CA ASP E 1099 -26.23 86.87 -90.28
C ASP E 1099 -25.56 86.22 -89.07
N ARG E 1100 -24.26 86.45 -88.90
CA ARG E 1100 -23.55 85.85 -87.77
C ARG E 1100 -23.99 86.46 -86.45
N LEU E 1101 -24.25 87.77 -86.44
CA LEU E 1101 -24.71 88.42 -85.21
C LEU E 1101 -26.11 87.96 -84.82
N ARG E 1102 -26.98 87.75 -85.82
CA ARG E 1102 -28.34 87.29 -85.52
C ARG E 1102 -28.33 85.86 -84.98
N GLU E 1103 -27.49 84.99 -85.55
CA GLU E 1103 -27.37 83.64 -84.99
C GLU E 1103 -26.91 83.68 -83.55
N LEU E 1104 -25.97 84.58 -83.23
CA LEU E 1104 -25.53 84.71 -81.85
C LEU E 1104 -26.65 85.17 -80.93
N GLU E 1105 -27.44 86.14 -81.40
CA GLU E 1105 -28.55 86.64 -80.58
C GLU E 1105 -29.61 85.57 -80.35
N ALA E 1106 -29.82 84.69 -81.34
CA ALA E 1106 -30.75 83.59 -81.13
C ALA E 1106 -30.17 82.54 -80.20
N GLN E 1107 -28.86 82.26 -80.33
CA GLN E 1107 -28.23 81.28 -79.45
C GLN E 1107 -28.17 81.79 -78.02
N LEU E 1108 -27.93 83.10 -77.84
CA LEU E 1108 -27.88 83.66 -76.50
C LEU E 1108 -29.23 83.55 -75.80
N THR E 1109 -30.32 83.78 -76.54
CA THR E 1109 -31.65 83.64 -75.96
C THR E 1109 -31.90 82.19 -75.53
N TYR E 1110 -31.42 81.23 -76.32
CA TYR E 1110 -31.59 79.82 -75.95
C TYR E 1110 -30.71 79.46 -74.77
N GLU E 1111 -29.47 79.94 -74.75
CA GLU E 1111 -28.54 79.59 -73.67
C GLU E 1111 -28.97 80.16 -72.32
N ARG E 1112 -29.81 81.20 -72.32
CA ARG E 1112 -30.38 81.70 -71.08
C ARG E 1112 -31.58 80.87 -70.60
N SER E 1113 -32.25 80.17 -71.51
CA SER E 1113 -33.48 79.47 -71.17
C SER E 1113 -33.20 78.23 -70.34
N PRO E 1114 -34.14 77.80 -69.51
CA PRO E 1114 -33.97 76.52 -68.80
C PRO E 1114 -33.96 75.33 -69.72
N GLU E 1115 -34.44 75.48 -70.95
CA GLU E 1115 -34.37 74.41 -71.94
C GLU E 1115 -32.92 74.03 -72.23
N TYR E 1116 -32.05 75.02 -72.38
CA TYR E 1116 -30.64 74.73 -72.59
C TYR E 1116 -30.02 74.07 -71.35
N ARG E 1117 -30.33 74.63 -70.18
CA ARG E 1117 -29.86 74.02 -68.92
C ARG E 1117 -30.31 72.57 -68.82
N ARG E 1118 -31.53 72.27 -69.29
CA ARG E 1118 -32.03 70.90 -69.23
C ARG E 1118 -31.27 69.99 -70.18
N SER E 1119 -30.75 70.51 -71.29
CA SER E 1119 -30.01 69.70 -72.25
C SER E 1119 -28.58 69.42 -71.81
N LEU E 1120 -28.07 70.13 -70.82
CA LEU E 1120 -26.73 69.88 -70.31
C LEU E 1120 -26.66 68.67 -69.38
N VAL E 1121 -27.80 68.14 -68.96
CA VAL E 1121 -27.79 66.92 -68.15
C VAL E 1121 -27.22 65.78 -68.99
N GLY E 1122 -26.11 65.22 -68.52
CA GLY E 1122 -25.37 64.23 -69.29
C GLY E 1122 -24.05 64.75 -69.83
N THR E 1123 -23.70 65.99 -69.55
CA THR E 1123 -22.43 66.56 -69.96
C THR E 1123 -21.56 66.82 -68.73
N LEU E 1124 -20.28 67.10 -68.98
CA LEU E 1124 -19.33 67.26 -67.89
C LEU E 1124 -19.52 68.58 -67.14
N GLY E 1125 -20.19 69.56 -67.74
CA GLY E 1125 -20.30 70.83 -67.07
C GLY E 1125 -18.95 71.53 -66.94
N ARG E 1126 -18.96 72.58 -66.12
CA ARG E 1126 -17.79 73.40 -65.90
C ARG E 1126 -17.42 73.38 -64.42
N GLN E 1127 -16.11 73.44 -64.15
CA GLN E 1127 -15.61 73.58 -62.80
C GLN E 1127 -16.30 74.77 -62.12
N PRO E 1128 -17.04 74.55 -61.03
CA PRO E 1128 -17.80 75.67 -60.44
C PRO E 1128 -16.90 76.76 -59.88
N ARG E 1129 -15.93 76.39 -59.06
CA ARG E 1129 -15.01 77.33 -58.43
C ARG E 1129 -13.60 76.98 -58.86
N PHE E 1130 -12.90 77.93 -59.48
CA PHE E 1130 -11.53 77.71 -59.90
C PHE E 1130 -10.52 78.02 -58.81
N VAL E 1131 -10.94 78.66 -57.73
CA VAL E 1131 -10.04 79.00 -56.63
C VAL E 1131 -10.87 79.27 -55.38
N MET F 1 90.08 -92.11 -48.97
CA MET F 1 90.94 -92.94 -48.12
C MET F 1 90.85 -94.40 -48.51
N SER F 2 91.70 -95.23 -47.89
CA SER F 2 91.72 -96.65 -48.18
C SER F 2 90.72 -97.39 -47.30
N VAL F 3 90.52 -98.67 -47.63
CA VAL F 3 89.59 -99.49 -46.87
C VAL F 3 90.10 -99.70 -45.45
N VAL F 4 91.41 -99.83 -45.27
CA VAL F 4 91.97 -100.05 -43.94
C VAL F 4 91.76 -98.83 -43.06
N GLU F 5 92.05 -97.64 -43.57
CA GLU F 5 91.83 -96.42 -42.81
C GLU F 5 90.35 -96.22 -42.50
N ARG F 6 89.48 -96.56 -43.46
CA ARG F 6 88.05 -96.38 -43.26
C ARG F 6 87.53 -97.28 -42.14
N ARG F 7 88.06 -98.50 -42.05
CA ARG F 7 87.63 -99.41 -40.98
C ARG F 7 88.08 -98.92 -39.62
N GLN F 8 89.31 -98.40 -39.54
CA GLN F 8 89.81 -97.91 -38.26
C GLN F 8 89.01 -96.70 -37.78
N ILE F 9 88.61 -95.82 -38.71
CA ILE F 9 87.74 -94.71 -38.36
C ILE F 9 86.39 -95.22 -37.87
N ASN F 10 85.82 -96.20 -38.59
CA ASN F 10 84.58 -96.82 -38.15
C ASN F 10 84.76 -97.50 -36.80
N ALA F 11 85.90 -98.17 -36.59
CA ALA F 11 86.17 -98.80 -35.31
C ALA F 11 86.23 -97.78 -34.20
N ALA F 12 86.95 -96.67 -34.43
CA ALA F 12 87.03 -95.60 -33.44
C ALA F 12 85.68 -94.96 -33.20
N ILE F 13 84.83 -94.88 -34.23
CA ILE F 13 83.50 -94.32 -34.06
C ILE F 13 82.63 -95.23 -33.21
N ASN F 14 82.74 -96.55 -33.44
CA ASN F 14 81.92 -97.50 -32.66
C ASN F 14 82.25 -97.43 -31.18
N LEU F 15 83.53 -97.28 -30.85
CA LEU F 15 83.92 -97.17 -29.44
C LEU F 15 83.27 -95.96 -28.79
N ARG F 16 83.31 -94.81 -29.47
CA ARG F 16 82.73 -93.61 -28.91
C ARG F 16 81.20 -93.64 -28.94
N LEU F 17 80.62 -94.40 -29.86
CA LEU F 17 79.16 -94.52 -29.89
C LEU F 17 78.66 -95.44 -28.78
N SER F 18 79.43 -96.46 -28.41
CA SER F 18 79.03 -97.33 -27.32
C SER F 18 79.25 -96.67 -25.96
N LEU F 19 80.27 -95.83 -25.84
CA LEU F 19 80.51 -95.12 -24.58
C LEU F 19 79.32 -94.26 -24.19
N LEU F 20 78.63 -93.67 -25.17
CA LEU F 20 77.45 -92.86 -24.92
C LEU F 20 76.16 -93.67 -24.87
N GLY F 21 76.24 -94.98 -25.09
CA GLY F 21 75.04 -95.81 -25.11
C GLY F 21 74.21 -95.69 -26.37
N LEU F 22 74.83 -95.25 -27.49
CA LEU F 22 74.12 -95.07 -28.74
C LEU F 22 74.25 -96.32 -29.61
N PRO F 23 73.25 -96.59 -30.45
CA PRO F 23 73.34 -97.75 -31.34
C PRO F 23 74.48 -97.61 -32.35
N HIS F 24 75.06 -98.74 -32.70
CA HIS F 24 76.23 -98.78 -33.58
C HIS F 24 76.35 -100.17 -34.16
N PRO F 25 76.95 -100.32 -35.35
CA PRO F 25 77.16 -101.64 -35.95
C PRO F 25 78.10 -102.53 -35.14
N ASP F 33 88.32 -109.37 -29.87
CA ASP F 33 88.70 -107.96 -29.81
C ASP F 33 87.68 -107.18 -29.00
N ALA F 34 86.39 -107.40 -29.28
CA ALA F 34 85.34 -106.78 -28.50
C ALA F 34 85.44 -107.18 -27.03
N ILE F 35 85.77 -108.46 -26.77
CA ILE F 35 85.95 -108.94 -25.42
C ILE F 35 87.09 -108.20 -24.71
N LEU F 36 88.03 -107.66 -25.47
CA LEU F 36 89.22 -107.06 -24.87
C LEU F 36 88.94 -105.67 -24.30
N VAL F 37 88.19 -104.84 -25.02
CA VAL F 37 87.95 -103.47 -24.59
C VAL F 37 86.69 -103.31 -23.75
N GLU F 38 85.75 -104.26 -23.83
CA GLU F 38 84.48 -104.09 -23.15
C GLU F 38 84.60 -103.86 -21.65
N PRO F 39 85.49 -104.53 -20.90
CA PRO F 39 85.64 -104.17 -19.48
C PRO F 39 86.10 -102.73 -19.28
N LEU F 40 86.97 -102.23 -20.16
CA LEU F 40 87.40 -100.84 -20.04
C LEU F 40 86.31 -99.86 -20.45
N LEU F 41 85.42 -100.27 -21.36
CA LEU F 41 84.28 -99.42 -21.70
C LEU F 41 83.31 -99.30 -20.53
N ALA F 42 82.98 -100.44 -19.90
CA ALA F 42 82.03 -100.41 -18.79
C ALA F 42 82.60 -99.65 -17.59
N ARG F 43 83.90 -99.75 -17.37
CA ARG F 43 84.53 -98.99 -16.29
C ARG F 43 84.44 -97.49 -16.57
N GLN F 44 84.64 -97.09 -17.83
CA GLN F 44 84.58 -95.67 -18.17
C GLN F 44 83.15 -95.14 -18.08
N ARG F 45 82.16 -95.92 -18.53
CA ARG F 45 80.77 -95.51 -18.34
C ARG F 45 80.44 -95.29 -16.88
N GLU F 46 81.10 -96.04 -15.99
CA GLU F 46 80.82 -95.90 -14.56
C GLU F 46 81.48 -94.66 -13.98
N LEU F 47 82.73 -94.37 -14.37
CA LEU F 47 83.37 -93.14 -13.94
C LEU F 47 82.63 -91.92 -14.49
N SER F 48 82.21 -91.97 -15.74
CA SER F 48 81.44 -90.87 -16.31
C SER F 48 80.13 -90.67 -15.58
N ARG F 49 79.49 -91.76 -15.15
CA ARG F 49 78.23 -91.64 -14.42
C ARG F 49 78.44 -90.90 -13.10
N ARG F 50 79.56 -91.16 -12.42
CA ARG F 50 79.88 -90.48 -11.17
C ARG F 50 80.26 -89.01 -11.39
N LEU F 51 80.43 -88.59 -12.64
CA LEU F 51 80.75 -87.20 -12.95
C LEU F 51 80.06 -86.71 -14.23
N LYS F 52 78.94 -87.31 -14.61
CA LYS F 52 78.25 -86.86 -15.81
C LYS F 52 77.68 -85.47 -15.59
N ASP F 53 77.23 -84.86 -16.68
CA ASP F 53 76.81 -83.46 -16.73
C ASP F 53 77.94 -82.50 -16.36
N ARG F 54 79.19 -82.97 -16.33
CA ARG F 54 80.34 -82.11 -16.11
C ARG F 54 80.80 -81.51 -17.42
N LEU F 55 80.96 -80.20 -17.44
CA LEU F 55 81.46 -79.52 -18.62
C LEU F 55 82.98 -79.59 -18.67
N SER F 56 83.52 -79.52 -19.87
CA SER F 56 84.97 -79.39 -20.03
C SER F 56 85.39 -77.96 -19.69
N ALA F 57 86.70 -77.76 -19.59
CA ALA F 57 87.21 -76.42 -19.31
C ALA F 57 86.75 -75.37 -20.33
N PRO F 58 86.76 -75.63 -21.64
CA PRO F 58 86.19 -74.62 -22.56
C PRO F 58 84.71 -74.38 -22.35
N ASP F 59 83.93 -75.44 -22.08
CA ASP F 59 82.50 -75.27 -21.88
C ASP F 59 82.20 -74.48 -20.61
N LEU F 60 82.99 -74.70 -19.56
CA LEU F 60 82.83 -73.93 -18.33
C LEU F 60 83.00 -72.44 -18.58
N ARG F 61 83.99 -72.07 -19.41
CA ARG F 61 84.17 -70.66 -19.74
C ARG F 61 82.99 -70.13 -20.55
N ILE F 62 82.47 -70.94 -21.48
CA ILE F 62 81.31 -70.52 -22.26
C ILE F 62 80.08 -70.43 -21.37
N GLN F 63 79.83 -71.47 -20.58
CA GLN F 63 78.65 -71.49 -19.72
C GLN F 63 78.66 -70.33 -18.72
N ARG F 64 79.85 -70.00 -18.20
CA ARG F 64 79.93 -68.91 -17.23
C ARG F 64 79.63 -67.56 -17.87
N PHE F 65 79.99 -67.38 -19.13
CA PHE F 65 79.66 -66.13 -19.81
C PHE F 65 78.15 -65.99 -20.00
N LEU F 66 77.51 -67.04 -20.50
CA LEU F 66 76.06 -66.98 -20.74
C LEU F 66 75.29 -66.69 -19.47
N ASP F 67 75.67 -67.34 -18.36
CA ASP F 67 74.95 -67.15 -17.11
C ASP F 67 75.04 -65.69 -16.64
N ASP F 68 76.24 -65.11 -16.70
CA ASP F 68 76.39 -63.72 -16.27
C ASP F 68 75.82 -62.76 -17.29
N TYR F 69 75.95 -63.07 -18.59
CA TYR F 69 75.50 -62.16 -19.63
C TYR F 69 73.99 -62.13 -19.78
N LEU F 70 73.32 -63.25 -19.49
CA LEU F 70 71.87 -63.35 -19.66
C LEU F 70 71.15 -63.50 -18.33
N ALA F 71 71.74 -63.03 -17.23
CA ALA F 71 71.16 -63.24 -15.91
C ALA F 71 69.82 -62.55 -15.75
N ASP F 72 69.60 -61.45 -16.46
CA ASP F 72 68.37 -60.69 -16.34
C ASP F 72 67.33 -61.03 -17.41
N CYS F 73 67.55 -62.10 -18.17
CA CYS F 73 66.67 -62.47 -19.26
C CYS F 73 65.64 -63.50 -18.81
N ASP F 74 64.62 -63.70 -19.66
CA ASP F 74 63.59 -64.70 -19.38
C ASP F 74 64.17 -66.10 -19.37
N GLU F 75 64.97 -66.43 -20.37
CA GLU F 75 65.58 -67.75 -20.50
C GLU F 75 67.04 -67.70 -20.06
N HIS F 76 67.54 -68.87 -19.65
CA HIS F 76 68.95 -69.02 -19.27
C HIS F 76 69.45 -70.32 -19.88
N PRO F 77 69.91 -70.27 -21.13
CA PRO F 77 70.25 -71.51 -21.84
C PRO F 77 71.48 -72.20 -21.25
N GLN F 78 71.47 -73.52 -21.35
CA GLN F 78 72.56 -74.35 -20.86
C GLN F 78 73.10 -75.21 -22.00
N LEU F 79 74.43 -75.29 -22.09
CA LEU F 79 75.06 -76.10 -23.12
C LEU F 79 74.73 -77.58 -22.90
N PRO F 80 74.77 -78.39 -23.96
CA PRO F 80 74.59 -79.83 -23.78
C PRO F 80 75.69 -80.40 -22.89
N ARG F 81 75.26 -81.02 -21.78
CA ARG F 81 76.21 -81.58 -20.83
C ARG F 81 76.84 -82.88 -21.32
N THR F 82 76.26 -83.50 -22.35
CA THR F 82 76.77 -84.76 -22.89
C THR F 82 76.78 -84.65 -24.42
N THR F 83 77.97 -84.66 -25.01
CA THR F 83 78.11 -84.58 -26.45
C THR F 83 78.98 -85.73 -26.94
N LEU F 84 78.91 -85.96 -28.24
CA LEU F 84 79.84 -86.87 -28.91
C LEU F 84 81.09 -86.08 -29.24
N VAL F 85 82.13 -86.25 -28.44
CA VAL F 85 83.37 -85.49 -28.61
C VAL F 85 84.18 -86.09 -29.74
N LEU F 86 84.60 -85.25 -30.69
CA LEU F 86 85.44 -85.67 -31.80
C LEU F 86 86.89 -85.34 -31.44
N ASP F 87 87.53 -86.27 -30.73
CA ASP F 87 88.87 -86.04 -30.19
C ASP F 87 89.98 -86.32 -31.20
N GLU F 88 89.67 -87.02 -32.29
CA GLU F 88 90.68 -87.38 -33.28
C GLU F 88 90.27 -86.92 -34.66
N PRO F 89 91.22 -86.46 -35.47
CA PRO F 89 90.88 -86.07 -36.84
C PRO F 89 90.45 -87.28 -37.67
N GLY F 90 89.39 -87.08 -38.46
CA GLY F 90 88.85 -88.12 -39.32
C GLY F 90 87.52 -88.68 -38.87
N LEU F 91 87.20 -88.56 -37.57
CA LEU F 91 85.94 -89.10 -37.08
C LEU F 91 84.74 -88.39 -37.72
N ALA F 92 84.82 -87.07 -37.86
CA ALA F 92 83.72 -86.31 -38.45
C ALA F 92 83.46 -86.74 -39.89
N ARG F 93 84.52 -87.07 -40.63
CA ARG F 93 84.34 -87.54 -42.00
C ARG F 93 83.63 -88.89 -42.03
N GLY F 94 84.03 -89.82 -41.14
CA GLY F 94 83.36 -91.10 -41.07
C GLY F 94 81.92 -90.99 -40.58
N LEU F 95 81.67 -90.05 -39.66
CA LEU F 95 80.33 -89.88 -39.11
C LEU F 95 79.37 -89.16 -40.07
N SER F 96 79.89 -88.42 -41.04
CA SER F 96 79.06 -87.66 -41.94
C SER F 96 78.41 -88.49 -43.03
N LEU F 97 78.82 -89.75 -43.19
CA LEU F 97 78.28 -90.64 -44.19
C LEU F 97 77.82 -91.94 -43.55
N PRO F 98 76.78 -92.56 -44.09
CA PRO F 98 76.34 -93.86 -43.56
C PRO F 98 77.47 -94.87 -43.57
N VAL F 99 77.60 -95.61 -42.47
CA VAL F 99 78.67 -96.58 -42.33
C VAL F 99 78.63 -97.62 -43.44
N ASP F 100 77.43 -97.91 -43.97
CA ASP F 100 77.25 -98.93 -44.99
C ASP F 100 77.04 -98.31 -46.37
N GLY F 101 75.91 -97.63 -46.56
CA GLY F 101 75.58 -97.04 -47.84
C GLY F 101 76.49 -95.87 -48.19
N ASP F 102 76.21 -95.27 -49.36
CA ASP F 102 77.00 -94.16 -49.88
C ASP F 102 76.15 -92.90 -50.08
N GLU F 103 75.01 -92.79 -49.40
CA GLU F 103 74.11 -91.67 -49.63
C GLU F 103 73.30 -91.40 -48.37
N PHE F 104 73.14 -90.11 -48.06
CA PHE F 104 72.37 -89.67 -46.90
C PHE F 104 71.56 -88.44 -47.26
N HIS F 105 70.32 -88.39 -46.75
CA HIS F 105 69.44 -87.25 -46.99
C HIS F 105 68.73 -86.85 -45.71
N SER F 106 68.64 -85.54 -45.48
CA SER F 106 67.85 -84.96 -44.41
C SER F 106 67.23 -83.67 -44.91
N ASP F 107 66.42 -83.02 -44.07
CA ASP F 107 65.86 -81.73 -44.44
C ASP F 107 66.93 -80.67 -44.68
N ILE F 108 68.17 -80.94 -44.29
CA ILE F 108 69.19 -79.90 -44.21
C ILE F 108 70.33 -80.12 -45.21
N VAL F 109 70.61 -81.35 -45.63
CA VAL F 109 71.76 -81.62 -46.47
C VAL F 109 71.52 -82.91 -47.25
N ALA F 110 72.16 -83.02 -48.41
CA ALA F 110 72.26 -84.26 -49.16
C ALA F 110 73.75 -84.61 -49.27
N SER F 111 74.11 -85.81 -48.83
CA SER F 111 75.50 -86.20 -48.70
C SER F 111 75.76 -87.48 -49.47
N TYR F 112 76.93 -87.56 -50.12
CA TYR F 112 77.27 -88.69 -50.97
C TYR F 112 78.73 -89.08 -50.77
N ARG F 113 78.99 -90.38 -50.74
CA ARG F 113 80.36 -90.88 -50.78
C ARG F 113 80.81 -90.99 -52.23
N LEU F 114 81.93 -90.35 -52.56
CA LEU F 114 82.40 -90.21 -53.92
C LEU F 114 83.67 -91.02 -54.17
N VAL F 115 83.91 -91.33 -55.44
CA VAL F 115 85.19 -91.90 -55.84
C VAL F 115 86.32 -90.92 -55.53
N ASN F 116 86.06 -89.63 -55.70
CA ASN F 116 87.08 -88.61 -55.53
C ASN F 116 86.84 -87.74 -54.29
N GLY F 117 86.27 -88.31 -53.23
CA GLY F 117 86.12 -87.59 -51.98
C GLY F 117 84.76 -87.73 -51.32
N VAL F 118 84.14 -86.60 -50.97
CA VAL F 118 82.82 -86.60 -50.37
C VAL F 118 82.06 -85.38 -50.87
N LEU F 119 80.75 -85.54 -51.06
CA LEU F 119 79.90 -84.48 -51.57
C LEU F 119 78.83 -84.15 -50.55
N HIS F 120 78.71 -82.87 -50.21
CA HIS F 120 77.70 -82.38 -49.26
C HIS F 120 77.01 -81.19 -49.88
N ASN F 121 75.73 -81.34 -50.20
CA ASN F 121 74.93 -80.25 -50.76
C ASN F 121 73.98 -79.74 -49.69
N PRO F 122 74.24 -78.57 -49.10
CA PRO F 122 73.35 -78.05 -48.05
C PRO F 122 72.03 -77.57 -48.59
N LYS F 123 71.13 -77.16 -47.69
CA LYS F 123 69.81 -76.69 -48.08
C LYS F 123 69.92 -75.52 -49.06
N HIS F 124 70.70 -74.50 -48.69
CA HIS F 124 70.95 -73.35 -49.54
C HIS F 124 72.34 -73.43 -50.14
N ASP F 125 72.44 -73.21 -51.45
CA ASP F 125 73.73 -73.36 -52.12
C ASP F 125 74.63 -72.15 -51.94
N ARG F 126 74.05 -70.96 -51.82
CA ARG F 126 74.81 -69.73 -51.79
C ARG F 126 74.63 -69.01 -50.45
N ARG F 127 75.65 -68.24 -50.08
CA ARG F 127 75.61 -67.43 -48.87
C ARG F 127 74.97 -66.08 -49.16
N THR F 128 74.25 -65.57 -48.17
CA THR F 128 73.61 -64.27 -48.28
C THR F 128 74.11 -63.37 -47.15
N THR F 129 73.99 -62.05 -47.37
CA THR F 129 74.44 -61.06 -46.39
C THR F 129 73.34 -60.08 -46.01
N ALA F 130 72.16 -60.15 -46.61
CA ALA F 130 71.07 -59.22 -46.33
C ALA F 130 70.42 -59.62 -45.01
N GLY F 131 70.72 -58.86 -43.95
CA GLY F 131 70.11 -59.12 -42.65
C GLY F 131 70.45 -60.47 -42.07
N VAL F 132 71.71 -60.88 -42.19
CA VAL F 132 72.14 -62.19 -41.72
C VAL F 132 72.86 -62.08 -40.37
N PHE F 133 73.69 -61.06 -40.19
CA PHE F 133 74.50 -60.92 -38.99
C PHE F 133 73.66 -60.21 -37.92
N HIS F 134 73.18 -60.99 -36.96
CA HIS F 134 72.40 -60.47 -35.84
C HIS F 134 73.27 -60.41 -34.60
N ILE F 135 73.23 -59.29 -33.89
CA ILE F 135 74.09 -59.06 -32.73
C ILE F 135 73.21 -58.75 -31.52
N SER F 136 73.54 -59.37 -30.39
CA SER F 136 72.78 -59.19 -29.16
C SER F 136 73.24 -57.93 -28.43
N THR F 137 72.29 -57.13 -27.98
CA THR F 137 72.59 -55.99 -27.14
C THR F 137 73.06 -56.44 -25.76
N GLY F 138 73.47 -55.48 -24.94
CA GLY F 138 73.99 -55.75 -23.63
C GLY F 138 75.50 -55.92 -23.57
N GLY F 139 76.16 -56.09 -24.71
CA GLY F 139 77.60 -56.18 -24.76
C GLY F 139 78.23 -54.96 -25.41
N LEU F 140 79.25 -55.19 -26.23
CA LEU F 140 79.93 -54.10 -26.89
C LEU F 140 79.02 -53.40 -27.90
N PRO F 141 79.36 -52.18 -28.32
CA PRO F 141 78.48 -51.44 -29.24
C PRO F 141 78.25 -52.19 -30.55
N ILE F 142 77.00 -52.16 -31.01
CA ILE F 142 76.59 -52.84 -32.23
C ILE F 142 76.78 -51.90 -33.42
N PRO F 143 77.42 -52.36 -34.50
CA PRO F 143 77.57 -51.49 -35.67
C PRO F 143 76.22 -51.13 -36.28
N GLN F 144 76.19 -49.97 -36.94
CA GLN F 144 74.93 -49.46 -37.48
C GLN F 144 74.36 -50.40 -38.53
N ASP F 145 75.21 -51.03 -39.33
CA ASP F 145 74.76 -51.89 -40.42
C ASP F 145 74.28 -53.26 -39.95
N LYS F 146 74.59 -53.65 -38.71
CA LYS F 146 74.19 -54.95 -38.22
C LYS F 146 72.74 -54.91 -37.72
N VAL F 147 72.14 -56.09 -37.60
CA VAL F 147 70.80 -56.22 -37.07
C VAL F 147 70.88 -56.27 -35.54
N GLU F 148 70.17 -55.35 -34.88
CA GLU F 148 70.14 -55.31 -33.43
C GLU F 148 69.09 -56.29 -32.91
N VAL F 149 69.51 -57.20 -32.04
CA VAL F 149 68.62 -58.16 -31.40
C VAL F 149 68.54 -57.82 -29.93
N ASP F 150 67.31 -57.80 -29.39
CA ASP F 150 67.13 -57.60 -27.95
C ASP F 150 67.75 -58.78 -27.20
N LYS F 151 68.54 -58.46 -26.18
CA LYS F 151 69.26 -59.51 -25.44
C LYS F 151 68.30 -60.56 -24.89
N ASN F 152 67.09 -60.15 -24.51
CA ASN F 152 66.10 -61.14 -24.09
C ASN F 152 65.66 -62.01 -25.25
N VAL F 153 65.51 -61.43 -26.44
CA VAL F 153 65.21 -62.23 -27.62
C VAL F 153 66.36 -63.19 -27.91
N TYR F 154 67.61 -62.73 -27.74
CA TYR F 154 68.77 -63.59 -27.94
C TYR F 154 68.71 -64.79 -27.01
N ALA F 155 68.40 -64.56 -25.73
CA ALA F 155 68.37 -65.65 -24.75
C ALA F 155 67.33 -66.69 -25.14
N ARG F 156 66.16 -66.25 -25.61
CA ARG F 156 65.14 -67.19 -26.05
C ARG F 156 65.60 -67.96 -27.29
N ILE F 157 66.29 -67.29 -28.22
CA ILE F 157 66.79 -67.97 -29.41
C ILE F 157 67.83 -69.01 -29.03
N LEU F 158 68.81 -68.62 -28.21
CA LEU F 158 69.85 -69.55 -27.77
C LEU F 158 69.24 -70.70 -26.96
N ALA F 159 68.20 -70.41 -26.18
CA ALA F 159 67.50 -71.47 -25.47
C ALA F 159 66.86 -72.45 -26.46
N ARG F 160 66.12 -71.94 -27.43
CA ARG F 160 65.49 -72.80 -28.42
C ARG F 160 66.51 -73.46 -29.35
N ALA F 161 67.75 -72.94 -29.41
CA ALA F 161 68.77 -73.57 -30.23
C ALA F 161 69.11 -74.96 -29.72
N PHE F 162 69.10 -75.15 -28.40
CA PHE F 162 69.45 -76.43 -27.80
C PHE F 162 68.26 -77.39 -27.76
N GLN F 163 67.07 -76.93 -28.14
CA GLN F 163 65.89 -77.79 -28.21
C GLN F 163 65.66 -78.26 -29.65
N ALA F 164 66.62 -79.03 -30.15
CA ALA F 164 66.59 -79.48 -31.55
C ALA F 164 65.70 -80.70 -31.71
N PRO F 165 65.03 -80.83 -32.85
CA PRO F 165 64.21 -82.02 -33.11
C PRO F 165 65.09 -83.23 -33.41
N ASP F 166 64.45 -84.40 -33.38
CA ASP F 166 65.20 -85.66 -33.47
C ASP F 166 65.85 -85.84 -34.84
N GLU F 167 65.18 -85.41 -35.92
CA GLU F 167 65.76 -85.57 -37.25
C GLU F 167 67.07 -84.80 -37.38
N GLU F 168 67.13 -83.60 -36.77
CA GLU F 168 68.36 -82.81 -36.81
C GLU F 168 69.46 -83.44 -35.97
N LEU F 169 69.11 -84.25 -34.98
CA LEU F 169 70.09 -84.88 -34.11
C LEU F 169 70.57 -86.22 -34.64
N ALA F 170 69.86 -86.82 -35.60
CA ALA F 170 70.19 -88.14 -36.10
C ALA F 170 71.52 -88.11 -36.85
N LEU F 171 72.44 -89.00 -36.44
CA LEU F 171 73.74 -89.06 -37.10
C LEU F 171 73.59 -89.65 -38.49
N PRO F 172 74.33 -89.13 -39.48
CA PRO F 172 74.34 -89.79 -40.79
C PRO F 172 74.98 -91.17 -40.75
N TYR F 173 75.95 -91.38 -39.85
CA TYR F 173 76.64 -92.66 -39.75
C TYR F 173 75.69 -93.83 -39.54
N THR F 174 74.57 -93.60 -38.85
CA THR F 174 73.60 -94.65 -38.53
C THR F 174 72.26 -94.39 -39.20
N ALA F 175 72.26 -93.73 -40.36
CA ALA F 175 71.01 -93.37 -41.01
C ALA F 175 70.32 -94.58 -41.61
N ASN F 176 71.07 -95.63 -41.96
CA ASN F 176 70.52 -96.81 -42.61
C ASN F 176 70.51 -98.03 -41.69
N LEU F 177 70.49 -97.82 -40.39
CA LEU F 177 70.53 -98.87 -39.39
C LEU F 177 69.17 -99.08 -38.75
N PRO F 178 68.96 -100.21 -38.05
CA PRO F 178 67.66 -100.40 -37.37
C PRO F 178 67.33 -99.28 -36.39
N GLU F 179 68.23 -98.96 -35.47
CA GLU F 179 68.07 -97.83 -34.56
C GLU F 179 69.04 -96.73 -34.96
N GLN F 180 68.53 -95.51 -35.04
CA GLN F 180 69.34 -94.34 -35.41
C GLN F 180 69.87 -93.65 -34.16
N ALA F 181 71.18 -93.48 -34.08
CA ALA F 181 71.79 -92.80 -32.95
C ALA F 181 71.55 -91.30 -33.06
N HIS F 182 70.95 -90.73 -32.01
CA HIS F 182 70.79 -89.28 -31.89
C HIS F 182 71.72 -88.78 -30.80
N CYS F 183 72.29 -87.59 -31.01
CA CYS F 183 73.18 -86.98 -30.02
C CYS F 183 73.55 -85.59 -30.51
N TRP F 184 74.14 -84.81 -29.61
CA TRP F 184 74.88 -83.62 -29.97
C TRP F 184 76.35 -83.98 -30.10
N ALA F 185 77.03 -83.30 -31.02
CA ALA F 185 78.44 -83.49 -31.26
C ALA F 185 79.20 -82.20 -30.99
N SER F 186 80.45 -82.34 -30.55
CA SER F 186 81.28 -81.20 -30.20
C SER F 186 82.67 -81.36 -30.81
N LEU F 187 83.24 -80.24 -31.22
CA LEU F 187 84.58 -80.19 -31.80
C LEU F 187 85.33 -79.00 -31.21
N LEU F 188 86.58 -79.24 -30.79
CA LEU F 188 87.42 -78.21 -30.21
C LEU F 188 88.55 -77.88 -31.17
N MET F 189 88.78 -76.59 -31.42
CA MET F 189 89.81 -76.14 -32.35
C MET F 189 90.55 -74.95 -31.76
N ARG F 190 91.74 -74.68 -32.31
CA ARG F 190 92.59 -73.57 -31.89
C ARG F 190 92.97 -72.75 -33.12
N PRO F 191 92.10 -71.85 -33.57
CA PRO F 191 92.44 -71.03 -34.73
C PRO F 191 93.42 -69.93 -34.38
N THR F 192 94.42 -69.76 -35.23
CA THR F 192 95.50 -68.81 -34.99
C THR F 192 94.98 -67.37 -35.01
N VAL F 193 95.47 -66.55 -34.06
CA VAL F 193 95.10 -65.14 -33.97
C VAL F 193 96.33 -64.26 -34.12
N LEU F 194 97.47 -64.74 -33.64
CA LEU F 194 98.72 -63.97 -33.65
C LEU F 194 99.82 -64.81 -34.26
N PRO F 195 100.49 -64.34 -35.31
CA PRO F 195 101.56 -65.13 -35.92
C PRO F 195 102.86 -65.05 -35.12
N ALA F 196 103.71 -66.05 -35.35
CA ALA F 196 104.97 -66.18 -34.62
C ALA F 196 106.06 -65.40 -35.34
N VAL F 197 106.64 -64.42 -34.65
CA VAL F 197 107.76 -63.64 -35.16
C VAL F 197 108.92 -63.82 -34.16
N PRO F 198 110.08 -64.32 -34.61
CA PRO F 198 111.12 -64.72 -33.66
C PRO F 198 111.63 -63.54 -32.84
N GLY F 199 111.62 -63.71 -31.52
CA GLY F 199 112.02 -62.63 -30.64
C GLY F 199 111.04 -61.50 -30.54
N ARG F 200 109.87 -61.60 -31.16
CA ARG F 200 108.84 -60.58 -31.08
C ARG F 200 107.53 -61.11 -30.55
N THR F 201 107.00 -62.19 -31.13
CA THR F 201 105.69 -62.72 -30.75
C THR F 201 105.73 -64.24 -30.76
N THR F 202 105.00 -64.83 -29.81
CA THR F 202 104.70 -66.25 -29.83
C THR F 202 103.39 -66.45 -30.59
N GLU F 203 103.31 -67.53 -31.37
CA GLU F 203 102.04 -67.86 -32.02
C GLU F 203 100.97 -68.09 -30.97
N LYS F 204 99.89 -67.35 -31.08
CA LYS F 204 98.78 -67.43 -30.13
C LYS F 204 97.50 -67.76 -30.88
N SER F 205 96.71 -68.65 -30.30
CA SER F 205 95.41 -69.01 -30.84
C SER F 205 94.36 -68.84 -29.76
N TYR F 206 93.10 -68.72 -30.18
CA TYR F 206 91.98 -68.78 -29.26
C TYR F 206 91.36 -70.17 -29.34
N GLU F 207 90.46 -70.45 -28.40
CA GLU F 207 89.76 -71.73 -28.38
C GLU F 207 88.33 -71.53 -28.86
N VAL F 208 87.94 -72.31 -29.85
CA VAL F 208 86.57 -72.34 -30.34
C VAL F 208 86.02 -73.74 -30.15
N HIS F 209 84.75 -73.82 -29.79
CA HIS F 209 84.07 -75.10 -29.53
C HIS F 209 82.79 -75.12 -30.34
N PHE F 210 82.78 -75.93 -31.40
CA PHE F 210 81.58 -76.14 -32.20
C PHE F 210 80.70 -77.18 -31.52
N ILE F 211 79.48 -76.78 -31.15
CA ILE F 211 78.51 -77.67 -30.54
C ILE F 211 77.31 -77.72 -31.47
N VAL F 212 77.13 -78.84 -32.17
CA VAL F 212 76.11 -78.97 -33.20
C VAL F 212 75.38 -80.29 -33.01
N PRO F 213 74.15 -80.39 -33.51
CA PRO F 213 73.46 -81.68 -33.50
C PRO F 213 74.15 -82.69 -34.41
N GLY F 214 73.81 -83.97 -34.21
CA GLY F 214 74.45 -85.02 -34.97
C GLY F 214 74.22 -84.92 -36.47
N GLY F 215 73.09 -84.33 -36.87
CA GLY F 215 72.78 -84.24 -38.29
C GLY F 215 73.67 -83.28 -39.04
N LEU F 216 74.24 -82.29 -38.35
CA LEU F 216 75.18 -81.36 -38.95
C LEU F 216 76.62 -81.82 -38.84
N MET F 217 76.86 -83.13 -38.91
CA MET F 217 78.19 -83.67 -38.74
C MET F 217 79.13 -83.22 -39.85
N CYS F 218 78.64 -83.13 -41.08
CA CYS F 218 79.50 -82.72 -42.19
C CYS F 218 80.04 -81.30 -42.00
N ASN F 219 79.36 -80.47 -41.20
CA ASN F 219 79.90 -79.15 -40.91
C ASN F 219 81.11 -79.23 -39.99
N LEU F 220 81.18 -80.24 -39.12
CA LEU F 220 82.34 -80.40 -38.27
C LEU F 220 83.56 -80.83 -39.09
N ASP F 221 83.39 -81.83 -39.96
CA ASP F 221 84.46 -82.23 -40.84
C ASP F 221 84.94 -81.08 -41.72
N PHE F 222 84.02 -80.20 -42.11
CA PHE F 222 84.39 -79.04 -42.90
C PHE F 222 85.34 -78.13 -42.13
N VAL F 223 84.92 -77.68 -40.94
CA VAL F 223 85.75 -76.72 -40.20
C VAL F 223 86.99 -77.40 -39.64
N GLU F 224 86.91 -78.70 -39.31
CA GLU F 224 88.10 -79.39 -38.80
C GLU F 224 89.19 -79.47 -39.86
N GLY F 225 88.81 -79.70 -41.11
CA GLY F 225 89.80 -79.71 -42.17
C GLY F 225 90.45 -78.35 -42.37
N ILE F 226 89.75 -77.29 -42.01
CA ILE F 226 90.27 -75.93 -42.19
C ILE F 226 91.11 -75.49 -40.99
N PHE F 227 90.67 -75.78 -39.77
CA PHE F 227 91.32 -75.23 -38.59
C PHE F 227 91.92 -76.27 -37.66
N GLY F 228 91.81 -77.56 -37.98
CA GLY F 228 92.45 -78.58 -37.17
C GLY F 228 91.54 -79.16 -36.11
N ASN F 229 92.10 -80.11 -35.37
CA ASN F 229 91.41 -80.77 -34.27
C ASN F 229 92.24 -80.59 -33.01
N ALA F 230 91.72 -79.82 -32.04
CA ALA F 230 92.45 -79.57 -30.81
C ALA F 230 92.33 -80.69 -29.80
N GLY F 231 91.57 -81.74 -30.11
CA GLY F 231 91.55 -82.94 -29.29
C GLY F 231 90.43 -82.97 -28.28
N ASP F 232 90.58 -83.90 -27.35
CA ASP F 232 89.64 -84.11 -26.25
C ASP F 232 89.66 -82.91 -25.31
N PRO F 233 88.57 -82.15 -25.20
CA PRO F 233 88.59 -80.95 -24.35
C PRO F 233 88.64 -81.26 -22.86
N TYR F 234 88.43 -82.50 -22.46
CA TYR F 234 88.52 -82.89 -21.05
C TYR F 234 89.95 -83.23 -20.63
N LEU F 235 90.90 -83.25 -21.57
CA LEU F 235 92.27 -83.57 -21.18
C LEU F 235 93.05 -82.29 -20.89
N PRO F 236 93.93 -82.32 -19.89
CA PRO F 236 94.68 -81.10 -19.53
C PRO F 236 95.59 -80.61 -20.65
N GLU F 237 96.03 -81.50 -21.55
CA GLU F 237 96.86 -81.07 -22.66
C GLU F 237 96.13 -80.12 -23.58
N ASN F 238 94.80 -80.23 -23.66
CA ASN F 238 93.98 -79.43 -24.56
C ASN F 238 93.27 -78.30 -23.85
N ASP F 239 93.56 -78.09 -22.57
CA ASP F 239 93.05 -76.93 -21.84
C ASP F 239 93.93 -75.75 -22.17
N ALA F 240 93.41 -74.82 -22.99
CA ALA F 240 94.20 -73.68 -23.43
C ALA F 240 94.68 -72.83 -22.26
N SER F 241 93.92 -72.81 -21.16
CA SER F 241 94.32 -72.02 -20.00
C SER F 241 95.52 -72.61 -19.28
N LEU F 242 95.77 -73.92 -19.41
CA LEU F 242 96.94 -74.54 -18.81
C LEU F 242 98.19 -74.39 -19.66
N ASP F 243 98.09 -73.74 -20.83
CA ASP F 243 99.26 -73.32 -21.62
C ASP F 243 99.00 -71.92 -22.13
N PRO F 244 98.94 -70.93 -21.23
CA PRO F 244 98.44 -69.60 -21.62
C PRO F 244 99.37 -68.80 -22.52
N ASP F 245 100.63 -69.22 -22.68
CA ASP F 245 101.51 -68.48 -23.58
C ASP F 245 101.08 -68.62 -25.04
N SER F 246 100.48 -69.74 -25.40
CA SER F 246 99.97 -69.95 -26.75
C SER F 246 98.49 -69.63 -26.88
N TRP F 247 97.87 -69.15 -25.81
CA TRP F 247 96.45 -68.81 -25.79
C TRP F 247 96.28 -67.30 -25.78
N THR F 248 95.28 -66.82 -26.50
CA THR F 248 94.94 -65.39 -26.45
C THR F 248 94.02 -65.05 -25.28
N GLY F 249 93.58 -66.04 -24.51
CA GLY F 249 92.66 -65.81 -23.41
C GLY F 249 91.22 -65.68 -23.82
N HIS F 250 90.87 -66.02 -25.06
CA HIS F 250 89.54 -65.80 -25.59
C HIS F 250 88.93 -67.14 -26.03
N THR F 251 87.61 -67.25 -25.89
CA THR F 251 86.89 -68.49 -26.16
C THR F 251 85.73 -68.23 -27.09
N GLY F 252 85.58 -69.10 -28.08
CA GLY F 252 84.46 -69.02 -29.00
C GLY F 252 83.54 -70.22 -28.91
N CYS F 253 82.28 -70.04 -29.32
CA CYS F 253 81.31 -71.13 -29.34
C CYS F 253 80.38 -70.91 -30.51
N VAL F 254 80.19 -71.95 -31.32
CA VAL F 254 79.34 -71.89 -32.50
C VAL F 254 78.28 -72.98 -32.38
N ILE F 255 77.01 -72.57 -32.36
CA ILE F 255 75.87 -73.48 -32.35
C ILE F 255 75.19 -73.40 -33.71
N LEU F 256 75.17 -74.52 -34.42
CA LEU F 256 74.48 -74.62 -35.69
C LEU F 256 73.10 -75.23 -35.44
N ALA F 257 72.04 -74.46 -35.69
CA ALA F 257 70.68 -74.88 -35.40
C ALA F 257 69.74 -74.41 -36.50
N PRO F 258 69.73 -75.10 -37.65
CA PRO F 258 68.81 -74.71 -38.73
C PRO F 258 67.34 -74.82 -38.37
N HIS F 259 66.99 -75.59 -37.34
CA HIS F 259 65.58 -75.69 -36.93
C HIS F 259 65.03 -74.38 -36.40
N LEU F 260 65.89 -73.39 -36.11
CA LEU F 260 65.44 -72.09 -35.62
C LEU F 260 64.72 -71.26 -36.68
N THR F 261 64.71 -71.72 -37.94
CA THR F 261 64.07 -70.95 -39.00
C THR F 261 62.55 -71.01 -38.95
N THR F 262 61.97 -71.64 -37.94
CA THR F 262 60.52 -71.69 -37.77
C THR F 262 60.03 -70.87 -36.58
N MET F 263 60.93 -70.19 -35.87
CA MET F 263 60.53 -69.33 -34.77
C MET F 263 59.63 -68.21 -35.28
N THR F 264 58.69 -67.79 -34.44
CA THR F 264 57.84 -66.66 -34.74
C THR F 264 58.29 -65.44 -33.95
N LYS F 265 58.16 -64.27 -34.57
CA LYS F 265 58.58 -63.02 -33.91
C LYS F 265 57.78 -62.73 -32.66
N LYS F 266 56.50 -63.11 -32.64
CA LYS F 266 55.65 -62.81 -31.50
C LYS F 266 56.03 -63.66 -30.29
N SER F 267 56.33 -64.93 -30.51
CA SER F 267 56.69 -65.82 -29.40
C SER F 267 57.99 -65.40 -28.73
N LEU F 268 58.87 -64.72 -29.48
CA LEU F 268 60.12 -64.22 -28.90
C LEU F 268 59.94 -62.97 -28.08
N GLY F 269 58.73 -62.39 -28.05
CA GLY F 269 58.46 -61.19 -27.30
C GLY F 269 58.72 -59.89 -28.05
N MET F 270 59.09 -59.96 -29.32
CA MET F 270 59.37 -58.77 -30.10
C MET F 270 58.11 -57.91 -30.21
N PRO F 271 58.25 -56.59 -30.36
CA PRO F 271 57.09 -55.70 -30.34
C PRO F 271 56.30 -55.76 -31.63
N HIS F 272 55.07 -55.24 -31.56
CA HIS F 272 54.30 -55.02 -32.76
C HIS F 272 54.94 -53.90 -33.58
N TYR F 273 54.69 -53.93 -34.89
CA TYR F 273 55.30 -52.95 -35.79
C TYR F 273 54.96 -51.52 -35.36
N ASP F 274 53.74 -51.29 -34.90
CA ASP F 274 53.30 -49.94 -34.56
C ASP F 274 53.99 -49.39 -33.31
N ASP F 275 54.50 -50.26 -32.44
CA ASP F 275 55.20 -49.82 -31.24
C ASP F 275 56.71 -49.86 -31.38
N ALA F 276 57.24 -50.58 -32.36
CA ALA F 276 58.68 -50.76 -32.50
C ALA F 276 59.36 -49.46 -32.94
N THR F 277 60.65 -49.38 -32.66
CA THR F 277 61.44 -48.22 -33.05
C THR F 277 61.84 -48.30 -34.51
N GLU F 278 62.40 -47.20 -35.02
CA GLU F 278 62.88 -47.18 -36.40
C GLU F 278 63.97 -48.21 -36.62
N ARG F 279 64.83 -48.41 -35.62
CA ARG F 279 65.89 -49.42 -35.75
C ARG F 279 65.32 -50.83 -35.74
N GLN F 280 64.19 -51.04 -35.06
CA GLN F 280 63.58 -52.37 -35.02
C GLN F 280 62.84 -52.68 -36.32
N ARG F 281 62.19 -51.67 -36.91
CA ARG F 281 61.51 -51.89 -38.19
C ARG F 281 62.52 -52.11 -39.31
N ARG F 282 63.66 -51.41 -39.26
CA ARG F 282 64.68 -51.57 -40.27
C ARG F 282 65.24 -53.00 -40.26
N ASP F 283 65.53 -53.52 -39.07
CA ASP F 283 66.11 -54.85 -38.94
C ASP F 283 65.06 -55.95 -38.93
N GLY F 284 63.81 -55.65 -39.29
CA GLY F 284 62.77 -56.65 -39.23
C GLY F 284 62.55 -57.24 -37.86
N GLN F 285 62.99 -56.55 -36.81
CA GLN F 285 62.87 -57.03 -35.44
C GLN F 285 61.55 -56.62 -34.80
N CYS F 286 60.46 -56.86 -35.53
CA CYS F 286 59.11 -56.61 -35.06
C CYS F 286 58.15 -57.42 -35.92
N TRP F 287 56.96 -57.66 -35.38
CA TRP F 287 55.96 -58.49 -36.03
C TRP F 287 54.72 -57.67 -36.36
N ARG F 288 54.09 -58.02 -37.48
CA ARG F 288 52.78 -57.51 -37.85
C ARG F 288 51.68 -58.57 -37.73
N HIS F 289 51.97 -59.81 -38.11
CA HIS F 289 51.09 -60.94 -37.87
C HIS F 289 51.78 -61.93 -36.96
N GLU F 290 50.98 -62.71 -36.22
CA GLU F 290 51.54 -63.61 -35.21
C GLU F 290 52.30 -64.79 -35.82
N ASP F 291 52.13 -65.06 -37.11
CA ASP F 291 52.84 -66.15 -37.77
C ASP F 291 54.14 -65.72 -38.42
N ASP F 292 54.51 -64.45 -38.31
CA ASP F 292 55.71 -63.95 -38.99
C ASP F 292 56.95 -64.64 -38.44
N LEU F 293 57.72 -65.25 -39.33
CA LEU F 293 58.92 -65.95 -38.92
C LEU F 293 60.04 -64.97 -38.57
N TYR F 294 60.90 -65.40 -37.64
CA TYR F 294 62.05 -64.57 -37.27
C TYR F 294 62.93 -64.36 -38.49
N ASN F 295 63.32 -63.10 -38.71
CA ASN F 295 64.10 -62.69 -39.87
C ASN F 295 63.41 -63.02 -41.18
N ASP F 296 62.10 -63.27 -41.14
CA ASP F 296 61.32 -63.64 -42.32
C ASP F 296 61.85 -64.91 -42.98
N GLY F 297 62.19 -65.90 -42.18
CA GLY F 297 62.63 -67.19 -42.69
C GLY F 297 64.00 -67.18 -43.34
N LYS F 298 64.54 -65.99 -43.61
CA LYS F 298 65.84 -65.87 -44.23
C LYS F 298 66.95 -66.34 -43.29
N ALA F 299 68.10 -66.65 -43.87
CA ALA F 299 69.23 -67.14 -43.10
C ALA F 299 69.74 -66.05 -42.16
N PHE F 300 70.14 -66.46 -40.96
CA PHE F 300 70.62 -65.51 -39.97
C PHE F 300 71.54 -66.21 -38.98
N LYS F 301 72.47 -65.44 -38.43
CA LYS F 301 73.24 -65.87 -37.27
C LYS F 301 73.12 -64.80 -36.20
N VAL F 302 72.88 -65.23 -34.97
CA VAL F 302 72.70 -64.32 -33.83
C VAL F 302 73.87 -64.51 -32.88
N CYS F 303 74.39 -63.40 -32.34
CA CYS F 303 75.69 -63.39 -31.71
C CYS F 303 75.69 -62.47 -30.49
N ALA F 304 76.38 -62.89 -29.43
CA ALA F 304 76.55 -62.11 -28.20
C ALA F 304 78.01 -62.15 -27.77
N ARG F 305 78.49 -61.02 -27.27
CA ARG F 305 79.91 -60.85 -26.96
C ARG F 305 80.12 -59.50 -26.29
N ASP F 306 81.19 -59.41 -25.51
CA ASP F 306 81.59 -58.15 -24.89
C ASP F 306 83.09 -58.21 -24.63
N GLU F 307 83.54 -57.40 -23.65
CA GLU F 307 84.97 -57.27 -23.34
C GLU F 307 85.54 -58.52 -22.66
N ARG F 308 84.71 -59.48 -22.28
CA ARG F 308 85.17 -60.63 -21.50
C ARG F 308 85.94 -61.66 -22.32
N GLY F 309 85.90 -61.58 -23.64
CA GLY F 309 86.63 -62.52 -24.47
C GLY F 309 85.90 -63.81 -24.78
N VAL F 310 84.60 -63.88 -24.52
CA VAL F 310 83.80 -65.06 -24.84
C VAL F 310 82.72 -64.64 -25.82
N ILE F 311 82.74 -65.24 -27.01
CA ILE F 311 81.78 -64.93 -28.06
C ILE F 311 81.00 -66.19 -28.37
N VAL F 312 79.67 -66.07 -28.38
CA VAL F 312 78.76 -67.20 -28.56
C VAL F 312 77.83 -66.89 -29.71
N THR F 313 77.84 -67.72 -30.75
CA THR F 313 77.12 -67.47 -31.98
C THR F 313 76.26 -68.67 -32.34
N VAL F 314 75.02 -68.40 -32.73
CA VAL F 314 74.09 -69.41 -33.23
C VAL F 314 73.85 -69.14 -34.70
N ILE F 315 74.13 -70.13 -35.54
CA ILE F 315 73.92 -70.02 -36.98
C ILE F 315 72.76 -70.92 -37.37
N ALA F 316 71.67 -70.31 -37.85
CA ALA F 316 70.46 -71.03 -38.21
C ALA F 316 70.47 -71.49 -39.67
N ASP F 317 71.62 -71.95 -40.15
CA ASP F 317 71.79 -72.40 -41.53
C ASP F 317 73.06 -73.23 -41.58
N ASN F 318 73.07 -74.24 -42.45
CA ASN F 318 74.16 -75.20 -42.50
C ASN F 318 75.04 -75.06 -43.74
N TYR F 319 74.89 -73.99 -44.52
CA TYR F 319 75.82 -73.75 -45.60
C TYR F 319 77.21 -73.50 -45.04
N PHE F 320 78.20 -74.21 -45.58
CA PHE F 320 79.52 -74.27 -44.95
C PHE F 320 80.23 -72.93 -44.91
N GLY F 321 79.85 -71.99 -45.78
CA GLY F 321 80.46 -70.67 -45.74
C GLY F 321 80.18 -69.92 -44.44
N TYR F 322 79.03 -70.19 -43.82
CA TYR F 322 78.70 -69.53 -42.56
C TYR F 322 79.66 -69.95 -41.44
N CYS F 323 79.93 -71.25 -41.33
CA CYS F 323 80.81 -71.74 -40.28
C CYS F 323 82.21 -71.18 -40.44
N LYS F 324 82.79 -71.33 -41.64
CA LYS F 324 84.13 -70.82 -41.92
C LYS F 324 84.22 -69.32 -41.67
N LYS F 325 83.20 -68.56 -42.09
CA LYS F 325 83.22 -67.12 -41.87
C LYS F 325 82.94 -66.76 -40.41
N GLU F 326 82.26 -67.61 -39.66
CA GLU F 326 82.06 -67.34 -38.23
C GLU F 326 83.37 -67.47 -37.47
N VAL F 327 84.19 -68.47 -37.80
CA VAL F 327 85.49 -68.59 -37.18
C VAL F 327 86.36 -67.38 -37.55
N LYS F 328 86.24 -66.91 -38.79
CA LYS F 328 86.91 -65.67 -39.17
C LYS F 328 86.43 -64.50 -38.32
N THR F 329 85.11 -64.44 -38.07
CA THR F 329 84.57 -63.39 -37.20
C THR F 329 85.16 -63.48 -35.80
N GLN F 330 85.27 -64.70 -35.25
CA GLN F 330 85.77 -64.86 -33.89
C GLN F 330 87.27 -64.61 -33.79
N ILE F 331 88.03 -64.94 -34.84
CA ILE F 331 89.45 -64.58 -34.87
C ILE F 331 89.60 -63.06 -34.85
N SER F 332 88.82 -62.37 -35.68
CA SER F 332 88.83 -60.91 -35.67
C SER F 332 88.40 -60.36 -34.32
N TYR F 333 87.45 -61.04 -33.67
CA TYR F 333 87.04 -60.66 -32.33
C TYR F 333 88.19 -60.82 -31.34
N SER F 334 88.87 -61.96 -31.39
CA SER F 334 89.99 -62.19 -30.49
C SER F 334 91.12 -61.21 -30.73
N ALA F 335 91.37 -60.85 -32.00
CA ALA F 335 92.46 -59.94 -32.32
C ALA F 335 92.21 -58.54 -31.78
N ASN F 336 90.96 -58.07 -31.83
CA ASN F 336 90.65 -56.75 -31.29
C ASN F 336 90.87 -56.70 -29.79
N LEU F 337 90.47 -57.75 -29.07
CA LEU F 337 90.61 -57.78 -27.63
C LEU F 337 92.01 -58.11 -27.17
N LEU F 338 92.82 -58.76 -28.01
CA LEU F 338 94.18 -59.10 -27.62
C LEU F 338 95.13 -57.93 -27.82
N GLY F 339 94.96 -57.18 -28.90
CA GLY F 339 95.88 -56.11 -29.24
C GLY F 339 97.14 -56.64 -29.91
N GLY F 340 97.80 -55.74 -30.64
CA GLY F 340 99.02 -56.08 -31.36
C GLY F 340 98.83 -57.02 -32.53
N ALA F 341 97.61 -57.46 -32.81
CA ALA F 341 97.34 -58.38 -33.90
C ALA F 341 96.17 -57.85 -34.72
N GLU F 342 96.20 -58.16 -36.00
CA GLU F 342 95.12 -57.84 -36.92
C GLU F 342 94.55 -59.13 -37.50
N GLU F 343 93.28 -59.08 -37.87
CA GLU F 343 92.65 -60.13 -38.68
C GLU F 343 92.21 -59.47 -39.97
N GLU F 344 92.79 -59.90 -41.08
CA GLU F 344 92.56 -59.26 -42.36
C GLU F 344 91.85 -60.21 -43.32
N HIS F 345 91.03 -59.64 -44.20
CA HIS F 345 90.39 -60.37 -45.28
C HIS F 345 91.24 -60.16 -46.53
N SER F 346 92.36 -60.88 -46.58
CA SER F 346 93.41 -60.59 -47.55
C SER F 346 93.95 -61.87 -48.16
N GLY F 347 94.52 -61.71 -49.35
CA GLY F 347 95.38 -62.71 -49.95
C GLY F 347 96.78 -62.12 -50.13
N GLY F 348 97.71 -62.98 -50.47
CA GLY F 348 99.07 -62.52 -50.66
C GLY F 348 100.00 -63.67 -50.93
N ALA F 349 101.25 -63.30 -51.26
CA ALA F 349 102.27 -64.29 -51.55
C ALA F 349 103.63 -63.60 -51.55
N GLU F 350 104.66 -64.39 -51.24
CA GLU F 350 106.04 -63.98 -51.50
C GLU F 350 106.29 -64.13 -52.99
N VAL F 351 106.61 -63.03 -53.67
CA VAL F 351 106.80 -63.03 -55.11
C VAL F 351 108.28 -62.87 -55.41
N TYR F 352 108.82 -63.80 -56.18
CA TYR F 352 110.22 -63.79 -56.59
C TYR F 352 110.31 -63.57 -58.08
N PRO F 353 110.95 -62.50 -58.55
CA PRO F 353 111.03 -62.26 -59.99
C PRO F 353 111.92 -63.28 -60.68
N ALA F 354 111.61 -63.55 -61.94
CA ALA F 354 112.34 -64.55 -62.70
C ALA F 354 112.67 -64.02 -64.08
N TRP F 355 113.71 -64.59 -64.68
CA TRP F 355 114.17 -64.19 -66.00
C TRP F 355 114.56 -65.42 -66.81
N ASN F 356 114.25 -65.40 -68.10
CA ASN F 356 114.77 -66.36 -69.04
C ASN F 356 116.21 -65.96 -69.36
N LEU F 357 117.18 -66.69 -68.80
CA LEU F 357 118.59 -66.39 -69.02
C LEU F 357 119.15 -67.04 -70.27
N ASN F 358 118.27 -67.65 -71.06
CA ASN F 358 118.60 -68.22 -72.38
C ASN F 358 119.56 -69.39 -72.20
N GLN F 359 120.71 -69.43 -72.87
CA GLN F 359 121.58 -70.61 -72.87
C GLN F 359 122.76 -70.53 -71.92
N ASP F 360 123.46 -69.40 -71.89
CA ASP F 360 124.65 -69.22 -71.06
C ASP F 360 124.42 -68.08 -70.07
N PHE F 361 124.89 -68.29 -68.84
CA PHE F 361 124.80 -67.27 -67.80
C PHE F 361 125.93 -67.50 -66.80
N THR F 362 126.66 -66.44 -66.50
CA THR F 362 127.70 -66.48 -65.49
C THR F 362 127.18 -65.85 -64.21
N ASP F 363 127.36 -66.54 -63.09
CA ASP F 363 126.83 -66.10 -61.82
C ASP F 363 127.44 -64.76 -61.41
N ARG F 364 126.57 -63.81 -61.02
CA ARG F 364 127.03 -62.49 -60.60
C ARG F 364 126.81 -62.27 -59.12
N THR F 365 127.40 -63.11 -58.28
CA THR F 365 127.18 -63.00 -56.84
C THR F 365 128.05 -61.91 -56.24
N PRO F 366 127.49 -61.03 -55.40
CA PRO F 366 128.31 -60.00 -54.76
C PRO F 366 129.39 -60.61 -53.86
N ASP F 367 130.37 -59.77 -53.53
CA ASP F 367 131.54 -60.25 -52.80
C ASP F 367 131.21 -60.70 -51.38
N ASP F 368 130.19 -60.11 -50.75
CA ASP F 368 129.88 -60.44 -49.37
C ASP F 368 129.14 -61.77 -49.22
N PHE F 369 128.93 -62.51 -50.30
CA PHE F 369 128.36 -63.85 -50.25
C PHE F 369 129.35 -64.83 -50.84
N THR F 370 129.69 -65.87 -50.08
CA THR F 370 130.59 -66.91 -50.55
C THR F 370 130.07 -68.27 -50.12
N LEU F 371 130.28 -69.28 -50.97
CA LEU F 371 129.88 -70.63 -50.60
C LEU F 371 130.66 -71.13 -49.39
N ALA F 372 131.89 -70.63 -49.20
CA ALA F 372 132.65 -70.99 -48.01
C ALA F 372 131.90 -70.60 -46.74
N ASP F 373 131.33 -69.40 -46.73
CA ASP F 373 130.60 -68.93 -45.55
C ASP F 373 129.28 -69.67 -45.40
N VAL F 374 128.63 -70.05 -46.51
CA VAL F 374 127.40 -70.82 -46.43
C VAL F 374 127.67 -72.19 -45.81
N ILE F 375 128.82 -72.78 -46.12
CA ILE F 375 129.15 -74.09 -45.59
C ILE F 375 129.48 -74.02 -44.12
N SER F 376 130.24 -72.98 -43.71
CA SER F 376 130.60 -72.85 -42.29
C SER F 376 129.35 -72.64 -41.43
N THR F 377 128.42 -71.82 -41.90
CA THR F 377 127.21 -71.54 -41.12
C THR F 377 126.33 -72.78 -41.00
N ASN F 378 126.22 -73.56 -42.08
CA ASN F 378 125.26 -74.67 -42.12
C ASN F 378 125.96 -76.01 -42.35
N ARG F 379 127.05 -76.25 -41.63
CA ARG F 379 127.92 -77.38 -41.94
C ARG F 379 127.19 -78.72 -41.76
N GLU F 380 126.36 -78.83 -40.72
CA GLU F 380 125.69 -80.10 -40.46
C GLU F 380 124.47 -80.32 -41.35
N LEU F 381 124.08 -79.34 -42.16
CA LEU F 381 122.96 -79.48 -43.07
C LEU F 381 123.39 -79.73 -44.51
N LEU F 382 124.68 -79.64 -44.81
CA LEU F 382 125.17 -79.68 -46.19
C LEU F 382 126.09 -80.88 -46.39
N ASP F 383 125.93 -81.54 -47.53
CA ASP F 383 126.84 -82.59 -47.97
C ASP F 383 127.80 -81.96 -48.98
N VAL F 384 129.06 -81.80 -48.59
CA VAL F 384 130.06 -81.13 -49.43
C VAL F 384 130.68 -82.15 -50.37
N ARG F 385 130.54 -81.91 -51.67
CA ARG F 385 131.02 -82.78 -52.72
C ARG F 385 132.43 -82.40 -53.14
N PRO F 386 133.18 -83.33 -53.75
CA PRO F 386 134.61 -83.08 -54.00
C PRO F 386 134.90 -81.95 -54.98
N GLU F 387 133.95 -81.59 -55.85
CA GLU F 387 134.21 -80.52 -56.81
C GLU F 387 134.15 -79.13 -56.20
N GLY F 388 133.68 -79.00 -54.97
CA GLY F 388 133.50 -77.71 -54.36
C GLY F 388 132.09 -77.19 -54.39
N TYR F 389 131.09 -78.05 -54.44
CA TYR F 389 129.69 -77.67 -54.32
C TYR F 389 129.07 -78.51 -53.21
N ALA F 390 127.88 -78.11 -52.77
CA ALA F 390 127.22 -78.77 -51.65
C ALA F 390 125.78 -79.12 -52.00
N VAL F 391 125.24 -80.09 -51.29
CA VAL F 391 123.88 -80.57 -51.48
C VAL F 391 123.13 -80.45 -50.16
N TYR F 392 121.93 -79.88 -50.22
CA TYR F 392 121.10 -79.70 -49.03
C TYR F 392 120.61 -81.06 -48.56
N LYS F 393 121.07 -81.50 -47.39
CA LYS F 393 120.69 -82.82 -46.89
C LYS F 393 119.19 -82.96 -46.64
N PRO F 394 118.47 -82.00 -46.06
CA PRO F 394 117.02 -82.19 -45.88
C PRO F 394 116.24 -82.28 -47.19
N GLU F 395 116.71 -81.63 -48.25
CA GLU F 395 116.05 -81.66 -49.56
C GLU F 395 117.13 -81.68 -50.63
N PRO F 396 117.50 -82.87 -51.12
CA PRO F 396 118.70 -82.97 -51.97
C PRO F 396 118.56 -82.36 -53.36
N ASN F 397 117.35 -82.02 -53.81
CA ASN F 397 117.23 -81.31 -55.07
C ASN F 397 117.73 -79.87 -54.99
N ILE F 398 118.04 -79.39 -53.79
CA ILE F 398 118.66 -78.08 -53.61
C ILE F 398 120.16 -78.28 -53.61
N VAL F 399 120.85 -77.62 -54.55
CA VAL F 399 122.29 -77.78 -54.73
C VAL F 399 122.93 -76.40 -54.63
N PHE F 400 123.98 -76.29 -53.83
CA PHE F 400 124.68 -75.03 -53.60
C PHE F 400 125.90 -74.97 -54.51
N ILE F 401 125.90 -74.00 -55.42
CA ILE F 401 126.95 -73.83 -56.43
C ILE F 401 127.83 -72.67 -56.01
N PRO F 402 129.15 -72.73 -56.20
CA PRO F 402 130.02 -71.62 -55.81
C PRO F 402 129.72 -70.35 -56.58
N GLU F 403 130.17 -69.23 -56.02
CA GLU F 403 130.05 -67.96 -56.73
C GLU F 403 130.89 -67.99 -58.00
N HIS F 404 130.50 -67.12 -58.94
CA HIS F 404 131.22 -66.92 -60.20
C HIS F 404 131.27 -68.19 -61.05
N SER F 405 130.28 -69.05 -60.91
CA SER F 405 130.20 -70.23 -61.73
C SER F 405 129.54 -69.91 -63.07
N HIS F 406 129.70 -70.82 -64.02
CA HIS F 406 129.15 -70.65 -65.36
C HIS F 406 128.10 -71.74 -65.60
N TYR F 407 126.89 -71.32 -65.92
CA TYR F 407 125.80 -72.23 -66.26
C TYR F 407 125.62 -72.23 -67.77
N SER F 408 125.52 -73.41 -68.35
CA SER F 408 125.39 -73.55 -69.80
C SER F 408 124.32 -74.59 -70.10
N MET F 409 123.25 -74.17 -70.77
CA MET F 409 122.24 -75.12 -71.21
C MET F 409 122.68 -75.89 -72.44
N ARG F 410 123.49 -75.27 -73.30
CA ARG F 410 123.96 -75.93 -74.51
C ARG F 410 124.78 -77.17 -74.18
N THR F 411 125.76 -77.02 -73.29
CA THR F 411 126.56 -78.15 -72.82
C THR F 411 125.95 -78.84 -71.62
N GLN F 412 124.92 -78.26 -71.00
CA GLN F 412 124.26 -78.82 -69.82
C GLN F 412 125.25 -79.06 -68.69
N THR F 413 126.08 -78.06 -68.41
CA THR F 413 127.12 -78.17 -67.40
C THR F 413 127.17 -76.89 -66.56
N ILE F 414 127.53 -77.05 -65.29
CA ILE F 414 127.93 -75.95 -64.43
C ILE F 414 129.41 -76.09 -64.18
N SER F 415 130.18 -75.07 -64.52
CA SER F 415 131.64 -75.13 -64.38
C SER F 415 132.12 -73.95 -63.55
N TRP F 416 133.20 -74.19 -62.80
CA TRP F 416 133.82 -73.18 -61.97
C TRP F 416 135.26 -73.62 -61.69
N THR F 417 136.01 -72.78 -60.99
CA THR F 417 137.36 -73.10 -60.58
C THR F 417 137.40 -73.29 -59.07
N ALA F 418 137.89 -74.45 -58.64
CA ALA F 418 137.98 -74.77 -57.22
C ALA F 418 139.10 -75.77 -57.00
N HIS F 419 139.72 -75.69 -55.83
CA HIS F 419 140.80 -76.60 -55.44
C HIS F 419 141.96 -76.56 -56.44
N GLY F 420 142.18 -75.41 -57.06
CA GLY F 420 143.25 -75.27 -58.02
C GLY F 420 143.05 -75.97 -59.33
N ALA F 421 141.79 -76.23 -59.71
CA ALA F 421 141.50 -76.95 -60.94
C ALA F 421 140.13 -76.54 -61.45
N GLU F 422 139.89 -76.83 -62.73
CA GLU F 422 138.63 -76.51 -63.37
C GLU F 422 137.62 -77.64 -63.12
N GLN F 423 136.56 -77.32 -62.40
CA GLN F 423 135.51 -78.29 -62.08
C GLN F 423 134.35 -78.15 -63.05
N THR F 424 133.63 -79.25 -63.25
CA THR F 424 132.49 -79.27 -64.17
C THR F 424 131.54 -80.37 -63.73
N ILE F 425 130.30 -80.01 -63.42
CA ILE F 425 129.26 -80.98 -63.12
C ILE F 425 128.13 -80.81 -64.14
N LYS F 426 127.22 -81.78 -64.14
CA LYS F 426 126.11 -81.80 -65.10
C LYS F 426 124.96 -80.96 -64.55
N LEU F 427 124.39 -80.11 -65.41
CA LEU F 427 123.25 -79.29 -65.03
C LEU F 427 121.98 -80.13 -65.19
N LEU F 428 121.42 -80.57 -64.07
CA LEU F 428 120.30 -81.50 -64.09
C LEU F 428 118.97 -80.76 -64.04
N ALA F 429 118.03 -81.20 -64.88
CA ALA F 429 116.65 -80.76 -64.74
C ALA F 429 116.08 -81.31 -63.44
N GLY F 430 115.23 -80.50 -62.79
CA GLY F 430 114.68 -80.87 -61.51
C GLY F 430 115.52 -80.50 -60.32
N LYS F 431 116.72 -79.96 -60.54
CA LYS F 431 117.57 -79.48 -59.46
C LYS F 431 117.45 -77.96 -59.34
N HIS F 432 117.60 -77.47 -58.11
CA HIS F 432 117.57 -76.04 -57.82
C HIS F 432 118.98 -75.62 -57.42
N TYR F 433 119.70 -74.99 -58.36
CA TYR F 433 121.08 -74.61 -58.13
C TYR F 433 121.11 -73.19 -57.55
N LEU F 434 121.55 -73.08 -56.30
CA LEU F 434 121.47 -71.84 -55.53
C LEU F 434 122.85 -71.22 -55.39
N SER F 435 122.94 -69.93 -55.70
CA SER F 435 124.16 -69.16 -55.47
C SER F 435 124.29 -68.86 -53.98
N PRO F 436 125.47 -68.43 -53.54
CA PRO F 436 125.64 -68.09 -52.11
C PRO F 436 124.70 -67.00 -51.61
N ASP F 437 124.10 -66.21 -52.50
CA ASP F 437 123.11 -65.22 -52.10
C ASP F 437 121.68 -65.71 -52.31
N GLY F 438 121.50 -66.98 -52.70
CA GLY F 438 120.20 -67.58 -52.88
C GLY F 438 119.66 -67.55 -54.30
N TYR F 439 120.35 -66.90 -55.23
CA TYR F 439 119.88 -66.85 -56.61
C TYR F 439 119.82 -68.26 -57.20
N ARG F 440 118.73 -68.58 -57.88
CA ARG F 440 118.45 -69.94 -58.32
C ARG F 440 118.50 -70.04 -59.85
N ILE F 441 119.25 -71.03 -60.34
CA ILE F 441 119.24 -71.43 -61.75
C ILE F 441 118.60 -72.79 -61.86
N HIS F 442 117.72 -72.96 -62.85
CA HIS F 442 117.21 -74.29 -63.15
C HIS F 442 116.87 -74.37 -64.64
N ALA F 443 116.94 -75.58 -65.17
CA ALA F 443 116.64 -75.81 -66.58
C ALA F 443 115.12 -75.97 -66.77
N LYS F 444 114.65 -75.51 -67.92
CA LYS F 444 113.23 -75.62 -68.26
C LYS F 444 113.09 -75.67 -69.76
N HIS F 445 112.09 -76.40 -70.23
CA HIS F 445 111.71 -76.34 -71.63
C HIS F 445 110.46 -75.50 -71.79
N ARG F 446 110.28 -74.97 -73.00
CA ARG F 446 109.14 -74.11 -73.28
C ARG F 446 107.86 -74.93 -73.29
N GLU F 447 106.75 -74.25 -72.97
CA GLU F 447 105.48 -74.94 -72.85
C GLU F 447 104.98 -75.49 -74.18
N MET F 448 105.33 -74.83 -75.30
CA MET F 448 104.85 -75.22 -76.61
C MET F 448 105.85 -76.01 -77.42
N ASP F 449 107.07 -76.20 -76.92
CA ASP F 449 108.08 -77.01 -77.62
C ASP F 449 109.00 -77.58 -76.55
N ALA F 450 108.83 -78.87 -76.24
CA ALA F 450 109.62 -79.49 -75.19
C ALA F 450 111.09 -79.66 -75.59
N THR F 451 111.44 -79.42 -76.85
CA THR F 451 112.82 -79.52 -77.28
C THR F 451 113.57 -78.19 -77.18
N GLN F 452 112.90 -77.11 -76.82
CA GLN F 452 113.53 -75.80 -76.65
C GLN F 452 113.79 -75.60 -75.16
N TRP F 453 115.04 -75.77 -74.75
CA TRP F 453 115.43 -75.63 -73.36
C TRP F 453 116.15 -74.31 -73.14
N HIS F 454 116.09 -73.82 -71.90
CA HIS F 454 116.77 -72.59 -71.53
C HIS F 454 116.91 -72.55 -70.01
N LEU F 455 117.70 -71.59 -69.54
CA LEU F 455 117.92 -71.39 -68.11
C LEU F 455 116.94 -70.36 -67.57
N ILE F 456 116.46 -70.60 -66.35
CA ILE F 456 115.62 -69.65 -65.63
C ILE F 456 116.39 -69.19 -64.40
N GLY F 457 116.52 -67.87 -64.24
CA GLY F 457 117.08 -67.29 -63.04
C GLY F 457 115.97 -66.74 -62.16
N THR F 458 115.99 -67.14 -60.90
CA THR F 458 115.02 -66.69 -59.91
C THR F 458 115.75 -65.93 -58.81
N SER F 459 115.40 -64.66 -58.64
CA SER F 459 115.98 -63.87 -57.57
C SER F 459 115.54 -64.39 -56.21
N SER F 460 116.47 -64.41 -55.26
CA SER F 460 116.16 -64.76 -53.89
C SER F 460 115.58 -63.59 -53.10
N ARG F 461 115.53 -62.40 -53.69
CA ARG F 461 115.02 -61.21 -53.02
C ARG F 461 113.50 -61.18 -53.19
N ALA F 462 112.80 -61.71 -52.19
CA ALA F 462 111.35 -61.76 -52.25
C ALA F 462 110.75 -60.36 -52.17
N VAL F 463 109.76 -60.11 -53.02
CA VAL F 463 108.89 -58.95 -52.87
C VAL F 463 107.55 -59.46 -52.39
N THR F 464 107.38 -59.55 -51.07
CA THR F 464 106.16 -60.12 -50.50
C THR F 464 105.01 -59.14 -50.65
N CYS F 465 103.95 -59.58 -51.33
CA CYS F 465 102.81 -58.74 -51.64
C CYS F 465 101.63 -59.08 -50.75
N HIS F 466 100.92 -58.06 -50.29
CA HIS F 466 99.77 -58.18 -49.41
C HIS F 466 98.59 -57.51 -50.09
N LYS F 467 97.47 -58.23 -50.20
CA LYS F 467 96.29 -57.73 -50.92
C LYS F 467 95.10 -57.73 -49.97
N PRO F 468 94.99 -56.72 -49.12
CA PRO F 468 93.89 -56.68 -48.15
C PRO F 468 92.71 -55.85 -48.65
N ALA F 469 91.61 -55.88 -47.89
CA ALA F 469 90.48 -54.97 -48.06
C ALA F 469 90.02 -54.90 -49.52
N THR F 470 89.90 -56.07 -50.14
CA THR F 470 89.60 -56.19 -51.57
C THR F 470 88.19 -56.74 -51.72
N VAL F 471 87.33 -56.00 -52.41
CA VAL F 471 85.93 -56.36 -52.56
C VAL F 471 85.80 -57.59 -53.46
N SER F 472 84.61 -58.16 -53.51
CA SER F 472 84.37 -59.35 -54.33
C SER F 472 84.61 -59.02 -55.79
N GLY F 473 85.47 -59.82 -56.44
CA GLY F 473 85.86 -59.54 -57.80
C GLY F 473 86.99 -58.55 -57.93
N GLY F 474 87.63 -58.15 -56.83
CA GLY F 474 88.79 -57.29 -56.90
C GLY F 474 90.10 -58.02 -57.09
N GLY F 475 90.07 -59.35 -57.04
CA GLY F 475 91.25 -60.15 -57.34
C GLY F 475 92.08 -60.54 -56.14
N LYS F 476 91.43 -60.96 -55.05
CA LYS F 476 92.14 -61.27 -53.82
C LYS F 476 93.01 -62.52 -54.00
N SER F 477 92.42 -63.63 -54.45
CA SER F 477 93.17 -64.87 -54.63
C SER F 477 94.13 -64.81 -55.82
N GLU F 478 93.88 -63.91 -56.78
CA GLU F 478 94.69 -63.88 -58.00
C GLU F 478 96.14 -63.48 -57.75
N ILE F 479 96.42 -62.79 -56.65
CA ILE F 479 97.77 -62.29 -56.43
C ILE F 479 98.76 -63.43 -56.21
N SER F 480 98.30 -64.56 -55.68
CA SER F 480 99.16 -65.72 -55.47
C SER F 480 99.04 -66.75 -56.59
N LYS F 481 98.19 -66.50 -57.58
CA LYS F 481 98.03 -67.41 -58.71
C LYS F 481 99.11 -67.13 -59.76
N SER F 482 99.79 -68.17 -60.20
CA SER F 482 100.89 -68.00 -61.15
C SER F 482 100.38 -67.53 -62.50
N ILE F 483 101.16 -66.65 -63.14
CA ILE F 483 100.76 -66.03 -64.40
C ILE F 483 101.10 -66.90 -65.61
N SER F 484 101.78 -68.04 -65.41
CA SER F 484 102.16 -68.86 -66.54
C SER F 484 100.96 -69.38 -67.31
N ASP F 485 99.84 -69.63 -66.63
CA ASP F 485 98.64 -70.09 -67.34
C ASP F 485 97.96 -68.98 -68.12
N ALA F 486 98.23 -67.72 -67.81
CA ALA F 486 97.70 -66.63 -68.60
C ALA F 486 98.45 -66.42 -69.90
N PHE F 487 99.54 -67.15 -70.13
CA PHE F 487 100.35 -66.99 -71.33
C PHE F 487 99.56 -67.35 -72.57
N VAL F 488 99.63 -66.48 -73.58
CA VAL F 488 99.13 -66.76 -74.91
C VAL F 488 100.33 -66.82 -75.85
N PHE F 489 100.37 -67.83 -76.71
CA PHE F 489 101.53 -68.09 -77.56
C PHE F 489 101.19 -67.75 -79.00
N GLY F 490 102.01 -66.89 -79.61
CA GLY F 490 101.85 -66.54 -81.00
C GLY F 490 103.11 -66.79 -81.78
N ASN F 491 103.23 -66.20 -82.97
CA ASN F 491 104.43 -66.30 -83.79
C ASN F 491 104.88 -64.91 -84.19
N ALA F 492 106.05 -64.86 -84.83
CA ALA F 492 106.62 -63.61 -85.32
C ALA F 492 106.25 -63.46 -86.79
N PHE F 493 105.57 -62.36 -87.12
CA PHE F 493 105.17 -62.08 -88.49
C PHE F 493 105.92 -60.86 -89.01
N SER F 494 106.40 -60.95 -90.25
CA SER F 494 107.13 -59.88 -90.91
C SER F 494 106.66 -59.77 -92.35
N HIS F 495 106.30 -58.56 -92.76
CA HIS F 495 105.82 -58.35 -94.12
C HIS F 495 106.95 -58.46 -95.15
N ASP F 496 108.20 -58.26 -94.75
CA ASP F 496 109.35 -58.40 -95.64
C ASP F 496 110.55 -58.74 -94.77
N ILE F 497 110.90 -60.03 -94.70
CA ILE F 497 111.95 -60.46 -93.79
C ILE F 497 113.32 -60.01 -94.29
N ASP F 498 113.54 -60.03 -95.61
CA ASP F 498 114.85 -59.64 -96.14
C ASP F 498 115.10 -58.16 -95.92
N SER F 499 114.08 -57.32 -96.12
CA SER F 499 114.22 -55.91 -95.77
C SER F 499 114.35 -55.72 -94.26
N ALA F 500 113.79 -56.64 -93.47
CA ALA F 500 113.90 -56.55 -92.03
C ALA F 500 115.28 -56.99 -91.55
N MET F 501 115.83 -58.06 -92.13
CA MET F 501 117.15 -58.52 -91.73
C MET F 501 118.24 -57.56 -92.20
N ASP F 502 118.00 -56.82 -93.27
CA ASP F 502 118.98 -55.81 -93.69
C ASP F 502 119.09 -54.70 -92.65
N GLN F 503 117.95 -54.27 -92.08
CA GLN F 503 118.00 -53.29 -91.01
C GLN F 503 118.58 -53.88 -89.73
N VAL F 504 118.33 -55.16 -89.47
CA VAL F 504 118.93 -55.81 -88.31
C VAL F 504 120.45 -55.92 -88.50
N GLN F 505 120.88 -56.31 -89.70
CA GLN F 505 122.32 -56.38 -89.97
C GLN F 505 122.97 -55.02 -89.86
N ALA F 506 122.30 -53.98 -90.35
CA ALA F 506 122.82 -52.62 -90.18
C ALA F 506 122.81 -52.22 -88.72
N LEU F 507 121.80 -52.66 -87.97
CA LEU F 507 121.75 -52.38 -86.54
C LEU F 507 122.88 -53.10 -85.80
N PHE F 508 123.19 -54.34 -86.22
CA PHE F 508 124.29 -55.07 -85.60
C PHE F 508 125.63 -54.37 -85.86
N ASP F 509 125.81 -53.83 -87.06
CA ASP F 509 127.04 -53.15 -87.45
C ASP F 509 127.13 -51.72 -86.89
N THR F 510 126.27 -51.36 -85.95
CA THR F 510 126.30 -50.01 -85.37
C THR F 510 127.32 -49.95 -84.24
N ASP F 511 128.01 -48.81 -84.14
CA ASP F 511 128.96 -48.56 -83.08
C ASP F 511 128.21 -48.01 -81.87
N PHE F 512 127.94 -48.86 -80.89
CA PHE F 512 127.17 -48.49 -79.72
C PHE F 512 128.03 -47.95 -78.59
N THR F 513 129.33 -47.76 -78.81
CA THR F 513 130.23 -47.42 -77.71
C THR F 513 130.04 -45.98 -77.22
N ASN F 514 129.52 -45.09 -78.06
CA ASN F 514 129.37 -43.69 -77.70
C ASN F 514 127.91 -43.33 -77.46
N ARG F 515 127.22 -44.14 -76.66
CA ARG F 515 125.78 -43.99 -76.46
C ARG F 515 125.41 -43.33 -75.15
N PHE F 516 126.33 -43.24 -74.19
CA PHE F 516 125.99 -42.82 -72.83
C PHE F 516 125.97 -41.30 -72.70
N ALA F 517 125.11 -40.82 -71.80
CA ALA F 517 125.04 -39.39 -71.53
C ALA F 517 126.23 -38.91 -70.71
N ASP F 518 126.77 -39.75 -69.84
CA ASP F 518 127.99 -39.45 -69.10
C ASP F 518 129.19 -39.74 -70.00
N ALA F 519 130.00 -38.70 -70.25
CA ALA F 519 131.10 -38.82 -71.21
C ALA F 519 132.15 -39.81 -70.75
N SER F 520 132.31 -40.01 -69.44
CA SER F 520 133.31 -40.95 -68.94
C SER F 520 132.99 -42.39 -69.28
N ARG F 521 131.75 -42.70 -69.70
CA ARG F 521 131.37 -44.06 -70.00
C ARG F 521 131.52 -44.42 -71.47
N ASN F 522 131.61 -43.44 -72.36
CA ASN F 522 131.75 -43.73 -73.78
C ASN F 522 133.14 -44.26 -74.08
N GLY F 523 133.22 -45.18 -75.04
CA GLY F 523 134.50 -45.77 -75.40
C GLY F 523 135.02 -46.79 -74.42
N THR F 524 134.12 -47.44 -73.68
CA THR F 524 134.50 -48.48 -72.74
C THR F 524 133.88 -49.83 -73.06
N ASP F 525 132.64 -49.85 -73.53
CA ASP F 525 131.95 -51.09 -73.91
C ASP F 525 132.05 -51.25 -75.42
N HIS F 526 132.75 -52.30 -75.85
CA HIS F 526 132.93 -52.58 -77.27
C HIS F 526 132.34 -53.93 -77.68
N ARG F 527 131.50 -54.50 -76.84
CA ARG F 527 130.90 -55.79 -77.16
C ARG F 527 129.92 -55.64 -78.32
N PRO F 528 130.07 -56.39 -79.41
CA PRO F 528 129.02 -56.41 -80.43
C PRO F 528 127.75 -57.02 -79.87
N VAL F 529 126.67 -56.89 -80.63
CA VAL F 529 125.36 -57.34 -80.15
C VAL F 529 125.35 -58.85 -79.93
N LEU F 530 125.89 -59.61 -80.89
CA LEU F 530 125.94 -61.06 -80.80
C LEU F 530 127.15 -61.56 -80.03
N SER F 531 127.79 -60.71 -79.24
CA SER F 531 128.94 -61.12 -78.44
C SER F 531 128.51 -62.08 -77.34
N ILE F 532 129.39 -63.05 -77.04
CA ILE F 532 129.14 -63.98 -75.95
C ILE F 532 129.08 -63.24 -74.62
N ASP F 533 129.86 -62.18 -74.47
CA ASP F 533 129.89 -61.38 -73.26
C ASP F 533 128.69 -60.46 -73.12
N ARG F 534 127.71 -60.56 -74.01
CA ARG F 534 126.55 -59.68 -74.00
C ARG F 534 125.29 -60.52 -73.85
N SER F 535 124.62 -60.41 -72.71
CA SER F 535 123.43 -61.18 -72.45
C SER F 535 122.27 -60.69 -73.32
N LEU F 536 121.21 -61.50 -73.36
CA LEU F 536 119.99 -61.09 -74.05
C LEU F 536 119.40 -59.83 -73.41
N GLY F 537 119.41 -59.76 -72.08
CA GLY F 537 118.94 -58.56 -71.41
C GLY F 537 119.80 -57.36 -71.69
N SER F 538 121.10 -57.56 -71.88
CA SER F 538 121.99 -56.45 -72.23
C SER F 538 121.59 -55.85 -73.58
N VAL F 539 121.22 -56.70 -74.54
CA VAL F 539 120.83 -56.19 -75.85
C VAL F 539 119.48 -55.49 -75.77
N ILE F 540 118.59 -55.95 -74.90
CA ILE F 540 117.29 -55.29 -74.76
C ILE F 540 117.46 -53.90 -74.16
N LYS F 541 118.26 -53.79 -73.10
CA LYS F 541 118.57 -52.48 -72.54
C LYS F 541 119.33 -51.61 -73.54
N LEU F 542 120.19 -52.22 -74.35
CA LEU F 542 120.97 -51.47 -75.33
C LEU F 542 120.07 -50.76 -76.34
N LEU F 543 118.98 -51.40 -76.73
CA LEU F 543 118.08 -50.88 -77.76
C LEU F 543 116.83 -50.23 -77.18
N THR F 544 116.80 -49.98 -75.87
CA THR F 544 115.68 -49.30 -75.23
C THR F 544 116.09 -47.89 -74.84
N PRO F 545 115.35 -46.86 -75.25
CA PRO F 545 115.69 -45.49 -74.86
C PRO F 545 115.75 -45.33 -73.35
N SER F 546 116.82 -44.71 -72.87
CA SER F 546 117.10 -44.63 -71.44
C SER F 546 117.57 -43.23 -71.08
N ILE F 547 117.47 -42.91 -69.79
CA ILE F 547 117.98 -41.63 -69.30
C ILE F 547 119.50 -41.58 -69.43
N GLN F 548 120.16 -42.73 -69.30
CA GLN F 548 121.62 -42.79 -69.33
C GLN F 548 122.18 -42.59 -70.74
N TYR F 549 121.35 -42.67 -71.78
CA TYR F 549 121.82 -42.53 -73.14
C TYR F 549 121.66 -41.09 -73.62
N ASN F 550 122.52 -40.71 -74.58
CA ASN F 550 122.48 -39.38 -75.16
C ASN F 550 121.13 -39.11 -75.81
N ASP F 551 120.89 -37.83 -76.10
CA ASP F 551 119.83 -37.48 -77.04
C ASP F 551 120.21 -37.94 -78.44
N GLU F 552 121.50 -37.87 -78.77
CA GLU F 552 121.99 -38.40 -80.04
C GLU F 552 121.60 -39.85 -80.21
N TYR F 553 121.69 -40.64 -79.14
CA TYR F 553 121.42 -42.07 -79.19
C TYR F 553 119.94 -42.39 -78.97
N ASN F 554 119.28 -41.70 -78.03
CA ASN F 554 117.87 -41.97 -77.79
C ASN F 554 117.02 -41.61 -78.99
N ALA F 555 117.40 -40.55 -79.71
CA ALA F 555 116.70 -40.22 -80.95
C ALA F 555 116.89 -41.32 -81.99
N PHE F 556 118.08 -41.92 -82.04
CA PHE F 556 118.33 -43.01 -82.96
C PHE F 556 117.50 -44.24 -82.61
N LEU F 557 117.33 -44.52 -81.33
CA LEU F 557 116.56 -45.68 -80.92
C LEU F 557 115.08 -45.53 -81.27
N GLU F 558 114.54 -44.30 -81.11
CA GLU F 558 113.13 -44.08 -81.45
C GLU F 558 112.84 -44.37 -82.91
N GLY F 559 113.82 -44.18 -83.78
CA GLY F 559 113.65 -44.37 -85.20
C GLY F 559 113.70 -45.79 -85.72
N ILE F 560 113.92 -46.77 -84.84
CA ILE F 560 113.96 -48.17 -85.24
C ILE F 560 112.53 -48.72 -85.21
N GLU F 561 112.15 -49.40 -86.28
CA GLU F 561 110.79 -49.94 -86.36
C GLU F 561 110.60 -51.02 -85.30
N PRO F 562 109.46 -51.05 -84.62
CA PRO F 562 109.20 -52.13 -83.65
C PRO F 562 109.30 -53.51 -84.25
N ASP F 563 109.05 -53.64 -85.55
CA ASP F 563 109.25 -54.91 -86.23
C ASP F 563 110.73 -55.26 -86.30
N VAL F 564 111.59 -54.27 -86.50
CA VAL F 564 113.02 -54.52 -86.57
C VAL F 564 113.60 -54.77 -85.18
N LYS F 565 113.15 -54.02 -84.18
CA LYS F 565 113.64 -54.22 -82.82
C LYS F 565 113.32 -55.63 -82.33
N GLU F 566 112.12 -56.12 -82.66
CA GLU F 566 111.73 -57.45 -82.21
C GLU F 566 112.54 -58.54 -82.91
N LEU F 567 112.86 -58.34 -84.20
CA LEU F 567 113.66 -59.32 -84.91
C LEU F 567 115.10 -59.31 -84.41
N ALA F 568 115.63 -58.14 -84.10
CA ALA F 568 116.98 -58.07 -83.54
C ALA F 568 117.06 -58.83 -82.23
N PHE F 569 116.03 -58.71 -81.38
CA PHE F 569 116.00 -59.48 -80.14
C PHE F 569 115.88 -60.97 -80.44
N THR F 570 115.13 -61.33 -81.49
CA THR F 570 114.95 -62.74 -81.84
C THR F 570 116.26 -63.36 -82.32
N VAL F 571 117.00 -62.66 -83.17
CA VAL F 571 118.30 -63.16 -83.62
C VAL F 571 119.25 -63.31 -82.43
N LYS F 572 119.22 -62.34 -81.51
CA LYS F 572 120.05 -62.44 -80.31
C LYS F 572 119.65 -63.64 -79.45
N ARG F 573 118.35 -63.88 -79.31
CA ARG F 573 117.87 -64.98 -78.48
C ARG F 573 118.36 -66.33 -78.99
N TYR F 574 118.37 -66.51 -80.31
CA TYR F 574 118.62 -67.83 -80.91
C TYR F 574 119.97 -67.95 -81.58
N TYR F 575 120.79 -66.90 -81.60
CA TYR F 575 122.09 -66.98 -82.23
C TYR F 575 122.98 -67.98 -81.50
N LEU F 576 123.58 -68.88 -82.27
CA LEU F 576 124.59 -69.80 -81.76
C LEU F 576 125.95 -69.38 -82.30
N PRO F 577 126.97 -69.25 -81.45
CA PRO F 577 128.30 -68.86 -81.95
C PRO F 577 128.85 -69.82 -82.99
N GLU F 578 128.35 -71.06 -83.02
CA GLU F 578 128.74 -71.99 -84.07
C GLU F 578 128.38 -71.46 -85.46
N TRP F 579 127.35 -70.61 -85.54
CA TRP F 579 126.96 -70.05 -86.84
C TRP F 579 128.03 -69.11 -87.39
N GLY F 580 128.84 -68.51 -86.53
CA GLY F 580 129.83 -67.57 -87.02
C GLY F 580 129.19 -66.29 -87.50
N GLU F 581 129.68 -65.80 -88.66
CA GLU F 581 129.13 -64.57 -89.25
C GLU F 581 127.79 -64.78 -89.94
N ASP F 582 127.45 -66.02 -90.30
CA ASP F 582 126.25 -66.30 -91.07
C ASP F 582 125.10 -66.60 -90.11
N TRP F 583 124.24 -65.61 -89.89
CA TRP F 583 123.01 -65.81 -89.13
C TRP F 583 121.75 -65.63 -89.96
N ARG F 584 121.84 -64.96 -91.11
CA ARG F 584 120.65 -64.74 -91.94
C ARG F 584 120.10 -66.05 -92.48
N SER F 585 120.97 -67.02 -92.78
CA SER F 585 120.54 -68.28 -93.39
C SER F 585 119.68 -69.12 -92.46
N HIS F 586 119.63 -68.79 -91.17
CA HIS F 586 118.82 -69.53 -90.20
C HIS F 586 117.48 -68.88 -89.93
N PHE F 587 117.18 -67.76 -90.58
CA PHE F 587 115.92 -67.04 -90.38
C PHE F 587 115.31 -66.79 -91.75
N THR F 588 114.23 -67.52 -92.06
CA THR F 588 113.54 -67.42 -93.33
C THR F 588 112.04 -67.30 -93.09
N VAL F 589 111.29 -67.25 -94.18
CA VAL F 589 109.84 -67.36 -94.16
C VAL F 589 109.45 -68.53 -95.03
N GLY F 590 108.37 -69.21 -94.65
CA GLY F 590 107.94 -70.37 -95.40
C GLY F 590 107.33 -69.99 -96.74
N ILE F 591 107.26 -70.98 -97.62
CA ILE F 591 106.58 -70.85 -98.90
C ILE F 591 105.39 -71.82 -98.87
N MET F 592 104.19 -71.25 -98.91
CA MET F 592 102.95 -72.03 -98.97
C MET F 592 102.34 -71.85 -100.35
N ASN F 593 102.12 -72.95 -101.05
CA ASN F 593 101.48 -72.93 -102.37
C ASN F 593 102.20 -72.00 -103.34
N GLY F 594 103.53 -71.97 -103.24
CA GLY F 594 104.34 -71.15 -104.11
C GLY F 594 104.42 -69.69 -103.74
N ARG F 595 103.63 -69.23 -102.76
CA ARG F 595 103.65 -67.84 -102.32
C ARG F 595 104.48 -67.72 -101.05
N HIS F 596 105.17 -66.59 -100.92
CA HIS F 596 106.01 -66.36 -99.76
C HIS F 596 105.17 -66.10 -98.52
N GLY F 597 105.56 -66.74 -97.41
CA GLY F 597 104.89 -66.56 -96.15
C GLY F 597 105.42 -65.37 -95.37
N ASN F 598 104.86 -65.18 -94.18
CA ASN F 598 105.21 -64.06 -93.34
C ASN F 598 105.67 -64.44 -91.94
N MET F 599 105.53 -65.70 -91.54
CA MET F 599 105.92 -66.13 -90.20
C MET F 599 107.40 -66.47 -90.20
N VAL F 600 108.18 -65.71 -89.40
CA VAL F 600 109.61 -65.96 -89.32
C VAL F 600 109.88 -67.33 -88.73
N ARG F 601 110.83 -68.04 -89.31
CA ARG F 601 111.13 -69.42 -88.94
C ARG F 601 112.61 -69.57 -88.65
N LEU F 602 112.93 -70.32 -87.60
CA LEU F 602 114.30 -70.61 -87.22
C LEU F 602 114.63 -72.03 -87.69
N ASP F 603 115.47 -72.13 -88.71
CA ASP F 603 115.84 -73.41 -89.32
C ASP F 603 114.58 -74.19 -89.72
N GLY F 604 113.67 -73.49 -90.37
CA GLY F 604 112.40 -74.06 -90.84
C GLY F 604 111.26 -73.98 -89.84
N LYS F 605 111.56 -74.15 -88.55
CA LYS F 605 110.53 -74.19 -87.52
C LYS F 605 110.08 -72.78 -87.17
N LYS F 606 108.77 -72.58 -87.07
CA LYS F 606 108.24 -71.27 -86.70
C LYS F 606 108.73 -70.85 -85.33
N ILE F 607 108.95 -69.55 -85.17
CA ILE F 607 109.41 -68.98 -83.90
C ILE F 607 108.18 -68.67 -83.05
N ILE F 608 108.23 -69.06 -81.78
CA ILE F 608 107.09 -68.97 -80.87
C ILE F 608 107.35 -67.83 -79.89
N THR F 609 106.39 -66.92 -79.80
CA THR F 609 106.48 -65.76 -78.93
C THR F 609 105.47 -65.88 -77.80
N ASN F 610 105.84 -65.32 -76.64
CA ASN F 610 104.97 -65.30 -75.46
C ASN F 610 104.22 -63.97 -75.38
N MET F 611 102.94 -64.04 -75.05
CA MET F 611 102.09 -62.86 -74.96
C MET F 611 101.17 -62.96 -73.75
N LEU F 612 100.73 -61.80 -73.28
CA LEU F 612 99.70 -61.71 -72.26
C LEU F 612 98.62 -60.73 -72.72
N ARG F 613 97.39 -61.01 -72.32
CA ARG F 613 96.26 -60.14 -72.63
C ARG F 613 96.15 -59.04 -71.60
N VAL F 614 95.92 -57.81 -72.08
CA VAL F 614 95.67 -56.68 -71.20
C VAL F 614 94.37 -56.00 -71.64
N GLY F 615 93.24 -56.56 -71.24
CA GLY F 615 91.96 -55.99 -71.55
C GLY F 615 91.43 -56.41 -72.91
N PHE F 616 90.19 -56.03 -73.16
CA PHE F 616 89.48 -56.35 -74.39
C PHE F 616 89.23 -55.09 -75.18
N ARG F 617 89.25 -55.22 -76.51
CA ARG F 617 88.75 -54.14 -77.35
C ARG F 617 87.23 -54.06 -77.21
N GLU F 618 86.66 -52.94 -77.68
CA GLU F 618 85.22 -52.78 -77.60
C GLU F 618 84.48 -53.84 -78.41
N ASP F 619 85.11 -54.38 -79.44
CA ASP F 619 84.50 -55.44 -80.23
C ASP F 619 84.65 -56.81 -79.59
N GLY F 620 85.24 -56.91 -78.40
CA GLY F 620 85.37 -58.16 -77.69
C GLY F 620 86.67 -58.91 -77.92
N SER F 621 87.50 -58.48 -78.86
CA SER F 621 88.75 -59.18 -79.13
C SER F 621 89.80 -58.83 -78.10
N TRP F 622 90.75 -59.74 -77.91
CA TRP F 622 91.76 -59.59 -76.88
C TRP F 622 92.84 -58.61 -77.31
N ARG F 623 93.32 -57.82 -76.35
CA ARG F 623 94.47 -56.95 -76.56
C ARG F 623 95.71 -57.73 -76.12
N LEU F 624 96.39 -58.34 -77.08
CA LEU F 624 97.57 -59.16 -76.80
C LEU F 624 98.83 -58.34 -76.95
N PHE F 625 99.80 -58.59 -76.07
CA PHE F 625 101.05 -57.84 -76.06
C PHE F 625 102.22 -58.79 -75.81
N THR F 626 103.27 -58.63 -76.61
CA THR F 626 104.42 -59.53 -76.52
C THR F 626 105.20 -59.26 -75.23
N LEU F 627 105.60 -60.35 -74.56
CA LEU F 627 106.48 -60.23 -73.42
C LEU F 627 107.93 -60.19 -73.88
N ARG F 628 108.79 -59.62 -73.04
CA ARG F 628 110.21 -59.55 -73.36
C ARG F 628 110.77 -60.95 -73.51
N PRO F 629 111.72 -61.16 -74.44
CA PRO F 629 112.29 -62.51 -74.61
C PRO F 629 112.95 -63.04 -73.35
N ASP F 630 113.39 -62.16 -72.44
CA ASP F 630 114.03 -62.59 -71.21
C ASP F 630 113.07 -62.62 -70.03
N TYR F 631 111.78 -62.44 -70.26
CA TYR F 631 110.82 -62.51 -69.17
C TYR F 631 110.42 -63.95 -68.89
N SER F 632 110.29 -64.28 -67.60
CA SER F 632 109.87 -65.57 -67.14
C SER F 632 108.91 -65.35 -65.98
N PRO F 633 107.87 -66.18 -65.85
CA PRO F 633 106.87 -65.95 -64.79
C PRO F 633 107.51 -65.95 -63.41
N ALA F 634 107.14 -64.96 -62.60
CA ALA F 634 107.65 -64.88 -61.24
C ALA F 634 107.17 -66.08 -60.43
N VAL F 635 108.04 -66.56 -59.54
CA VAL F 635 107.67 -67.63 -58.63
C VAL F 635 106.90 -67.03 -57.46
N LYS F 636 105.74 -67.60 -57.16
CA LYS F 636 104.89 -67.13 -56.07
C LYS F 636 104.75 -68.21 -55.03
N VAL F 637 105.01 -67.86 -53.78
CA VAL F 637 104.77 -68.74 -52.64
C VAL F 637 103.61 -68.15 -51.86
N GLN F 638 102.44 -68.79 -51.94
CA GLN F 638 101.23 -68.24 -51.34
C GLN F 638 101.36 -68.20 -49.82
N THR F 639 101.03 -67.06 -49.23
CA THR F 639 101.08 -66.90 -47.79
C THR F 639 99.72 -66.65 -47.15
N GLU F 640 98.71 -66.24 -47.92
CA GLU F 640 97.40 -65.93 -47.38
C GLU F 640 96.38 -66.01 -48.51
N ASP F 641 95.13 -66.29 -48.15
CA ASP F 641 94.07 -66.43 -49.13
C ASP F 641 92.80 -65.69 -48.70
N ASP F 642 92.29 -65.97 -47.51
CA ASP F 642 91.00 -65.41 -47.11
C ASP F 642 90.96 -64.99 -45.64
N ILE F 643 91.53 -65.81 -44.76
CA ILE F 643 91.55 -65.53 -43.33
C ILE F 643 93.00 -65.38 -42.89
N THR F 644 93.41 -64.14 -42.62
CA THR F 644 94.80 -63.81 -42.33
C THR F 644 94.92 -63.26 -40.92
N ALA F 645 95.90 -63.77 -40.17
CA ALA F 645 96.31 -63.19 -38.90
C ALA F 645 97.67 -62.54 -39.09
N SER F 646 97.78 -61.27 -38.70
CA SER F 646 98.99 -60.50 -38.92
C SER F 646 99.35 -59.74 -37.66
N THR F 647 100.57 -59.23 -37.64
CA THR F 647 101.04 -58.37 -36.56
C THR F 647 102.09 -57.42 -37.13
N VAL F 648 102.28 -56.31 -36.41
CA VAL F 648 103.28 -55.32 -36.77
C VAL F 648 104.25 -55.21 -35.59
N THR F 649 105.53 -55.42 -35.87
CA THR F 649 106.58 -55.30 -34.88
C THR F 649 107.78 -54.64 -35.54
N PRO F 650 108.71 -54.12 -34.74
CA PRO F 650 110.04 -53.84 -35.26
C PRO F 650 110.63 -55.10 -35.88
N PRO F 651 111.46 -54.97 -36.91
CA PRO F 651 111.95 -56.16 -37.63
C PRO F 651 112.60 -57.14 -36.67
N TRP F 652 112.32 -58.43 -36.86
CA TRP F 652 112.82 -59.42 -35.93
C TRP F 652 114.34 -59.55 -35.95
N GLU F 653 115.00 -59.06 -37.01
CA GLU F 653 116.44 -59.10 -37.11
C GLU F 653 117.12 -57.79 -36.72
N ASP F 654 116.34 -56.77 -36.34
CA ASP F 654 116.88 -55.48 -35.95
C ASP F 654 115.84 -54.68 -35.19
N ALA F 655 115.92 -54.67 -33.86
CA ALA F 655 114.92 -53.98 -33.04
C ALA F 655 114.88 -52.48 -33.28
N GLU F 656 115.89 -51.91 -33.95
CA GLU F 656 115.95 -50.48 -34.20
C GLU F 656 115.56 -50.12 -35.63
N GLY F 657 114.91 -51.04 -36.36
CA GLY F 657 114.60 -50.83 -37.75
C GLY F 657 113.16 -50.39 -37.98
N LEU F 658 112.84 -50.22 -39.25
CA LEU F 658 111.51 -49.80 -39.66
C LEU F 658 110.52 -50.93 -39.42
N PRO F 659 109.44 -50.72 -38.66
CA PRO F 659 108.51 -51.82 -38.36
C PRO F 659 107.94 -52.43 -39.62
N ARG F 660 107.57 -53.71 -39.50
CA ARG F 660 107.09 -54.50 -40.63
C ARG F 660 105.84 -55.25 -40.22
N LYS F 661 105.11 -55.73 -41.21
CA LYS F 661 103.97 -56.60 -40.98
C LYS F 661 104.34 -58.04 -41.35
N TYR F 662 103.94 -58.97 -40.48
CA TYR F 662 104.14 -60.39 -40.71
C TYR F 662 102.78 -61.09 -40.65
N VAL F 663 102.53 -61.98 -41.61
CA VAL F 663 101.23 -62.61 -41.76
C VAL F 663 101.38 -64.13 -41.81
N THR F 664 100.33 -64.83 -41.41
CA THR F 664 100.18 -66.25 -41.71
C THR F 664 98.72 -66.50 -42.08
N ASN F 665 98.49 -67.67 -42.67
CA ASN F 665 97.15 -68.10 -43.08
C ASN F 665 96.55 -68.95 -41.95
N CYS F 666 95.39 -68.53 -41.44
CA CYS F 666 94.71 -69.29 -40.41
C CYS F 666 94.10 -70.57 -40.94
N GLU F 667 93.87 -70.65 -42.24
CA GLU F 667 93.24 -71.81 -42.85
C GLU F 667 94.30 -72.78 -43.36
N HIS F 668 94.06 -74.07 -43.14
CA HIS F 668 94.92 -75.12 -43.66
C HIS F 668 94.36 -75.74 -44.93
N LEU F 669 93.09 -75.48 -45.25
CA LEU F 669 92.48 -75.86 -46.50
C LEU F 669 91.69 -74.66 -47.02
N LEU F 670 91.67 -74.49 -48.34
CA LEU F 670 91.07 -73.32 -48.96
C LEU F 670 89.73 -73.69 -49.58
N PHE F 671 88.69 -72.93 -49.24
CA PHE F 671 87.33 -73.17 -49.70
C PHE F 671 87.18 -72.48 -51.06
N GLN F 672 87.64 -73.17 -52.09
CA GLN F 672 87.68 -72.60 -53.43
C GLN F 672 86.33 -72.71 -54.13
N ARG F 673 86.04 -71.73 -54.98
CA ARG F 673 84.85 -71.73 -55.83
C ARG F 673 85.30 -71.75 -57.29
N PRO F 674 85.38 -72.93 -57.91
CA PRO F 674 85.78 -73.01 -59.34
C PRO F 674 84.63 -72.61 -60.27
N ASP F 675 84.38 -71.29 -60.33
CA ASP F 675 83.28 -70.76 -61.12
C ASP F 675 83.36 -71.21 -62.58
N ASP F 676 84.54 -71.04 -63.18
CA ASP F 676 84.73 -71.31 -64.60
C ASP F 676 85.14 -72.74 -64.89
N ALA F 677 85.05 -73.64 -63.90
CA ALA F 677 85.29 -75.05 -64.17
C ALA F 677 84.19 -75.67 -65.03
N ILE F 678 83.06 -74.98 -65.21
CA ILE F 678 82.04 -75.44 -66.14
C ILE F 678 82.52 -75.38 -67.58
N HIS F 679 83.55 -74.58 -67.86
CA HIS F 679 84.19 -74.54 -69.17
C HIS F 679 85.32 -75.55 -69.16
N ARG F 680 85.08 -76.71 -69.78
CA ARG F 680 86.02 -77.83 -69.70
C ARG F 680 87.39 -77.44 -70.21
N GLY F 681 88.43 -77.78 -69.44
CA GLY F 681 89.80 -77.52 -69.81
C GLY F 681 90.32 -76.15 -69.41
N TYR F 682 89.47 -75.27 -68.88
CA TYR F 682 89.89 -73.91 -68.58
C TYR F 682 90.56 -73.81 -67.23
N ASP F 683 89.84 -74.16 -66.16
CA ASP F 683 90.35 -74.12 -64.80
C ASP F 683 91.15 -75.39 -64.55
N LYS F 684 92.40 -75.38 -65.00
CA LYS F 684 93.23 -76.58 -64.92
C LYS F 684 93.44 -77.00 -63.46
N GLN F 685 93.68 -76.05 -62.57
CA GLN F 685 93.97 -76.36 -61.18
C GLN F 685 92.79 -77.08 -60.52
N ALA F 686 91.59 -76.51 -60.64
CA ALA F 686 90.42 -77.12 -60.03
C ALA F 686 90.14 -78.49 -60.63
N GLU F 687 90.38 -78.65 -61.94
CA GLU F 687 90.18 -79.96 -62.57
C GLU F 687 91.17 -80.98 -62.01
N PHE F 688 92.40 -80.57 -61.78
CA PHE F 688 93.36 -81.48 -61.14
C PHE F 688 92.99 -81.73 -59.69
N ASP F 689 92.64 -80.67 -58.96
CA ASP F 689 92.28 -80.81 -57.55
C ASP F 689 91.11 -81.75 -57.36
N LEU F 690 90.09 -81.65 -58.22
CA LEU F 690 88.86 -82.41 -58.04
C LEU F 690 88.96 -83.84 -58.56
N ALA F 691 89.86 -84.12 -59.50
CA ALA F 691 89.93 -85.42 -60.13
C ALA F 691 90.98 -86.35 -59.52
N SER F 692 92.10 -85.80 -59.04
CA SER F 692 93.23 -86.60 -58.60
C SER F 692 93.20 -86.96 -57.12
N GLY F 693 92.21 -86.48 -56.37
CA GLY F 693 92.12 -86.75 -54.96
C GLY F 693 91.11 -87.82 -54.62
N THR F 694 91.23 -88.36 -53.41
CA THR F 694 90.30 -89.34 -52.88
C THR F 694 89.64 -88.91 -51.58
N ASP F 695 90.10 -87.82 -50.96
CA ASP F 695 89.55 -87.34 -49.69
C ASP F 695 89.02 -85.92 -49.79
N THR F 696 88.74 -85.45 -51.00
CA THR F 696 88.38 -84.07 -51.21
C THR F 696 86.97 -83.76 -50.69
N PHE F 697 86.86 -82.71 -49.88
CA PHE F 697 85.57 -82.22 -49.43
C PHE F 697 84.98 -81.34 -50.52
N ILE F 698 83.88 -81.78 -51.11
CA ILE F 698 83.27 -81.13 -52.27
C ILE F 698 81.85 -80.73 -51.91
N SER F 699 81.43 -79.54 -52.38
CA SER F 699 80.10 -79.04 -52.08
C SER F 699 79.52 -78.34 -53.30
N ASN F 700 78.19 -78.42 -53.43
CA ASN F 700 77.43 -77.77 -54.50
C ASN F 700 77.79 -78.30 -55.87
N PHE F 701 78.13 -79.59 -55.95
CA PHE F 701 78.30 -80.28 -57.22
C PHE F 701 77.19 -81.30 -57.38
N GLU F 702 76.97 -81.72 -58.63
CA GLU F 702 75.94 -82.72 -58.90
C GLU F 702 76.50 -84.11 -58.68
N PRO F 703 75.83 -84.96 -57.89
CA PRO F 703 76.29 -86.35 -57.74
C PRO F 703 76.08 -87.11 -59.04
N LEU F 704 77.14 -87.74 -59.52
CA LEU F 704 77.12 -88.48 -60.77
C LEU F 704 77.26 -89.97 -60.48
N THR F 705 76.72 -90.79 -61.38
CA THR F 705 76.67 -92.24 -61.22
C THR F 705 77.69 -92.91 -62.13
N HIS F 706 77.88 -94.21 -61.90
CA HIS F 706 78.78 -94.99 -62.74
C HIS F 706 78.36 -94.92 -64.21
N GLU F 707 77.09 -95.21 -64.50
CA GLU F 707 76.61 -95.16 -65.86
C GLU F 707 76.82 -93.78 -66.49
N GLN F 708 76.72 -92.71 -65.69
CA GLN F 708 76.97 -91.38 -66.22
C GLN F 708 78.43 -91.20 -66.63
N ALA F 709 79.35 -91.85 -65.91
CA ALA F 709 80.75 -91.79 -66.31
C ALA F 709 81.01 -92.61 -67.57
N ARG F 710 80.31 -93.74 -67.72
CA ARG F 710 80.46 -94.54 -68.93
C ARG F 710 79.88 -93.81 -70.15
N ASP F 711 78.83 -93.01 -69.94
CA ASP F 711 78.28 -92.22 -71.04
C ASP F 711 79.18 -91.05 -71.41
N LEU F 712 79.79 -90.42 -70.41
CA LEU F 712 80.68 -89.29 -70.68
C LEU F 712 81.99 -89.76 -71.32
N LEU F 713 82.40 -91.00 -71.05
CA LEU F 713 83.63 -91.51 -71.66
C LEU F 713 83.52 -91.56 -73.17
N THR F 714 82.33 -91.88 -73.70
CA THR F 714 82.10 -91.94 -75.13
C THR F 714 81.51 -90.65 -75.70
N ASP F 715 81.34 -89.62 -74.88
CA ASP F 715 80.99 -88.28 -75.37
C ASP F 715 82.28 -87.61 -75.82
N VAL F 716 82.68 -87.93 -77.06
CA VAL F 716 84.04 -87.63 -77.50
C VAL F 716 84.33 -86.13 -77.44
N GLN F 717 83.32 -85.29 -77.69
CA GLN F 717 83.56 -83.85 -77.68
C GLN F 717 83.86 -83.36 -76.25
N ALA F 718 82.95 -83.64 -75.32
CA ALA F 718 83.15 -83.18 -73.95
C ALA F 718 84.35 -83.86 -73.31
N TYR F 719 84.56 -85.14 -73.61
CA TYR F 719 85.66 -85.88 -72.99
C TYR F 719 87.01 -85.32 -73.40
N SER F 720 87.17 -85.00 -74.68
CA SER F 720 88.45 -84.49 -75.17
C SER F 720 88.76 -83.09 -74.66
N GLU F 721 87.78 -82.39 -74.09
CA GLU F 721 88.00 -81.04 -73.60
C GLU F 721 88.51 -80.98 -72.17
N PHE F 722 88.27 -82.02 -71.37
CA PHE F 722 88.81 -82.07 -70.02
C PHE F 722 90.33 -82.19 -70.05
N THR F 723 90.98 -81.64 -69.02
CA THR F 723 92.38 -81.90 -68.82
C THR F 723 92.59 -83.37 -68.47
N LYS F 724 93.84 -83.82 -68.63
CA LYS F 724 94.14 -85.24 -68.47
C LYS F 724 93.73 -85.81 -67.10
N PRO F 725 93.90 -85.11 -65.97
CA PRO F 725 93.41 -85.67 -64.70
C PRO F 725 91.94 -86.05 -64.71
N VAL F 726 91.08 -85.22 -65.29
CA VAL F 726 89.64 -85.54 -65.29
C VAL F 726 89.35 -86.67 -66.26
N ARG F 727 90.05 -86.71 -67.40
CA ARG F 727 89.88 -87.83 -68.32
C ARG F 727 90.27 -89.14 -67.66
N LYS F 728 91.35 -89.14 -66.88
CA LYS F 728 91.72 -90.33 -66.11
C LYS F 728 90.61 -90.72 -65.13
N LEU F 729 90.05 -89.74 -64.41
CA LEU F 729 89.00 -90.03 -63.44
C LEU F 729 87.79 -90.66 -64.12
N ILE F 730 87.41 -90.15 -65.29
CA ILE F 730 86.25 -90.68 -66.00
C ILE F 730 86.52 -92.13 -66.43
N GLU F 731 87.77 -92.43 -66.83
CA GLU F 731 88.13 -93.80 -67.17
C GLU F 731 87.95 -94.73 -65.97
N ARG F 732 88.52 -94.35 -64.82
CA ARG F 732 88.48 -95.23 -63.66
C ARG F 732 87.05 -95.49 -63.21
N VAL F 733 86.19 -94.47 -63.22
CA VAL F 733 84.81 -94.66 -62.79
C VAL F 733 84.05 -95.50 -63.81
N ALA F 734 84.30 -95.29 -65.10
CA ALA F 734 83.58 -96.03 -66.12
C ALA F 734 83.93 -97.51 -66.11
N ALA F 735 85.13 -97.86 -65.64
CA ALA F 735 85.54 -99.25 -65.55
C ALA F 735 85.07 -99.94 -64.27
N MET F 736 84.28 -99.27 -63.44
CA MET F 736 83.85 -99.87 -62.19
C MET F 736 82.58 -100.68 -62.41
N PRO F 737 82.55 -101.94 -61.96
CA PRO F 737 81.29 -102.69 -61.97
C PRO F 737 80.31 -102.08 -60.98
N ASP F 738 79.02 -102.33 -61.24
CA ASP F 738 77.96 -101.70 -60.46
C ASP F 738 77.95 -102.12 -59.00
N ASP F 739 78.63 -103.21 -58.66
CA ASP F 739 78.71 -103.66 -57.28
C ASP F 739 79.89 -103.07 -56.52
N GLN F 740 80.82 -102.41 -57.20
CA GLN F 740 81.97 -101.81 -56.56
C GLN F 740 81.65 -100.39 -56.10
N SER F 741 82.05 -100.07 -54.88
CA SER F 741 81.86 -98.76 -54.27
C SER F 741 83.11 -97.91 -54.42
N PRO F 742 83.00 -96.57 -54.32
CA PRO F 742 81.81 -95.74 -54.03
C PRO F 742 80.80 -95.66 -55.17
N GLU F 743 79.56 -95.34 -54.83
CA GLU F 743 78.47 -95.30 -55.81
C GLU F 743 78.51 -94.03 -56.65
N PHE F 744 79.02 -92.93 -56.12
CA PHE F 744 78.94 -91.65 -56.80
C PHE F 744 80.35 -91.11 -57.11
N TRP F 745 80.37 -90.06 -57.93
CA TRP F 745 81.58 -89.33 -58.24
C TRP F 745 81.17 -87.93 -58.68
N VAL F 746 82.12 -87.00 -58.62
CA VAL F 746 81.90 -85.61 -58.99
C VAL F 746 82.77 -85.27 -60.20
N CYS F 747 82.18 -84.62 -61.18
CA CYS F 747 82.91 -84.09 -62.33
C CYS F 747 83.06 -82.59 -62.17
N SER F 748 84.23 -82.09 -62.57
CA SER F 748 84.55 -80.68 -62.34
C SER F 748 83.70 -79.71 -63.16
N ASP F 749 82.92 -80.20 -64.13
CA ASP F 749 82.17 -79.32 -65.01
C ASP F 749 80.66 -79.41 -64.79
N ASP F 750 80.21 -80.09 -63.73
CA ASP F 750 78.79 -80.31 -63.49
C ASP F 750 78.44 -79.89 -62.07
N PRO F 751 78.16 -78.60 -61.84
CA PRO F 751 77.71 -78.16 -60.52
C PRO F 751 76.33 -78.71 -60.15
N ARG F 752 75.90 -78.43 -58.93
CA ARG F 752 74.66 -78.97 -58.40
C ARG F 752 73.47 -78.46 -59.19
N HIS F 753 72.65 -79.39 -59.69
CA HIS F 753 71.46 -79.02 -60.45
C HIS F 753 70.40 -78.44 -59.52
N LEU F 754 69.99 -77.21 -59.80
CA LEU F 754 69.00 -76.54 -58.98
C LEU F 754 67.59 -76.93 -59.42
N PRO F 755 66.64 -77.01 -58.50
CA PRO F 755 65.29 -77.45 -58.87
C PRO F 755 64.62 -76.57 -59.90
N ASP F 756 65.01 -75.29 -59.98
CA ASP F 756 64.43 -74.40 -60.97
C ASP F 756 64.71 -74.89 -62.39
N GLY F 757 65.96 -75.25 -62.66
CA GLY F 757 66.32 -75.75 -63.97
C GLY F 757 67.80 -75.64 -64.27
N GLY F 758 68.43 -74.59 -63.76
CA GLY F 758 69.85 -74.35 -63.99
C GLY F 758 70.72 -75.18 -63.07
N ARG F 759 71.93 -74.68 -62.82
CA ARG F 759 72.87 -75.32 -61.92
C ARG F 759 73.46 -74.29 -60.98
N SER F 760 74.00 -74.77 -59.87
CA SER F 760 74.51 -73.87 -58.84
C SER F 760 75.68 -73.05 -59.36
N LYS F 761 75.65 -71.76 -59.07
CA LYS F 761 76.75 -70.85 -59.40
C LYS F 761 77.77 -70.73 -58.27
N ASN F 762 77.62 -71.52 -57.21
CA ASN F 762 78.55 -71.53 -56.08
C ASN F 762 79.09 -72.93 -55.83
N PRO F 763 79.80 -73.52 -56.81
CA PRO F 763 80.44 -74.80 -56.54
C PRO F 763 81.67 -74.60 -55.67
N ARG F 764 81.94 -75.57 -54.80
CA ARG F 764 82.96 -75.40 -53.78
C ARG F 764 83.71 -76.69 -53.54
N TYR F 765 84.96 -76.55 -53.09
CA TYR F 765 85.73 -77.68 -52.59
C TYR F 765 86.88 -77.16 -51.73
N LEU F 766 87.28 -77.98 -50.76
CA LEU F 766 88.39 -77.64 -49.88
C LEU F 766 89.69 -78.05 -50.57
N GLN F 767 90.51 -77.06 -50.90
CA GLN F 767 91.75 -77.26 -51.64
C GLN F 767 92.94 -77.31 -50.69
N VAL F 768 93.83 -78.27 -50.91
CA VAL F 768 95.10 -78.28 -50.20
C VAL F 768 95.87 -77.02 -50.54
N ARG F 769 96.48 -76.40 -49.54
CA ARG F 769 97.21 -75.17 -49.77
C ARG F 769 98.38 -75.42 -50.73
N PRO F 770 98.64 -74.50 -51.65
CA PRO F 770 99.76 -74.68 -52.60
C PRO F 770 101.09 -74.97 -51.93
N THR F 771 101.37 -74.36 -50.77
CA THR F 771 102.65 -74.59 -50.11
C THR F 771 102.75 -75.97 -49.50
N ASP F 772 101.63 -76.66 -49.30
CA ASP F 772 101.63 -78.02 -48.81
C ASP F 772 101.55 -79.06 -49.92
N SER F 773 100.86 -78.75 -51.02
CA SER F 773 100.87 -79.64 -52.18
C SER F 773 102.20 -79.58 -52.92
N ASN F 774 102.97 -78.52 -52.75
CA ASN F 774 104.28 -78.37 -53.36
C ASN F 774 105.29 -77.99 -52.28
N PRO F 775 105.58 -78.92 -51.36
CA PRO F 775 106.52 -78.58 -50.27
C PRO F 775 107.93 -78.32 -50.73
N GLU F 776 108.33 -78.89 -51.87
CA GLU F 776 109.71 -78.72 -52.34
C GLU F 776 110.00 -77.27 -52.69
N LEU F 777 109.17 -76.66 -53.54
CA LEU F 777 109.38 -75.27 -53.92
C LEU F 777 109.27 -74.34 -52.73
N THR F 778 108.44 -74.70 -51.73
CA THR F 778 108.37 -73.92 -50.51
C THR F 778 109.69 -73.96 -49.76
N THR F 779 110.31 -75.13 -49.69
CA THR F 779 111.63 -75.25 -49.06
C THR F 779 112.68 -74.47 -49.84
N VAL F 780 112.63 -74.54 -51.17
CA VAL F 780 113.60 -73.81 -51.99
C VAL F 780 113.52 -72.32 -51.71
N ALA F 781 112.31 -71.78 -51.66
CA ALA F 781 112.14 -70.36 -51.40
C ALA F 781 112.62 -69.99 -49.99
N ASP F 782 112.36 -70.85 -49.01
CA ASP F 782 112.82 -70.56 -47.66
C ASP F 782 114.33 -70.58 -47.58
N VAL F 783 114.97 -71.58 -48.18
CA VAL F 783 116.43 -71.65 -48.17
C VAL F 783 117.03 -70.48 -48.94
N ALA F 784 116.49 -70.20 -50.12
CA ALA F 784 117.02 -69.10 -50.93
C ALA F 784 116.82 -67.76 -50.23
N GLY F 785 115.64 -67.55 -49.64
CA GLY F 785 115.37 -66.30 -48.94
C GLY F 785 116.26 -66.10 -47.73
N LYS F 786 116.69 -67.19 -47.10
CA LYS F 786 117.62 -67.07 -45.97
C LYS F 786 119.03 -66.74 -46.44
N LEU F 787 119.44 -67.31 -47.58
CA LEU F 787 120.75 -66.95 -48.14
C LEU F 787 120.78 -65.48 -48.56
N ALA F 788 119.66 -64.96 -49.08
CA ALA F 788 119.59 -63.57 -49.50
C ALA F 788 119.78 -62.62 -48.32
N ARG F 789 119.49 -63.05 -47.10
CA ARG F 789 119.59 -62.22 -45.92
C ARG F 789 120.70 -62.67 -44.98
N LYS F 790 121.63 -63.48 -45.47
CA LYS F 790 122.78 -63.96 -44.69
C LYS F 790 122.35 -64.57 -43.37
N LEU F 791 121.25 -65.32 -43.40
CA LEU F 791 120.68 -66.02 -42.28
C LEU F 791 121.02 -67.50 -42.32
N PRO F 792 121.23 -68.15 -41.17
CA PRO F 792 121.42 -69.60 -41.17
C PRO F 792 120.20 -70.31 -41.75
N LEU F 793 120.43 -71.50 -42.29
CA LEU F 793 119.36 -72.23 -42.97
C LEU F 793 118.34 -72.81 -41.99
N ALA F 794 118.77 -73.11 -40.76
CA ALA F 794 117.87 -73.63 -39.75
C ALA F 794 117.22 -72.49 -38.98
N GLY F 795 115.96 -72.69 -38.62
CA GLY F 795 115.24 -71.75 -37.79
C GLY F 795 114.12 -71.04 -38.53
N HIS F 796 113.33 -70.31 -37.76
CA HIS F 796 112.20 -69.54 -38.28
C HIS F 796 112.72 -68.18 -38.75
N ALA F 797 112.49 -67.87 -40.03
CA ALA F 797 112.94 -66.62 -40.63
C ALA F 797 111.84 -66.06 -41.51
N PRO F 798 110.80 -65.48 -40.92
CA PRO F 798 109.65 -65.03 -41.72
C PRO F 798 110.00 -63.81 -42.56
N GLN F 799 109.41 -63.76 -43.74
CA GLN F 799 109.55 -62.64 -44.67
C GLN F 799 108.54 -61.55 -44.31
N PRO F 800 108.96 -60.31 -44.18
CA PRO F 800 108.00 -59.23 -43.95
C PRO F 800 107.28 -58.84 -45.23
N ILE F 801 106.12 -58.21 -45.06
CA ILE F 801 105.40 -57.63 -46.19
C ILE F 801 106.26 -56.55 -46.82
N ASP F 802 106.26 -56.50 -48.15
CA ASP F 802 106.97 -55.46 -48.90
C ASP F 802 106.06 -54.51 -49.63
N VAL F 803 104.99 -55.01 -50.25
CA VAL F 803 104.05 -54.19 -51.00
C VAL F 803 102.65 -54.50 -50.51
N VAL F 804 101.86 -53.45 -50.29
CA VAL F 804 100.44 -53.57 -49.99
C VAL F 804 99.70 -52.98 -51.18
N ALA F 805 98.99 -53.83 -51.92
CA ALA F 805 98.27 -53.42 -53.13
C ALA F 805 96.86 -54.00 -53.07
N ALA F 806 95.94 -53.26 -52.46
CA ALA F 806 94.56 -53.70 -52.38
C ALA F 806 93.94 -53.73 -53.78
N GLY F 807 92.92 -54.57 -53.93
CA GLY F 807 92.21 -54.69 -55.18
C GLY F 807 90.87 -54.00 -55.13
N ARG F 808 90.33 -53.72 -56.30
CA ARG F 808 89.11 -52.92 -56.41
C ARG F 808 88.34 -53.37 -57.64
N ARG F 809 87.08 -53.75 -57.46
CA ARG F 809 86.21 -54.05 -58.58
C ARG F 809 85.56 -52.77 -59.08
N ASN F 810 85.66 -52.53 -60.39
CA ASN F 810 85.07 -51.37 -61.02
C ASN F 810 84.12 -51.81 -62.12
N ASN F 811 83.10 -51.00 -62.38
CA ASN F 811 82.04 -51.38 -63.29
C ASN F 811 81.51 -50.13 -64.00
N PRO F 812 81.07 -50.27 -65.25
CA PRO F 812 80.41 -49.16 -65.92
C PRO F 812 78.98 -49.00 -65.42
N PRO F 813 78.38 -47.83 -65.59
CA PRO F 813 76.99 -47.65 -65.15
C PRO F 813 76.03 -48.43 -66.03
N GLU F 814 74.98 -48.97 -65.41
CA GLU F 814 73.91 -49.61 -66.15
C GLU F 814 72.56 -49.11 -65.62
N ASP F 815 71.47 -49.70 -66.08
CA ASP F 815 70.18 -49.41 -65.47
C ASP F 815 70.20 -49.84 -64.02
N LYS F 816 69.98 -48.88 -63.12
CA LYS F 816 69.94 -49.08 -61.67
C LYS F 816 71.31 -49.35 -61.08
N VAL F 817 72.34 -49.50 -61.90
CA VAL F 817 73.70 -49.78 -61.44
C VAL F 817 74.48 -48.46 -61.49
N PRO F 818 75.06 -48.01 -60.38
CA PRO F 818 75.80 -46.75 -60.40
C PRO F 818 77.17 -46.90 -61.04
N ALA F 819 77.66 -45.79 -61.59
CA ALA F 819 78.97 -45.78 -62.22
C ALA F 819 80.07 -45.84 -61.15
N LEU F 820 80.98 -46.79 -61.31
CA LEU F 820 82.12 -46.94 -60.42
C LEU F 820 83.36 -47.30 -61.25
N CYS F 821 83.75 -46.40 -62.15
CA CYS F 821 84.83 -46.67 -63.08
C CYS F 821 85.66 -45.40 -63.29
N ALA F 822 86.18 -44.85 -62.18
CA ALA F 822 87.06 -43.69 -62.26
C ALA F 822 88.54 -44.05 -62.09
N TYR F 823 88.84 -45.27 -61.66
CA TYR F 823 90.21 -45.68 -61.44
C TYR F 823 90.87 -46.13 -62.74
N ASN F 824 92.16 -45.83 -62.87
CA ASN F 824 92.97 -46.27 -64.00
C ASN F 824 93.67 -47.55 -63.53
N PRO F 825 94.55 -48.19 -64.33
CA PRO F 825 95.12 -49.48 -63.90
C PRO F 825 95.61 -49.54 -62.46
N LEU F 826 96.38 -48.56 -62.01
CA LEU F 826 97.02 -48.63 -60.71
C LEU F 826 97.06 -47.25 -60.07
N HIS F 827 96.53 -47.14 -58.85
CA HIS F 827 96.52 -45.89 -58.10
C HIS F 827 97.35 -46.04 -56.82
N TYR F 828 97.89 -44.92 -56.36
CA TYR F 828 98.52 -44.81 -55.05
C TYR F 828 97.80 -43.75 -54.23
N MET F 829 97.53 -44.07 -52.98
CA MET F 829 96.78 -43.18 -52.10
C MET F 829 97.53 -42.98 -50.80
N GLU F 830 97.65 -41.71 -50.40
CA GLU F 830 98.12 -41.41 -49.06
C GLU F 830 97.06 -41.82 -48.04
N LEU F 831 97.50 -41.97 -46.79
CA LEU F 831 96.65 -42.59 -45.77
C LEU F 831 95.26 -41.98 -45.65
N PRO F 832 95.07 -40.65 -45.69
CA PRO F 832 93.69 -40.13 -45.67
C PRO F 832 92.83 -40.64 -46.82
N GLU F 833 93.30 -40.49 -48.06
CA GLU F 833 92.54 -40.99 -49.20
C GLU F 833 92.43 -42.50 -49.18
N LEU F 834 93.53 -43.19 -48.82
CA LEU F 834 93.52 -44.64 -48.80
C LEU F 834 92.45 -45.17 -47.84
N PHE F 835 92.23 -44.48 -46.72
CA PHE F 835 91.31 -44.99 -45.72
C PHE F 835 89.88 -44.55 -45.93
N MET F 836 89.64 -43.51 -46.74
CA MET F 836 88.29 -43.28 -47.23
C MET F 836 87.83 -44.46 -48.09
N GLU F 837 88.76 -45.04 -48.84
CA GLU F 837 88.44 -46.23 -49.63
C GLU F 837 88.21 -47.44 -48.73
N TYR F 838 89.11 -47.66 -47.77
CA TYR F 838 88.98 -48.82 -46.89
C TYR F 838 87.71 -48.76 -46.04
N ILE F 839 87.36 -47.58 -45.54
CA ILE F 839 86.15 -47.43 -44.74
C ILE F 839 84.92 -47.71 -45.60
N SER F 840 84.93 -47.26 -46.86
CA SER F 840 83.78 -47.41 -47.73
C SER F 840 83.70 -48.81 -48.33
N SER F 841 84.77 -49.26 -48.99
CA SER F 841 84.80 -50.52 -49.73
C SER F 841 83.61 -50.59 -50.70
N MET F 842 83.65 -49.69 -51.68
CA MET F 842 82.54 -49.54 -52.60
C MET F 842 82.49 -50.68 -53.61
N THR F 843 81.27 -51.11 -53.95
CA THR F 843 81.08 -52.15 -54.94
C THR F 843 79.73 -51.93 -55.62
N GLY F 844 79.63 -52.37 -56.87
CA GLY F 844 78.42 -52.20 -57.64
C GLY F 844 77.62 -53.47 -57.84
N ALA F 852 76.04 -46.30 -53.84
CA ALA F 852 76.79 -47.51 -54.16
C ALA F 852 76.85 -48.47 -52.96
N GLY F 853 77.07 -49.75 -53.25
CA GLY F 853 77.15 -50.73 -52.20
C GLY F 853 78.45 -50.67 -51.44
N SER F 854 78.41 -51.22 -50.22
CA SER F 854 79.55 -51.16 -49.30
C SER F 854 79.71 -52.50 -48.61
N GLU F 855 80.90 -53.08 -48.69
CA GLU F 855 81.20 -54.34 -48.03
C GLU F 855 81.67 -54.15 -46.60
N GLY F 856 81.55 -52.94 -46.05
CA GLY F 856 82.04 -52.66 -44.72
C GLY F 856 83.51 -52.27 -44.71
N ALA F 857 83.95 -51.78 -43.56
CA ALA F 857 85.34 -51.37 -43.40
C ALA F 857 86.28 -52.54 -43.63
N LEU F 858 87.30 -52.32 -44.47
CA LEU F 858 88.29 -53.33 -44.81
C LEU F 858 87.64 -54.59 -45.41
N THR F 859 86.48 -54.41 -46.04
CA THR F 859 85.66 -55.50 -46.59
C THR F 859 85.27 -56.54 -45.55
N LYS F 860 85.37 -56.20 -44.26
CA LYS F 860 85.04 -57.12 -43.17
C LYS F 860 83.67 -56.84 -42.58
N GLY F 861 82.81 -56.11 -43.30
CA GLY F 861 81.47 -55.82 -42.86
C GLY F 861 80.72 -57.03 -42.32
N PRO F 862 80.43 -58.00 -43.19
CA PRO F 862 79.69 -59.18 -42.76
C PRO F 862 80.49 -60.17 -41.92
N PHE F 863 81.72 -59.84 -41.50
CA PHE F 863 82.54 -60.75 -40.72
C PHE F 863 83.12 -60.07 -39.49
N ASN F 864 82.46 -59.03 -38.99
CA ASN F 864 82.97 -58.26 -37.85
C ASN F 864 81.83 -58.04 -36.86
N ALA F 865 81.91 -58.71 -35.71
CA ALA F 865 80.92 -58.57 -34.65
C ALA F 865 81.21 -57.38 -33.74
N LEU F 866 82.23 -56.59 -34.03
CA LEU F 866 82.66 -55.47 -33.21
C LEU F 866 82.65 -54.19 -34.03
N PRO F 867 82.60 -53.03 -33.36
CA PRO F 867 82.70 -51.76 -34.09
C PRO F 867 83.95 -51.70 -34.95
N ALA F 868 83.77 -51.25 -36.20
CA ALA F 868 84.86 -51.26 -37.17
C ALA F 868 85.99 -50.32 -36.80
N VAL F 869 85.78 -49.40 -35.86
CA VAL F 869 86.83 -48.46 -35.49
C VAL F 869 87.99 -49.19 -34.83
N TYR F 870 87.74 -50.36 -34.21
CA TYR F 870 88.83 -51.15 -33.68
C TYR F 870 89.80 -51.53 -34.79
N ASP F 871 89.28 -52.12 -35.87
CA ASP F 871 90.12 -52.47 -37.01
C ASP F 871 90.74 -51.24 -37.64
N LEU F 872 89.97 -50.16 -37.77
CA LEU F 872 90.48 -48.95 -38.42
C LEU F 872 91.62 -48.34 -37.62
N ASN F 873 91.53 -48.37 -36.29
CA ASN F 873 92.60 -47.83 -35.46
C ASN F 873 93.87 -48.66 -35.60
N ALA F 874 93.74 -49.99 -35.63
CA ALA F 874 94.90 -50.84 -35.82
C ALA F 874 95.42 -50.74 -37.26
N ALA F 875 94.51 -50.69 -38.24
CA ALA F 875 94.92 -50.67 -39.63
C ALA F 875 95.68 -49.39 -39.98
N VAL F 876 95.23 -48.24 -39.46
CA VAL F 876 95.91 -46.99 -39.81
C VAL F 876 97.30 -46.95 -39.18
N LEU F 877 97.50 -47.64 -38.06
CA LEU F 877 98.84 -47.72 -37.48
C LEU F 877 99.75 -48.60 -38.32
N SER F 878 99.22 -49.72 -38.83
CA SER F 878 100.04 -50.64 -39.63
C SER F 878 100.56 -49.98 -40.91
N TYR F 879 100.00 -48.85 -41.32
CA TYR F 879 100.52 -48.06 -42.41
C TYR F 879 101.42 -46.91 -41.93
N ALA F 880 101.05 -46.26 -40.83
CA ALA F 880 101.82 -45.11 -40.36
C ALA F 880 103.11 -45.55 -39.69
N LEU F 881 103.06 -46.61 -38.88
CA LEU F 881 104.25 -47.06 -38.17
C LEU F 881 105.27 -47.69 -39.12
N THR F 882 104.81 -48.22 -40.24
CA THR F 882 105.65 -49.00 -41.14
C THR F 882 106.04 -48.27 -42.41
N ASP F 883 105.36 -47.18 -42.74
CA ASP F 883 105.54 -46.46 -44.01
C ASP F 883 105.20 -47.34 -45.21
N TYR F 884 104.30 -48.31 -45.01
CA TYR F 884 103.77 -49.06 -46.14
C TYR F 884 102.94 -48.13 -47.02
N ASP F 885 103.15 -48.23 -48.33
CA ASP F 885 102.38 -47.47 -49.29
C ASP F 885 101.11 -48.22 -49.68
N GLY F 886 100.01 -47.49 -49.80
CA GLY F 886 98.73 -48.09 -50.14
C GLY F 886 98.40 -48.03 -51.61
N TRP F 887 98.77 -49.07 -52.35
CA TRP F 887 98.45 -49.15 -53.76
C TRP F 887 97.04 -49.70 -53.96
N LEU F 888 96.46 -49.38 -55.12
CA LEU F 888 95.10 -49.81 -55.45
C LEU F 888 95.05 -50.18 -56.94
N SER F 889 94.95 -51.47 -57.22
CA SER F 889 94.87 -51.95 -58.59
C SER F 889 93.41 -52.10 -59.01
N SER F 890 93.16 -51.96 -60.31
CA SER F 890 91.82 -51.93 -60.85
C SER F 890 91.48 -53.27 -61.49
N ALA F 891 90.26 -53.75 -61.23
CA ALA F 891 89.77 -54.99 -61.82
C ALA F 891 88.37 -54.78 -62.36
N GLY F 892 88.04 -55.54 -63.38
CA GLY F 892 86.75 -55.41 -64.03
C GLY F 892 86.77 -54.41 -65.17
N TYR F 893 86.74 -53.12 -64.85
CA TYR F 893 86.64 -52.08 -65.87
C TYR F 893 87.52 -50.90 -65.52
N ILE F 894 88.20 -50.37 -66.53
CA ILE F 894 88.88 -49.08 -66.45
C ILE F 894 88.08 -48.11 -67.30
N GLY F 895 87.36 -47.22 -66.65
CA GLY F 895 86.40 -46.39 -67.34
C GLY F 895 85.24 -47.25 -67.82
N PRO F 896 84.25 -46.63 -68.45
CA PRO F 896 83.08 -47.39 -68.91
C PRO F 896 83.37 -48.36 -70.03
N ASN F 897 84.44 -48.14 -70.81
CA ASN F 897 84.62 -48.84 -72.07
C ASN F 897 85.72 -49.88 -72.09
N ALA F 898 86.71 -49.79 -71.21
CA ALA F 898 87.90 -50.66 -71.27
C ALA F 898 87.74 -51.78 -70.26
N ARG F 899 87.07 -52.86 -70.68
CA ARG F 899 87.00 -54.06 -69.86
C ARG F 899 88.37 -54.72 -69.78
N VAL F 900 88.79 -55.08 -68.56
CA VAL F 900 90.12 -55.64 -68.36
C VAL F 900 90.05 -56.89 -67.49
N ASP F 901 88.89 -57.14 -66.88
CA ASP F 901 88.72 -58.27 -65.95
C ASP F 901 89.84 -58.29 -64.91
N HIS F 902 90.58 -59.40 -64.84
CA HIS F 902 91.69 -59.51 -63.91
C HIS F 902 93.04 -59.48 -64.63
N ASP F 903 93.09 -58.91 -65.84
CA ASP F 903 94.36 -58.87 -66.55
C ASP F 903 95.38 -58.00 -65.83
N ILE F 904 94.92 -57.03 -65.06
CA ILE F 904 95.82 -56.15 -64.32
C ILE F 904 96.12 -56.70 -62.94
N SER F 905 95.14 -57.35 -62.31
CA SER F 905 95.39 -58.05 -61.06
C SER F 905 96.54 -59.03 -61.20
N MET F 906 96.61 -59.73 -62.34
CA MET F 906 97.71 -60.66 -62.58
C MET F 906 99.02 -59.94 -62.84
N LEU F 907 98.96 -58.70 -63.34
CA LEU F 907 100.18 -57.97 -63.67
C LEU F 907 100.83 -57.31 -62.46
N ILE F 908 100.05 -57.04 -61.40
CA ILE F 908 100.59 -56.28 -60.26
C ILE F 908 101.77 -56.98 -59.59
N PRO F 909 101.71 -58.27 -59.25
CA PRO F 909 102.89 -58.91 -58.65
C PRO F 909 104.09 -58.95 -59.60
N GLU F 910 103.86 -59.18 -60.89
CA GLU F 910 104.97 -59.17 -61.85
C GLU F 910 105.60 -57.78 -61.94
N LEU F 911 104.77 -56.74 -61.96
CA LEU F 911 105.29 -55.38 -61.99
C LEU F 911 106.12 -55.07 -60.77
N PHE F 912 105.56 -55.28 -59.57
CA PHE F 912 106.24 -54.89 -58.35
C PHE F 912 107.45 -55.76 -58.04
N SER F 913 107.46 -57.01 -58.51
CA SER F 913 108.60 -57.89 -58.25
C SER F 913 109.82 -57.49 -59.07
N HIS F 914 109.62 -56.86 -60.23
CA HIS F 914 110.71 -56.34 -61.03
C HIS F 914 111.08 -54.90 -60.66
N MET F 915 110.70 -54.46 -59.47
CA MET F 915 111.02 -53.12 -59.00
C MET F 915 111.69 -53.23 -57.64
N GLY F 916 112.86 -52.61 -57.51
CA GLY F 916 113.59 -52.61 -56.26
C GLY F 916 112.93 -51.75 -55.21
N PRO F 917 113.44 -51.81 -53.98
CA PRO F 917 112.87 -50.97 -52.91
C PRO F 917 112.91 -49.48 -53.23
N ASN F 918 113.98 -49.01 -53.87
CA ASN F 918 114.02 -47.62 -54.30
C ASN F 918 113.03 -47.34 -55.41
N ASP F 919 112.80 -48.31 -56.31
CA ASP F 919 111.85 -48.12 -57.40
C ASP F 919 110.43 -47.91 -56.87
N ARG F 920 110.02 -48.72 -55.89
CA ARG F 920 108.67 -48.63 -55.36
C ARG F 920 108.50 -47.51 -54.35
N ASN F 921 109.56 -46.74 -54.09
CA ASN F 921 109.46 -45.57 -53.20
C ASN F 921 108.52 -44.54 -53.80
N THR F 922 107.39 -44.30 -53.14
CA THR F 922 106.35 -43.47 -53.74
C THR F 922 106.75 -42.00 -53.78
N LYS F 923 107.46 -41.51 -52.76
CA LYS F 923 107.89 -40.12 -52.77
C LYS F 923 108.86 -39.85 -53.92
N ARG F 924 109.68 -40.83 -54.28
CA ARG F 924 110.54 -40.69 -55.46
C ARG F 924 109.73 -40.81 -56.74
N LEU F 925 108.77 -41.74 -56.78
CA LEU F 925 107.91 -41.88 -57.96
C LEU F 925 107.09 -40.61 -58.20
N ILE F 926 106.65 -39.95 -57.13
CA ILE F 926 105.89 -38.72 -57.28
C ILE F 926 106.78 -37.58 -57.74
N SER F 927 107.98 -37.46 -57.14
CA SER F 927 108.85 -36.34 -57.47
C SER F 927 109.43 -36.47 -58.87
N GLU F 928 109.74 -37.68 -59.30
CA GLU F 928 110.33 -37.90 -60.62
C GLU F 928 109.30 -38.02 -61.73
N GLY F 929 108.02 -37.86 -61.41
CA GLY F 929 107.00 -37.78 -62.44
C GLY F 929 106.44 -39.09 -62.94
N TYR F 930 106.46 -40.13 -62.12
CA TYR F 930 105.85 -41.42 -62.49
C TYR F 930 104.44 -41.57 -61.98
N LEU F 931 104.01 -40.74 -61.04
CA LEU F 931 102.65 -40.77 -60.49
C LEU F 931 102.08 -39.36 -60.57
N GLU F 932 101.06 -39.17 -61.39
CA GLU F 932 100.41 -37.88 -61.48
C GLU F 932 99.30 -37.79 -60.44
N LYS F 933 99.16 -36.62 -59.82
CA LYS F 933 98.19 -36.42 -58.76
C LYS F 933 96.82 -36.14 -59.34
N MET F 934 95.80 -36.84 -58.84
CA MET F 934 94.43 -36.56 -59.25
C MET F 934 94.02 -35.17 -58.76
N GLN F 935 93.47 -34.37 -59.66
CA GLN F 935 93.11 -33.00 -59.37
C GLN F 935 91.60 -32.81 -59.51
N ASP F 936 91.07 -31.89 -58.71
CA ASP F 936 89.66 -31.54 -58.81
C ASP F 936 89.42 -30.70 -60.06
N PHE F 937 88.29 -30.93 -60.72
CA PHE F 937 87.92 -30.19 -61.91
C PHE F 937 86.45 -29.83 -61.83
N ASP F 938 86.02 -28.93 -62.70
CA ASP F 938 84.64 -28.47 -62.75
C ASP F 938 83.88 -29.22 -63.84
N PHE F 939 82.58 -29.41 -63.58
CA PHE F 939 81.73 -30.12 -64.54
C PHE F 939 80.27 -29.83 -64.18
N ASP F 940 79.58 -29.11 -65.07
CA ASP F 940 78.17 -28.75 -64.88
C ASP F 940 77.98 -27.97 -63.57
N GLY F 941 78.77 -26.91 -63.40
CA GLY F 941 78.70 -26.07 -62.23
C GLY F 941 79.03 -26.74 -60.92
N HIS F 942 79.45 -28.00 -60.94
CA HIS F 942 79.77 -28.77 -59.75
C HIS F 942 81.26 -29.04 -59.69
N ARG F 943 81.84 -29.00 -58.50
CA ARG F 943 83.27 -29.24 -58.32
C ARG F 943 83.49 -30.73 -58.07
N VAL F 944 83.99 -31.43 -59.08
CA VAL F 944 84.24 -32.86 -58.98
C VAL F 944 85.48 -33.09 -58.13
N LEU F 945 85.31 -33.81 -57.02
CA LEU F 945 86.40 -34.04 -56.06
C LEU F 945 87.24 -35.25 -56.46
N ALA F 946 87.83 -35.16 -57.66
CA ALA F 946 88.65 -36.25 -58.17
C ALA F 946 89.94 -36.44 -57.39
N SER F 947 90.35 -35.47 -56.56
CA SER F 947 91.58 -35.60 -55.80
C SER F 947 91.51 -36.68 -54.72
N ARG F 948 90.30 -37.12 -54.36
CA ARG F 948 90.14 -38.19 -53.38
C ARG F 948 90.63 -39.53 -53.89
N LEU F 949 91.07 -39.63 -55.14
CA LEU F 949 91.63 -40.85 -55.69
C LEU F 949 93.15 -40.89 -55.61
N GLY F 950 93.77 -39.89 -54.99
CA GLY F 950 95.21 -39.94 -54.75
C GLY F 950 96.02 -39.71 -56.01
N TYR F 951 96.96 -40.61 -56.27
CA TYR F 951 97.81 -40.56 -57.44
C TYR F 951 97.55 -41.77 -58.32
N ARG F 952 97.91 -41.65 -59.60
CA ARG F 952 97.75 -42.74 -60.54
C ARG F 952 98.98 -42.81 -61.43
N ILE F 953 99.19 -43.98 -62.04
CA ILE F 953 100.34 -44.17 -62.91
C ILE F 953 100.07 -43.47 -64.25
N ASN F 954 101.14 -43.01 -64.90
CA ASN F 954 101.05 -42.36 -66.19
C ASN F 954 101.88 -43.14 -67.21
N ASP F 955 102.07 -42.54 -68.39
CA ASP F 955 102.83 -43.21 -69.44
C ASP F 955 104.30 -43.36 -69.06
N ARG F 956 104.84 -42.46 -68.24
CA ARG F 956 106.22 -42.61 -67.80
C ARG F 956 106.37 -43.82 -66.89
N PHE F 957 105.37 -44.09 -66.05
CA PHE F 957 105.42 -45.28 -65.20
C PHE F 957 105.33 -46.55 -66.04
N VAL F 958 104.42 -46.56 -67.02
CA VAL F 958 104.22 -47.76 -67.84
C VAL F 958 105.46 -48.03 -68.70
N THR F 959 106.02 -47.00 -69.33
CA THR F 959 107.17 -47.20 -70.20
C THR F 959 108.36 -47.74 -69.44
N HIS F 960 108.66 -47.17 -68.27
CA HIS F 960 109.85 -47.58 -67.55
C HIS F 960 109.66 -48.90 -66.81
N TYR F 961 108.49 -49.08 -66.18
CA TYR F 961 108.32 -50.21 -65.28
C TYR F 961 107.54 -51.37 -65.89
N PHE F 962 106.47 -51.10 -66.66
CA PHE F 962 105.90 -52.17 -67.45
C PHE F 962 106.79 -52.56 -68.63
N GLY F 963 107.79 -51.74 -68.95
CA GLY F 963 108.79 -52.12 -69.93
C GLY F 963 109.71 -53.22 -69.49
N ARG F 964 109.69 -53.58 -68.21
CA ARG F 964 110.45 -54.72 -67.72
C ARG F 964 109.70 -56.04 -67.90
N ILE F 965 108.46 -55.98 -68.36
CA ILE F 965 107.68 -57.16 -68.68
C ILE F 965 107.40 -57.24 -70.18
N PHE F 966 106.84 -56.17 -70.75
CA PHE F 966 106.38 -56.18 -72.13
C PHE F 966 107.43 -55.59 -73.06
N LEU F 967 107.45 -56.12 -74.28
CA LEU F 967 108.40 -55.65 -75.28
C LEU F 967 108.07 -54.24 -75.76
N HIS F 968 106.78 -53.90 -75.84
CA HIS F 968 106.32 -52.60 -76.30
C HIS F 968 105.37 -52.02 -75.25
N PRO F 969 105.91 -51.53 -74.14
CA PRO F 969 105.03 -51.07 -73.05
C PRO F 969 104.22 -49.83 -73.39
N ASP F 970 104.66 -49.01 -74.35
CA ASP F 970 103.94 -47.79 -74.67
C ASP F 970 102.58 -48.06 -75.30
N VAL F 971 102.35 -49.29 -75.78
CA VAL F 971 101.08 -49.65 -76.41
C VAL F 971 100.17 -50.45 -75.46
N VAL F 972 100.69 -50.95 -74.35
CA VAL F 972 99.91 -51.77 -73.43
C VAL F 972 98.65 -51.02 -72.98
N PHE F 973 98.82 -49.82 -72.45
CA PHE F 973 97.71 -49.00 -71.97
C PHE F 973 97.55 -47.81 -72.90
N SER F 974 96.40 -47.73 -73.57
CA SER F 974 96.09 -46.56 -74.38
C SER F 974 95.87 -45.34 -73.48
N GLU F 975 95.80 -44.16 -74.11
CA GLU F 975 95.56 -42.94 -73.36
C GLU F 975 94.24 -43.01 -72.62
N GLU F 976 93.20 -43.58 -73.25
CA GLU F 976 91.91 -43.73 -72.58
C GLU F 976 91.98 -44.59 -71.34
N MET F 977 92.99 -45.46 -71.22
CA MET F 977 93.07 -46.35 -70.08
C MET F 977 93.88 -45.76 -68.93
N LEU F 978 94.94 -45.01 -69.24
CA LEU F 978 95.69 -44.33 -68.19
C LEU F 978 94.94 -43.11 -67.67
N ARG F 979 94.12 -42.49 -68.51
CA ARG F 979 93.28 -41.35 -68.12
C ARG F 979 91.85 -41.68 -68.51
N PRO F 980 91.13 -42.44 -67.67
CA PRO F 980 89.78 -42.89 -68.06
C PRO F 980 88.79 -41.77 -68.24
N GLU F 981 89.07 -40.57 -67.73
CA GLU F 981 88.17 -39.43 -67.95
C GLU F 981 88.08 -39.05 -69.43
N LEU F 982 88.98 -39.55 -70.27
CA LEU F 982 88.92 -39.32 -71.70
C LEU F 982 87.93 -40.24 -72.40
N GLN F 983 87.41 -41.26 -71.71
CA GLN F 983 86.39 -42.12 -72.29
C GLN F 983 85.02 -41.46 -72.24
N ASP F 984 84.73 -40.76 -71.14
CA ASP F 984 83.46 -40.07 -70.94
C ASP F 984 83.57 -39.14 -69.74
N GLU F 985 83.56 -37.83 -69.97
CA GLU F 985 83.72 -36.90 -68.86
C GLU F 985 82.53 -36.92 -67.91
N LYS F 986 81.35 -37.28 -68.40
CA LYS F 986 80.18 -37.35 -67.52
C LYS F 986 80.25 -38.57 -66.62
N ILE F 987 80.45 -39.75 -67.21
CA ILE F 987 80.50 -40.98 -66.42
C ILE F 987 81.64 -40.90 -65.40
N PHE F 988 82.77 -40.28 -65.79
CA PHE F 988 83.88 -40.12 -64.86
C PHE F 988 83.50 -39.20 -63.71
N ALA F 989 82.80 -38.10 -63.99
CA ALA F 989 82.30 -37.24 -62.92
C ALA F 989 81.21 -37.93 -62.12
N ASP F 990 80.33 -38.68 -62.79
CA ASP F 990 79.31 -39.44 -62.08
C ASP F 990 79.93 -40.45 -61.12
N SER F 991 81.02 -41.09 -61.54
CA SER F 991 81.70 -42.06 -60.68
C SER F 991 82.25 -41.39 -59.42
N ILE F 992 82.91 -40.24 -59.59
CA ILE F 992 83.48 -39.54 -58.44
C ILE F 992 82.37 -39.10 -57.49
N ASP F 993 81.23 -38.68 -58.02
CA ASP F 993 80.12 -38.29 -57.17
C ASP F 993 79.53 -39.49 -56.45
N VAL F 994 79.44 -40.63 -57.13
CA VAL F 994 79.03 -41.87 -56.47
C VAL F 994 79.99 -42.20 -55.34
N ILE F 995 81.29 -41.92 -55.54
CA ILE F 995 82.28 -42.17 -54.50
C ILE F 995 82.08 -41.21 -53.34
N VAL F 996 81.91 -39.91 -53.64
CA VAL F 996 81.79 -38.91 -52.60
C VAL F 996 80.53 -39.15 -51.76
N LYS F 997 79.41 -39.45 -52.42
CA LYS F 997 78.18 -39.72 -51.69
C LYS F 997 78.31 -40.98 -50.84
N THR F 998 78.92 -42.02 -51.39
CA THR F 998 79.14 -43.23 -50.60
C THR F 998 80.10 -42.99 -49.44
N HIS F 999 81.08 -42.12 -49.65
CA HIS F 999 81.94 -41.70 -48.54
C HIS F 999 81.12 -41.06 -47.43
N GLN F 1000 80.10 -40.28 -47.79
CA GLN F 1000 79.27 -39.66 -46.78
C GLN F 1000 78.32 -40.65 -46.13
N ARG F 1001 77.70 -41.53 -46.92
CA ARG F 1001 76.72 -42.46 -46.36
C ARG F 1001 77.37 -43.42 -45.35
N VAL F 1002 78.53 -43.97 -45.71
CA VAL F 1002 79.18 -44.93 -44.81
C VAL F 1002 79.72 -44.22 -43.58
N ALA F 1003 80.35 -43.06 -43.76
CA ALA F 1003 80.90 -42.34 -42.62
C ALA F 1003 79.82 -41.90 -41.65
N GLN F 1004 78.64 -41.55 -42.16
CA GLN F 1004 77.54 -41.16 -41.29
C GLN F 1004 77.14 -42.30 -40.36
N MET F 1005 77.33 -43.55 -40.79
CA MET F 1005 77.02 -44.68 -39.94
C MET F 1005 77.84 -44.68 -38.66
N TYR F 1006 79.09 -44.20 -38.72
CA TYR F 1006 79.94 -44.15 -37.53
C TYR F 1006 79.46 -43.11 -36.53
N PHE F 1007 78.67 -42.13 -36.98
CA PHE F 1007 78.08 -41.16 -36.07
C PHE F 1007 76.73 -41.61 -35.54
N ASP F 1008 75.95 -42.34 -36.36
CA ASP F 1008 74.64 -42.79 -35.91
C ASP F 1008 74.74 -43.85 -34.82
N ASP F 1009 75.72 -44.75 -34.90
CA ASP F 1009 75.92 -45.76 -33.88
C ASP F 1009 76.84 -45.30 -32.76
N GLY F 1010 77.39 -44.08 -32.87
CA GLY F 1010 78.23 -43.52 -31.83
C GLY F 1010 79.63 -44.07 -31.73
N THR F 1011 79.99 -45.05 -32.55
CA THR F 1011 81.31 -45.66 -32.42
C THR F 1011 82.43 -44.72 -32.86
N VAL F 1012 82.11 -43.59 -33.50
CA VAL F 1012 83.13 -42.63 -33.89
C VAL F 1012 83.87 -42.08 -32.67
N SER F 1013 83.24 -42.10 -31.49
CA SER F 1013 83.92 -41.68 -30.28
C SER F 1013 85.12 -42.58 -29.98
N LEU F 1014 85.04 -43.85 -30.37
CA LEU F 1014 86.11 -44.80 -30.12
C LEU F 1014 87.17 -44.80 -31.22
N ALA F 1015 87.17 -43.78 -32.06
CA ALA F 1015 88.12 -43.68 -33.17
C ALA F 1015 89.28 -42.76 -32.79
N CYS F 1016 90.50 -43.17 -33.18
CA CYS F 1016 91.67 -42.36 -32.93
C CYS F 1016 91.57 -41.04 -33.70
N PRO F 1017 92.34 -40.03 -33.29
CA PRO F 1017 92.20 -38.69 -33.90
C PRO F 1017 92.32 -38.72 -35.42
N PRO F 1018 93.24 -39.50 -36.01
CA PRO F 1018 93.23 -39.59 -37.49
C PRO F 1018 91.92 -40.12 -38.05
N ILE F 1019 91.40 -41.21 -37.50
CA ILE F 1019 90.15 -41.78 -38.02
C ILE F 1019 88.97 -40.89 -37.67
N ARG F 1020 88.97 -40.36 -36.44
CA ARG F 1020 87.88 -39.47 -36.01
C ARG F 1020 87.74 -38.29 -36.95
N ALA F 1021 88.85 -37.61 -37.26
CA ALA F 1021 88.79 -36.44 -38.14
C ALA F 1021 88.45 -36.84 -39.56
N LEU F 1022 88.98 -37.98 -40.02
CA LEU F 1022 88.68 -38.43 -41.38
C LEU F 1022 87.20 -38.72 -41.55
N LEU F 1023 86.57 -39.32 -40.55
CA LEU F 1023 85.13 -39.60 -40.62
C LEU F 1023 84.32 -38.31 -40.65
N GLU F 1024 84.71 -37.33 -39.85
CA GLU F 1024 83.97 -36.06 -39.82
C GLU F 1024 83.99 -35.38 -41.18
N ILE F 1025 85.17 -35.33 -41.82
CA ILE F 1025 85.26 -34.75 -43.14
C ILE F 1025 84.41 -35.53 -44.13
N MET F 1026 84.43 -36.86 -44.04
CA MET F 1026 83.65 -37.69 -44.95
C MET F 1026 82.16 -37.48 -44.77
N ALA F 1027 81.71 -37.39 -43.51
CA ALA F 1027 80.28 -37.34 -43.23
C ALA F 1027 79.72 -35.93 -43.29
N HIS F 1028 80.47 -34.93 -42.81
CA HIS F 1028 79.94 -33.59 -42.61
C HIS F 1028 80.63 -32.52 -43.44
N GLY F 1029 81.67 -32.85 -44.18
CA GLY F 1029 82.39 -31.90 -45.00
C GLY F 1029 83.64 -31.35 -44.37
N ALA F 1030 83.73 -31.35 -43.04
CA ALA F 1030 84.91 -30.87 -42.36
C ALA F 1030 84.93 -31.43 -40.95
N SER F 1031 86.12 -31.46 -40.36
CA SER F 1031 86.28 -31.94 -38.99
C SER F 1031 85.78 -30.89 -38.00
N ALA F 1032 85.78 -31.26 -36.71
CA ALA F 1032 85.40 -30.30 -35.68
C ALA F 1032 86.37 -29.14 -35.61
N GLU F 1033 87.64 -29.39 -35.91
CA GLU F 1033 88.64 -28.32 -35.94
C GLU F 1033 88.47 -27.40 -37.14
N GLY F 1034 87.70 -27.83 -38.15
CA GLY F 1034 87.55 -27.08 -39.38
C GLY F 1034 88.42 -27.57 -40.52
N TRP F 1035 89.07 -28.72 -40.38
CA TRP F 1035 89.96 -29.24 -41.41
C TRP F 1035 89.19 -29.86 -42.55
N THR F 1036 89.74 -29.74 -43.75
CA THR F 1036 89.32 -30.52 -44.91
C THR F 1036 90.41 -31.56 -45.19
N LEU F 1037 90.27 -32.24 -46.33
CA LEU F 1037 91.23 -33.30 -46.66
C LEU F 1037 92.65 -32.76 -46.83
N ASP F 1038 92.78 -31.51 -47.25
CA ASP F 1038 94.08 -30.92 -47.56
C ASP F 1038 94.61 -30.01 -46.46
N SER F 1039 94.00 -30.05 -45.28
CA SER F 1039 94.50 -29.23 -44.18
C SER F 1039 95.80 -29.81 -43.64
N PRO F 1040 96.87 -29.01 -43.51
CA PRO F 1040 98.14 -29.57 -43.03
C PRO F 1040 98.03 -30.18 -41.64
N GLU F 1041 97.23 -29.59 -40.76
CA GLU F 1041 97.07 -30.16 -39.42
C GLU F 1041 96.39 -31.53 -39.46
N PHE F 1042 95.52 -31.75 -40.44
CA PHE F 1042 94.83 -33.03 -40.53
C PHE F 1042 95.75 -34.12 -41.10
N ARG F 1043 96.37 -33.85 -42.25
CA ARG F 1043 97.24 -34.84 -42.87
C ARG F 1043 98.46 -35.15 -42.01
N LYS F 1044 98.85 -34.22 -41.12
CA LYS F 1044 99.99 -34.47 -40.26
C LYS F 1044 99.70 -35.57 -39.24
N LEU F 1045 98.41 -35.78 -38.91
CA LEU F 1045 98.04 -36.81 -37.94
C LEU F 1045 98.45 -38.20 -38.40
N PHE F 1046 98.54 -38.42 -39.72
CA PHE F 1046 98.87 -39.72 -40.27
C PHE F 1046 100.36 -39.94 -40.44
N GLU F 1047 101.17 -38.91 -40.27
CA GLU F 1047 102.62 -39.06 -40.43
C GLU F 1047 103.19 -39.92 -39.30
N ARG F 1048 104.33 -40.54 -39.59
CA ARG F 1048 104.94 -41.46 -38.63
C ARG F 1048 105.42 -40.72 -37.38
N GLU F 1049 106.09 -39.58 -37.56
CA GLU F 1049 106.58 -38.82 -36.42
C GLU F 1049 105.45 -38.39 -35.49
N SER F 1050 104.29 -38.08 -36.05
CA SER F 1050 103.17 -37.62 -35.23
C SER F 1050 102.59 -38.77 -34.39
N VAL F 1051 102.33 -39.91 -35.02
CA VAL F 1051 101.71 -41.00 -34.28
C VAL F 1051 102.66 -41.53 -33.21
N LEU F 1052 103.96 -41.48 -33.46
CA LEU F 1052 104.92 -41.93 -32.45
C LEU F 1052 104.94 -40.99 -31.25
N ALA F 1053 104.96 -39.68 -31.50
CA ALA F 1053 104.93 -38.70 -30.43
C ALA F 1053 103.54 -38.48 -29.85
N SER F 1054 102.52 -39.16 -30.37
CA SER F 1054 101.15 -38.89 -29.98
C SER F 1054 100.80 -39.57 -28.66
N ASP F 1055 99.82 -39.00 -27.96
CA ASP F 1055 99.35 -39.58 -26.72
C ASP F 1055 98.49 -40.81 -26.97
N TRP F 1056 97.64 -40.76 -28.00
CA TRP F 1056 96.69 -41.85 -28.23
C TRP F 1056 97.39 -43.14 -28.62
N TYR F 1057 98.54 -43.06 -29.30
CA TYR F 1057 99.31 -44.27 -29.57
C TYR F 1057 99.97 -44.79 -28.31
N ALA F 1058 100.53 -43.89 -27.50
CA ALA F 1058 101.08 -44.31 -26.21
C ALA F 1058 100.00 -44.97 -25.35
N ALA F 1059 98.77 -44.46 -25.43
CA ALA F 1059 97.67 -45.10 -24.71
C ALA F 1059 97.42 -46.51 -25.23
N ARG F 1060 97.64 -46.74 -26.53
CA ARG F 1060 97.49 -48.09 -27.07
C ARG F 1060 98.60 -49.00 -26.58
N LEU F 1061 99.84 -48.50 -26.51
CA LEU F 1061 100.94 -49.31 -26.04
C LEU F 1061 100.82 -49.60 -24.55
N ASP F 1062 100.31 -48.64 -23.77
CA ASP F 1062 100.10 -48.86 -22.35
C ASP F 1062 99.02 -49.90 -22.11
N ALA F 1063 97.91 -49.81 -22.85
CA ALA F 1063 96.84 -50.79 -22.69
C ALA F 1063 97.27 -52.17 -23.13
N LYS F 1064 98.15 -52.26 -24.13
CA LYS F 1064 98.66 -53.56 -24.56
C LYS F 1064 99.52 -54.21 -23.49
N GLN F 1065 100.39 -53.43 -22.85
CA GLN F 1065 101.20 -53.98 -21.76
C GLN F 1065 100.32 -54.43 -20.60
N ALA F 1066 99.29 -53.64 -20.26
CA ALA F 1066 98.41 -54.00 -19.16
C ALA F 1066 97.65 -55.29 -19.44
N GLU F 1067 97.12 -55.43 -20.65
CA GLU F 1067 96.39 -56.65 -21.00
C GLU F 1067 97.31 -57.86 -20.95
N ASP F 1068 98.55 -57.72 -21.41
CA ASP F 1068 99.47 -58.85 -21.42
C ASP F 1068 99.86 -59.27 -20.00
N VAL F 1069 100.20 -58.30 -19.14
CA VAL F 1069 100.46 -58.61 -17.75
C VAL F 1069 99.25 -59.27 -17.10
N LYS F 1070 98.05 -58.76 -17.43
CA LYS F 1070 96.83 -59.31 -16.84
C LYS F 1070 96.63 -60.76 -17.26
N GLN F 1071 96.81 -61.07 -18.55
CA GLN F 1071 96.64 -62.44 -19.03
C GLN F 1071 97.71 -63.37 -18.47
N THR F 1072 98.96 -62.92 -18.45
CA THR F 1072 100.03 -63.75 -17.93
C THR F 1072 99.84 -64.05 -16.44
N GLU F 1073 99.37 -63.06 -15.67
CA GLU F 1073 99.12 -63.28 -14.26
C GLU F 1073 98.03 -64.32 -14.05
N GLU F 1074 96.92 -64.18 -14.78
CA GLU F 1074 95.86 -65.19 -14.70
C GLU F 1074 96.36 -66.56 -15.10
N GLY F 1075 97.32 -66.63 -16.02
CA GLY F 1075 97.91 -67.92 -16.37
C GLY F 1075 98.78 -68.48 -15.27
N VAL F 1076 99.62 -67.64 -14.66
CA VAL F 1076 100.43 -68.08 -13.53
C VAL F 1076 99.56 -68.55 -12.38
N GLU F 1077 98.49 -67.79 -12.08
CA GLU F 1077 97.56 -68.21 -11.04
C GLU F 1077 96.88 -69.53 -11.37
N ARG F 1078 96.60 -69.76 -12.65
CA ARG F 1078 95.94 -71.00 -13.05
C ARG F 1078 96.85 -72.21 -12.85
N LEU F 1079 98.10 -72.11 -13.29
CA LEU F 1079 99.05 -73.22 -13.13
C LEU F 1079 99.39 -73.45 -11.66
N LYS F 1080 99.65 -72.37 -10.91
CA LYS F 1080 99.91 -72.50 -9.48
C LYS F 1080 98.77 -73.26 -8.80
N GLU F 1081 97.53 -72.84 -9.05
CA GLU F 1081 96.38 -73.53 -8.45
C GLU F 1081 96.28 -74.96 -8.94
N TYR F 1082 96.55 -75.19 -10.23
CA TYR F 1082 96.38 -76.53 -10.79
C TYR F 1082 97.45 -77.48 -10.26
N ILE F 1083 98.68 -76.98 -10.06
CA ILE F 1083 99.73 -77.83 -9.51
C ILE F 1083 99.51 -78.10 -8.04
N GLU F 1084 98.94 -77.13 -7.32
CA GLU F 1084 98.71 -77.31 -5.88
C GLU F 1084 97.68 -78.37 -5.58
N ARG F 1085 96.85 -78.74 -6.54
CA ARG F 1085 95.89 -79.81 -6.32
C ARG F 1085 96.63 -81.11 -6.00
N PRO F 1086 96.12 -81.92 -5.06
CA PRO F 1086 96.83 -83.16 -4.70
C PRO F 1086 96.79 -84.22 -5.79
N ASP F 1087 95.82 -84.15 -6.70
CA ASP F 1087 95.66 -85.16 -7.73
C ASP F 1087 96.35 -84.80 -9.04
N SER F 1088 97.13 -83.72 -9.07
CA SER F 1088 97.74 -83.23 -10.29
C SER F 1088 99.20 -83.63 -10.44
N GLY F 1089 99.69 -84.57 -9.62
CA GLY F 1089 101.09 -84.94 -9.71
C GLY F 1089 101.45 -85.59 -11.03
N SER F 1090 100.62 -86.54 -11.47
CA SER F 1090 100.92 -87.28 -12.69
C SER F 1090 100.87 -86.37 -13.92
N VAL F 1091 99.90 -85.46 -13.95
CA VAL F 1091 99.75 -84.60 -15.13
C VAL F 1091 100.79 -83.50 -15.15
N SER F 1092 101.23 -83.03 -13.97
CA SER F 1092 102.31 -82.05 -13.92
C SER F 1092 103.61 -82.67 -14.44
N ALA F 1093 103.93 -83.89 -13.98
CA ALA F 1093 105.13 -84.56 -14.45
C ALA F 1093 105.06 -84.87 -15.94
N ARG F 1094 103.88 -85.22 -16.44
CA ARG F 1094 103.74 -85.57 -17.85
C ARG F 1094 103.84 -84.33 -18.74
N LEU F 1095 103.40 -83.18 -18.26
CA LEU F 1095 103.35 -81.97 -19.05
C LEU F 1095 104.42 -80.95 -18.67
N HIS F 1096 105.24 -81.24 -17.66
CA HIS F 1096 106.29 -80.33 -17.20
C HIS F 1096 105.71 -78.97 -16.83
N LEU F 1097 104.57 -78.98 -16.12
CA LEU F 1097 103.95 -77.74 -15.70
C LEU F 1097 104.88 -76.92 -14.81
N ALA F 1098 105.73 -77.58 -14.03
CA ALA F 1098 106.73 -76.86 -13.24
C ALA F 1098 107.64 -76.05 -14.15
N ASP F 1099 108.15 -76.67 -15.22
CA ASP F 1099 108.96 -75.93 -16.18
C ASP F 1099 108.13 -74.85 -16.89
N ARG F 1100 106.85 -75.11 -17.12
CA ARG F 1100 106.00 -74.15 -17.81
C ARG F 1100 105.66 -72.96 -16.91
N LEU F 1101 105.51 -73.21 -15.60
CA LEU F 1101 105.21 -72.12 -14.68
C LEU F 1101 106.41 -71.20 -14.49
N ARG F 1102 107.63 -71.74 -14.55
CA ARG F 1102 108.81 -70.89 -14.43
C ARG F 1102 108.97 -70.00 -15.66
N GLU F 1103 108.73 -70.54 -16.86
CA GLU F 1103 108.81 -69.72 -18.05
C GLU F 1103 107.73 -68.65 -18.08
N LEU F 1104 106.56 -68.95 -17.49
CA LEU F 1104 105.51 -67.94 -17.38
C LEU F 1104 105.92 -66.82 -16.42
N GLU F 1105 106.42 -67.19 -15.24
CA GLU F 1105 106.87 -66.18 -14.29
C GLU F 1105 108.03 -65.38 -14.83
N ALA F 1106 108.90 -66.01 -15.63
CA ALA F 1106 109.94 -65.25 -16.32
C ALA F 1106 109.35 -64.36 -17.40
N GLN F 1107 108.25 -64.80 -18.03
CA GLN F 1107 107.58 -63.97 -19.01
C GLN F 1107 106.83 -62.82 -18.34
N LEU F 1108 106.24 -63.08 -17.17
CA LEU F 1108 105.54 -62.03 -16.44
C LEU F 1108 106.49 -60.92 -16.03
N THR F 1109 107.69 -61.29 -15.57
CA THR F 1109 108.68 -60.28 -15.18
C THR F 1109 109.05 -59.38 -16.35
N TYR F 1110 109.27 -59.97 -17.53
CA TYR F 1110 109.60 -59.17 -18.71
C TYR F 1110 108.44 -58.28 -19.12
N GLU F 1111 107.24 -58.85 -19.20
CA GLU F 1111 106.06 -58.08 -19.61
C GLU F 1111 105.76 -56.97 -18.62
N ARG F 1112 106.10 -57.16 -17.33
CA ARG F 1112 105.92 -56.09 -16.36
C ARG F 1112 106.98 -55.00 -16.52
N SER F 1113 108.14 -55.35 -17.08
CA SER F 1113 109.29 -54.47 -17.07
C SER F 1113 109.10 -53.28 -18.01
N PRO F 1114 109.90 -52.22 -17.85
CA PRO F 1114 109.86 -51.11 -18.82
C PRO F 1114 110.51 -51.46 -20.15
N GLU F 1115 111.32 -52.52 -20.21
CA GLU F 1115 111.91 -52.90 -21.50
C GLU F 1115 110.84 -53.39 -22.46
N TYR F 1116 109.84 -54.11 -21.94
CA TYR F 1116 108.76 -54.59 -22.80
C TYR F 1116 107.95 -53.42 -23.36
N ARG F 1117 107.60 -52.46 -22.50
CA ARG F 1117 106.92 -51.25 -22.98
C ARG F 1117 107.78 -50.54 -24.01
N ARG F 1118 109.10 -50.55 -23.82
CA ARG F 1118 109.99 -49.89 -24.76
C ARG F 1118 109.97 -50.57 -26.13
N SER F 1119 109.99 -51.91 -26.15
CA SER F 1119 109.99 -52.65 -27.40
C SER F 1119 108.63 -52.66 -28.10
N LEU F 1120 107.58 -52.20 -27.42
CA LEU F 1120 106.27 -52.09 -28.05
C LEU F 1120 106.19 -50.92 -29.03
N VAL F 1121 107.14 -49.99 -28.99
CA VAL F 1121 107.16 -48.89 -29.94
C VAL F 1121 107.39 -49.44 -31.33
N GLY F 1122 106.40 -49.26 -32.21
CA GLY F 1122 106.40 -49.88 -33.52
C GLY F 1122 105.43 -51.01 -33.66
N THR F 1123 104.74 -51.39 -32.59
CA THR F 1123 103.67 -52.38 -32.66
C THR F 1123 102.31 -51.68 -32.62
N LEU F 1124 101.27 -52.42 -32.96
CA LEU F 1124 99.95 -51.84 -33.09
C LEU F 1124 99.29 -51.51 -31.76
N GLY F 1125 99.76 -52.11 -30.66
CA GLY F 1125 99.14 -51.85 -29.38
C GLY F 1125 97.74 -52.43 -29.29
N ARG F 1126 96.97 -51.92 -28.33
CA ARG F 1126 95.63 -52.39 -28.05
C ARG F 1126 94.68 -51.21 -27.96
N GLN F 1127 93.45 -51.43 -28.42
CA GLN F 1127 92.37 -50.46 -28.27
C GLN F 1127 92.27 -50.04 -26.81
N PRO F 1128 92.47 -48.75 -26.49
CA PRO F 1128 92.46 -48.32 -25.09
C PRO F 1128 91.11 -48.54 -24.42
N ARG F 1129 90.07 -47.93 -24.97
CA ARG F 1129 88.71 -48.07 -24.45
C ARG F 1129 87.84 -48.73 -25.50
N PHE F 1130 87.06 -49.73 -25.08
CA PHE F 1130 86.17 -50.44 -25.98
C PHE F 1130 84.75 -49.89 -25.98
N VAL F 1131 84.34 -49.21 -24.92
CA VAL F 1131 83.02 -48.58 -24.88
C VAL F 1131 83.19 -47.09 -24.60
N MET G 1 -41.77 113.65 -28.32
CA MET G 1 -40.74 114.64 -28.63
C MET G 1 -41.25 116.06 -28.42
N SER G 2 -40.33 117.02 -28.42
CA SER G 2 -40.70 118.42 -28.19
C SER G 2 -41.41 118.99 -29.42
N VAL G 3 -41.99 120.18 -29.22
CA VAL G 3 -42.70 120.84 -30.30
C VAL G 3 -41.74 121.29 -31.39
N VAL G 4 -40.56 121.78 -31.01
CA VAL G 4 -39.58 122.23 -32.00
C VAL G 4 -39.01 121.04 -32.76
N GLU G 5 -38.84 119.91 -32.09
CA GLU G 5 -38.36 118.71 -32.77
C GLU G 5 -39.41 118.15 -33.72
N ARG G 6 -40.69 118.26 -33.38
CA ARG G 6 -41.74 117.79 -34.27
C ARG G 6 -41.86 118.68 -35.50
N ARG G 7 -41.62 119.99 -35.35
CA ARG G 7 -41.69 120.89 -36.50
C ARG G 7 -40.48 120.70 -37.41
N GLN G 8 -39.30 120.42 -36.84
CA GLN G 8 -38.12 120.19 -37.66
C GLN G 8 -38.26 118.92 -38.48
N ILE G 9 -38.77 117.84 -37.88
CA ILE G 9 -39.00 116.61 -38.62
C ILE G 9 -39.98 116.86 -39.77
N ASN G 10 -41.08 117.55 -39.49
CA ASN G 10 -42.05 117.84 -40.53
C ASN G 10 -41.45 118.67 -41.65
N ALA G 11 -40.51 119.56 -41.33
CA ALA G 11 -39.80 120.29 -42.37
C ALA G 11 -38.91 119.35 -43.18
N ALA G 12 -38.21 118.44 -42.51
CA ALA G 12 -37.41 117.45 -43.21
C ALA G 12 -38.28 116.55 -44.08
N ILE G 13 -39.49 116.23 -43.61
CA ILE G 13 -40.40 115.41 -44.39
C ILE G 13 -40.93 116.19 -45.58
N ASN G 14 -41.33 117.43 -45.37
CA ASN G 14 -41.93 118.21 -46.46
C ASN G 14 -40.94 118.44 -47.58
N LEU G 15 -39.66 118.64 -47.25
CA LEU G 15 -38.65 118.79 -48.31
C LEU G 15 -38.54 117.52 -49.15
N ARG G 16 -38.55 116.35 -48.50
CA ARG G 16 -38.42 115.11 -49.24
C ARG G 16 -39.71 114.78 -49.99
N LEU G 17 -40.87 115.11 -49.44
CA LEU G 17 -42.12 114.99 -50.18
C LEU G 17 -42.13 115.92 -51.38
N SER G 18 -41.58 117.13 -51.21
CA SER G 18 -41.53 118.10 -52.30
C SER G 18 -40.52 117.69 -53.37
N LEU G 19 -39.48 116.96 -52.98
CA LEU G 19 -38.50 116.49 -53.97
C LEU G 19 -39.15 115.54 -54.97
N LEU G 20 -39.99 114.63 -54.48
CA LEU G 20 -40.66 113.66 -55.34
C LEU G 20 -41.93 114.21 -55.98
N GLY G 21 -42.22 115.49 -55.81
CA GLY G 21 -43.41 116.06 -56.40
C GLY G 21 -44.71 115.63 -55.78
N LEU G 22 -44.67 115.09 -54.57
CA LEU G 22 -45.83 114.63 -53.83
C LEU G 22 -46.47 115.76 -53.04
N PRO G 23 -47.77 115.69 -52.79
CA PRO G 23 -48.41 116.73 -51.98
C PRO G 23 -47.95 116.68 -50.53
N HIS G 24 -47.87 117.85 -49.91
CA HIS G 24 -47.44 117.97 -48.52
C HIS G 24 -48.15 119.17 -47.91
N PRO G 25 -48.26 119.22 -46.57
CA PRO G 25 -49.02 120.30 -45.93
C PRO G 25 -48.44 121.71 -46.12
N ASP G 33 -37.04 128.75 -46.09
CA ASP G 33 -38.13 129.14 -46.99
C ASP G 33 -38.20 128.24 -48.21
N ALA G 34 -39.39 128.14 -48.79
CA ALA G 34 -39.60 127.27 -49.95
C ALA G 34 -39.01 127.88 -51.21
N ILE G 35 -39.04 129.20 -51.34
CA ILE G 35 -38.51 129.85 -52.53
C ILE G 35 -36.99 129.69 -52.62
N LEU G 36 -36.35 129.31 -51.52
CA LEU G 36 -34.89 129.17 -51.48
C LEU G 36 -34.42 127.78 -51.88
N VAL G 37 -35.16 126.74 -51.50
CA VAL G 37 -34.77 125.38 -51.83
C VAL G 37 -35.37 124.88 -53.13
N GLU G 38 -36.45 125.51 -53.61
CA GLU G 38 -37.11 125.01 -54.81
C GLU G 38 -36.22 124.95 -56.04
N PRO G 39 -35.32 125.92 -56.30
CA PRO G 39 -34.37 125.73 -57.40
C PRO G 39 -33.52 124.48 -57.24
N LEU G 40 -33.07 124.18 -56.02
CA LEU G 40 -32.28 122.97 -55.80
C LEU G 40 -33.13 121.72 -55.96
N LEU G 41 -34.41 121.79 -55.59
CA LEU G 41 -35.29 120.64 -55.79
C LEU G 41 -35.56 120.41 -57.27
N ALA G 42 -35.73 121.49 -58.04
CA ALA G 42 -35.98 121.34 -59.47
C ALA G 42 -34.80 120.71 -60.18
N ARG G 43 -33.58 121.05 -59.77
CA ARG G 43 -32.41 120.49 -60.46
C ARG G 43 -32.20 119.03 -60.10
N GLN G 44 -32.62 118.61 -58.91
CA GLN G 44 -32.41 117.21 -58.52
C GLN G 44 -33.31 116.28 -59.31
N ARG G 45 -34.57 116.69 -59.55
CA ARG G 45 -35.43 115.89 -60.41
C ARG G 45 -34.84 115.75 -61.80
N GLU G 46 -34.18 116.81 -62.30
CA GLU G 46 -33.60 116.75 -63.63
C GLU G 46 -32.34 115.89 -63.64
N LEU G 47 -31.50 116.02 -62.61
CA LEU G 47 -30.34 115.13 -62.49
C LEU G 47 -30.77 113.67 -62.42
N SER G 48 -31.85 113.39 -61.69
CA SER G 48 -32.38 112.03 -61.62
C SER G 48 -32.84 111.56 -63.00
N ARG G 49 -33.53 112.42 -63.73
CA ARG G 49 -33.96 112.05 -65.08
C ARG G 49 -32.76 111.80 -65.99
N ARG G 50 -31.71 112.61 -65.84
CA ARG G 50 -30.52 112.43 -66.67
C ARG G 50 -29.71 111.20 -66.27
N LEU G 51 -29.84 110.75 -65.03
CA LEU G 51 -29.17 109.54 -64.56
C LEU G 51 -30.00 108.28 -64.77
N LYS G 52 -31.14 108.39 -65.49
CA LYS G 52 -32.02 107.28 -65.81
C LYS G 52 -32.70 106.70 -64.56
N ASP G 53 -32.89 107.52 -63.54
CA ASP G 53 -33.47 107.07 -62.27
C ASP G 53 -32.77 105.82 -61.74
N ARG G 54 -31.44 105.86 -61.79
CA ARG G 54 -30.63 104.70 -61.48
C ARG G 54 -30.81 104.29 -60.01
N LEU G 55 -30.40 103.06 -59.71
CA LEU G 55 -30.48 102.51 -58.37
C LEU G 55 -29.22 102.84 -57.59
N SER G 56 -29.37 102.93 -56.26
CA SER G 56 -28.22 103.12 -55.40
C SER G 56 -27.39 101.85 -55.36
N ALA G 57 -26.21 101.95 -54.75
CA ALA G 57 -25.30 100.80 -54.73
C ALA G 57 -25.90 99.59 -54.04
N PRO G 58 -26.57 99.68 -52.89
CA PRO G 58 -27.25 98.49 -52.36
C PRO G 58 -28.34 97.96 -53.27
N ASP G 59 -29.09 98.84 -53.94
CA ASP G 59 -30.15 98.38 -54.82
C ASP G 59 -29.59 97.73 -56.09
N LEU G 60 -28.42 98.19 -56.56
CA LEU G 60 -27.80 97.55 -57.71
C LEU G 60 -27.37 96.13 -57.38
N ARG G 61 -26.86 95.89 -56.16
CA ARG G 61 -26.48 94.55 -55.77
C ARG G 61 -27.71 93.64 -55.64
N ILE G 62 -28.80 94.17 -55.09
CA ILE G 62 -30.05 93.42 -55.01
C ILE G 62 -30.58 93.14 -56.41
N GLN G 63 -30.54 94.15 -57.29
CA GLN G 63 -31.14 94.00 -58.61
C GLN G 63 -30.33 93.05 -59.49
N ARG G 64 -28.99 93.10 -59.40
CA ARG G 64 -28.17 92.18 -60.17
C ARG G 64 -28.46 90.74 -59.78
N PHE G 65 -28.62 90.48 -58.48
CA PHE G 65 -28.94 89.14 -58.03
C PHE G 65 -30.27 88.68 -58.62
N LEU G 66 -31.32 89.51 -58.48
CA LEU G 66 -32.64 89.12 -58.96
C LEU G 66 -32.64 88.85 -60.45
N ASP G 67 -32.02 89.75 -61.22
CA ASP G 67 -31.96 89.56 -62.68
C ASP G 67 -31.23 88.27 -63.03
N ASP G 68 -30.21 87.91 -62.25
CA ASP G 68 -29.43 86.71 -62.49
C ASP G 68 -30.05 85.48 -61.86
N TYR G 69 -30.65 85.62 -60.68
CA TYR G 69 -31.28 84.48 -60.02
C TYR G 69 -32.54 84.04 -60.76
N LEU G 70 -33.31 84.99 -61.28
CA LEU G 70 -34.55 84.70 -61.98
C LEU G 70 -34.42 84.85 -63.49
N ALA G 71 -33.21 84.70 -64.03
CA ALA G 71 -32.98 84.90 -65.45
C ALA G 71 -33.66 83.84 -66.32
N ASP G 72 -34.24 82.81 -65.72
CA ASP G 72 -34.89 81.73 -66.46
C ASP G 72 -36.37 81.61 -66.09
N CYS G 73 -36.99 82.72 -65.69
CA CYS G 73 -38.38 82.73 -65.24
C CYS G 73 -39.24 83.55 -66.20
N ASP G 74 -40.55 83.49 -65.98
CA ASP G 74 -41.48 84.31 -66.75
C ASP G 74 -41.24 85.79 -66.49
N GLU G 75 -41.24 86.19 -65.23
CA GLU G 75 -41.06 87.57 -64.82
C GLU G 75 -39.61 87.82 -64.41
N HIS G 76 -39.20 89.07 -64.50
CA HIS G 76 -37.91 89.53 -64.02
C HIS G 76 -38.14 90.80 -63.21
N PRO G 77 -38.52 90.67 -61.94
CA PRO G 77 -38.99 91.84 -61.17
C PRO G 77 -37.90 92.90 -61.02
N GLN G 78 -38.34 94.15 -61.00
CA GLN G 78 -37.44 95.30 -60.86
C GLN G 78 -37.82 96.06 -59.60
N LEU G 79 -36.82 96.44 -58.81
CA LEU G 79 -37.06 97.26 -57.64
C LEU G 79 -37.61 98.61 -58.07
N PRO G 80 -38.40 99.27 -57.21
CA PRO G 80 -38.87 100.62 -57.53
C PRO G 80 -37.71 101.59 -57.67
N ARG G 81 -37.65 102.26 -58.83
CA ARG G 81 -36.55 103.16 -59.11
C ARG G 81 -36.66 104.46 -58.30
N THR G 82 -37.88 104.91 -58.02
CA THR G 82 -38.12 106.13 -57.27
C THR G 82 -38.75 105.76 -55.93
N THR G 83 -38.06 106.11 -54.85
CA THR G 83 -38.58 105.85 -53.50
C THR G 83 -38.35 107.09 -52.64
N LEU G 84 -39.17 107.20 -51.60
CA LEU G 84 -38.95 108.20 -50.56
C LEU G 84 -37.86 107.67 -49.64
N VAL G 85 -36.66 108.22 -49.78
CA VAL G 85 -35.50 107.73 -49.03
C VAL G 85 -35.54 108.32 -47.64
N LEU G 86 -35.63 107.45 -46.63
CA LEU G 86 -35.54 107.86 -45.23
C LEU G 86 -34.07 107.82 -44.82
N ASP G 87 -33.35 108.89 -45.15
CA ASP G 87 -31.92 108.97 -44.89
C ASP G 87 -31.58 109.52 -43.52
N GLU G 88 -32.58 109.95 -42.75
CA GLU G 88 -32.38 110.50 -41.43
C GLU G 88 -33.26 109.77 -40.43
N PRO G 89 -32.78 109.54 -39.20
CA PRO G 89 -33.64 108.93 -38.19
C PRO G 89 -34.74 109.88 -37.75
N GLY G 90 -35.91 109.33 -37.46
CA GLY G 90 -37.05 110.11 -37.01
C GLY G 90 -38.04 110.44 -38.11
N LEU G 91 -37.65 110.34 -39.37
CA LEU G 91 -38.58 110.62 -40.47
C LEU G 91 -39.71 109.61 -40.48
N ALA G 92 -39.40 108.33 -40.26
CA ALA G 92 -40.43 107.30 -40.30
C ALA G 92 -41.46 107.51 -39.20
N ARG G 93 -41.03 107.99 -38.04
CA ARG G 93 -41.98 108.29 -36.97
C ARG G 93 -42.90 109.44 -37.38
N GLY G 94 -42.35 110.47 -38.02
CA GLY G 94 -43.17 111.58 -38.45
C GLY G 94 -44.16 111.21 -39.54
N LEU G 95 -43.73 110.40 -40.51
CA LEU G 95 -44.59 110.00 -41.61
C LEU G 95 -45.63 108.95 -41.22
N SER G 96 -45.48 108.29 -40.06
CA SER G 96 -46.37 107.21 -39.69
C SER G 96 -47.68 107.67 -39.07
N LEU G 97 -47.79 108.95 -38.73
CA LEU G 97 -49.00 109.55 -38.20
C LEU G 97 -49.33 110.79 -39.02
N PRO G 98 -50.61 111.19 -39.06
CA PRO G 98 -50.96 112.43 -39.77
C PRO G 98 -50.24 113.62 -39.17
N VAL G 99 -49.84 114.55 -40.03
CA VAL G 99 -49.19 115.77 -39.57
C VAL G 99 -50.12 116.59 -38.68
N ASP G 100 -51.44 116.41 -38.85
CA ASP G 100 -52.43 117.17 -38.10
C ASP G 100 -53.08 116.30 -37.03
N GLY G 101 -53.86 115.29 -37.42
CA GLY G 101 -54.64 114.52 -36.48
C GLY G 101 -53.81 113.52 -35.70
N ASP G 102 -54.50 112.84 -34.77
CA ASP G 102 -53.89 111.85 -33.89
C ASP G 102 -54.36 110.44 -34.20
N GLU G 103 -55.12 110.25 -35.28
CA GLU G 103 -55.68 108.95 -35.59
C GLU G 103 -55.54 108.68 -37.08
N PHE G 104 -55.20 107.43 -37.42
CA PHE G 104 -55.07 107.00 -38.80
C PHE G 104 -55.50 105.55 -38.90
N HIS G 105 -56.29 105.24 -39.92
CA HIS G 105 -56.80 103.90 -40.14
C HIS G 105 -56.63 103.50 -41.60
N SER G 106 -56.02 102.34 -41.83
CA SER G 106 -55.98 101.74 -43.15
C SER G 106 -56.47 100.30 -43.04
N ASP G 107 -56.39 99.53 -44.13
CA ASP G 107 -56.83 98.15 -44.09
C ASP G 107 -55.88 97.25 -43.30
N ILE G 108 -54.69 97.73 -42.96
CA ILE G 108 -53.67 96.89 -42.34
C ILE G 108 -53.22 97.39 -40.97
N VAL G 109 -53.52 98.63 -40.60
CA VAL G 109 -53.02 99.18 -39.34
C VAL G 109 -54.00 100.24 -38.83
N ALA G 110 -54.06 100.34 -37.49
CA ALA G 110 -54.74 101.44 -36.81
C ALA G 110 -53.69 102.16 -35.97
N SER G 111 -53.39 103.40 -36.34
CA SER G 111 -52.33 104.15 -35.70
C SER G 111 -52.91 105.28 -34.87
N TYR G 112 -52.30 105.54 -33.71
CA TYR G 112 -52.78 106.53 -32.76
C TYR G 112 -51.60 107.29 -32.19
N ARG G 113 -51.76 108.60 -32.04
CA ARG G 113 -50.77 109.44 -31.38
C ARG G 113 -51.11 109.49 -29.89
N LEU G 114 -50.19 109.01 -29.05
CA LEU G 114 -50.42 108.84 -27.63
C LEU G 114 -49.70 109.91 -26.82
N VAL G 115 -50.25 110.19 -25.64
CA VAL G 115 -49.53 110.99 -24.65
C VAL G 115 -48.19 110.36 -24.33
N ASN G 116 -48.16 109.02 -24.24
CA ASN G 116 -46.96 108.29 -23.85
C ASN G 116 -46.31 107.58 -25.04
N GLY G 117 -46.44 108.12 -26.24
CA GLY G 117 -45.76 107.57 -27.39
C GLY G 117 -46.62 107.46 -28.63
N VAL G 118 -46.53 106.31 -29.32
CA VAL G 118 -47.32 106.04 -30.50
C VAL G 118 -47.81 104.60 -30.43
N LEU G 119 -49.05 104.37 -30.88
CA LEU G 119 -49.68 103.06 -30.85
C LEU G 119 -49.98 102.61 -32.27
N HIS G 120 -49.59 101.39 -32.60
CA HIS G 120 -49.87 100.79 -33.90
C HIS G 120 -50.44 99.39 -33.69
N ASN G 121 -51.71 99.21 -34.05
CA ASN G 121 -52.34 97.90 -34.00
C ASN G 121 -52.41 97.33 -35.41
N PRO G 122 -51.49 96.44 -35.79
CA PRO G 122 -51.56 95.86 -37.13
C PRO G 122 -52.78 94.98 -37.29
N LYS G 123 -53.05 94.60 -38.54
CA LYS G 123 -54.25 93.83 -38.86
C LYS G 123 -54.31 92.55 -38.03
N HIS G 124 -53.20 91.82 -37.96
CA HIS G 124 -53.09 90.63 -37.12
C HIS G 124 -52.23 90.97 -35.91
N ASP G 125 -52.73 90.68 -34.73
CA ASP G 125 -52.06 91.10 -33.50
C ASP G 125 -50.92 90.18 -33.08
N ARG G 126 -50.79 89.01 -33.69
CA ARG G 126 -49.78 88.05 -33.28
C ARG G 126 -49.05 87.50 -34.50
N ARG G 127 -47.94 86.84 -34.23
CA ARG G 127 -47.14 86.16 -35.23
C ARG G 127 -47.52 84.69 -35.27
N THR G 128 -47.37 84.07 -36.44
CA THR G 128 -47.61 82.64 -36.59
C THR G 128 -46.41 81.99 -37.26
N THR G 129 -46.36 80.66 -37.17
CA THR G 129 -45.29 79.87 -37.76
C THR G 129 -45.76 78.81 -38.73
N ALA G 130 -47.01 78.34 -38.62
CA ALA G 130 -47.53 77.29 -39.48
C ALA G 130 -47.52 77.72 -40.95
N GLY G 131 -46.56 77.19 -41.71
CA GLY G 131 -46.50 77.47 -43.14
C GLY G 131 -46.29 78.93 -43.49
N VAL G 132 -45.45 79.62 -42.72
CA VAL G 132 -45.20 81.04 -42.95
C VAL G 132 -43.91 81.25 -43.73
N PHE G 133 -42.88 80.45 -43.44
CA PHE G 133 -41.57 80.60 -44.08
C PHE G 133 -41.59 79.85 -45.41
N HIS G 134 -41.54 80.59 -46.51
CA HIS G 134 -41.49 80.04 -47.86
C HIS G 134 -40.15 80.37 -48.47
N ILE G 135 -39.49 79.36 -49.05
CA ILE G 135 -38.17 79.52 -49.64
C ILE G 135 -38.24 79.12 -51.11
N SER G 136 -37.66 79.96 -51.98
CA SER G 136 -37.65 79.71 -53.41
C SER G 136 -36.60 78.67 -53.78
N THR G 137 -36.87 77.93 -54.85
CA THR G 137 -35.88 76.98 -55.34
C THR G 137 -34.82 77.71 -56.16
N GLY G 138 -33.79 76.96 -56.56
CA GLY G 138 -32.71 77.52 -57.34
C GLY G 138 -31.57 78.13 -56.54
N GLY G 139 -31.53 77.90 -55.23
CA GLY G 139 -30.47 78.40 -54.39
C GLY G 139 -29.90 77.30 -53.52
N LEU G 140 -29.62 77.65 -52.27
CA LEU G 140 -29.10 76.68 -51.33
C LEU G 140 -30.20 75.71 -50.90
N PRO G 141 -29.83 74.54 -50.37
CA PRO G 141 -30.84 73.52 -50.04
C PRO G 141 -31.90 74.04 -49.09
N ILE G 142 -33.14 73.65 -49.37
CA ILE G 142 -34.30 74.07 -48.57
C ILE G 142 -34.53 73.08 -47.44
N PRO G 143 -34.69 73.55 -46.20
CA PRO G 143 -34.93 72.62 -45.09
C PRO G 143 -36.25 71.89 -45.22
N GLN G 144 -36.31 70.71 -44.62
CA GLN G 144 -37.47 69.83 -44.75
C GLN G 144 -38.75 70.47 -44.19
N ASP G 145 -38.62 71.32 -43.17
CA ASP G 145 -39.78 71.92 -42.53
C ASP G 145 -40.33 73.14 -43.26
N LYS G 146 -39.54 73.75 -44.14
CA LYS G 146 -39.98 74.98 -44.80
C LYS G 146 -40.85 74.66 -46.01
N VAL G 147 -41.60 75.67 -46.45
CA VAL G 147 -42.45 75.57 -47.62
C VAL G 147 -41.63 75.88 -48.87
N GLU G 148 -41.66 74.96 -49.82
CA GLU G 148 -40.85 75.06 -51.03
C GLU G 148 -41.65 75.75 -52.14
N VAL G 149 -41.18 76.92 -52.57
CA VAL G 149 -41.81 77.68 -53.62
C VAL G 149 -40.97 77.58 -54.88
N ASP G 150 -41.60 77.18 -55.99
CA ASP G 150 -40.91 77.13 -57.26
C ASP G 150 -40.36 78.51 -57.62
N LYS G 151 -39.16 78.53 -58.21
CA LYS G 151 -38.49 79.79 -58.50
C LYS G 151 -39.31 80.66 -59.43
N ASN G 152 -40.08 80.06 -60.33
CA ASN G 152 -40.92 80.84 -61.23
C ASN G 152 -42.12 81.42 -60.51
N VAL G 153 -42.63 80.72 -59.50
CA VAL G 153 -43.70 81.28 -58.68
C VAL G 153 -43.18 82.45 -57.86
N TYR G 154 -41.97 82.32 -57.30
CA TYR G 154 -41.37 83.42 -56.55
C TYR G 154 -41.23 84.67 -57.41
N ALA G 155 -40.80 84.50 -58.66
CA ALA G 155 -40.59 85.66 -59.54
C ALA G 155 -41.90 86.42 -59.74
N ARG G 156 -43.01 85.70 -59.92
CA ARG G 156 -44.28 86.37 -60.13
C ARG G 156 -44.82 86.99 -58.86
N ILE G 157 -44.52 86.41 -57.70
CA ILE G 157 -44.92 87.01 -56.43
C ILE G 157 -44.13 88.30 -56.18
N LEU G 158 -42.82 88.26 -56.45
CA LEU G 158 -42.01 89.46 -56.29
C LEU G 158 -42.43 90.54 -57.28
N ALA G 159 -42.80 90.14 -58.51
CA ALA G 159 -43.32 91.10 -59.48
C ALA G 159 -44.60 91.73 -58.98
N ARG G 160 -45.51 90.94 -58.41
CA ARG G 160 -46.75 91.49 -57.87
C ARG G 160 -46.53 92.30 -56.61
N ALA G 161 -45.45 92.02 -55.87
CA ALA G 161 -45.19 92.78 -54.64
C ALA G 161 -44.98 94.25 -54.92
N PHE G 162 -44.48 94.59 -56.11
CA PHE G 162 -44.20 95.96 -56.49
C PHE G 162 -45.39 96.63 -57.20
N GLN G 163 -46.49 95.90 -57.38
CA GLN G 163 -47.72 96.48 -57.92
C GLN G 163 -48.68 96.67 -56.74
N ALA G 164 -48.48 97.74 -56.00
CA ALA G 164 -49.26 97.92 -54.78
C ALA G 164 -50.46 98.82 -55.02
N PRO G 165 -51.61 98.49 -54.42
CA PRO G 165 -52.79 99.35 -54.57
C PRO G 165 -52.59 100.69 -53.89
N ASP G 166 -53.38 101.67 -54.32
CA ASP G 166 -53.20 103.04 -53.85
C ASP G 166 -53.46 103.16 -52.36
N GLU G 167 -54.49 102.47 -51.85
CA GLU G 167 -54.78 102.52 -50.41
C GLU G 167 -53.61 102.05 -49.58
N GLU G 168 -52.72 101.24 -50.16
CA GLU G 168 -51.53 100.76 -49.46
C GLU G 168 -50.33 101.66 -49.64
N LEU G 169 -50.26 102.39 -50.75
CA LEU G 169 -49.17 103.32 -50.98
C LEU G 169 -49.37 104.65 -50.25
N ALA G 170 -50.54 104.88 -49.68
CA ALA G 170 -50.84 106.17 -49.06
C ALA G 170 -50.06 106.32 -47.75
N LEU G 171 -49.41 107.47 -47.59
CA LEU G 171 -48.72 107.80 -46.36
C LEU G 171 -49.73 108.24 -45.29
N PRO G 172 -49.59 107.77 -44.05
CA PRO G 172 -50.43 108.30 -42.97
C PRO G 172 -50.21 109.79 -42.75
N TYR G 173 -49.01 110.27 -43.03
CA TYR G 173 -48.67 111.69 -42.86
C TYR G 173 -49.66 112.60 -43.58
N THR G 174 -50.10 112.20 -44.78
CA THR G 174 -51.00 113.00 -45.61
C THR G 174 -52.40 112.41 -45.68
N ALA G 175 -52.81 111.68 -44.63
CA ALA G 175 -54.09 110.98 -44.69
C ALA G 175 -55.27 111.94 -44.71
N ASN G 176 -55.17 113.07 -44.02
CA ASN G 176 -56.28 114.01 -43.87
C ASN G 176 -56.18 115.22 -44.80
N LEU G 177 -55.18 115.27 -45.66
CA LEU G 177 -55.00 116.39 -46.56
C LEU G 177 -55.94 116.27 -47.75
N PRO G 178 -56.18 117.37 -48.47
CA PRO G 178 -57.07 117.29 -49.65
C PRO G 178 -56.58 116.30 -50.70
N GLU G 179 -55.28 116.16 -50.87
CA GLU G 179 -54.70 115.19 -51.78
C GLU G 179 -53.65 114.37 -51.03
N GLN G 180 -53.86 113.06 -50.97
CA GLN G 180 -52.93 112.20 -50.27
C GLN G 180 -51.71 111.88 -51.12
N ALA G 181 -50.60 111.61 -50.46
CA ALA G 181 -49.35 111.29 -51.12
C ALA G 181 -49.14 109.77 -51.14
N HIS G 182 -48.91 109.22 -52.33
CA HIS G 182 -48.59 107.82 -52.50
C HIS G 182 -47.16 107.68 -52.97
N CYS G 183 -46.46 106.67 -52.45
CA CYS G 183 -45.06 106.46 -52.81
C CYS G 183 -44.62 105.11 -52.26
N TRP G 184 -43.40 104.73 -52.64
CA TRP G 184 -42.65 103.69 -51.97
C TRP G 184 -41.58 104.35 -51.10
N ALA G 185 -41.34 103.78 -49.93
CA ALA G 185 -40.32 104.29 -49.03
C ALA G 185 -39.24 103.23 -48.85
N SER G 186 -38.00 103.69 -48.64
CA SER G 186 -36.85 102.81 -48.52
C SER G 186 -36.01 103.20 -47.32
N LEU G 187 -35.53 102.19 -46.59
CA LEU G 187 -34.68 102.38 -45.43
C LEU G 187 -33.47 101.46 -45.53
N LEU G 188 -32.28 102.04 -45.41
CA LEU G 188 -31.04 101.28 -45.42
C LEU G 188 -30.54 101.09 -43.98
N MET G 189 -30.08 99.89 -43.67
CA MET G 189 -29.61 99.57 -42.33
C MET G 189 -28.38 98.69 -42.41
N ARG G 190 -27.64 98.63 -41.30
CA ARG G 190 -26.40 97.85 -41.20
C ARG G 190 -26.44 97.02 -39.92
N PRO G 191 -27.18 95.92 -39.92
CA PRO G 191 -27.25 95.10 -38.70
C PRO G 191 -25.94 94.34 -38.48
N THR G 192 -25.54 94.25 -37.21
CA THR G 192 -24.27 93.64 -36.87
C THR G 192 -24.32 92.13 -37.06
N VAL G 193 -23.25 91.57 -37.64
CA VAL G 193 -23.10 90.14 -37.85
C VAL G 193 -21.92 89.58 -37.07
N LEU G 194 -20.83 90.33 -36.99
CA LEU G 194 -19.63 89.92 -36.27
C LEU G 194 -19.29 90.94 -35.20
N PRO G 195 -19.18 90.57 -33.93
CA PRO G 195 -18.76 91.53 -32.91
C PRO G 195 -17.27 91.82 -32.99
N ALA G 196 -16.92 93.04 -32.60
CA ALA G 196 -15.53 93.45 -32.54
C ALA G 196 -14.86 92.83 -31.32
N VAL G 197 -13.70 92.20 -31.53
CA VAL G 197 -12.89 91.65 -30.46
C VAL G 197 -11.47 92.14 -30.67
N PRO G 198 -10.86 92.84 -29.71
CA PRO G 198 -9.59 93.53 -29.96
C PRO G 198 -8.49 92.57 -30.40
N GLY G 199 -7.85 92.90 -31.52
CA GLY G 199 -6.81 92.06 -32.07
C GLY G 199 -7.31 90.73 -32.58
N ARG G 200 -8.60 90.59 -32.81
CA ARG G 200 -9.17 89.32 -33.25
C ARG G 200 -10.15 89.53 -34.40
N THR G 201 -11.12 90.42 -34.21
CA THR G 201 -12.15 90.65 -35.21
C THR G 201 -12.47 92.14 -35.32
N THR G 202 -12.67 92.60 -36.54
CA THR G 202 -13.29 93.88 -36.81
C THR G 202 -14.80 93.70 -36.81
N GLU G 203 -15.50 94.62 -36.16
CA GLU G 203 -16.97 94.55 -36.18
C GLU G 203 -17.46 94.68 -37.62
N LYS G 204 -18.19 93.68 -38.08
CA LYS G 204 -18.72 93.65 -39.43
C LYS G 204 -20.23 93.63 -39.39
N SER G 205 -20.83 94.25 -40.41
CA SER G 205 -22.27 94.27 -40.57
C SER G 205 -22.60 93.96 -42.02
N TYR G 206 -23.81 93.45 -42.25
CA TYR G 206 -24.32 93.34 -43.61
C TYR G 206 -25.24 94.52 -43.88
N GLU G 207 -25.64 94.66 -45.14
CA GLU G 207 -26.51 95.74 -45.55
C GLU G 207 -27.89 95.17 -45.90
N VAL G 208 -28.93 95.82 -45.40
CA VAL G 208 -30.30 95.43 -45.69
C VAL G 208 -31.05 96.67 -46.15
N HIS G 209 -31.94 96.50 -47.13
CA HIS G 209 -32.73 97.59 -47.68
C HIS G 209 -34.19 97.21 -47.58
N PHE G 210 -34.94 97.92 -46.73
CA PHE G 210 -36.38 97.77 -46.66
C PHE G 210 -37.03 98.64 -47.72
N ILE G 211 -37.79 98.02 -48.63
CA ILE G 211 -38.53 98.74 -49.66
C ILE G 211 -40.01 98.41 -49.44
N VAL G 212 -40.75 99.37 -48.91
CA VAL G 212 -42.14 99.14 -48.52
C VAL G 212 -43.04 100.23 -49.09
N PRO G 213 -44.33 99.95 -49.32
CA PRO G 213 -45.25 101.02 -49.67
C PRO G 213 -45.42 102.01 -48.53
N GLY G 214 -45.94 103.19 -48.87
CA GLY G 214 -46.11 104.26 -47.91
C GLY G 214 -47.05 103.93 -46.76
N GLY G 215 -47.98 103.00 -46.96
CA GLY G 215 -48.89 102.63 -45.88
C GLY G 215 -48.24 101.82 -44.78
N LEU G 216 -47.06 101.27 -45.04
CA LEU G 216 -46.30 100.54 -44.03
C LEU G 216 -45.18 101.37 -43.43
N MET G 217 -45.38 102.69 -43.36
CA MET G 217 -44.37 103.57 -42.79
C MET G 217 -44.09 103.23 -41.33
N CYS G 218 -45.10 102.76 -40.59
CA CYS G 218 -44.89 102.42 -39.19
C CYS G 218 -43.93 101.24 -39.04
N ASN G 219 -43.90 100.34 -40.03
CA ASN G 219 -42.94 99.23 -39.98
C ASN G 219 -41.50 99.72 -40.16
N LEU G 220 -41.29 100.78 -40.95
CA LEU G 220 -39.95 101.32 -41.11
C LEU G 220 -39.46 101.96 -39.81
N ASP G 221 -40.34 102.70 -39.13
CA ASP G 221 -39.98 103.24 -37.83
C ASP G 221 -39.66 102.13 -36.83
N PHE G 222 -40.38 101.01 -36.94
CA PHE G 222 -40.11 99.87 -36.07
C PHE G 222 -38.68 99.37 -36.23
N VAL G 223 -38.30 98.98 -37.44
CA VAL G 223 -36.97 98.39 -37.62
C VAL G 223 -35.88 99.44 -37.47
N GLU G 224 -36.18 100.70 -37.78
CA GLU G 224 -35.16 101.75 -37.65
C GLU G 224 -34.73 101.91 -36.20
N GLY G 225 -35.70 101.95 -35.29
CA GLY G 225 -35.36 102.01 -33.87
C GLY G 225 -34.52 100.84 -33.42
N ILE G 226 -34.76 99.67 -33.99
CA ILE G 226 -34.06 98.46 -33.54
C ILE G 226 -32.65 98.42 -34.13
N PHE G 227 -32.51 98.66 -35.43
CA PHE G 227 -31.25 98.42 -36.12
C PHE G 227 -30.58 99.66 -36.68
N GLY G 228 -31.19 100.84 -36.52
CA GLY G 228 -30.53 102.08 -36.90
C GLY G 228 -30.87 102.53 -38.30
N ASN G 229 -30.23 103.63 -38.68
CA ASN G 229 -30.43 104.24 -40.00
C ASN G 229 -29.06 104.39 -40.66
N ALA G 230 -28.85 103.67 -41.76
CA ALA G 230 -27.56 103.66 -42.43
C ALA G 230 -27.36 104.85 -43.36
N GLY G 231 -28.32 105.76 -43.44
CA GLY G 231 -28.14 106.98 -44.19
C GLY G 231 -28.66 106.91 -45.62
N ASP G 232 -28.24 107.90 -46.39
CA ASP G 232 -28.60 107.99 -47.80
C ASP G 232 -27.88 106.91 -48.59
N PRO G 233 -28.59 105.97 -49.21
CA PRO G 233 -27.91 104.89 -49.94
C PRO G 233 -27.14 105.36 -51.17
N TYR G 234 -27.46 106.54 -51.71
CA TYR G 234 -26.78 107.03 -52.89
C TYR G 234 -25.43 107.68 -52.58
N LEU G 235 -25.16 107.98 -51.32
CA LEU G 235 -23.87 108.56 -50.98
C LEU G 235 -22.81 107.47 -50.87
N PRO G 236 -21.61 107.70 -51.42
CA PRO G 236 -20.55 106.69 -51.30
C PRO G 236 -20.14 106.41 -49.87
N GLU G 237 -20.37 107.35 -48.94
CA GLU G 237 -20.03 107.13 -47.54
C GLU G 237 -20.88 106.03 -46.92
N ASN G 238 -22.08 105.80 -47.46
CA ASN G 238 -22.98 104.77 -46.96
C ASN G 238 -23.01 103.54 -47.84
N ASP G 239 -22.04 103.41 -48.76
CA ASP G 239 -21.93 102.24 -49.64
C ASP G 239 -20.98 101.24 -48.98
N ALA G 240 -21.54 100.13 -48.49
CA ALA G 240 -20.76 99.18 -47.72
C ALA G 240 -19.56 98.63 -48.50
N SER G 241 -19.70 98.49 -49.82
CA SER G 241 -18.60 97.96 -50.63
C SER G 241 -17.41 98.91 -50.67
N LEU G 242 -17.61 100.21 -50.40
CA LEU G 242 -16.50 101.14 -50.35
C LEU G 242 -15.80 101.16 -49.00
N ASP G 243 -16.24 100.34 -48.05
CA ASP G 243 -15.56 100.16 -46.76
C ASP G 243 -15.67 98.69 -46.38
N PRO G 244 -15.05 97.79 -47.15
CA PRO G 244 -15.31 96.36 -46.96
C PRO G 244 -14.74 95.78 -45.68
N ASP G 245 -13.94 96.54 -44.93
CA ASP G 245 -13.39 96.01 -43.67
C ASP G 245 -14.49 95.83 -42.63
N SER G 246 -15.51 96.68 -42.66
CA SER G 246 -16.64 96.58 -41.74
C SER G 246 -17.86 95.94 -42.38
N TRP G 247 -17.71 95.34 -43.55
CA TRP G 247 -18.80 94.73 -44.30
C TRP G 247 -18.59 93.23 -44.37
N THR G 248 -19.65 92.46 -44.10
CA THR G 248 -19.59 91.02 -44.28
C THR G 248 -19.56 90.61 -45.75
N GLY G 249 -19.85 91.55 -46.66
CA GLY G 249 -19.94 91.25 -48.06
C GLY G 249 -21.33 90.87 -48.54
N HIS G 250 -22.31 90.82 -47.64
CA HIS G 250 -23.64 90.31 -47.95
C HIS G 250 -24.68 91.42 -47.92
N THR G 251 -25.72 91.25 -48.72
CA THR G 251 -26.75 92.25 -48.91
C THR G 251 -28.12 91.60 -48.72
N GLY G 252 -28.98 92.26 -47.94
CA GLY G 252 -30.33 91.78 -47.74
C GLY G 252 -31.38 92.74 -48.25
N CYS G 253 -32.58 92.23 -48.54
CA CYS G 253 -33.68 93.05 -49.01
C CYS G 253 -34.98 92.53 -48.43
N VAL G 254 -35.76 93.42 -47.81
CA VAL G 254 -37.04 93.07 -47.23
C VAL G 254 -38.11 93.93 -47.90
N ILE G 255 -39.03 93.27 -48.60
CA ILE G 255 -40.19 93.92 -49.19
C ILE G 255 -41.41 93.55 -48.36
N LEU G 256 -42.15 94.56 -47.92
CA LEU G 256 -43.40 94.35 -47.21
C LEU G 256 -44.54 94.64 -48.18
N ALA G 257 -45.39 93.64 -48.41
CA ALA G 257 -46.51 93.77 -49.35
C ALA G 257 -47.68 92.97 -48.84
N PRO G 258 -48.47 93.55 -47.93
CA PRO G 258 -49.66 92.84 -47.43
C PRO G 258 -50.71 92.58 -48.49
N HIS G 259 -50.72 93.35 -49.58
CA HIS G 259 -51.74 93.15 -50.61
C HIS G 259 -51.62 91.80 -51.29
N LEU G 260 -50.49 91.12 -51.15
CA LEU G 260 -50.28 89.83 -51.79
C LEU G 260 -51.15 88.72 -51.21
N THR G 261 -51.85 88.97 -50.10
CA THR G 261 -52.69 87.93 -49.53
C THR G 261 -53.93 87.65 -50.35
N THR G 262 -54.24 88.48 -51.35
CA THR G 262 -55.36 88.24 -52.24
C THR G 262 -54.96 87.54 -53.53
N MET G 263 -53.68 87.24 -53.71
CA MET G 263 -53.25 86.45 -54.86
C MET G 263 -53.95 85.10 -54.86
N THR G 264 -54.27 84.61 -56.04
CA THR G 264 -54.81 83.26 -56.19
C THR G 264 -53.72 82.33 -56.69
N LYS G 265 -53.73 81.09 -56.20
CA LYS G 265 -52.71 80.12 -56.59
C LYS G 265 -52.72 79.88 -58.09
N LYS G 266 -53.92 79.88 -58.69
CA LYS G 266 -54.00 79.64 -60.13
C LYS G 266 -53.34 80.77 -60.92
N SER G 267 -53.53 82.02 -60.48
CA SER G 267 -52.96 83.15 -61.20
C SER G 267 -51.44 83.18 -61.16
N LEU G 268 -50.83 82.52 -60.18
CA LEU G 268 -49.39 82.41 -60.10
C LEU G 268 -48.84 81.24 -60.91
N GLY G 269 -49.69 80.57 -61.68
CA GLY G 269 -49.26 79.44 -62.48
C GLY G 269 -49.04 78.16 -61.70
N MET G 270 -49.42 78.13 -60.43
CA MET G 270 -49.23 76.94 -59.61
C MET G 270 -50.10 75.80 -60.14
N PRO G 271 -49.66 74.56 -59.95
CA PRO G 271 -50.37 73.43 -60.54
C PRO G 271 -51.63 73.08 -59.76
N HIS G 272 -52.48 72.29 -60.40
CA HIS G 272 -53.64 71.74 -59.73
C HIS G 272 -53.22 70.62 -58.80
N TYR G 273 -54.02 70.39 -57.74
CA TYR G 273 -53.69 69.37 -56.75
C TYR G 273 -53.45 68.01 -57.41
N ASP G 274 -54.11 67.74 -58.55
CA ASP G 274 -53.88 66.49 -59.25
C ASP G 274 -52.51 66.48 -59.93
N ASP G 275 -52.07 67.63 -60.45
CA ASP G 275 -50.80 67.73 -61.15
C ASP G 275 -49.64 68.07 -60.22
N ALA G 276 -49.89 68.25 -58.93
CA ALA G 276 -48.86 68.63 -57.99
C ALA G 276 -48.12 67.41 -57.46
N THR G 277 -47.03 67.67 -56.73
CA THR G 277 -46.20 66.63 -56.14
C THR G 277 -46.49 66.52 -54.64
N GLU G 278 -45.97 65.44 -54.04
CA GLU G 278 -46.20 65.21 -52.62
C GLU G 278 -45.73 66.40 -51.78
N ARG G 279 -44.52 66.90 -52.08
CA ARG G 279 -44.02 68.08 -51.37
C ARG G 279 -44.90 69.29 -51.64
N GLN G 280 -45.34 69.47 -52.89
CA GLN G 280 -46.24 70.57 -53.22
C GLN G 280 -47.57 70.43 -52.50
N ARG G 281 -48.15 69.23 -52.54
CA ARG G 281 -49.39 69.00 -51.80
C ARG G 281 -49.20 69.17 -50.30
N ARG G 282 -48.01 68.83 -49.80
CA ARG G 282 -47.73 69.02 -48.38
C ARG G 282 -47.71 70.51 -48.03
N ASP G 283 -47.05 71.32 -48.85
CA ASP G 283 -46.90 72.76 -48.61
C ASP G 283 -48.08 73.58 -49.10
N GLY G 284 -49.12 72.95 -49.63
CA GLY G 284 -50.26 73.68 -50.15
C GLY G 284 -49.91 74.46 -51.40
N GLN G 285 -48.79 74.12 -52.03
CA GLN G 285 -48.33 74.82 -53.21
C GLN G 285 -49.09 74.35 -54.45
N CYS G 286 -50.40 74.24 -54.33
CA CYS G 286 -51.27 73.83 -55.42
C CYS G 286 -52.70 74.25 -55.08
N TRP G 287 -53.52 74.35 -56.12
CA TRP G 287 -54.87 74.86 -55.99
C TRP G 287 -55.89 73.77 -56.36
N ARG G 288 -56.96 73.70 -55.58
CA ARG G 288 -58.12 72.86 -55.90
C ARG G 288 -59.23 73.65 -56.57
N HIS G 289 -59.61 74.80 -55.99
CA HIS G 289 -60.55 75.72 -56.59
C HIS G 289 -59.80 76.89 -57.20
N GLU G 290 -60.40 77.49 -58.24
CA GLU G 290 -59.72 78.56 -58.95
C GLU G 290 -59.52 79.80 -58.08
N ASP G 291 -60.36 79.99 -57.06
CA ASP G 291 -60.28 81.14 -56.19
C ASP G 291 -59.36 80.93 -54.99
N ASP G 292 -58.68 79.78 -54.90
CA ASP G 292 -57.82 79.48 -53.77
C ASP G 292 -56.76 80.56 -53.59
N LEU G 293 -56.76 81.20 -52.43
CA LEU G 293 -55.75 82.21 -52.14
C LEU G 293 -54.41 81.54 -51.86
N TYR G 294 -53.33 82.20 -52.28
CA TYR G 294 -51.99 81.70 -52.03
C TYR G 294 -51.77 81.51 -50.52
N ASN G 295 -51.17 80.38 -50.16
CA ASN G 295 -50.95 80.02 -48.76
C ASN G 295 -52.25 80.06 -47.96
N ASP G 296 -53.38 79.90 -48.65
CA ASP G 296 -54.71 79.83 -48.05
C ASP G 296 -55.02 81.09 -47.22
N GLY G 297 -54.63 82.26 -47.75
CA GLY G 297 -54.86 83.52 -47.10
C GLY G 297 -54.03 83.79 -45.86
N LYS G 298 -53.46 82.75 -45.25
CA LYS G 298 -52.63 82.93 -44.06
C LYS G 298 -51.39 83.76 -44.38
N ALA G 299 -50.76 84.26 -43.33
CA ALA G 299 -49.56 85.07 -43.48
C ALA G 299 -48.40 84.22 -44.00
N PHE G 300 -47.52 84.86 -44.76
CA PHE G 300 -46.39 84.14 -45.35
C PHE G 300 -45.30 85.14 -45.71
N LYS G 301 -44.08 84.63 -45.81
CA LYS G 301 -42.96 85.36 -46.38
C LYS G 301 -42.21 84.44 -47.33
N VAL G 302 -41.86 84.95 -48.51
CA VAL G 302 -41.13 84.21 -49.53
C VAL G 302 -39.72 84.76 -49.62
N CYS G 303 -38.75 83.88 -49.83
CA CYS G 303 -37.34 84.23 -49.65
C CYS G 303 -36.50 83.54 -50.72
N ALA G 304 -35.64 84.33 -51.38
CA ALA G 304 -34.67 83.80 -52.33
C ALA G 304 -33.27 84.12 -51.86
N ARG G 305 -32.36 83.17 -51.99
CA ARG G 305 -30.99 83.32 -51.54
C ARG G 305 -30.17 82.13 -52.01
N ASP G 306 -28.86 82.32 -52.11
CA ASP G 306 -27.94 81.22 -52.35
C ASP G 306 -26.57 81.65 -51.82
N GLU G 307 -25.52 81.01 -52.33
CA GLU G 307 -24.17 81.23 -51.84
C GLU G 307 -23.60 82.60 -52.20
N ARG G 308 -24.28 83.37 -53.04
CA ARG G 308 -23.73 84.65 -53.50
C ARG G 308 -23.80 85.75 -52.45
N GLY G 309 -24.63 85.59 -51.42
CA GLY G 309 -24.68 86.56 -50.35
C GLY G 309 -25.76 87.61 -50.47
N VAL G 310 -26.76 87.40 -51.34
CA VAL G 310 -27.87 88.33 -51.49
C VAL G 310 -29.15 87.56 -51.18
N ILE G 311 -29.88 88.01 -50.16
CA ILE G 311 -31.12 87.39 -49.73
C ILE G 311 -32.24 88.39 -49.89
N VAL G 312 -33.30 87.99 -50.58
CA VAL G 312 -34.41 88.87 -50.94
C VAL G 312 -35.69 88.23 -50.42
N THR G 313 -36.30 88.85 -49.42
CA THR G 313 -37.51 88.34 -48.78
C THR G 313 -38.68 89.28 -49.02
N VAL G 314 -39.84 88.70 -49.29
CA VAL G 314 -41.10 89.42 -49.38
C VAL G 314 -41.99 88.95 -48.23
N ILE G 315 -42.39 89.87 -47.36
CA ILE G 315 -43.29 89.58 -46.25
C ILE G 315 -44.67 90.11 -46.61
N ALA G 316 -45.70 89.28 -46.46
CA ALA G 316 -47.06 89.64 -46.82
C ALA G 316 -47.92 89.96 -45.60
N ASP G 317 -47.32 90.41 -44.51
CA ASP G 317 -48.05 90.76 -43.30
C ASP G 317 -47.29 91.87 -42.58
N ASN G 318 -48.03 92.88 -42.13
CA ASN G 318 -47.42 94.06 -41.52
C ASN G 318 -47.24 93.93 -40.01
N TYR G 319 -47.44 92.74 -39.44
CA TYR G 319 -47.14 92.58 -38.03
C TYR G 319 -45.64 92.79 -37.79
N PHE G 320 -45.32 93.55 -36.75
CA PHE G 320 -43.96 94.05 -36.60
C PHE G 320 -42.97 92.95 -36.28
N GLY G 321 -43.39 91.91 -35.56
CA GLY G 321 -42.50 90.82 -35.25
C GLY G 321 -41.88 90.17 -36.48
N TYR G 322 -42.60 90.20 -37.61
CA TYR G 322 -42.06 89.63 -38.84
C TYR G 322 -40.85 90.41 -39.33
N CYS G 323 -40.94 91.74 -39.34
CA CYS G 323 -39.82 92.57 -39.78
C CYS G 323 -38.60 92.35 -38.91
N LYS G 324 -38.80 92.27 -37.59
CA LYS G 324 -37.68 92.06 -36.69
C LYS G 324 -37.10 90.65 -36.87
N LYS G 325 -37.96 89.65 -37.03
CA LYS G 325 -37.46 88.28 -37.18
C LYS G 325 -36.85 88.04 -38.54
N GLU G 326 -37.29 88.79 -39.56
CA GLU G 326 -36.68 88.65 -40.88
C GLU G 326 -35.25 89.18 -40.88
N VAL G 327 -35.00 90.31 -40.20
CA VAL G 327 -33.64 90.80 -40.05
C VAL G 327 -32.78 89.75 -39.36
N LYS G 328 -33.34 89.10 -38.32
CA LYS G 328 -32.63 88.02 -37.65
C LYS G 328 -32.28 86.90 -38.64
N THR G 329 -33.25 86.52 -39.48
CA THR G 329 -33.00 85.46 -40.45
C THR G 329 -31.86 85.82 -41.39
N GLN G 330 -31.75 87.10 -41.75
CA GLN G 330 -30.70 87.54 -42.66
C GLN G 330 -29.38 87.76 -41.94
N ILE G 331 -29.40 88.09 -40.65
CA ILE G 331 -28.16 88.10 -39.88
C ILE G 331 -27.60 86.68 -39.76
N SER G 332 -28.48 85.71 -39.48
CA SER G 332 -28.06 84.32 -39.45
C SER G 332 -27.58 83.87 -40.83
N TYR G 333 -28.29 84.27 -41.88
CA TYR G 333 -27.85 83.96 -43.24
C TYR G 333 -26.46 84.54 -43.51
N SER G 334 -26.24 85.78 -43.10
CA SER G 334 -24.92 86.40 -43.30
C SER G 334 -23.85 85.70 -42.49
N ALA G 335 -24.19 85.25 -41.28
CA ALA G 335 -23.20 84.64 -40.40
C ALA G 335 -22.74 83.28 -40.92
N ASN G 336 -23.66 82.50 -41.49
CA ASN G 336 -23.28 81.21 -42.04
C ASN G 336 -22.36 81.36 -43.24
N LEU G 337 -22.64 82.33 -44.11
CA LEU G 337 -21.83 82.53 -45.31
C LEU G 337 -20.49 83.18 -45.00
N LEU G 338 -20.43 84.03 -43.98
CA LEU G 338 -19.17 84.67 -43.61
C LEU G 338 -18.22 83.68 -42.94
N GLY G 339 -18.75 82.82 -42.09
CA GLY G 339 -17.91 81.92 -41.32
C GLY G 339 -17.23 82.63 -40.15
N GLY G 340 -16.89 81.84 -39.14
CA GLY G 340 -16.26 82.38 -37.96
C GLY G 340 -17.18 83.20 -37.07
N ALA G 341 -18.48 83.17 -37.32
CA ALA G 341 -19.44 83.91 -36.52
C ALA G 341 -20.71 83.09 -36.36
N GLU G 342 -21.43 83.37 -35.28
CA GLU G 342 -22.70 82.73 -34.98
C GLU G 342 -23.79 83.78 -34.84
N GLU G 343 -25.02 83.38 -35.15
CA GLU G 343 -26.21 84.16 -34.83
C GLU G 343 -27.07 83.30 -33.91
N GLU G 344 -27.33 83.79 -32.71
CA GLU G 344 -27.97 82.99 -31.67
C GLU G 344 -29.28 83.63 -31.23
N HIS G 345 -30.27 82.77 -30.96
CA HIS G 345 -31.53 83.19 -30.34
C HIS G 345 -31.35 83.10 -28.81
N SER G 346 -30.54 84.03 -28.30
CA SER G 346 -30.04 83.92 -26.94
C SER G 346 -30.20 85.25 -26.20
N GLY G 347 -30.36 85.14 -24.88
CA GLY G 347 -30.20 86.25 -23.98
C GLY G 347 -28.98 86.03 -23.08
N GLY G 348 -28.59 87.09 -22.38
CA GLY G 348 -27.44 86.99 -21.50
C GLY G 348 -27.17 88.31 -20.82
N ALA G 349 -26.24 88.25 -19.86
CA ALA G 349 -25.90 89.43 -19.08
C ALA G 349 -24.59 89.17 -18.34
N GLU G 350 -23.88 90.26 -18.03
CA GLU G 350 -22.74 90.21 -17.12
C GLU G 350 -23.29 90.33 -15.70
N VAL G 351 -23.17 89.27 -14.93
CA VAL G 351 -23.75 89.20 -13.59
C VAL G 351 -22.65 89.40 -12.56
N TYR G 352 -22.79 90.44 -11.74
CA TYR G 352 -21.82 90.75 -10.69
C TYR G 352 -22.45 90.49 -9.34
N PRO G 353 -21.88 89.62 -8.51
CA PRO G 353 -22.50 89.34 -7.21
C PRO G 353 -22.32 90.50 -6.24
N ALA G 354 -23.34 90.71 -5.40
CA ALA G 354 -23.35 91.81 -4.45
C ALA G 354 -23.73 91.29 -3.07
N TRP G 355 -23.22 91.98 -2.04
CA TRP G 355 -23.48 91.64 -0.66
C TRP G 355 -23.94 92.86 0.12
N ASN G 356 -24.74 92.62 1.15
CA ASN G 356 -25.15 93.67 2.09
C ASN G 356 -24.12 93.70 3.20
N LEU G 357 -23.19 94.64 3.13
CA LEU G 357 -22.06 94.73 4.04
C LEU G 357 -22.41 95.45 5.34
N ASN G 358 -23.70 95.72 5.60
CA ASN G 358 -24.14 96.31 6.86
C ASN G 358 -23.60 97.73 7.03
N GLN G 359 -22.94 97.99 8.16
CA GLN G 359 -22.58 99.37 8.53
C GLN G 359 -21.12 99.71 8.32
N ASP G 360 -20.21 98.78 8.57
CA ASP G 360 -18.78 99.05 8.49
C ASP G 360 -18.11 97.99 7.64
N PHE G 361 -17.15 98.42 6.83
CA PHE G 361 -16.43 97.51 5.95
C PHE G 361 -15.05 98.07 5.68
N THR G 362 -14.03 97.23 5.82
CA THR G 362 -12.65 97.59 5.52
C THR G 362 -12.25 96.89 4.22
N ASP G 363 -11.63 97.66 3.32
CA ASP G 363 -11.29 97.14 2.01
C ASP G 363 -10.30 95.99 2.11
N ARG G 364 -10.49 94.97 1.27
CA ARG G 364 -9.66 93.77 1.26
C ARG G 364 -8.94 93.61 -0.07
N THR G 365 -8.52 94.71 -0.68
CA THR G 365 -7.94 94.65 -2.01
C THR G 365 -6.64 93.84 -1.97
N PRO G 366 -6.49 92.83 -2.83
CA PRO G 366 -5.23 92.08 -2.88
C PRO G 366 -4.06 92.99 -3.21
N ASP G 367 -2.86 92.54 -2.83
CA ASP G 367 -1.68 93.39 -2.88
C ASP G 367 -1.18 93.64 -4.30
N ASP G 368 -1.66 92.90 -5.30
CA ASP G 368 -1.26 93.15 -6.68
C ASP G 368 -2.13 94.18 -7.38
N PHE G 369 -3.03 94.84 -6.65
CA PHE G 369 -3.78 95.99 -7.15
C PHE G 369 -3.52 97.17 -6.22
N THR G 370 -3.14 98.31 -6.79
CA THR G 370 -2.92 99.52 -6.01
C THR G 370 -3.53 100.72 -6.73
N LEU G 371 -4.00 101.70 -5.94
CA LEU G 371 -4.54 102.93 -6.54
C LEU G 371 -3.46 103.73 -7.23
N ALA G 372 -2.22 103.69 -6.73
CA ALA G 372 -1.12 104.33 -7.43
C ALA G 372 -0.96 103.74 -8.83
N ASP G 373 -1.13 102.43 -8.97
CA ASP G 373 -1.11 101.80 -10.28
C ASP G 373 -2.27 102.28 -11.14
N VAL G 374 -3.47 102.32 -10.56
CA VAL G 374 -4.66 102.74 -11.31
C VAL G 374 -4.50 104.18 -11.79
N ILE G 375 -3.94 105.05 -10.95
CA ILE G 375 -3.78 106.45 -11.33
C ILE G 375 -2.68 106.59 -12.38
N SER G 376 -1.60 105.80 -12.26
CA SER G 376 -0.50 105.91 -13.21
C SER G 376 -0.92 105.47 -14.61
N THR G 377 -1.67 104.37 -14.71
CA THR G 377 -2.10 103.90 -16.02
C THR G 377 -3.11 104.85 -16.65
N ASN G 378 -4.01 105.42 -15.84
CA ASN G 378 -5.12 106.20 -16.37
C ASN G 378 -5.07 107.64 -15.89
N ARG G 379 -3.89 108.28 -15.98
CA ARG G 379 -3.72 109.64 -15.48
C ARG G 379 -4.73 110.60 -16.10
N GLU G 380 -4.72 110.72 -17.42
CA GLU G 380 -5.53 111.72 -18.11
C GLU G 380 -7.03 111.51 -17.94
N LEU G 381 -7.45 110.33 -17.46
CA LEU G 381 -8.87 110.05 -17.23
C LEU G 381 -9.32 110.36 -15.81
N LEU G 382 -8.40 110.65 -14.90
CA LEU G 382 -8.72 110.84 -13.49
C LEU G 382 -8.44 112.27 -13.05
N ASP G 383 -9.31 112.79 -12.20
CA ASP G 383 -9.05 114.01 -11.44
C ASP G 383 -8.56 113.56 -10.07
N VAL G 384 -7.25 113.62 -9.86
CA VAL G 384 -6.66 113.19 -8.60
C VAL G 384 -6.86 114.29 -7.56
N ARG G 385 -7.38 113.92 -6.42
CA ARG G 385 -7.67 114.85 -5.35
C ARG G 385 -6.54 114.86 -4.32
N PRO G 386 -6.34 115.97 -3.61
CA PRO G 386 -5.23 116.05 -2.66
C PRO G 386 -5.32 115.03 -1.52
N GLU G 387 -6.53 114.63 -1.12
CA GLU G 387 -6.70 113.65 -0.06
C GLU G 387 -6.16 112.27 -0.42
N GLY G 388 -5.82 112.03 -1.67
CA GLY G 388 -5.29 110.75 -2.07
C GLY G 388 -6.28 109.81 -2.74
N TYR G 389 -7.37 110.34 -3.30
CA TYR G 389 -8.30 109.54 -4.08
C TYR G 389 -8.51 110.23 -5.42
N ALA G 390 -9.22 109.55 -6.31
CA ALA G 390 -9.41 110.03 -7.68
C ALA G 390 -10.88 109.94 -8.07
N VAL G 391 -11.28 110.82 -8.99
CA VAL G 391 -12.64 110.85 -9.52
C VAL G 391 -12.56 110.64 -11.03
N TYR G 392 -13.37 109.71 -11.54
CA TYR G 392 -13.41 109.39 -12.96
C TYR G 392 -13.93 110.60 -13.73
N LYS G 393 -13.07 111.18 -14.57
CA LYS G 393 -13.46 112.40 -15.28
C LYS G 393 -14.62 112.20 -16.25
N PRO G 394 -14.70 111.12 -17.04
CA PRO G 394 -15.88 110.97 -17.92
C PRO G 394 -17.18 110.76 -17.16
N GLU G 395 -17.16 110.11 -16.01
CA GLU G 395 -18.36 109.89 -15.20
C GLU G 395 -18.02 110.17 -13.74
N PRO G 396 -18.18 111.43 -13.31
CA PRO G 396 -17.66 111.83 -11.99
C PRO G 396 -18.32 111.14 -10.80
N ASN G 397 -19.37 110.34 -11.01
CA ASN G 397 -19.94 109.57 -9.91
C ASN G 397 -19.10 108.35 -9.55
N ILE G 398 -18.07 108.05 -10.33
CA ILE G 398 -17.17 106.94 -10.05
C ILE G 398 -15.95 107.50 -9.32
N VAL G 399 -15.79 107.12 -8.05
CA VAL G 399 -14.69 107.57 -7.22
C VAL G 399 -13.77 106.38 -6.94
N PHE G 400 -12.47 106.57 -7.17
CA PHE G 400 -11.48 105.52 -6.94
C PHE G 400 -10.89 105.70 -5.55
N ILE G 401 -11.26 104.82 -4.63
CA ILE G 401 -10.85 104.90 -3.23
C ILE G 401 -9.57 104.10 -3.02
N PRO G 402 -8.62 104.59 -2.22
CA PRO G 402 -7.37 103.85 -2.01
C PRO G 402 -7.62 102.48 -1.39
N GLU G 403 -6.65 101.59 -1.58
CA GLU G 403 -6.71 100.27 -0.99
C GLU G 403 -6.64 100.35 0.53
N HIS G 404 -7.26 99.38 1.19
CA HIS G 404 -7.29 99.21 2.64
C HIS G 404 -8.08 100.31 3.36
N SER G 405 -8.87 101.11 2.63
CA SER G 405 -9.67 102.14 3.27
C SER G 405 -10.77 101.50 4.11
N HIS G 406 -11.37 102.32 4.97
CA HIS G 406 -12.51 101.90 5.78
C HIS G 406 -13.75 102.65 5.35
N TYR G 407 -14.84 101.92 5.16
CA TYR G 407 -16.14 102.48 4.79
C TYR G 407 -17.08 102.36 5.99
N SER G 408 -17.70 103.46 6.36
CA SER G 408 -18.59 103.50 7.53
C SER G 408 -19.90 104.15 7.14
N MET G 409 -21.01 103.43 7.32
CA MET G 409 -22.32 104.01 7.10
C MET G 409 -22.85 104.72 8.34
N ARG G 410 -22.40 104.32 9.53
CA ARG G 410 -22.84 105.00 10.75
C ARG G 410 -22.27 106.41 10.83
N THR G 411 -21.00 106.59 10.47
CA THR G 411 -20.41 107.92 10.40
C THR G 411 -20.48 108.52 9.00
N GLN G 412 -20.94 107.74 8.01
CA GLN G 412 -21.05 108.19 6.62
C GLN G 412 -19.73 108.76 6.11
N THR G 413 -18.65 108.03 6.35
CA THR G 413 -17.31 108.48 5.95
C THR G 413 -16.56 107.34 5.27
N ILE G 414 -15.55 107.73 4.50
CA ILE G 414 -14.53 106.83 3.98
C ILE G 414 -13.19 107.38 4.43
N SER G 415 -12.39 106.53 5.09
CA SER G 415 -11.15 106.98 5.70
C SER G 415 -9.99 106.09 5.29
N TRP G 416 -8.80 106.70 5.22
CA TRP G 416 -7.56 106.00 4.91
C TRP G 416 -6.40 106.86 5.36
N THR G 417 -5.19 106.39 5.08
CA THR G 417 -3.97 107.10 5.43
C THR G 417 -3.22 107.44 4.15
N ALA G 418 -3.01 108.73 3.91
CA ALA G 418 -2.31 109.19 2.71
C ALA G 418 -1.61 110.51 3.03
N HIS G 419 -0.43 110.70 2.44
CA HIS G 419 0.36 111.92 2.61
C HIS G 419 0.63 112.20 4.10
N GLY G 420 0.91 111.14 4.85
CA GLY G 420 1.24 111.30 6.26
C GLY G 420 0.12 111.87 7.10
N ALA G 421 -1.12 111.50 6.80
CA ALA G 421 -2.26 111.99 7.56
C ALA G 421 -3.43 111.05 7.35
N GLU G 422 -4.31 110.99 8.35
CA GLU G 422 -5.53 110.19 8.26
C GLU G 422 -6.57 110.99 7.51
N GLN G 423 -6.93 110.53 6.31
CA GLN G 423 -7.88 111.22 5.46
C GLN G 423 -9.30 110.73 5.74
N THR G 424 -10.26 111.61 5.50
CA THR G 424 -11.67 111.26 5.69
C THR G 424 -12.51 112.10 4.74
N ILE G 425 -13.26 111.43 3.85
CA ILE G 425 -14.20 112.08 2.97
C ILE G 425 -15.59 111.53 3.26
N LYS G 426 -16.60 112.29 2.84
CA LYS G 426 -17.99 111.91 3.07
C LYS G 426 -18.40 110.82 2.11
N LEU G 427 -19.06 109.78 2.64
CA LEU G 427 -19.60 108.70 1.82
C LEU G 427 -20.94 109.18 1.25
N LEU G 428 -20.93 109.59 -0.01
CA LEU G 428 -22.10 110.18 -0.63
C LEU G 428 -22.95 109.12 -1.31
N ALA G 429 -24.25 109.17 -1.06
CA ALA G 429 -25.18 108.33 -1.81
C ALA G 429 -25.21 108.76 -3.27
N GLY G 430 -25.33 107.79 -4.17
CA GLY G 430 -25.29 108.05 -5.59
C GLY G 430 -23.92 108.08 -6.19
N LYS G 431 -22.86 107.92 -5.39
CA LYS G 431 -21.50 107.76 -5.88
C LYS G 431 -21.14 106.28 -5.91
N HIS G 432 -20.24 105.93 -6.81
CA HIS G 432 -19.77 104.56 -6.98
C HIS G 432 -18.31 104.51 -6.55
N TYR G 433 -18.06 104.04 -5.33
CA TYR G 433 -16.72 104.01 -4.76
C TYR G 433 -16.04 102.69 -5.13
N LEU G 434 -14.96 102.77 -5.91
CA LEU G 434 -14.32 101.61 -6.49
C LEU G 434 -12.94 101.40 -5.87
N SER G 435 -12.68 100.16 -5.43
CA SER G 435 -11.36 99.77 -4.98
C SER G 435 -10.44 99.62 -6.19
N PRO G 436 -9.11 99.56 -5.96
CA PRO G 436 -8.18 99.41 -7.09
C PRO G 436 -8.40 98.14 -7.91
N ASP G 437 -9.15 97.16 -7.39
CA ASP G 437 -9.49 95.96 -8.15
C ASP G 437 -10.91 95.99 -8.69
N GLY G 438 -11.58 97.14 -8.61
CA GLY G 438 -12.91 97.29 -9.15
C GLY G 438 -14.05 97.06 -8.18
N TYR G 439 -13.77 96.52 -6.99
CA TYR G 439 -14.82 96.29 -6.01
C TYR G 439 -15.51 97.61 -5.68
N ARG G 440 -16.84 97.60 -5.70
CA ARG G 440 -17.63 98.82 -5.53
C ARG G 440 -18.34 98.82 -4.19
N ILE G 441 -18.29 99.97 -3.52
CA ILE G 441 -19.11 100.25 -2.34
C ILE G 441 -20.04 101.40 -2.70
N HIS G 442 -21.33 101.22 -2.41
CA HIS G 442 -22.28 102.32 -2.51
C HIS G 442 -23.27 102.23 -1.35
N ALA G 443 -23.80 103.39 -0.97
CA ALA G 443 -24.77 103.47 0.12
C ALA G 443 -26.17 103.19 -0.40
N LYS G 444 -26.97 102.53 0.42
CA LYS G 444 -28.31 102.14 0.03
C LYS G 444 -29.18 102.02 1.27
N HIS G 445 -30.46 102.36 1.10
CA HIS G 445 -31.46 102.14 2.14
C HIS G 445 -32.41 101.02 1.71
N ARG G 446 -33.07 100.43 2.69
CA ARG G 446 -33.94 99.30 2.41
C ARG G 446 -35.24 99.75 1.77
N GLU G 447 -35.82 98.86 0.97
CA GLU G 447 -37.02 99.21 0.20
C GLU G 447 -38.19 99.57 1.11
N MET G 448 -38.25 98.98 2.30
CA MET G 448 -39.37 99.16 3.21
C MET G 448 -39.12 100.20 4.29
N ASP G 449 -37.92 100.78 4.34
CA ASP G 449 -37.60 101.74 5.40
C ASP G 449 -36.44 102.61 4.90
N ALA G 450 -36.77 103.81 4.44
CA ALA G 450 -35.76 104.71 3.90
C ALA G 450 -34.79 105.23 4.97
N THR G 451 -35.07 104.98 6.25
CA THR G 451 -34.20 105.42 7.33
C THR G 451 -33.20 104.34 7.75
N GLN G 452 -33.27 103.15 7.17
CA GLN G 452 -32.33 102.06 7.47
C GLN G 452 -31.34 101.99 6.31
N TRP G 453 -30.13 102.50 6.55
CA TRP G 453 -29.08 102.53 5.55
C TRP G 453 -28.03 101.46 5.82
N HIS G 454 -27.33 101.08 4.76
CA HIS G 454 -26.29 100.06 4.86
C HIS G 454 -25.39 100.15 3.64
N LEU G 455 -24.28 99.43 3.69
CA LEU G 455 -23.33 99.38 2.59
C LEU G 455 -23.59 98.16 1.72
N ILE G 456 -23.53 98.36 0.41
CA ILE G 456 -23.59 97.28 -0.56
C ILE G 456 -22.23 97.15 -1.21
N GLY G 457 -21.71 95.93 -1.26
CA GLY G 457 -20.48 95.67 -1.98
C GLY G 457 -20.75 94.85 -3.22
N THR G 458 -20.37 95.38 -4.38
CA THR G 458 -20.56 94.69 -5.66
C THR G 458 -19.21 94.20 -6.15
N SER G 459 -19.07 92.88 -6.29
CA SER G 459 -17.86 92.30 -6.82
C SER G 459 -17.64 92.75 -8.26
N SER G 460 -16.38 92.94 -8.62
CA SER G 460 -16.03 93.34 -9.98
C SER G 460 -15.68 92.17 -10.89
N ARG G 461 -15.62 90.95 -10.36
CA ARG G 461 -15.37 89.79 -11.21
C ARG G 461 -16.70 89.33 -11.81
N ALA G 462 -16.87 89.59 -13.10
CA ALA G 462 -18.11 89.23 -13.78
C ALA G 462 -18.21 87.73 -13.99
N VAL G 463 -19.42 87.21 -13.80
CA VAL G 463 -19.77 85.88 -14.30
C VAL G 463 -20.74 86.12 -15.45
N THR G 464 -20.19 86.28 -16.66
CA THR G 464 -21.01 86.58 -17.82
C THR G 464 -21.81 85.35 -18.22
N CYS G 465 -23.13 85.48 -18.21
CA CYS G 465 -24.02 84.36 -18.52
C CYS G 465 -24.58 84.49 -19.92
N HIS G 466 -24.88 83.34 -20.51
CA HIS G 466 -25.34 83.23 -21.89
C HIS G 466 -26.43 82.17 -21.93
N LYS G 467 -27.61 82.54 -22.43
CA LYS G 467 -28.79 81.67 -22.41
C LYS G 467 -29.26 81.43 -23.84
N PRO G 468 -28.63 80.50 -24.56
CA PRO G 468 -29.00 80.25 -25.96
C PRO G 468 -30.03 79.14 -26.10
N ALA G 469 -30.51 78.98 -27.33
CA ALA G 469 -31.38 77.85 -27.72
C ALA G 469 -32.53 77.65 -26.74
N THR G 470 -33.02 78.75 -26.16
CA THR G 470 -34.08 78.68 -25.17
C THR G 470 -35.42 78.82 -25.87
N VAL G 471 -36.27 77.79 -25.73
CA VAL G 471 -37.57 77.76 -26.38
C VAL G 471 -38.47 78.83 -25.78
N SER G 472 -39.59 79.13 -26.45
CA SER G 472 -40.52 80.12 -25.96
C SER G 472 -41.03 79.75 -24.58
N GLY G 473 -40.97 80.70 -23.65
CA GLY G 473 -41.34 80.44 -22.28
C GLY G 473 -40.27 79.80 -21.43
N GLY G 474 -39.09 79.53 -22.00
CA GLY G 474 -37.98 79.02 -21.23
C GLY G 474 -37.22 80.07 -20.42
N GLY G 475 -37.53 81.34 -20.62
CA GLY G 475 -36.96 82.39 -19.81
C GLY G 475 -35.76 83.07 -20.43
N LYS G 476 -35.85 83.39 -21.72
CA LYS G 476 -34.70 83.98 -22.42
C LYS G 476 -34.39 85.37 -21.88
N SER G 477 -35.41 86.23 -21.74
CA SER G 477 -35.20 87.58 -21.25
C SER G 477 -34.98 87.64 -19.74
N GLU G 478 -35.43 86.64 -19.00
CA GLU G 478 -35.37 86.70 -17.53
C GLU G 478 -33.94 86.66 -17.00
N ILE G 479 -32.98 86.16 -17.77
CA ILE G 479 -31.63 86.04 -17.27
C ILE G 479 -30.99 87.41 -17.06
N SER G 480 -31.42 88.41 -17.82
CA SER G 480 -30.85 89.75 -17.73
C SER G 480 -31.65 90.68 -16.82
N LYS G 481 -32.86 90.29 -16.43
CA LYS G 481 -33.67 91.12 -15.55
C LYS G 481 -33.19 91.03 -14.11
N SER G 482 -33.10 92.18 -13.45
CA SER G 482 -32.67 92.21 -12.06
C SER G 482 -33.70 91.52 -11.16
N ILE G 483 -33.21 90.84 -10.13
CA ILE G 483 -34.07 90.05 -9.25
C ILE G 483 -34.59 90.92 -8.11
N SER G 484 -34.31 92.23 -8.19
CA SER G 484 -34.75 93.15 -7.14
C SER G 484 -36.26 93.12 -6.98
N ASP G 485 -37.00 93.31 -8.07
CA ASP G 485 -38.45 93.38 -8.00
C ASP G 485 -39.12 92.05 -7.70
N ALA G 486 -38.34 90.99 -7.46
CA ALA G 486 -38.88 89.70 -7.06
C ALA G 486 -38.89 89.50 -5.55
N PHE G 487 -38.38 90.48 -4.80
CA PHE G 487 -38.29 90.35 -3.35
C PHE G 487 -39.67 90.45 -2.69
N VAL G 488 -39.83 89.70 -1.60
CA VAL G 488 -40.99 89.81 -0.72
C VAL G 488 -40.46 90.04 0.69
N PHE G 489 -40.97 91.07 1.36
CA PHE G 489 -40.43 91.52 2.64
C PHE G 489 -41.34 91.12 3.79
N GLY G 490 -40.74 90.67 4.88
CA GLY G 490 -41.48 90.34 6.08
C GLY G 490 -40.71 90.78 7.31
N ASN G 491 -41.38 90.68 8.46
CA ASN G 491 -40.78 91.02 9.75
C ASN G 491 -40.39 89.75 10.50
N ALA G 492 -39.41 89.90 11.38
CA ALA G 492 -38.93 88.77 12.17
C ALA G 492 -39.97 88.36 13.20
N PHE G 493 -40.34 87.08 13.19
CA PHE G 493 -41.32 86.53 14.10
C PHE G 493 -40.66 85.57 15.09
N SER G 494 -41.19 85.54 16.30
CA SER G 494 -40.73 84.61 17.31
C SER G 494 -41.90 84.21 18.20
N HIS G 495 -42.04 82.91 18.44
CA HIS G 495 -43.05 82.45 19.40
C HIS G 495 -42.72 82.90 20.81
N ASP G 496 -41.43 82.96 21.14
CA ASP G 496 -40.99 83.38 22.48
C ASP G 496 -39.52 83.83 22.33
N ILE G 497 -39.32 85.12 22.06
CA ILE G 497 -37.98 85.65 21.87
C ILE G 497 -37.12 85.40 23.09
N ASP G 498 -37.73 85.36 24.28
CA ASP G 498 -36.98 85.09 25.50
C ASP G 498 -36.38 83.69 25.46
N SER G 499 -37.18 82.70 25.04
CA SER G 499 -36.69 81.32 24.97
C SER G 499 -35.78 81.11 23.77
N ALA G 500 -36.08 81.75 22.64
CA ALA G 500 -35.25 81.58 21.45
C ALA G 500 -33.84 82.12 21.67
N MET G 501 -33.72 83.23 22.40
CA MET G 501 -32.39 83.77 22.69
C MET G 501 -31.61 82.87 23.63
N ASP G 502 -32.29 82.16 24.52
CA ASP G 502 -31.62 81.16 25.34
C ASP G 502 -31.09 80.01 24.48
N GLN G 503 -31.85 79.64 23.44
CA GLN G 503 -31.36 78.62 22.52
C GLN G 503 -30.26 79.16 21.63
N VAL G 504 -30.38 80.42 21.21
CA VAL G 504 -29.32 81.04 20.41
C VAL G 504 -28.04 81.16 21.24
N GLN G 505 -28.17 81.56 22.51
CA GLN G 505 -27.01 81.64 23.38
C GLN G 505 -26.37 80.28 23.59
N ALA G 506 -27.19 79.24 23.77
CA ALA G 506 -26.65 77.90 23.93
C ALA G 506 -25.98 77.41 22.65
N LEU G 507 -26.42 77.92 21.49
CA LEU G 507 -25.80 77.53 20.24
C LEU G 507 -24.44 78.19 20.08
N PHE G 508 -24.30 79.44 20.52
CA PHE G 508 -23.00 80.11 20.49
C PHE G 508 -21.99 79.38 21.36
N ASP G 509 -22.43 78.78 22.47
CA ASP G 509 -21.55 78.16 23.43
C ASP G 509 -21.18 76.72 23.09
N THR G 510 -21.66 76.19 21.97
CA THR G 510 -21.29 74.84 21.60
C THR G 510 -19.86 74.80 21.05
N ASP G 511 -19.29 73.59 20.99
CA ASP G 511 -17.90 73.40 20.63
C ASP G 511 -17.79 73.29 19.11
N PHE G 512 -17.34 74.37 18.47
CA PHE G 512 -17.29 74.46 17.02
C PHE G 512 -15.93 74.10 16.43
N THR G 513 -14.88 73.99 17.24
CA THR G 513 -13.56 73.67 16.70
C THR G 513 -13.48 72.23 16.19
N ASN G 514 -14.35 71.34 16.67
CA ASN G 514 -14.35 69.94 16.27
C ASN G 514 -15.44 69.63 15.25
N ARG G 515 -15.71 70.58 14.35
CA ARG G 515 -16.80 70.43 13.39
C ARG G 515 -16.41 69.71 12.12
N PHE G 516 -15.12 69.69 11.77
CA PHE G 516 -14.68 69.14 10.48
C PHE G 516 -14.49 67.63 10.57
N ALA G 517 -14.70 66.96 9.44
CA ALA G 517 -14.40 65.54 9.35
C ALA G 517 -12.90 65.30 9.32
N ASP G 518 -12.14 66.24 8.76
CA ASP G 518 -10.69 66.18 8.78
C ASP G 518 -10.20 66.47 10.20
N ALA G 519 -9.46 65.51 10.78
CA ALA G 519 -9.04 65.67 12.17
C ALA G 519 -8.01 66.79 12.33
N SER G 520 -7.24 67.09 11.28
CA SER G 520 -6.20 68.11 11.40
C SER G 520 -6.77 69.51 11.54
N ARG G 521 -8.00 69.72 11.05
CA ARG G 521 -8.65 71.03 11.16
C ARG G 521 -9.34 71.23 12.51
N ASN G 522 -9.30 70.25 13.40
CA ASN G 522 -9.97 70.35 14.68
C ASN G 522 -9.10 71.12 15.68
N GLY G 523 -9.76 71.86 16.56
CA GLY G 523 -9.08 72.61 17.60
C GLY G 523 -8.31 73.82 17.09
N THR G 524 -8.77 74.43 16.01
CA THR G 524 -8.03 75.53 15.38
C THR G 524 -8.87 76.78 15.11
N ASP G 525 -10.19 76.70 15.16
CA ASP G 525 -11.06 77.85 14.84
C ASP G 525 -11.86 78.21 16.09
N HIS G 526 -11.22 78.92 17.02
CA HIS G 526 -11.82 79.31 18.28
C HIS G 526 -12.48 80.68 18.23
N ARG G 527 -12.70 81.24 17.04
CA ARG G 527 -13.37 82.53 16.92
C ARG G 527 -14.81 82.41 17.40
N PRO G 528 -15.20 83.11 18.46
CA PRO G 528 -16.62 83.07 18.88
C PRO G 528 -17.53 83.54 17.75
N VAL G 529 -18.79 83.14 17.84
CA VAL G 529 -19.73 83.43 16.76
C VAL G 529 -19.87 84.93 16.57
N LEU G 530 -19.96 85.68 17.67
CA LEU G 530 -20.09 87.13 17.61
C LEU G 530 -18.76 87.85 17.53
N SER G 531 -17.67 87.13 17.25
CA SER G 531 -16.36 87.76 17.09
C SER G 531 -16.38 88.71 15.91
N ILE G 532 -15.54 89.75 16.00
CA ILE G 532 -15.41 90.70 14.90
C ILE G 532 -14.56 90.09 13.78
N ASP G 533 -13.64 89.18 14.12
CA ASP G 533 -12.84 88.44 13.16
C ASP G 533 -13.63 87.32 12.47
N ARG G 534 -14.95 87.41 12.46
CA ARG G 534 -15.81 86.39 11.86
C ARG G 534 -16.96 87.12 11.16
N SER G 535 -17.00 87.04 9.84
CA SER G 535 -17.98 87.79 9.08
C SER G 535 -19.37 87.17 9.23
N LEU G 536 -20.36 87.86 8.67
CA LEU G 536 -21.73 87.34 8.68
C LEU G 536 -21.85 86.07 7.84
N GLY G 537 -21.00 85.92 6.83
CA GLY G 537 -20.98 84.70 6.05
C GLY G 537 -20.34 83.54 6.79
N SER G 538 -19.21 83.79 7.46
CA SER G 538 -18.48 82.73 8.14
C SER G 538 -19.35 81.99 9.14
N VAL G 539 -20.34 82.65 9.71
CA VAL G 539 -21.26 81.98 10.62
C VAL G 539 -22.30 81.17 9.85
N ILE G 540 -22.76 81.69 8.71
CA ILE G 540 -23.76 80.97 7.90
C ILE G 540 -23.16 79.67 7.37
N LYS G 541 -21.94 79.73 6.84
CA LYS G 541 -21.25 78.51 6.45
C LYS G 541 -21.05 77.58 7.65
N LEU G 542 -20.88 78.16 8.83
CA LEU G 542 -20.63 77.36 10.03
C LEU G 542 -21.82 76.49 10.40
N LEU G 543 -23.02 77.06 10.37
CA LEU G 543 -24.23 76.35 10.79
C LEU G 543 -24.89 75.55 9.67
N THR G 544 -24.37 75.63 8.45
CA THR G 544 -25.00 74.89 7.36
C THR G 544 -24.29 73.56 7.15
N PRO G 545 -25.02 72.46 7.04
CA PRO G 545 -24.36 71.17 6.77
C PRO G 545 -23.58 71.20 5.47
N SER G 546 -22.35 70.70 5.52
CA SER G 546 -21.49 70.62 4.36
C SER G 546 -20.68 69.34 4.42
N ILE G 547 -19.99 69.03 3.31
CA ILE G 547 -19.20 67.81 3.25
C ILE G 547 -17.88 67.95 4.01
N GLN G 548 -17.44 69.17 4.28
CA GLN G 548 -16.23 69.39 5.09
C GLN G 548 -16.39 68.93 6.54
N TYR G 549 -17.62 68.68 6.99
CA TYR G 549 -17.91 68.39 8.38
C TYR G 549 -18.07 66.89 8.60
N ASN G 550 -17.86 66.48 9.85
CA ASN G 550 -18.07 65.09 10.23
C ASN G 550 -19.57 64.79 10.31
N ASP G 551 -19.90 63.51 10.52
CA ASP G 551 -21.30 63.11 10.57
C ASP G 551 -22.01 63.55 11.84
N GLU G 552 -21.27 63.78 12.93
CA GLU G 552 -21.89 64.18 14.19
C GLU G 552 -22.32 65.65 14.16
N TYR G 553 -21.42 66.55 13.77
CA TYR G 553 -21.74 67.98 13.75
C TYR G 553 -22.79 68.30 12.68
N ASN G 554 -22.84 67.51 11.60
CA ASN G 554 -23.88 67.71 10.61
C ASN G 554 -25.23 67.24 11.13
N ALA G 555 -25.25 66.15 11.89
CA ALA G 555 -26.51 65.68 12.48
C ALA G 555 -27.02 66.64 13.53
N PHE G 556 -26.12 67.33 14.23
CA PHE G 556 -26.54 68.33 15.21
C PHE G 556 -27.19 69.53 14.53
N LEU G 557 -26.61 69.97 13.42
CA LEU G 557 -27.19 71.09 12.67
C LEU G 557 -28.59 70.78 12.15
N GLU G 558 -28.94 69.51 12.00
CA GLU G 558 -30.28 69.17 11.52
C GLU G 558 -31.34 69.37 12.60
N GLY G 559 -30.97 69.17 13.86
CA GLY G 559 -31.91 69.33 14.95
C GLY G 559 -32.17 70.75 15.40
N ILE G 560 -31.58 71.72 14.71
CA ILE G 560 -31.74 73.13 15.08
C ILE G 560 -33.03 73.67 14.46
N GLU G 561 -33.87 74.26 15.30
CA GLU G 561 -35.10 74.86 14.81
C GLU G 561 -34.80 75.99 13.84
N PRO G 562 -35.44 76.04 12.67
CA PRO G 562 -35.19 77.15 11.72
C PRO G 562 -35.37 78.53 12.33
N ASP G 563 -36.24 78.67 13.33
CA ASP G 563 -36.39 79.95 14.01
C ASP G 563 -35.14 80.30 14.82
N VAL G 564 -34.58 79.32 15.51
CA VAL G 564 -33.37 79.55 16.29
C VAL G 564 -32.18 79.80 15.36
N LYS G 565 -32.08 79.04 14.28
CA LYS G 565 -31.02 79.26 13.30
C LYS G 565 -31.11 80.66 12.70
N GLU G 566 -32.32 81.05 12.25
CA GLU G 566 -32.50 82.37 11.66
C GLU G 566 -32.20 83.48 12.66
N LEU G 567 -32.61 83.29 13.91
CA LEU G 567 -32.36 84.30 14.93
C LEU G 567 -30.87 84.42 15.24
N ALA G 568 -30.15 83.29 15.23
CA ALA G 568 -28.71 83.34 15.46
C ALA G 568 -28.02 84.16 14.39
N PHE G 569 -28.47 84.05 13.14
CA PHE G 569 -27.89 84.86 12.07
C PHE G 569 -28.27 86.33 12.23
N THR G 570 -29.52 86.60 12.61
CA THR G 570 -29.94 87.98 12.82
C THR G 570 -29.15 88.62 13.96
N VAL G 571 -28.86 87.86 15.02
CA VAL G 571 -28.02 88.37 16.09
C VAL G 571 -26.60 88.61 15.60
N LYS G 572 -26.12 87.79 14.67
CA LYS G 572 -24.77 87.99 14.16
C LYS G 572 -24.71 89.23 13.27
N ARG G 573 -25.70 89.43 12.40
CA ARG G 573 -25.68 90.57 11.49
C ARG G 573 -25.69 91.89 12.24
N TYR G 574 -26.75 92.13 13.01
CA TYR G 574 -26.92 93.41 13.68
C TYR G 574 -26.08 93.56 14.94
N TYR G 575 -25.05 92.74 15.11
CA TYR G 575 -24.24 92.83 16.32
C TYR G 575 -23.22 93.96 16.21
N LEU G 576 -22.97 94.59 17.36
CA LEU G 576 -21.96 95.64 17.48
C LEU G 576 -21.06 95.30 18.67
N PRO G 577 -19.74 95.42 18.53
CA PRO G 577 -18.84 95.09 19.66
C PRO G 577 -19.08 95.93 20.90
N GLU G 578 -19.83 97.02 20.80
CA GLU G 578 -20.17 97.82 21.97
C GLU G 578 -20.97 97.01 22.98
N TRP G 579 -21.76 96.05 22.49
CA TRP G 579 -22.57 95.20 23.37
C TRP G 579 -21.66 94.11 23.93
N GLY G 580 -21.20 94.30 25.17
CA GLY G 580 -20.35 93.31 25.79
C GLY G 580 -21.13 92.08 26.21
N GLU G 581 -21.49 91.24 25.23
CA GLU G 581 -22.32 90.06 25.38
C GLU G 581 -23.72 90.37 25.90
N ASP G 582 -24.06 91.63 26.12
CA ASP G 582 -25.42 92.08 26.45
C ASP G 582 -26.26 92.31 25.21
N TRP G 583 -26.11 91.45 24.20
CA TRP G 583 -26.84 91.63 22.95
C TRP G 583 -28.33 91.35 23.12
N ARG G 584 -28.68 90.49 24.08
CA ARG G 584 -30.09 90.14 24.30
C ARG G 584 -30.94 91.37 24.61
N SER G 585 -30.32 92.39 25.21
CA SER G 585 -31.07 93.57 25.64
C SER G 585 -31.55 94.42 24.47
N HIS G 586 -30.95 94.29 23.29
CA HIS G 586 -31.35 95.08 22.15
C HIS G 586 -32.39 94.40 21.27
N PHE G 587 -32.46 93.07 21.32
CA PHE G 587 -33.50 92.32 20.59
C PHE G 587 -34.71 92.22 21.50
N THR G 588 -35.77 92.92 21.14
CA THR G 588 -36.92 93.10 22.02
C THR G 588 -38.20 92.71 21.28
N VAL G 589 -39.32 92.85 21.97
CA VAL G 589 -40.64 92.60 21.40
C VAL G 589 -41.65 93.39 22.21
N GLY G 590 -42.61 93.99 21.52
CA GLY G 590 -43.55 94.87 22.18
C GLY G 590 -44.48 94.13 23.14
N ILE G 591 -45.04 94.89 24.07
CA ILE G 591 -46.02 94.36 25.02
C ILE G 591 -47.38 94.75 24.46
N MET G 592 -47.97 93.83 23.71
CA MET G 592 -49.25 94.06 23.04
C MET G 592 -50.37 93.42 23.85
N ASN G 593 -51.28 94.24 24.36
CA ASN G 593 -52.43 93.80 25.15
C ASN G 593 -52.00 93.03 26.40
N GLY G 594 -50.89 93.46 27.01
CA GLY G 594 -50.34 92.81 28.19
C GLY G 594 -49.44 91.62 27.90
N ARG G 595 -49.74 90.89 26.83
CA ARG G 595 -48.90 89.78 26.41
C ARG G 595 -47.57 90.30 25.87
N HIS G 596 -46.66 89.36 25.60
CA HIS G 596 -45.28 89.70 25.27
C HIS G 596 -45.05 89.84 23.77
N GLY G 597 -46.11 90.02 22.99
CA GLY G 597 -45.90 90.23 21.56
C GLY G 597 -45.26 89.04 20.85
N ASN G 598 -44.99 89.25 19.56
CA ASN G 598 -44.43 88.17 18.75
C ASN G 598 -43.53 88.69 17.63
N MET G 599 -43.57 89.99 17.35
CA MET G 599 -42.77 90.58 16.29
C MET G 599 -41.45 91.07 16.86
N VAL G 600 -40.34 90.53 16.34
CA VAL G 600 -39.03 90.85 16.88
C VAL G 600 -38.60 92.24 16.45
N ARG G 601 -38.02 92.98 17.39
CA ARG G 601 -37.53 94.34 17.14
C ARG G 601 -36.06 94.43 17.52
N LEU G 602 -35.35 95.32 16.82
CA LEU G 602 -33.97 95.67 17.16
C LEU G 602 -33.95 97.15 17.51
N ASP G 603 -33.76 97.45 18.80
CA ASP G 603 -33.72 98.84 19.28
C ASP G 603 -35.00 99.59 18.91
N GLY G 604 -36.14 98.92 19.06
CA GLY G 604 -37.41 99.54 18.74
C GLY G 604 -37.79 99.38 17.29
N LYS G 605 -36.80 99.39 16.40
CA LYS G 605 -37.06 99.20 14.98
C LYS G 605 -37.38 97.73 14.69
N LYS G 606 -38.53 97.49 14.09
CA LYS G 606 -38.89 96.13 13.69
C LYS G 606 -37.92 95.63 12.62
N ILE G 607 -37.50 94.37 12.75
CA ILE G 607 -36.54 93.77 11.83
C ILE G 607 -37.26 93.35 10.56
N ILE G 608 -36.61 93.59 9.42
CA ILE G 608 -37.16 93.27 8.10
C ILE G 608 -36.38 92.11 7.51
N THR G 609 -37.10 91.11 7.00
CA THR G 609 -36.50 89.95 6.37
C THR G 609 -36.78 89.98 4.87
N ASN G 610 -35.80 89.56 4.08
CA ASN G 610 -35.95 89.43 2.64
C ASN G 610 -36.29 87.99 2.30
N MET G 611 -37.14 87.81 1.29
CA MET G 611 -37.57 86.49 0.87
C MET G 611 -37.75 86.44 -0.64
N LEU G 612 -37.59 85.24 -1.20
CA LEU G 612 -37.82 84.98 -2.61
C LEU G 612 -38.79 83.82 -2.77
N ARG G 613 -39.59 83.88 -3.82
CA ARG G 613 -40.51 82.81 -4.14
C ARG G 613 -39.84 81.81 -5.06
N VAL G 614 -39.90 80.53 -4.70
CA VAL G 614 -39.40 79.47 -5.55
C VAL G 614 -40.55 78.52 -5.84
N GLY G 615 -41.35 78.85 -6.84
CA GLY G 615 -42.47 78.03 -7.23
C GLY G 615 -43.66 78.19 -6.30
N PHE G 616 -44.71 77.45 -6.63
CA PHE G 616 -45.96 77.43 -5.88
C PHE G 616 -46.22 76.04 -5.33
N ARG G 617 -47.15 75.96 -4.39
CA ARG G 617 -47.70 74.68 -4.00
C ARG G 617 -48.94 74.39 -4.86
N GLU G 618 -49.42 73.15 -4.77
CA GLU G 618 -50.51 72.74 -5.65
C GLU G 618 -51.78 73.56 -5.42
N ASP G 619 -51.96 74.10 -4.21
CA ASP G 619 -53.11 74.94 -3.93
C ASP G 619 -52.91 76.39 -4.35
N GLY G 620 -51.75 76.74 -4.92
CA GLY G 620 -51.51 78.06 -5.44
C GLY G 620 -50.70 78.98 -4.54
N SER G 621 -50.59 78.66 -3.25
CA SER G 621 -49.84 79.50 -2.33
C SER G 621 -48.37 79.56 -2.70
N TRP G 622 -47.73 80.68 -2.37
CA TRP G 622 -46.35 80.91 -2.75
C TRP G 622 -45.39 80.16 -1.82
N ARG G 623 -44.33 79.64 -2.41
CA ARG G 623 -43.26 78.96 -1.66
C ARG G 623 -42.16 80.00 -1.42
N LEU G 624 -42.32 80.77 -0.36
CA LEU G 624 -41.37 81.81 -0.01
C LEU G 624 -40.23 81.23 0.80
N PHE G 625 -39.04 81.84 0.66
CA PHE G 625 -37.85 81.37 1.36
C PHE G 625 -36.98 82.57 1.72
N THR G 626 -36.48 82.56 2.96
CA THR G 626 -35.70 83.69 3.46
C THR G 626 -34.32 83.74 2.82
N LEU G 627 -33.90 84.93 2.42
CA LEU G 627 -32.57 85.12 1.88
C LEU G 627 -31.56 85.33 3.01
N ARG G 628 -30.29 85.16 2.67
CA ARG G 628 -29.24 85.42 3.65
C ARG G 628 -29.23 86.90 4.01
N PRO G 629 -28.95 87.23 5.28
CA PRO G 629 -28.95 88.66 5.66
C PRO G 629 -27.94 89.49 4.89
N ASP G 630 -26.85 88.89 4.42
CA ASP G 630 -25.87 89.59 3.63
C ASP G 630 -26.10 89.45 2.12
N TYR G 631 -27.25 88.94 1.72
CA TYR G 631 -27.54 88.80 0.29
C TYR G 631 -28.10 90.09 -0.28
N SER G 632 -27.65 90.44 -1.47
CA SER G 632 -28.11 91.60 -2.21
C SER G 632 -28.24 91.20 -3.67
N PRO G 633 -29.24 91.74 -4.38
CA PRO G 633 -29.43 91.35 -5.78
C PRO G 633 -28.18 91.58 -6.61
N ALA G 634 -27.85 90.59 -7.43
CA ALA G 634 -26.67 90.68 -8.28
C ALA G 634 -26.87 91.75 -9.35
N VAL G 635 -25.84 92.56 -9.56
CA VAL G 635 -25.89 93.57 -10.61
C VAL G 635 -25.79 92.88 -11.97
N LYS G 636 -26.71 93.21 -12.86
CA LYS G 636 -26.76 92.61 -14.20
C LYS G 636 -26.59 93.70 -15.25
N VAL G 637 -25.58 93.55 -16.09
CA VAL G 637 -25.40 94.40 -17.26
C VAL G 637 -25.81 93.58 -18.47
N GLN G 638 -26.95 93.92 -19.06
CA GLN G 638 -27.50 93.13 -20.15
C GLN G 638 -26.60 93.18 -21.37
N THR G 639 -26.43 92.02 -22.01
CA THR G 639 -25.63 91.88 -23.21
C THR G 639 -26.38 91.29 -24.38
N GLU G 640 -27.45 90.52 -24.13
CA GLU G 640 -28.21 89.89 -25.18
C GLU G 640 -29.68 89.87 -24.77
N ASP G 641 -30.55 89.67 -25.76
CA ASP G 641 -31.97 89.48 -25.47
C ASP G 641 -32.61 88.52 -26.45
N ASP G 642 -32.49 88.79 -27.75
CA ASP G 642 -33.21 87.99 -28.75
C ASP G 642 -32.36 87.73 -29.99
N ILE G 643 -31.67 88.75 -30.49
CA ILE G 643 -30.85 88.64 -31.70
C ILE G 643 -29.41 88.94 -31.29
N THR G 644 -28.56 87.93 -31.34
CA THR G 644 -27.19 88.01 -30.83
C THR G 644 -26.19 87.65 -31.92
N ALA G 645 -25.17 88.49 -32.08
CA ALA G 645 -24.02 88.18 -32.93
C ALA G 645 -22.87 87.75 -32.03
N SER G 646 -22.26 86.61 -32.36
CA SER G 646 -21.22 86.06 -31.52
C SER G 646 -20.11 85.48 -32.39
N THR G 647 -18.92 85.38 -31.79
CA THR G 647 -17.77 84.78 -32.42
C THR G 647 -16.93 84.10 -31.35
N VAL G 648 -16.19 83.08 -31.75
CA VAL G 648 -15.29 82.35 -30.86
C VAL G 648 -13.88 82.55 -31.39
N THR G 649 -13.02 83.16 -30.59
CA THR G 649 -11.63 83.36 -30.92
C THR G 649 -10.78 83.02 -29.71
N PRO G 650 -9.49 82.78 -29.90
CA PRO G 650 -8.57 82.78 -28.77
C PRO G 650 -8.73 84.06 -27.97
N PRO G 651 -8.52 84.01 -26.66
CA PRO G 651 -8.74 85.21 -25.84
C PRO G 651 -7.99 86.40 -26.39
N TRP G 652 -8.69 87.54 -26.48
CA TRP G 652 -8.11 88.72 -27.09
C TRP G 652 -6.91 89.25 -26.31
N GLU G 653 -6.76 88.84 -25.05
CA GLU G 653 -5.64 89.27 -24.22
C GLU G 653 -4.47 88.28 -24.24
N ASP G 654 -4.68 87.05 -24.71
CA ASP G 654 -3.63 86.04 -24.74
C ASP G 654 -3.91 85.08 -25.87
N ALA G 655 -3.05 85.06 -26.89
CA ALA G 655 -3.26 84.22 -28.06
C ALA G 655 -3.16 82.73 -27.73
N GLU G 656 -2.50 82.37 -26.63
CA GLU G 656 -2.33 80.98 -26.26
C GLU G 656 -3.40 80.48 -25.30
N GLY G 657 -4.45 81.28 -25.05
CA GLY G 657 -5.43 80.93 -24.06
C GLY G 657 -6.56 80.06 -24.59
N LEU G 658 -7.34 79.53 -23.66
CA LEU G 658 -8.51 78.75 -24.02
C LEU G 658 -9.52 79.64 -24.74
N PRO G 659 -9.99 79.26 -25.94
CA PRO G 659 -10.90 80.13 -26.69
C PRO G 659 -12.13 80.53 -25.88
N ARG G 660 -12.63 81.72 -26.17
CA ARG G 660 -13.82 82.25 -25.52
C ARG G 660 -14.80 82.74 -26.58
N LYS G 661 -16.06 82.86 -26.17
CA LYS G 661 -17.10 83.41 -27.04
C LYS G 661 -17.41 84.84 -26.59
N TYR G 662 -17.45 85.76 -27.54
CA TYR G 662 -17.78 87.15 -27.29
C TYR G 662 -19.06 87.50 -28.04
N VAL G 663 -19.96 88.21 -27.37
CA VAL G 663 -21.28 88.49 -27.91
C VAL G 663 -21.52 89.99 -27.95
N THR G 664 -22.41 90.40 -28.85
CA THR G 664 -23.00 91.73 -28.87
C THR G 664 -24.46 91.61 -29.24
N ASN G 665 -25.26 92.56 -28.75
CA ASN G 665 -26.69 92.60 -29.05
C ASN G 665 -26.89 93.32 -30.37
N CYS G 666 -27.59 92.66 -31.31
CA CYS G 666 -27.85 93.27 -32.60
C CYS G 666 -29.00 94.27 -32.55
N GLU G 667 -29.86 94.18 -31.55
CA GLU G 667 -30.99 95.07 -31.39
C GLU G 667 -30.62 96.19 -30.43
N HIS G 668 -31.12 97.39 -30.73
CA HIS G 668 -30.94 98.53 -29.84
C HIS G 668 -32.21 98.95 -29.14
N LEU G 669 -33.35 98.37 -29.52
CA LEU G 669 -34.59 98.42 -28.78
C LEU G 669 -35.12 97.00 -28.65
N LEU G 670 -35.73 96.69 -27.52
CA LEU G 670 -36.19 95.35 -27.21
C LEU G 670 -37.70 95.28 -27.33
N PHE G 671 -38.18 94.40 -28.20
CA PHE G 671 -39.61 94.26 -28.50
C PHE G 671 -40.25 93.40 -27.40
N GLN G 672 -40.41 94.01 -26.23
CA GLN G 672 -40.88 93.30 -25.06
C GLN G 672 -42.37 92.99 -25.15
N ARG G 673 -42.76 91.86 -24.57
CA ARG G 673 -44.17 91.51 -24.41
C ARG G 673 -44.51 91.46 -22.93
N PRO G 674 -45.04 92.54 -22.35
CA PRO G 674 -45.36 92.54 -20.91
C PRO G 674 -46.60 91.72 -20.59
N ASP G 675 -46.44 90.40 -20.51
CA ASP G 675 -47.57 89.51 -20.27
C ASP G 675 -48.30 89.86 -18.99
N ASP G 676 -47.58 89.93 -17.87
CA ASP G 676 -48.19 90.14 -16.58
C ASP G 676 -48.59 91.60 -16.32
N ALA G 677 -48.33 92.51 -17.25
CA ALA G 677 -48.72 93.90 -17.06
C ALA G 677 -50.22 94.05 -16.96
N ILE G 678 -50.98 93.03 -17.37
CA ILE G 678 -52.43 93.05 -17.22
C ILE G 678 -52.82 92.99 -15.74
N HIS G 679 -51.91 92.57 -14.87
CA HIS G 679 -52.12 92.59 -13.43
C HIS G 679 -51.45 93.85 -12.88
N ARG G 680 -52.27 94.77 -12.38
CA ARG G 680 -51.77 96.07 -11.98
C ARG G 680 -50.74 95.95 -10.86
N GLY G 681 -49.67 96.74 -10.97
CA GLY G 681 -48.61 96.76 -9.98
C GLY G 681 -47.64 95.61 -10.05
N TYR G 682 -47.91 94.58 -10.86
CA TYR G 682 -47.02 93.43 -10.89
C TYR G 682 -45.74 93.73 -11.66
N ASP G 683 -45.87 94.00 -12.97
CA ASP G 683 -44.70 94.24 -13.82
C ASP G 683 -44.26 95.69 -13.65
N LYS G 684 -43.41 95.93 -12.65
CA LYS G 684 -42.97 97.28 -12.34
C LYS G 684 -42.23 97.91 -13.53
N GLN G 685 -41.40 97.14 -14.21
CA GLN G 685 -40.60 97.71 -15.30
C GLN G 685 -41.47 98.09 -16.49
N ALA G 686 -42.40 97.21 -16.87
CA ALA G 686 -43.28 97.52 -18.00
C ALA G 686 -44.15 98.73 -17.70
N GLU G 687 -44.68 98.82 -16.48
CA GLU G 687 -45.51 99.96 -16.12
C GLU G 687 -44.71 101.26 -16.14
N PHE G 688 -43.43 101.20 -15.76
CA PHE G 688 -42.58 102.38 -15.84
C PHE G 688 -42.33 102.77 -17.30
N ASP G 689 -41.97 101.79 -18.13
CA ASP G 689 -41.62 102.09 -19.51
C ASP G 689 -42.80 102.69 -20.27
N LEU G 690 -43.98 102.07 -20.12
CA LEU G 690 -45.15 102.53 -20.88
C LEU G 690 -45.66 103.88 -20.41
N ALA G 691 -45.45 104.22 -19.14
CA ALA G 691 -46.01 105.45 -18.59
C ALA G 691 -45.03 106.62 -18.59
N SER G 692 -43.73 106.37 -18.49
CA SER G 692 -42.77 107.45 -18.31
C SER G 692 -42.30 108.07 -19.61
N GLY G 693 -42.45 107.38 -20.74
CA GLY G 693 -41.94 107.90 -21.99
C GLY G 693 -42.94 108.78 -22.72
N THR G 694 -42.43 109.50 -23.73
CA THR G 694 -43.26 110.27 -24.64
C THR G 694 -43.10 109.84 -26.09
N ASP G 695 -42.15 108.95 -26.40
CA ASP G 695 -41.89 108.52 -27.76
C ASP G 695 -41.90 107.00 -27.89
N THR G 696 -42.49 106.30 -26.93
CA THR G 696 -42.45 104.85 -26.90
C THR G 696 -43.25 104.25 -28.05
N PHE G 697 -42.65 103.32 -28.77
CA PHE G 697 -43.36 102.55 -29.78
C PHE G 697 -44.19 101.49 -29.08
N ILE G 698 -45.51 101.54 -29.27
CA ILE G 698 -46.44 100.65 -28.58
C ILE G 698 -47.30 99.94 -29.62
N SER G 699 -47.54 98.64 -29.40
CA SER G 699 -48.34 97.85 -30.30
C SER G 699 -49.26 96.92 -29.50
N ASN G 700 -50.45 96.71 -30.03
CA ASN G 700 -51.43 95.76 -29.47
C ASN G 700 -51.93 96.21 -28.09
N PHE G 701 -52.10 97.51 -27.91
CA PHE G 701 -52.75 98.06 -26.73
C PHE G 701 -54.02 98.80 -27.15
N GLU G 702 -54.96 98.88 -26.23
CA GLU G 702 -56.23 99.55 -26.52
C GLU G 702 -56.03 101.06 -26.47
N PRO G 703 -56.34 101.79 -27.54
CA PRO G 703 -56.26 103.26 -27.48
C PRO G 703 -57.35 103.82 -26.56
N LEU G 704 -56.94 104.70 -25.64
CA LEU G 704 -57.82 105.22 -24.63
C LEU G 704 -57.96 106.74 -24.76
N THR G 705 -59.15 107.24 -24.45
CA THR G 705 -59.46 108.65 -24.58
C THR G 705 -59.25 109.38 -23.26
N HIS G 706 -59.31 110.71 -23.32
CA HIS G 706 -59.16 111.53 -22.12
C HIS G 706 -60.24 111.21 -21.10
N GLU G 707 -61.47 110.97 -21.56
CA GLU G 707 -62.55 110.68 -20.62
C GLU G 707 -62.35 109.35 -19.93
N GLN G 708 -61.68 108.39 -20.58
CA GLN G 708 -61.38 107.12 -19.92
C GLN G 708 -60.30 107.27 -18.86
N ALA G 709 -59.48 108.31 -18.94
CA ALA G 709 -58.50 108.58 -17.88
C ALA G 709 -59.16 109.24 -16.67
N ARG G 710 -60.12 110.13 -16.91
CA ARG G 710 -60.82 110.76 -15.80
C ARG G 710 -61.66 109.74 -15.03
N ASP G 711 -62.27 108.79 -15.74
CA ASP G 711 -63.01 107.73 -15.05
C ASP G 711 -62.06 106.83 -14.27
N LEU G 712 -60.91 106.50 -14.84
CA LEU G 712 -59.97 105.63 -14.15
C LEU G 712 -59.34 106.31 -12.93
N LEU G 713 -59.24 107.64 -12.96
CA LEU G 713 -58.69 108.35 -11.81
C LEU G 713 -59.60 108.25 -10.60
N THR G 714 -60.90 108.07 -10.80
CA THR G 714 -61.85 107.92 -9.71
C THR G 714 -62.17 106.47 -9.38
N ASP G 715 -61.53 105.52 -10.06
CA ASP G 715 -61.64 104.10 -9.70
C ASP G 715 -60.57 103.81 -8.66
N VAL G 716 -60.91 104.09 -7.40
CA VAL G 716 -59.91 104.12 -6.34
C VAL G 716 -59.20 102.78 -6.22
N GLN G 717 -59.94 101.68 -6.38
CA GLN G 717 -59.32 100.36 -6.23
C GLN G 717 -58.32 100.10 -7.36
N ALA G 718 -58.78 100.22 -8.60
CA ALA G 718 -57.89 99.97 -9.73
C ALA G 718 -56.76 100.97 -9.78
N TYR G 719 -57.05 102.26 -9.54
CA TYR G 719 -56.03 103.29 -9.64
C TYR G 719 -54.93 103.10 -8.60
N SER G 720 -55.31 102.74 -7.36
CA SER G 720 -54.32 102.59 -6.32
C SER G 720 -53.37 101.43 -6.60
N GLU G 721 -53.83 100.40 -7.32
CA GLU G 721 -53.02 99.23 -7.58
C GLU G 721 -51.94 99.46 -8.63
N PHE G 722 -52.00 100.56 -9.38
CA PHE G 722 -50.92 100.88 -10.30
C PHE G 722 -49.69 101.36 -9.53
N THR G 723 -48.52 101.21 -10.16
CA THR G 723 -47.34 101.84 -9.61
C THR G 723 -47.37 103.34 -9.91
N LYS G 724 -46.57 104.08 -9.14
CA LYS G 724 -46.55 105.54 -9.26
C LYS G 724 -46.38 106.07 -10.68
N PRO G 725 -45.57 105.47 -11.56
CA PRO G 725 -45.49 106.01 -12.93
C PRO G 725 -46.80 105.99 -13.69
N VAL G 726 -47.59 104.92 -13.56
CA VAL G 726 -48.87 104.88 -14.25
C VAL G 726 -49.87 105.82 -13.58
N ARG G 727 -49.83 105.91 -12.25
CA ARG G 727 -50.73 106.82 -11.55
C ARG G 727 -50.46 108.27 -11.95
N LYS G 728 -49.20 108.61 -12.19
CA LYS G 728 -48.87 109.97 -12.63
C LYS G 728 -49.35 110.21 -14.06
N LEU G 729 -49.24 109.19 -14.92
CA LEU G 729 -49.73 109.31 -16.29
C LEU G 729 -51.25 109.50 -16.32
N ILE G 730 -51.97 108.80 -15.43
CA ILE G 730 -53.43 108.93 -15.40
C ILE G 730 -53.84 110.33 -14.97
N GLU G 731 -53.13 110.90 -13.99
CA GLU G 731 -53.44 112.27 -13.56
C GLU G 731 -53.17 113.26 -14.68
N ARG G 732 -52.07 113.08 -15.42
CA ARG G 732 -51.74 114.01 -16.49
C ARG G 732 -52.78 113.98 -17.60
N VAL G 733 -53.19 112.77 -18.02
CA VAL G 733 -54.18 112.66 -19.08
C VAL G 733 -55.54 113.14 -18.60
N ALA G 734 -55.87 112.87 -17.33
CA ALA G 734 -57.16 113.29 -16.81
C ALA G 734 -57.27 114.80 -16.72
N ALA G 735 -56.14 115.50 -16.62
CA ALA G 735 -56.13 116.95 -16.56
C ALA G 735 -56.11 117.62 -17.92
N MET G 736 -56.21 116.85 -19.00
CA MET G 736 -56.10 117.43 -20.33
C MET G 736 -57.45 117.90 -20.82
N PRO G 737 -57.60 119.16 -21.22
CA PRO G 737 -58.83 119.59 -21.87
C PRO G 737 -59.05 118.84 -23.19
N ASP G 738 -60.31 118.83 -23.63
CA ASP G 738 -60.68 118.07 -24.82
C ASP G 738 -60.17 118.70 -26.11
N ASP G 739 -59.56 119.88 -26.04
CA ASP G 739 -58.98 120.53 -27.22
C ASP G 739 -57.47 120.42 -27.27
N GLN G 740 -56.87 119.62 -26.39
CA GLN G 740 -55.43 119.48 -26.31
C GLN G 740 -55.02 118.09 -26.79
N SER G 741 -53.99 118.03 -27.63
CA SER G 741 -53.44 116.79 -28.13
C SER G 741 -52.26 116.35 -27.28
N PRO G 742 -51.90 115.05 -27.31
CA PRO G 742 -52.50 113.94 -28.07
C PRO G 742 -53.89 113.55 -27.58
N GLU G 743 -54.73 113.07 -28.49
CA GLU G 743 -56.09 112.66 -28.14
C GLU G 743 -56.12 111.34 -27.38
N PHE G 744 -55.09 110.51 -27.52
CA PHE G 744 -55.13 109.15 -27.00
C PHE G 744 -53.96 108.89 -26.07
N TRP G 745 -54.09 107.81 -25.30
CA TRP G 745 -53.04 107.33 -24.43
C TRP G 745 -53.24 105.82 -24.24
N VAL G 746 -52.22 105.17 -23.68
CA VAL G 746 -52.24 103.73 -23.47
C VAL G 746 -51.98 103.44 -22.00
N CYS G 747 -52.75 102.52 -21.44
CA CYS G 747 -52.60 102.08 -20.06
C CYS G 747 -51.98 100.68 -20.03
N SER G 748 -51.01 100.50 -19.13
CA SER G 748 -50.19 99.28 -19.15
C SER G 748 -51.01 98.02 -18.91
N ASP G 749 -52.21 98.13 -18.34
CA ASP G 749 -53.00 96.96 -17.99
C ASP G 749 -54.15 96.72 -18.96
N ASP G 750 -54.17 97.39 -20.10
CA ASP G 750 -55.28 97.30 -21.05
C ASP G 750 -54.75 97.01 -22.44
N PRO G 751 -54.56 95.74 -22.78
CA PRO G 751 -54.14 95.39 -24.14
C PRO G 751 -55.24 95.61 -25.16
N ARG G 752 -54.88 95.42 -26.43
CA ARG G 752 -55.80 95.63 -27.53
C ARG G 752 -57.04 94.77 -27.40
N HIS G 753 -58.21 95.41 -27.45
CA HIS G 753 -59.47 94.67 -27.39
C HIS G 753 -59.71 93.95 -28.71
N LEU G 754 -60.10 92.68 -28.63
CA LEU G 754 -60.33 91.90 -29.83
C LEU G 754 -61.81 91.91 -30.20
N PRO G 755 -62.12 91.92 -31.51
CA PRO G 755 -63.53 92.00 -31.93
C PRO G 755 -64.37 90.84 -31.47
N ASP G 756 -63.77 89.71 -31.10
CA ASP G 756 -64.54 88.55 -30.65
C ASP G 756 -64.94 88.64 -29.19
N GLY G 757 -64.39 89.59 -28.43
CA GLY G 757 -64.81 89.78 -27.06
C GLY G 757 -63.67 89.97 -26.08
N GLY G 758 -62.59 89.22 -26.26
CA GLY G 758 -61.47 89.27 -25.35
C GLY G 758 -60.53 90.42 -25.64
N ARG G 759 -59.30 90.28 -25.16
CA ARG G 759 -58.24 91.24 -25.40
C ARG G 759 -57.00 90.52 -25.94
N SER G 760 -56.15 91.27 -26.63
CA SER G 760 -54.96 90.69 -27.24
C SER G 760 -54.04 90.13 -26.18
N LYS G 761 -53.53 88.92 -26.43
CA LYS G 761 -52.57 88.28 -25.55
C LYS G 761 -51.13 88.54 -25.98
N ASN G 762 -50.91 89.54 -26.83
CA ASN G 762 -49.57 89.88 -27.32
C ASN G 762 -49.35 91.39 -27.22
N PRO G 763 -49.43 91.97 -26.02
CA PRO G 763 -49.09 93.39 -25.88
C PRO G 763 -47.61 93.59 -26.09
N ARG G 764 -47.25 94.68 -26.78
CA ARG G 764 -45.87 94.87 -27.22
C ARG G 764 -45.48 96.34 -27.11
N TYR G 765 -44.20 96.57 -26.88
CA TYR G 765 -43.64 97.91 -26.93
C TYR G 765 -42.13 97.80 -27.09
N LEU G 766 -41.55 98.82 -27.74
CA LEU G 766 -40.10 98.87 -27.93
C LEU G 766 -39.46 99.48 -26.68
N GLN G 767 -38.69 98.67 -25.96
CA GLN G 767 -38.07 99.09 -24.71
C GLN G 767 -36.65 99.56 -24.96
N VAL G 768 -36.29 100.68 -24.34
CA VAL G 768 -34.90 101.11 -24.35
C VAL G 768 -34.07 100.09 -23.59
N ARG G 769 -32.95 99.68 -24.18
CA ARG G 769 -32.10 98.69 -23.53
C ARG G 769 -31.64 99.21 -22.17
N PRO G 770 -31.59 98.35 -21.15
CA PRO G 770 -31.16 98.81 -19.81
C PRO G 770 -29.77 99.43 -19.80
N THR G 771 -28.89 99.03 -20.72
CA THR G 771 -27.58 99.66 -20.79
C THR G 771 -27.65 101.09 -21.32
N ASP G 772 -28.73 101.44 -22.02
CA ASP G 772 -28.92 102.79 -22.53
C ASP G 772 -29.82 103.65 -21.64
N SER G 773 -30.74 103.03 -20.90
CA SER G 773 -31.54 103.78 -19.94
C SER G 773 -30.80 104.02 -18.64
N ASN G 774 -29.79 103.22 -18.33
CA ASN G 774 -28.93 103.44 -17.18
C ASN G 774 -27.47 103.38 -17.63
N PRO G 775 -27.04 104.36 -18.43
CA PRO G 775 -25.65 104.32 -18.92
C PRO G 775 -24.62 104.49 -17.81
N GLU G 776 -24.98 105.14 -16.70
CA GLU G 776 -24.02 105.33 -15.63
C GLU G 776 -23.57 104.00 -15.04
N LEU G 777 -24.53 103.15 -14.67
CA LEU G 777 -24.17 101.83 -14.13
C LEU G 777 -23.45 100.98 -15.17
N THR G 778 -23.75 101.20 -16.46
CA THR G 778 -23.00 100.51 -17.51
C THR G 778 -21.54 100.91 -17.49
N THR G 779 -21.26 102.20 -17.32
CA THR G 779 -19.87 102.66 -17.26
C THR G 779 -19.18 102.14 -16.00
N VAL G 780 -19.90 102.12 -14.87
CA VAL G 780 -19.33 101.62 -13.63
C VAL G 780 -18.85 100.19 -13.81
N ALA G 781 -19.68 99.35 -14.44
CA ALA G 781 -19.31 97.96 -14.65
C ALA G 781 -18.11 97.83 -15.59
N ASP G 782 -18.05 98.67 -16.62
CA ASP G 782 -16.92 98.61 -17.55
C ASP G 782 -15.63 99.04 -16.86
N VAL G 783 -15.69 100.09 -16.03
CA VAL G 783 -14.50 100.51 -15.30
C VAL G 783 -14.11 99.45 -14.27
N ALA G 784 -15.09 98.96 -13.51
CA ALA G 784 -14.80 97.94 -12.50
C ALA G 784 -14.24 96.68 -13.12
N GLY G 785 -14.82 96.24 -14.25
CA GLY G 785 -14.33 95.05 -14.92
C GLY G 785 -12.95 95.21 -15.50
N LYS G 786 -12.60 96.41 -15.93
CA LYS G 786 -11.24 96.66 -16.41
C LYS G 786 -10.26 96.69 -15.25
N LEU G 787 -10.65 97.29 -14.12
CA LEU G 787 -9.80 97.28 -12.93
C LEU G 787 -9.59 95.86 -12.42
N ALA G 788 -10.61 95.01 -12.53
CA ALA G 788 -10.49 93.64 -12.06
C ALA G 788 -9.47 92.85 -12.88
N ARG G 789 -9.30 93.20 -14.15
CA ARG G 789 -8.39 92.50 -15.04
C ARG G 789 -7.08 93.25 -15.25
N LYS G 790 -6.80 94.25 -14.40
CA LYS G 790 -5.59 95.06 -14.52
C LYS G 790 -5.45 95.70 -15.89
N LEU G 791 -6.59 96.03 -16.52
CA LEU G 791 -6.60 96.60 -17.86
C LEU G 791 -6.76 98.11 -17.80
N PRO G 792 -6.13 98.84 -18.72
CA PRO G 792 -6.36 100.29 -18.79
C PRO G 792 -7.83 100.59 -19.08
N LEU G 793 -8.27 101.76 -18.63
CA LEU G 793 -9.67 102.14 -18.77
C LEU G 793 -10.00 102.68 -20.16
N ALA G 794 -8.99 102.99 -20.98
CA ALA G 794 -9.24 103.70 -22.23
C ALA G 794 -9.86 102.79 -23.28
N GLY G 795 -9.25 101.64 -23.53
CA GLY G 795 -9.62 100.83 -24.67
C GLY G 795 -10.92 100.07 -24.51
N HIS G 796 -11.29 99.36 -25.57
CA HIS G 796 -12.42 98.43 -25.56
C HIS G 796 -11.93 97.07 -25.08
N ALA G 797 -12.60 96.53 -24.05
CA ALA G 797 -12.19 95.28 -23.42
C ALA G 797 -13.42 94.42 -23.14
N PRO G 798 -13.91 93.71 -24.15
CA PRO G 798 -15.15 92.95 -23.98
C PRO G 798 -15.00 91.82 -22.97
N GLN G 799 -16.13 91.46 -22.36
CA GLN G 799 -16.15 90.47 -21.30
C GLN G 799 -16.55 89.12 -21.88
N PRO G 800 -15.70 88.10 -21.79
CA PRO G 800 -16.02 86.81 -22.43
C PRO G 800 -17.11 86.07 -21.68
N ILE G 801 -17.80 85.20 -22.43
CA ILE G 801 -18.81 84.33 -21.82
C ILE G 801 -18.15 83.41 -20.81
N ASP G 802 -18.80 83.25 -19.65
CA ASP G 802 -18.32 82.34 -18.61
C ASP G 802 -19.21 81.14 -18.41
N VAL G 803 -20.52 81.30 -18.46
CA VAL G 803 -21.48 80.24 -18.20
C VAL G 803 -22.49 80.22 -19.33
N VAL G 804 -22.82 79.01 -19.79
CA VAL G 804 -23.86 78.80 -20.80
C VAL G 804 -24.96 78.00 -20.14
N ALA G 805 -26.14 78.61 -19.98
CA ALA G 805 -27.26 78.00 -19.25
C ALA G 805 -28.54 78.21 -20.06
N ALA G 806 -28.82 77.29 -20.98
CA ALA G 806 -30.04 77.33 -21.76
C ALA G 806 -31.26 77.05 -20.88
N GLY G 807 -32.43 77.38 -21.40
CA GLY G 807 -33.67 77.23 -20.67
C GLY G 807 -34.68 76.34 -21.40
N ARG G 808 -35.40 75.54 -20.64
CA ARG G 808 -36.48 74.71 -21.15
C ARG G 808 -37.82 75.21 -20.62
N ARG G 809 -38.87 74.98 -21.39
CA ARG G 809 -40.24 75.20 -20.94
C ARG G 809 -40.87 73.82 -20.75
N ASN G 810 -40.94 73.38 -19.50
CA ASN G 810 -41.51 72.08 -19.17
C ASN G 810 -42.96 72.26 -18.74
N ASN G 811 -43.80 71.29 -19.12
CA ASN G 811 -45.23 71.37 -18.87
C ASN G 811 -45.75 70.01 -18.46
N PRO G 812 -46.84 69.97 -17.68
CA PRO G 812 -47.46 68.70 -17.35
C PRO G 812 -48.27 68.17 -18.52
N PRO G 813 -48.59 66.88 -18.53
CA PRO G 813 -49.41 66.33 -19.62
C PRO G 813 -50.87 66.75 -19.48
N GLU G 814 -51.51 66.95 -20.64
CA GLU G 814 -52.95 67.22 -20.67
C GLU G 814 -53.64 66.36 -21.71
N ASP G 815 -54.93 66.62 -21.96
CA ASP G 815 -55.68 65.76 -22.86
C ASP G 815 -55.16 65.83 -24.28
N LYS G 816 -54.76 67.02 -24.75
CA LYS G 816 -54.16 67.18 -26.07
C LYS G 816 -52.73 67.68 -26.00
N VAL G 817 -52.07 67.54 -24.84
CA VAL G 817 -50.71 68.03 -24.64
C VAL G 817 -49.85 66.91 -24.08
N PRO G 818 -48.71 66.60 -24.70
CA PRO G 818 -47.86 65.52 -24.19
C PRO G 818 -47.15 65.93 -22.91
N ALA G 819 -46.63 64.92 -22.21
CA ALA G 819 -45.87 65.17 -20.99
C ALA G 819 -44.45 65.58 -21.34
N LEU G 820 -44.00 66.70 -20.76
CA LEU G 820 -42.65 67.18 -20.97
C LEU G 820 -42.12 67.74 -19.65
N CYS G 821 -42.17 66.94 -18.59
CA CYS G 821 -41.81 67.39 -17.26
C CYS G 821 -40.94 66.34 -16.56
N ALA G 822 -39.80 66.03 -17.17
CA ALA G 822 -38.84 65.11 -16.58
C ALA G 822 -37.62 65.82 -15.98
N TYR G 823 -37.32 67.03 -16.44
CA TYR G 823 -36.16 67.75 -15.93
C TYR G 823 -36.43 68.29 -14.52
N ASN G 824 -35.37 68.33 -13.72
CA ASN G 824 -35.40 68.90 -12.38
C ASN G 824 -34.91 70.34 -12.51
N PRO G 825 -34.82 71.14 -11.40
CA PRO G 825 -34.43 72.55 -11.53
C PRO G 825 -33.27 72.85 -12.49
N LEU G 826 -32.16 72.15 -12.32
CA LEU G 826 -30.96 72.44 -13.10
C LEU G 826 -30.32 71.13 -13.55
N HIS G 827 -30.11 71.00 -14.86
CA HIS G 827 -29.44 69.85 -15.45
C HIS G 827 -28.13 70.28 -16.08
N TYR G 828 -27.20 69.33 -16.16
CA TYR G 828 -25.96 69.50 -16.92
C TYR G 828 -25.89 68.38 -17.97
N MET G 829 -25.53 68.75 -19.20
CA MET G 829 -25.50 67.80 -20.30
C MET G 829 -24.16 67.87 -21.01
N GLU G 830 -23.56 66.69 -21.24
CA GLU G 830 -22.43 66.61 -22.14
C GLU G 830 -22.90 66.89 -23.57
N LEU G 831 -21.94 67.20 -24.44
CA LEU G 831 -22.27 67.71 -25.77
C LEU G 831 -23.21 66.82 -26.57
N PRO G 832 -23.08 65.49 -26.58
CA PRO G 832 -24.09 64.68 -27.31
C PRO G 832 -25.49 64.89 -26.78
N GLU G 833 -25.70 64.74 -25.46
CA GLU G 833 -27.03 64.91 -24.88
C GLU G 833 -27.49 66.36 -25.01
N LEU G 834 -26.57 67.31 -24.82
CA LEU G 834 -26.92 68.73 -24.93
C LEU G 834 -27.41 69.07 -26.32
N PHE G 835 -26.81 68.46 -27.34
CA PHE G 835 -27.16 68.80 -28.71
C PHE G 835 -28.36 68.03 -29.24
N MET G 836 -28.69 66.88 -28.64
CA MET G 836 -30.01 66.33 -28.89
C MET G 836 -31.10 67.29 -28.42
N GLU G 837 -30.83 68.01 -27.34
CA GLU G 837 -31.76 69.05 -26.88
C GLU G 837 -31.76 70.24 -27.84
N TYR G 838 -30.57 70.67 -28.26
CA TYR G 838 -30.46 71.81 -29.16
C TYR G 838 -31.12 71.52 -30.51
N ILE G 839 -30.83 70.36 -31.09
CA ILE G 839 -31.42 69.97 -32.36
C ILE G 839 -32.94 69.91 -32.25
N SER G 840 -33.45 69.35 -31.14
CA SER G 840 -34.88 69.10 -31.01
C SER G 840 -35.64 70.38 -30.63
N SER G 841 -35.31 70.95 -29.47
CA SER G 841 -36.00 72.15 -28.95
C SER G 841 -37.49 71.89 -28.77
N MET G 842 -37.80 70.86 -27.98
CA MET G 842 -39.16 70.42 -27.80
C MET G 842 -39.96 71.39 -26.94
N THR G 843 -41.26 71.47 -27.21
CA THR G 843 -42.16 72.30 -26.41
C THR G 843 -43.45 71.54 -26.07
N GLY G 853 -43.97 68.67 -30.61
CA GLY G 853 -43.69 70.09 -30.77
C GLY G 853 -42.20 70.41 -30.73
N SER G 854 -41.72 71.17 -31.71
CA SER G 854 -40.30 71.48 -31.81
C SER G 854 -40.13 72.84 -32.50
N GLU G 855 -39.22 73.65 -31.96
CA GLU G 855 -38.95 74.98 -32.50
C GLU G 855 -37.74 75.01 -33.40
N GLY G 856 -37.24 73.84 -33.84
CA GLY G 856 -36.12 73.78 -34.74
C GLY G 856 -34.78 73.79 -34.03
N ALA G 857 -33.72 73.60 -34.82
CA ALA G 857 -32.38 73.55 -34.27
C ALA G 857 -31.99 74.88 -33.64
N LEU G 858 -31.57 74.82 -32.38
CA LEU G 858 -31.15 76.01 -31.61
C LEU G 858 -32.26 77.03 -31.49
N THR G 859 -33.52 76.58 -31.57
CA THR G 859 -34.74 77.39 -31.56
C THR G 859 -34.81 78.39 -32.70
N LYS G 860 -33.87 78.34 -33.65
CA LYS G 860 -33.88 79.20 -34.82
C LYS G 860 -34.69 78.63 -35.97
N GLY G 861 -35.59 77.68 -35.69
CA GLY G 861 -36.37 77.02 -36.71
C GLY G 861 -37.08 77.96 -37.65
N PRO G 862 -38.02 78.76 -37.12
CA PRO G 862 -38.72 79.73 -37.97
C PRO G 862 -37.89 80.95 -38.35
N PHE G 863 -36.60 81.00 -37.99
CA PHE G 863 -35.77 82.17 -38.22
C PHE G 863 -34.51 81.82 -39.03
N ASN G 864 -34.49 80.67 -39.68
CA ASN G 864 -33.32 80.25 -40.44
C ASN G 864 -33.75 79.87 -41.84
N ALA G 865 -33.24 80.59 -42.84
CA ALA G 865 -33.51 80.28 -44.24
C ALA G 865 -32.54 79.25 -44.81
N LEU G 866 -31.54 78.83 -44.03
CA LEU G 866 -30.50 77.93 -44.48
C LEU G 866 -30.61 76.58 -43.79
N PRO G 867 -29.98 75.54 -44.35
CA PRO G 867 -29.88 74.27 -43.62
C PRO G 867 -29.27 74.47 -42.24
N ALA G 868 -29.98 73.98 -41.22
CA ALA G 868 -29.56 74.16 -39.84
C ALA G 868 -28.22 73.49 -39.53
N VAL G 869 -27.71 72.63 -40.40
CA VAL G 869 -26.41 72.01 -40.15
C VAL G 869 -25.31 73.06 -40.11
N TYR G 870 -25.46 74.17 -40.85
CA TYR G 870 -24.49 75.24 -40.76
C TYR G 870 -24.34 75.73 -39.32
N ASP G 871 -25.46 76.10 -38.70
CA ASP G 871 -25.43 76.48 -37.29
C ASP G 871 -24.92 75.34 -36.42
N LEU G 872 -25.45 74.13 -36.64
CA LEU G 872 -25.10 73.00 -35.78
C LEU G 872 -23.60 72.70 -35.82
N ASN G 873 -22.99 72.80 -37.01
CA ASN G 873 -21.55 72.61 -37.10
C ASN G 873 -20.80 73.68 -36.30
N ALA G 874 -21.21 74.94 -36.46
CA ALA G 874 -20.54 76.01 -35.72
C ALA G 874 -20.85 75.93 -34.23
N ALA G 875 -22.07 75.53 -33.88
CA ALA G 875 -22.47 75.52 -32.47
C ALA G 875 -21.69 74.49 -31.67
N VAL G 876 -21.48 73.29 -32.24
CA VAL G 876 -20.76 72.26 -31.50
C VAL G 876 -19.29 72.64 -31.35
N LEU G 877 -18.75 73.41 -32.31
CA LEU G 877 -17.39 73.90 -32.17
C LEU G 877 -17.27 74.94 -31.06
N SER G 878 -18.28 75.81 -30.93
CA SER G 878 -18.24 76.84 -29.91
C SER G 878 -18.22 76.26 -28.50
N TYR G 879 -18.63 75.00 -28.33
CA TYR G 879 -18.50 74.30 -27.06
C TYR G 879 -17.24 73.45 -26.97
N ALA G 880 -16.84 72.76 -28.05
CA ALA G 880 -15.69 71.87 -27.98
C ALA G 880 -14.38 72.65 -27.94
N LEU G 881 -14.28 73.71 -28.74
CA LEU G 881 -13.06 74.53 -28.73
C LEU G 881 -12.89 75.30 -27.43
N THR G 882 -13.97 75.50 -26.67
CA THR G 882 -13.97 76.39 -25.53
C THR G 882 -14.15 75.69 -24.19
N ASP G 883 -14.55 74.42 -24.18
CA ASP G 883 -14.88 73.68 -22.97
C ASP G 883 -16.00 74.35 -22.18
N TYR G 884 -16.90 75.03 -22.87
CA TYR G 884 -18.07 75.59 -22.22
C TYR G 884 -19.00 74.47 -21.77
N ASP G 885 -19.33 74.45 -20.47
CA ASP G 885 -20.27 73.47 -19.95
C ASP G 885 -21.69 73.84 -20.36
N GLY G 886 -22.43 72.83 -20.79
CA GLY G 886 -23.82 73.04 -21.18
C GLY G 886 -24.80 72.79 -20.07
N TRP G 887 -25.25 73.84 -19.40
CA TRP G 887 -26.25 73.73 -18.36
C TRP G 887 -27.65 73.87 -18.96
N LEU G 888 -28.63 73.33 -18.24
CA LEU G 888 -30.03 73.38 -18.67
C LEU G 888 -30.89 73.65 -17.44
N SER G 889 -31.53 74.82 -17.41
CA SER G 889 -32.42 75.20 -16.32
C SER G 889 -33.87 75.00 -16.73
N SER G 890 -34.71 74.75 -15.74
CA SER G 890 -36.11 74.41 -15.96
C SER G 890 -37.01 75.61 -15.72
N ALA G 891 -38.07 75.71 -16.52
CA ALA G 891 -39.06 76.76 -16.39
C ALA G 891 -40.45 76.16 -16.59
N GLY G 892 -41.45 76.81 -16.01
CA GLY G 892 -42.81 76.31 -16.10
C GLY G 892 -43.12 75.31 -15.00
N TYR G 893 -42.73 74.06 -15.20
CA TYR G 893 -43.01 72.99 -14.26
C TYR G 893 -41.77 72.14 -14.04
N ILE G 894 -41.73 71.48 -12.88
CA ILE G 894 -40.72 70.49 -12.55
C ILE G 894 -41.48 69.26 -12.09
N GLY G 895 -41.62 68.27 -12.95
CA GLY G 895 -42.58 67.23 -12.75
C GLY G 895 -43.98 67.77 -13.01
N PRO G 896 -44.99 66.91 -12.92
CA PRO G 896 -46.34 67.35 -13.27
C PRO G 896 -46.98 68.30 -12.25
N ASN G 897 -46.46 68.36 -11.02
CA ASN G 897 -47.16 69.03 -9.94
C ASN G 897 -46.42 70.23 -9.34
N ALA G 898 -45.13 70.40 -9.61
CA ALA G 898 -44.35 71.47 -9.01
C ALA G 898 -44.22 72.60 -10.03
N ARG G 899 -45.17 73.54 -9.98
CA ARG G 899 -45.14 74.71 -10.85
C ARG G 899 -44.15 75.74 -10.30
N VAL G 900 -43.21 76.15 -11.14
CA VAL G 900 -42.17 77.09 -10.73
C VAL G 900 -42.14 78.35 -11.57
N ASP G 901 -42.82 78.38 -12.71
CA ASP G 901 -42.85 79.56 -13.60
C ASP G 901 -41.40 79.90 -13.96
N HIS G 902 -40.97 81.14 -13.82
CA HIS G 902 -39.59 81.54 -14.09
C HIS G 902 -38.80 81.78 -12.81
N ASP G 903 -39.30 81.30 -11.67
CA ASP G 903 -38.61 81.52 -10.41
C ASP G 903 -37.21 80.94 -10.43
N ILE G 904 -37.04 79.75 -11.04
CA ILE G 904 -35.71 79.17 -11.11
C ILE G 904 -34.87 79.85 -12.18
N SER G 905 -35.50 80.30 -13.27
CA SER G 905 -34.77 81.08 -14.26
C SER G 905 -34.10 82.29 -13.63
N MET G 906 -34.79 82.96 -12.71
CA MET G 906 -34.22 84.11 -12.00
C MET G 906 -33.06 83.69 -11.09
N LEU G 907 -33.14 82.51 -10.49
CA LEU G 907 -32.10 82.08 -9.56
C LEU G 907 -30.81 81.66 -10.24
N ILE G 908 -30.87 81.29 -11.52
CA ILE G 908 -29.67 80.79 -12.19
C ILE G 908 -28.56 81.84 -12.26
N PRO G 909 -28.82 83.09 -12.69
CA PRO G 909 -27.73 84.09 -12.66
C PRO G 909 -27.22 84.39 -11.27
N GLU G 910 -28.12 84.45 -10.27
CA GLU G 910 -27.68 84.65 -8.90
C GLU G 910 -26.83 83.49 -8.41
N LEU G 911 -27.24 82.26 -8.76
CA LEU G 911 -26.49 81.08 -8.34
C LEU G 911 -25.08 81.09 -8.93
N PHE G 912 -24.98 81.26 -10.26
CA PHE G 912 -23.68 81.18 -10.91
C PHE G 912 -22.78 82.36 -10.56
N SER G 913 -23.36 83.52 -10.23
CA SER G 913 -22.55 84.67 -9.85
C SER G 913 -21.80 84.42 -8.54
N HIS G 914 -22.36 83.62 -7.64
CA HIS G 914 -21.71 83.29 -6.37
C HIS G 914 -20.88 82.00 -6.46
N MET G 915 -20.56 81.54 -7.67
CA MET G 915 -19.73 80.36 -7.85
C MET G 915 -18.50 80.74 -8.65
N GLY G 916 -17.32 80.40 -8.12
CA GLY G 916 -16.09 80.64 -8.81
C GLY G 916 -15.87 79.67 -9.94
N PRO G 917 -14.83 79.94 -10.74
CA PRO G 917 -14.55 79.06 -11.89
C PRO G 917 -14.32 77.60 -11.51
N ASN G 918 -13.77 77.33 -10.33
CA ASN G 918 -13.64 75.95 -9.88
C ASN G 918 -14.95 75.41 -9.34
N ASP G 919 -15.78 76.27 -8.75
CA ASP G 919 -17.11 75.84 -8.31
C ASP G 919 -17.93 75.33 -9.49
N ARG G 920 -17.88 76.04 -10.62
CA ARG G 920 -18.65 75.68 -11.80
C ARG G 920 -17.97 74.62 -12.65
N ASN G 921 -16.84 74.09 -12.19
CA ASN G 921 -16.15 73.01 -12.90
C ASN G 921 -16.95 71.73 -12.79
N THR G 922 -17.52 71.28 -13.91
CA THR G 922 -18.44 70.14 -13.88
C THR G 922 -17.73 68.82 -13.59
N LYS G 923 -16.44 68.71 -13.85
CA LYS G 923 -15.76 67.44 -13.60
C LYS G 923 -15.59 67.19 -12.11
N ARG G 924 -15.30 68.23 -11.32
CA ARG G 924 -15.24 68.05 -9.88
C ARG G 924 -16.64 68.04 -9.27
N LEU G 925 -17.60 68.72 -9.89
CA LEU G 925 -18.98 68.64 -9.41
C LEU G 925 -19.51 67.22 -9.46
N ILE G 926 -19.18 66.48 -10.53
CA ILE G 926 -19.61 65.10 -10.63
C ILE G 926 -18.82 64.22 -9.66
N SER G 927 -17.50 64.39 -9.63
CA SER G 927 -16.65 63.51 -8.83
C SER G 927 -16.82 63.72 -7.34
N GLU G 928 -17.38 64.85 -6.91
CA GLU G 928 -17.62 65.12 -5.50
C GLU G 928 -19.08 64.93 -5.11
N GLY G 929 -19.94 64.52 -6.04
CA GLY G 929 -21.30 64.15 -5.70
C GLY G 929 -22.33 65.26 -5.78
N TYR G 930 -22.05 66.33 -6.52
CA TYR G 930 -22.99 67.44 -6.63
C TYR G 930 -23.91 67.31 -7.85
N LEU G 931 -23.59 66.40 -8.77
CA LEU G 931 -24.45 66.09 -9.91
C LEU G 931 -24.56 64.58 -10.03
N GLU G 932 -25.77 64.08 -10.16
CA GLU G 932 -26.00 62.65 -10.35
C GLU G 932 -26.40 62.38 -11.79
N LYS G 933 -25.83 61.31 -12.36
CA LYS G 933 -26.08 60.97 -13.76
C LYS G 933 -27.41 60.25 -13.90
N MET G 934 -28.20 60.65 -14.90
CA MET G 934 -29.46 60.00 -15.17
C MET G 934 -29.23 58.59 -15.69
N GLN G 935 -30.03 57.64 -15.18
CA GLN G 935 -29.86 56.22 -15.47
C GLN G 935 -31.01 55.73 -16.34
N ASP G 936 -30.69 54.86 -17.30
CA ASP G 936 -31.72 54.13 -18.02
C ASP G 936 -32.31 53.05 -17.12
N PHE G 937 -33.63 52.94 -17.10
CA PHE G 937 -34.31 51.98 -16.24
C PHE G 937 -35.48 51.37 -17.00
N ASP G 938 -36.07 50.33 -16.41
CA ASP G 938 -37.21 49.63 -16.99
C ASP G 938 -38.51 50.12 -16.37
N PHE G 939 -39.56 50.13 -17.18
CA PHE G 939 -40.89 50.54 -16.72
C PHE G 939 -41.91 50.00 -17.71
N ASP G 940 -42.86 49.20 -17.21
CA ASP G 940 -43.91 48.59 -18.03
C ASP G 940 -43.32 47.78 -19.18
N GLY G 941 -42.21 47.08 -18.90
CA GLY G 941 -41.51 46.32 -19.91
C GLY G 941 -40.74 47.13 -20.93
N HIS G 942 -40.86 48.45 -20.91
CA HIS G 942 -40.17 49.32 -21.84
C HIS G 942 -38.94 49.92 -21.18
N ARG G 943 -37.87 50.08 -21.96
CA ARG G 943 -36.60 50.62 -21.47
C ARG G 943 -36.65 52.13 -21.59
N VAL G 944 -36.83 52.81 -20.45
CA VAL G 944 -36.92 54.27 -20.43
C VAL G 944 -35.52 54.86 -20.55
N LEU G 945 -35.27 55.56 -21.66
CA LEU G 945 -33.94 56.09 -21.96
C LEU G 945 -33.75 57.47 -21.30
N ALA G 946 -33.83 57.47 -19.97
CA ALA G 946 -33.72 58.70 -19.20
C ALA G 946 -32.29 59.23 -19.12
N SER G 947 -31.29 58.45 -19.54
CA SER G 947 -29.91 58.91 -19.45
C SER G 947 -29.62 60.06 -20.41
N ARG G 948 -30.50 60.31 -21.37
CA ARG G 948 -30.29 61.42 -22.30
C ARG G 948 -30.40 62.78 -21.64
N LEU G 949 -30.96 62.84 -20.43
CA LEU G 949 -31.07 64.10 -19.72
C LEU G 949 -29.76 64.52 -19.06
N GLY G 950 -28.72 63.70 -19.16
CA GLY G 950 -27.41 64.10 -18.66
C GLY G 950 -27.30 63.95 -17.16
N TYR G 951 -26.91 65.03 -16.50
CA TYR G 951 -26.78 65.07 -15.05
C TYR G 951 -27.77 66.09 -14.48
N ARG G 952 -28.14 65.91 -13.22
CA ARG G 952 -29.02 66.84 -12.53
C ARG G 952 -28.47 67.12 -11.14
N ILE G 953 -28.87 68.28 -10.59
CA ILE G 953 -28.39 68.69 -9.27
C ILE G 953 -29.11 67.88 -8.20
N ASN G 954 -28.45 67.74 -7.04
CA ASN G 954 -28.99 67.01 -5.91
C ASN G 954 -29.03 67.92 -4.68
N ASP G 955 -29.34 67.32 -3.52
CA ASP G 955 -29.42 68.10 -2.29
C ASP G 955 -28.07 68.61 -1.85
N ARG G 956 -26.98 67.91 -2.20
CA ARG G 956 -25.65 68.40 -1.89
C ARG G 956 -25.32 69.67 -2.66
N PHE G 957 -25.72 69.73 -3.93
CA PHE G 957 -25.54 70.95 -4.71
C PHE G 957 -26.37 72.09 -4.13
N VAL G 958 -27.64 71.82 -3.81
CA VAL G 958 -28.54 72.85 -3.32
C VAL G 958 -28.04 73.40 -1.98
N THR G 959 -27.73 72.49 -1.04
CA THR G 959 -27.30 72.92 0.28
C THR G 959 -26.05 73.80 0.21
N HIS G 960 -25.10 73.44 -0.65
CA HIS G 960 -23.83 74.16 -0.70
C HIS G 960 -23.96 75.47 -1.48
N TYR G 961 -24.50 75.42 -2.69
CA TYR G 961 -24.43 76.57 -3.58
C TYR G 961 -25.67 77.45 -3.54
N PHE G 962 -26.86 76.89 -3.33
CA PHE G 962 -28.00 77.73 -2.99
C PHE G 962 -27.90 78.28 -1.58
N GLY G 963 -27.06 77.67 -0.74
CA GLY G 963 -26.78 78.21 0.58
C GLY G 963 -26.04 79.53 0.56
N ARG G 964 -25.61 79.99 -0.61
CA ARG G 964 -25.02 81.31 -0.77
C ARG G 964 -26.07 82.36 -1.13
N ILE G 965 -27.34 81.98 -1.13
CA ILE G 965 -28.44 82.90 -1.43
C ILE G 965 -29.51 82.77 -0.35
N PHE G 966 -29.93 81.53 -0.08
CA PHE G 966 -31.03 81.27 0.85
C PHE G 966 -30.50 80.88 2.23
N LEU G 967 -31.31 81.15 3.24
CA LEU G 967 -30.92 80.90 4.61
C LEU G 967 -31.06 79.43 4.97
N HIS G 968 -32.11 78.78 4.47
CA HIS G 968 -32.36 77.35 4.69
C HIS G 968 -32.44 76.71 3.30
N PRO G 969 -31.29 76.42 2.69
CA PRO G 969 -31.32 75.90 1.31
C PRO G 969 -31.90 74.49 1.22
N ASP G 970 -31.79 73.69 2.27
CA ASP G 970 -32.22 72.30 2.21
C ASP G 970 -33.73 72.13 2.05
N VAL G 971 -34.51 73.19 2.19
CA VAL G 971 -35.97 73.12 2.05
C VAL G 971 -36.47 73.91 0.85
N VAL G 972 -35.57 74.50 0.06
CA VAL G 972 -36.00 75.26 -1.11
C VAL G 972 -36.64 74.35 -2.14
N PHE G 973 -36.04 73.20 -2.39
CA PHE G 973 -36.56 72.19 -3.30
C PHE G 973 -36.94 70.95 -2.50
N SER G 974 -38.22 70.58 -2.54
CA SER G 974 -38.62 69.29 -2.02
C SER G 974 -38.00 68.18 -2.85
N GLU G 975 -37.90 66.99 -2.27
CA GLU G 975 -37.30 65.87 -2.98
C GLU G 975 -38.08 65.53 -4.25
N GLU G 976 -39.38 65.81 -4.26
CA GLU G 976 -40.16 65.66 -5.49
C GLU G 976 -39.74 66.65 -6.56
N MET G 977 -39.01 67.70 -6.20
CA MET G 977 -38.54 68.68 -7.17
C MET G 977 -37.13 68.36 -7.68
N LEU G 978 -36.23 67.95 -6.79
CA LEU G 978 -34.91 67.51 -7.23
C LEU G 978 -34.97 66.15 -7.92
N ARG G 979 -36.05 65.39 -7.72
CA ARG G 979 -36.24 64.09 -8.36
C ARG G 979 -37.69 63.99 -8.82
N PRO G 980 -38.02 64.64 -9.95
CA PRO G 980 -39.44 64.72 -10.36
C PRO G 980 -40.08 63.38 -10.69
N GLU G 981 -39.33 62.27 -10.69
CA GLU G 981 -39.95 60.97 -10.91
C GLU G 981 -40.71 60.50 -9.67
N LEU G 982 -40.42 61.08 -8.50
CA LEU G 982 -41.16 60.73 -7.29
C LEU G 982 -42.61 61.19 -7.37
N GLN G 983 -42.88 62.27 -8.11
CA GLN G 983 -44.25 62.78 -8.19
C GLN G 983 -45.16 61.79 -8.90
N ASP G 984 -44.66 61.14 -9.95
CA ASP G 984 -45.45 60.22 -10.76
C ASP G 984 -44.52 59.45 -11.70
N GLU G 985 -44.34 58.16 -11.46
CA GLU G 985 -43.41 57.38 -12.27
C GLU G 985 -43.88 57.22 -13.70
N LYS G 986 -45.20 57.14 -13.91
CA LYS G 986 -45.71 57.01 -15.27
C LYS G 986 -45.49 58.30 -16.06
N ILE G 987 -45.84 59.45 -15.48
CA ILE G 987 -45.68 60.72 -16.18
C ILE G 987 -44.20 60.99 -16.46
N PHE G 988 -43.32 60.59 -15.55
CA PHE G 988 -41.89 60.75 -15.79
C PHE G 988 -41.43 59.93 -16.98
N ALA G 989 -41.78 58.64 -16.99
CA ALA G 989 -41.41 57.78 -18.11
C ALA G 989 -42.06 58.25 -19.40
N ASP G 990 -43.30 58.75 -19.31
CA ASP G 990 -43.96 59.30 -20.50
C ASP G 990 -43.22 60.50 -21.05
N SER G 991 -42.68 61.35 -20.16
CA SER G 991 -41.90 62.50 -20.62
C SER G 991 -40.68 62.06 -21.40
N ILE G 992 -39.94 61.08 -20.86
CA ILE G 992 -38.76 60.58 -21.56
C ILE G 992 -39.15 59.98 -22.90
N ASP G 993 -40.28 59.28 -22.96
CA ASP G 993 -40.69 58.65 -24.21
C ASP G 993 -41.15 59.68 -25.24
N VAL G 994 -41.69 60.81 -24.79
CA VAL G 994 -41.97 61.90 -25.73
C VAL G 994 -40.68 62.51 -26.24
N ILE G 995 -39.69 62.67 -25.35
CA ILE G 995 -38.41 63.24 -25.75
C ILE G 995 -37.71 62.35 -26.75
N VAL G 996 -37.76 61.03 -26.54
CA VAL G 996 -37.06 60.09 -27.43
C VAL G 996 -37.73 60.06 -28.79
N LYS G 997 -39.06 59.97 -28.83
CA LYS G 997 -39.76 59.93 -30.10
C LYS G 997 -39.62 61.24 -30.86
N THR G 998 -39.62 62.36 -30.14
CA THR G 998 -39.41 63.65 -30.80
C THR G 998 -37.97 63.78 -31.28
N HIS G 999 -37.01 63.24 -30.52
CA HIS G 999 -35.62 63.19 -30.99
C HIS G 999 -35.52 62.52 -32.35
N GLN G 1000 -36.24 61.42 -32.54
CA GLN G 1000 -36.17 60.68 -33.80
C GLN G 1000 -36.91 61.40 -34.92
N ARG G 1001 -38.07 61.99 -34.60
CA ARG G 1001 -38.83 62.68 -35.64
C ARG G 1001 -38.06 63.87 -36.19
N VAL G 1002 -37.38 64.62 -35.33
CA VAL G 1002 -36.64 65.80 -35.77
C VAL G 1002 -35.42 65.39 -36.58
N ALA G 1003 -34.61 64.48 -36.04
CA ALA G 1003 -33.40 64.07 -36.75
C ALA G 1003 -33.73 63.42 -38.08
N GLN G 1004 -34.88 62.76 -38.19
CA GLN G 1004 -35.29 62.17 -39.46
C GLN G 1004 -35.38 63.22 -40.56
N MET G 1005 -35.67 64.47 -40.20
CA MET G 1005 -35.78 65.51 -41.22
C MET G 1005 -34.44 65.76 -41.91
N TYR G 1006 -33.34 65.68 -41.16
CA TYR G 1006 -32.02 65.89 -41.75
C TYR G 1006 -31.68 64.84 -42.80
N PHE G 1007 -32.36 63.70 -42.78
CA PHE G 1007 -32.20 62.69 -43.82
C PHE G 1007 -33.22 62.85 -44.93
N ASP G 1008 -34.45 63.27 -44.58
CA ASP G 1008 -35.47 63.49 -45.59
C ASP G 1008 -35.07 64.61 -46.56
N ASP G 1009 -34.41 65.65 -46.06
CA ASP G 1009 -33.96 66.74 -46.92
C ASP G 1009 -32.49 66.60 -47.32
N GLY G 1010 -31.82 65.55 -46.87
CA GLY G 1010 -30.47 65.24 -47.32
C GLY G 1010 -29.37 66.11 -46.75
N THR G 1011 -29.70 67.10 -45.91
CA THR G 1011 -28.69 67.98 -45.35
C THR G 1011 -27.77 67.30 -44.35
N VAL G 1012 -28.07 66.05 -43.97
CA VAL G 1012 -27.18 65.32 -43.06
C VAL G 1012 -25.81 65.13 -43.69
N SER G 1013 -25.73 65.14 -45.02
CA SER G 1013 -24.45 65.03 -45.69
C SER G 1013 -23.56 66.25 -45.46
N LEU G 1014 -24.14 67.38 -45.08
CA LEU G 1014 -23.39 68.60 -44.82
C LEU G 1014 -22.92 68.70 -43.38
N ALA G 1015 -23.34 67.79 -42.51
CA ALA G 1015 -23.01 67.86 -41.09
C ALA G 1015 -21.59 67.37 -40.86
N CYS G 1016 -20.95 67.96 -39.85
CA CYS G 1016 -19.65 67.50 -39.40
C CYS G 1016 -19.78 66.11 -38.76
N PRO G 1017 -18.67 65.39 -38.62
CA PRO G 1017 -18.74 64.01 -38.11
C PRO G 1017 -19.48 63.89 -36.78
N PRO G 1018 -19.25 64.78 -35.80
CA PRO G 1018 -20.01 64.64 -34.54
C PRO G 1018 -21.51 64.83 -34.72
N ILE G 1019 -21.93 65.80 -35.52
CA ILE G 1019 -23.36 66.03 -35.71
C ILE G 1019 -23.97 64.91 -36.53
N ARG G 1020 -23.25 64.43 -37.55
CA ARG G 1020 -23.76 63.34 -38.38
C ARG G 1020 -24.04 62.10 -37.55
N ALA G 1021 -23.06 61.66 -36.76
CA ALA G 1021 -23.25 60.48 -35.94
C ALA G 1021 -24.37 60.67 -34.94
N LEU G 1022 -24.50 61.89 -34.38
CA LEU G 1022 -25.56 62.15 -33.42
C LEU G 1022 -26.93 62.04 -34.07
N LEU G 1023 -27.10 62.66 -35.25
CA LEU G 1023 -28.38 62.57 -35.95
C LEU G 1023 -28.70 61.14 -36.36
N GLU G 1024 -27.69 60.38 -36.77
CA GLU G 1024 -27.92 58.98 -37.13
C GLU G 1024 -28.42 58.19 -35.93
N ILE G 1025 -27.80 58.39 -34.76
CA ILE G 1025 -28.25 57.70 -33.56
C ILE G 1025 -29.66 58.16 -33.17
N MET G 1026 -29.95 59.45 -33.34
CA MET G 1026 -31.26 59.98 -32.98
C MET G 1026 -32.35 59.42 -33.88
N ALA G 1027 -32.06 59.24 -35.17
CA ALA G 1027 -33.09 58.89 -36.14
C ALA G 1027 -33.24 57.39 -36.35
N HIS G 1028 -32.14 56.62 -36.28
CA HIS G 1028 -32.18 55.21 -36.63
C HIS G 1028 -31.73 54.29 -35.51
N GLY G 1029 -31.44 54.81 -34.31
CA GLY G 1029 -31.02 54.01 -33.19
C GLY G 1029 -29.53 53.78 -33.10
N ALA G 1030 -28.79 53.98 -34.19
CA ALA G 1030 -27.35 53.82 -34.18
C ALA G 1030 -26.78 54.52 -35.41
N SER G 1031 -25.48 54.78 -35.38
CA SER G 1031 -24.80 55.44 -36.47
C SER G 1031 -24.40 54.42 -37.54
N ALA G 1032 -23.75 54.90 -38.60
CA ALA G 1032 -23.29 54.00 -39.65
C ALA G 1032 -22.20 53.06 -39.15
N GLU G 1033 -21.42 53.48 -38.14
CA GLU G 1033 -20.38 52.67 -37.55
C GLU G 1033 -20.90 51.78 -36.42
N GLY G 1034 -22.22 51.67 -36.27
CA GLY G 1034 -22.79 50.92 -35.16
C GLY G 1034 -22.73 51.62 -33.83
N TRP G 1035 -22.32 52.89 -33.78
CA TRP G 1035 -22.20 53.60 -32.52
C TRP G 1035 -23.57 53.92 -31.94
N THR G 1036 -23.69 53.78 -30.63
CA THR G 1036 -24.79 54.31 -29.85
C THR G 1036 -24.28 55.49 -29.02
N LEU G 1037 -25.15 56.06 -28.19
CA LEU G 1037 -24.78 57.24 -27.43
C LEU G 1037 -23.63 56.96 -26.46
N ASP G 1038 -23.50 55.71 -26.01
CA ASP G 1038 -22.49 55.35 -25.02
C ASP G 1038 -21.17 54.91 -25.65
N SER G 1039 -21.07 54.87 -26.97
CA SER G 1039 -19.86 54.43 -27.64
C SER G 1039 -18.72 55.39 -27.40
N PRO G 1040 -17.59 54.96 -26.82
CA PRO G 1040 -16.49 55.89 -26.56
C PRO G 1040 -15.91 56.52 -27.81
N GLU G 1041 -15.96 55.83 -28.96
CA GLU G 1041 -15.43 56.41 -30.18
C GLU G 1041 -16.36 57.47 -30.75
N PHE G 1042 -17.67 57.34 -30.49
CA PHE G 1042 -18.62 58.39 -30.87
C PHE G 1042 -18.47 59.61 -29.98
N ARG G 1043 -18.46 59.40 -28.67
CA ARG G 1043 -18.34 60.51 -27.73
C ARG G 1043 -16.98 61.20 -27.82
N LYS G 1044 -15.97 60.52 -28.35
CA LYS G 1044 -14.65 61.13 -28.48
C LYS G 1044 -14.68 62.26 -29.52
N LEU G 1045 -15.57 62.17 -30.50
CA LEU G 1045 -15.63 63.17 -31.56
C LEU G 1045 -16.00 64.55 -31.03
N PHE G 1046 -16.68 64.62 -29.89
CA PHE G 1046 -17.04 65.90 -29.29
C PHE G 1046 -15.94 66.47 -28.40
N GLU G 1047 -14.93 65.68 -28.05
CA GLU G 1047 -13.89 66.14 -27.15
C GLU G 1047 -12.97 67.14 -27.86
N ARG G 1048 -12.40 68.05 -27.07
CA ARG G 1048 -11.64 69.17 -27.63
C ARG G 1048 -10.43 68.70 -28.42
N GLU G 1049 -9.66 67.77 -27.85
CA GLU G 1049 -8.44 67.31 -28.51
C GLU G 1049 -8.72 66.69 -29.87
N SER G 1050 -9.87 66.02 -30.02
CA SER G 1050 -10.22 65.41 -31.30
C SER G 1050 -10.50 66.47 -32.35
N VAL G 1051 -11.39 67.42 -32.04
CA VAL G 1051 -11.75 68.44 -33.03
C VAL G 1051 -10.55 69.31 -33.37
N LEU G 1052 -9.58 69.43 -32.46
CA LEU G 1052 -8.40 70.23 -32.76
C LEU G 1052 -7.50 69.53 -33.77
N ALA G 1053 -7.41 68.20 -33.69
CA ALA G 1053 -6.55 67.43 -34.58
C ALA G 1053 -7.31 66.85 -35.76
N SER G 1054 -8.59 67.19 -35.92
CA SER G 1054 -9.42 66.55 -36.93
C SER G 1054 -9.24 67.20 -38.29
N ASP G 1055 -9.44 66.41 -39.35
CA ASP G 1055 -9.38 66.94 -40.70
C ASP G 1055 -10.57 67.86 -40.98
N TRP G 1056 -11.74 67.54 -40.44
CA TRP G 1056 -12.94 68.29 -40.77
C TRP G 1056 -12.91 69.70 -40.18
N TYR G 1057 -12.34 69.85 -38.98
CA TYR G 1057 -12.16 71.19 -38.44
C TYR G 1057 -11.05 71.94 -39.18
N ALA G 1058 -9.97 71.23 -39.52
CA ALA G 1058 -8.92 71.85 -40.33
C ALA G 1058 -9.46 72.37 -41.65
N ALA G 1059 -10.42 71.66 -42.25
CA ALA G 1059 -11.05 72.15 -43.47
C ALA G 1059 -11.84 73.42 -43.23
N ARG G 1060 -12.46 73.56 -42.05
CA ARG G 1060 -13.21 74.78 -41.77
C ARG G 1060 -12.30 75.98 -41.59
N LEU G 1061 -11.08 75.77 -41.09
CA LEU G 1061 -10.14 76.88 -40.97
C LEU G 1061 -9.52 77.24 -42.32
N ASP G 1062 -9.16 76.24 -43.12
CA ASP G 1062 -8.71 76.51 -44.49
C ASP G 1062 -9.78 77.23 -45.29
N ALA G 1063 -11.05 76.81 -45.13
CA ALA G 1063 -12.14 77.43 -45.88
C ALA G 1063 -12.37 78.86 -45.42
N LYS G 1064 -12.23 79.12 -44.11
CA LYS G 1064 -12.39 80.47 -43.59
C LYS G 1064 -11.36 81.42 -44.19
N GLN G 1065 -10.10 80.98 -44.26
CA GLN G 1065 -9.05 81.82 -44.82
C GLN G 1065 -9.32 82.12 -46.30
N ALA G 1066 -9.80 81.13 -47.04
CA ALA G 1066 -10.04 81.34 -48.46
C ALA G 1066 -11.14 82.37 -48.71
N GLU G 1067 -12.21 82.31 -47.93
CA GLU G 1067 -13.31 83.26 -48.10
C GLU G 1067 -12.89 84.67 -47.67
N ASP G 1068 -12.03 84.78 -46.66
CA ASP G 1068 -11.55 86.10 -46.26
C ASP G 1068 -10.63 86.70 -47.33
N VAL G 1069 -9.75 85.89 -47.90
CA VAL G 1069 -8.88 86.37 -48.97
C VAL G 1069 -9.71 86.83 -50.16
N LYS G 1070 -10.77 86.09 -50.49
CA LYS G 1070 -11.61 86.46 -51.61
C LYS G 1070 -12.38 87.74 -51.30
N GLN G 1071 -12.90 87.88 -50.08
CA GLN G 1071 -13.66 89.07 -49.71
C GLN G 1071 -12.78 90.31 -49.72
N THR G 1072 -11.53 90.18 -49.28
CA THR G 1072 -10.61 91.32 -49.33
C THR G 1072 -10.19 91.60 -50.76
N GLU G 1073 -9.94 90.56 -51.55
CA GLU G 1073 -9.61 90.74 -52.97
C GLU G 1073 -10.71 91.52 -53.69
N GLU G 1074 -11.97 91.17 -53.43
CA GLU G 1074 -13.07 91.94 -53.99
C GLU G 1074 -13.05 93.38 -53.50
N GLY G 1075 -12.73 93.58 -52.23
CA GLY G 1075 -12.69 94.93 -51.69
C GLY G 1075 -11.54 95.76 -52.24
N VAL G 1076 -10.39 95.12 -52.47
CA VAL G 1076 -9.24 95.83 -53.02
C VAL G 1076 -9.54 96.31 -54.43
N GLU G 1077 -10.07 95.42 -55.27
CA GLU G 1077 -10.37 95.79 -56.65
C GLU G 1077 -11.52 96.79 -56.70
N ARG G 1078 -12.49 96.68 -55.79
CA ARG G 1078 -13.59 97.63 -55.75
C ARG G 1078 -13.09 99.05 -55.52
N LEU G 1079 -12.14 99.23 -54.59
CA LEU G 1079 -11.59 100.55 -54.33
C LEU G 1079 -10.70 101.02 -55.47
N LYS G 1080 -9.84 100.14 -55.99
CA LYS G 1080 -9.00 100.50 -57.13
C LYS G 1080 -9.84 101.02 -58.29
N GLU G 1081 -10.92 100.30 -58.62
CA GLU G 1081 -11.76 100.71 -59.73
C GLU G 1081 -12.45 102.04 -59.44
N TYR G 1082 -12.95 102.22 -58.22
CA TYR G 1082 -13.65 103.45 -57.87
C TYR G 1082 -12.70 104.65 -57.92
N ILE G 1083 -11.49 104.47 -57.42
CA ILE G 1083 -10.52 105.57 -57.41
C ILE G 1083 -10.09 105.94 -58.82
N GLU G 1084 -9.90 104.94 -59.68
CA GLU G 1084 -9.44 105.18 -61.04
C GLU G 1084 -10.46 105.90 -61.91
N ARG G 1085 -11.72 105.98 -61.48
CA ARG G 1085 -12.71 106.73 -62.24
C ARG G 1085 -12.31 108.21 -62.29
N PRO G 1086 -12.56 108.89 -63.41
CA PRO G 1086 -12.14 110.29 -63.52
C PRO G 1086 -12.95 111.25 -62.65
N ASP G 1087 -14.12 110.84 -62.15
CA ASP G 1087 -15.01 111.74 -61.43
C ASP G 1087 -15.13 111.41 -59.95
N SER G 1088 -14.25 110.56 -59.41
CA SER G 1088 -14.33 110.16 -58.01
C SER G 1088 -13.23 110.79 -57.17
N GLY G 1089 -12.62 111.87 -57.65
CA GLY G 1089 -11.54 112.51 -56.91
C GLY G 1089 -12.01 113.15 -55.62
N SER G 1090 -13.15 113.82 -55.66
CA SER G 1090 -13.67 114.48 -54.46
C SER G 1090 -14.06 113.45 -53.40
N VAL G 1091 -14.64 112.33 -53.83
CA VAL G 1091 -15.07 111.30 -52.87
C VAL G 1091 -13.85 110.62 -52.27
N SER G 1092 -12.87 110.25 -53.11
CA SER G 1092 -11.69 109.56 -52.62
C SER G 1092 -10.91 110.42 -51.62
N ALA G 1093 -10.93 111.74 -51.81
CA ALA G 1093 -10.23 112.62 -50.88
C ALA G 1093 -10.98 112.74 -49.56
N ARG G 1094 -12.31 112.81 -49.61
CA ARG G 1094 -13.09 113.03 -48.40
C ARG G 1094 -13.13 111.78 -47.52
N LEU G 1095 -13.32 110.61 -48.13
CA LEU G 1095 -13.39 109.36 -47.38
C LEU G 1095 -12.03 108.73 -47.15
N HIS G 1096 -10.95 109.35 -47.62
CA HIS G 1096 -9.59 108.82 -47.49
C HIS G 1096 -9.51 107.41 -48.07
N LEU G 1097 -9.92 107.28 -49.34
CA LEU G 1097 -10.00 105.96 -49.96
C LEU G 1097 -8.62 105.41 -50.32
N ALA G 1098 -7.65 106.29 -50.62
CA ALA G 1098 -6.30 105.82 -50.88
C ALA G 1098 -5.68 105.19 -49.64
N ASP G 1099 -5.98 105.75 -48.46
CA ASP G 1099 -5.55 105.13 -47.21
C ASP G 1099 -6.33 103.85 -46.95
N ARG G 1100 -7.64 103.87 -47.21
CA ARG G 1100 -8.45 102.67 -47.01
C ARG G 1100 -8.05 101.57 -47.97
N LEU G 1101 -7.49 101.91 -49.13
CA LEU G 1101 -7.03 100.90 -50.07
C LEU G 1101 -5.74 100.24 -49.59
N ARG G 1102 -4.85 101.01 -48.95
CA ARG G 1102 -3.64 100.41 -48.43
C ARG G 1102 -3.91 99.53 -47.22
N GLU G 1103 -4.90 99.88 -46.40
CA GLU G 1103 -5.31 99.00 -45.31
C GLU G 1103 -5.82 97.67 -45.86
N LEU G 1104 -6.57 97.71 -46.96
CA LEU G 1104 -7.07 96.48 -47.58
C LEU G 1104 -5.93 95.66 -48.17
N GLU G 1105 -5.06 96.30 -48.96
CA GLU G 1105 -3.94 95.57 -49.56
C GLU G 1105 -3.03 94.99 -48.50
N ALA G 1106 -2.82 95.72 -47.39
CA ALA G 1106 -2.07 95.17 -46.28
C ALA G 1106 -2.81 94.01 -45.63
N GLN G 1107 -4.11 94.18 -45.37
CA GLN G 1107 -4.90 93.11 -44.77
C GLN G 1107 -4.90 91.87 -45.65
N LEU G 1108 -4.96 92.06 -46.98
CA LEU G 1108 -4.97 90.92 -47.89
C LEU G 1108 -3.66 90.13 -47.80
N THR G 1109 -2.53 90.84 -47.68
CA THR G 1109 -1.26 90.16 -47.54
C THR G 1109 -1.21 89.34 -46.25
N TYR G 1110 -1.73 89.89 -45.16
CA TYR G 1110 -1.77 89.15 -43.90
C TYR G 1110 -2.71 87.95 -44.00
N GLU G 1111 -3.89 88.14 -44.61
CA GLU G 1111 -4.84 87.05 -44.74
C GLU G 1111 -4.34 85.93 -45.65
N ARG G 1112 -3.38 86.22 -46.52
CA ARG G 1112 -2.78 85.19 -47.36
C ARG G 1112 -1.60 84.48 -46.69
N SER G 1113 -1.17 84.94 -45.50
CA SER G 1113 0.01 84.42 -44.85
C SER G 1113 -0.30 83.18 -44.03
N PRO G 1114 0.68 82.31 -43.82
CA PRO G 1114 0.49 81.22 -42.84
C PRO G 1114 0.31 81.71 -41.42
N GLU G 1115 0.77 82.94 -41.13
CA GLU G 1115 0.57 83.50 -39.79
C GLU G 1115 -0.91 83.70 -39.48
N TYR G 1116 -1.71 84.02 -40.50
CA TYR G 1116 -3.15 84.17 -40.28
C TYR G 1116 -3.83 82.82 -40.10
N ARG G 1117 -3.45 81.84 -40.93
CA ARG G 1117 -3.99 80.50 -40.80
C ARG G 1117 -3.73 79.92 -39.41
N ARG G 1118 -2.62 80.32 -38.79
CA ARG G 1118 -2.32 79.87 -37.43
C ARG G 1118 -3.23 80.54 -36.41
N SER G 1119 -3.51 81.84 -36.59
CA SER G 1119 -4.37 82.54 -35.65
C SER G 1119 -5.82 82.07 -35.72
N LEU G 1120 -6.21 81.44 -36.83
CA LEU G 1120 -7.56 80.91 -36.94
C LEU G 1120 -7.79 79.69 -36.06
N VAL G 1121 -6.72 79.05 -35.58
CA VAL G 1121 -6.88 77.90 -34.70
C VAL G 1121 -7.53 78.36 -33.40
N GLY G 1122 -8.70 77.82 -33.10
CA GLY G 1122 -9.52 78.27 -32.00
C GLY G 1122 -10.79 78.97 -32.43
N THR G 1123 -10.87 79.42 -33.68
CA THR G 1123 -12.08 80.04 -34.19
C THR G 1123 -12.99 79.00 -34.82
N LEU G 1124 -14.24 79.41 -35.09
CA LEU G 1124 -15.22 78.47 -35.61
C LEU G 1124 -14.92 78.06 -37.05
N GLY G 1125 -14.31 78.94 -37.82
CA GLY G 1125 -14.07 78.62 -39.21
C GLY G 1125 -15.30 78.88 -40.07
N ARG G 1126 -15.32 78.23 -41.22
CA ARG G 1126 -16.38 78.41 -42.21
C ARG G 1126 -16.84 77.06 -42.73
N GLN G 1127 -18.11 76.99 -43.09
CA GLN G 1127 -18.66 75.79 -43.71
C GLN G 1127 -17.89 75.48 -44.99
N PRO G 1128 -17.18 74.35 -45.07
CA PRO G 1128 -16.39 74.09 -46.29
C PRO G 1128 -17.24 73.91 -47.53
N ARG G 1129 -18.41 73.27 -47.40
CA ARG G 1129 -19.30 73.03 -48.52
C ARG G 1129 -20.71 73.45 -48.12
N PHE G 1130 -21.28 74.40 -48.84
CA PHE G 1130 -22.65 74.82 -48.58
C PHE G 1130 -23.68 74.01 -49.33
N VAL G 1131 -23.29 73.34 -50.42
CA VAL G 1131 -24.24 72.59 -51.21
C VAL G 1131 -23.76 71.15 -51.40
N MET H 1 -37.12 -21.47 58.59
CA MET H 1 -36.32 -20.29 58.25
C MET H 1 -37.14 -19.02 58.45
N SER H 2 -36.45 -17.93 58.74
CA SER H 2 -37.11 -16.66 59.00
C SER H 2 -37.90 -16.20 57.77
N VAL H 3 -38.89 -15.33 58.02
CA VAL H 3 -39.70 -14.80 56.93
C VAL H 3 -38.84 -13.99 55.97
N VAL H 4 -37.78 -13.36 56.48
CA VAL H 4 -36.87 -12.61 55.60
C VAL H 4 -36.07 -13.56 54.73
N GLU H 5 -35.58 -14.67 55.29
CA GLU H 5 -34.84 -15.63 54.50
C GLU H 5 -35.71 -16.29 53.43
N ARG H 6 -36.99 -16.51 53.75
CA ARG H 6 -37.89 -17.10 52.76
C ARG H 6 -38.17 -16.13 51.62
N ARG H 7 -38.23 -14.83 51.91
CA ARG H 7 -38.45 -13.85 50.85
C ARG H 7 -37.23 -13.70 49.95
N GLN H 8 -36.03 -13.82 50.51
CA GLN H 8 -34.83 -13.71 49.68
C GLN H 8 -34.68 -14.91 48.75
N ILE H 9 -34.98 -16.11 49.26
CA ILE H 9 -34.93 -17.29 48.40
C ILE H 9 -35.96 -17.17 47.28
N ASN H 10 -37.16 -16.70 47.61
CA ASN H 10 -38.17 -16.50 46.58
C ASN H 10 -37.77 -15.41 45.60
N ALA H 11 -37.05 -14.39 46.07
CA ALA H 11 -36.52 -13.39 45.15
C ALA H 11 -35.47 -13.99 44.22
N ALA H 12 -34.62 -14.88 44.75
CA ALA H 12 -33.65 -15.56 43.92
C ALA H 12 -34.34 -16.48 42.92
N ILE H 13 -35.40 -17.17 43.35
CA ILE H 13 -36.11 -18.09 42.47
C ILE H 13 -36.76 -17.33 41.32
N ASN H 14 -37.40 -16.20 41.62
CA ASN H 14 -38.12 -15.46 40.58
C ASN H 14 -37.18 -14.92 39.51
N LEU H 15 -35.95 -14.53 39.91
CA LEU H 15 -34.97 -14.11 38.92
C LEU H 15 -34.60 -15.23 37.96
N ARG H 16 -34.59 -16.47 38.46
CA ARG H 16 -34.23 -17.60 37.60
C ARG H 16 -35.42 -18.06 36.75
N LEU H 17 -36.63 -18.02 37.31
CA LEU H 17 -37.80 -18.32 36.51
C LEU H 17 -38.03 -17.25 35.44
N SER H 18 -37.64 -16.01 35.73
CA SER H 18 -37.76 -14.95 34.73
C SER H 18 -36.75 -15.13 33.60
N LEU H 19 -35.53 -15.56 33.94
CA LEU H 19 -34.51 -15.78 32.92
C LEU H 19 -34.94 -16.85 31.92
N LEU H 20 -35.60 -17.90 32.39
CA LEU H 20 -36.12 -18.94 31.51
C LEU H 20 -37.46 -18.56 30.89
N GLY H 21 -37.98 -17.38 31.20
CA GLY H 21 -39.28 -16.99 30.68
C GLY H 21 -40.44 -17.80 31.22
N LEU H 22 -40.31 -18.32 32.44
CA LEU H 22 -41.38 -19.08 33.05
C LEU H 22 -42.23 -18.18 33.95
N PRO H 23 -43.51 -18.53 34.14
CA PRO H 23 -44.35 -17.73 35.05
C PRO H 23 -43.84 -17.78 36.48
N HIS H 24 -44.02 -16.68 37.18
CA HIS H 24 -43.54 -16.53 38.55
C HIS H 24 -44.37 -15.45 39.24
N PRO H 25 -44.45 -15.47 40.58
CA PRO H 25 -45.24 -14.46 41.30
C PRO H 25 -44.73 -13.03 41.12
N PRO H 32 -40.13 -1.07 41.44
CA PRO H 32 -39.11 -1.07 42.49
C PRO H 32 -37.86 -1.86 42.08
N ASP H 33 -37.66 -3.02 42.71
CA ASP H 33 -36.55 -3.88 42.35
C ASP H 33 -36.66 -4.38 40.92
N ALA H 34 -37.89 -4.50 40.40
CA ALA H 34 -38.08 -5.05 39.06
C ALA H 34 -37.55 -4.11 37.98
N ILE H 35 -37.70 -2.80 38.18
CA ILE H 35 -37.21 -1.85 37.19
C ILE H 35 -35.69 -1.90 37.09
N LEU H 36 -35.01 -2.32 38.17
CA LEU H 36 -33.56 -2.25 38.22
C LEU H 36 -32.90 -3.46 37.55
N VAL H 37 -33.48 -4.65 37.72
CA VAL H 37 -32.87 -5.85 37.17
C VAL H 37 -33.37 -6.21 35.78
N GLU H 38 -34.50 -5.68 35.35
CA GLU H 38 -35.04 -6.05 34.05
C GLU H 38 -34.06 -5.79 32.90
N PRO H 39 -33.35 -4.66 32.82
CA PRO H 39 -32.31 -4.55 31.78
C PRO H 39 -31.26 -5.63 31.87
N LEU H 40 -30.94 -6.09 33.07
CA LEU H 40 -29.96 -7.15 33.24
C LEU H 40 -30.54 -8.50 32.83
N LEU H 41 -31.82 -8.73 33.10
CA LEU H 41 -32.45 -10.00 32.74
C LEU H 41 -32.63 -10.11 31.23
N ALA H 42 -33.08 -9.03 30.58
CA ALA H 42 -33.27 -9.06 29.13
C ALA H 42 -31.93 -9.26 28.42
N ARG H 43 -30.87 -8.64 28.92
CA ARG H 43 -29.55 -8.82 28.33
C ARG H 43 -29.08 -10.26 28.47
N GLN H 44 -29.38 -10.89 29.59
CA GLN H 44 -28.94 -12.26 29.80
C GLN H 44 -29.77 -13.25 29.00
N ARG H 45 -31.09 -13.02 28.89
CA ARG H 45 -31.92 -13.89 28.06
C ARG H 45 -31.44 -13.91 26.62
N GLU H 46 -31.00 -12.75 26.11
CA GLU H 46 -30.54 -12.67 24.73
C GLU H 46 -29.23 -13.40 24.52
N LEU H 47 -28.28 -13.23 25.45
CA LEU H 47 -27.02 -13.97 25.37
C LEU H 47 -27.25 -15.47 25.49
N SER H 48 -28.21 -15.88 26.33
CA SER H 48 -28.52 -17.29 26.47
C SER H 48 -29.06 -17.88 25.17
N ARG H 49 -29.72 -17.06 24.35
CA ARG H 49 -30.24 -17.55 23.08
C ARG H 49 -29.17 -17.55 22.00
N ARG H 50 -28.18 -16.68 22.10
CA ARG H 50 -27.01 -16.77 21.22
C ARG H 50 -26.13 -17.95 21.56
N LEU H 51 -26.48 -18.72 22.60
CA LEU H 51 -25.75 -19.93 22.99
C LEU H 51 -26.72 -21.03 23.41
N LYS H 52 -27.93 -21.01 22.86
CA LYS H 52 -28.93 -22.02 23.22
C LYS H 52 -28.44 -23.41 22.81
N ASP H 53 -28.86 -24.41 23.59
CA ASP H 53 -28.52 -25.81 23.33
C ASP H 53 -27.01 -26.05 23.37
N ARG H 54 -26.31 -25.30 24.21
CA ARG H 54 -24.90 -25.53 24.49
C ARG H 54 -24.76 -26.03 25.91
N LEU H 55 -24.10 -27.17 26.08
CA LEU H 55 -24.02 -27.83 27.38
C LEU H 55 -22.88 -27.29 28.21
N SER H 56 -23.04 -27.42 29.53
CA SER H 56 -21.95 -27.09 30.45
C SER H 56 -20.89 -28.18 30.40
N ALA H 57 -19.74 -27.90 31.03
CA ALA H 57 -18.63 -28.85 30.99
C ALA H 57 -18.99 -30.23 31.55
N PRO H 58 -19.69 -30.36 32.69
CA PRO H 58 -20.09 -31.70 33.12
C PRO H 58 -21.07 -32.37 32.16
N ASP H 59 -22.01 -31.61 31.59
CA ASP H 59 -22.96 -32.20 30.65
C ASP H 59 -22.27 -32.68 29.37
N LEU H 60 -21.20 -32.00 28.96
CA LEU H 60 -20.49 -32.42 27.76
C LEU H 60 -19.78 -33.76 27.99
N ARG H 61 -19.20 -33.95 29.16
CA ARG H 61 -18.56 -35.23 29.47
C ARG H 61 -19.59 -36.34 29.53
N ILE H 62 -20.82 -36.04 29.97
CA ILE H 62 -21.88 -37.04 30.00
C ILE H 62 -22.44 -37.26 28.61
N GLN H 63 -22.54 -36.20 27.81
CA GLN H 63 -23.11 -36.34 26.47
C GLN H 63 -22.17 -37.07 25.54
N ARG H 64 -20.87 -36.76 25.59
CA ARG H 64 -19.90 -37.45 24.75
C ARG H 64 -19.82 -38.93 25.10
N PHE H 65 -19.98 -39.28 26.37
CA PHE H 65 -20.03 -40.69 26.74
C PHE H 65 -21.29 -41.35 26.18
N LEU H 66 -22.45 -40.73 26.38
CA LEU H 66 -23.69 -41.30 25.86
C LEU H 66 -23.65 -41.44 24.35
N ASP H 67 -23.11 -40.43 23.66
CA ASP H 67 -23.05 -40.48 22.19
C ASP H 67 -22.22 -41.65 21.71
N ASP H 68 -21.04 -41.85 22.30
CA ASP H 68 -20.17 -42.94 21.88
C ASP H 68 -20.64 -44.29 22.41
N TYR H 69 -21.07 -44.34 23.68
CA TYR H 69 -21.51 -45.61 24.26
C TYR H 69 -22.73 -46.15 23.54
N LEU H 70 -23.70 -45.28 23.23
CA LEU H 70 -24.93 -45.67 22.57
C LEU H 70 -24.90 -45.41 21.07
N ALA H 71 -23.70 -45.39 20.47
CA ALA H 71 -23.54 -45.00 19.08
C ALA H 71 -24.13 -46.01 18.10
N ASP H 72 -24.46 -47.21 18.55
CA ASP H 72 -24.97 -48.26 17.66
C ASP H 72 -26.37 -48.69 18.05
N CYS H 73 -27.21 -47.74 18.45
CA CYS H 73 -28.57 -48.03 18.90
C CYS H 73 -29.59 -47.27 18.06
N ASP H 74 -30.87 -47.57 18.29
CA ASP H 74 -31.95 -46.86 17.61
C ASP H 74 -32.01 -45.40 18.07
N GLU H 75 -31.83 -45.16 19.36
CA GLU H 75 -31.89 -43.83 19.95
C GLU H 75 -30.50 -43.36 20.33
N HIS H 76 -30.28 -42.05 20.20
CA HIS H 76 -29.04 -41.40 20.61
C HIS H 76 -29.42 -40.28 21.58
N PRO H 77 -29.65 -40.61 22.84
CA PRO H 77 -30.27 -39.65 23.76
C PRO H 77 -29.38 -38.45 24.03
N GLN H 78 -30.02 -37.28 24.05
CA GLN H 78 -29.35 -36.03 24.37
C GLN H 78 -29.93 -35.46 25.65
N LEU H 79 -29.06 -34.93 26.51
CA LEU H 79 -29.49 -34.34 27.77
C LEU H 79 -30.35 -33.10 27.50
N PRO H 80 -31.23 -32.74 28.43
CA PRO H 80 -31.97 -31.48 28.30
C PRO H 80 -31.01 -30.31 28.18
N ARG H 81 -31.11 -29.58 27.07
CA ARG H 81 -30.14 -28.53 26.79
C ARG H 81 -30.38 -27.30 27.66
N THR H 82 -31.63 -26.97 27.92
CA THR H 82 -32.00 -25.84 28.76
C THR H 82 -32.65 -26.37 30.04
N THR H 83 -32.08 -26.00 31.18
CA THR H 83 -32.61 -26.44 32.47
C THR H 83 -32.60 -25.29 33.45
N LEU H 84 -33.36 -25.45 34.53
CA LEU H 84 -33.31 -24.51 35.65
C LEU H 84 -32.14 -24.90 36.53
N VAL H 85 -31.04 -24.17 36.41
CA VAL H 85 -29.83 -24.49 37.16
C VAL H 85 -29.99 -24.00 38.59
N LEU H 86 -29.85 -24.92 39.54
CA LEU H 86 -29.86 -24.57 40.96
C LEU H 86 -28.41 -24.34 41.38
N ASP H 87 -27.94 -23.10 41.23
CA ASP H 87 -26.55 -22.78 41.50
C ASP H 87 -26.30 -22.35 42.95
N GLU H 88 -27.34 -22.22 43.75
CA GLU H 88 -27.20 -21.80 45.15
C GLU H 88 -27.96 -22.76 46.05
N PRO H 89 -27.44 -23.01 47.25
CA PRO H 89 -28.20 -23.82 48.21
C PRO H 89 -29.45 -23.10 48.66
N GLY H 90 -30.54 -23.85 48.81
CA GLY H 90 -31.80 -23.33 49.27
C GLY H 90 -32.84 -23.11 48.18
N LEU H 91 -32.41 -22.97 46.92
CA LEU H 91 -33.38 -22.79 45.84
C LEU H 91 -34.31 -23.97 45.71
N ALA H 92 -33.78 -25.19 45.82
CA ALA H 92 -34.62 -26.38 45.70
C ALA H 92 -35.62 -26.45 46.85
N ARG H 93 -35.22 -26.01 48.05
CA ARG H 93 -36.14 -26.00 49.18
C ARG H 93 -37.32 -25.07 48.92
N GLY H 94 -37.05 -23.87 48.39
CA GLY H 94 -38.13 -22.96 48.09
C GLY H 94 -39.00 -23.44 46.95
N LEU H 95 -38.40 -24.07 45.94
CA LEU H 95 -39.13 -24.51 44.77
C LEU H 95 -39.98 -25.75 45.02
N SER H 96 -39.65 -26.55 46.04
CA SER H 96 -40.35 -27.80 46.29
C SER H 96 -41.71 -27.62 46.96
N LEU H 97 -42.12 -26.38 47.23
CA LEU H 97 -43.40 -26.07 47.83
C LEU H 97 -44.00 -24.85 47.14
N PRO H 98 -45.33 -24.74 47.11
CA PRO H 98 -45.95 -23.56 46.52
C PRO H 98 -45.50 -22.30 47.24
N VAL H 99 -45.32 -21.22 46.47
CA VAL H 99 -44.88 -19.96 47.04
C VAL H 99 -45.92 -19.43 48.02
N ASP H 100 -47.19 -19.75 47.81
CA ASP H 100 -48.29 -19.20 48.60
C ASP H 100 -48.77 -20.20 49.65
N GLY H 101 -49.45 -21.25 49.19
CA GLY H 101 -50.03 -22.22 50.11
C GLY H 101 -49.00 -23.18 50.69
N ASP H 102 -49.48 -23.99 51.63
CA ASP H 102 -48.63 -24.93 52.38
C ASP H 102 -48.90 -26.38 52.00
N GLU H 103 -49.36 -26.63 50.77
CA GLU H 103 -49.73 -27.98 50.38
C GLU H 103 -49.56 -28.15 48.88
N PHE H 104 -48.99 -29.30 48.49
CA PHE H 104 -48.76 -29.62 47.09
C PHE H 104 -49.08 -31.09 46.86
N HIS H 105 -49.61 -31.39 45.68
CA HIS H 105 -49.99 -32.76 45.34
C HIS H 105 -49.77 -33.02 43.86
N SER H 106 -48.95 -34.03 43.55
CA SER H 106 -48.83 -34.59 42.22
C SER H 106 -49.09 -36.08 42.30
N ASP H 107 -48.99 -36.77 41.16
CA ASP H 107 -49.17 -38.22 41.16
C ASP H 107 -48.08 -38.94 41.93
N ILE H 108 -46.94 -38.29 42.16
CA ILE H 108 -45.78 -38.96 42.76
C ILE H 108 -45.43 -38.43 44.15
N VAL H 109 -45.95 -37.29 44.58
CA VAL H 109 -45.52 -36.73 45.86
C VAL H 109 -46.66 -35.92 46.48
N ALA H 110 -46.72 -35.95 47.81
CA ALA H 110 -47.58 -35.09 48.62
C ALA H 110 -46.65 -34.27 49.53
N SER H 111 -46.61 -32.96 49.31
CA SER H 111 -45.69 -32.09 50.01
C SER H 111 -46.46 -31.08 50.86
N TYR H 112 -45.96 -30.83 52.06
CA TYR H 112 -46.61 -29.94 53.01
C TYR H 112 -45.57 -29.04 53.66
N ARG H 113 -45.93 -27.79 53.89
CA ARG H 113 -45.10 -26.86 54.65
C ARG H 113 -45.43 -27.01 56.13
N LEU H 114 -44.40 -27.23 56.95
CA LEU H 114 -44.59 -27.58 58.35
C LEU H 114 -44.09 -26.48 59.27
N VAL H 115 -44.71 -26.39 60.44
CA VAL H 115 -44.16 -25.58 61.53
C VAL H 115 -42.75 -26.04 61.85
N ASN H 116 -42.51 -27.34 61.79
CA ASN H 116 -41.23 -27.94 62.15
C ASN H 116 -40.47 -28.45 60.92
N GLY H 117 -40.62 -27.78 59.78
CA GLY H 117 -39.83 -28.13 58.61
C GLY H 117 -40.62 -28.32 57.33
N VAL H 118 -40.39 -29.43 56.64
CA VAL H 118 -41.05 -29.72 55.38
C VAL H 118 -41.31 -31.23 55.30
N LEU H 119 -42.50 -31.60 54.83
CA LEU H 119 -42.91 -33.00 54.76
C LEU H 119 -43.18 -33.37 53.31
N HIS H 120 -42.48 -34.40 52.82
CA HIS H 120 -42.70 -34.95 51.49
C HIS H 120 -43.03 -36.43 51.64
N ASN H 121 -44.23 -36.82 51.20
CA ASN H 121 -44.64 -38.22 51.19
C ASN H 121 -44.63 -38.75 49.77
N PRO H 122 -43.56 -39.43 49.33
CA PRO H 122 -43.51 -39.92 47.96
C PRO H 122 -44.53 -41.03 47.72
N LYS H 123 -44.66 -41.41 46.44
CA LYS H 123 -45.68 -42.37 46.04
C LYS H 123 -45.48 -43.72 46.74
N HIS H 124 -44.23 -44.15 46.86
CA HIS H 124 -43.89 -45.36 47.60
C HIS H 124 -43.11 -44.97 48.85
N ASP H 125 -43.54 -45.47 50.01
CA ASP H 125 -42.99 -45.01 51.27
C ASP H 125 -41.64 -45.65 51.58
N ARG H 126 -41.39 -46.87 51.11
CA ARG H 126 -40.17 -47.57 51.42
C ARG H 126 -39.46 -48.01 50.14
N ARG H 127 -38.28 -48.57 50.32
CA ARG H 127 -37.41 -48.96 49.22
C ARG H 127 -37.44 -50.47 49.03
N THR H 128 -37.40 -50.91 47.78
CA THR H 128 -37.29 -52.31 47.44
C THR H 128 -35.97 -52.56 46.73
N THR H 129 -35.48 -53.80 46.81
CA THR H 129 -34.23 -54.18 46.17
C THR H 129 -34.36 -55.31 45.16
N ALA H 130 -35.44 -56.09 45.21
CA ALA H 130 -35.61 -57.22 44.30
C ALA H 130 -35.85 -56.70 42.89
N GLY H 131 -34.89 -56.96 42.00
CA GLY H 131 -35.04 -56.59 40.59
C GLY H 131 -35.17 -55.10 40.37
N VAL H 132 -34.40 -54.29 41.09
CA VAL H 132 -34.46 -52.84 40.97
C VAL H 132 -33.24 -52.30 40.25
N PHE H 133 -32.07 -52.89 40.48
CA PHE H 133 -30.81 -52.41 39.92
C PHE H 133 -30.62 -53.06 38.55
N HIS H 134 -30.88 -52.30 37.49
CA HIS H 134 -30.68 -52.74 36.12
C HIS H 134 -29.40 -52.13 35.57
N ILE H 135 -28.61 -52.95 34.88
CA ILE H 135 -27.33 -52.51 34.32
C ILE H 135 -27.31 -52.80 32.83
N SER H 136 -26.85 -51.82 32.05
CA SER H 136 -26.82 -51.94 30.61
C SER H 136 -25.61 -52.75 30.16
N THR H 137 -25.78 -53.44 29.03
CA THR H 137 -24.69 -54.19 28.42
C THR H 137 -23.76 -53.24 27.66
N GLY H 138 -22.61 -53.78 27.26
CA GLY H 138 -21.62 -53.00 26.53
C GLY H 138 -20.65 -52.23 27.39
N GLY H 139 -20.60 -52.50 28.69
CA GLY H 139 -19.67 -51.86 29.60
C GLY H 139 -18.88 -52.89 30.36
N LEU H 140 -18.59 -52.56 31.62
CA LEU H 140 -17.88 -53.48 32.50
C LEU H 140 -18.79 -54.66 32.84
N PRO H 141 -18.21 -55.79 33.29
CA PRO H 141 -19.03 -56.97 33.56
C PRO H 141 -20.16 -56.68 34.54
N ILE H 142 -21.28 -57.37 34.34
CA ILE H 142 -22.48 -57.19 35.15
C ILE H 142 -22.50 -58.27 36.23
N PRO H 143 -22.72 -57.91 37.50
CA PRO H 143 -22.77 -58.93 38.54
C PRO H 143 -23.93 -59.89 38.33
N GLN H 144 -23.72 -61.14 38.77
CA GLN H 144 -24.70 -62.20 38.59
C GLN H 144 -26.07 -61.83 39.17
N ASP H 145 -26.09 -61.06 40.25
CA ASP H 145 -27.32 -60.72 40.95
C ASP H 145 -28.08 -59.55 40.35
N LYS H 146 -27.54 -58.89 39.32
CA LYS H 146 -28.15 -57.70 38.77
C LYS H 146 -29.02 -58.05 37.56
N VAL H 147 -29.96 -57.16 37.26
CA VAL H 147 -30.79 -57.30 36.08
C VAL H 147 -30.02 -56.76 34.88
N GLU H 148 -29.90 -57.59 33.84
CA GLU H 148 -29.15 -57.23 32.65
C GLU H 148 -30.10 -56.62 31.62
N VAL H 149 -29.79 -55.41 31.17
CA VAL H 149 -30.62 -54.69 30.21
C VAL H 149 -29.82 -54.51 28.93
N ASP H 150 -30.44 -54.87 27.81
CA ASP H 150 -29.77 -54.71 26.52
C ASP H 150 -29.48 -53.23 26.26
N LYS H 151 -28.32 -52.97 25.67
CA LYS H 151 -27.88 -51.59 25.46
C LYS H 151 -28.88 -50.81 24.61
N ASN H 152 -29.56 -51.47 23.67
CA ASN H 152 -30.54 -50.79 22.85
C ASN H 152 -31.80 -50.46 23.65
N VAL H 153 -32.16 -51.31 24.60
CA VAL H 153 -33.28 -51.01 25.49
C VAL H 153 -32.95 -49.84 26.40
N TYR H 154 -31.70 -49.78 26.89
CA TYR H 154 -31.28 -48.66 27.71
C TYR H 154 -31.38 -47.34 26.96
N ALA H 155 -30.95 -47.32 25.70
CA ALA H 155 -31.01 -46.09 24.91
C ALA H 155 -32.45 -45.63 24.71
N ARG H 156 -33.39 -46.57 24.56
CA ARG H 156 -34.79 -46.18 24.41
C ARG H 156 -35.37 -45.68 25.73
N ILE H 157 -34.97 -46.28 26.84
CA ILE H 157 -35.45 -45.82 28.14
C ILE H 157 -34.92 -44.43 28.44
N LEU H 158 -33.62 -44.21 28.22
CA LEU H 158 -33.03 -42.90 28.48
C LEU H 158 -33.59 -41.84 27.55
N ALA H 159 -33.97 -42.20 26.33
CA ALA H 159 -34.60 -41.24 25.45
C ALA H 159 -36.01 -40.90 25.92
N ARG H 160 -36.75 -41.91 26.37
CA ARG H 160 -38.10 -41.66 26.88
C ARG H 160 -38.08 -41.00 28.26
N ALA H 161 -36.97 -41.11 28.99
CA ALA H 161 -36.83 -40.39 30.24
C ALA H 161 -36.80 -38.88 30.01
N PHE H 162 -36.21 -38.45 28.90
CA PHE H 162 -36.14 -37.02 28.57
C PHE H 162 -37.40 -36.51 27.90
N GLN H 163 -38.45 -37.34 27.79
CA GLN H 163 -39.75 -36.93 27.27
C GLN H 163 -40.77 -37.17 28.37
N ALA H 164 -40.85 -36.23 29.32
CA ALA H 164 -41.66 -36.27 30.52
C ALA H 164 -42.96 -35.49 30.34
N PRO H 165 -44.06 -35.98 30.91
CA PRO H 165 -45.35 -35.28 30.78
C PRO H 165 -45.34 -33.95 31.53
N ASP H 166 -46.40 -33.18 31.30
CA ASP H 166 -46.45 -31.83 31.85
C ASP H 166 -46.63 -31.83 33.36
N GLU H 167 -47.47 -32.73 33.89
CA GLU H 167 -47.65 -32.79 35.33
C GLU H 167 -46.32 -33.02 36.03
N GLU H 168 -45.49 -33.92 35.48
CA GLU H 168 -44.20 -34.20 36.08
C GLU H 168 -43.25 -33.02 35.97
N LEU H 169 -43.37 -32.23 34.90
CA LEU H 169 -42.53 -31.06 34.72
C LEU H 169 -42.96 -29.88 35.57
N ALA H 170 -44.17 -29.92 36.15
CA ALA H 170 -44.71 -28.77 36.86
C ALA H 170 -43.95 -28.55 38.17
N LEU H 171 -43.48 -27.32 38.37
CA LEU H 171 -42.81 -26.98 39.61
C LEU H 171 -43.83 -26.85 40.73
N PRO H 172 -43.59 -27.42 41.91
CA PRO H 172 -44.48 -27.18 43.05
C PRO H 172 -44.60 -25.69 43.38
N TYR H 173 -43.56 -24.92 43.09
CA TYR H 173 -43.52 -23.49 43.41
C TYR H 173 -44.69 -22.74 42.80
N THR H 174 -45.15 -23.15 41.62
CA THR H 174 -46.19 -22.43 40.88
C THR H 174 -47.49 -23.24 40.79
N ALA H 175 -47.69 -24.19 41.70
CA ALA H 175 -48.84 -25.08 41.60
C ALA H 175 -50.17 -24.36 41.79
N ASN H 176 -50.18 -23.19 42.42
CA ASN H 176 -51.41 -22.45 42.67
C ASN H 176 -51.50 -21.15 41.89
N LEU H 177 -50.63 -20.95 40.91
CA LEU H 177 -50.63 -19.74 40.12
C LEU H 177 -51.49 -19.90 38.89
N PRO H 178 -51.95 -18.79 38.30
CA PRO H 178 -52.74 -18.90 37.05
C PRO H 178 -52.08 -19.73 35.96
N GLU H 179 -50.81 -19.49 35.68
CA GLU H 179 -50.02 -20.33 34.79
C GLU H 179 -48.96 -21.06 35.60
N GLN H 180 -48.83 -22.36 35.37
CA GLN H 180 -47.81 -23.14 36.04
C GLN H 180 -46.54 -23.16 35.21
N ALA H 181 -45.41 -23.33 35.90
CA ALA H 181 -44.10 -23.33 35.28
C ALA H 181 -43.61 -24.77 35.12
N HIS H 182 -43.38 -25.18 33.88
CA HIS H 182 -42.87 -26.51 33.57
C HIS H 182 -41.44 -26.39 33.06
N CYS H 183 -40.54 -27.18 33.64
CA CYS H 183 -39.14 -27.12 33.24
C CYS H 183 -38.40 -28.35 33.75
N TRP H 184 -37.15 -28.48 33.31
CA TRP H 184 -36.19 -29.42 33.86
C TRP H 184 -35.27 -28.67 34.82
N ALA H 185 -34.88 -29.32 35.90
CA ALA H 185 -33.98 -28.74 36.87
C ALA H 185 -32.69 -29.55 36.95
N SER H 186 -31.58 -28.87 37.24
CA SER H 186 -30.28 -29.51 37.31
C SER H 186 -29.52 -29.04 38.54
N LEU H 187 -28.82 -29.98 39.17
CA LEU H 187 -28.03 -29.72 40.36
C LEU H 187 -26.68 -30.39 40.22
N LEU H 188 -25.61 -29.65 40.48
CA LEU H 188 -24.25 -30.18 40.43
C LEU H 188 -23.75 -30.39 41.85
N MET H 189 -23.06 -31.51 42.06
CA MET H 189 -22.54 -31.85 43.38
C MET H 189 -21.19 -32.53 43.23
N ARG H 190 -20.37 -32.44 44.29
CA ARG H 190 -19.03 -33.01 44.32
C ARG H 190 -18.93 -33.93 45.54
N PRO H 191 -19.45 -35.16 45.44
CA PRO H 191 -19.38 -36.08 46.58
C PRO H 191 -17.98 -36.63 46.78
N THR H 192 -17.54 -36.65 48.05
CA THR H 192 -16.19 -37.07 48.38
C THR H 192 -15.98 -38.55 48.10
N VAL H 193 -14.83 -38.87 47.50
CA VAL H 193 -14.47 -40.25 47.17
C VAL H 193 -13.15 -40.66 47.83
N LEU H 194 -12.21 -39.73 47.97
CA LEU H 194 -10.91 -40.00 48.57
C LEU H 194 -10.67 -38.98 49.68
N PRO H 195 -10.49 -39.40 50.93
CA PRO H 195 -10.29 -38.43 52.01
C PRO H 195 -8.90 -37.83 51.98
N ALA H 196 -8.79 -36.62 52.55
CA ALA H 196 -7.50 -35.95 52.65
C ALA H 196 -6.70 -36.51 53.80
N VAL H 197 -5.45 -36.86 53.53
CA VAL H 197 -4.51 -37.31 54.56
C VAL H 197 -3.21 -36.53 54.37
N PRO H 198 -2.71 -35.85 55.39
CA PRO H 198 -1.55 -34.96 55.21
C PRO H 198 -0.35 -35.72 54.66
N GLY H 199 0.22 -35.18 53.58
CA GLY H 199 1.37 -35.79 52.94
C GLY H 199 1.10 -37.11 52.26
N ARG H 200 -0.14 -37.57 52.24
CA ARG H 200 -0.49 -38.85 51.62
C ARG H 200 -1.47 -38.70 50.47
N THR H 201 -2.61 -38.06 50.69
CA THR H 201 -3.62 -37.90 49.66
C THR H 201 -4.22 -36.51 49.72
N THR H 202 -4.51 -35.95 48.56
CA THR H 202 -5.39 -34.79 48.47
C THR H 202 -6.83 -35.29 48.46
N GLU H 203 -7.72 -34.54 49.13
CA GLU H 203 -9.13 -34.89 49.07
C GLU H 203 -9.62 -34.80 47.63
N LYS H 204 -10.21 -35.88 47.15
CA LYS H 204 -10.72 -35.94 45.79
C LYS H 204 -12.21 -36.27 45.81
N SER H 205 -12.91 -35.73 44.82
CA SER H 205 -14.33 -35.96 44.64
C SER H 205 -14.60 -36.16 43.16
N TYR H 206 -15.74 -36.75 42.85
CA TYR H 206 -16.22 -36.83 41.48
C TYR H 206 -17.35 -35.83 41.28
N GLU H 207 -17.68 -35.58 40.03
CA GLU H 207 -18.77 -34.67 39.69
C GLU H 207 -20.01 -35.47 39.31
N VAL H 208 -21.12 -35.16 39.96
CA VAL H 208 -22.42 -35.74 39.65
C VAL H 208 -23.36 -34.61 39.27
N HIS H 209 -24.24 -34.87 38.31
CA HIS H 209 -25.18 -33.88 37.80
C HIS H 209 -26.57 -34.49 37.81
N PHE H 210 -27.42 -34.06 38.74
CA PHE H 210 -28.82 -34.47 38.75
C PHE H 210 -29.60 -33.64 37.75
N ILE H 211 -30.34 -34.31 36.87
CA ILE H 211 -31.14 -33.65 35.83
C ILE H 211 -32.53 -34.26 35.91
N VAL H 212 -33.47 -33.53 36.51
CA VAL H 212 -34.79 -34.08 36.86
C VAL H 212 -35.87 -33.13 36.37
N PRO H 213 -37.08 -33.63 36.18
CA PRO H 213 -38.21 -32.75 35.89
C PRO H 213 -38.57 -31.88 37.10
N GLY H 214 -39.38 -30.86 36.85
CA GLY H 214 -39.67 -29.87 37.88
C GLY H 214 -40.45 -30.42 39.05
N GLY H 215 -41.32 -31.40 38.81
CA GLY H 215 -42.11 -31.98 39.88
C GLY H 215 -41.34 -32.81 40.88
N LEU H 216 -40.06 -33.06 40.62
CA LEU H 216 -39.18 -33.80 41.53
C LEU H 216 -38.21 -32.87 42.25
N MET H 217 -38.61 -31.61 42.46
CA MET H 217 -37.74 -30.65 43.11
C MET H 217 -37.36 -31.11 44.51
N CYS H 218 -38.30 -31.73 45.24
CA CYS H 218 -37.99 -32.19 46.59
C CYS H 218 -36.83 -33.16 46.61
N ASN H 219 -36.67 -33.98 45.56
CA ASN H 219 -35.53 -34.88 45.48
C ASN H 219 -34.23 -34.11 45.37
N LEU H 220 -34.21 -33.02 44.61
CA LEU H 220 -33.01 -32.21 44.52
C LEU H 220 -32.68 -31.58 45.87
N ASP H 221 -33.69 -31.07 46.58
CA ASP H 221 -33.47 -30.54 47.91
C ASP H 221 -32.92 -31.62 48.85
N PHE H 222 -33.39 -32.86 48.67
CA PHE H 222 -32.91 -33.97 49.48
C PHE H 222 -31.40 -34.19 49.29
N VAL H 223 -30.97 -34.42 48.04
CA VAL H 223 -29.56 -34.73 47.83
C VAL H 223 -28.68 -33.51 48.04
N GLU H 224 -29.22 -32.30 47.82
CA GLU H 224 -28.42 -31.10 48.04
C GLU H 224 -28.04 -30.97 49.52
N GLY H 225 -29.00 -31.22 50.42
CA GLY H 225 -28.70 -31.16 51.83
C GLY H 225 -27.66 -32.18 52.25
N ILE H 226 -27.55 -33.29 51.51
CA ILE H 226 -26.65 -34.38 51.88
C ILE H 226 -25.27 -34.17 51.30
N PHE H 227 -25.17 -33.82 50.01
CA PHE H 227 -23.89 -33.79 49.31
C PHE H 227 -23.44 -32.39 48.91
N GLY H 228 -24.24 -31.37 49.20
CA GLY H 228 -23.84 -30.00 48.94
C GLY H 228 -24.36 -29.47 47.61
N ASN H 229 -23.88 -28.29 47.26
CA ASN H 229 -24.24 -27.61 46.02
C ASN H 229 -22.97 -27.05 45.42
N ALA H 230 -22.56 -27.59 44.27
CA ALA H 230 -21.31 -27.21 43.64
C ALA H 230 -21.43 -25.99 42.74
N GLY H 231 -22.61 -25.40 42.64
CA GLY H 231 -22.75 -24.11 41.97
C GLY H 231 -23.13 -24.22 40.51
N ASP H 232 -22.88 -23.13 39.80
CA ASP H 232 -23.23 -23.00 38.39
C ASP H 232 -22.27 -23.81 37.54
N PRO H 233 -22.72 -24.89 36.88
CA PRO H 233 -21.78 -25.73 36.13
C PRO H 233 -21.18 -25.05 34.90
N TYR H 234 -21.75 -23.92 34.45
CA TYR H 234 -21.19 -23.17 33.35
C TYR H 234 -20.03 -22.27 33.78
N LEU H 235 -19.77 -22.16 35.09
CA LEU H 235 -18.63 -21.33 35.47
C LEU H 235 -17.36 -22.17 35.51
N PRO H 236 -16.24 -21.60 35.05
CA PRO H 236 -14.99 -22.38 35.05
C PRO H 236 -14.53 -22.80 36.43
N GLU H 237 -14.83 -22.01 37.48
CA GLU H 237 -14.44 -22.39 38.83
C GLU H 237 -15.20 -23.59 39.35
N ASN H 238 -16.29 -23.98 38.70
CA ASN H 238 -17.05 -25.17 39.07
C ASN H 238 -16.78 -26.35 38.15
N ASP H 239 -15.91 -26.18 37.16
CA ASP H 239 -15.51 -27.26 36.28
C ASP H 239 -14.48 -28.11 36.99
N ALA H 240 -14.82 -29.38 37.25
CA ALA H 240 -13.89 -30.27 37.95
C ALA H 240 -12.61 -30.48 37.15
N SER H 241 -12.71 -30.48 35.82
CA SER H 241 -11.55 -30.77 34.98
C SER H 241 -10.50 -29.67 35.02
N LEU H 242 -10.87 -28.46 35.47
CA LEU H 242 -9.92 -27.37 35.59
C LEU H 242 -9.18 -27.36 36.92
N ASP H 243 -9.54 -28.25 37.85
CA ASP H 243 -8.80 -28.47 39.09
C ASP H 243 -8.69 -29.96 39.32
N PRO H 244 -7.88 -30.66 38.52
CA PRO H 244 -7.89 -32.13 38.56
C PRO H 244 -7.25 -32.71 39.81
N ASP H 245 -6.50 -31.92 40.58
CA ASP H 245 -5.89 -32.43 41.81
C ASP H 245 -6.94 -32.86 42.81
N SER H 246 -8.08 -32.16 42.86
CA SER H 246 -9.18 -32.50 43.75
C SER H 246 -10.28 -33.28 43.05
N TRP H 247 -10.03 -33.75 41.83
CA TRP H 247 -11.02 -34.47 41.05
C TRP H 247 -10.57 -35.91 40.85
N THR H 248 -11.51 -36.85 40.98
CA THR H 248 -11.21 -38.25 40.68
C THR H 248 -11.12 -38.50 39.19
N GLY H 249 -11.64 -37.59 38.37
CA GLY H 249 -11.70 -37.78 36.93
C GLY H 249 -13.01 -38.38 36.45
N HIS H 250 -13.92 -38.72 37.35
CA HIS H 250 -15.11 -39.47 37.01
C HIS H 250 -16.34 -38.59 37.12
N THR H 251 -17.33 -38.88 36.28
CA THR H 251 -18.54 -38.07 36.17
C THR H 251 -19.76 -38.97 36.24
N GLY H 252 -20.73 -38.57 37.05
CA GLY H 252 -21.97 -39.31 37.18
C GLY H 252 -23.15 -38.46 36.77
N CYS H 253 -24.20 -39.14 36.29
CA CYS H 253 -25.45 -38.48 35.95
C CYS H 253 -26.60 -39.27 36.55
N VAL H 254 -27.48 -38.58 37.26
CA VAL H 254 -28.68 -39.18 37.84
C VAL H 254 -29.89 -38.49 37.23
N ILE H 255 -30.80 -39.29 36.67
CA ILE H 255 -32.00 -38.78 36.02
C ILE H 255 -33.20 -39.48 36.65
N LEU H 256 -34.10 -38.70 37.23
CA LEU H 256 -35.29 -39.25 37.86
C LEU H 256 -36.49 -39.05 36.92
N ALA H 257 -37.23 -40.12 36.67
CA ALA H 257 -38.37 -40.08 35.75
C ALA H 257 -39.39 -41.12 36.17
N PRO H 258 -40.22 -40.80 37.17
CA PRO H 258 -41.30 -41.73 37.55
C PRO H 258 -42.27 -42.05 36.41
N HIS H 259 -42.34 -41.23 35.37
CA HIS H 259 -43.25 -41.52 34.28
C HIS H 259 -42.85 -42.75 33.47
N LEU H 260 -41.62 -43.25 33.66
CA LEU H 260 -41.16 -44.43 32.94
C LEU H 260 -41.82 -45.72 33.42
N THR H 261 -42.66 -45.67 34.45
CA THR H 261 -43.30 -46.86 34.97
C THR H 261 -44.46 -47.36 34.11
N THR H 262 -44.77 -46.65 33.03
CA THR H 262 -45.84 -47.06 32.11
C THR H 262 -45.30 -47.62 30.80
N MET H 263 -43.98 -47.67 30.62
CA MET H 263 -43.41 -48.27 29.42
C MET H 263 -43.80 -49.73 29.30
N THR H 264 -44.27 -50.12 28.13
CA THR H 264 -44.48 -51.53 27.84
C THR H 264 -43.19 -52.15 27.33
N LYS H 265 -42.92 -53.39 27.76
CA LYS H 265 -41.72 -54.08 27.32
C LYS H 265 -41.68 -54.25 25.81
N LYS H 266 -42.84 -54.41 25.17
CA LYS H 266 -42.87 -54.61 23.73
C LYS H 266 -42.44 -53.36 22.99
N SER H 267 -42.88 -52.18 23.46
CA SER H 267 -42.53 -50.93 22.79
C SER H 267 -41.06 -50.60 22.89
N LEU H 268 -40.33 -51.21 23.83
CA LEU H 268 -38.91 -50.97 24.00
C LEU H 268 -38.04 -51.89 23.14
N GLY H 269 -38.64 -52.77 22.36
CA GLY H 269 -37.89 -53.70 21.55
C GLY H 269 -37.48 -54.97 22.24
N MET H 270 -38.00 -55.25 23.43
CA MET H 270 -37.64 -56.43 24.17
C MET H 270 -38.34 -57.66 23.57
N PRO H 271 -37.70 -58.82 23.63
CA PRO H 271 -38.26 -60.01 23.01
C PRO H 271 -39.40 -60.62 23.83
N HIS H 272 -40.20 -61.43 23.15
CA HIS H 272 -41.20 -62.23 23.84
C HIS H 272 -40.51 -63.34 24.63
N TYR H 273 -41.21 -63.82 25.67
CA TYR H 273 -40.65 -64.85 26.54
C TYR H 273 -40.19 -66.08 25.76
N ASP H 274 -40.90 -66.43 24.69
CA ASP H 274 -40.53 -67.59 23.88
C ASP H 274 -39.14 -67.43 23.28
N ASP H 275 -38.80 -66.21 22.87
CA ASP H 275 -37.54 -65.94 22.17
C ASP H 275 -36.49 -65.31 23.08
N ALA H 276 -36.67 -65.36 24.39
CA ALA H 276 -35.75 -64.74 25.34
C ALA H 276 -34.74 -65.77 25.85
N THR H 277 -33.56 -65.27 26.20
CA THR H 277 -32.54 -66.11 26.81
C THR H 277 -32.93 -66.44 28.25
N GLU H 278 -32.18 -67.38 28.84
CA GLU H 278 -32.43 -67.76 30.22
C GLU H 278 -32.22 -66.58 31.16
N ARG H 279 -31.17 -65.79 30.92
CA ARG H 279 -30.91 -64.63 31.76
C ARG H 279 -32.03 -63.60 31.62
N GLN H 280 -32.55 -63.42 30.41
CA GLN H 280 -33.61 -62.44 30.19
C GLN H 280 -34.89 -62.85 30.91
N ARG H 281 -35.28 -64.12 30.79
CA ARG H 281 -36.46 -64.61 31.50
C ARG H 281 -36.28 -64.49 33.00
N ARG H 282 -35.06 -64.74 33.49
CA ARG H 282 -34.78 -64.62 34.91
C ARG H 282 -34.98 -63.19 35.39
N ASP H 283 -34.52 -62.21 34.61
CA ASP H 283 -34.56 -60.80 34.99
C ASP H 283 -35.86 -60.10 34.61
N GLY H 284 -36.84 -60.83 34.06
CA GLY H 284 -38.03 -60.17 33.59
C GLY H 284 -37.84 -59.27 32.38
N GLN H 285 -36.71 -59.42 31.69
CA GLN H 285 -36.42 -58.64 30.48
C GLN H 285 -37.10 -59.21 29.24
N CYS H 286 -38.36 -59.65 29.38
CA CYS H 286 -39.13 -60.18 28.26
C CYS H 286 -40.60 -60.04 28.62
N TRP H 287 -41.43 -59.96 27.58
CA TRP H 287 -42.85 -59.69 27.73
C TRP H 287 -43.68 -60.89 27.29
N ARG H 288 -44.79 -61.12 28.00
CA ARG H 288 -45.76 -62.15 27.66
C ARG H 288 -46.92 -61.57 26.86
N HIS H 289 -47.68 -60.67 27.46
CA HIS H 289 -48.70 -59.91 26.77
C HIS H 289 -48.17 -58.54 26.39
N GLU H 290 -48.81 -57.92 25.39
CA GLU H 290 -48.31 -56.67 24.86
C GLU H 290 -48.41 -55.51 25.84
N ASP H 291 -49.24 -55.63 26.87
CA ASP H 291 -49.41 -54.59 27.87
C ASP H 291 -48.40 -54.67 29.01
N ASP H 292 -47.55 -55.70 29.03
CA ASP H 292 -46.62 -55.89 30.14
C ASP H 292 -45.75 -54.67 30.35
N LEU H 293 -45.82 -54.10 31.54
CA LEU H 293 -45.00 -52.94 31.88
C LEU H 293 -43.56 -53.35 32.13
N TYR H 294 -42.64 -52.43 31.82
CA TYR H 294 -41.23 -52.69 32.07
C TYR H 294 -40.99 -52.96 33.55
N ASN H 295 -40.19 -53.99 33.83
CA ASN H 295 -39.92 -54.48 35.18
C ASN H 295 -41.21 -54.86 35.91
N ASP H 296 -42.27 -55.16 35.15
CA ASP H 296 -43.57 -55.57 35.69
C ASP H 296 -44.11 -54.56 36.69
N GLY H 297 -43.88 -53.27 36.42
CA GLY H 297 -44.36 -52.21 37.29
C GLY H 297 -43.48 -51.89 38.47
N LYS H 298 -42.69 -52.85 38.95
CA LYS H 298 -41.88 -52.66 40.14
C LYS H 298 -40.86 -51.53 39.93
N ALA H 299 -40.45 -50.93 41.05
CA ALA H 299 -39.49 -49.83 40.99
C ALA H 299 -38.17 -50.32 40.39
N PHE H 300 -37.59 -49.48 39.54
CA PHE H 300 -36.35 -49.87 38.88
C PHE H 300 -35.49 -48.64 38.66
N LYS H 301 -34.18 -48.87 38.57
CA LYS H 301 -33.24 -47.89 38.05
C LYS H 301 -32.33 -48.61 37.07
N VAL H 302 -32.03 -47.94 35.96
CA VAL H 302 -31.19 -48.51 34.90
C VAL H 302 -29.93 -47.67 34.78
N CYS H 303 -28.80 -48.35 34.58
CA CYS H 303 -27.49 -47.74 34.73
C CYS H 303 -26.56 -48.19 33.60
N ALA H 304 -25.67 -47.29 33.18
CA ALA H 304 -24.69 -47.58 32.15
C ALA H 304 -23.35 -46.97 32.53
N ARG H 305 -22.28 -47.75 32.36
CA ARG H 305 -20.96 -47.36 32.84
C ARG H 305 -19.92 -48.35 32.32
N ASP H 306 -18.69 -47.86 32.15
CA ASP H 306 -17.54 -48.73 31.86
C ASP H 306 -16.25 -48.14 32.42
N GLU H 307 -15.12 -48.46 31.80
CA GLU H 307 -13.83 -47.99 32.30
C GLU H 307 -13.64 -46.49 32.14
N ARG H 308 -14.44 -45.83 31.30
CA ARG H 308 -14.18 -44.43 31.00
C ARG H 308 -14.48 -43.48 32.15
N GLY H 309 -15.21 -43.93 33.18
CA GLY H 309 -15.46 -43.10 34.33
C GLY H 309 -16.73 -42.27 34.28
N VAL H 310 -17.60 -42.49 33.31
CA VAL H 310 -18.86 -41.76 33.19
C VAL H 310 -19.99 -42.75 33.41
N ILE H 311 -20.66 -42.65 34.57
CA ILE H 311 -21.76 -43.52 34.93
C ILE H 311 -23.05 -42.72 34.83
N VAL H 312 -24.05 -43.30 34.17
CA VAL H 312 -25.32 -42.61 33.88
C VAL H 312 -26.45 -43.51 34.35
N THR H 313 -27.29 -43.00 35.26
CA THR H 313 -28.34 -43.78 35.89
C THR H 313 -29.67 -43.06 35.74
N VAL H 314 -30.72 -43.82 35.40
CA VAL H 314 -32.10 -43.33 35.38
C VAL H 314 -32.88 -44.07 36.44
N ILE H 315 -33.52 -43.32 37.34
CA ILE H 315 -34.33 -43.88 38.42
C ILE H 315 -35.79 -43.53 38.16
N ALA H 316 -36.64 -44.56 38.15
CA ALA H 316 -38.06 -44.39 37.84
C ALA H 316 -38.93 -44.33 39.09
N ASP H 317 -38.34 -44.07 40.26
CA ASP H 317 -39.09 -43.96 41.50
C ASP H 317 -38.52 -42.81 42.30
N ASN H 318 -39.38 -41.90 42.75
CA ASN H 318 -38.93 -40.69 43.42
C ASN H 318 -38.76 -40.85 44.93
N TYR H 319 -38.71 -42.08 45.44
CA TYR H 319 -38.41 -42.28 46.85
C TYR H 319 -36.97 -41.83 47.13
N PHE H 320 -36.80 -41.00 48.17
CA PHE H 320 -35.53 -40.31 48.37
C PHE H 320 -34.38 -41.26 48.66
N GLY H 321 -34.68 -42.44 49.20
CA GLY H 321 -33.63 -43.41 49.44
C GLY H 321 -32.92 -43.87 48.18
N TYR H 322 -33.61 -43.85 47.04
CA TYR H 322 -32.96 -44.24 45.79
C TYR H 322 -31.92 -43.23 45.36
N CYS H 323 -32.21 -41.93 45.50
CA CYS H 323 -31.26 -40.91 45.09
C CYS H 323 -30.01 -40.95 45.96
N LYS H 324 -30.20 -41.02 47.29
CA LYS H 324 -29.08 -41.08 48.21
C LYS H 324 -28.22 -42.32 47.94
N LYS H 325 -28.85 -43.48 47.73
CA LYS H 325 -28.10 -44.70 47.48
C LYS H 325 -27.48 -44.74 46.09
N GLU H 326 -28.06 -44.03 45.12
CA GLU H 326 -27.43 -43.97 43.80
C GLU H 326 -26.11 -43.21 43.85
N VAL H 327 -26.07 -42.10 44.60
CA VAL H 327 -24.80 -41.40 44.79
C VAL H 327 -23.78 -42.31 45.46
N LYS H 328 -24.23 -43.11 46.44
CA LYS H 328 -23.35 -44.10 47.05
C LYS H 328 -22.78 -45.05 46.01
N THR H 329 -23.64 -45.53 45.09
CA THR H 329 -23.17 -46.41 44.03
C THR H 329 -22.11 -45.74 43.18
N GLN H 330 -22.29 -44.46 42.85
CA GLN H 330 -21.35 -43.77 41.98
C GLN H 330 -20.07 -43.36 42.72
N ILE H 331 -20.16 -43.11 44.03
CA ILE H 331 -18.93 -42.96 44.82
C ILE H 331 -18.15 -44.26 44.82
N SER H 332 -18.85 -45.39 44.97
CA SER H 332 -18.20 -46.68 44.91
C SER H 332 -17.65 -46.96 43.52
N TYR H 333 -18.41 -46.60 42.49
CA TYR H 333 -17.92 -46.69 41.12
C TYR H 333 -16.64 -45.89 40.94
N SER H 334 -16.64 -44.63 41.41
CA SER H 334 -15.46 -43.79 41.31
C SER H 334 -14.29 -44.38 42.10
N ALA H 335 -14.56 -44.91 43.30
CA ALA H 335 -13.50 -45.44 44.13
C ALA H 335 -12.81 -46.62 43.47
N ASN H 336 -13.60 -47.52 42.86
CA ASN H 336 -13.02 -48.69 42.20
C ASN H 336 -12.10 -48.29 41.07
N LEU H 337 -12.51 -47.31 40.26
CA LEU H 337 -11.70 -46.88 39.12
C LEU H 337 -10.50 -46.05 39.54
N LEU H 338 -10.62 -45.28 40.61
CA LEU H 338 -9.52 -44.43 41.04
C LEU H 338 -8.36 -45.25 41.61
N GLY H 339 -8.66 -46.25 42.42
CA GLY H 339 -7.64 -46.98 43.15
C GLY H 339 -7.21 -46.23 44.40
N GLY H 340 -6.68 -46.99 45.35
CA GLY H 340 -6.20 -46.40 46.60
C GLY H 340 -7.34 -45.94 47.49
N ALA H 341 -8.55 -45.93 46.97
CA ALA H 341 -9.72 -45.51 47.73
C ALA H 341 -10.69 -46.67 47.89
N GLU H 342 -11.57 -46.54 48.87
CA GLU H 342 -12.51 -47.59 49.22
C GLU H 342 -13.80 -46.92 49.69
N GLU H 343 -14.94 -47.36 49.14
CA GLU H 343 -16.24 -46.89 49.57
C GLU H 343 -16.89 -47.98 50.40
N GLU H 344 -17.34 -47.64 51.60
CA GLU H 344 -17.82 -48.63 52.55
C GLU H 344 -19.21 -48.27 53.05
N HIS H 345 -20.00 -49.31 53.32
CA HIS H 345 -21.30 -49.19 53.99
C HIS H 345 -21.03 -49.34 55.48
N SER H 346 -20.55 -48.27 56.10
CA SER H 346 -20.00 -48.36 57.44
C SER H 346 -20.42 -47.18 58.30
N GLY H 347 -20.58 -47.45 59.60
CA GLY H 347 -20.62 -46.43 60.61
C GLY H 347 -19.34 -46.47 61.45
N GLY H 348 -19.19 -45.47 62.30
CA GLY H 348 -18.00 -45.41 63.13
C GLY H 348 -17.92 -44.10 63.88
N ALA H 349 -16.98 -44.07 64.83
CA ALA H 349 -16.82 -42.91 65.68
C ALA H 349 -15.49 -42.97 66.39
N GLU H 350 -14.94 -41.80 66.70
CA GLU H 350 -13.82 -41.69 67.62
C GLU H 350 -14.38 -41.79 69.03
N VAL H 351 -13.95 -42.81 69.77
CA VAL H 351 -14.49 -43.11 71.09
C VAL H 351 -13.42 -42.78 72.12
N TYR H 352 -13.66 -41.73 72.92
CA TYR H 352 -12.77 -41.35 73.99
C TYR H 352 -13.35 -41.80 75.32
N PRO H 353 -12.69 -42.69 76.05
CA PRO H 353 -13.27 -43.19 77.29
C PRO H 353 -13.31 -42.12 78.37
N ALA H 354 -14.30 -42.23 79.26
CA ALA H 354 -14.54 -41.26 80.31
C ALA H 354 -14.72 -41.96 81.65
N TRP H 355 -14.35 -41.27 82.71
CA TRP H 355 -14.50 -41.77 84.08
C TRP H 355 -15.13 -40.71 84.96
N ASN H 356 -15.87 -41.17 85.96
CA ASN H 356 -16.38 -40.31 87.03
C ASN H 356 -15.27 -40.17 88.06
N LEU H 357 -14.57 -39.03 88.04
CA LEU H 357 -13.47 -38.79 88.96
C LEU H 357 -13.95 -38.32 90.34
N ASN H 358 -15.26 -38.26 90.55
CA ASN H 358 -15.87 -37.89 91.84
C ASN H 358 -15.53 -36.44 92.14
N GLN H 359 -15.05 -36.11 93.35
CA GLN H 359 -14.99 -34.73 93.80
C GLN H 359 -13.59 -34.12 93.72
N ASP H 360 -12.54 -34.92 93.88
CA ASP H 360 -11.17 -34.42 93.93
C ASP H 360 -10.29 -35.25 93.01
N PHE H 361 -9.49 -34.57 92.19
CA PHE H 361 -8.60 -35.26 91.26
C PHE H 361 -7.37 -34.41 91.01
N THR H 362 -6.20 -35.05 91.09
CA THR H 362 -4.93 -34.40 90.82
C THR H 362 -4.39 -34.90 89.48
N ASP H 363 -4.00 -33.96 88.62
CA ASP H 363 -3.57 -34.28 87.27
C ASP H 363 -2.38 -35.22 87.28
N ARG H 364 -2.36 -36.14 86.32
CA ARG H 364 -1.31 -37.15 86.21
C ARG H 364 -0.68 -37.13 84.82
N THR H 365 -0.39 -35.93 84.31
CA THR H 365 0.19 -35.80 82.98
C THR H 365 1.62 -36.30 82.98
N PRO H 366 1.99 -37.18 82.04
CA PRO H 366 3.38 -37.66 81.98
C PRO H 366 4.37 -36.54 81.72
N ASP H 367 5.64 -36.81 82.05
CA ASP H 367 6.66 -35.78 82.05
C ASP H 367 6.98 -35.22 80.67
N ASP H 368 6.58 -35.91 79.60
CA ASP H 368 6.88 -35.44 78.24
C ASP H 368 5.84 -34.49 77.70
N PHE H 369 4.81 -34.15 78.46
CA PHE H 369 3.83 -33.14 78.10
C PHE H 369 3.86 -32.03 79.15
N THR H 370 4.07 -30.80 78.71
CA THR H 370 4.06 -29.63 79.59
C THR H 370 3.32 -28.49 78.91
N LEU H 371 2.65 -27.68 79.73
CA LEU H 371 1.96 -26.51 79.21
C LEU H 371 2.93 -25.54 78.54
N ALA H 372 4.17 -25.46 79.05
CA ALA H 372 5.17 -24.61 78.43
C ALA H 372 5.44 -25.05 76.98
N ASP H 373 5.45 -26.35 76.73
CA ASP H 373 5.62 -26.83 75.36
C ASP H 373 4.39 -26.52 74.51
N VAL H 374 3.20 -26.67 75.09
CA VAL H 374 1.98 -26.40 74.34
C VAL H 374 1.88 -24.92 73.98
N ILE H 375 2.35 -24.04 74.87
CA ILE H 375 2.25 -22.61 74.61
C ILE H 375 3.22 -22.20 73.51
N SER H 376 4.51 -22.55 73.65
CA SER H 376 5.51 -22.15 72.67
C SER H 376 5.25 -22.75 71.29
N THR H 377 4.41 -23.78 71.20
CA THR H 377 4.06 -24.36 69.91
C THR H 377 2.86 -23.65 69.27
N ASN H 378 1.93 -23.15 70.07
CA ASN H 378 0.70 -22.55 69.57
C ASN H 378 0.48 -21.18 70.20
N ARG H 379 1.51 -20.32 70.16
CA ARG H 379 1.43 -19.01 70.82
C ARG H 379 0.29 -18.18 70.25
N GLU H 380 0.27 -17.98 68.94
CA GLU H 380 -0.72 -17.12 68.31
C GLU H 380 -2.15 -17.62 68.53
N LEU H 381 -2.32 -18.89 68.86
CA LEU H 381 -3.64 -19.47 69.12
C LEU H 381 -4.04 -19.40 70.58
N LEU H 382 -3.11 -19.07 71.49
CA LEU H 382 -3.37 -19.11 72.92
C LEU H 382 -3.26 -17.72 73.52
N ASP H 383 -4.22 -17.39 74.39
CA ASP H 383 -4.16 -16.19 75.22
C ASP H 383 -3.66 -16.64 76.59
N VAL H 384 -2.38 -16.38 76.87
CA VAL H 384 -1.80 -16.78 78.14
C VAL H 384 -2.30 -15.85 79.24
N ARG H 385 -2.54 -16.42 80.42
CA ARG H 385 -3.06 -15.68 81.55
C ARG H 385 -1.99 -15.48 82.62
N PRO H 386 -2.11 -14.45 83.45
CA PRO H 386 -1.07 -14.22 84.48
C PRO H 386 -0.92 -15.37 85.45
N GLU H 387 -2.02 -16.04 85.82
CA GLU H 387 -1.95 -17.14 86.77
C GLU H 387 -1.20 -18.35 86.24
N GLY H 388 -0.82 -18.35 84.96
CA GLY H 388 -0.05 -19.45 84.41
C GLY H 388 -0.83 -20.49 83.65
N TYR H 389 -2.01 -20.17 83.15
CA TYR H 389 -2.78 -21.05 82.28
C TYR H 389 -3.09 -20.29 80.99
N ALA H 390 -3.77 -20.97 80.06
CA ALA H 390 -4.02 -20.39 78.75
C ALA H 390 -5.44 -20.69 78.32
N VAL H 391 -5.98 -19.82 77.48
CA VAL H 391 -7.33 -19.96 76.93
C VAL H 391 -7.21 -20.09 75.42
N TYR H 392 -7.93 -21.05 74.85
CA TYR H 392 -7.92 -21.29 73.42
C TYR H 392 -8.68 -20.17 72.72
N LYS H 393 -7.97 -19.35 71.93
CA LYS H 393 -8.59 -18.19 71.30
C LYS H 393 -9.71 -18.57 70.34
N PRO H 394 -9.57 -19.54 69.43
CA PRO H 394 -10.70 -19.87 68.55
C PRO H 394 -11.91 -20.41 69.28
N GLU H 395 -11.72 -21.03 70.44
CA GLU H 395 -12.82 -21.59 71.24
C GLU H 395 -12.53 -21.34 72.71
N PRO H 396 -12.95 -20.21 73.25
CA PRO H 396 -12.54 -19.83 74.61
C PRO H 396 -13.04 -20.76 75.70
N ASN H 397 -13.95 -21.69 75.39
CA ASN H 397 -14.38 -22.68 76.37
C ASN H 397 -13.37 -23.79 76.57
N ILE H 398 -12.28 -23.81 75.80
CA ILE H 398 -11.18 -24.75 75.99
C ILE H 398 -10.10 -24.04 76.77
N VAL H 399 -9.77 -24.55 77.96
CA VAL H 399 -8.82 -23.91 78.86
C VAL H 399 -7.68 -24.88 79.10
N PHE H 400 -6.45 -24.42 78.90
CA PHE H 400 -5.27 -25.24 79.07
C PHE H 400 -4.73 -25.07 80.49
N ILE H 401 -4.84 -26.13 81.29
CA ILE H 401 -4.45 -26.11 82.69
C ILE H 401 -3.06 -26.70 82.81
N PRO H 402 -2.16 -26.12 83.62
CA PRO H 402 -0.83 -26.69 83.79
C PRO H 402 -0.88 -28.13 84.30
N GLU H 403 0.19 -28.86 84.02
CA GLU H 403 0.28 -30.24 84.47
C GLU H 403 0.36 -30.30 85.99
N HIS H 404 -0.09 -31.43 86.54
CA HIS H 404 -0.06 -31.69 87.99
C HIS H 404 -0.95 -30.74 88.77
N SER H 405 -1.93 -30.11 88.14
CA SER H 405 -2.85 -29.24 88.85
C SER H 405 -3.82 -30.09 89.68
N HIS H 406 -4.58 -29.41 90.53
CA HIS H 406 -5.56 -30.05 91.39
C HIS H 406 -6.94 -29.54 91.07
N TYR H 407 -7.87 -30.45 90.81
CA TYR H 407 -9.26 -30.14 90.54
C TYR H 407 -10.12 -30.57 91.71
N SER H 408 -11.04 -29.71 92.12
CA SER H 408 -11.91 -30.00 93.26
C SER H 408 -13.33 -29.57 92.90
N MET H 409 -14.29 -30.49 93.00
CA MET H 409 -15.68 -30.15 92.76
C MET H 409 -16.30 -29.47 93.97
N ARG H 410 -15.91 -29.89 95.18
CA ARG H 410 -16.48 -29.31 96.40
C ARG H 410 -16.16 -27.82 96.50
N THR H 411 -14.87 -27.47 96.47
CA THR H 411 -14.48 -26.06 96.50
C THR H 411 -14.61 -25.39 95.14
N GLN H 412 -14.83 -26.17 94.08
CA GLN H 412 -15.01 -25.65 92.73
C GLN H 412 -13.82 -24.78 92.30
N THR H 413 -12.62 -25.32 92.48
CA THR H 413 -11.39 -24.59 92.17
C THR H 413 -10.42 -25.49 91.42
N ILE H 414 -9.54 -24.85 90.65
CA ILE H 414 -8.36 -25.48 90.09
C ILE H 414 -7.15 -24.74 90.63
N SER H 415 -6.18 -25.48 91.17
CA SER H 415 -5.03 -24.89 91.82
C SER H 415 -3.74 -25.51 91.32
N TRP H 416 -2.67 -24.74 91.40
CA TRP H 416 -1.34 -25.17 90.97
C TRP H 416 -0.34 -24.13 91.42
N THR H 417 0.95 -24.43 91.20
CA THR H 417 2.04 -23.53 91.53
C THR H 417 2.60 -22.95 90.23
N ALA H 418 2.54 -21.63 90.10
CA ALA H 418 3.07 -20.93 88.93
C ALA H 418 3.67 -19.62 89.38
N HIS H 419 4.89 -19.33 88.89
CA HIS H 419 5.61 -18.11 89.25
C HIS H 419 5.88 -18.03 90.75
N GLY H 420 6.25 -19.17 91.34
CA GLY H 420 6.58 -19.22 92.75
C GLY H 420 5.44 -18.91 93.68
N ALA H 421 4.20 -19.02 93.21
CA ALA H 421 3.03 -18.72 94.03
C ALA H 421 1.99 -19.81 93.83
N GLU H 422 1.07 -19.90 94.78
CA GLU H 422 -0.03 -20.88 94.73
C GLU H 422 -1.18 -20.24 93.97
N GLN H 423 -1.31 -20.60 92.69
CA GLN H 423 -2.38 -20.05 91.86
C GLN H 423 -3.66 -20.84 92.06
N THR H 424 -4.79 -20.16 91.83
CA THR H 424 -6.10 -20.78 92.02
C THR H 424 -7.11 -20.05 91.14
N ILE H 425 -7.78 -20.80 90.27
CA ILE H 425 -8.87 -20.27 89.46
C ILE H 425 -10.14 -21.06 89.78
N LYS H 426 -11.27 -20.50 89.37
CA LYS H 426 -12.56 -21.14 89.60
C LYS H 426 -12.83 -22.19 88.53
N LEU H 427 -13.25 -23.37 88.95
CA LEU H 427 -13.60 -24.46 88.04
C LEU H 427 -15.03 -24.22 87.56
N LEU H 428 -15.16 -23.69 86.35
CA LEU H 428 -16.46 -23.30 85.82
C LEU H 428 -17.13 -24.46 85.09
N ALA H 429 -18.45 -24.53 85.19
CA ALA H 429 -19.21 -25.43 84.34
C ALA H 429 -19.28 -24.86 82.93
N GLY H 430 -19.30 -25.76 81.95
CA GLY H 430 -19.29 -25.36 80.56
C GLY H 430 -17.91 -25.17 79.97
N LYS H 431 -16.86 -25.22 80.78
CA LYS H 431 -15.49 -25.14 80.30
C LYS H 431 -14.91 -26.53 80.11
N HIS H 432 -13.89 -26.61 79.25
CA HIS H 432 -13.16 -27.85 78.99
C HIS H 432 -11.72 -27.64 79.41
N TYR H 433 -11.34 -28.20 80.55
CA TYR H 433 -9.99 -28.03 81.09
C TYR H 433 -9.09 -29.14 80.58
N LEU H 434 -8.14 -28.79 79.72
CA LEU H 434 -7.32 -29.75 79.01
C LEU H 434 -5.92 -29.78 79.61
N SER H 435 -5.47 -30.98 79.98
CA SER H 435 -4.10 -31.16 80.43
C SER H 435 -3.15 -31.02 79.26
N PRO H 436 -1.85 -30.82 79.51
CA PRO H 436 -0.89 -30.70 78.40
C PRO H 436 -0.89 -31.88 77.45
N ASP H 437 -1.39 -33.05 77.86
CA ASP H 437 -1.52 -34.21 76.98
C ASP H 437 -2.93 -34.39 76.45
N GLY H 438 -3.82 -33.43 76.69
CA GLY H 438 -5.16 -33.45 76.15
C GLY H 438 -6.22 -34.01 77.08
N TYR H 439 -5.84 -34.56 78.23
CA TYR H 439 -6.82 -35.07 79.17
C TYR H 439 -7.75 -33.95 79.62
N ARG H 440 -9.06 -34.21 79.57
CA ARG H 440 -10.05 -33.18 79.82
C ARG H 440 -10.75 -33.42 81.15
N ILE H 441 -10.93 -32.34 81.90
CA ILE H 441 -11.75 -32.32 83.11
C ILE H 441 -12.91 -31.36 82.88
N HIS H 442 -14.13 -31.80 83.21
CA HIS H 442 -15.27 -30.89 83.22
C HIS H 442 -16.21 -31.31 84.33
N ALA H 443 -16.96 -30.33 84.84
CA ALA H 443 -17.91 -30.54 85.91
C ALA H 443 -19.28 -30.91 85.32
N LYS H 444 -19.97 -31.82 86.00
CA LYS H 444 -21.26 -32.31 85.54
C LYS H 444 -22.08 -32.73 86.74
N HIS H 445 -23.39 -32.57 86.64
CA HIS H 445 -24.31 -33.10 87.64
C HIS H 445 -24.99 -34.34 87.09
N ARG H 446 -25.39 -35.22 88.00
CA ARG H 446 -25.99 -36.49 87.61
C ARG H 446 -27.32 -36.25 86.91
N GLU H 447 -27.74 -37.27 86.15
CA GLU H 447 -28.97 -37.14 85.36
C GLU H 447 -30.19 -37.02 86.27
N MET H 448 -30.22 -37.80 87.35
CA MET H 448 -31.39 -37.90 88.22
C MET H 448 -31.32 -36.96 89.42
N ASP H 449 -30.24 -36.21 89.59
CA ASP H 449 -30.11 -35.29 90.72
C ASP H 449 -29.21 -34.15 90.29
N ALA H 450 -29.79 -32.98 90.05
CA ALA H 450 -29.01 -31.82 89.64
C ALA H 450 -28.10 -31.32 90.75
N THR H 451 -28.32 -31.73 91.99
CA THR H 451 -27.49 -31.28 93.10
C THR H 451 -26.33 -32.22 93.41
N GLN H 452 -26.24 -33.36 92.75
CA GLN H 452 -25.09 -34.24 92.88
C GLN H 452 -24.11 -33.91 91.76
N TRP H 453 -23.08 -33.13 92.08
CA TRP H 453 -22.08 -32.72 91.12
C TRP H 453 -20.81 -33.56 91.28
N HIS H 454 -20.07 -33.68 90.18
CA HIS H 454 -18.84 -34.47 90.18
C HIS H 454 -18.02 -34.08 88.95
N LEU H 455 -16.76 -34.47 88.96
CA LEU H 455 -15.87 -34.24 87.83
C LEU H 455 -15.90 -35.42 86.88
N ILE H 456 -15.79 -35.13 85.59
CA ILE H 456 -15.67 -36.16 84.56
C ILE H 456 -14.31 -36.00 83.88
N GLY H 457 -13.55 -37.09 83.86
CA GLY H 457 -12.30 -37.11 83.13
C GLY H 457 -12.41 -37.88 81.82
N THR H 458 -12.10 -37.23 80.71
CA THR H 458 -12.18 -37.85 79.39
C THR H 458 -10.77 -38.00 78.84
N SER H 459 -10.39 -39.23 78.50
CA SER H 459 -9.08 -39.47 77.92
C SER H 459 -8.99 -38.85 76.54
N SER H 460 -7.82 -38.31 76.22
CA SER H 460 -7.55 -37.79 74.88
C SER H 460 -7.05 -38.86 73.92
N ARG H 461 -6.81 -40.07 74.41
CA ARG H 461 -6.38 -41.20 73.59
C ARG H 461 -7.62 -41.83 72.96
N ALA H 462 -7.88 -41.47 71.70
CA ALA H 462 -9.05 -41.98 71.01
C ALA H 462 -8.89 -43.45 70.66
N VAL H 463 -10.00 -44.19 70.76
CA VAL H 463 -10.11 -45.50 70.15
C VAL H 463 -11.11 -45.36 69.00
N THR H 464 -10.61 -45.02 67.82
CA THR H 464 -11.49 -44.79 66.68
C THR H 464 -12.02 -46.13 66.17
N CYS H 465 -13.33 -46.31 66.25
CA CYS H 465 -13.97 -47.56 65.85
C CYS H 465 -14.57 -47.43 64.46
N HIS H 466 -14.71 -48.59 63.81
CA HIS H 466 -15.14 -48.67 62.42
C HIS H 466 -16.02 -49.90 62.27
N LYS H 467 -17.26 -49.69 61.83
CA LYS H 467 -18.27 -50.76 61.76
C LYS H 467 -18.71 -50.93 60.31
N PRO H 468 -17.95 -51.66 59.50
CA PRO H 468 -18.31 -51.84 58.09
C PRO H 468 -19.10 -53.11 57.86
N ALA H 469 -19.60 -53.24 56.64
CA ALA H 469 -20.19 -54.49 56.13
C ALA H 469 -21.17 -55.09 57.13
N THR H 470 -22.01 -54.24 57.71
CA THR H 470 -22.95 -54.66 58.75
C THR H 470 -24.35 -54.75 58.14
N VAL H 471 -24.94 -55.94 58.20
CA VAL H 471 -26.26 -56.15 57.59
C VAL H 471 -27.31 -55.29 58.29
N SER H 472 -28.44 -55.13 57.63
CA SER H 472 -29.56 -54.38 58.20
C SER H 472 -29.99 -55.03 59.51
N GLY H 473 -30.04 -54.22 60.56
CA GLY H 473 -30.33 -54.72 61.88
C GLY H 473 -29.11 -55.10 62.70
N GLY H 474 -27.90 -54.97 62.13
CA GLY H 474 -26.69 -55.29 62.87
C GLY H 474 -26.14 -54.17 63.71
N GLY H 475 -26.76 -52.99 63.68
CA GLY H 475 -26.38 -51.91 64.55
C GLY H 475 -25.27 -51.02 64.01
N LYS H 476 -25.35 -50.67 62.73
CA LYS H 476 -24.30 -49.89 62.11
C LYS H 476 -24.19 -48.49 62.71
N SER H 477 -25.33 -47.88 63.02
CA SER H 477 -25.34 -46.50 63.54
C SER H 477 -25.23 -46.43 65.06
N GLU H 478 -25.47 -47.54 65.77
CA GLU H 478 -25.37 -47.51 67.23
C GLU H 478 -23.94 -47.30 67.71
N ILE H 479 -22.95 -47.52 66.86
CA ILE H 479 -21.56 -47.38 67.31
C ILE H 479 -21.23 -45.93 67.62
N SER H 480 -21.90 -44.99 66.95
CA SER H 480 -21.69 -43.57 67.21
C SER H 480 -22.72 -43.00 68.19
N LYS H 481 -23.78 -43.76 68.48
CA LYS H 481 -24.81 -43.31 69.41
C LYS H 481 -24.27 -43.34 70.84
N SER H 482 -24.47 -42.25 71.58
CA SER H 482 -24.02 -42.19 72.96
C SER H 482 -24.85 -43.13 73.82
N ILE H 483 -24.21 -43.73 74.83
CA ILE H 483 -24.88 -44.70 75.68
C ILE H 483 -25.55 -44.05 76.89
N SER H 484 -25.50 -42.72 76.99
CA SER H 484 -26.08 -42.04 78.14
C SER H 484 -27.59 -42.29 78.24
N ASP H 485 -28.30 -42.21 77.12
CA ASP H 485 -29.75 -42.41 77.14
C ASP H 485 -30.16 -43.83 77.47
N ALA H 486 -29.22 -44.78 77.47
CA ALA H 486 -29.53 -46.16 77.82
C ALA H 486 -29.41 -46.45 79.31
N PHE H 487 -28.93 -45.49 80.10
CA PHE H 487 -28.78 -45.69 81.54
C PHE H 487 -30.14 -45.98 82.18
N VAL H 488 -30.17 -47.01 83.02
CA VAL H 488 -31.31 -47.32 83.87
C VAL H 488 -30.90 -47.04 85.31
N PHE H 489 -31.69 -46.25 86.00
CA PHE H 489 -31.35 -45.80 87.35
C PHE H 489 -32.17 -46.57 88.37
N GLY H 490 -31.48 -47.14 89.35
CA GLY H 490 -32.12 -47.84 90.45
C GLY H 490 -31.53 -47.41 91.78
N ASN H 491 -31.91 -48.09 92.85
CA ASN H 491 -31.43 -47.78 94.19
C ASN H 491 -30.53 -48.90 94.71
N ALA H 492 -30.07 -48.73 95.95
CA ALA H 492 -29.16 -49.67 96.59
C ALA H 492 -29.85 -50.28 97.79
N PHE H 493 -30.02 -51.60 97.78
CA PHE H 493 -30.71 -52.32 98.83
C PHE H 493 -29.74 -53.24 99.56
N SER H 494 -30.05 -53.50 100.84
CA SER H 494 -29.25 -54.37 101.68
C SER H 494 -30.16 -55.10 102.64
N HIS H 495 -30.02 -56.42 102.74
CA HIS H 495 -30.84 -57.20 103.65
C HIS H 495 -30.44 -57.01 105.10
N ASP H 496 -29.31 -56.35 105.37
CA ASP H 496 -28.85 -56.05 106.72
C ASP H 496 -27.68 -55.08 106.64
N ILE H 497 -27.97 -53.78 106.58
CA ILE H 497 -26.92 -52.80 106.35
C ILE H 497 -26.00 -52.68 107.56
N ASP H 498 -26.51 -52.98 108.76
CA ASP H 498 -25.63 -52.96 109.92
C ASP H 498 -24.58 -54.06 109.84
N SER H 499 -24.96 -55.24 109.36
CA SER H 499 -24.00 -56.32 109.17
C SER H 499 -23.08 -56.05 107.98
N ALA H 500 -23.63 -55.51 106.89
CA ALA H 500 -22.83 -55.23 105.71
C ALA H 500 -21.74 -54.21 106.01
N MET H 501 -22.07 -53.17 106.78
CA MET H 501 -21.06 -52.17 107.13
C MET H 501 -19.99 -52.73 108.05
N ASP H 502 -20.33 -53.75 108.85
CA ASP H 502 -19.30 -54.45 109.62
C ASP H 502 -18.26 -55.08 108.70
N GLN H 503 -18.72 -55.77 107.66
CA GLN H 503 -17.80 -56.35 106.69
C GLN H 503 -17.05 -55.26 105.93
N VAL H 504 -17.73 -54.16 105.60
CA VAL H 504 -17.05 -53.03 104.97
C VAL H 504 -15.98 -52.48 105.91
N GLN H 505 -16.26 -52.46 107.21
CA GLN H 505 -15.29 -51.97 108.18
C GLN H 505 -14.06 -52.88 108.22
N ALA H 506 -14.28 -54.19 108.31
CA ALA H 506 -13.15 -55.12 108.30
C ALA H 506 -12.42 -55.06 106.96
N LEU H 507 -13.17 -54.93 105.86
CA LEU H 507 -12.55 -54.84 104.55
C LEU H 507 -11.62 -53.64 104.45
N PHE H 508 -12.01 -52.51 105.05
CA PHE H 508 -11.15 -51.33 105.04
C PHE H 508 -9.90 -51.52 105.88
N ASP H 509 -9.90 -52.48 106.81
CA ASP H 509 -8.78 -52.72 107.70
C ASP H 509 -7.87 -53.85 107.22
N THR H 510 -8.00 -54.24 105.96
CA THR H 510 -7.11 -55.23 105.38
C THR H 510 -5.73 -54.63 105.14
N ASP H 511 -4.70 -55.46 105.32
CA ASP H 511 -3.32 -55.06 105.03
C ASP H 511 -3.15 -55.04 103.51
N PHE H 512 -3.64 -53.97 102.88
CA PHE H 512 -3.62 -53.85 101.43
C PHE H 512 -2.21 -53.71 100.87
N THR H 513 -1.22 -53.37 101.70
CA THR H 513 0.09 -53.00 101.16
C THR H 513 0.86 -54.20 100.62
N ASN H 514 0.48 -55.42 100.98
CA ASN H 514 1.17 -56.64 100.53
C ASN H 514 0.33 -57.42 99.53
N ARG H 515 -0.32 -56.71 98.60
CA ARG H 515 -1.27 -57.33 97.69
C ARG H 515 -0.68 -57.70 96.34
N PHE H 516 0.54 -57.27 96.04
CA PHE H 516 1.07 -57.38 94.69
C PHE H 516 1.80 -58.69 94.46
N ALA H 517 1.62 -59.25 93.26
CA ALA H 517 2.37 -60.43 92.86
C ALA H 517 3.86 -60.13 92.73
N ASP H 518 4.19 -58.91 92.30
CA ASP H 518 5.57 -58.42 92.33
C ASP H 518 5.85 -57.94 93.74
N ALA H 519 6.57 -58.76 94.51
CA ALA H 519 6.74 -58.49 95.94
C ALA H 519 7.51 -57.19 96.20
N SER H 520 8.28 -56.71 95.22
CA SER H 520 9.00 -55.45 95.41
C SER H 520 8.08 -54.25 95.53
N ARG H 521 6.87 -54.34 94.97
CA ARG H 521 5.89 -53.27 95.06
C ARG H 521 5.11 -53.29 96.38
N ASN H 522 5.26 -54.33 97.18
CA ASN H 522 4.65 -54.35 98.49
C ASN H 522 5.36 -53.37 99.42
N GLY H 523 4.64 -52.94 100.46
CA GLY H 523 5.23 -52.01 101.40
C GLY H 523 5.57 -50.64 100.85
N THR H 524 5.00 -50.28 99.70
CA THR H 524 5.20 -48.96 99.11
C THR H 524 3.94 -48.11 99.19
N ASP H 525 2.81 -48.63 98.70
CA ASP H 525 1.54 -47.93 98.83
C ASP H 525 0.98 -48.15 100.23
N HIS H 526 0.70 -47.06 100.94
CA HIS H 526 0.16 -47.13 102.29
C HIS H 526 -1.10 -46.29 102.47
N ARG H 527 -1.71 -45.84 101.40
CA ARG H 527 -2.92 -45.04 101.51
C ARG H 527 -4.07 -45.92 102.00
N PRO H 528 -4.79 -45.52 103.04
CA PRO H 528 -6.03 -46.22 103.42
C PRO H 528 -7.10 -46.02 102.36
N VAL H 529 -8.17 -46.78 102.49
CA VAL H 529 -9.23 -46.78 101.47
C VAL H 529 -9.85 -45.39 101.35
N LEU H 530 -10.20 -44.78 102.48
CA LEU H 530 -10.89 -43.50 102.49
C LEU H 530 -9.94 -42.31 102.42
N SER H 531 -8.65 -42.55 102.15
CA SER H 531 -7.69 -41.46 102.04
C SER H 531 -8.08 -40.50 100.92
N ILE H 532 -7.75 -39.22 101.11
CA ILE H 532 -8.00 -38.23 100.09
C ILE H 532 -7.09 -38.44 98.89
N ASP H 533 -5.86 -38.93 99.13
CA ASP H 533 -4.90 -39.21 98.06
C ASP H 533 -5.16 -40.53 97.35
N ARG H 534 -6.32 -41.14 97.54
CA ARG H 534 -6.71 -42.36 96.83
C ARG H 534 -8.06 -42.12 96.17
N SER H 535 -8.09 -42.23 94.85
CA SER H 535 -9.30 -41.92 94.09
C SER H 535 -10.34 -43.02 94.25
N LEU H 536 -11.55 -42.73 93.77
CA LEU H 536 -12.59 -43.74 93.74
C LEU H 536 -12.22 -44.90 92.82
N GLY H 537 -11.63 -44.59 91.67
CA GLY H 537 -11.18 -45.65 90.77
C GLY H 537 -10.08 -46.49 91.40
N SER H 538 -9.19 -45.86 92.17
CA SER H 538 -8.14 -46.60 92.86
C SER H 538 -8.74 -47.62 93.83
N VAL H 539 -9.78 -47.23 94.56
CA VAL H 539 -10.46 -48.18 95.45
C VAL H 539 -11.10 -49.30 94.64
N ILE H 540 -11.63 -48.97 93.46
CA ILE H 540 -12.24 -50.00 92.62
C ILE H 540 -11.19 -50.95 92.08
N LYS H 541 -10.04 -50.42 91.64
CA LYS H 541 -8.94 -51.29 91.24
C LYS H 541 -8.37 -52.05 92.43
N LEU H 542 -8.47 -51.48 93.63
CA LEU H 542 -7.93 -52.14 94.82
C LEU H 542 -8.71 -53.40 95.16
N LEU H 543 -10.03 -53.37 95.02
CA LEU H 543 -10.89 -54.47 95.41
C LEU H 543 -11.34 -55.31 94.23
N THR H 544 -10.64 -55.25 93.11
CA THR H 544 -10.95 -56.04 91.94
C THR H 544 -9.77 -56.95 91.61
N PRO H 545 -10.02 -58.23 91.33
CA PRO H 545 -8.91 -59.13 90.99
C PRO H 545 -8.10 -58.61 89.81
N SER H 546 -6.81 -58.92 89.82
CA SER H 546 -5.90 -58.40 88.82
C SER H 546 -4.71 -59.34 88.66
N ILE H 547 -4.10 -59.29 87.48
CA ILE H 547 -2.88 -60.05 87.24
C ILE H 547 -1.75 -59.54 88.14
N GLN H 548 -1.80 -58.26 88.52
CA GLN H 548 -0.78 -57.66 89.35
C GLN H 548 -0.84 -58.11 90.80
N TYR H 549 -1.90 -58.78 91.22
CA TYR H 549 -2.07 -59.21 92.61
C TYR H 549 -1.64 -60.67 92.76
N ASN H 550 -1.18 -61.01 93.97
CA ASN H 550 -0.80 -62.38 94.26
C ASN H 550 -2.04 -63.23 94.52
N ASP H 551 -1.82 -64.55 94.56
CA ASP H 551 -2.93 -65.48 94.70
C ASP H 551 -3.65 -65.32 96.04
N GLU H 552 -2.88 -65.08 97.10
CA GLU H 552 -3.48 -64.91 98.42
C GLU H 552 -4.45 -63.73 98.44
N TYR H 553 -4.05 -62.61 97.84
CA TYR H 553 -4.91 -61.43 97.84
C TYR H 553 -6.05 -61.56 96.84
N ASN H 554 -5.81 -62.22 95.70
CA ASN H 554 -6.88 -62.40 94.73
C ASN H 554 -7.97 -63.32 95.26
N ALA H 555 -7.57 -64.40 95.95
CA ALA H 555 -8.55 -65.26 96.60
C ALA H 555 -9.40 -64.47 97.60
N PHE H 556 -8.75 -63.57 98.34
CA PHE H 556 -9.47 -62.72 99.29
C PHE H 556 -10.54 -61.88 98.60
N LEU H 557 -10.20 -61.31 97.44
CA LEU H 557 -11.17 -60.48 96.72
C LEU H 557 -12.32 -61.32 96.16
N GLU H 558 -12.04 -62.57 95.78
CA GLU H 558 -13.11 -63.44 95.27
C GLU H 558 -14.17 -63.66 96.35
N GLY H 559 -13.74 -63.94 97.58
CA GLY H 559 -14.65 -64.22 98.67
C GLY H 559 -15.48 -63.04 99.13
N ILE H 560 -15.12 -61.82 98.74
CA ILE H 560 -15.91 -60.66 99.11
C ILE H 560 -17.31 -60.78 98.53
N GLU H 561 -18.31 -60.67 99.39
CA GLU H 561 -19.68 -60.72 98.91
C GLU H 561 -19.95 -59.54 97.98
N PRO H 562 -20.72 -59.74 96.90
CA PRO H 562 -20.98 -58.63 95.97
C PRO H 562 -21.67 -57.45 96.62
N ASP H 563 -22.61 -57.73 97.54
CA ASP H 563 -23.29 -56.65 98.25
C ASP H 563 -22.29 -55.82 99.06
N VAL H 564 -21.32 -56.47 99.70
CA VAL H 564 -20.32 -55.76 100.48
C VAL H 564 -19.44 -54.91 99.58
N LYS H 565 -19.06 -55.44 98.41
CA LYS H 565 -18.18 -54.69 97.53
C LYS H 565 -18.86 -53.42 97.02
N GLU H 566 -20.15 -53.52 96.69
CA GLU H 566 -20.88 -52.34 96.23
C GLU H 566 -20.99 -51.31 97.35
N LEU H 567 -21.28 -51.76 98.58
CA LEU H 567 -21.40 -50.83 99.70
C LEU H 567 -20.08 -50.15 100.00
N ALA H 568 -18.96 -50.88 99.86
CA ALA H 568 -17.65 -50.27 100.07
C ALA H 568 -17.40 -49.17 99.04
N PHE H 569 -17.72 -49.44 97.77
CA PHE H 569 -17.58 -48.40 96.74
C PHE H 569 -18.53 -47.25 96.99
N THR H 570 -19.69 -47.52 97.58
CA THR H 570 -20.63 -46.45 97.89
C THR H 570 -20.10 -45.54 98.98
N VAL H 571 -19.53 -46.13 100.03
CA VAL H 571 -18.92 -45.31 101.09
C VAL H 571 -17.81 -44.44 100.52
N LYS H 572 -16.96 -45.02 99.67
CA LYS H 572 -15.86 -44.26 99.09
C LYS H 572 -16.36 -43.08 98.25
N ARG H 573 -17.37 -43.33 97.40
CA ARG H 573 -17.86 -42.28 96.50
C ARG H 573 -18.39 -41.08 97.28
N TYR H 574 -19.14 -41.32 98.35
CA TYR H 574 -19.80 -40.24 99.08
C TYR H 574 -19.09 -39.87 100.38
N TYR H 575 -17.94 -40.45 100.67
CA TYR H 575 -17.22 -40.07 101.88
C TYR H 575 -16.67 -38.65 101.74
N LEU H 576 -16.83 -37.86 102.81
CA LEU H 576 -16.25 -36.55 102.89
C LEU H 576 -15.32 -36.47 104.09
N PRO H 577 -14.13 -35.86 103.94
CA PRO H 577 -13.20 -35.79 105.08
C PRO H 577 -13.74 -35.03 106.28
N GLU H 578 -14.89 -34.35 106.13
CA GLU H 578 -15.54 -33.75 107.29
C GLU H 578 -15.87 -34.81 108.34
N TRP H 579 -16.46 -35.92 107.90
CA TRP H 579 -16.73 -37.03 108.81
C TRP H 579 -15.42 -37.57 109.36
N GLY H 580 -15.38 -37.84 110.66
CA GLY H 580 -14.19 -38.39 111.26
C GLY H 580 -14.04 -39.86 110.95
N GLU H 581 -13.67 -40.66 111.94
CA GLU H 581 -13.68 -42.11 111.78
C GLU H 581 -15.10 -42.66 111.63
N ASP H 582 -16.12 -41.83 111.84
CA ASP H 582 -17.51 -42.28 111.88
C ASP H 582 -18.17 -41.94 110.54
N TRP H 583 -18.04 -42.86 109.58
CA TRP H 583 -18.82 -42.80 108.35
C TRP H 583 -20.08 -43.66 108.42
N ARG H 584 -20.13 -44.61 109.35
CA ARG H 584 -21.28 -45.52 109.43
C ARG H 584 -22.58 -44.76 109.66
N SER H 585 -22.54 -43.71 110.50
CA SER H 585 -23.75 -43.01 110.88
C SER H 585 -24.45 -42.36 109.71
N HIS H 586 -23.77 -42.15 108.58
CA HIS H 586 -24.36 -41.48 107.44
C HIS H 586 -25.06 -42.43 106.48
N PHE H 587 -24.96 -43.75 106.69
CA PHE H 587 -25.57 -44.73 105.82
C PHE H 587 -26.55 -45.57 106.63
N THR H 588 -27.83 -45.49 106.28
CA THR H 588 -28.88 -46.24 106.96
C THR H 588 -29.90 -46.71 105.94
N VAL H 589 -30.82 -47.55 106.41
CA VAL H 589 -32.03 -47.87 105.65
C VAL H 589 -33.14 -47.00 106.22
N GLY H 590 -34.34 -47.10 105.64
CA GLY H 590 -35.48 -46.32 106.07
C GLY H 590 -36.46 -47.13 106.90
N ILE H 591 -37.20 -46.42 107.75
CA ILE H 591 -38.28 -47.02 108.54
C ILE H 591 -39.60 -46.68 107.86
N MET H 592 -40.33 -47.70 107.45
CA MET H 592 -41.65 -47.53 106.85
C MET H 592 -42.66 -48.09 107.83
N ASN H 593 -43.52 -47.22 108.36
CA ASN H 593 -44.56 -47.62 109.31
C ASN H 593 -43.97 -48.36 110.50
N GLY H 594 -42.85 -47.86 111.00
CA GLY H 594 -42.18 -48.49 112.11
C GLY H 594 -41.46 -49.79 111.80
N ARG H 595 -41.28 -50.11 110.51
CA ARG H 595 -40.62 -51.33 110.11
C ARG H 595 -39.47 -51.00 109.15
N HIS H 596 -38.29 -51.55 109.44
CA HIS H 596 -37.12 -51.25 108.62
C HIS H 596 -37.33 -51.66 107.17
N GLY H 597 -36.79 -50.86 106.25
CA GLY H 597 -36.79 -51.19 104.85
C GLY H 597 -35.46 -51.76 104.41
N ASN H 598 -35.37 -52.00 103.11
CA ASN H 598 -34.15 -52.49 102.46
C ASN H 598 -33.74 -51.49 101.40
N MET H 599 -33.23 -50.33 101.83
CA MET H 599 -32.90 -49.27 100.88
C MET H 599 -31.85 -48.38 101.52
N VAL H 600 -30.61 -48.50 101.04
CA VAL H 600 -29.51 -47.73 101.61
C VAL H 600 -29.71 -46.24 101.34
N ARG H 601 -29.45 -45.41 102.34
CA ARG H 601 -29.70 -43.98 102.27
C ARG H 601 -28.49 -43.23 102.78
N LEU H 602 -28.06 -42.22 102.03
CA LEU H 602 -26.99 -41.32 102.45
C LEU H 602 -27.63 -40.09 103.08
N ASP H 603 -27.47 -39.95 104.40
CA ASP H 603 -28.09 -38.87 105.15
C ASP H 603 -29.59 -38.81 104.91
N GLY H 604 -30.22 -39.98 104.82
CA GLY H 604 -31.64 -40.10 104.64
C GLY H 604 -32.09 -40.20 103.19
N LYS H 605 -31.39 -39.54 102.28
CA LYS H 605 -31.78 -39.54 100.88
C LYS H 605 -31.34 -40.83 100.20
N LYS H 606 -32.24 -41.40 99.39
CA LYS H 606 -31.94 -42.65 98.70
C LYS H 606 -30.75 -42.48 97.77
N ILE H 607 -29.90 -43.49 97.74
CA ILE H 607 -28.72 -43.47 96.88
C ILE H 607 -29.12 -43.94 95.48
N ILE H 608 -28.65 -43.23 94.47
CA ILE H 608 -29.00 -43.50 93.08
C ILE H 608 -27.85 -44.28 92.44
N THR H 609 -28.16 -45.47 91.92
CA THR H 609 -27.19 -46.29 91.22
C THR H 609 -27.43 -46.21 89.71
N ASN H 610 -26.39 -46.55 88.95
CA ASN H 610 -26.46 -46.58 87.50
C ASN H 610 -26.35 -48.01 87.02
N MET H 611 -27.21 -48.38 86.07
CA MET H 611 -27.20 -49.71 85.49
C MET H 611 -27.33 -49.62 83.98
N LEU H 612 -27.03 -50.74 83.32
CA LEU H 612 -27.29 -50.92 81.89
C LEU H 612 -27.97 -52.25 81.69
N ARG H 613 -28.84 -52.30 80.68
CA ARG H 613 -29.50 -53.55 80.32
C ARG H 613 -28.63 -54.31 79.33
N VAL H 614 -28.48 -55.61 79.56
CA VAL H 614 -27.81 -56.50 78.63
C VAL H 614 -28.74 -57.66 78.34
N GLY H 615 -29.69 -57.45 77.42
CA GLY H 615 -30.58 -58.51 76.99
C GLY H 615 -31.83 -58.63 77.83
N PHE H 616 -32.70 -59.53 77.39
CA PHE H 616 -33.97 -59.80 78.03
C PHE H 616 -34.02 -61.25 78.47
N ARG H 617 -34.75 -61.51 79.55
CA ARG H 617 -35.04 -62.88 79.93
C ARG H 617 -36.19 -63.42 79.09
N GLU H 618 -36.40 -64.73 79.18
CA GLU H 618 -37.37 -65.37 78.29
C GLU H 618 -38.79 -64.89 78.52
N ASP H 619 -39.09 -64.31 79.68
CA ASP H 619 -40.41 -63.75 79.96
C ASP H 619 -40.47 -62.25 79.71
N GLY H 620 -39.43 -61.66 79.13
CA GLY H 620 -39.44 -60.26 78.76
C GLY H 620 -38.80 -59.31 79.75
N SER H 621 -38.36 -59.79 80.91
CA SER H 621 -37.78 -58.91 81.91
C SER H 621 -36.40 -58.43 81.49
N TRP H 622 -36.08 -57.18 81.82
CA TRP H 622 -34.77 -56.63 81.51
C TRP H 622 -33.70 -57.24 82.39
N ARG H 623 -32.59 -57.64 81.78
CA ARG H 623 -31.42 -58.10 82.54
C ARG H 623 -30.58 -56.87 82.84
N LEU H 624 -30.72 -56.34 84.05
CA LEU H 624 -30.05 -55.12 84.47
C LEU H 624 -28.79 -55.44 85.26
N PHE H 625 -27.75 -54.64 85.06
CA PHE H 625 -26.46 -54.85 85.71
C PHE H 625 -25.88 -53.51 86.13
N THR H 626 -25.38 -53.45 87.36
CA THR H 626 -24.91 -52.20 87.91
C THR H 626 -23.57 -51.81 87.31
N LEU H 627 -23.44 -50.54 86.92
CA LEU H 627 -22.18 -50.02 86.41
C LEU H 627 -21.23 -49.69 87.56
N ARG H 628 -19.94 -49.61 87.23
CA ARG H 628 -18.96 -49.19 88.21
C ARG H 628 -19.23 -47.74 88.63
N PRO H 629 -18.99 -47.39 89.90
CA PRO H 629 -19.22 -46.01 90.33
C PRO H 629 -18.36 -44.99 89.59
N ASP H 630 -17.25 -45.41 88.99
CA ASP H 630 -16.39 -44.50 88.24
C ASP H 630 -16.61 -44.57 86.74
N TYR H 631 -17.59 -45.35 86.27
CA TYR H 631 -17.88 -45.41 84.85
C TYR H 631 -18.72 -44.21 84.42
N SER H 632 -18.33 -43.63 83.29
CA SER H 632 -19.04 -42.52 82.68
C SER H 632 -19.13 -42.79 81.18
N PRO H 633 -20.21 -42.40 80.53
CA PRO H 633 -20.36 -42.71 79.10
C PRO H 633 -19.20 -42.17 78.28
N ALA H 634 -18.67 -43.02 77.40
CA ALA H 634 -17.56 -42.61 76.55
C ALA H 634 -18.01 -41.51 75.60
N VAL H 635 -17.13 -40.54 75.38
CA VAL H 635 -17.41 -39.46 74.45
C VAL H 635 -17.22 -39.99 73.03
N LYS H 636 -18.26 -39.89 72.22
CA LYS H 636 -18.24 -40.38 70.85
C LYS H 636 -18.31 -39.20 69.89
N VAL H 637 -17.33 -39.09 69.01
CA VAL H 637 -17.32 -38.13 67.93
C VAL H 637 -17.57 -38.91 66.64
N GLN H 638 -18.77 -38.75 66.08
CA GLN H 638 -19.17 -39.55 64.92
C GLN H 638 -18.31 -39.20 63.70
N THR H 639 -17.79 -40.23 63.05
CA THR H 639 -17.00 -40.07 61.84
C THR H 639 -17.65 -40.66 60.60
N GLU H 640 -18.49 -41.69 60.76
CA GLU H 640 -19.15 -42.36 59.65
C GLU H 640 -20.57 -42.71 60.05
N ASP H 641 -21.41 -42.95 59.05
CA ASP H 641 -22.76 -43.42 59.32
C ASP H 641 -23.25 -44.40 58.27
N ASP H 642 -23.21 -44.01 56.98
CA ASP H 642 -23.76 -44.86 55.94
C ASP H 642 -22.86 -44.89 54.70
N ILE H 643 -22.53 -43.73 54.16
CA ILE H 643 -21.72 -43.62 52.96
C ILE H 643 -20.35 -43.09 53.38
N THR H 644 -19.34 -43.94 53.32
CA THR H 644 -18.01 -43.64 53.84
C THR H 644 -16.98 -43.74 52.71
N ALA H 645 -16.16 -42.71 52.58
CA ALA H 645 -14.97 -42.76 51.73
C ALA H 645 -13.76 -43.01 52.61
N SER H 646 -12.92 -43.96 52.21
CA SER H 646 -11.77 -44.32 53.03
C SER H 646 -10.57 -44.61 52.13
N THR H 647 -9.39 -44.55 52.74
CA THR H 647 -8.14 -44.87 52.06
C THR H 647 -7.16 -45.44 53.09
N VAL H 648 -6.19 -46.20 52.59
CA VAL H 648 -5.16 -46.81 53.41
C VAL H 648 -3.82 -46.29 52.93
N THR H 649 -3.04 -45.72 53.85
CA THR H 649 -1.72 -45.19 53.55
C THR H 649 -0.81 -45.51 54.71
N PRO H 650 0.51 -45.49 54.50
CA PRO H 650 1.43 -45.38 55.62
C PRO H 650 1.09 -44.18 56.46
N PRO H 651 1.23 -44.27 57.79
CA PRO H 651 0.71 -43.20 58.66
C PRO H 651 1.29 -41.85 58.28
N TRP H 652 0.41 -40.84 58.23
CA TRP H 652 0.83 -39.52 57.76
C TRP H 652 1.90 -38.89 58.64
N GLU H 653 2.13 -39.42 59.84
CA GLU H 653 3.15 -38.90 60.74
C GLU H 653 4.40 -39.78 60.78
N ASP H 654 4.41 -40.92 60.08
CA ASP H 654 5.59 -41.78 60.04
C ASP H 654 5.52 -42.61 58.76
N ALA H 655 6.33 -42.24 57.76
CA ALA H 655 6.34 -42.93 56.48
C ALA H 655 6.87 -44.37 56.57
N GLU H 656 7.33 -44.81 57.74
CA GLU H 656 7.85 -46.15 57.92
C GLU H 656 7.00 -47.00 58.84
N GLY H 657 5.86 -46.49 59.31
CA GLY H 657 5.05 -47.18 60.29
C GLY H 657 4.02 -48.12 59.67
N LEU H 658 3.31 -48.81 60.55
CA LEU H 658 2.28 -49.74 60.10
C LEU H 658 1.16 -48.98 59.41
N PRO H 659 0.81 -49.34 58.17
CA PRO H 659 -0.24 -48.60 57.46
C PRO H 659 -1.56 -48.59 58.22
N ARG H 660 -2.31 -47.51 58.04
CA ARG H 660 -3.59 -47.31 58.72
C ARG H 660 -4.65 -46.95 57.68
N LYS H 661 -5.91 -47.05 58.11
CA LYS H 661 -7.05 -46.61 57.31
C LYS H 661 -7.58 -45.28 57.86
N TYR H 662 -7.90 -44.36 56.94
CA TYR H 662 -8.48 -43.08 57.28
C TYR H 662 -9.81 -42.94 56.56
N VAL H 663 -10.83 -42.46 57.29
CA VAL H 663 -12.19 -42.39 56.76
C VAL H 663 -12.73 -40.98 56.91
N THR H 664 -13.64 -40.61 56.02
CA THR H 664 -14.50 -39.44 56.18
C THR H 664 -15.91 -39.79 55.71
N ASN H 665 -16.89 -39.12 56.28
CA ASN H 665 -18.29 -39.34 55.94
C ASN H 665 -18.66 -38.49 54.74
N CYS H 666 -19.17 -39.13 53.68
CA CYS H 666 -19.55 -38.41 52.46
C CYS H 666 -20.86 -37.64 52.62
N GLU H 667 -21.68 -38.00 53.59
CA GLU H 667 -22.95 -37.34 53.81
C GLU H 667 -22.81 -36.24 54.87
N HIS H 668 -23.55 -35.16 54.68
CA HIS H 668 -23.60 -34.06 55.64
C HIS H 668 -24.92 -33.98 56.39
N LEU H 669 -25.94 -34.71 55.95
CA LEU H 669 -27.16 -34.95 56.72
C LEU H 669 -27.44 -36.44 56.69
N LEU H 670 -27.95 -36.96 57.80
CA LEU H 670 -28.14 -38.40 57.97
C LEU H 670 -29.63 -38.74 57.85
N PHE H 671 -29.94 -39.67 56.96
CA PHE H 671 -31.33 -40.02 56.65
C PHE H 671 -31.80 -41.07 57.65
N GLN H 672 -32.15 -40.59 58.85
CA GLN H 672 -32.50 -41.46 59.95
C GLN H 672 -33.90 -42.04 59.78
N ARG H 673 -34.11 -43.22 60.38
CA ARG H 673 -35.41 -43.89 60.40
C ARG H 673 -35.80 -44.11 61.85
N PRO H 674 -36.54 -43.17 62.46
CA PRO H 674 -36.94 -43.34 63.86
C PRO H 674 -38.00 -44.43 64.03
N ASP H 675 -37.56 -45.69 64.04
CA ASP H 675 -38.48 -46.81 64.16
C ASP H 675 -39.32 -46.71 65.42
N ASP H 676 -38.67 -46.65 66.58
CA ASP H 676 -39.35 -46.70 67.86
C ASP H 676 -39.99 -45.36 68.25
N ALA H 677 -40.00 -44.38 67.35
CA ALA H 677 -40.64 -43.10 67.65
C ALA H 677 -42.15 -43.22 67.84
N ILE H 678 -42.75 -44.32 67.40
CA ILE H 678 -44.17 -44.55 67.67
C ILE H 678 -44.43 -44.75 69.15
N HIS H 679 -43.41 -45.15 69.91
CA HIS H 679 -43.52 -45.27 71.35
C HIS H 679 -43.09 -43.93 71.95
N ARG H 680 -44.08 -43.16 72.41
CA ARG H 680 -43.82 -41.81 72.91
C ARG H 680 -42.83 -41.84 74.06
N GLY H 681 -41.86 -40.92 74.01
CA GLY H 681 -40.84 -40.81 75.03
C GLY H 681 -39.66 -41.74 74.89
N TYR H 682 -39.74 -42.75 74.03
CA TYR H 682 -38.65 -43.71 73.89
C TYR H 682 -37.44 -43.10 73.18
N ASP H 683 -37.61 -42.77 71.89
CA ASP H 683 -36.51 -42.21 71.09
C ASP H 683 -36.37 -40.74 71.41
N LYS H 684 -35.59 -40.43 72.46
CA LYS H 684 -35.42 -39.05 72.88
C LYS H 684 -34.73 -38.21 71.81
N GLN H 685 -33.81 -38.81 71.05
CA GLN H 685 -33.09 -38.06 70.05
C GLN H 685 -33.98 -37.68 68.87
N ALA H 686 -34.81 -38.62 68.41
CA ALA H 686 -35.69 -38.33 67.29
C ALA H 686 -36.75 -37.29 67.67
N GLU H 687 -37.31 -37.42 68.88
CA GLU H 687 -38.31 -36.46 69.32
C GLU H 687 -37.72 -35.06 69.45
N PHE H 688 -36.46 -34.96 69.83
CA PHE H 688 -35.80 -33.65 69.87
C PHE H 688 -35.61 -33.10 68.46
N ASP H 689 -35.04 -33.92 67.56
CA ASP H 689 -34.76 -33.46 66.21
C ASP H 689 -36.04 -33.06 65.48
N LEU H 690 -37.08 -33.88 65.59
CA LEU H 690 -38.31 -33.63 64.85
C LEU H 690 -39.08 -32.44 65.41
N ALA H 691 -38.99 -32.19 66.71
CA ALA H 691 -39.80 -31.14 67.32
C ALA H 691 -39.07 -29.80 67.41
N SER H 692 -37.75 -29.80 67.47
CA SER H 692 -37.00 -28.57 67.71
C SER H 692 -36.62 -27.80 66.46
N GLY H 693 -36.73 -28.40 65.29
CA GLY H 693 -36.30 -27.73 64.08
C GLY H 693 -37.42 -26.98 63.38
N THR H 694 -37.02 -26.05 62.50
CA THR H 694 -37.94 -25.40 61.60
C THR H 694 -37.61 -25.64 60.13
N ASP H 695 -36.49 -26.30 59.84
CA ASP H 695 -36.06 -26.57 58.46
C ASP H 695 -35.87 -28.06 58.21
N THR H 696 -36.40 -28.92 59.09
CA THR H 696 -36.14 -30.34 58.98
C THR H 696 -36.81 -30.94 57.76
N PHE H 697 -36.04 -31.68 56.97
CA PHE H 697 -36.59 -32.46 55.87
C PHE H 697 -37.21 -33.74 56.44
N ILE H 698 -38.52 -33.89 56.25
CA ILE H 698 -39.27 -34.99 56.86
C ILE H 698 -39.98 -35.75 55.75
N SER H 699 -39.99 -37.08 55.88
CA SER H 699 -40.65 -37.95 54.90
C SER H 699 -41.32 -39.11 55.60
N ASN H 700 -42.49 -39.51 55.07
CA ASN H 700 -43.24 -40.67 55.55
C ASN H 700 -43.81 -40.45 56.95
N PHE H 701 -44.25 -39.22 57.22
CA PHE H 701 -44.99 -38.91 58.43
C PHE H 701 -46.37 -38.41 58.04
N GLU H 702 -47.28 -38.41 59.00
CA GLU H 702 -48.63 -37.97 58.70
C GLU H 702 -48.73 -36.45 58.85
N PRO H 703 -49.23 -35.74 57.84
CA PRO H 703 -49.46 -34.30 57.99
C PRO H 703 -50.61 -34.06 58.96
N LEU H 704 -50.33 -33.27 60.00
CA LEU H 704 -51.31 -32.96 61.03
C LEU H 704 -51.74 -31.51 60.92
N THR H 705 -52.99 -31.24 61.29
CA THR H 705 -53.57 -29.91 61.23
C THR H 705 -53.47 -29.24 62.60
N HIS H 706 -53.96 -28.01 62.67
CA HIS H 706 -53.91 -27.27 63.93
C HIS H 706 -54.85 -27.88 64.97
N GLU H 707 -56.06 -28.25 64.57
CA GLU H 707 -57.01 -28.83 65.52
C GLU H 707 -56.49 -30.15 66.08
N GLN H 708 -55.76 -30.92 65.28
CA GLN H 708 -55.19 -32.17 65.78
C GLN H 708 -54.14 -31.90 66.86
N ALA H 709 -53.52 -30.73 66.85
CA ALA H 709 -52.64 -30.34 67.95
C ALA H 709 -53.45 -29.95 69.18
N ARG H 710 -54.53 -29.18 68.97
CA ARG H 710 -55.39 -28.81 70.08
C ARG H 710 -56.04 -30.04 70.71
N ASP H 711 -56.43 -31.01 69.88
CA ASP H 711 -56.97 -32.27 70.40
C ASP H 711 -55.91 -33.03 71.18
N LEU H 712 -54.71 -33.13 70.62
CA LEU H 712 -53.63 -33.86 71.30
C LEU H 712 -53.21 -33.15 72.58
N LEU H 713 -53.38 -31.83 72.65
CA LEU H 713 -53.05 -31.10 73.87
C LEU H 713 -53.96 -31.47 75.03
N THR H 714 -55.23 -31.81 74.74
CA THR H 714 -56.17 -32.21 75.78
C THR H 714 -56.16 -33.72 76.05
N ASP H 715 -55.41 -34.49 75.26
CA ASP H 715 -55.23 -35.93 75.52
C ASP H 715 -54.07 -36.08 76.49
N VAL H 716 -54.38 -35.86 77.77
CA VAL H 716 -53.34 -35.70 78.78
C VAL H 716 -52.51 -36.97 78.93
N GLN H 717 -53.10 -38.14 78.65
CA GLN H 717 -52.35 -39.39 78.77
C GLN H 717 -51.28 -39.49 77.69
N ALA H 718 -51.67 -39.27 76.43
CA ALA H 718 -50.69 -39.35 75.35
C ALA H 718 -49.75 -38.15 75.36
N TYR H 719 -50.27 -36.97 75.71
CA TYR H 719 -49.46 -35.75 75.70
C TYR H 719 -48.29 -35.86 76.69
N SER H 720 -48.56 -36.35 77.90
CA SER H 720 -47.53 -36.42 78.93
C SER H 720 -46.47 -37.48 78.65
N GLU H 721 -46.70 -38.37 77.70
CA GLU H 721 -45.73 -39.41 77.40
C GLU H 721 -44.61 -38.94 76.48
N PHE H 722 -44.83 -37.88 75.71
CA PHE H 722 -43.75 -37.31 74.90
C PHE H 722 -42.67 -36.71 75.79
N THR H 723 -41.49 -36.53 75.19
CA THR H 723 -40.46 -35.74 75.86
C THR H 723 -40.82 -34.25 75.75
N LYS H 724 -40.13 -33.44 76.55
CA LYS H 724 -40.45 -32.01 76.62
C LYS H 724 -40.36 -31.29 75.28
N PRO H 725 -39.39 -31.57 74.38
CA PRO H 725 -39.40 -30.88 73.09
C PRO H 725 -40.71 -31.05 72.32
N VAL H 726 -41.24 -32.27 72.26
CA VAL H 726 -42.47 -32.50 71.50
C VAL H 726 -43.66 -31.83 72.19
N ARG H 727 -43.72 -31.90 73.53
CA ARG H 727 -44.80 -31.26 74.25
C ARG H 727 -44.81 -29.75 74.03
N LYS H 728 -43.62 -29.14 73.88
CA LYS H 728 -43.55 -27.72 73.57
C LYS H 728 -44.04 -27.44 72.16
N LEU H 729 -43.71 -28.30 71.20
CA LEU H 729 -44.19 -28.14 69.84
C LEU H 729 -45.71 -28.23 69.79
N ILE H 730 -46.29 -29.20 70.49
CA ILE H 730 -47.74 -29.36 70.50
C ILE H 730 -48.42 -28.14 71.12
N GLU H 731 -47.77 -27.49 72.09
CA GLU H 731 -48.33 -26.27 72.66
C GLU H 731 -48.31 -25.13 71.64
N ARG H 732 -47.15 -24.91 70.99
CA ARG H 732 -47.04 -23.80 70.05
C ARG H 732 -48.00 -23.95 68.89
N VAL H 733 -48.18 -25.18 68.37
CA VAL H 733 -49.09 -25.38 67.25
C VAL H 733 -50.54 -25.20 67.70
N ALA H 734 -50.88 -25.66 68.91
CA ALA H 734 -52.25 -25.52 69.39
C ALA H 734 -52.63 -24.07 69.62
N ALA H 735 -51.66 -23.20 69.88
CA ALA H 735 -51.93 -21.78 70.08
C ALA H 735 -51.99 -21.00 68.78
N MET H 736 -51.79 -21.64 67.64
CA MET H 736 -51.81 -20.95 66.37
C MET H 736 -53.25 -20.73 65.91
N PRO H 737 -53.63 -19.51 65.55
CA PRO H 737 -54.96 -19.30 64.96
C PRO H 737 -55.07 -19.98 63.60
N ASP H 738 -56.29 -19.97 63.07
CA ASP H 738 -56.53 -20.64 61.80
C ASP H 738 -55.92 -19.89 60.61
N ASP H 739 -55.65 -18.60 60.77
CA ASP H 739 -55.14 -17.78 59.68
C ASP H 739 -53.63 -17.57 59.74
N GLN H 740 -52.90 -18.45 60.44
CA GLN H 740 -51.46 -18.34 60.56
C GLN H 740 -50.80 -19.56 59.95
N SER H 741 -49.81 -19.33 59.08
CA SER H 741 -49.00 -20.37 58.48
C SER H 741 -47.81 -20.69 59.37
N PRO H 742 -47.21 -21.88 59.22
CA PRO H 742 -47.59 -23.00 58.33
C PRO H 742 -48.90 -23.66 58.76
N GLU H 743 -49.61 -24.29 57.82
CA GLU H 743 -50.87 -24.94 58.13
C GLU H 743 -50.71 -26.31 58.78
N PHE H 744 -49.58 -26.98 58.55
CA PHE H 744 -49.40 -28.36 58.99
C PHE H 744 -48.21 -28.47 59.94
N TRP H 745 -48.15 -29.64 60.59
CA TRP H 745 -47.04 -29.98 61.47
C TRP H 745 -46.93 -31.50 61.52
N VAL H 746 -45.80 -31.99 62.00
CA VAL H 746 -45.53 -33.42 62.10
C VAL H 746 -45.22 -33.77 63.55
N CYS H 747 -45.88 -34.81 64.05
CA CYS H 747 -45.62 -35.34 65.37
C CYS H 747 -44.78 -36.60 65.26
N SER H 748 -43.86 -36.79 66.20
CA SER H 748 -42.84 -37.83 66.08
C SER H 748 -43.43 -39.24 66.18
N ASP H 749 -44.61 -39.41 66.77
CA ASP H 749 -45.19 -40.74 66.97
C ASP H 749 -46.26 -41.08 65.94
N ASP H 750 -46.41 -40.29 64.90
CA ASP H 750 -47.46 -40.48 63.90
C ASP H 750 -46.84 -40.59 62.52
N PRO H 751 -46.40 -41.78 62.11
CA PRO H 751 -45.91 -41.96 60.75
C PRO H 751 -47.06 -41.89 59.75
N ARG H 752 -46.68 -41.87 58.47
CA ARG H 752 -47.63 -41.69 57.38
C ARG H 752 -48.70 -42.78 57.40
N HIS H 753 -49.96 -42.35 57.33
CA HIS H 753 -51.07 -43.29 57.27
C HIS H 753 -51.16 -43.92 55.89
N LEU H 754 -51.20 -45.23 55.85
CA LEU H 754 -51.28 -45.92 54.58
C LEU H 754 -52.73 -46.23 54.21
N PRO H 755 -53.05 -46.26 52.91
CA PRO H 755 -54.43 -46.56 52.50
C PRO H 755 -54.92 -47.93 52.93
N ASP H 756 -54.02 -48.82 53.35
CA ASP H 756 -54.38 -50.17 53.76
C ASP H 756 -54.72 -50.27 55.24
N GLY H 757 -54.84 -49.14 55.95
CA GLY H 757 -55.28 -49.10 57.32
C GLY H 757 -54.19 -48.83 58.33
N GLY H 758 -52.97 -49.32 58.06
CA GLY H 758 -51.87 -49.17 58.98
C GLY H 758 -51.12 -47.86 58.81
N ARG H 759 -49.89 -47.84 59.29
CA ARG H 759 -49.02 -46.69 59.17
C ARG H 759 -47.66 -47.14 58.63
N SER H 760 -46.99 -46.23 57.94
CA SER H 760 -45.72 -46.57 57.31
C SER H 760 -44.70 -47.02 58.35
N LYS H 761 -43.96 -48.06 58.03
CA LYS H 761 -42.88 -48.54 58.88
C LYS H 761 -41.55 -47.92 58.53
N ASN H 762 -41.53 -46.91 57.66
CA ASN H 762 -40.29 -46.26 57.22
C ASN H 762 -40.39 -44.75 57.41
N PRO H 763 -40.57 -44.29 58.65
CA PRO H 763 -40.50 -42.84 58.89
C PRO H 763 -39.07 -42.36 58.73
N ARG H 764 -38.91 -41.18 58.13
CA ARG H 764 -37.59 -40.71 57.77
C ARG H 764 -37.48 -39.21 58.02
N TYR H 765 -36.26 -38.78 58.36
CA TYR H 765 -35.95 -37.36 58.40
C TYR H 765 -34.44 -37.19 58.25
N LEU H 766 -34.04 -36.05 57.68
CA LEU H 766 -32.63 -35.73 57.53
C LEU H 766 -32.13 -35.07 58.82
N GLN H 767 -31.17 -35.73 59.47
CA GLN H 767 -30.67 -35.30 60.76
C GLN H 767 -29.34 -34.55 60.58
N VAL H 768 -29.20 -33.44 61.29
CA VAL H 768 -27.90 -32.76 61.34
C VAL H 768 -26.89 -33.67 62.00
N ARG H 769 -25.71 -33.77 61.41
CA ARG H 769 -24.68 -34.65 61.95
C ARG H 769 -24.34 -34.23 63.38
N PRO H 770 -24.18 -35.19 64.29
CA PRO H 770 -23.81 -34.83 65.68
C PRO H 770 -22.61 -33.91 65.78
N THR H 771 -21.65 -34.00 64.86
CA THR H 771 -20.50 -33.11 64.89
C THR H 771 -20.83 -31.70 64.39
N ASP H 772 -21.92 -31.55 63.64
CA ASP H 772 -22.35 -30.23 63.18
C ASP H 772 -23.36 -29.59 64.11
N SER H 773 -24.10 -30.38 64.87
CA SER H 773 -25.03 -29.85 65.86
C SER H 773 -24.37 -29.58 67.19
N ASN H 774 -23.22 -30.20 67.47
CA ASN H 774 -22.40 -29.90 68.65
C ASN H 774 -20.97 -29.66 68.21
N PRO H 775 -20.72 -28.56 67.49
CA PRO H 775 -19.36 -28.32 66.99
C PRO H 775 -18.35 -28.00 68.08
N GLU H 776 -18.79 -27.60 69.27
CA GLU H 776 -17.86 -27.31 70.35
C GLU H 776 -17.13 -28.58 70.78
N LEU H 777 -17.87 -29.66 71.02
CA LEU H 777 -17.24 -30.90 71.45
C LEU H 777 -16.35 -31.48 70.36
N THR H 778 -16.67 -31.22 69.09
CA THR H 778 -15.78 -31.64 68.01
C THR H 778 -14.45 -30.89 68.08
N THR H 779 -14.50 -29.57 68.30
CA THR H 779 -13.28 -28.80 68.47
C THR H 779 -12.48 -29.27 69.68
N VAL H 780 -13.16 -29.50 70.81
CA VAL H 780 -12.48 -30.02 72.00
C VAL H 780 -11.81 -31.35 71.68
N ALA H 781 -12.53 -32.26 71.03
CA ALA H 781 -11.97 -33.57 70.73
C ALA H 781 -10.76 -33.46 69.81
N ASP H 782 -10.82 -32.53 68.84
CA ASP H 782 -9.70 -32.37 67.93
C ASP H 782 -8.48 -31.79 68.65
N VAL H 783 -8.70 -30.76 69.47
CA VAL H 783 -7.60 -30.15 70.21
C VAL H 783 -6.97 -31.17 71.17
N ALA H 784 -7.82 -31.87 71.93
CA ALA H 784 -7.32 -32.85 72.88
C ALA H 784 -6.59 -33.99 72.17
N GLY H 785 -7.06 -34.37 70.97
CA GLY H 785 -6.41 -35.43 70.23
C GLY H 785 -5.06 -35.04 69.69
N LYS H 786 -4.85 -33.74 69.43
CA LYS H 786 -3.57 -33.29 68.94
C LYS H 786 -2.55 -33.17 70.07
N LEU H 787 -3.01 -32.73 71.25
CA LEU H 787 -2.11 -32.68 72.40
C LEU H 787 -1.64 -34.07 72.79
N ALA H 788 -2.53 -35.07 72.68
CA ALA H 788 -2.16 -36.44 73.01
C ALA H 788 -1.14 -37.02 72.05
N ARG H 789 -1.04 -36.47 70.84
CA ARG H 789 -0.09 -36.94 69.83
C ARG H 789 1.05 -35.95 69.60
N LYS H 790 1.24 -35.02 70.54
CA LYS H 790 2.33 -34.04 70.47
C LYS H 790 2.29 -33.24 69.17
N LEU H 791 1.08 -32.97 68.69
CA LEU H 791 0.91 -32.27 67.42
C LEU H 791 0.51 -30.82 67.64
N PRO H 792 0.91 -29.91 66.76
CA PRO H 792 0.44 -28.53 66.87
C PRO H 792 -1.07 -28.46 66.70
N LEU H 793 -1.68 -27.52 67.42
CA LEU H 793 -3.13 -27.38 67.39
C LEU H 793 -3.64 -26.99 66.02
N ALA H 794 -2.83 -26.30 65.23
CA ALA H 794 -3.22 -25.88 63.89
C ALA H 794 -2.89 -26.97 62.89
N GLY H 795 -3.77 -27.15 61.91
CA GLY H 795 -3.55 -28.08 60.82
C GLY H 795 -4.48 -29.28 60.89
N HIS H 796 -4.52 -30.01 59.78
CA HIS H 796 -5.33 -31.21 59.68
C HIS H 796 -4.55 -32.40 60.24
N ALA H 797 -5.16 -33.10 61.20
CA ALA H 797 -4.53 -34.24 61.86
C ALA H 797 -5.55 -35.36 62.02
N PRO H 798 -5.87 -36.07 60.94
CA PRO H 798 -6.90 -37.11 61.02
C PRO H 798 -6.46 -38.26 61.90
N GLN H 799 -7.41 -38.74 62.71
CA GLN H 799 -7.17 -39.91 63.55
C GLN H 799 -7.34 -41.18 62.72
N PRO H 800 -6.39 -42.10 62.75
CA PRO H 800 -6.56 -43.38 62.04
C PRO H 800 -7.59 -44.25 62.73
N ILE H 801 -8.03 -45.28 62.01
CA ILE H 801 -8.89 -46.31 62.60
C ILE H 801 -8.07 -47.17 63.55
N ASP H 802 -8.66 -47.53 64.68
CA ASP H 802 -8.01 -48.41 65.64
C ASP H 802 -8.64 -49.79 65.72
N VAL H 803 -9.97 -49.87 65.70
CA VAL H 803 -10.68 -51.13 65.86
C VAL H 803 -11.71 -51.25 64.74
N VAL H 804 -11.83 -52.46 64.19
CA VAL H 804 -12.85 -52.77 63.19
C VAL H 804 -13.76 -53.83 63.80
N ALA H 805 -15.00 -53.47 64.10
CA ALA H 805 -15.96 -54.36 64.74
C ALA H 805 -17.25 -54.32 63.94
N ALA H 806 -17.35 -55.17 62.93
CA ALA H 806 -18.58 -55.29 62.16
C ALA H 806 -19.70 -55.86 63.02
N GLY H 807 -20.93 -55.67 62.55
CA GLY H 807 -22.09 -56.16 63.26
C GLY H 807 -22.87 -57.21 62.50
N ARG H 808 -23.65 -58.00 63.22
CA ARG H 808 -24.45 -59.08 62.64
C ARG H 808 -25.85 -59.05 63.21
N ARG H 809 -26.83 -59.32 62.37
CA ARG H 809 -28.22 -59.47 62.82
C ARG H 809 -28.52 -60.96 62.89
N ASN H 810 -28.56 -61.48 64.10
CA ASN H 810 -28.84 -62.89 64.36
C ASN H 810 -30.29 -63.06 64.78
N ASN H 811 -30.87 -64.20 64.42
CA ASN H 811 -32.28 -64.46 64.65
C ASN H 811 -32.49 -65.93 64.97
N PRO H 812 -33.51 -66.25 65.77
CA PRO H 812 -33.85 -67.64 66.00
C PRO H 812 -34.62 -68.20 64.82
N PRO H 813 -34.67 -69.53 64.68
CA PRO H 813 -35.42 -70.11 63.56
C PRO H 813 -36.92 -69.89 63.71
N GLU H 814 -37.58 -69.74 62.56
CA GLU H 814 -39.03 -69.71 62.47
C GLU H 814 -39.45 -70.69 61.37
N ASP H 815 -40.77 -70.82 61.18
CA ASP H 815 -41.26 -71.82 60.24
C ASP H 815 -40.88 -71.51 58.80
N LYS H 816 -40.70 -70.23 58.47
CA LYS H 816 -40.22 -69.84 57.14
C LYS H 816 -38.94 -69.03 57.22
N VAL H 817 -38.26 -69.02 58.37
CA VAL H 817 -37.03 -68.28 58.57
C VAL H 817 -35.97 -69.26 59.04
N PRO H 818 -34.81 -69.33 58.40
CA PRO H 818 -33.77 -70.25 58.85
C PRO H 818 -33.06 -69.74 60.10
N ALA H 819 -32.48 -70.68 60.84
CA ALA H 819 -31.76 -70.33 62.06
C ALA H 819 -30.45 -69.65 61.71
N LEU H 820 -30.17 -68.55 62.40
CA LEU H 820 -28.90 -67.83 62.27
C LEU H 820 -28.51 -67.30 63.65
N CYS H 821 -28.25 -68.22 64.59
CA CYS H 821 -27.99 -67.87 65.98
C CYS H 821 -26.92 -68.80 66.55
N ALA H 822 -25.70 -68.68 66.02
CA ALA H 822 -24.55 -69.40 66.55
C ALA H 822 -23.49 -68.48 67.15
N TYR H 823 -23.55 -67.19 66.86
CA TYR H 823 -22.56 -66.25 67.38
C TYR H 823 -22.86 -65.88 68.82
N ASN H 824 -21.81 -65.79 69.63
CA ASN H 824 -21.90 -65.32 71.00
C ASN H 824 -21.76 -63.80 70.94
N PRO H 825 -21.73 -63.07 72.07
CA PRO H 825 -21.70 -61.59 71.96
C PRO H 825 -20.63 -61.03 71.05
N LEU H 826 -19.42 -61.62 71.03
CA LEU H 826 -18.31 -61.02 70.30
C LEU H 826 -17.41 -62.11 69.75
N HIS H 827 -17.26 -62.13 68.44
CA HIS H 827 -16.37 -63.06 67.75
C HIS H 827 -15.21 -62.32 67.12
N TYR H 828 -14.08 -63.01 67.00
CA TYR H 828 -12.93 -62.53 66.25
C TYR H 828 -12.64 -63.53 65.14
N MET H 829 -12.43 -63.02 63.92
CA MET H 829 -12.20 -63.87 62.76
C MET H 829 -10.92 -63.45 62.06
N GLU H 830 -10.02 -64.41 61.84
CA GLU H 830 -8.92 -64.19 60.93
C GLU H 830 -9.47 -63.98 59.51
N LEU H 831 -8.63 -63.38 58.66
CA LEU H 831 -9.12 -62.89 57.37
C LEU H 831 -9.89 -63.92 56.54
N PRO H 832 -9.47 -65.18 56.41
CA PRO H 832 -10.29 -66.13 55.63
C PRO H 832 -11.71 -66.27 56.15
N GLU H 833 -11.88 -66.55 57.44
CA GLU H 833 -13.23 -66.65 58.00
C GLU H 833 -13.94 -65.31 57.99
N LEU H 834 -13.20 -64.21 58.16
CA LEU H 834 -13.82 -62.90 58.18
C LEU H 834 -14.43 -62.55 56.83
N PHE H 835 -13.77 -62.92 55.74
CA PHE H 835 -14.27 -62.55 54.43
C PHE H 835 -15.32 -63.49 53.88
N MET H 836 -15.35 -64.75 54.33
CA MET H 836 -16.54 -65.57 54.10
C MET H 836 -17.77 -64.86 54.65
N GLU H 837 -17.64 -64.24 55.82
CA GLU H 837 -18.72 -63.45 56.38
C GLU H 837 -18.99 -62.21 55.54
N TYR H 838 -17.93 -61.47 55.16
CA TYR H 838 -18.09 -60.26 54.37
C TYR H 838 -18.66 -60.56 52.99
N ILE H 839 -18.21 -61.65 52.37
CA ILE H 839 -18.72 -62.01 51.05
C ILE H 839 -20.18 -62.39 51.11
N SER H 840 -20.56 -63.15 52.15
CA SER H 840 -21.92 -63.67 52.24
C SER H 840 -22.91 -62.60 52.69
N SER H 841 -22.57 -61.87 53.76
CA SER H 841 -23.47 -60.89 54.38
C SER H 841 -24.85 -61.51 54.60
N MET H 842 -24.87 -62.60 55.35
CA MET H 842 -26.11 -63.32 55.61
C MET H 842 -27.03 -62.52 56.52
N THR H 843 -28.33 -62.66 56.29
CA THR H 843 -29.31 -62.03 57.15
C THR H 843 -30.58 -62.86 57.12
N GLY H 844 -31.26 -62.95 58.27
CA GLY H 844 -32.54 -63.64 58.31
C GLY H 844 -33.60 -62.96 57.47
N LYS H 845 -33.45 -61.65 57.26
CA LYS H 845 -34.39 -60.91 56.43
C LYS H 845 -34.30 -61.38 54.98
N SER H 846 -35.46 -61.73 54.41
CA SER H 846 -35.60 -62.20 53.03
C SER H 846 -34.75 -63.43 52.76
N PRO H 847 -35.12 -64.60 53.30
CA PRO H 847 -34.41 -65.83 52.92
C PRO H 847 -34.64 -66.14 51.45
N SER H 848 -33.58 -66.58 50.78
CA SER H 848 -33.58 -66.73 49.32
C SER H 848 -33.15 -68.12 48.90
N THR H 849 -33.81 -69.13 49.45
CA THR H 849 -33.66 -70.54 49.05
C THR H 849 -32.28 -71.11 49.39
N THR H 850 -32.26 -72.36 49.85
CA THR H 850 -31.02 -73.09 50.18
C THR H 850 -30.05 -72.21 50.97
N GLY H 851 -30.55 -71.64 52.07
CA GLY H 851 -29.78 -70.80 52.94
C GLY H 851 -30.52 -69.52 53.28
N ALA H 852 -29.80 -68.58 53.88
CA ALA H 852 -30.36 -67.32 54.29
C ALA H 852 -30.21 -66.26 53.20
N GLY H 853 -30.81 -65.10 53.43
CA GLY H 853 -30.64 -63.99 52.51
C GLY H 853 -29.24 -63.42 52.56
N SER H 854 -28.88 -62.70 51.50
CA SER H 854 -27.55 -62.12 51.37
C SER H 854 -27.66 -60.68 50.91
N GLU H 855 -26.91 -59.79 51.57
CA GLU H 855 -26.88 -58.38 51.20
C GLU H 855 -25.72 -58.06 50.28
N GLY H 856 -25.11 -59.06 49.65
CA GLY H 856 -23.99 -58.86 48.76
C GLY H 856 -22.69 -58.66 49.52
N ALA H 857 -21.60 -58.66 48.76
CA ALA H 857 -20.28 -58.48 49.35
C ALA H 857 -20.22 -57.16 50.10
N LEU H 858 -19.76 -57.22 51.34
CA LEU H 858 -19.62 -56.05 52.21
C LEU H 858 -20.94 -55.31 52.41
N THR H 859 -22.06 -56.02 52.25
CA THR H 859 -23.41 -55.47 52.29
C THR H 859 -23.64 -54.37 51.25
N LYS H 860 -22.79 -54.30 50.22
CA LYS H 860 -22.94 -53.33 49.16
C LYS H 860 -23.64 -53.92 47.94
N GLY H 861 -24.28 -55.08 48.10
CA GLY H 861 -24.94 -55.78 47.01
C GLY H 861 -25.86 -54.92 46.18
N PRO H 862 -26.83 -54.26 46.82
CA PRO H 862 -27.74 -53.38 46.05
C PRO H 862 -27.13 -52.03 45.70
N PHE H 863 -25.93 -51.71 46.19
CA PHE H 863 -25.31 -50.41 45.92
C PHE H 863 -23.96 -50.57 45.25
N ASN H 864 -23.87 -51.43 44.23
CA ASN H 864 -22.60 -51.67 43.56
C ASN H 864 -22.91 -51.99 42.10
N ALA H 865 -22.68 -51.02 41.22
CA ALA H 865 -22.87 -51.22 39.80
C ALA H 865 -21.75 -52.02 39.15
N LEU H 866 -20.74 -52.43 39.92
CA LEU H 866 -19.55 -53.07 39.43
C LEU H 866 -19.40 -54.46 40.05
N PRO H 867 -18.60 -55.33 39.45
CA PRO H 867 -18.30 -56.62 40.09
C PRO H 867 -17.74 -56.39 41.49
N ALA H 868 -18.22 -57.19 42.44
CA ALA H 868 -17.83 -57.04 43.83
C ALA H 868 -16.37 -57.39 44.07
N VAL H 869 -15.73 -58.13 43.16
CA VAL H 869 -14.33 -58.50 43.34
C VAL H 869 -13.44 -57.27 43.43
N TYR H 870 -13.83 -56.17 42.79
CA TYR H 870 -13.08 -54.93 42.94
C TYR H 870 -13.00 -54.53 44.41
N ASP H 871 -14.16 -54.46 45.08
CA ASP H 871 -14.17 -54.15 46.51
C ASP H 871 -13.42 -55.21 47.31
N LEU H 872 -13.64 -56.48 47.00
CA LEU H 872 -13.04 -57.56 47.79
C LEU H 872 -11.52 -57.51 47.72
N ASN H 873 -10.96 -57.22 46.55
CA ASN H 873 -9.50 -57.15 46.43
C ASN H 873 -8.94 -56.00 47.26
N ALA H 874 -9.60 -54.85 47.24
CA ALA H 874 -9.14 -53.74 48.08
C ALA H 874 -9.43 -53.99 49.54
N ALA H 875 -10.61 -54.55 49.85
CA ALA H 875 -10.99 -54.78 51.23
C ALA H 875 -10.01 -55.71 51.94
N VAL H 876 -9.61 -56.80 51.27
CA VAL H 876 -8.70 -57.74 51.90
C VAL H 876 -7.33 -57.11 52.11
N LEU H 877 -6.94 -56.17 51.25
CA LEU H 877 -5.67 -55.45 51.45
C LEU H 877 -5.76 -54.50 52.64
N SER H 878 -6.93 -53.91 52.89
CA SER H 878 -7.06 -52.99 54.02
C SER H 878 -6.89 -53.70 55.35
N TYR H 879 -7.00 -55.03 55.39
CA TYR H 879 -6.73 -55.80 56.60
C TYR H 879 -5.35 -56.42 56.60
N ALA H 880 -4.84 -56.83 55.44
CA ALA H 880 -3.52 -57.47 55.40
C ALA H 880 -2.40 -56.46 55.57
N LEU H 881 -2.49 -55.32 54.87
CA LEU H 881 -1.45 -54.31 54.97
C LEU H 881 -1.44 -53.59 56.31
N THR H 882 -2.57 -53.60 57.02
CA THR H 882 -2.72 -52.83 58.26
C THR H 882 -2.68 -53.66 59.52
N ASP H 883 -2.91 -54.97 59.42
CA ASP H 883 -3.07 -55.88 60.56
C ASP H 883 -4.28 -55.54 61.41
N TYR H 884 -5.27 -54.86 60.82
CA TYR H 884 -6.54 -54.66 61.50
C TYR H 884 -7.18 -56.00 61.79
N ASP H 885 -7.58 -56.21 63.04
CA ASP H 885 -8.27 -57.43 63.41
C ASP H 885 -9.76 -57.30 63.14
N GLY H 886 -10.34 -58.34 62.56
CA GLY H 886 -11.75 -58.35 62.25
C GLY H 886 -12.61 -58.85 63.41
N TRP H 887 -13.25 -57.94 64.11
CA TRP H 887 -14.17 -58.30 65.18
C TRP H 887 -15.60 -58.35 64.64
N LEU H 888 -16.43 -59.15 65.29
CA LEU H 888 -17.82 -59.31 64.89
C LEU H 888 -18.70 -59.32 66.14
N SER H 889 -19.62 -58.38 66.22
CA SER H 889 -20.51 -58.24 67.37
C SER H 889 -21.91 -58.72 67.00
N SER H 890 -22.62 -59.23 68.00
CA SER H 890 -23.91 -59.85 67.79
C SER H 890 -25.04 -58.88 68.11
N ALA H 891 -26.10 -58.92 67.31
CA ALA H 891 -27.28 -58.12 67.55
C ALA H 891 -28.53 -58.98 67.35
N GLY H 892 -29.63 -58.52 67.92
CA GLY H 892 -30.88 -59.26 67.85
C GLY H 892 -30.93 -60.40 68.86
N TYR H 893 -30.25 -61.49 68.54
CA TYR H 893 -30.30 -62.69 69.37
C TYR H 893 -28.91 -63.29 69.51
N ILE H 894 -28.69 -64.00 70.61
CA ILE H 894 -27.51 -64.81 70.82
C ILE H 894 -28.01 -66.19 71.18
N GLY H 895 -27.96 -67.11 70.23
CA GLY H 895 -28.67 -68.36 70.37
C GLY H 895 -30.15 -68.12 70.18
N PRO H 896 -30.93 -69.21 70.11
CA PRO H 896 -32.38 -69.05 69.86
C PRO H 896 -33.18 -68.55 71.04
N ASN H 897 -32.58 -68.34 72.22
CA ASN H 897 -33.34 -68.01 73.41
C ASN H 897 -32.94 -66.72 74.10
N ALA H 898 -31.81 -66.11 73.73
CA ALA H 898 -31.30 -64.94 74.43
C ALA H 898 -31.47 -63.71 73.53
N ARG H 899 -32.60 -63.03 73.68
CA ARG H 899 -32.82 -61.77 72.97
C ARG H 899 -31.99 -60.66 73.61
N VAL H 900 -31.27 -59.90 72.80
CA VAL H 900 -30.37 -58.88 73.31
C VAL H 900 -30.52 -57.56 72.56
N ASP H 901 -31.24 -57.58 71.44
CA ASP H 901 -31.43 -56.40 70.60
C ASP H 901 -30.10 -55.73 70.26
N HIS H 902 -29.94 -54.46 70.63
CA HIS H 902 -28.72 -53.72 70.36
C HIS H 902 -27.96 -53.36 71.63
N ASP H 903 -28.27 -54.03 72.74
CA ASP H 903 -27.56 -53.75 73.99
C ASP H 903 -26.07 -54.05 73.86
N ILE H 904 -25.74 -55.09 73.10
CA ILE H 904 -24.33 -55.47 72.94
C ILE H 904 -23.65 -54.60 71.89
N SER H 905 -24.38 -54.20 70.86
CA SER H 905 -23.84 -53.23 69.91
C SER H 905 -23.44 -51.94 70.61
N MET H 906 -24.19 -51.55 71.65
CA MET H 906 -23.86 -50.35 72.40
C MET H 906 -22.66 -50.56 73.32
N LEU H 907 -22.44 -51.79 73.78
CA LEU H 907 -21.35 -52.04 74.71
C LEU H 907 -20.00 -52.10 74.02
N ILE H 908 -19.96 -52.55 72.76
CA ILE H 908 -18.69 -52.74 72.07
C ILE H 908 -17.82 -51.48 72.09
N PRO H 909 -18.31 -50.29 71.70
CA PRO H 909 -17.43 -49.11 71.75
C PRO H 909 -16.96 -48.76 73.15
N GLU H 910 -17.78 -49.02 74.17
CA GLU H 910 -17.33 -48.79 75.53
C GLU H 910 -16.28 -49.81 75.93
N LEU H 911 -16.52 -51.08 75.61
CA LEU H 911 -15.56 -52.15 75.89
C LEU H 911 -14.21 -51.84 75.25
N PHE H 912 -14.20 -51.49 73.97
CA PHE H 912 -12.93 -51.29 73.25
C PHE H 912 -12.24 -49.99 73.66
N SER H 913 -13.00 -48.96 74.02
CA SER H 913 -12.36 -47.71 74.42
C SER H 913 -11.64 -47.86 75.75
N HIS H 914 -12.05 -48.80 76.57
CA HIS H 914 -11.39 -49.06 77.85
C HIS H 914 -10.27 -50.07 77.75
N MET H 915 -9.90 -50.48 76.54
CA MET H 915 -8.80 -51.40 76.31
C MET H 915 -7.70 -50.69 75.52
N GLY H 916 -6.46 -50.84 75.98
CA GLY H 916 -5.33 -50.29 75.26
C GLY H 916 -4.93 -51.15 74.09
N PRO H 917 -3.92 -50.67 73.35
CA PRO H 917 -3.48 -51.43 72.16
C PRO H 917 -3.01 -52.84 72.47
N ASN H 918 -2.27 -53.04 73.56
CA ASN H 918 -1.86 -54.38 73.92
C ASN H 918 -3.06 -55.24 74.33
N ASP H 919 -4.04 -54.63 75.02
CA ASP H 919 -5.21 -55.38 75.45
C ASP H 919 -6.02 -55.89 74.27
N ARG H 920 -6.06 -55.15 73.17
CA ARG H 920 -6.82 -55.56 72.00
C ARG H 920 -6.01 -56.40 71.02
N ASN H 921 -4.73 -56.62 71.29
CA ASN H 921 -3.90 -57.48 70.46
C ASN H 921 -4.44 -58.90 70.47
N THR H 922 -4.92 -59.39 69.33
CA THR H 922 -5.60 -60.68 69.31
C THR H 922 -4.65 -61.85 69.48
N LYS H 923 -3.36 -61.68 69.15
CA LYS H 923 -2.42 -62.79 69.31
C LYS H 923 -2.24 -63.15 70.77
N ARG H 924 -2.10 -62.14 71.64
CA ARG H 924 -2.00 -62.43 73.07
C ARG H 924 -3.36 -62.71 73.69
N LEU H 925 -4.45 -62.18 73.13
CA LEU H 925 -5.77 -62.56 73.60
C LEU H 925 -6.01 -64.05 73.42
N ILE H 926 -5.59 -64.61 72.28
CA ILE H 926 -5.77 -66.03 72.02
C ILE H 926 -4.85 -66.85 72.93
N SER H 927 -3.55 -66.50 72.94
CA SER H 927 -2.57 -67.30 73.66
C SER H 927 -2.76 -67.23 75.17
N GLU H 928 -3.42 -66.19 75.68
CA GLU H 928 -3.64 -66.04 77.12
C GLU H 928 -5.04 -66.48 77.56
N GLY H 929 -5.84 -67.03 76.65
CA GLY H 929 -7.09 -67.64 77.02
C GLY H 929 -8.30 -66.73 77.10
N TYR H 930 -8.20 -65.52 76.56
CA TYR H 930 -9.36 -64.63 76.50
C TYR H 930 -10.21 -64.86 75.26
N LEU H 931 -9.68 -65.58 74.26
CA LEU H 931 -10.41 -65.93 73.04
C LEU H 931 -10.38 -67.44 72.86
N GLU H 932 -11.53 -68.00 72.50
CA GLU H 932 -11.71 -69.44 72.36
C GLU H 932 -12.01 -69.77 70.91
N LYS H 933 -11.27 -70.73 70.36
CA LYS H 933 -11.42 -71.09 68.95
C LYS H 933 -12.60 -72.02 68.77
N MET H 934 -13.45 -71.71 67.79
CA MET H 934 -14.55 -72.59 67.43
C MET H 934 -14.01 -73.86 66.80
N GLN H 935 -14.60 -75.00 67.18
CA GLN H 935 -14.15 -76.30 66.71
C GLN H 935 -15.28 -77.04 66.01
N ASP H 936 -14.95 -77.74 64.94
CA ASP H 936 -15.92 -78.61 64.29
C ASP H 936 -16.32 -79.74 65.24
N PHE H 937 -17.56 -80.22 65.07
CA PHE H 937 -18.05 -81.31 65.89
C PHE H 937 -19.06 -82.12 65.07
N ASP H 938 -19.40 -83.29 65.59
CA ASP H 938 -20.30 -84.20 64.91
C ASP H 938 -21.70 -84.10 65.52
N PHE H 939 -22.71 -83.95 64.66
CA PHE H 939 -24.10 -83.96 65.09
C PHE H 939 -24.91 -84.73 64.06
N ASP H 940 -25.49 -85.86 64.48
CA ASP H 940 -26.25 -86.73 63.58
C ASP H 940 -25.39 -87.23 62.42
N GLY H 941 -24.19 -87.69 62.75
CA GLY H 941 -23.27 -88.21 61.76
C GLY H 941 -22.83 -87.17 60.74
N HIS H 942 -23.18 -85.91 61.00
CA HIS H 942 -22.88 -84.80 60.11
C HIS H 942 -21.85 -83.89 60.79
N ARG H 943 -20.75 -83.62 60.09
CA ARG H 943 -19.70 -82.77 60.64
C ARG H 943 -20.15 -81.31 60.54
N VAL H 944 -20.34 -80.67 61.68
CA VAL H 944 -20.79 -79.29 61.75
C VAL H 944 -19.57 -78.38 61.69
N LEU H 945 -19.48 -77.58 60.63
CA LEU H 945 -18.28 -76.79 60.35
C LEU H 945 -18.27 -75.50 61.18
N ALA H 946 -18.35 -75.69 62.50
CA ALA H 946 -18.38 -74.56 63.42
C ALA H 946 -17.09 -73.73 63.37
N SER H 947 -15.99 -74.31 62.88
CA SER H 947 -14.71 -73.60 62.88
C SER H 947 -14.73 -72.35 62.00
N ARG H 948 -15.71 -72.22 61.10
CA ARG H 948 -15.78 -71.05 60.24
C ARG H 948 -16.15 -69.78 60.99
N LEU H 949 -16.54 -69.88 62.26
CA LEU H 949 -16.85 -68.71 63.06
C LEU H 949 -15.62 -68.13 63.78
N GLY H 950 -14.46 -68.76 63.62
CA GLY H 950 -13.23 -68.22 64.18
C GLY H 950 -13.08 -68.38 65.68
N TYR H 951 -12.96 -67.27 66.38
CA TYR H 951 -12.79 -67.24 67.82
C TYR H 951 -13.91 -66.43 68.45
N ARG H 952 -14.17 -66.67 69.73
CA ARG H 952 -15.21 -65.97 70.47
C ARG H 952 -14.74 -65.71 71.89
N ILE H 953 -15.36 -64.72 72.53
CA ILE H 953 -14.98 -64.37 73.89
C ILE H 953 -15.52 -65.42 74.85
N ASN H 954 -14.79 -65.62 75.95
CA ASN H 954 -15.18 -66.54 77.00
C ASN H 954 -15.33 -65.77 78.31
N ASP H 955 -15.50 -66.52 79.41
CA ASP H 955 -15.71 -65.88 80.71
C ASP H 955 -14.49 -65.10 81.17
N ARG H 956 -13.29 -65.52 80.75
CA ARG H 956 -12.09 -64.79 81.10
C ARG H 956 -12.09 -63.40 80.48
N PHE H 957 -12.49 -63.30 79.20
CA PHE H 957 -12.57 -61.99 78.55
C PHE H 957 -13.59 -61.10 79.23
N VAL H 958 -14.74 -61.67 79.60
CA VAL H 958 -15.80 -60.87 80.23
C VAL H 958 -15.33 -60.30 81.56
N THR H 959 -14.74 -61.14 82.40
CA THR H 959 -14.34 -60.70 83.73
C THR H 959 -13.25 -59.63 83.68
N HIS H 960 -12.26 -59.80 82.81
CA HIS H 960 -11.13 -58.89 82.79
C HIS H 960 -11.51 -57.54 82.17
N TYR H 961 -12.22 -57.56 81.05
CA TYR H 961 -12.42 -56.36 80.26
C TYR H 961 -13.79 -55.74 80.45
N PHE H 962 -14.86 -56.53 80.53
CA PHE H 962 -16.15 -55.97 80.92
C PHE H 962 -16.16 -55.54 82.38
N GLY H 963 -15.26 -56.09 83.20
CA GLY H 963 -15.09 -55.61 84.56
C GLY H 963 -14.56 -54.19 84.64
N ARG H 964 -14.17 -53.61 83.51
CA ARG H 964 -13.83 -52.19 83.44
C ARG H 964 -15.06 -51.31 83.28
N ILE H 965 -16.23 -51.92 83.03
CA ILE H 965 -17.50 -51.21 82.89
C ILE H 965 -18.47 -51.60 84.00
N PHE H 966 -18.72 -52.89 84.16
CA PHE H 966 -19.73 -53.40 85.07
C PHE H 966 -19.13 -53.75 86.42
N LEU H 967 -19.96 -53.61 87.45
CA LEU H 967 -19.52 -53.90 88.82
C LEU H 967 -19.38 -55.39 89.06
N HIS H 968 -20.22 -56.21 88.44
CA HIS H 968 -20.19 -57.66 88.57
C HIS H 968 -20.24 -58.27 87.19
N PRO H 969 -19.11 -58.32 86.49
CA PRO H 969 -19.11 -58.83 85.10
C PRO H 969 -19.40 -60.31 85.00
N ASP H 970 -19.24 -61.09 86.08
CA ASP H 970 -19.48 -62.52 86.02
C ASP H 970 -20.92 -62.84 85.68
N VAL H 971 -21.85 -61.94 86.00
CA VAL H 971 -23.27 -62.20 85.80
C VAL H 971 -23.81 -61.61 84.51
N VAL H 972 -23.07 -60.68 83.87
CA VAL H 972 -23.57 -60.01 82.67
C VAL H 972 -23.93 -61.02 81.59
N PHE H 973 -23.09 -62.04 81.42
CA PHE H 973 -23.32 -63.08 80.43
C PHE H 973 -23.36 -64.44 81.11
N SER H 974 -24.42 -65.20 80.84
CA SER H 974 -24.52 -66.57 81.33
C SER H 974 -23.77 -67.52 80.41
N GLU H 975 -23.61 -68.77 80.87
CA GLU H 975 -22.94 -69.78 80.06
C GLU H 975 -23.63 -69.97 78.71
N GLU H 976 -24.96 -69.90 78.69
CA GLU H 976 -25.70 -70.11 77.45
C GLU H 976 -25.55 -68.94 76.49
N MET H 977 -25.20 -67.76 76.98
CA MET H 977 -24.99 -66.61 76.11
C MET H 977 -23.57 -66.58 75.55
N LEU H 978 -22.57 -66.94 76.35
CA LEU H 978 -21.22 -67.05 75.84
C LEU H 978 -21.02 -68.30 74.98
N ARG H 979 -21.83 -69.33 75.19
CA ARG H 979 -21.77 -70.57 74.42
C ARG H 979 -23.18 -70.92 73.98
N PRO H 980 -23.66 -70.30 72.90
CA PRO H 980 -25.07 -70.50 72.49
C PRO H 980 -25.39 -71.91 72.03
N GLU H 981 -24.41 -72.80 71.90
CA GLU H 981 -24.73 -74.19 71.62
C GLU H 981 -25.35 -74.88 72.82
N LEU H 982 -25.25 -74.27 74.01
CA LEU H 982 -25.87 -74.85 75.19
C LEU H 982 -27.39 -74.65 75.19
N GLN H 983 -27.88 -73.62 74.51
CA GLN H 983 -29.32 -73.35 74.49
C GLN H 983 -30.06 -74.44 73.73
N ASP H 984 -29.57 -74.79 72.54
CA ASP H 984 -30.15 -75.86 71.75
C ASP H 984 -29.08 -76.32 70.76
N GLU H 985 -28.68 -77.58 70.83
CA GLU H 985 -27.61 -78.06 69.97
C GLU H 985 -28.08 -78.22 68.54
N LYS H 986 -29.32 -78.67 68.33
CA LYS H 986 -29.83 -78.84 66.98
C LYS H 986 -29.91 -77.51 66.25
N ILE H 987 -30.46 -76.49 66.92
CA ILE H 987 -30.57 -75.17 66.31
C ILE H 987 -29.19 -74.62 65.99
N PHE H 988 -28.23 -74.83 66.90
CA PHE H 988 -26.86 -74.41 66.66
C PHE H 988 -26.28 -75.09 65.42
N ALA H 989 -26.51 -76.41 65.30
CA ALA H 989 -26.07 -77.13 64.11
C ALA H 989 -26.82 -76.65 62.87
N ASP H 990 -28.12 -76.38 63.00
CA ASP H 990 -28.87 -75.82 61.88
C ASP H 990 -28.31 -74.46 61.47
N SER H 991 -27.92 -73.63 62.45
CA SER H 991 -27.37 -72.33 62.13
C SER H 991 -26.07 -72.45 61.34
N ILE H 992 -25.19 -73.37 61.75
CA ILE H 992 -23.93 -73.53 61.04
C ILE H 992 -24.17 -74.06 59.63
N ASP H 993 -25.10 -75.00 59.48
CA ASP H 993 -25.40 -75.53 58.15
C ASP H 993 -25.98 -74.44 57.26
N VAL H 994 -26.82 -73.56 57.82
CA VAL H 994 -27.36 -72.46 57.05
C VAL H 994 -26.25 -71.52 56.60
N ILE H 995 -25.25 -71.32 57.46
CA ILE H 995 -24.12 -70.47 57.10
C ILE H 995 -23.30 -71.11 55.99
N VAL H 996 -23.07 -72.43 56.07
CA VAL H 996 -22.25 -73.10 55.08
C VAL H 996 -22.94 -73.13 53.73
N LYS H 997 -24.25 -73.38 53.71
CA LYS H 997 -25.00 -73.37 52.45
C LYS H 997 -25.01 -71.99 51.82
N THR H 998 -25.07 -70.93 52.65
CA THR H 998 -25.04 -69.58 52.09
C THR H 998 -23.64 -69.23 51.58
N HIS H 999 -22.60 -69.66 52.30
CA HIS H 999 -21.24 -69.52 51.79
C HIS H 999 -21.13 -70.08 50.38
N GLN H 1000 -21.70 -71.27 50.15
CA GLN H 1000 -21.60 -71.90 48.84
C GLN H 1000 -22.47 -71.19 47.82
N ARG H 1001 -23.72 -70.90 48.17
CA ARG H 1001 -24.64 -70.27 47.22
C ARG H 1001 -24.13 -68.90 46.78
N VAL H 1002 -23.62 -68.10 47.73
CA VAL H 1002 -23.13 -66.77 47.39
C VAL H 1002 -21.86 -66.87 46.56
N ALA H 1003 -20.91 -67.72 46.97
CA ALA H 1003 -19.66 -67.83 46.25
C ALA H 1003 -19.84 -68.40 44.86
N GLN H 1004 -20.89 -69.21 44.65
CA GLN H 1004 -21.17 -69.74 43.32
C GLN H 1004 -21.51 -68.64 42.33
N MET H 1005 -22.01 -67.50 42.80
CA MET H 1005 -22.33 -66.41 41.89
C MET H 1005 -21.08 -65.85 41.21
N TYR H 1006 -19.94 -65.87 41.91
CA TYR H 1006 -18.70 -65.35 41.33
C TYR H 1006 -18.17 -66.23 40.21
N PHE H 1007 -18.63 -67.49 40.14
CA PHE H 1007 -18.28 -68.35 39.02
C PHE H 1007 -19.29 -68.24 37.87
N ASP H 1008 -20.57 -68.04 38.20
CA ASP H 1008 -21.60 -67.96 37.17
C ASP H 1008 -21.42 -66.72 36.30
N ASP H 1009 -21.02 -65.60 36.91
CA ASP H 1009 -20.70 -64.41 36.13
C ASP H 1009 -19.23 -64.31 35.80
N GLY H 1010 -18.42 -65.29 36.21
CA GLY H 1010 -17.02 -65.36 35.82
C GLY H 1010 -16.12 -64.32 36.43
N THR H 1011 -16.62 -63.45 37.31
CA THR H 1011 -15.79 -62.42 37.89
C THR H 1011 -14.73 -62.96 38.84
N VAL H 1012 -14.77 -64.27 39.15
CA VAL H 1012 -13.78 -64.85 40.05
C VAL H 1012 -12.37 -64.74 39.46
N SER H 1013 -12.28 -64.67 38.13
CA SER H 1013 -10.98 -64.51 37.48
C SER H 1013 -10.40 -63.11 37.65
N LEU H 1014 -11.18 -62.16 38.14
CA LEU H 1014 -10.69 -60.83 38.49
C LEU H 1014 -10.31 -60.72 39.97
N ALA H 1015 -10.46 -61.79 40.74
CA ALA H 1015 -10.15 -61.78 42.15
C ALA H 1015 -8.67 -62.07 42.38
N CYS H 1016 -8.10 -61.41 43.39
CA CYS H 1016 -6.73 -61.66 43.77
C CYS H 1016 -6.60 -63.09 44.34
N PRO H 1017 -5.39 -63.65 44.37
CA PRO H 1017 -5.23 -65.06 44.78
C PRO H 1017 -5.88 -65.39 46.12
N PRO H 1018 -5.75 -64.53 47.15
CA PRO H 1018 -6.45 -64.85 48.41
C PRO H 1018 -7.96 -64.97 48.24
N ILE H 1019 -8.59 -64.00 47.57
CA ILE H 1019 -10.03 -64.06 47.36
C ILE H 1019 -10.38 -65.17 46.37
N ARG H 1020 -9.54 -65.35 45.35
CA ARG H 1020 -9.74 -66.46 44.41
C ARG H 1020 -9.82 -67.79 45.13
N ALA H 1021 -8.82 -68.08 45.98
CA ALA H 1021 -8.80 -69.35 46.69
C ALA H 1021 -9.94 -69.46 47.69
N LEU H 1022 -10.26 -68.36 48.38
CA LEU H 1022 -11.36 -68.37 49.34
C LEU H 1022 -12.68 -68.69 48.64
N LEU H 1023 -12.95 -68.01 47.51
CA LEU H 1023 -14.16 -68.27 46.77
C LEU H 1023 -14.23 -69.71 46.27
N GLU H 1024 -13.10 -70.24 45.79
CA GLU H 1024 -13.07 -71.63 45.35
C GLU H 1024 -13.43 -72.58 46.48
N ILE H 1025 -12.93 -72.30 47.68
CA ILE H 1025 -13.23 -73.16 48.82
C ILE H 1025 -14.69 -73.04 49.22
N MET H 1026 -15.22 -71.80 49.24
CA MET H 1026 -16.60 -71.59 49.66
C MET H 1026 -17.59 -72.30 48.76
N ALA H 1027 -17.35 -72.25 47.44
CA ALA H 1027 -18.32 -72.75 46.47
C ALA H 1027 -18.09 -74.22 46.10
N HIS H 1028 -16.88 -74.74 46.25
CA HIS H 1028 -16.57 -76.09 45.82
C HIS H 1028 -15.96 -76.98 46.90
N GLY H 1029 -15.60 -76.43 48.06
CA GLY H 1029 -15.02 -77.20 49.14
C GLY H 1029 -13.51 -77.20 49.18
N ALA H 1030 -12.85 -76.94 48.04
CA ALA H 1030 -11.40 -76.90 47.99
C ALA H 1030 -10.99 -76.00 46.83
N SER H 1031 -9.77 -75.48 46.92
CA SER H 1031 -9.26 -74.61 45.88
C SER H 1031 -8.77 -75.43 44.70
N ALA H 1032 -8.35 -74.75 43.63
CA ALA H 1032 -7.81 -75.44 42.47
C ALA H 1032 -6.54 -76.22 42.80
N GLU H 1033 -5.83 -75.85 43.86
CA GLU H 1033 -4.65 -76.57 44.32
C GLU H 1033 -4.97 -77.66 45.32
N GLY H 1034 -6.23 -77.80 45.72
CA GLY H 1034 -6.61 -78.73 46.76
C GLY H 1034 -6.65 -78.14 48.16
N TRP H 1035 -6.45 -76.83 48.30
CA TRP H 1035 -6.40 -76.21 49.61
C TRP H 1035 -7.78 -76.20 50.26
N THR H 1036 -7.80 -76.38 51.57
CA THR H 1036 -8.98 -76.16 52.39
C THR H 1036 -8.73 -74.94 53.28
N LEU H 1037 -9.71 -74.63 54.13
CA LEU H 1037 -9.62 -73.43 54.96
C LEU H 1037 -8.47 -73.48 55.94
N ASP H 1038 -7.99 -74.67 56.29
CA ASP H 1038 -6.91 -74.83 57.27
C ASP H 1038 -5.58 -75.19 56.63
N SER H 1039 -5.48 -75.08 55.31
CA SER H 1039 -4.21 -75.35 54.64
C SER H 1039 -3.23 -74.23 54.95
N PRO H 1040 -2.04 -74.53 55.49
CA PRO H 1040 -1.06 -73.46 55.74
C PRO H 1040 -0.70 -72.68 54.48
N GLU H 1041 -0.64 -73.36 53.33
CA GLU H 1041 -0.34 -72.66 52.09
C GLU H 1041 -1.44 -71.66 51.74
N PHE H 1042 -2.70 -72.02 51.97
CA PHE H 1042 -3.81 -71.12 51.65
C PHE H 1042 -3.84 -69.93 52.61
N ARG H 1043 -3.74 -70.19 53.90
CA ARG H 1043 -3.83 -69.12 54.89
C ARG H 1043 -2.64 -68.17 54.81
N LYS H 1044 -1.51 -68.61 54.26
CA LYS H 1044 -0.36 -67.73 54.13
C LYS H 1044 -0.58 -66.61 53.11
N LEU H 1045 -1.52 -66.80 52.17
CA LEU H 1045 -1.81 -65.77 51.18
C LEU H 1045 -2.43 -64.52 51.80
N PHE H 1046 -2.92 -64.60 53.04
CA PHE H 1046 -3.51 -63.46 53.71
C PHE H 1046 -2.54 -62.75 54.64
N GLU H 1047 -1.39 -63.34 54.93
CA GLU H 1047 -0.44 -62.73 55.84
C GLU H 1047 0.21 -61.50 55.22
N ARG H 1048 0.60 -60.56 56.08
CA ARG H 1048 1.12 -59.28 55.61
C ARG H 1048 2.42 -59.45 54.82
N GLU H 1049 3.30 -60.33 55.28
CA GLU H 1049 4.59 -60.50 54.61
C GLU H 1049 4.42 -61.09 53.22
N SER H 1050 3.35 -61.86 53.00
CA SER H 1050 3.13 -62.47 51.69
C SER H 1050 2.57 -61.45 50.70
N VAL H 1051 1.58 -60.65 51.13
CA VAL H 1051 0.98 -59.71 50.19
C VAL H 1051 1.98 -58.63 49.78
N LEU H 1052 2.88 -58.23 50.69
CA LEU H 1052 3.86 -57.22 50.34
C LEU H 1052 4.84 -57.74 49.30
N ALA H 1053 5.21 -59.01 49.40
CA ALA H 1053 6.16 -59.62 48.47
C ALA H 1053 5.49 -60.24 47.26
N SER H 1054 4.16 -60.16 47.15
CA SER H 1054 3.45 -60.86 46.11
C SER H 1054 3.52 -60.10 44.79
N ASP H 1055 3.33 -60.86 43.70
CA ASP H 1055 3.26 -60.24 42.37
C ASP H 1055 1.98 -59.43 42.21
N TRP H 1056 0.85 -59.95 42.70
CA TRP H 1056 -0.42 -59.30 42.43
C TRP H 1056 -0.55 -57.97 43.15
N TYR H 1057 0.05 -57.83 44.33
CA TYR H 1057 0.01 -56.55 45.02
C TYR H 1057 0.91 -55.53 44.32
N ALA H 1058 2.10 -55.94 43.91
CA ALA H 1058 2.96 -55.05 43.15
C ALA H 1058 2.32 -54.67 41.82
N ALA H 1059 1.50 -55.57 41.26
CA ALA H 1059 0.75 -55.22 40.05
C ALA H 1059 -0.28 -54.14 40.33
N ARG H 1060 -0.90 -54.17 41.51
CA ARG H 1060 -1.87 -53.15 41.87
C ARG H 1060 -1.19 -51.78 42.04
N LEU H 1061 -0.02 -51.76 42.67
CA LEU H 1061 0.70 -50.50 42.84
C LEU H 1061 1.22 -49.98 41.51
N ASP H 1062 1.54 -50.88 40.57
CA ASP H 1062 1.93 -50.45 39.23
C ASP H 1062 0.76 -49.83 38.50
N ALA H 1063 -0.40 -50.50 38.52
CA ALA H 1063 -1.59 -49.95 37.89
C ALA H 1063 -2.00 -48.63 38.52
N LYS H 1064 -1.79 -48.48 39.83
CA LYS H 1064 -2.16 -47.23 40.51
C LYS H 1064 -1.27 -46.08 40.06
N GLN H 1065 0.04 -46.32 39.95
CA GLN H 1065 0.93 -45.25 39.51
C GLN H 1065 0.63 -44.85 38.08
N ALA H 1066 0.34 -45.82 37.21
CA ALA H 1066 0.03 -45.51 35.81
C ALA H 1066 -1.26 -44.71 35.70
N GLU H 1067 -2.26 -45.05 36.52
CA GLU H 1067 -3.53 -44.35 36.45
C GLU H 1067 -3.41 -42.91 36.95
N ASP H 1068 -2.65 -42.71 38.03
CA ASP H 1068 -2.45 -41.35 38.54
C ASP H 1068 -1.67 -40.50 37.54
N VAL H 1069 -0.69 -41.09 36.86
CA VAL H 1069 0.06 -40.35 35.85
C VAL H 1069 -0.84 -39.96 34.69
N LYS H 1070 -1.73 -40.87 34.26
CA LYS H 1070 -2.64 -40.54 33.17
C LYS H 1070 -3.58 -39.40 33.56
N GLN H 1071 -4.11 -39.42 34.78
CA GLN H 1071 -5.01 -38.36 35.23
C GLN H 1071 -4.29 -37.02 35.27
N THR H 1072 -3.07 -37.00 35.79
CA THR H 1072 -2.31 -35.75 35.84
C THR H 1072 -1.91 -35.29 34.45
N GLU H 1073 -1.60 -36.22 33.54
CA GLU H 1073 -1.28 -35.83 32.17
C GLU H 1073 -2.48 -35.19 31.49
N GLU H 1074 -3.68 -35.74 31.71
CA GLU H 1074 -4.88 -35.13 31.14
C GLU H 1074 -5.15 -33.75 31.73
N GLY H 1075 -4.86 -33.58 33.02
CA GLY H 1075 -5.07 -32.29 33.65
C GLY H 1075 -4.09 -31.24 33.17
N VAL H 1076 -2.85 -31.65 32.89
CA VAL H 1076 -1.88 -30.72 32.31
C VAL H 1076 -2.32 -30.31 30.92
N GLU H 1077 -2.84 -31.26 30.12
CA GLU H 1077 -3.31 -30.94 28.78
C GLU H 1077 -4.58 -30.09 28.84
N ARG H 1078 -5.53 -30.47 29.70
CA ARG H 1078 -6.76 -29.70 29.83
C ARG H 1078 -6.47 -28.26 30.25
N LEU H 1079 -5.51 -28.07 31.17
CA LEU H 1079 -5.17 -26.73 31.61
C LEU H 1079 -4.37 -25.98 30.55
N LYS H 1080 -3.47 -26.68 29.85
CA LYS H 1080 -2.67 -26.03 28.81
C LYS H 1080 -3.56 -25.45 27.71
N GLU H 1081 -4.49 -26.26 27.20
CA GLU H 1081 -5.38 -25.78 26.14
C GLU H 1081 -6.24 -24.61 26.62
N TYR H 1082 -6.78 -24.72 27.83
CA TYR H 1082 -7.71 -23.70 28.31
C TYR H 1082 -7.00 -22.37 28.55
N ILE H 1083 -5.75 -22.41 29.02
CA ILE H 1083 -5.00 -21.19 29.25
C ILE H 1083 -4.73 -20.46 27.94
N GLU H 1084 -4.60 -21.20 26.84
CA GLU H 1084 -4.35 -20.61 25.53
C GLU H 1084 -5.67 -20.30 24.80
N SER H 1088 -9.65 -16.32 27.12
CA SER H 1088 -9.88 -16.86 28.47
C SER H 1088 -8.87 -16.30 29.46
N GLY H 1089 -8.41 -15.07 29.20
CA GLY H 1089 -7.39 -14.49 30.06
C GLY H 1089 -7.90 -14.15 31.44
N SER H 1090 -9.11 -13.60 31.52
CA SER H 1090 -9.67 -13.22 32.82
C SER H 1090 -9.82 -14.43 33.74
N VAL H 1091 -10.14 -15.59 33.18
CA VAL H 1091 -10.30 -16.79 33.99
C VAL H 1091 -8.95 -17.26 34.52
N SER H 1092 -7.90 -17.16 33.69
CA SER H 1092 -6.59 -17.63 34.11
C SER H 1092 -6.04 -16.80 35.26
N ALA H 1093 -6.26 -15.48 35.22
CA ALA H 1093 -5.79 -14.63 36.32
C ALA H 1093 -6.65 -14.81 37.56
N ARG H 1094 -7.98 -14.88 37.39
CA ARG H 1094 -8.86 -15.00 38.54
C ARG H 1094 -8.67 -16.32 39.27
N LEU H 1095 -8.53 -17.42 38.52
CA LEU H 1095 -8.37 -18.75 39.10
C LEU H 1095 -6.91 -19.15 39.26
N HIS H 1096 -5.96 -18.30 38.84
CA HIS H 1096 -4.54 -18.59 38.91
C HIS H 1096 -4.23 -19.93 38.23
N LEU H 1097 -4.66 -20.05 36.98
CA LEU H 1097 -4.41 -21.28 36.23
C LEU H 1097 -2.95 -21.45 35.85
N ALA H 1098 -2.18 -20.35 35.84
CA ALA H 1098 -0.75 -20.48 35.61
C ALA H 1098 -0.07 -21.19 36.77
N ASP H 1099 -0.36 -20.78 38.00
CA ASP H 1099 0.21 -21.44 39.17
C ASP H 1099 -0.31 -22.87 39.29
N ARG H 1100 -1.58 -23.10 38.96
CA ARG H 1100 -2.15 -24.43 39.09
C ARG H 1100 -1.56 -25.39 38.06
N LEU H 1101 -1.21 -24.90 36.87
CA LEU H 1101 -0.59 -25.76 35.88
C LEU H 1101 0.83 -26.14 36.31
N ARG H 1102 1.56 -25.19 36.93
CA ARG H 1102 2.89 -25.52 37.44
C ARG H 1102 2.81 -26.53 38.58
N GLU H 1103 1.72 -26.52 39.35
CA GLU H 1103 1.54 -27.54 40.38
C GLU H 1103 1.29 -28.91 39.77
N LEU H 1104 0.51 -28.96 38.69
CA LEU H 1104 0.28 -30.21 37.99
C LEU H 1104 1.56 -30.73 37.35
N GLU H 1105 2.27 -29.86 36.62
CA GLU H 1105 3.53 -30.26 36.01
C GLU H 1105 4.54 -30.73 37.06
N ALA H 1106 4.49 -30.14 38.26
CA ALA H 1106 5.34 -30.61 39.34
C ALA H 1106 4.88 -31.97 39.85
N GLN H 1107 3.56 -32.13 40.04
CA GLN H 1107 3.04 -33.40 40.53
C GLN H 1107 3.21 -34.51 39.50
N LEU H 1108 3.12 -34.18 38.20
CA LEU H 1108 3.31 -35.18 37.16
C LEU H 1108 4.73 -35.73 37.18
N THR H 1109 5.72 -34.86 37.43
CA THR H 1109 7.10 -35.34 37.56
C THR H 1109 7.24 -36.30 38.72
N TYR H 1110 6.69 -35.92 39.88
CA TYR H 1110 6.78 -36.79 41.05
C TYR H 1110 6.01 -38.08 40.84
N GLU H 1111 4.82 -38.01 40.23
CA GLU H 1111 4.00 -39.19 40.07
C GLU H 1111 4.60 -40.19 39.08
N ARG H 1112 5.52 -39.77 38.22
CA ARG H 1112 6.24 -40.69 37.35
C ARG H 1112 7.48 -41.28 38.00
N SER H 1113 8.00 -40.63 39.05
CA SER H 1113 9.28 -41.02 39.63
C SER H 1113 9.16 -42.36 40.35
N PRO H 1114 10.28 -43.07 40.52
CA PRO H 1114 10.27 -44.26 41.38
C PRO H 1114 10.02 -43.95 42.84
N GLU H 1115 10.30 -42.71 43.28
CA GLU H 1115 10.06 -42.33 44.67
C GLU H 1115 8.57 -42.40 45.00
N TYR H 1116 7.71 -41.98 44.06
CA TYR H 1116 6.28 -42.10 44.27
C TYR H 1116 5.84 -43.56 44.28
N ARG H 1117 6.35 -44.35 43.33
CA ARG H 1117 6.07 -45.78 43.33
C ARG H 1117 6.47 -46.43 44.64
N ARG H 1118 7.53 -45.92 45.28
CA ARG H 1118 7.96 -46.47 46.56
C ARG H 1118 7.00 -46.08 47.68
N SER H 1119 6.41 -44.87 47.61
CA SER H 1119 5.47 -44.45 48.64
C SER H 1119 4.15 -45.18 48.55
N LEU H 1120 3.82 -45.75 47.39
CA LEU H 1120 2.60 -46.54 47.25
C LEU H 1120 2.64 -47.86 48.01
N VAL H 1121 3.81 -48.25 48.53
CA VAL H 1121 3.89 -49.45 49.35
C VAL H 1121 3.13 -49.21 50.66
N GLY H 1122 2.19 -50.11 50.95
CA GLY H 1122 1.30 -49.92 52.08
C GLY H 1122 -0.05 -49.32 51.71
N THR H 1123 -0.27 -48.97 50.46
CA THR H 1123 -1.54 -48.46 49.98
C THR H 1123 -2.30 -49.56 49.26
N LEU H 1124 -3.56 -49.26 48.91
CA LEU H 1124 -4.43 -50.27 48.33
C LEU H 1124 -4.10 -50.56 46.87
N GLY H 1125 -3.55 -49.58 46.15
CA GLY H 1125 -3.31 -49.74 44.74
C GLY H 1125 -4.61 -49.78 43.96
N ARG H 1126 -4.48 -49.98 42.66
CA ARG H 1126 -5.61 -50.03 41.75
C ARG H 1126 -5.79 -51.43 41.20
N GLN H 1127 -7.05 -51.81 40.96
CA GLN H 1127 -7.37 -53.06 40.30
C GLN H 1127 -6.64 -53.13 38.95
N PRO H 1128 -5.76 -54.12 38.76
CA PRO H 1128 -4.96 -54.13 37.51
C PRO H 1128 -5.79 -54.39 36.27
N ARG H 1129 -6.76 -55.30 36.34
CA ARG H 1129 -7.62 -55.63 35.22
C ARG H 1129 -9.07 -55.54 35.67
N PHE H 1130 -9.88 -54.78 34.95
CA PHE H 1130 -11.30 -54.68 35.24
C PHE H 1130 -12.14 -55.69 34.46
N VAL H 1131 -11.56 -56.33 33.45
CA VAL H 1131 -12.27 -57.29 32.63
C VAL H 1131 -11.24 -58.19 31.94
MG MG I . 61.73 -38.70 1.47
C1 MLT J . 38.91 -18.89 11.70
O1 MLT J . 38.51 -18.31 10.67
O2 MLT J . 38.83 -20.13 11.80
C2 MLT J . 39.50 -18.09 12.83
O3 MLT J . 38.68 -18.21 13.97
C3 MLT J . 39.56 -16.61 12.43
C4 MLT J . 40.45 -15.88 13.41
O4 MLT J . 40.38 -14.64 13.51
O5 MLT J . 41.25 -16.51 14.14
MG MG K . -48.83 -12.02 114.66
C1 MLT L . -50.04 -38.18 94.06
O1 MLT L . -49.25 -37.21 94.04
O2 MLT L . -49.60 -39.32 94.36
C2 MLT L . -51.48 -38.00 93.73
O3 MLT L . -51.63 -37.11 92.65
C3 MLT L . -52.27 -37.49 94.94
C4 MLT L . -52.32 -35.98 94.96
O4 MLT L . -53.37 -35.38 94.67
O5 MLT L . -51.31 -35.32 95.30
MG MG M . -26.71 25.92 13.91
C1 MLT N . -51.07 45.23 26.92
O1 MLT N . -51.77 45.93 26.17
O2 MLT N . -50.53 45.74 27.93
C2 MLT N . -50.84 43.78 26.61
O3 MLT N . -51.97 43.05 27.03
C3 MLT N . -49.59 43.30 27.35
C4 MLT N . -48.97 42.09 26.69
O4 MLT N . -49.17 41.82 25.49
O5 MLT N . -48.26 41.32 27.37
MG MG O . -10.05 -10.05 -32.86
MG MG P . 2.61 62.14 -75.02
MG MG Q . 86.11 -64.16 -47.98
C1 MLT R . 109.43 -69.63 -68.96
O1 MLT R . 109.84 -68.48 -69.22
O2 MLT R . 109.47 -70.06 -67.78
C2 MLT R . 108.85 -70.50 -70.04
O3 MLT R . 109.83 -71.40 -70.50
C3 MLT R . 108.37 -69.65 -71.20
C4 MLT R . 107.97 -70.56 -72.34
O4 MLT R . 107.07 -71.42 -72.19
O5 MLT R . 108.52 -70.46 -73.45
MG MG S . -37.18 85.68 -30.33
C1 MLT T . -30.58 95.07 -0.67
O1 MLT T . -30.23 95.36 -1.84
O2 MLT T . -29.95 94.20 -0.02
C2 MLT T . -31.76 95.77 -0.05
O3 MLT T . -31.32 96.89 0.69
C3 MLT T . -32.53 94.83 0.87
C4 MLT T . -33.73 95.56 1.42
O4 MLT T . -34.37 96.35 0.70
O5 MLT T . -34.07 95.40 2.62
MG MG U . -27.39 -47.88 54.13
C1 MLT V . -22.15 -39.26 84.29
O1 MLT V . -21.87 -38.70 83.21
O2 MLT V . -21.29 -39.98 84.85
C2 MLT V . -23.51 -39.08 84.89
O3 MLT V . -23.44 -38.14 85.94
C3 MLT V . -24.05 -40.41 85.40
C4 MLT V . -24.92 -40.16 86.61
O4 MLT V . -26.13 -39.93 86.48
O5 MLT V . -24.42 -40.20 87.75
#